data_4GF5
#
_entry.id   4GF5
#
_cell.length_a   75.112
_cell.length_b   106.240
_cell.length_c   184.600
_cell.angle_alpha   80.880
_cell.angle_beta   81.650
_cell.angle_gamma   70.020
#
_symmetry.space_group_name_H-M   'P 1'
#
loop_
_entity.id
_entity.type
_entity.pdbx_description
1 polymer CalS11
2 non-polymer S-ADENOSYL-L-HOMOCYSTEINE
3 non-polymer 'SULFATE ION'
4 water water
#
_entity_poly.entity_id   1
_entity_poly.type   'polypeptide(L)'
_entity_poly.pdbx_seq_one_letter_code
;MDSGDGQDLRAFVHDSPEETETTQRLTKLLTNSPIPTEELVNNLPLFLRRHQMTDLLSMDALYRQVLDVPGVIMEFGVRF
GRHLGTFAALRGVYEPYNPLRRIVGFDTFTGFPDVNDVDRVGPTAYQGRFAVPGGYPAYLKEVLDAHECSDFFGHVTQRS
VLVEGDVRETVPRYLAENPQTVIALAYFDLDLYEPTKAVLEAIRPYLTKGSIVAFDELDNPKWPGENIAMRKVLGLDHAP
LRLLPGRPAPAYLRWGD
;
_entity_poly.pdbx_strand_id   A,C,E,F,H,B,D,G,I,J,K,L,M,N,O,P,Q,R,S,T
#
loop_
_chem_comp.id
_chem_comp.type
_chem_comp.name
_chem_comp.formula
SO4 non-polymer 'SULFATE ION' 'O4 S -2'
#
# COMPACT_ATOMS: atom_id res chain seq x y z
N GLN A 7 -1.09 -31.36 81.81
CA GLN A 7 -1.83 -30.89 80.65
C GLN A 7 -2.58 -32.03 79.98
N ASP A 8 -3.85 -31.78 79.65
CA ASP A 8 -4.67 -32.78 78.97
C ASP A 8 -4.50 -32.65 77.45
N LEU A 9 -3.99 -33.71 76.84
CA LEU A 9 -3.72 -33.69 75.40
C LEU A 9 -4.99 -33.85 74.60
N ARG A 10 -6.07 -34.29 75.25
CA ARG A 10 -7.37 -34.40 74.63
C ARG A 10 -7.98 -33.04 74.25
N ALA A 11 -7.53 -31.97 74.91
CA ALA A 11 -8.05 -30.62 74.66
C ALA A 11 -7.45 -30.02 73.40
N PHE A 12 -6.45 -30.70 72.85
CA PHE A 12 -5.88 -30.33 71.57
C PHE A 12 -6.63 -31.07 70.47
N VAL A 13 -6.75 -30.45 69.31
CA VAL A 13 -7.31 -31.13 68.14
C VAL A 13 -6.52 -32.40 67.80
N HIS A 14 -7.23 -33.51 67.62
CA HIS A 14 -6.60 -34.77 67.25
C HIS A 14 -7.60 -35.67 66.54
N ASP A 15 -7.09 -36.63 65.78
CA ASP A 15 -7.94 -37.52 65.02
C ASP A 15 -8.77 -38.39 65.94
N SER A 16 -10.05 -38.52 65.60
CA SER A 16 -10.94 -39.46 66.25
C SER A 16 -10.54 -40.88 65.80
N PRO A 17 -11.05 -41.92 66.48
CA PRO A 17 -10.77 -43.29 66.02
C PRO A 17 -11.22 -43.52 64.59
N GLU A 18 -12.37 -42.99 64.21
CA GLU A 18 -12.93 -43.18 62.87
C GLU A 18 -12.06 -42.49 61.81
N GLU A 19 -11.57 -41.29 62.14
CA GLU A 19 -10.71 -40.55 61.23
C GLU A 19 -9.39 -41.31 61.04
N THR A 20 -8.89 -41.89 62.13
CA THR A 20 -7.70 -42.72 62.08
C THR A 20 -7.98 -43.97 61.25
N GLU A 21 -9.13 -44.59 61.50
CA GLU A 21 -9.50 -45.79 60.77
C GLU A 21 -9.62 -45.56 59.26
N THR A 22 -10.26 -44.44 58.88
CA THR A 22 -10.41 -44.08 57.47
C THR A 22 -9.04 -43.93 56.78
N THR A 23 -8.13 -43.27 57.48
CA THR A 23 -6.84 -42.94 56.92
C THR A 23 -6.04 -44.21 56.65
N GLN A 24 -6.07 -45.12 57.63
CA GLN A 24 -5.31 -46.36 57.52
C GLN A 24 -5.87 -47.29 56.45
N ARG A 25 -7.20 -47.41 56.40
CA ARG A 25 -7.83 -48.20 55.35
C ARG A 25 -7.50 -47.68 53.95
N LEU A 26 -7.60 -46.38 53.77
CA LEU A 26 -7.35 -45.80 52.45
C LEU A 26 -5.89 -46.04 52.06
N THR A 27 -4.99 -45.88 53.03
CA THR A 27 -3.59 -46.11 52.79
C THR A 27 -3.40 -47.53 52.30
N LYS A 28 -4.00 -48.48 53.01
CA LYS A 28 -3.91 -49.89 52.68
C LYS A 28 -4.44 -50.14 51.28
N LEU A 29 -5.59 -49.51 50.98
CA LEU A 29 -6.24 -49.74 49.69
C LEU A 29 -5.50 -49.06 48.53
N LEU A 30 -4.74 -48.02 48.83
CA LEU A 30 -3.90 -47.39 47.82
C LEU A 30 -2.68 -48.28 47.52
N THR A 31 -2.11 -48.85 48.56
CA THR A 31 -0.88 -49.60 48.42
C THR A 31 -1.12 -51.02 47.91
N ASN A 32 -2.33 -51.52 48.07
CA ASN A 32 -2.66 -52.85 47.57
C ASN A 32 -3.78 -52.80 46.56
N SER A 33 -3.65 -51.91 45.60
CA SER A 33 -4.76 -51.62 44.72
C SER A 33 -4.73 -52.47 43.45
N PRO A 34 -5.90 -52.98 43.05
CA PRO A 34 -6.07 -53.69 41.77
C PRO A 34 -6.13 -52.75 40.56
N ILE A 35 -6.18 -51.44 40.78
CA ILE A 35 -6.11 -50.48 39.68
C ILE A 35 -4.75 -50.64 38.96
N PRO A 36 -4.76 -50.73 37.62
CA PRO A 36 -3.49 -50.79 36.89
C PRO A 36 -2.61 -49.61 37.29
N THR A 37 -1.32 -49.85 37.45
CA THR A 37 -0.42 -48.85 38.02
C THR A 37 -0.47 -47.52 37.25
N GLU A 38 -0.55 -47.60 35.93
CA GLU A 38 -0.53 -46.40 35.12
C GLU A 38 -1.82 -45.55 35.25
N GLU A 39 -2.88 -46.12 35.84
CA GLU A 39 -4.16 -45.39 36.01
C GLU A 39 -4.34 -44.82 37.42
N LEU A 40 -3.44 -45.15 38.33
CA LEU A 40 -3.53 -44.63 39.70
C LEU A 40 -3.65 -43.11 39.73
N VAL A 41 -2.78 -42.41 38.99
CA VAL A 41 -2.80 -40.95 39.05
C VAL A 41 -4.04 -40.37 38.36
N ASN A 42 -4.85 -41.23 37.75
CA ASN A 42 -6.14 -40.85 37.21
C ASN A 42 -7.30 -41.12 38.17
N ASN A 43 -7.00 -41.62 39.35
CA ASN A 43 -8.04 -42.03 40.29
C ASN A 43 -7.72 -41.68 41.74
N LEU A 44 -6.80 -40.73 41.93
CA LEU A 44 -6.46 -40.27 43.27
C LEU A 44 -7.62 -39.88 44.21
N PRO A 45 -8.69 -39.27 43.68
CA PRO A 45 -9.79 -38.93 44.60
C PRO A 45 -10.39 -40.13 45.34
N LEU A 46 -10.15 -41.35 44.85
CA LEU A 46 -10.57 -42.52 45.63
C LEU A 46 -9.96 -42.49 47.03
N PHE A 47 -8.78 -41.89 47.17
CA PHE A 47 -8.03 -42.00 48.41
C PHE A 47 -7.90 -40.66 49.14
N LEU A 48 -8.57 -39.64 48.60
CA LEU A 48 -8.56 -38.28 49.14
C LEU A 48 -9.75 -38.07 50.10
N ARG A 49 -9.54 -38.28 51.40
CA ARG A 49 -10.65 -38.17 52.34
C ARG A 49 -11.08 -36.73 52.57
N ARG A 50 -12.24 -36.57 53.23
CA ARG A 50 -12.85 -35.27 53.50
C ARG A 50 -11.87 -34.21 53.99
N HIS A 51 -11.17 -34.53 55.06
CA HIS A 51 -10.25 -33.60 55.67
C HIS A 51 -9.22 -33.07 54.66
N GLN A 52 -8.68 -33.97 53.84
CA GLN A 52 -7.69 -33.57 52.84
C GLN A 52 -8.34 -32.86 51.64
N MET A 53 -9.51 -33.33 51.22
CA MET A 53 -10.29 -32.64 50.20
C MET A 53 -10.54 -31.19 50.62
N THR A 54 -10.81 -31.00 51.92
CA THR A 54 -11.13 -29.69 52.46
C THR A 54 -9.92 -28.76 52.29
N ASP A 55 -8.74 -29.28 52.60
CA ASP A 55 -7.52 -28.49 52.48
C ASP A 55 -7.27 -28.05 51.04
N LEU A 56 -7.57 -28.94 50.09
CA LEU A 56 -7.44 -28.63 48.67
C LEU A 56 -8.42 -27.53 48.23
N LEU A 57 -9.66 -27.62 48.67
CA LEU A 57 -10.68 -26.64 48.28
C LEU A 57 -10.38 -25.25 48.84
N SER A 58 -9.84 -25.21 50.06
CA SER A 58 -9.42 -23.96 50.66
C SER A 58 -8.26 -23.33 49.90
N MET A 59 -7.30 -24.16 49.48
CA MET A 59 -6.17 -23.61 48.74
C MET A 59 -6.68 -23.07 47.40
N ASP A 60 -7.65 -23.76 46.83
CA ASP A 60 -8.28 -23.30 45.61
C ASP A 60 -9.02 -21.97 45.86
N ALA A 61 -9.76 -21.89 46.97
CA ALA A 61 -10.48 -20.65 47.28
C ALA A 61 -9.52 -19.47 47.44
N LEU A 62 -8.37 -19.70 48.08
CA LEU A 62 -7.38 -18.65 48.29
C LEU A 62 -6.74 -18.19 46.98
N TYR A 63 -6.37 -19.16 46.15
CA TYR A 63 -5.77 -18.88 44.85
C TYR A 63 -6.75 -18.07 44.00
N ARG A 64 -8.02 -18.47 44.01
CA ARG A 64 -9.03 -17.76 43.22
C ARG A 64 -9.13 -16.27 43.59
N GLN A 65 -8.82 -15.95 44.83
CA GLN A 65 -8.89 -14.58 45.30
C GLN A 65 -7.71 -13.72 44.91
N VAL A 66 -6.66 -14.32 44.35
CA VAL A 66 -5.50 -13.51 43.95
C VAL A 66 -5.23 -13.62 42.46
N LEU A 67 -6.20 -14.14 41.72
CA LEU A 67 -6.11 -14.22 40.27
C LEU A 67 -5.99 -12.86 39.58
N ASP A 68 -6.43 -11.80 40.23
CA ASP A 68 -6.27 -10.47 39.67
C ASP A 68 -5.24 -9.65 40.45
N VAL A 69 -4.37 -10.34 41.18
CA VAL A 69 -3.32 -9.67 41.93
C VAL A 69 -1.97 -10.13 41.35
N PRO A 70 -1.07 -9.18 41.03
CA PRO A 70 0.23 -9.57 40.49
C PRO A 70 1.09 -10.23 41.55
N GLY A 71 2.14 -10.94 41.13
CA GLY A 71 3.13 -11.40 42.08
C GLY A 71 3.17 -12.90 42.29
N VAL A 72 3.88 -13.32 43.34
CA VAL A 72 4.22 -14.71 43.52
C VAL A 72 3.44 -15.34 44.67
N ILE A 73 3.54 -16.66 44.76
CA ILE A 73 2.95 -17.39 45.86
C ILE A 73 4.05 -17.96 46.75
N MET A 74 3.97 -17.66 48.04
CA MET A 74 4.96 -18.16 48.99
C MET A 74 4.32 -18.99 50.07
N GLU A 75 4.86 -20.18 50.30
CA GLU A 75 4.48 -20.93 51.48
C GLU A 75 5.66 -21.02 52.42
N PHE A 76 5.43 -20.70 53.68
CA PHE A 76 6.46 -20.82 54.69
C PHE A 76 6.15 -22.04 55.56
N GLY A 77 6.91 -23.11 55.37
CA GLY A 77 6.61 -24.36 56.04
C GLY A 77 5.93 -25.26 55.03
N VAL A 78 6.71 -26.19 54.47
CA VAL A 78 6.30 -26.95 53.30
C VAL A 78 6.07 -28.42 53.64
N ARG A 79 6.82 -28.91 54.62
CA ARG A 79 6.88 -30.33 54.93
C ARG A 79 7.05 -31.20 53.68
N PHE A 80 6.11 -32.12 53.43
CA PHE A 80 6.21 -32.97 52.24
C PHE A 80 5.78 -32.30 50.94
N GLY A 81 5.20 -31.10 51.05
CA GLY A 81 4.91 -30.27 49.89
C GLY A 81 3.49 -30.34 49.35
N ARG A 82 2.58 -30.90 50.13
CA ARG A 82 1.16 -30.97 49.80
C ARG A 82 0.62 -29.69 49.15
N HIS A 83 0.79 -28.56 49.82
CA HIS A 83 0.29 -27.30 49.27
C HIS A 83 1.00 -26.88 47.98
N LEU A 84 2.29 -27.19 47.85
CA LEU A 84 3.02 -26.78 46.67
C LEU A 84 2.54 -27.55 45.44
N GLY A 85 2.30 -28.85 45.63
CA GLY A 85 1.69 -29.67 44.60
C GLY A 85 0.35 -29.07 44.18
N THR A 86 -0.48 -28.70 45.16
CA THR A 86 -1.79 -28.11 44.88
C THR A 86 -1.63 -26.84 44.07
N PHE A 87 -0.71 -25.99 44.52
CA PHE A 87 -0.50 -24.71 43.83
C PHE A 87 -0.02 -24.91 42.39
N ALA A 88 0.91 -25.86 42.18
CA ALA A 88 1.43 -26.16 40.84
C ALA A 88 0.30 -26.52 39.88
N ALA A 89 -0.59 -27.41 40.33
CA ALA A 89 -1.72 -27.83 39.54
C ALA A 89 -2.73 -26.70 39.34
N LEU A 90 -3.04 -25.96 40.39
CA LEU A 90 -4.02 -24.84 40.28
C LEU A 90 -3.54 -23.74 39.35
N ARG A 91 -2.25 -23.47 39.36
CA ARG A 91 -1.64 -22.50 38.46
C ARG A 91 -1.86 -22.95 37.00
N GLY A 92 -1.79 -24.25 36.78
CA GLY A 92 -2.14 -24.81 35.48
C GLY A 92 -3.60 -24.57 35.13
N VAL A 93 -4.50 -24.84 36.07
CA VAL A 93 -5.92 -24.66 35.83
C VAL A 93 -6.26 -23.20 35.46
N TYR A 94 -5.67 -22.27 36.17
CA TYR A 94 -6.11 -20.88 36.12
C TYR A 94 -5.22 -19.93 35.31
N GLU A 95 -3.93 -20.24 35.21
CA GLU A 95 -3.00 -19.27 34.61
C GLU A 95 -1.98 -19.86 33.64
N PRO A 96 -2.46 -20.56 32.60
CA PRO A 96 -1.53 -21.11 31.60
C PRO A 96 -0.61 -20.03 31.05
N TYR A 97 -1.10 -18.79 30.98
CA TYR A 97 -0.34 -17.71 30.34
C TYR A 97 0.43 -16.78 31.26
N ASN A 98 0.57 -17.13 32.54
CA ASN A 98 1.29 -16.29 33.50
C ASN A 98 2.57 -16.97 34.00
N PRO A 99 3.68 -16.78 33.28
CA PRO A 99 4.95 -17.41 33.68
C PRO A 99 5.65 -16.67 34.83
N LEU A 100 5.03 -15.61 35.35
CA LEU A 100 5.59 -14.85 36.47
C LEU A 100 5.00 -15.28 37.81
N ARG A 101 3.92 -16.06 37.79
CA ARG A 101 3.35 -16.58 39.03
C ARG A 101 4.29 -17.62 39.60
N ARG A 102 5.34 -17.15 40.26
CA ARG A 102 6.33 -18.06 40.83
C ARG A 102 5.78 -18.69 42.10
N ILE A 103 6.02 -19.98 42.29
CA ILE A 103 5.67 -20.65 43.54
C ILE A 103 6.92 -20.91 44.37
N VAL A 104 7.01 -20.29 45.55
CA VAL A 104 8.23 -20.42 46.35
C VAL A 104 7.95 -21.02 47.71
N GLY A 105 8.58 -22.16 47.99
CA GLY A 105 8.45 -22.79 49.29
C GLY A 105 9.71 -22.72 50.13
N PHE A 106 9.55 -22.36 51.40
CA PHE A 106 10.65 -22.24 52.33
C PHE A 106 10.48 -23.27 53.46
N ASP A 107 11.56 -23.99 53.76
CA ASP A 107 11.57 -24.91 54.90
C ASP A 107 13.02 -25.32 55.21
N THR A 108 13.27 -25.76 56.44
CA THR A 108 14.54 -26.37 56.74
C THR A 108 14.56 -27.75 56.08
N PHE A 109 13.40 -28.38 56.00
CA PHE A 109 13.27 -29.78 55.58
C PHE A 109 13.96 -30.72 56.56
N THR A 110 14.33 -30.19 57.71
CA THR A 110 14.84 -31.04 58.78
C THR A 110 14.06 -30.75 60.05
N GLY A 111 12.80 -30.36 59.92
CA GLY A 111 11.95 -30.07 61.07
C GLY A 111 12.15 -28.70 61.71
N PHE A 112 11.38 -28.45 62.77
CA PHE A 112 11.56 -27.28 63.63
C PHE A 112 13.04 -27.07 63.94
N PRO A 113 13.55 -25.85 63.72
CA PRO A 113 14.97 -25.57 64.02
C PRO A 113 15.22 -25.42 65.53
N ASP A 114 14.29 -24.77 66.23
CA ASP A 114 14.39 -24.51 67.66
C ASP A 114 13.12 -23.80 68.12
N VAL A 115 12.54 -24.24 69.22
CA VAL A 115 11.26 -23.67 69.64
C VAL A 115 11.40 -22.63 70.75
N ASN A 116 10.49 -21.65 70.76
CA ASN A 116 10.42 -20.63 71.80
C ASN A 116 9.58 -21.19 72.95
N ASP A 117 9.69 -20.57 74.12
CA ASP A 117 8.91 -21.03 75.28
C ASP A 117 7.42 -20.92 75.03
N VAL A 118 7.01 -19.92 74.26
CA VAL A 118 5.59 -19.73 73.96
C VAL A 118 5.01 -20.82 73.04
N ASP A 119 5.88 -21.62 72.42
CA ASP A 119 5.43 -22.73 71.57
C ASP A 119 5.29 -24.04 72.34
N ARG A 120 5.94 -24.13 73.50
CA ARG A 120 5.90 -25.36 74.30
C ARG A 120 4.61 -25.46 75.11
N VAL A 121 3.53 -25.79 74.44
CA VAL A 121 2.24 -26.01 75.08
C VAL A 121 1.95 -27.52 75.07
N GLY A 122 2.25 -28.16 73.94
CA GLY A 122 2.01 -29.59 73.78
C GLY A 122 3.31 -30.35 73.60
N PRO A 123 3.22 -31.67 73.49
CA PRO A 123 4.37 -32.60 73.47
C PRO A 123 5.11 -32.74 72.12
N THR A 124 4.62 -32.13 71.04
CA THR A 124 5.32 -32.18 69.76
C THR A 124 6.17 -30.94 69.48
N ALA A 125 6.26 -30.06 70.47
CA ALA A 125 6.99 -28.80 70.31
C ALA A 125 8.47 -29.00 70.61
N TYR A 126 9.17 -29.69 69.72
CA TYR A 126 10.58 -30.00 69.93
C TYR A 126 11.39 -29.88 68.64
N GLN A 127 12.69 -29.71 68.77
CA GLN A 127 13.57 -29.57 67.61
C GLN A 127 13.54 -30.85 66.79
N GLY A 128 13.43 -30.69 65.47
CA GLY A 128 13.37 -31.81 64.56
C GLY A 128 11.98 -32.31 64.22
N ARG A 129 10.96 -31.80 64.92
CA ARG A 129 9.58 -32.20 64.64
C ARG A 129 9.18 -31.85 63.20
N PHE A 130 8.53 -32.80 62.52
CA PHE A 130 8.09 -32.67 61.12
C PHE A 130 9.23 -32.77 60.08
N ALA A 131 10.40 -33.26 60.50
CA ALA A 131 11.49 -33.50 59.56
C ALA A 131 11.09 -34.47 58.45
N VAL A 132 11.64 -34.25 57.27
CA VAL A 132 11.36 -35.14 56.15
C VAL A 132 12.69 -35.84 55.80
N PRO A 133 12.64 -36.96 55.07
CA PRO A 133 13.89 -37.71 54.80
C PRO A 133 15.00 -36.85 54.20
N GLY A 134 16.25 -37.23 54.44
CA GLY A 134 17.37 -36.57 53.80
C GLY A 134 17.21 -36.64 52.30
N GLY A 135 17.49 -35.54 51.62
CA GLY A 135 17.41 -35.52 50.17
C GLY A 135 16.01 -35.26 49.65
N TYR A 136 15.06 -35.04 50.56
CA TYR A 136 13.68 -34.77 50.18
C TYR A 136 13.47 -33.63 49.17
N PRO A 137 14.09 -32.45 49.40
CA PRO A 137 13.87 -31.33 48.46
C PRO A 137 14.11 -31.69 46.98
N ALA A 138 15.10 -32.51 46.68
CA ALA A 138 15.33 -32.90 45.29
C ALA A 138 14.16 -33.73 44.74
N TYR A 139 13.57 -34.57 45.58
CA TYR A 139 12.38 -35.32 45.19
C TYR A 139 11.19 -34.39 44.93
N LEU A 140 10.96 -33.47 45.85
CA LEU A 140 9.86 -32.50 45.72
C LEU A 140 10.02 -31.68 44.44
N LYS A 141 11.22 -31.14 44.22
CA LYS A 141 11.52 -30.40 43.01
C LYS A 141 11.22 -31.25 41.77
N GLU A 142 11.57 -32.53 41.82
CA GLU A 142 11.33 -33.45 40.72
C GLU A 142 9.83 -33.62 40.47
N VAL A 143 9.04 -33.68 41.54
CA VAL A 143 7.58 -33.67 41.44
C VAL A 143 7.05 -32.38 40.80
N LEU A 144 7.55 -31.24 41.28
CA LEU A 144 7.12 -29.96 40.74
C LEU A 144 7.48 -29.88 39.26
N ASP A 145 8.70 -30.26 38.92
CA ASP A 145 9.13 -30.28 37.52
C ASP A 145 8.23 -31.13 36.65
N ALA A 146 7.67 -32.19 37.23
CA ALA A 146 6.82 -33.08 36.46
C ALA A 146 5.55 -32.33 36.03
N HIS A 147 4.97 -31.56 36.95
CA HIS A 147 3.82 -30.73 36.63
C HIS A 147 4.16 -29.73 35.53
N GLU A 148 5.26 -29.02 35.74
CA GLU A 148 5.67 -27.92 34.87
C GLU A 148 5.98 -28.37 33.46
N CYS A 149 6.48 -29.60 33.36
CA CYS A 149 6.79 -30.25 32.09
C CYS A 149 5.68 -30.03 31.04
N SER A 150 4.41 -30.05 31.46
CA SER A 150 3.30 -29.88 30.54
C SER A 150 2.58 -28.54 30.70
N ASP A 151 3.23 -27.56 31.33
CA ASP A 151 2.66 -26.22 31.34
C ASP A 151 2.89 -25.57 29.98
N PHE A 152 2.00 -24.64 29.63
CA PHE A 152 2.17 -23.82 28.44
C PHE A 152 3.49 -23.07 28.45
N PHE A 153 3.89 -22.58 29.62
CA PHE A 153 5.18 -21.91 29.77
C PHE A 153 6.23 -22.82 30.43
N GLY A 154 6.15 -24.10 30.08
CA GLY A 154 7.04 -25.11 30.63
C GLY A 154 8.50 -24.89 30.31
N HIS A 155 8.77 -24.12 29.26
CA HIS A 155 10.15 -23.84 28.88
C HIS A 155 10.79 -22.77 29.76
N VAL A 156 9.99 -22.10 30.58
CA VAL A 156 10.54 -21.12 31.50
C VAL A 156 10.86 -21.81 32.83
N THR A 157 12.11 -21.70 33.26
CA THR A 157 12.59 -22.36 34.47
C THR A 157 12.43 -21.47 35.70
N GLN A 158 12.63 -22.07 36.88
CA GLN A 158 12.48 -21.38 38.17
C GLN A 158 11.09 -20.79 38.37
N ARG A 159 10.08 -21.52 37.94
CA ARG A 159 8.73 -21.08 38.21
C ARG A 159 8.27 -21.74 39.50
N SER A 160 9.00 -22.79 39.88
CA SER A 160 8.94 -23.40 41.21
C SER A 160 10.30 -23.30 41.89
N VAL A 161 10.33 -22.76 43.10
CA VAL A 161 11.57 -22.62 43.83
C VAL A 161 11.42 -23.21 45.23
N LEU A 162 12.29 -24.14 45.59
CA LEU A 162 12.39 -24.60 46.97
C LEU A 162 13.61 -23.97 47.62
N VAL A 163 13.39 -23.23 48.71
CA VAL A 163 14.47 -22.57 49.43
C VAL A 163 14.73 -23.25 50.78
N GLU A 164 15.89 -23.90 50.90
CA GLU A 164 16.23 -24.69 52.09
C GLU A 164 16.96 -23.87 53.11
N GLY A 165 16.51 -23.94 54.37
CA GLY A 165 17.17 -23.26 55.47
C GLY A 165 16.19 -22.59 56.42
N ASP A 166 16.74 -21.80 57.35
CA ASP A 166 15.94 -21.13 58.36
C ASP A 166 15.33 -19.85 57.77
N VAL A 167 13.99 -19.77 57.75
CA VAL A 167 13.29 -18.62 57.13
C VAL A 167 13.75 -17.26 57.61
N ARG A 168 14.20 -17.18 58.87
CA ARG A 168 14.70 -15.93 59.43
C ARG A 168 15.83 -15.38 58.60
N GLU A 169 16.59 -16.28 57.97
CA GLU A 169 17.68 -15.89 57.07
C GLU A 169 17.30 -16.03 55.60
N THR A 170 16.61 -17.12 55.23
CA THR A 170 16.36 -17.38 53.80
C THR A 170 15.36 -16.41 53.19
N VAL A 171 14.31 -16.08 53.94
CA VAL A 171 13.31 -15.13 53.45
C VAL A 171 13.92 -13.75 53.15
N PRO A 172 14.63 -13.14 54.12
CA PRO A 172 15.22 -11.86 53.72
C PRO A 172 16.23 -11.97 52.57
N ARG A 173 16.99 -13.06 52.52
CA ARG A 173 17.95 -13.23 51.45
C ARG A 173 17.23 -13.32 50.11
N TYR A 174 16.16 -14.10 50.08
CA TYR A 174 15.40 -14.28 48.84
C TYR A 174 14.85 -12.95 48.34
N LEU A 175 14.32 -12.14 49.25
CA LEU A 175 13.71 -10.87 48.84
C LEU A 175 14.76 -9.91 48.32
N ALA A 176 15.91 -9.88 49.00
CA ALA A 176 17.04 -9.05 48.57
C ALA A 176 17.52 -9.43 47.18
N GLU A 177 17.58 -10.73 46.91
CA GLU A 177 18.00 -11.22 45.60
C GLU A 177 16.93 -11.03 44.54
N ASN A 178 15.69 -10.84 44.98
CA ASN A 178 14.59 -10.71 44.02
C ASN A 178 13.80 -9.41 44.18
N PRO A 179 14.38 -8.27 43.74
CA PRO A 179 13.76 -6.95 43.95
C PRO A 179 12.47 -6.72 43.14
N GLN A 180 12.19 -7.60 42.19
CA GLN A 180 10.97 -7.51 41.38
C GLN A 180 9.76 -8.14 42.07
N THR A 181 10.00 -8.74 43.24
CA THR A 181 8.98 -9.49 43.97
C THR A 181 7.79 -8.63 44.36
N VAL A 182 6.60 -9.11 43.98
CA VAL A 182 5.35 -8.71 44.62
C VAL A 182 4.81 -10.02 45.17
N ILE A 183 4.25 -9.97 46.36
CA ILE A 183 3.70 -11.17 46.98
C ILE A 183 2.18 -11.19 46.90
N ALA A 184 1.63 -12.03 46.02
CA ALA A 184 0.18 -12.15 45.90
C ALA A 184 -0.45 -12.93 47.04
N LEU A 185 0.21 -14.02 47.44
CA LEU A 185 -0.33 -14.91 48.45
C LEU A 185 0.79 -15.44 49.34
N ALA A 186 0.67 -15.19 50.63
CA ALA A 186 1.66 -15.60 51.60
C ALA A 186 0.99 -16.57 52.56
N TYR A 187 1.39 -17.83 52.52
CA TYR A 187 0.79 -18.85 53.35
C TYR A 187 1.71 -19.26 54.50
N PHE A 188 1.28 -18.95 55.73
CA PHE A 188 2.05 -19.23 56.94
C PHE A 188 1.68 -20.56 57.55
N ASP A 189 2.65 -21.45 57.66
CA ASP A 189 2.41 -22.74 58.24
C ASP A 189 3.67 -23.16 58.97
N LEU A 190 4.33 -22.19 59.59
CA LEU A 190 5.55 -22.48 60.35
C LEU A 190 5.24 -23.02 61.76
N ASP A 191 4.06 -22.66 62.29
CA ASP A 191 3.59 -22.99 63.64
C ASP A 191 4.25 -22.18 64.75
N LEU A 192 5.54 -21.86 64.58
CA LEU A 192 6.35 -21.26 65.63
C LEU A 192 6.36 -19.73 65.66
N TYR A 193 6.48 -19.17 66.86
CA TYR A 193 6.44 -17.72 67.05
C TYR A 193 7.55 -16.91 66.35
N GLU A 194 8.80 -17.18 66.70
CA GLU A 194 9.94 -16.42 66.16
C GLU A 194 10.00 -16.35 64.63
N PRO A 195 9.95 -17.51 63.94
CA PRO A 195 10.01 -17.37 62.48
C PRO A 195 8.77 -16.66 61.89
N THR A 196 7.61 -16.90 62.48
CA THR A 196 6.39 -16.27 61.98
C THR A 196 6.49 -14.74 62.08
N LYS A 197 6.99 -14.26 63.22
CA LYS A 197 7.18 -12.83 63.42
C LYS A 197 8.19 -12.26 62.43
N ALA A 198 9.33 -12.92 62.31
CA ALA A 198 10.38 -12.50 61.37
C ALA A 198 9.90 -12.44 59.91
N VAL A 199 9.19 -13.47 59.46
CA VAL A 199 8.71 -13.48 58.08
C VAL A 199 7.63 -12.42 57.82
N LEU A 200 6.67 -12.30 58.75
CA LEU A 200 5.66 -11.23 58.70
C LEU A 200 6.31 -9.86 58.47
N GLU A 201 7.27 -9.52 59.32
CA GLU A 201 7.99 -8.25 59.18
C GLU A 201 8.70 -8.16 57.83
N ALA A 202 9.33 -9.25 57.39
CA ALA A 202 10.07 -9.22 56.13
C ALA A 202 9.20 -9.05 54.87
N ILE A 203 8.04 -9.69 54.82
CA ILE A 203 7.28 -9.69 53.57
C ILE A 203 6.46 -8.41 53.36
N ARG A 204 6.18 -7.70 54.44
CA ARG A 204 5.34 -6.51 54.39
C ARG A 204 5.59 -5.51 53.24
N PRO A 205 6.85 -5.13 53.01
CA PRO A 205 7.02 -4.16 51.91
C PRO A 205 6.70 -4.71 50.51
N TYR A 206 6.35 -6.00 50.40
CA TYR A 206 6.14 -6.62 49.10
C TYR A 206 4.69 -6.99 48.83
N LEU A 207 3.82 -6.68 49.78
CA LEU A 207 2.38 -6.88 49.63
C LEU A 207 1.73 -5.68 48.96
N THR A 208 0.67 -5.93 48.20
CA THR A 208 -0.13 -4.82 47.71
C THR A 208 -1.51 -4.90 48.37
N LYS A 209 -2.36 -3.91 48.16
CA LYS A 209 -3.73 -4.04 48.67
C LYS A 209 -4.40 -5.11 47.84
N GLY A 210 -4.99 -6.08 48.53
CA GLY A 210 -5.54 -7.24 47.83
C GLY A 210 -4.70 -8.50 48.01
N SER A 211 -3.43 -8.34 48.39
CA SER A 211 -2.60 -9.52 48.64
C SER A 211 -3.25 -10.32 49.76
N ILE A 212 -3.17 -11.64 49.69
CA ILE A 212 -3.78 -12.46 50.73
C ILE A 212 -2.73 -13.00 51.69
N VAL A 213 -2.95 -12.78 52.98
CA VAL A 213 -2.04 -13.34 53.98
C VAL A 213 -2.79 -14.36 54.80
N ALA A 214 -2.36 -15.62 54.74
CA ALA A 214 -3.09 -16.71 55.37
C ALA A 214 -2.30 -17.50 56.43
N PHE A 215 -3.00 -17.92 57.47
CA PHE A 215 -2.41 -18.63 58.61
C PHE A 215 -3.12 -19.94 58.85
N ASP A 216 -2.33 -20.99 59.08
CA ASP A 216 -2.86 -22.32 59.27
C ASP A 216 -3.20 -22.64 60.73
N GLU A 217 -2.60 -21.93 61.69
CA GLU A 217 -2.76 -22.27 63.12
C GLU A 217 -3.09 -21.07 64.01
N LEU A 218 -3.72 -20.05 63.45
CA LEU A 218 -3.83 -18.77 64.13
C LEU A 218 -4.48 -18.85 65.51
N ASP A 219 -5.56 -19.61 65.65
CA ASP A 219 -6.24 -19.66 66.94
C ASP A 219 -6.22 -21.07 67.54
N ASN A 220 -5.16 -21.81 67.25
CA ASN A 220 -4.98 -23.16 67.77
C ASN A 220 -4.23 -23.12 69.09
N PRO A 221 -4.85 -23.64 70.16
CA PRO A 221 -4.25 -23.66 71.50
C PRO A 221 -2.87 -24.34 71.49
N LYS A 222 -2.72 -25.38 70.66
CA LYS A 222 -1.49 -26.14 70.63
C LYS A 222 -0.34 -25.33 70.05
N TRP A 223 -0.65 -24.36 69.18
CA TRP A 223 0.37 -23.51 68.57
C TRP A 223 0.00 -22.02 68.60
N PRO A 224 0.20 -21.36 69.76
CA PRO A 224 -0.23 -19.94 69.87
C PRO A 224 0.76 -18.95 69.26
N GLY A 225 1.83 -19.47 68.64
CA GLY A 225 2.91 -18.64 68.16
C GLY A 225 2.53 -17.69 67.04
N GLU A 226 1.68 -18.15 66.13
CA GLU A 226 1.24 -17.28 65.03
C GLU A 226 0.42 -16.11 65.55
N ASN A 227 -0.44 -16.38 66.52
CA ASN A 227 -1.25 -15.34 67.12
C ASN A 227 -0.37 -14.31 67.82
N ILE A 228 0.56 -14.80 68.64
CA ILE A 228 1.43 -13.91 69.42
C ILE A 228 2.20 -12.99 68.48
N ALA A 229 2.68 -13.53 67.37
CA ALA A 229 3.38 -12.74 66.36
C ALA A 229 2.48 -11.72 65.63
N MET A 230 1.28 -12.14 65.28
CA MET A 230 0.31 -11.24 64.67
C MET A 230 0.04 -10.05 65.56
N ARG A 231 -0.25 -10.33 66.83
CA ARG A 231 -0.54 -9.27 67.80
C ARG A 231 0.63 -8.33 68.02
N LYS A 232 1.85 -8.86 68.00
CA LYS A 232 3.04 -8.02 68.14
C LYS A 232 3.30 -7.18 66.89
N VAL A 233 3.22 -7.79 65.71
CA VAL A 233 3.62 -7.10 64.49
C VAL A 233 2.53 -6.19 63.90
N LEU A 234 1.28 -6.65 63.85
CA LEU A 234 0.24 -5.86 63.19
C LEU A 234 -0.95 -5.58 64.09
N GLY A 235 -1.26 -6.54 64.96
CA GLY A 235 -2.48 -6.48 65.73
C GLY A 235 -3.56 -7.27 65.02
N LEU A 236 -4.43 -7.90 65.81
CA LEU A 236 -5.48 -8.75 65.24
C LEU A 236 -6.54 -7.96 64.45
N ASP A 237 -6.64 -6.66 64.70
CA ASP A 237 -7.62 -5.84 63.99
C ASP A 237 -6.97 -4.91 62.95
N HIS A 238 -5.76 -5.24 62.53
CA HIS A 238 -5.09 -4.52 61.45
C HIS A 238 -5.89 -4.69 60.17
N ALA A 239 -6.39 -5.89 59.95
CA ALA A 239 -7.19 -6.21 58.77
C ALA A 239 -8.24 -7.22 59.21
N PRO A 240 -9.27 -7.45 58.38
CA PRO A 240 -10.30 -8.41 58.78
C PRO A 240 -9.80 -9.85 58.61
N LEU A 241 -9.66 -10.58 59.71
CA LEU A 241 -9.28 -11.98 59.60
C LEU A 241 -10.53 -12.79 59.35
N ARG A 242 -10.42 -13.78 58.46
CA ARG A 242 -11.58 -14.49 57.95
C ARG A 242 -11.37 -15.99 57.94
N LEU A 243 -12.47 -16.73 58.05
CA LEU A 243 -12.51 -18.16 57.79
C LEU A 243 -13.30 -18.41 56.51
N LEU A 244 -12.93 -19.46 55.79
CA LEU A 244 -13.87 -20.03 54.82
C LEU A 244 -14.86 -20.82 55.68
N PRO A 245 -16.16 -20.45 55.63
CA PRO A 245 -17.13 -20.95 56.61
C PRO A 245 -17.16 -22.48 56.67
N GLY A 246 -17.14 -23.02 57.89
CA GLY A 246 -17.19 -24.45 58.10
C GLY A 246 -15.82 -25.01 58.45
N ARG A 247 -14.78 -24.23 58.23
CA ARG A 247 -13.40 -24.71 58.40
C ARG A 247 -12.62 -23.86 59.38
N PRO A 248 -11.98 -24.51 60.38
CA PRO A 248 -11.23 -23.80 61.42
C PRO A 248 -9.99 -23.11 60.84
N ALA A 249 -9.45 -23.69 59.77
CA ALA A 249 -8.27 -23.18 59.10
C ALA A 249 -8.48 -23.31 57.58
N PRO A 250 -7.86 -22.42 56.79
CA PRO A 250 -6.97 -21.34 57.19
C PRO A 250 -7.71 -20.08 57.68
N ALA A 251 -7.02 -19.27 58.47
CA ALA A 251 -7.50 -17.93 58.76
C ALA A 251 -6.72 -17.03 57.83
N TYR A 252 -7.41 -16.14 57.10
CA TYR A 252 -6.72 -15.34 56.11
C TYR A 252 -7.19 -13.90 56.11
N LEU A 253 -6.31 -12.98 55.78
CA LEU A 253 -6.73 -11.59 55.66
C LEU A 253 -6.39 -11.06 54.27
N ARG A 254 -7.08 -10.01 53.88
CA ARG A 254 -6.87 -9.34 52.62
C ARG A 254 -6.16 -8.02 52.88
N TRP A 255 -4.89 -7.93 52.48
CA TRP A 255 -4.07 -6.78 52.83
C TRP A 255 -4.76 -5.48 52.41
N GLY A 256 -4.87 -4.54 53.36
CA GLY A 256 -5.47 -3.24 53.13
C GLY A 256 -6.96 -3.11 53.36
N ASP A 257 -7.62 -4.18 53.80
CA ASP A 257 -9.08 -4.18 53.94
C ASP A 257 -9.58 -3.67 55.30
N GLN B 7 -39.45 7.15 93.19
CA GLN B 7 -39.03 6.44 91.99
C GLN B 7 -40.13 5.49 91.48
N ASP B 8 -40.55 5.71 90.23
CA ASP B 8 -41.63 4.93 89.64
C ASP B 8 -41.12 3.64 89.01
N LEU B 9 -41.47 2.51 89.62
CA LEU B 9 -40.99 1.22 89.12
C LEU B 9 -41.63 0.79 87.81
N ARG B 10 -42.74 1.41 87.45
CA ARG B 10 -43.41 1.09 86.19
C ARG B 10 -42.70 1.70 84.96
N ALA B 11 -41.75 2.60 85.21
CA ALA B 11 -40.95 3.19 84.14
C ALA B 11 -39.86 2.23 83.70
N PHE B 12 -39.72 1.13 84.44
CA PHE B 12 -38.79 0.06 84.06
C PHE B 12 -39.55 -1.00 83.30
N VAL B 13 -38.86 -1.60 82.33
CA VAL B 13 -39.42 -2.73 81.60
C VAL B 13 -39.80 -3.82 82.60
N HIS B 14 -41.05 -4.29 82.52
CA HIS B 14 -41.46 -5.41 83.35
C HIS B 14 -42.57 -6.15 82.64
N ASP B 15 -42.83 -7.37 83.08
CA ASP B 15 -43.80 -8.23 82.42
C ASP B 15 -45.22 -7.72 82.64
N SER B 16 -45.99 -7.67 81.55
CA SER B 16 -47.41 -7.40 81.64
C SER B 16 -48.07 -8.58 82.35
N PRO B 17 -49.30 -8.41 82.82
CA PRO B 17 -49.89 -9.55 83.50
C PRO B 17 -50.11 -10.72 82.55
N GLU B 18 -50.41 -10.43 81.27
CA GLU B 18 -50.61 -11.48 80.27
C GLU B 18 -49.34 -12.33 80.04
N GLU B 19 -48.19 -11.66 79.97
CA GLU B 19 -46.88 -12.33 79.83
C GLU B 19 -46.59 -13.19 81.06
N THR B 20 -46.85 -12.64 82.25
CA THR B 20 -46.71 -13.40 83.48
C THR B 20 -47.57 -14.67 83.44
N GLU B 21 -48.83 -14.49 83.07
CA GLU B 21 -49.79 -15.57 82.99
C GLU B 21 -49.36 -16.66 81.97
N THR B 22 -48.83 -16.25 80.82
CA THR B 22 -48.37 -17.22 79.80
C THR B 22 -47.23 -18.04 80.37
N THR B 23 -46.31 -17.35 81.03
CA THR B 23 -45.14 -17.97 81.62
C THR B 23 -45.56 -19.03 82.66
N GLN B 24 -46.50 -18.68 83.53
CA GLN B 24 -46.97 -19.56 84.60
C GLN B 24 -47.76 -20.77 84.10
N ARG B 25 -48.64 -20.55 83.13
CA ARG B 25 -49.38 -21.65 82.53
C ARG B 25 -48.45 -22.63 81.86
N LEU B 26 -47.58 -22.13 80.99
CA LEU B 26 -46.63 -22.99 80.27
C LEU B 26 -45.75 -23.78 81.24
N THR B 27 -45.32 -23.13 82.31
CA THR B 27 -44.55 -23.78 83.36
C THR B 27 -45.35 -24.94 83.94
N LYS B 28 -46.62 -24.68 84.23
CA LYS B 28 -47.48 -25.70 84.81
C LYS B 28 -47.75 -26.79 83.79
N LEU B 29 -47.96 -26.39 82.55
CA LEU B 29 -48.20 -27.36 81.48
C LEU B 29 -46.99 -28.24 81.15
N LEU B 30 -45.79 -27.70 81.34
CA LEU B 30 -44.56 -28.47 81.19
C LEU B 30 -44.35 -29.40 82.38
N THR B 31 -44.70 -28.91 83.57
CA THR B 31 -44.54 -29.70 84.80
C THR B 31 -45.44 -30.92 84.81
N ASN B 32 -46.65 -30.75 84.29
CA ASN B 32 -47.66 -31.79 84.34
C ASN B 32 -48.02 -32.24 82.94
N SER B 33 -47.02 -32.67 82.20
CA SER B 33 -47.22 -33.04 80.81
C SER B 33 -47.53 -34.52 80.65
N PRO B 34 -48.58 -34.84 79.89
CA PRO B 34 -48.93 -36.20 79.48
C PRO B 34 -48.02 -36.69 78.37
N ILE B 35 -47.09 -35.87 77.93
CA ILE B 35 -46.12 -36.30 76.94
C ILE B 35 -45.18 -37.29 77.61
N PRO B 36 -44.95 -38.45 76.97
CA PRO B 36 -44.02 -39.45 77.48
C PRO B 36 -42.69 -38.77 77.79
N THR B 37 -42.18 -39.04 78.98
CA THR B 37 -41.02 -38.35 79.52
C THR B 37 -39.82 -38.29 78.57
N GLU B 38 -39.62 -39.34 77.80
CA GLU B 38 -38.46 -39.42 76.94
C GLU B 38 -38.68 -38.66 75.65
N GLU B 39 -39.89 -38.13 75.47
CA GLU B 39 -40.23 -37.32 74.30
C GLU B 39 -40.29 -35.82 74.61
N LEU B 40 -40.09 -35.46 75.86
CA LEU B 40 -40.13 -34.06 76.27
C LEU B 40 -39.10 -33.21 75.55
N VAL B 41 -37.88 -33.73 75.46
CA VAL B 41 -36.78 -32.98 74.82
C VAL B 41 -36.95 -32.95 73.29
N ASN B 42 -38.02 -33.56 72.78
CA ASN B 42 -38.33 -33.50 71.35
C ASN B 42 -39.52 -32.58 71.06
N ASN B 43 -40.01 -31.88 72.09
CA ASN B 43 -41.18 -31.04 71.94
C ASN B 43 -41.10 -29.77 72.78
N LEU B 44 -39.89 -29.40 73.16
CA LEU B 44 -39.67 -28.16 73.91
C LEU B 44 -40.31 -26.88 73.34
N PRO B 45 -40.36 -26.72 71.99
CA PRO B 45 -41.01 -25.52 71.47
C PRO B 45 -42.47 -25.32 71.88
N LEU B 46 -43.10 -26.35 72.42
CA LEU B 46 -44.45 -26.19 72.97
C LEU B 46 -44.45 -25.17 74.10
N PHE B 47 -43.34 -25.09 74.81
CA PHE B 47 -43.25 -24.32 76.04
C PHE B 47 -42.37 -23.08 75.86
N LEU B 48 -41.89 -22.86 74.64
CA LEU B 48 -41.00 -21.73 74.35
C LEU B 48 -41.82 -20.57 73.81
N ARG B 49 -42.06 -19.56 74.66
CA ARG B 49 -42.96 -18.48 74.29
C ARG B 49 -42.22 -17.46 73.43
N ARG B 50 -43.00 -16.60 72.77
CA ARG B 50 -42.48 -15.54 71.91
C ARG B 50 -41.22 -14.89 72.46
N HIS B 51 -41.30 -14.41 73.70
CA HIS B 51 -40.19 -13.68 74.28
C HIS B 51 -38.89 -14.46 74.31
N GLN B 52 -38.96 -15.75 74.65
CA GLN B 52 -37.76 -16.58 74.73
C GLN B 52 -37.29 -17.02 73.35
N MET B 53 -38.26 -17.25 72.46
CA MET B 53 -37.99 -17.61 71.09
C MET B 53 -37.24 -16.46 70.41
N THR B 54 -37.64 -15.23 70.71
CA THR B 54 -36.96 -14.06 70.19
C THR B 54 -35.49 -14.06 70.59
N ASP B 55 -35.21 -14.35 71.85
CA ASP B 55 -33.84 -14.46 72.32
C ASP B 55 -33.03 -15.50 71.53
N LEU B 56 -33.65 -16.65 71.26
CA LEU B 56 -33.00 -17.71 70.50
C LEU B 56 -32.66 -17.24 69.07
N LEU B 57 -33.64 -16.68 68.38
CA LEU B 57 -33.41 -16.19 67.02
C LEU B 57 -32.33 -15.08 66.96
N SER B 58 -32.29 -14.23 67.98
CA SER B 58 -31.25 -13.20 68.07
C SER B 58 -29.85 -13.80 68.19
N MET B 59 -29.71 -14.80 69.08
CA MET B 59 -28.44 -15.48 69.22
C MET B 59 -28.06 -16.17 67.91
N ASP B 60 -29.04 -16.77 67.25
CA ASP B 60 -28.77 -17.42 65.98
C ASP B 60 -28.33 -16.38 64.95
N ALA B 61 -28.94 -15.20 65.00
CA ALA B 61 -28.56 -14.13 64.08
C ALA B 61 -27.14 -13.66 64.32
N LEU B 62 -26.73 -13.58 65.58
CA LEU B 62 -25.38 -13.09 65.86
C LEU B 62 -24.34 -14.12 65.48
N TYR B 63 -24.61 -15.38 65.79
CA TYR B 63 -23.72 -16.48 65.44
C TYR B 63 -23.48 -16.48 63.94
N ARG B 64 -24.56 -16.34 63.17
CA ARG B 64 -24.47 -16.39 61.72
C ARG B 64 -23.53 -15.34 61.15
N GLN B 65 -23.45 -14.18 61.81
CA GLN B 65 -22.51 -13.14 61.38
C GLN B 65 -21.02 -13.43 61.60
N VAL B 66 -20.70 -14.41 62.44
CA VAL B 66 -19.31 -14.72 62.74
C VAL B 66 -18.85 -16.07 62.19
N LEU B 67 -19.68 -16.68 61.34
CA LEU B 67 -19.33 -17.97 60.75
C LEU B 67 -18.08 -17.88 59.89
N ASP B 68 -17.77 -16.68 59.41
CA ASP B 68 -16.59 -16.47 58.59
C ASP B 68 -15.54 -15.67 59.36
N VAL B 69 -15.64 -15.69 60.68
CA VAL B 69 -14.67 -15.03 61.56
C VAL B 69 -13.99 -16.06 62.47
N PRO B 70 -12.66 -16.06 62.52
CA PRO B 70 -12.06 -17.07 63.40
C PRO B 70 -12.29 -16.73 64.87
N GLY B 71 -12.04 -17.69 65.74
CA GLY B 71 -12.02 -17.37 67.16
C GLY B 71 -13.14 -17.97 67.99
N VAL B 72 -13.19 -17.53 69.24
CA VAL B 72 -14.06 -18.16 70.22
C VAL B 72 -15.27 -17.27 70.52
N ILE B 73 -16.24 -17.87 71.20
CA ILE B 73 -17.42 -17.14 71.65
C ILE B 73 -17.29 -17.00 73.17
N MET B 74 -17.45 -15.78 73.67
CA MET B 74 -17.44 -15.55 75.11
C MET B 74 -18.74 -14.89 75.53
N GLU B 75 -19.33 -15.40 76.61
CA GLU B 75 -20.40 -14.70 77.29
C GLU B 75 -19.95 -14.28 78.69
N PHE B 76 -20.10 -12.99 78.99
CA PHE B 76 -19.82 -12.46 80.29
C PHE B 76 -21.12 -12.23 81.06
N GLY B 77 -21.39 -13.11 82.03
CA GLY B 77 -22.67 -13.10 82.71
C GLY B 77 -23.55 -14.20 82.14
N VAL B 78 -23.67 -15.30 82.89
CA VAL B 78 -24.21 -16.54 82.35
C VAL B 78 -25.54 -16.90 82.99
N ARG B 79 -25.68 -16.56 84.26
CA ARG B 79 -26.77 -17.06 85.11
C ARG B 79 -26.96 -18.57 84.99
N PHE B 80 -28.11 -19.02 84.50
CA PHE B 80 -28.34 -20.47 84.34
C PHE B 80 -27.79 -21.04 83.04
N GLY B 81 -27.30 -20.17 82.16
CA GLY B 81 -26.63 -20.61 80.95
C GLY B 81 -27.48 -20.69 79.69
N ARG B 82 -28.64 -20.02 79.68
CA ARG B 82 -29.53 -20.01 78.50
C ARG B 82 -28.80 -19.88 77.17
N HIS B 83 -27.94 -18.86 77.11
CA HIS B 83 -27.18 -18.58 75.89
C HIS B 83 -26.10 -19.62 75.60
N LEU B 84 -25.45 -20.14 76.65
CA LEU B 84 -24.45 -21.18 76.45
C LEU B 84 -25.10 -22.41 75.83
N GLY B 85 -26.28 -22.80 76.32
CA GLY B 85 -26.97 -23.93 75.73
C GLY B 85 -27.29 -23.66 74.26
N THR B 86 -27.78 -22.46 73.98
CA THR B 86 -28.11 -22.06 72.62
C THR B 86 -26.88 -22.17 71.73
N PHE B 87 -25.79 -21.57 72.16
CA PHE B 87 -24.55 -21.57 71.39
C PHE B 87 -24.05 -23.00 71.13
N ALA B 88 -24.20 -23.87 72.12
CA ALA B 88 -23.71 -25.25 71.98
C ALA B 88 -24.50 -25.95 70.90
N ALA B 89 -25.80 -25.69 70.85
CA ALA B 89 -26.65 -26.27 69.81
C ALA B 89 -26.34 -25.66 68.44
N LEU B 90 -26.16 -24.34 68.40
CA LEU B 90 -25.92 -23.64 67.13
C LEU B 90 -24.60 -24.06 66.52
N ARG B 91 -23.58 -24.22 67.36
CA ARG B 91 -22.28 -24.66 66.90
C ARG B 91 -22.40 -26.01 66.17
N GLY B 92 -23.25 -26.88 66.70
CA GLY B 92 -23.57 -28.12 66.02
C GLY B 92 -24.22 -27.88 64.67
N VAL B 93 -25.19 -26.96 64.63
CA VAL B 93 -25.89 -26.69 63.38
C VAL B 93 -24.93 -26.16 62.30
N TYR B 94 -24.06 -25.24 62.67
CA TYR B 94 -23.28 -24.53 61.66
C TYR B 94 -21.85 -25.00 61.49
N GLU B 95 -21.27 -25.55 62.55
CA GLU B 95 -19.85 -25.83 62.47
C GLU B 95 -19.42 -27.19 63.02
N PRO B 96 -19.95 -28.27 62.43
CA PRO B 96 -19.50 -29.61 62.85
C PRO B 96 -17.98 -29.77 62.81
N TYR B 97 -17.31 -29.11 61.87
CA TYR B 97 -15.89 -29.34 61.65
C TYR B 97 -14.97 -28.27 62.25
N ASN B 98 -15.51 -27.43 63.12
CA ASN B 98 -14.70 -26.41 63.79
C ASN B 98 -14.52 -26.67 65.30
N PRO B 99 -13.48 -27.42 65.67
CA PRO B 99 -13.20 -27.69 67.08
C PRO B 99 -12.50 -26.54 67.80
N LEU B 100 -12.13 -25.49 67.09
CA LEU B 100 -11.51 -24.34 67.73
C LEU B 100 -12.56 -23.31 68.18
N ARG B 101 -13.81 -23.48 67.76
CA ARG B 101 -14.86 -22.57 68.24
C ARG B 101 -15.22 -22.89 69.68
N ARG B 102 -14.36 -22.47 70.59
CA ARG B 102 -14.58 -22.66 72.01
C ARG B 102 -15.72 -21.76 72.44
N ILE B 103 -16.53 -22.25 73.36
CA ILE B 103 -17.55 -21.43 74.02
C ILE B 103 -17.14 -21.23 75.49
N VAL B 104 -16.87 -19.98 75.87
CA VAL B 104 -16.37 -19.70 77.21
C VAL B 104 -17.36 -18.84 77.97
N GLY B 105 -17.84 -19.35 79.10
CA GLY B 105 -18.79 -18.64 79.93
C GLY B 105 -18.14 -18.12 81.19
N PHE B 106 -18.35 -16.85 81.50
CA PHE B 106 -17.79 -16.26 82.71
C PHE B 106 -18.90 -15.82 83.63
N ASP B 107 -18.77 -16.18 84.91
CA ASP B 107 -19.72 -15.77 85.93
C ASP B 107 -19.17 -16.10 87.33
N THR B 108 -19.61 -15.35 88.33
CA THR B 108 -19.32 -15.72 89.72
C THR B 108 -20.19 -16.88 90.13
N PHE B 109 -21.36 -16.98 89.49
CA PHE B 109 -22.38 -17.98 89.80
C PHE B 109 -22.95 -17.84 91.22
N THR B 110 -22.77 -16.67 91.82
CA THR B 110 -23.34 -16.36 93.13
C THR B 110 -23.91 -14.95 93.08
N GLY B 111 -24.33 -14.54 91.88
CA GLY B 111 -24.93 -13.23 91.70
C GLY B 111 -23.90 -12.13 91.73
N PHE B 112 -24.38 -10.89 91.58
CA PHE B 112 -23.51 -9.70 91.55
C PHE B 112 -22.50 -9.74 92.68
N PRO B 113 -21.21 -9.58 92.34
CA PRO B 113 -20.13 -9.54 93.34
C PRO B 113 -20.23 -8.29 94.22
N ASP B 114 -20.31 -7.14 93.58
CA ASP B 114 -20.51 -5.85 94.23
C ASP B 114 -21.34 -5.02 93.25
N VAL B 115 -21.68 -3.79 93.62
CA VAL B 115 -22.40 -2.89 92.72
C VAL B 115 -21.92 -1.45 92.89
N ASN B 116 -21.73 -0.78 91.76
CA ASN B 116 -21.31 0.62 91.75
C ASN B 116 -22.52 1.55 92.02
N ASP B 117 -22.25 2.81 92.35
CA ASP B 117 -23.32 3.78 92.59
C ASP B 117 -24.18 3.98 91.34
N VAL B 118 -23.52 4.19 90.21
CA VAL B 118 -24.22 4.41 88.94
C VAL B 118 -25.16 3.24 88.59
N ASP B 119 -24.89 2.05 89.13
CA ASP B 119 -25.74 0.89 88.90
C ASP B 119 -27.02 0.91 89.75
N ARG B 120 -27.02 1.68 90.83
CA ARG B 120 -28.13 1.68 91.81
C ARG B 120 -29.31 2.55 91.38
N VAL B 121 -30.00 2.12 90.34
CA VAL B 121 -31.16 2.87 89.82
C VAL B 121 -32.46 2.23 90.29
N GLY B 122 -32.58 0.93 90.05
CA GLY B 122 -33.74 0.16 90.46
C GLY B 122 -33.49 -0.69 91.70
N PRO B 123 -34.54 -1.38 92.17
CA PRO B 123 -34.51 -2.08 93.46
C PRO B 123 -33.78 -3.42 93.45
N THR B 124 -33.27 -3.88 92.31
CA THR B 124 -32.59 -5.17 92.27
C THR B 124 -31.08 -5.06 92.05
N ALA B 125 -30.54 -3.87 92.27
CA ALA B 125 -29.10 -3.63 92.16
C ALA B 125 -28.37 -3.89 93.48
N TYR B 126 -28.27 -5.15 93.89
CA TYR B 126 -27.63 -5.50 95.16
C TYR B 126 -26.71 -6.71 95.06
N GLN B 127 -25.83 -6.88 96.05
CA GLN B 127 -24.93 -8.02 96.11
C GLN B 127 -25.70 -9.34 96.20
N GLY B 128 -25.42 -10.25 95.27
CA GLY B 128 -26.00 -11.58 95.29
C GLY B 128 -27.20 -11.74 94.38
N ARG B 129 -27.53 -10.68 93.66
CA ARG B 129 -28.63 -10.71 92.71
C ARG B 129 -28.30 -11.64 91.54
N PHE B 130 -29.21 -12.57 91.27
CA PHE B 130 -29.10 -13.58 90.20
C PHE B 130 -28.24 -14.81 90.56
N ALA B 131 -27.99 -14.99 91.87
CA ALA B 131 -27.27 -16.17 92.35
C ALA B 131 -28.00 -17.48 91.99
N VAL B 132 -27.23 -18.51 91.71
CA VAL B 132 -27.76 -19.82 91.32
C VAL B 132 -27.46 -20.82 92.45
N PRO B 133 -28.15 -21.99 92.47
CA PRO B 133 -27.98 -22.93 93.59
C PRO B 133 -26.55 -23.45 93.77
N GLY B 134 -26.26 -24.00 94.95
CA GLY B 134 -24.97 -24.63 95.20
C GLY B 134 -24.75 -25.74 94.19
N GLY B 135 -23.54 -25.86 93.68
CA GLY B 135 -23.23 -26.91 92.71
C GLY B 135 -23.80 -26.69 91.31
N TYR B 136 -24.36 -25.52 91.06
CA TYR B 136 -24.90 -25.24 89.72
C TYR B 136 -23.88 -25.28 88.55
N PRO B 137 -22.70 -24.66 88.72
CA PRO B 137 -21.68 -24.74 87.65
C PRO B 137 -21.41 -26.18 87.16
N ALA B 138 -21.36 -27.14 88.08
CA ALA B 138 -21.15 -28.54 87.69
C ALA B 138 -22.34 -29.10 86.94
N TYR B 139 -23.54 -28.63 87.26
CA TYR B 139 -24.74 -29.07 86.56
C TYR B 139 -24.75 -28.52 85.13
N LEU B 140 -24.43 -27.24 84.99
CA LEU B 140 -24.37 -26.61 83.68
C LEU B 140 -23.31 -27.30 82.84
N LYS B 141 -22.19 -27.67 83.46
CA LYS B 141 -21.13 -28.34 82.70
C LYS B 141 -21.61 -29.70 82.20
N GLU B 142 -22.43 -30.40 82.98
CA GLU B 142 -22.99 -31.66 82.52
C GLU B 142 -23.89 -31.44 81.31
N VAL B 143 -24.69 -30.37 81.38
CA VAL B 143 -25.59 -30.03 80.28
C VAL B 143 -24.78 -29.81 79.00
N LEU B 144 -23.75 -28.97 79.09
CA LEU B 144 -22.91 -28.68 77.93
C LEU B 144 -22.20 -29.92 77.43
N ASP B 145 -21.80 -30.80 78.36
CA ASP B 145 -21.10 -32.03 77.95
C ASP B 145 -22.05 -32.94 77.21
N ALA B 146 -23.31 -32.96 77.63
CA ALA B 146 -24.33 -33.78 76.98
C ALA B 146 -24.52 -33.40 75.51
N HIS B 147 -24.60 -32.10 75.23
CA HIS B 147 -24.65 -31.63 73.84
C HIS B 147 -23.41 -32.10 73.09
N GLU B 148 -22.24 -31.87 73.66
CA GLU B 148 -20.97 -32.07 72.98
C GLU B 148 -20.63 -33.52 72.66
N CYS B 149 -21.21 -34.44 73.40
CA CYS B 149 -20.81 -35.84 73.23
C CYS B 149 -21.36 -36.43 71.92
N SER B 150 -22.27 -35.72 71.25
CA SER B 150 -22.62 -36.14 69.91
C SER B 150 -22.11 -35.17 68.84
N ASP B 151 -21.23 -34.25 69.20
CA ASP B 151 -20.61 -33.39 68.20
C ASP B 151 -19.66 -34.23 67.36
N PHE B 152 -19.45 -33.85 66.11
CA PHE B 152 -18.49 -34.53 65.26
C PHE B 152 -17.09 -34.50 65.90
N PHE B 153 -16.77 -33.42 66.59
CA PHE B 153 -15.50 -33.33 67.30
C PHE B 153 -15.65 -33.55 68.81
N GLY B 154 -16.63 -34.38 69.18
CA GLY B 154 -16.87 -34.71 70.58
C GLY B 154 -15.66 -35.23 71.37
N HIS B 155 -14.66 -35.76 70.67
CA HIS B 155 -13.50 -36.33 71.36
C HIS B 155 -12.46 -35.26 71.75
N VAL B 156 -12.63 -34.05 71.24
CA VAL B 156 -11.80 -32.93 71.69
C VAL B 156 -12.49 -32.26 72.88
N THR B 157 -11.76 -32.14 73.98
CA THR B 157 -12.30 -31.67 75.25
C THR B 157 -12.09 -30.18 75.43
N GLN B 158 -12.67 -29.61 76.48
CA GLN B 158 -12.56 -28.17 76.74
C GLN B 158 -13.04 -27.33 75.55
N ARG B 159 -14.04 -27.82 74.84
CA ARG B 159 -14.68 -26.99 73.81
C ARG B 159 -15.76 -26.08 74.42
N SER B 160 -16.18 -26.41 75.63
CA SER B 160 -17.02 -25.52 76.46
C SER B 160 -16.32 -25.33 77.79
N VAL B 161 -16.26 -24.11 78.26
CA VAL B 161 -15.52 -23.81 79.48
C VAL B 161 -16.30 -22.81 80.32
N LEU B 162 -16.54 -23.17 81.58
CA LEU B 162 -17.14 -22.25 82.53
C LEU B 162 -16.04 -21.70 83.41
N VAL B 163 -15.93 -20.39 83.51
CA VAL B 163 -14.89 -19.79 84.33
C VAL B 163 -15.55 -19.05 85.50
N GLU B 164 -15.41 -19.63 86.70
CA GLU B 164 -16.07 -19.11 87.90
C GLU B 164 -15.23 -18.04 88.57
N GLY B 165 -15.87 -16.95 88.99
CA GLY B 165 -15.15 -15.90 89.67
C GLY B 165 -15.51 -14.54 89.13
N ASP B 166 -14.76 -13.53 89.54
CA ASP B 166 -15.01 -12.16 89.14
C ASP B 166 -14.29 -11.90 87.82
N VAL B 167 -15.04 -11.44 86.81
CA VAL B 167 -14.45 -11.21 85.50
C VAL B 167 -13.32 -10.19 85.53
N ARG B 168 -13.30 -9.33 86.53
CA ARG B 168 -12.22 -8.36 86.62
C ARG B 168 -10.87 -9.05 86.75
N GLU B 169 -10.86 -10.27 87.29
CA GLU B 169 -9.62 -11.03 87.30
C GLU B 169 -9.66 -12.31 86.45
N THR B 170 -10.81 -12.94 86.33
CA THR B 170 -10.87 -14.17 85.55
C THR B 170 -10.64 -13.92 84.07
N VAL B 171 -11.25 -12.87 83.52
CA VAL B 171 -11.06 -12.58 82.10
C VAL B 171 -9.60 -12.33 81.73
N PRO B 172 -8.90 -11.42 82.44
CA PRO B 172 -7.47 -11.25 82.13
C PRO B 172 -6.66 -12.53 82.34
N ARG B 173 -7.03 -13.33 83.32
CA ARG B 173 -6.30 -14.57 83.54
C ARG B 173 -6.55 -15.54 82.40
N TYR B 174 -7.81 -15.62 81.94
CA TYR B 174 -8.15 -16.54 80.86
C TYR B 174 -7.32 -16.19 79.62
N LEU B 175 -7.20 -14.91 79.33
CA LEU B 175 -6.47 -14.45 78.14
C LEU B 175 -4.98 -14.76 78.24
N ALA B 176 -4.42 -14.62 79.44
CA ALA B 176 -3.01 -14.87 79.67
C ALA B 176 -2.70 -16.36 79.46
N GLU B 177 -3.60 -17.22 79.92
CA GLU B 177 -3.42 -18.65 79.71
C GLU B 177 -3.73 -19.06 78.28
N ASN B 178 -4.40 -18.20 77.52
CA ASN B 178 -4.79 -18.60 76.17
C ASN B 178 -4.31 -17.63 75.11
N PRO B 179 -2.99 -17.60 74.85
CA PRO B 179 -2.46 -16.58 73.93
C PRO B 179 -2.86 -16.79 72.46
N GLN B 180 -3.52 -17.91 72.16
CA GLN B 180 -3.99 -18.18 70.81
C GLN B 180 -5.35 -17.54 70.55
N THR B 181 -5.90 -16.88 71.56
CA THR B 181 -7.28 -16.42 71.47
C THR B 181 -7.56 -15.38 70.39
N VAL B 182 -8.57 -15.66 69.58
CA VAL B 182 -9.25 -14.59 68.86
C VAL B 182 -10.70 -14.62 69.32
N ILE B 183 -11.30 -13.45 69.50
CA ILE B 183 -12.67 -13.41 69.97
C ILE B 183 -13.57 -13.03 68.81
N ALA B 184 -14.36 -13.99 68.34
CA ALA B 184 -15.30 -13.75 67.26
C ALA B 184 -16.59 -13.07 67.73
N LEU B 185 -17.07 -13.48 68.90
CA LEU B 185 -18.31 -12.93 69.47
C LEU B 185 -18.15 -12.74 70.98
N ALA B 186 -18.32 -11.51 71.44
CA ALA B 186 -18.24 -11.20 72.84
C ALA B 186 -19.60 -10.72 73.29
N TYR B 187 -20.26 -11.49 74.16
CA TYR B 187 -21.60 -11.14 74.56
C TYR B 187 -21.63 -10.65 76.00
N PHE B 188 -21.99 -9.38 76.19
CA PHE B 188 -21.95 -8.76 77.51
C PHE B 188 -23.31 -8.81 78.20
N ASP B 189 -23.34 -9.40 79.39
CA ASP B 189 -24.58 -9.46 80.14
C ASP B 189 -24.26 -9.32 81.62
N LEU B 190 -23.33 -8.43 81.93
CA LEU B 190 -22.87 -8.21 83.29
C LEU B 190 -23.73 -7.20 84.06
N ASP B 191 -24.45 -6.36 83.32
CA ASP B 191 -25.28 -5.27 83.87
C ASP B 191 -24.50 -4.13 84.55
N LEU B 192 -23.39 -4.44 85.22
CA LEU B 192 -22.71 -3.43 86.03
C LEU B 192 -21.57 -2.71 85.33
N TYR B 193 -21.36 -1.45 85.72
CA TYR B 193 -20.35 -0.59 85.10
C TYR B 193 -18.91 -1.09 85.15
N GLU B 194 -18.40 -1.33 86.36
CA GLU B 194 -17.00 -1.71 86.54
C GLU B 194 -16.58 -3.02 85.83
N PRO B 195 -17.34 -4.11 86.01
CA PRO B 195 -16.91 -5.32 85.30
C PRO B 195 -16.91 -5.15 83.78
N THR B 196 -17.95 -4.50 83.26
CA THR B 196 -18.06 -4.28 81.82
C THR B 196 -16.88 -3.48 81.29
N LYS B 197 -16.54 -2.41 82.00
CA LYS B 197 -15.43 -1.56 81.60
C LYS B 197 -14.15 -2.38 81.55
N ALA B 198 -13.96 -3.21 82.57
CA ALA B 198 -12.71 -3.97 82.72
C ALA B 198 -12.61 -5.05 81.66
N VAL B 199 -13.73 -5.71 81.38
CA VAL B 199 -13.75 -6.73 80.34
C VAL B 199 -13.52 -6.10 78.96
N LEU B 200 -14.19 -4.97 78.69
CA LEU B 200 -14.00 -4.21 77.45
C LEU B 200 -12.55 -3.87 77.20
N GLU B 201 -11.87 -3.38 78.22
CA GLU B 201 -10.44 -3.05 78.08
C GLU B 201 -9.58 -4.29 77.79
N ALA B 202 -9.89 -5.38 78.48
CA ALA B 202 -9.10 -6.60 78.36
C ALA B 202 -9.26 -7.26 76.97
N ILE B 203 -10.49 -7.41 76.50
CA ILE B 203 -10.70 -8.22 75.29
C ILE B 203 -10.26 -7.54 74.00
N ARG B 204 -9.95 -6.26 74.06
CA ARG B 204 -9.70 -5.50 72.85
C ARG B 204 -8.56 -6.00 71.93
N PRO B 205 -7.40 -6.39 72.49
CA PRO B 205 -6.34 -6.89 71.60
C PRO B 205 -6.67 -8.22 70.91
N TYR B 206 -7.78 -8.85 71.26
CA TYR B 206 -8.11 -10.15 70.72
C TYR B 206 -9.26 -10.12 69.71
N LEU B 207 -9.68 -8.91 69.36
CA LEU B 207 -10.73 -8.69 68.36
C LEU B 207 -10.13 -8.54 66.95
N THR B 208 -10.84 -9.03 65.94
CA THR B 208 -10.47 -8.68 64.57
C THR B 208 -11.56 -7.80 63.96
N LYS B 209 -11.27 -7.15 62.85
CA LYS B 209 -12.31 -6.44 62.12
C LYS B 209 -13.32 -7.49 61.68
N GLY B 210 -14.56 -7.35 62.12
CA GLY B 210 -15.56 -8.36 61.88
C GLY B 210 -16.09 -9.01 63.14
N SER B 211 -15.27 -9.00 64.21
CA SER B 211 -15.71 -9.54 65.49
C SER B 211 -16.97 -8.80 65.95
N ILE B 212 -17.91 -9.54 66.52
CA ILE B 212 -19.13 -8.97 67.06
C ILE B 212 -19.05 -8.75 68.57
N VAL B 213 -19.35 -7.53 68.99
CA VAL B 213 -19.46 -7.21 70.42
C VAL B 213 -20.92 -6.85 70.68
N ALA B 214 -21.57 -7.63 71.55
CA ALA B 214 -22.99 -7.46 71.80
C ALA B 214 -23.31 -7.23 73.28
N PHE B 215 -24.31 -6.38 73.53
CA PHE B 215 -24.76 -6.02 74.87
C PHE B 215 -26.23 -6.32 75.05
N ASP B 216 -26.55 -7.00 76.15
CA ASP B 216 -27.91 -7.29 76.51
C ASP B 216 -28.68 -6.05 77.04
N GLU B 217 -27.96 -5.08 77.63
CA GLU B 217 -28.63 -4.01 78.37
C GLU B 217 -28.14 -2.59 78.07
N LEU B 218 -27.76 -2.32 76.82
CA LEU B 218 -27.09 -1.06 76.52
C LEU B 218 -27.90 0.21 76.80
N ASP B 219 -29.18 0.21 76.44
CA ASP B 219 -29.99 1.41 76.65
C ASP B 219 -31.12 1.24 77.67
N ASN B 220 -30.88 0.37 78.65
CA ASN B 220 -31.87 0.15 79.69
C ASN B 220 -31.62 1.10 80.86
N PRO B 221 -32.63 1.94 81.17
CA PRO B 221 -32.64 2.86 82.33
C PRO B 221 -32.28 2.16 83.62
N LYS B 222 -32.71 0.91 83.77
CA LYS B 222 -32.47 0.18 85.02
C LYS B 222 -31.00 -0.17 85.22
N TRP B 223 -30.28 -0.31 84.11
CA TRP B 223 -28.87 -0.72 84.13
C TRP B 223 -28.01 0.14 83.21
N PRO B 224 -27.70 1.37 83.60
CA PRO B 224 -26.91 2.25 82.71
C PRO B 224 -25.41 1.93 82.71
N GLY B 225 -24.99 0.89 83.41
CA GLY B 225 -23.57 0.63 83.58
C GLY B 225 -22.83 0.38 82.27
N GLU B 226 -23.44 -0.43 81.41
CA GLU B 226 -22.80 -0.83 80.16
C GLU B 226 -22.62 0.36 79.23
N ASN B 227 -23.65 1.19 79.16
CA ASN B 227 -23.58 2.44 78.43
C ASN B 227 -22.46 3.34 78.98
N ILE B 228 -22.46 3.60 80.29
CA ILE B 228 -21.39 4.40 80.90
C ILE B 228 -20.01 3.82 80.58
N ALA B 229 -19.90 2.50 80.64
CA ALA B 229 -18.66 1.82 80.30
C ALA B 229 -18.29 2.00 78.82
N MET B 230 -19.25 1.79 77.92
CA MET B 230 -19.03 2.00 76.50
C MET B 230 -18.51 3.40 76.23
N ARG B 231 -19.24 4.40 76.76
CA ARG B 231 -18.88 5.80 76.54
C ARG B 231 -17.50 6.09 77.11
N LYS B 232 -17.16 5.46 78.22
CA LYS B 232 -15.85 5.69 78.82
C LYS B 232 -14.71 5.04 78.02
N VAL B 233 -14.88 3.79 77.60
CA VAL B 233 -13.81 3.04 76.94
C VAL B 233 -13.68 3.31 75.42
N LEU B 234 -14.80 3.33 74.72
CA LEU B 234 -14.78 3.41 73.26
C LEU B 234 -15.44 4.67 72.72
N GLY B 235 -16.54 5.08 73.34
CA GLY B 235 -17.40 6.12 72.77
C GLY B 235 -18.48 5.43 71.97
N LEU B 236 -19.71 5.92 72.07
CA LEU B 236 -20.85 5.29 71.41
C LEU B 236 -20.74 5.27 69.87
N ASP B 237 -19.91 6.15 69.31
CA ASP B 237 -19.78 6.19 67.85
C ASP B 237 -18.44 5.61 67.38
N HIS B 238 -17.85 4.75 68.19
CA HIS B 238 -16.60 4.11 67.85
C HIS B 238 -16.82 3.18 66.66
N ALA B 239 -17.97 2.52 66.69
CA ALA B 239 -18.42 1.60 65.65
C ALA B 239 -19.94 1.75 65.60
N PRO B 240 -20.59 1.21 64.56
CA PRO B 240 -22.05 1.40 64.49
C PRO B 240 -22.81 0.41 65.38
N LEU B 241 -23.48 0.91 66.40
CA LEU B 241 -24.25 0.02 67.23
C LEU B 241 -25.56 -0.26 66.53
N ARG B 242 -26.00 -1.51 66.56
CA ARG B 242 -27.16 -1.90 65.79
C ARG B 242 -28.15 -2.67 66.66
N LEU B 243 -29.39 -2.75 66.20
CA LEU B 243 -30.36 -3.66 66.76
C LEU B 243 -30.79 -4.64 65.67
N LEU B 244 -31.29 -5.79 66.09
CA LEU B 244 -32.05 -6.59 65.16
C LEU B 244 -33.43 -5.95 65.20
N PRO B 245 -33.94 -5.49 64.04
CA PRO B 245 -35.16 -4.67 64.10
C PRO B 245 -36.31 -5.39 64.80
N GLY B 246 -37.05 -4.64 65.61
CA GLY B 246 -38.18 -5.18 66.33
C GLY B 246 -37.81 -5.53 67.76
N ARG B 247 -36.51 -5.53 68.06
CA ARG B 247 -36.04 -6.01 69.35
C ARG B 247 -35.19 -5.00 70.09
N PRO B 248 -35.52 -4.74 71.35
CA PRO B 248 -34.81 -3.74 72.14
C PRO B 248 -33.40 -4.20 72.40
N ALA B 249 -33.17 -5.50 72.28
CA ALA B 249 -31.86 -6.08 72.57
C ALA B 249 -31.68 -7.40 71.82
N PRO B 250 -30.43 -7.79 71.56
CA PRO B 250 -29.20 -7.13 71.96
C PRO B 250 -28.86 -5.94 71.06
N ALA B 251 -28.10 -5.00 71.60
CA ALA B 251 -27.46 -4.00 70.76
C ALA B 251 -26.07 -4.54 70.46
N TYR B 252 -25.63 -4.42 69.22
CA TYR B 252 -24.36 -5.02 68.85
C TYR B 252 -23.64 -4.20 67.79
N LEU B 253 -22.31 -4.29 67.81
CA LEU B 253 -21.47 -3.62 66.86
C LEU B 253 -20.54 -4.64 66.20
N ARG B 254 -20.08 -4.30 65.01
CA ARG B 254 -19.13 -5.12 64.28
C ARG B 254 -17.79 -4.39 64.34
N TRP B 255 -16.79 -4.99 64.98
CA TRP B 255 -15.52 -4.32 65.25
C TRP B 255 -14.91 -3.79 63.96
N GLY B 256 -14.49 -2.53 63.96
CA GLY B 256 -13.82 -1.95 62.82
C GLY B 256 -14.74 -1.27 61.83
N ASP B 257 -16.04 -1.34 62.07
CA ASP B 257 -16.99 -0.72 61.14
C ASP B 257 -17.22 0.78 61.38
N GLN C 7 0.76 29.48 18.53
CA GLN C 7 0.77 29.99 17.16
C GLN C 7 -0.15 29.17 16.26
N ASP C 8 -0.19 27.85 16.46
CA ASP C 8 -1.13 27.05 15.70
C ASP C 8 -2.46 27.09 16.42
N LEU C 9 -3.41 27.77 15.82
CA LEU C 9 -4.71 27.94 16.44
C LEU C 9 -5.60 26.72 16.21
N ARG C 10 -5.16 25.83 15.32
CA ARG C 10 -5.94 24.62 15.03
C ARG C 10 -5.80 23.58 16.15
N ALA C 11 -4.81 23.78 17.01
CA ALA C 11 -4.52 22.87 18.11
C ALA C 11 -5.52 23.09 19.23
N PHE C 12 -6.23 24.21 19.17
CA PHE C 12 -7.33 24.46 20.09
C PHE C 12 -8.60 23.94 19.46
N VAL C 13 -9.52 23.50 20.30
CA VAL C 13 -10.81 23.04 19.84
C VAL C 13 -11.51 24.20 19.15
N HIS C 14 -12.04 23.93 17.96
CA HIS C 14 -12.81 24.92 17.21
C HIS C 14 -13.83 24.18 16.36
N ASP C 15 -14.82 24.91 15.86
CA ASP C 15 -15.88 24.30 15.03
C ASP C 15 -15.36 23.87 13.66
N SER C 16 -15.74 22.67 13.25
CA SER C 16 -15.52 22.20 11.90
C SER C 16 -16.35 23.07 10.95
N PRO C 17 -16.01 23.05 9.65
CA PRO C 17 -16.83 23.77 8.68
C PRO C 17 -18.28 23.29 8.72
N GLU C 18 -18.48 21.99 8.88
CA GLU C 18 -19.83 21.43 8.94
C GLU C 18 -20.60 21.91 10.16
N GLU C 19 -19.92 21.99 11.30
CA GLU C 19 -20.56 22.48 12.53
C GLU C 19 -20.99 23.93 12.37
N THR C 20 -20.09 24.74 11.81
CA THR C 20 -20.39 26.12 11.48
C THR C 20 -21.59 26.18 10.54
N GLU C 21 -21.60 25.28 9.55
CA GLU C 21 -22.70 25.25 8.58
C GLU C 21 -24.04 24.96 9.25
N THR C 22 -24.06 23.93 10.10
CA THR C 22 -25.26 23.56 10.84
C THR C 22 -25.81 24.74 11.65
N THR C 23 -24.94 25.39 12.40
CA THR C 23 -25.31 26.50 13.25
C THR C 23 -25.97 27.61 12.43
N GLN C 24 -25.28 28.06 11.38
CA GLN C 24 -25.80 29.14 10.54
C GLN C 24 -27.11 28.80 9.88
N ARG C 25 -27.20 27.59 9.34
CA ARG C 25 -28.43 27.13 8.71
C ARG C 25 -29.62 27.12 9.68
N LEU C 26 -29.40 26.56 10.88
CA LEU C 26 -30.48 26.45 11.85
C LEU C 26 -30.87 27.84 12.35
N THR C 27 -29.87 28.71 12.50
CA THR C 27 -30.13 30.12 12.77
C THR C 27 -31.05 30.71 11.70
N LYS C 28 -30.71 30.50 10.42
CA LYS C 28 -31.52 31.04 9.34
C LYS C 28 -32.92 30.45 9.34
N LEU C 29 -33.03 29.16 9.62
CA LEU C 29 -34.34 28.50 9.65
C LEU C 29 -35.19 28.89 10.85
N LEU C 30 -34.53 29.34 11.92
CA LEU C 30 -35.23 29.78 13.11
C LEU C 30 -35.87 31.14 12.87
N THR C 31 -35.09 32.07 12.35
CA THR C 31 -35.53 33.43 12.12
C THR C 31 -36.46 33.56 10.91
N ASN C 32 -36.44 32.58 10.03
CA ASN C 32 -37.34 32.63 8.87
C ASN C 32 -38.20 31.38 8.79
N SER C 33 -38.96 31.15 9.85
CA SER C 33 -39.74 29.93 10.02
C SER C 33 -41.20 30.13 9.60
N PRO C 34 -41.78 29.14 8.91
CA PRO C 34 -43.21 29.15 8.59
C PRO C 34 -44.07 28.76 9.78
N ILE C 35 -43.44 28.35 10.87
CA ILE C 35 -44.17 28.01 12.09
C ILE C 35 -44.78 29.29 12.62
N PRO C 36 -46.07 29.26 12.99
CA PRO C 36 -46.70 30.46 13.55
C PRO C 36 -45.87 30.94 14.73
N THR C 37 -45.55 32.24 14.77
CA THR C 37 -44.68 32.78 15.81
C THR C 37 -44.98 32.25 17.23
N GLU C 38 -46.26 32.07 17.53
CA GLU C 38 -46.68 31.67 18.87
C GLU C 38 -46.50 30.18 19.14
N GLU C 39 -45.95 29.45 18.18
CA GLU C 39 -45.71 28.02 18.33
C GLU C 39 -44.23 27.72 18.40
N LEU C 40 -43.43 28.75 18.16
CA LEU C 40 -41.98 28.60 18.08
C LEU C 40 -41.39 28.05 19.36
N VAL C 41 -41.82 28.57 20.51
CA VAL C 41 -41.31 28.11 21.80
C VAL C 41 -41.82 26.70 22.12
N ASN C 42 -42.69 26.16 21.27
CA ASN C 42 -43.16 24.79 21.41
C ASN C 42 -42.41 23.84 20.47
N ASN C 43 -41.42 24.36 19.76
CA ASN C 43 -40.71 23.57 18.76
C ASN C 43 -39.23 23.84 18.72
N LEU C 44 -38.70 24.41 19.79
CA LEU C 44 -37.27 24.74 19.88
C LEU C 44 -36.30 23.59 19.56
N PRO C 45 -36.65 22.32 19.88
CA PRO C 45 -35.68 21.26 19.54
C PRO C 45 -35.31 21.15 18.07
N LEU C 46 -36.17 21.64 17.18
CA LEU C 46 -35.85 21.71 15.76
C LEU C 46 -34.50 22.36 15.55
N PHE C 47 -34.19 23.35 16.38
CA PHE C 47 -33.04 24.20 16.17
C PHE C 47 -31.95 23.93 17.18
N LEU C 48 -32.16 22.90 18.00
CA LEU C 48 -31.18 22.55 19.02
C LEU C 48 -30.25 21.43 18.52
N ARG C 49 -29.08 21.82 18.03
CA ARG C 49 -28.13 20.85 17.47
C ARG C 49 -27.43 19.97 18.53
N ARG C 50 -26.87 18.84 18.09
CA ARG C 50 -26.17 17.88 18.95
C ARG C 50 -25.32 18.52 20.04
N HIS C 51 -24.42 19.41 19.65
CA HIS C 51 -23.53 20.08 20.59
C HIS C 51 -24.29 20.76 21.72
N GLN C 52 -25.38 21.45 21.39
CA GLN C 52 -26.15 22.15 22.43
C GLN C 52 -27.05 21.20 23.22
N MET C 53 -27.60 20.22 22.53
CA MET C 53 -28.38 19.18 23.19
C MET C 53 -27.50 18.47 24.22
N THR C 54 -26.25 18.22 23.86
CA THR C 54 -25.31 17.53 24.75
C THR C 54 -25.13 18.33 26.04
N ASP C 55 -24.95 19.63 25.90
CA ASP C 55 -24.81 20.53 27.04
C ASP C 55 -26.02 20.41 27.96
N LEU C 56 -27.19 20.40 27.35
CA LEU C 56 -28.43 20.36 28.10
C LEU C 56 -28.50 19.03 28.86
N LEU C 57 -28.12 17.94 28.20
CA LEU C 57 -28.21 16.62 28.82
C LEU C 57 -27.23 16.54 30.00
N SER C 58 -26.07 17.18 29.84
CA SER C 58 -25.09 17.21 30.92
C SER C 58 -25.61 17.97 32.15
N MET C 59 -26.21 19.14 31.93
CA MET C 59 -26.77 19.90 33.06
C MET C 59 -27.82 19.07 33.78
N ASP C 60 -28.68 18.40 33.01
CA ASP C 60 -29.70 17.52 33.59
C ASP C 60 -29.07 16.43 34.43
N ALA C 61 -28.02 15.79 33.90
CA ALA C 61 -27.28 14.77 34.62
C ALA C 61 -26.72 15.32 35.93
N LEU C 62 -26.19 16.54 35.91
CA LEU C 62 -25.65 17.11 37.14
C LEU C 62 -26.76 17.40 38.15
N TYR C 63 -27.82 18.04 37.67
CA TYR C 63 -28.99 18.36 38.50
C TYR C 63 -29.51 17.10 39.19
N ARG C 64 -29.60 16.01 38.44
CA ARG C 64 -30.15 14.78 38.97
C ARG C 64 -29.29 14.22 40.11
N GLN C 65 -28.01 14.57 40.14
CA GLN C 65 -27.12 14.05 41.16
C GLN C 65 -27.22 14.80 42.50
N VAL C 66 -27.93 15.92 42.49
CA VAL C 66 -28.10 16.70 43.70
C VAL C 66 -29.56 16.79 44.16
N LEU C 67 -30.44 15.96 43.59
CA LEU C 67 -31.85 16.01 43.97
C LEU C 67 -32.05 15.59 45.44
N ASP C 68 -31.13 14.81 45.99
CA ASP C 68 -31.20 14.46 47.41
C ASP C 68 -30.17 15.23 48.24
N VAL C 69 -29.71 16.36 47.70
CA VAL C 69 -28.78 17.23 48.41
C VAL C 69 -29.38 18.61 48.63
N PRO C 70 -29.34 19.11 49.87
CA PRO C 70 -29.97 20.42 50.12
C PRO C 70 -29.14 21.58 49.57
N GLY C 71 -29.74 22.75 49.45
CA GLY C 71 -28.96 23.91 49.11
C GLY C 71 -29.24 24.48 47.74
N VAL C 72 -28.38 25.39 47.31
CA VAL C 72 -28.68 26.19 46.12
C VAL C 72 -27.81 25.77 44.94
N ILE C 73 -28.16 26.28 43.76
CA ILE C 73 -27.35 26.10 42.57
C ILE C 73 -26.64 27.41 42.25
N MET C 74 -25.31 27.37 42.13
CA MET C 74 -24.54 28.55 41.75
C MET C 74 -23.81 28.31 40.44
N GLU C 75 -23.96 29.24 39.49
CA GLU C 75 -23.10 29.26 38.30
C GLU C 75 -22.19 30.49 38.31
N PHE C 76 -20.89 30.25 38.23
CA PHE C 76 -19.93 31.34 38.17
C PHE C 76 -19.51 31.55 36.72
N GLY C 77 -20.02 32.63 36.12
CA GLY C 77 -19.81 32.88 34.70
C GLY C 77 -21.04 32.44 33.94
N VAL C 78 -21.87 33.42 33.57
CA VAL C 78 -23.21 33.19 33.06
C VAL C 78 -23.35 33.52 31.57
N ARG C 79 -22.61 34.53 31.11
CA ARG C 79 -22.77 35.08 29.74
C ARG C 79 -24.23 35.43 29.41
N PHE C 80 -24.84 34.76 28.43
CA PHE C 80 -26.24 35.06 28.09
C PHE C 80 -27.23 34.29 28.98
N GLY C 81 -26.74 33.32 29.74
CA GLY C 81 -27.58 32.60 30.68
C GLY C 81 -28.09 31.24 30.21
N ARG C 82 -27.50 30.68 29.17
CA ARG C 82 -27.85 29.33 28.69
C ARG C 82 -28.10 28.35 29.83
N HIS C 83 -27.15 28.25 30.75
CA HIS C 83 -27.29 27.32 31.87
C HIS C 83 -28.34 27.73 32.89
N LEU C 84 -28.56 29.03 33.09
CA LEU C 84 -29.56 29.47 34.05
C LEU C 84 -30.96 29.12 33.58
N GLY C 85 -31.22 29.31 32.29
CA GLY C 85 -32.49 28.90 31.74
C GLY C 85 -32.74 27.41 31.93
N THR C 86 -31.71 26.60 31.65
CA THR C 86 -31.79 25.15 31.79
C THR C 86 -32.14 24.78 33.23
N PHE C 87 -31.36 25.29 34.18
CA PHE C 87 -31.61 25.01 35.59
C PHE C 87 -33.02 25.42 36.00
N ALA C 88 -33.49 26.55 35.49
CA ALA C 88 -34.80 27.04 35.89
C ALA C 88 -35.91 26.10 35.41
N ALA C 89 -35.76 25.57 34.20
CA ALA C 89 -36.74 24.62 33.67
C ALA C 89 -36.63 23.26 34.37
N LEU C 90 -35.41 22.80 34.59
CA LEU C 90 -35.20 21.52 35.26
C LEU C 90 -35.76 21.54 36.68
N ARG C 91 -35.66 22.68 37.34
CA ARG C 91 -36.16 22.85 38.69
C ARG C 91 -37.68 22.66 38.75
N GLY C 92 -38.36 23.10 37.70
CA GLY C 92 -39.79 22.87 37.56
C GLY C 92 -40.03 21.39 37.35
N VAL C 93 -39.24 20.76 36.50
CA VAL C 93 -39.42 19.34 36.20
C VAL C 93 -39.29 18.46 37.45
N TYR C 94 -38.27 18.76 38.25
CA TYR C 94 -37.85 17.88 39.33
C TYR C 94 -38.33 18.32 40.71
N GLU C 95 -38.46 19.63 40.93
CA GLU C 95 -38.70 20.14 42.27
C GLU C 95 -39.79 21.21 42.38
N PRO C 96 -41.03 20.90 41.97
CA PRO C 96 -42.11 21.89 42.10
C PRO C 96 -42.29 22.36 43.54
N TYR C 97 -41.98 21.49 44.50
CA TYR C 97 -42.23 21.77 45.90
C TYR C 97 -40.98 22.23 46.65
N ASN C 98 -39.93 22.61 45.93
CA ASN C 98 -38.71 23.06 46.61
C ASN C 98 -38.41 24.55 46.39
N PRO C 99 -38.99 25.43 47.24
CA PRO C 99 -38.77 26.86 47.03
C PRO C 99 -37.43 27.33 47.57
N LEU C 100 -36.67 26.45 48.21
CA LEU C 100 -35.36 26.84 48.74
C LEU C 100 -34.23 26.61 47.75
N ARG C 101 -34.52 25.90 46.66
CA ARG C 101 -33.52 25.66 45.62
C ARG C 101 -33.32 26.93 44.79
N ARG C 102 -32.56 27.86 45.35
CA ARG C 102 -32.31 29.11 44.67
C ARG C 102 -31.26 28.88 43.59
N ILE C 103 -31.43 29.56 42.45
CA ILE C 103 -30.45 29.54 41.36
C ILE C 103 -29.71 30.89 41.34
N VAL C 104 -28.39 30.85 41.48
CA VAL C 104 -27.63 32.07 41.60
C VAL C 104 -26.54 32.17 40.55
N GLY C 105 -26.68 33.15 39.66
CA GLY C 105 -25.68 33.33 38.62
C GLY C 105 -24.83 34.56 38.84
N PHE C 106 -23.52 34.39 38.76
CA PHE C 106 -22.59 35.49 38.98
C PHE C 106 -21.90 35.81 37.68
N ASP C 107 -21.85 37.10 37.36
CA ASP C 107 -21.08 37.57 36.22
C ASP C 107 -20.84 39.08 36.35
N THR C 108 -19.81 39.57 35.66
CA THR C 108 -19.68 41.00 35.46
C THR C 108 -20.74 41.42 34.45
N PHE C 109 -21.07 40.52 33.54
CA PHE C 109 -21.90 40.82 32.36
C PHE C 109 -21.24 41.87 31.45
N THR C 110 -19.95 42.14 31.68
CA THR C 110 -19.18 42.98 30.77
C THR C 110 -17.94 42.25 30.30
N GLY C 111 -17.96 40.92 30.38
CA GLY C 111 -16.84 40.09 29.94
C GLY C 111 -15.68 40.01 30.92
N PHE C 112 -14.60 39.33 30.53
CA PHE C 112 -13.40 39.19 31.35
C PHE C 112 -12.97 40.54 31.94
N PRO C 113 -12.88 40.63 33.28
CA PRO C 113 -12.50 41.91 33.88
C PRO C 113 -11.00 42.23 33.85
N ASP C 114 -10.13 41.23 33.93
CA ASP C 114 -8.68 41.40 33.86
C ASP C 114 -8.01 40.03 33.87
N VAL C 115 -7.22 39.73 32.85
CA VAL C 115 -6.64 38.39 32.74
C VAL C 115 -5.21 38.25 33.27
N ASN C 116 -4.93 37.08 33.84
CA ASN C 116 -3.60 36.69 34.29
C ASN C 116 -2.76 36.16 33.12
N ASP C 117 -1.45 36.23 33.26
CA ASP C 117 -0.54 35.67 32.27
C ASP C 117 -0.79 34.20 31.99
N VAL C 118 -1.08 33.40 33.02
CA VAL C 118 -1.32 31.97 32.79
C VAL C 118 -2.49 31.74 31.84
N ASP C 119 -3.44 32.69 31.84
CA ASP C 119 -4.60 32.65 30.95
C ASP C 119 -4.27 32.99 29.49
N ARG C 120 -3.18 33.71 29.28
CA ARG C 120 -2.83 34.24 27.96
C ARG C 120 -2.22 33.20 27.01
N VAL C 121 -2.96 32.13 26.76
CA VAL C 121 -2.49 31.02 25.93
C VAL C 121 -2.98 31.20 24.49
N GLY C 122 -4.22 31.68 24.36
CA GLY C 122 -4.81 31.89 23.05
C GLY C 122 -5.08 33.35 22.75
N PRO C 123 -5.65 33.63 21.56
CA PRO C 123 -5.89 34.99 21.08
C PRO C 123 -7.18 35.62 21.59
N THR C 124 -7.97 34.91 22.39
CA THR C 124 -9.22 35.47 22.89
C THR C 124 -9.19 35.82 24.37
N ALA C 125 -8.04 35.64 25.02
CA ALA C 125 -7.89 35.96 26.44
C ALA C 125 -7.65 37.45 26.66
N TYR C 126 -8.66 38.25 26.39
CA TYR C 126 -8.53 39.70 26.55
C TYR C 126 -9.64 40.28 27.40
N GLN C 127 -9.35 41.43 28.01
CA GLN C 127 -10.29 42.12 28.86
C GLN C 127 -11.58 42.41 28.08
N GLY C 128 -12.72 42.03 28.65
CA GLY C 128 -14.00 42.34 28.06
C GLY C 128 -14.51 41.29 27.10
N ARG C 129 -13.72 40.25 26.88
CA ARG C 129 -14.14 39.10 26.07
C ARG C 129 -15.40 38.47 26.68
N PHE C 130 -16.35 38.08 25.83
CA PHE C 130 -17.66 37.54 26.26
C PHE C 130 -18.59 38.57 26.89
N ALA C 131 -18.31 39.85 26.68
CA ALA C 131 -19.23 40.91 27.13
C ALA C 131 -20.59 40.77 26.46
N VAL C 132 -21.65 41.03 27.22
CA VAL C 132 -23.01 41.01 26.70
C VAL C 132 -23.54 42.45 26.70
N PRO C 133 -24.57 42.74 25.88
CA PRO C 133 -25.04 44.13 25.73
C PRO C 133 -25.48 44.80 27.03
N GLY C 134 -25.38 46.13 27.06
CA GLY C 134 -25.83 46.90 28.19
C GLY C 134 -27.29 46.59 28.45
N GLY C 135 -27.67 46.50 29.72
CA GLY C 135 -29.03 46.21 30.09
C GLY C 135 -29.36 44.73 30.06
N TYR C 136 -28.38 43.89 29.74
CA TYR C 136 -28.63 42.46 29.65
C TYR C 136 -29.18 41.78 30.91
N PRO C 137 -28.58 42.05 32.09
CA PRO C 137 -29.08 41.40 33.30
C PRO C 137 -30.58 41.60 33.53
N ALA C 138 -31.10 42.79 33.19
CA ALA C 138 -32.53 43.03 33.36
C ALA C 138 -33.32 42.15 32.39
N TYR C 139 -32.78 41.93 31.20
CA TYR C 139 -33.44 41.05 30.23
C TYR C 139 -33.48 39.61 30.72
N LEU C 140 -32.33 39.13 31.18
CA LEU C 140 -32.19 37.76 31.66
C LEU C 140 -33.11 37.55 32.86
N LYS C 141 -33.14 38.54 33.76
CA LYS C 141 -34.07 38.52 34.88
C LYS C 141 -35.53 38.40 34.39
N GLU C 142 -35.87 39.10 33.32
CA GLU C 142 -37.20 38.96 32.73
C GLU C 142 -37.43 37.53 32.24
N VAL C 143 -36.42 36.96 31.58
CA VAL C 143 -36.51 35.59 31.11
C VAL C 143 -36.76 34.63 32.28
N LEU C 144 -35.99 34.78 33.36
CA LEU C 144 -36.13 33.89 34.51
C LEU C 144 -37.48 34.10 35.21
N ASP C 145 -37.92 35.36 35.27
CA ASP C 145 -39.20 35.66 35.87
C ASP C 145 -40.32 34.98 35.08
N ALA C 146 -40.11 34.90 33.77
CA ALA C 146 -41.12 34.29 32.88
C ALA C 146 -41.32 32.82 33.22
N HIS C 147 -40.21 32.11 33.47
CA HIS C 147 -40.28 30.71 33.86
C HIS C 147 -40.95 30.57 35.23
N GLU C 148 -40.52 31.40 36.17
CA GLU C 148 -40.96 31.29 37.55
C GLU C 148 -42.44 31.63 37.69
N CYS C 149 -42.95 32.39 36.72
CA CYS C 149 -44.34 32.79 36.67
C CYS C 149 -45.27 31.60 36.89
N SER C 150 -44.92 30.45 36.34
CA SER C 150 -45.78 29.29 36.43
C SER C 150 -45.22 28.12 37.26
N ASP C 151 -44.24 28.39 38.13
CA ASP C 151 -43.79 27.40 39.10
C ASP C 151 -44.84 27.28 40.21
N PHE C 152 -44.91 26.11 40.83
CA PHE C 152 -45.83 25.90 41.94
C PHE C 152 -45.59 26.93 43.04
N PHE C 153 -44.34 27.30 43.25
CA PHE C 153 -43.98 28.31 44.25
C PHE C 153 -43.61 29.65 43.61
N GLY C 154 -44.27 29.98 42.51
CA GLY C 154 -43.97 31.20 41.78
C GLY C 154 -44.24 32.46 42.57
N HIS C 155 -45.04 32.35 43.65
CA HIS C 155 -45.37 33.49 44.49
C HIS C 155 -44.23 33.86 45.41
N VAL C 156 -43.20 33.01 45.47
CA VAL C 156 -42.05 33.29 46.32
C VAL C 156 -40.94 33.88 45.47
N THR C 157 -40.46 35.06 45.85
CA THR C 157 -39.49 35.78 45.05
C THR C 157 -38.04 35.39 45.35
N GLN C 158 -37.12 35.94 44.54
CA GLN C 158 -35.70 35.72 44.71
C GLN C 158 -35.32 34.23 44.67
N ARG C 159 -36.05 33.46 43.88
CA ARG C 159 -35.66 32.07 43.67
C ARG C 159 -34.61 31.99 42.56
N SER C 160 -34.51 33.06 41.78
CA SER C 160 -33.42 33.23 40.81
C SER C 160 -32.77 34.57 41.07
N VAL C 161 -31.47 34.57 41.30
CA VAL C 161 -30.76 35.80 41.61
C VAL C 161 -29.57 35.98 40.67
N LEU C 162 -29.49 37.15 40.06
CA LEU C 162 -28.34 37.52 39.25
C LEU C 162 -27.48 38.48 40.05
N VAL C 163 -26.21 38.16 40.22
CA VAL C 163 -25.30 39.02 40.96
C VAL C 163 -24.22 39.57 40.04
N GLU C 164 -24.27 40.89 39.83
CA GLU C 164 -23.37 41.54 38.86
C GLU C 164 -22.14 42.11 39.54
N GLY C 165 -20.97 41.79 38.99
CA GLY C 165 -19.70 42.26 39.51
C GLY C 165 -18.60 41.22 39.39
N ASP C 166 -17.39 41.58 39.85
CA ASP C 166 -16.27 40.65 39.88
C ASP C 166 -16.52 39.62 40.99
N VAL C 167 -16.55 38.34 40.64
CA VAL C 167 -16.84 37.28 41.61
C VAL C 167 -15.90 37.30 42.82
N ARG C 168 -14.67 37.78 42.61
CA ARG C 168 -13.72 37.95 43.71
C ARG C 168 -14.30 38.78 44.87
N GLU C 169 -15.20 39.70 44.55
CA GLU C 169 -15.88 40.48 45.60
C GLU C 169 -17.35 40.04 45.83
N THR C 170 -18.08 39.73 44.77
CA THR C 170 -19.51 39.50 44.87
C THR C 170 -19.86 38.16 45.53
N VAL C 171 -19.07 37.13 45.25
CA VAL C 171 -19.26 35.82 45.89
C VAL C 171 -19.09 35.87 47.42
N PRO C 172 -17.96 36.40 47.93
CA PRO C 172 -17.85 36.51 49.38
C PRO C 172 -18.94 37.40 49.98
N ARG C 173 -19.35 38.43 49.25
CA ARG C 173 -20.40 39.30 49.76
C ARG C 173 -21.74 38.56 49.82
N TYR C 174 -22.06 37.79 48.79
CA TYR C 174 -23.31 37.04 48.76
C TYR C 174 -23.37 36.03 49.90
N LEU C 175 -22.25 35.34 50.12
CA LEU C 175 -22.17 34.34 51.16
C LEU C 175 -22.35 34.98 52.54
N ALA C 176 -21.66 36.10 52.78
CA ALA C 176 -21.78 36.82 54.05
C ALA C 176 -23.21 37.28 54.28
N GLU C 177 -23.91 37.59 53.19
CA GLU C 177 -25.29 38.05 53.27
C GLU C 177 -26.27 36.88 53.41
N ASN C 178 -25.83 35.68 53.04
CA ASN C 178 -26.73 34.53 53.12
C ASN C 178 -26.17 33.39 53.96
N PRO C 179 -26.15 33.58 55.28
CA PRO C 179 -25.56 32.56 56.17
C PRO C 179 -26.37 31.25 56.21
N GLN C 180 -27.54 31.24 55.56
CA GLN C 180 -28.31 29.99 55.45
C GLN C 180 -27.79 29.08 54.32
N THR C 181 -26.81 29.58 53.56
CA THR C 181 -26.38 28.91 52.34
C THR C 181 -25.78 27.53 52.54
N VAL C 182 -26.26 26.58 51.75
CA VAL C 182 -25.58 25.33 51.54
C VAL C 182 -25.54 25.27 50.02
N ILE C 183 -24.42 24.82 49.45
CA ILE C 183 -24.31 24.75 47.99
C ILE C 183 -24.36 23.32 47.51
N ALA C 184 -25.45 22.98 46.82
CA ALA C 184 -25.65 21.66 46.25
C ALA C 184 -24.82 21.50 44.97
N LEU C 185 -24.90 22.50 44.09
CA LEU C 185 -24.21 22.48 42.80
C LEU C 185 -23.49 23.80 42.53
N ALA C 186 -22.17 23.72 42.38
CA ALA C 186 -21.36 24.87 42.03
C ALA C 186 -20.78 24.64 40.64
N TYR C 187 -21.25 25.44 39.68
CA TYR C 187 -20.81 25.30 38.30
C TYR C 187 -19.83 26.41 37.90
N PHE C 188 -18.59 26.02 37.64
CA PHE C 188 -17.53 26.95 37.29
C PHE C 188 -17.37 27.10 35.80
N ASP C 189 -17.59 28.31 35.30
CA ASP C 189 -17.43 28.57 33.89
C ASP C 189 -16.85 29.97 33.70
N LEU C 190 -15.86 30.31 34.53
CA LEU C 190 -15.20 31.61 34.49
C LEU C 190 -14.01 31.63 33.54
N ASP C 191 -13.50 30.44 33.19
CA ASP C 191 -12.31 30.28 32.34
C ASP C 191 -10.98 30.73 32.98
N LEU C 192 -11.01 31.77 33.81
CA LEU C 192 -9.79 32.40 34.32
C LEU C 192 -9.28 31.86 35.65
N TYR C 193 -7.95 31.83 35.79
CA TYR C 193 -7.28 31.37 37.02
C TYR C 193 -7.71 32.07 38.31
N GLU C 194 -7.50 33.38 38.37
CA GLU C 194 -7.69 34.12 39.62
C GLU C 194 -9.12 34.08 40.20
N PRO C 195 -10.15 34.39 39.39
CA PRO C 195 -11.49 34.29 39.96
C PRO C 195 -11.86 32.85 40.35
N THR C 196 -11.36 31.87 39.61
CA THR C 196 -11.66 30.48 39.96
C THR C 196 -11.04 30.12 41.32
N LYS C 197 -9.77 30.48 41.47
CA LYS C 197 -9.08 30.27 42.74
C LYS C 197 -9.85 30.92 43.89
N ALA C 198 -10.14 32.21 43.75
CA ALA C 198 -10.89 32.95 44.77
C ALA C 198 -12.20 32.28 45.14
N VAL C 199 -13.02 31.98 44.14
CA VAL C 199 -14.32 31.37 44.41
C VAL C 199 -14.25 29.95 45.01
N LEU C 200 -13.38 29.09 44.47
CA LEU C 200 -13.15 27.76 45.05
C LEU C 200 -12.86 27.88 46.55
N GLU C 201 -12.02 28.84 46.91
CA GLU C 201 -11.69 29.05 48.31
C GLU C 201 -12.92 29.49 49.11
N ALA C 202 -13.75 30.34 48.53
CA ALA C 202 -14.85 30.91 49.31
C ALA C 202 -16.01 29.93 49.52
N ILE C 203 -16.27 29.09 48.54
CA ILE C 203 -17.48 28.26 48.62
C ILE C 203 -17.27 27.06 49.53
N ARG C 204 -16.01 26.77 49.85
CA ARG C 204 -15.68 25.54 50.56
C ARG C 204 -16.48 25.26 51.84
N PRO C 205 -16.63 26.27 52.74
CA PRO C 205 -17.39 25.97 53.96
C PRO C 205 -18.89 25.74 53.74
N TYR C 206 -19.38 25.92 52.51
CA TYR C 206 -20.81 25.78 52.23
C TYR C 206 -21.18 24.50 51.46
N LEU C 207 -20.20 23.64 51.23
CA LEU C 207 -20.42 22.36 50.57
C LEU C 207 -20.69 21.29 51.62
N THR C 208 -21.53 20.30 51.27
CA THR C 208 -21.67 19.13 52.12
C THR C 208 -21.10 17.94 51.37
N LYS C 209 -20.87 16.84 52.07
CA LYS C 209 -20.45 15.64 51.36
C LYS C 209 -21.60 15.29 50.43
N GLY C 210 -21.29 15.15 49.14
CA GLY C 210 -22.31 14.92 48.13
C GLY C 210 -22.56 16.14 47.24
N SER C 211 -22.13 17.31 47.66
CA SER C 211 -22.23 18.49 46.80
C SER C 211 -21.44 18.23 45.52
N ILE C 212 -21.91 18.81 44.42
CA ILE C 212 -21.22 18.69 43.15
C ILE C 212 -20.48 19.98 42.82
N VAL C 213 -19.21 19.82 42.47
CA VAL C 213 -18.45 20.92 41.91
C VAL C 213 -18.05 20.56 40.48
N ALA C 214 -18.45 21.41 39.54
CA ALA C 214 -18.24 21.12 38.14
C ALA C 214 -17.42 22.21 37.48
N PHE C 215 -16.55 21.79 36.56
CA PHE C 215 -15.75 22.70 35.73
C PHE C 215 -16.06 22.51 34.26
N ASP C 216 -16.26 23.61 33.56
CA ASP C 216 -16.54 23.58 32.12
C ASP C 216 -15.28 23.41 31.23
N GLU C 217 -14.11 23.87 31.70
CA GLU C 217 -12.88 23.78 30.90
C GLU C 217 -11.66 23.34 31.73
N LEU C 218 -11.76 22.20 32.40
CA LEU C 218 -10.70 21.81 33.32
C LEU C 218 -9.40 21.40 32.63
N ASP C 219 -9.52 20.72 31.50
CA ASP C 219 -8.33 20.22 30.80
C ASP C 219 -8.19 20.74 29.38
N ASN C 220 -8.69 21.96 29.16
CA ASN C 220 -8.59 22.67 27.88
C ASN C 220 -7.30 23.48 27.80
N PRO C 221 -6.43 23.14 26.83
CA PRO C 221 -5.16 23.86 26.60
C PRO C 221 -5.35 25.37 26.52
N LYS C 222 -6.42 25.82 25.87
CA LYS C 222 -6.67 27.25 25.73
C LYS C 222 -6.94 27.97 27.07
N TRP C 223 -7.42 27.25 28.08
CA TRP C 223 -7.76 27.85 29.38
C TRP C 223 -7.30 27.01 30.56
N PRO C 224 -6.00 27.07 30.90
CA PRO C 224 -5.45 26.24 31.99
C PRO C 224 -5.74 26.75 33.41
N GLY C 225 -6.32 27.93 33.50
CA GLY C 225 -6.59 28.57 34.78
C GLY C 225 -7.38 27.75 35.78
N GLU C 226 -8.41 27.04 35.33
CA GLU C 226 -9.21 26.27 36.25
C GLU C 226 -8.40 25.11 36.82
N ASN C 227 -7.58 24.49 35.97
CA ASN C 227 -6.72 23.41 36.41
C ASN C 227 -5.69 23.94 37.39
N ILE C 228 -5.02 25.03 37.00
CA ILE C 228 -4.03 25.67 37.85
C ILE C 228 -4.66 26.05 39.19
N ALA C 229 -5.89 26.56 39.16
CA ALA C 229 -6.56 26.92 40.41
C ALA C 229 -6.87 25.67 41.25
N MET C 230 -7.40 24.64 40.60
CA MET C 230 -7.69 23.37 41.27
C MET C 230 -6.47 22.81 42.00
N ARG C 231 -5.36 22.67 41.27
CA ARG C 231 -4.15 22.07 41.79
C ARG C 231 -3.56 22.84 42.96
N LYS C 232 -3.78 24.14 42.97
CA LYS C 232 -3.26 24.99 44.03
C LYS C 232 -4.17 24.94 45.26
N VAL C 233 -5.48 24.99 45.04
CA VAL C 233 -6.42 25.04 46.16
C VAL C 233 -6.68 23.66 46.78
N LEU C 234 -6.89 22.63 45.96
CA LEU C 234 -7.31 21.32 46.47
C LEU C 234 -6.44 20.14 46.01
N GLY C 235 -5.80 20.29 44.84
CA GLY C 235 -5.14 19.16 44.20
C GLY C 235 -6.14 18.35 43.38
N LEU C 236 -5.67 17.76 42.29
CA LEU C 236 -6.56 17.01 41.40
C LEU C 236 -7.07 15.70 42.01
N ASP C 237 -6.37 15.18 43.02
CA ASP C 237 -6.83 13.96 43.67
C ASP C 237 -7.50 14.22 45.03
N HIS C 238 -7.95 15.45 45.23
CA HIS C 238 -8.72 15.77 46.44
C HIS C 238 -10.02 14.97 46.45
N ALA C 239 -10.60 14.81 45.27
CA ALA C 239 -11.82 14.03 45.09
C ALA C 239 -11.76 13.45 43.69
N PRO C 240 -12.61 12.46 43.38
CA PRO C 240 -12.47 11.90 42.03
C PRO C 240 -13.11 12.82 41.00
N LEU C 241 -12.31 13.31 40.04
CA LEU C 241 -12.84 14.12 38.97
C LEU C 241 -13.39 13.21 37.89
N ARG C 242 -14.60 13.51 37.42
CA ARG C 242 -15.27 12.63 36.46
C ARG C 242 -15.77 13.38 35.22
N LEU C 243 -15.87 12.63 34.14
CA LEU C 243 -16.57 13.07 32.95
C LEU C 243 -17.86 12.26 32.83
N LEU C 244 -18.85 12.83 32.15
CA LEU C 244 -19.95 12.02 31.66
C LEU C 244 -19.43 11.43 30.36
N PRO C 245 -19.41 10.08 30.26
CA PRO C 245 -18.70 9.41 29.16
C PRO C 245 -19.14 9.92 27.79
N GLY C 246 -18.17 10.18 26.93
CA GLY C 246 -18.46 10.68 25.59
C GLY C 246 -18.37 12.19 25.44
N ARG C 247 -18.18 12.89 26.55
CA ARG C 247 -18.18 14.35 26.53
C ARG C 247 -16.92 14.90 27.19
N PRO C 248 -16.21 15.80 26.50
CA PRO C 248 -14.95 16.34 27.04
C PRO C 248 -15.19 17.17 28.30
N ALA C 249 -16.41 17.65 28.45
CA ALA C 249 -16.80 18.51 29.55
C ALA C 249 -18.30 18.33 29.79
N PRO C 250 -18.75 18.53 31.03
CA PRO C 250 -18.01 19.07 32.18
C PRO C 250 -17.17 18.03 32.92
N ALA C 251 -16.18 18.52 33.66
CA ALA C 251 -15.48 17.68 34.62
C ALA C 251 -16.07 18.03 35.99
N TYR C 252 -16.49 17.00 36.72
CA TYR C 252 -17.14 17.25 37.98
C TYR C 252 -16.68 16.31 39.07
N LEU C 253 -16.79 16.79 40.31
CA LEU C 253 -16.48 15.98 41.47
C LEU C 253 -17.60 16.07 42.49
N ARG C 254 -17.74 14.98 43.25
CA ARG C 254 -18.69 14.92 44.33
C ARG C 254 -17.92 15.19 45.61
N TRP C 255 -18.25 16.28 46.31
CA TRP C 255 -17.48 16.68 47.48
C TRP C 255 -17.41 15.55 48.50
N GLY C 256 -16.21 15.27 48.99
CA GLY C 256 -16.04 14.21 49.97
C GLY C 256 -15.77 12.80 49.45
N ASP C 257 -15.80 12.59 48.15
CA ASP C 257 -15.65 11.22 47.61
C ASP C 257 -14.19 10.75 47.46
N GLN D 7 -36.86 45.28 52.66
CA GLN D 7 -37.00 43.87 52.99
C GLN D 7 -38.22 43.26 52.31
N ASP D 8 -37.96 42.46 51.29
CA ASP D 8 -39.04 41.83 50.53
C ASP D 8 -39.54 40.57 51.25
N LEU D 9 -40.71 40.69 51.87
CA LEU D 9 -41.30 39.58 52.61
C LEU D 9 -41.70 38.42 51.70
N ARG D 10 -41.92 38.69 50.42
CA ARG D 10 -42.32 37.64 49.48
C ARG D 10 -41.17 36.70 49.12
N ALA D 11 -39.95 37.06 49.52
CA ALA D 11 -38.77 36.23 49.26
C ALA D 11 -38.65 35.12 50.31
N PHE D 12 -39.41 35.25 51.38
CA PHE D 12 -39.52 34.18 52.37
C PHE D 12 -40.58 33.20 51.90
N VAL D 13 -40.40 31.92 52.22
CA VAL D 13 -41.40 30.92 51.87
C VAL D 13 -42.69 31.27 52.59
N HIS D 14 -43.79 31.26 51.86
CA HIS D 14 -45.08 31.57 52.47
C HIS D 14 -46.19 30.91 51.67
N ASP D 15 -47.34 30.67 52.28
CA ASP D 15 -48.45 30.00 51.60
C ASP D 15 -49.01 30.76 50.40
N SER D 16 -49.26 30.02 49.33
CA SER D 16 -49.97 30.58 48.19
C SER D 16 -51.41 30.90 48.62
N PRO D 17 -52.12 31.75 47.84
CA PRO D 17 -53.54 31.90 48.19
C PRO D 17 -54.30 30.55 48.13
N GLU D 18 -53.94 29.68 47.20
CA GLU D 18 -54.63 28.39 47.06
C GLU D 18 -54.36 27.48 48.25
N GLU D 19 -53.13 27.50 48.76
CA GLU D 19 -52.76 26.74 49.95
C GLU D 19 -53.54 27.24 51.18
N THR D 20 -53.66 28.55 51.31
CA THR D 20 -54.45 29.15 52.38
C THR D 20 -55.90 28.69 52.26
N GLU D 21 -56.45 28.84 51.07
CA GLU D 21 -57.81 28.42 50.78
C GLU D 21 -58.06 26.96 51.17
N THR D 22 -57.23 26.04 50.66
CA THR D 22 -57.33 24.62 50.99
C THR D 22 -57.34 24.37 52.50
N THR D 23 -56.39 24.99 53.20
CA THR D 23 -56.29 24.90 54.66
C THR D 23 -57.57 25.38 55.35
N GLN D 24 -58.06 26.57 54.96
CA GLN D 24 -59.29 27.11 55.54
C GLN D 24 -60.53 26.26 55.21
N ARG D 25 -60.63 25.80 53.97
CA ARG D 25 -61.70 24.88 53.61
C ARG D 25 -61.74 23.58 54.44
N LEU D 26 -60.60 22.92 54.61
CA LEU D 26 -60.61 21.63 55.29
C LEU D 26 -60.93 21.83 56.76
N THR D 27 -60.47 22.95 57.30
CA THR D 27 -60.73 23.31 58.68
C THR D 27 -62.23 23.41 58.92
N LYS D 28 -62.92 24.07 57.98
CA LYS D 28 -64.36 24.24 58.13
C LYS D 28 -65.06 22.91 57.96
N LEU D 29 -64.57 22.11 57.02
CA LEU D 29 -65.20 20.82 56.74
C LEU D 29 -64.98 19.85 57.90
N LEU D 30 -63.93 20.09 58.67
CA LEU D 30 -63.61 19.24 59.80
C LEU D 30 -64.50 19.56 61.01
N THR D 31 -64.66 20.83 61.32
CA THR D 31 -65.47 21.24 62.46
C THR D 31 -66.99 21.17 62.17
N ASN D 32 -67.37 21.13 60.90
CA ASN D 32 -68.79 21.06 60.54
C ASN D 32 -69.09 19.84 59.70
N SER D 33 -68.60 18.70 60.15
CA SER D 33 -68.73 17.47 59.37
C SER D 33 -69.98 16.67 59.74
N PRO D 34 -70.63 16.09 58.72
CA PRO D 34 -71.73 15.15 58.97
C PRO D 34 -71.22 13.74 59.36
N ILE D 35 -69.90 13.54 59.40
CA ILE D 35 -69.37 12.27 59.90
C ILE D 35 -69.73 12.13 61.38
N PRO D 36 -70.38 11.02 61.77
CA PRO D 36 -70.68 10.76 63.17
C PRO D 36 -69.43 10.96 64.02
N THR D 37 -69.58 11.65 65.14
CA THR D 37 -68.45 12.07 65.96
C THR D 37 -67.44 10.96 66.27
N GLU D 38 -67.93 9.75 66.52
CA GLU D 38 -67.03 8.65 66.90
C GLU D 38 -66.30 8.02 65.70
N GLU D 39 -66.54 8.53 64.49
CA GLU D 39 -65.87 8.03 63.29
C GLU D 39 -64.86 9.02 62.74
N LEU D 40 -64.87 10.25 63.27
CA LEU D 40 -63.94 11.28 62.82
C LEU D 40 -62.46 10.82 62.84
N VAL D 41 -62.03 10.21 63.94
CA VAL D 41 -60.65 9.77 64.06
C VAL D 41 -60.37 8.52 63.23
N ASN D 42 -61.38 8.04 62.50
CA ASN D 42 -61.19 6.97 61.54
C ASN D 42 -61.13 7.49 60.11
N ASN D 43 -61.18 8.81 59.95
CA ASN D 43 -61.19 9.41 58.61
C ASN D 43 -60.40 10.70 58.51
N LEU D 44 -59.42 10.89 59.38
CA LEU D 44 -58.57 12.09 59.32
C LEU D 44 -57.86 12.39 57.98
N PRO D 45 -57.52 11.36 57.18
CA PRO D 45 -56.88 11.72 55.92
C PRO D 45 -57.75 12.57 54.99
N LEU D 46 -59.05 12.62 55.24
CA LEU D 46 -59.90 13.54 54.48
C LEU D 46 -59.39 14.96 54.61
N PHE D 47 -58.87 15.30 55.79
CA PHE D 47 -58.52 16.67 56.10
C PHE D 47 -57.01 16.89 56.14
N LEU D 48 -56.25 15.86 55.76
CA LEU D 48 -54.81 15.89 55.75
C LEU D 48 -54.28 16.26 54.35
N ARG D 49 -54.00 17.53 54.12
CA ARG D 49 -53.63 18.01 52.80
C ARG D 49 -52.19 17.65 52.47
N ARG D 50 -51.81 17.86 51.21
CA ARG D 50 -50.50 17.48 50.68
C ARG D 50 -49.33 17.89 51.56
N HIS D 51 -49.31 19.18 51.91
CA HIS D 51 -48.20 19.71 52.68
C HIS D 51 -48.01 18.92 53.97
N GLN D 52 -49.12 18.58 54.63
CA GLN D 52 -49.05 17.84 55.89
C GLN D 52 -48.82 16.33 55.68
N MET D 53 -49.40 15.77 54.62
CA MET D 53 -49.12 14.39 54.26
C MET D 53 -47.60 14.20 54.07
N THR D 54 -46.99 15.14 53.34
CA THR D 54 -45.57 15.11 53.06
C THR D 54 -44.76 15.04 54.34
N ASP D 55 -45.14 15.86 55.32
CA ASP D 55 -44.48 15.86 56.62
C ASP D 55 -44.53 14.50 57.31
N LEU D 56 -45.71 13.87 57.26
CA LEU D 56 -45.92 12.57 57.84
C LEU D 56 -45.02 11.54 57.15
N LEU D 57 -45.07 11.53 55.81
CA LEU D 57 -44.24 10.62 55.03
C LEU D 57 -42.76 10.81 55.32
N SER D 58 -42.35 12.04 55.56
CA SER D 58 -40.95 12.33 55.89
C SER D 58 -40.55 11.78 57.27
N MET D 59 -41.39 12.00 58.28
CA MET D 59 -41.12 11.44 59.60
C MET D 59 -41.04 9.91 59.51
N ASP D 60 -41.91 9.31 58.71
CA ASP D 60 -41.92 7.85 58.52
C ASP D 60 -40.61 7.37 57.90
N ALA D 61 -40.13 8.09 56.88
CA ALA D 61 -38.87 7.75 56.21
C ALA D 61 -37.70 7.84 57.17
N LEU D 62 -37.72 8.85 58.03
CA LEU D 62 -36.63 9.00 58.98
C LEU D 62 -36.67 7.87 60.01
N TYR D 63 -37.87 7.59 60.52
CA TYR D 63 -38.07 6.51 61.50
C TYR D 63 -37.62 5.17 60.94
N ARG D 64 -38.02 4.87 59.71
CA ARG D 64 -37.60 3.64 59.06
C ARG D 64 -36.07 3.52 58.96
N GLN D 65 -35.36 4.64 58.91
CA GLN D 65 -33.91 4.55 58.86
C GLN D 65 -33.20 4.26 60.19
N VAL D 66 -33.93 4.34 61.31
CA VAL D 66 -33.31 4.02 62.59
C VAL D 66 -33.88 2.78 63.26
N LEU D 67 -34.66 2.01 62.53
CA LEU D 67 -35.25 0.80 63.07
C LEU D 67 -34.17 -0.17 63.55
N ASP D 68 -32.98 -0.07 62.97
CA ASP D 68 -31.91 -0.97 63.38
C ASP D 68 -30.85 -0.24 64.20
N VAL D 69 -31.23 0.91 64.75
CA VAL D 69 -30.33 1.67 65.62
C VAL D 69 -30.95 1.73 67.02
N PRO D 70 -30.15 1.37 68.04
CA PRO D 70 -30.71 1.48 69.39
C PRO D 70 -30.93 2.93 69.80
N GLY D 71 -31.65 3.12 70.89
CA GLY D 71 -31.72 4.45 71.47
C GLY D 71 -33.07 5.12 71.29
N VAL D 72 -33.12 6.38 71.71
CA VAL D 72 -34.39 7.08 71.82
C VAL D 72 -34.60 8.08 70.69
N ILE D 73 -35.79 8.66 70.67
CA ILE D 73 -36.12 9.68 69.68
C ILE D 73 -36.33 10.98 70.41
N MET D 74 -35.64 12.02 69.94
CA MET D 74 -35.72 13.32 70.56
C MET D 74 -36.17 14.37 69.54
N GLU D 75 -37.12 15.18 69.94
CA GLU D 75 -37.49 16.34 69.16
C GLU D 75 -37.23 17.61 69.98
N PHE D 76 -36.41 18.49 69.43
CA PHE D 76 -36.15 19.78 70.04
C PHE D 76 -37.00 20.83 69.31
N GLY D 77 -38.08 21.25 69.97
CA GLY D 77 -39.06 22.16 69.39
C GLY D 77 -40.28 21.34 69.05
N VAL D 78 -41.28 21.41 69.92
CA VAL D 78 -42.47 20.55 69.85
C VAL D 78 -43.71 21.28 69.34
N ARG D 79 -43.90 22.52 69.80
CA ARG D 79 -45.14 23.27 69.57
C ARG D 79 -46.37 22.48 70.02
N PHE D 80 -47.29 22.19 69.11
CA PHE D 80 -48.49 21.44 69.50
C PHE D 80 -48.25 19.95 69.51
N GLY D 81 -47.10 19.52 68.97
CA GLY D 81 -46.67 18.14 69.06
C GLY D 81 -47.03 17.26 67.88
N ARG D 82 -47.18 17.87 66.70
CA ARG D 82 -47.42 17.16 65.44
C ARG D 82 -46.53 15.94 65.25
N HIS D 83 -45.23 16.13 65.41
CA HIS D 83 -44.25 15.07 65.24
C HIS D 83 -44.30 14.00 66.35
N LEU D 84 -44.59 14.43 67.57
CA LEU D 84 -44.64 13.48 68.67
C LEU D 84 -45.80 12.51 68.46
N GLY D 85 -46.93 13.04 68.01
CA GLY D 85 -48.07 12.21 67.64
C GLY D 85 -47.71 11.25 66.51
N THR D 86 -47.02 11.77 65.50
CA THR D 86 -46.56 10.92 64.39
C THR D 86 -45.66 9.81 64.92
N PHE D 87 -44.70 10.18 65.76
CA PHE D 87 -43.76 9.19 66.27
C PHE D 87 -44.44 8.14 67.15
N ALA D 88 -45.36 8.57 68.01
CA ALA D 88 -46.12 7.64 68.84
C ALA D 88 -46.84 6.59 68.00
N ALA D 89 -47.52 7.04 66.95
CA ALA D 89 -48.22 6.10 66.08
C ALA D 89 -47.23 5.17 65.33
N LEU D 90 -46.16 5.75 64.80
CA LEU D 90 -45.17 4.99 64.03
C LEU D 90 -44.47 3.92 64.89
N ARG D 91 -44.24 4.25 66.15
CA ARG D 91 -43.66 3.32 67.09
C ARG D 91 -44.56 2.10 67.24
N GLY D 92 -45.87 2.32 67.26
CA GLY D 92 -46.81 1.22 67.25
C GLY D 92 -46.70 0.37 66.00
N VAL D 93 -46.58 1.04 64.86
CA VAL D 93 -46.57 0.35 63.58
C VAL D 93 -45.35 -0.55 63.48
N TYR D 94 -44.20 -0.03 63.88
CA TYR D 94 -42.92 -0.71 63.64
C TYR D 94 -42.31 -1.43 64.84
N GLU D 95 -42.66 -1.03 66.06
CA GLU D 95 -41.96 -1.55 67.23
C GLU D 95 -42.86 -1.89 68.40
N PRO D 96 -43.82 -2.78 68.20
CA PRO D 96 -44.67 -3.18 69.34
C PRO D 96 -43.85 -3.74 70.51
N TYR D 97 -42.68 -4.33 70.22
CA TYR D 97 -41.91 -5.00 71.25
C TYR D 97 -40.69 -4.23 71.74
N ASN D 98 -40.59 -2.94 71.47
CA ASN D 98 -39.45 -2.17 71.93
C ASN D 98 -39.87 -1.08 72.92
N PRO D 99 -39.92 -1.42 74.22
CA PRO D 99 -40.30 -0.47 75.27
C PRO D 99 -39.17 0.48 75.59
N LEU D 100 -38.05 0.42 74.88
CA LEU D 100 -36.91 1.28 75.17
C LEU D 100 -36.84 2.39 74.14
N ARG D 101 -37.68 2.31 73.12
CA ARG D 101 -37.74 3.39 72.15
C ARG D 101 -38.51 4.56 72.77
N ARG D 102 -37.87 5.25 73.70
CA ARG D 102 -38.48 6.41 74.31
C ARG D 102 -38.56 7.61 73.35
N ILE D 103 -39.67 8.33 73.41
CA ILE D 103 -39.85 9.55 72.64
C ILE D 103 -39.80 10.74 73.59
N VAL D 104 -38.82 11.62 73.41
CA VAL D 104 -38.66 12.75 74.31
C VAL D 104 -38.85 14.04 73.54
N GLY D 105 -39.74 14.90 74.03
CA GLY D 105 -39.99 16.17 73.38
C GLY D 105 -39.58 17.32 74.28
N PHE D 106 -38.73 18.20 73.77
CA PHE D 106 -38.29 19.38 74.50
C PHE D 106 -38.88 20.66 73.93
N ASP D 107 -39.41 21.51 74.82
CA ASP D 107 -39.92 22.82 74.44
C ASP D 107 -40.16 23.69 75.70
N THR D 108 -40.13 25.00 75.53
CA THR D 108 -40.60 25.88 76.59
C THR D 108 -42.12 25.76 76.68
N PHE D 109 -42.75 25.51 75.52
CA PHE D 109 -44.19 25.57 75.37
C PHE D 109 -44.76 27.00 75.61
N THR D 110 -43.86 27.99 75.68
CA THR D 110 -44.24 29.39 75.79
C THR D 110 -43.59 30.18 74.66
N GLY D 111 -43.15 29.49 73.63
CA GLY D 111 -42.59 30.14 72.45
C GLY D 111 -41.10 30.38 72.57
N PHE D 112 -40.49 31.05 71.58
CA PHE D 112 -39.08 31.43 71.68
C PHE D 112 -38.80 32.12 73.01
N PRO D 113 -37.83 31.62 73.78
CA PRO D 113 -37.44 32.32 75.01
C PRO D 113 -36.83 33.69 74.74
N ASP D 114 -35.93 33.77 73.76
CA ASP D 114 -35.32 35.05 73.38
C ASP D 114 -34.36 34.83 72.22
N VAL D 115 -34.39 35.73 71.26
CA VAL D 115 -33.68 35.51 70.01
C VAL D 115 -32.31 36.19 69.93
N ASN D 116 -31.48 35.68 69.04
CA ASN D 116 -30.16 36.24 68.78
C ASN D 116 -30.27 37.14 67.56
N ASP D 117 -29.32 38.06 67.40
CA ASP D 117 -29.33 38.96 66.25
C ASP D 117 -29.38 38.23 64.91
N VAL D 118 -28.58 37.17 64.77
CA VAL D 118 -28.55 36.39 63.53
C VAL D 118 -29.92 35.83 63.16
N ASP D 119 -30.75 35.59 64.16
CA ASP D 119 -32.10 35.06 63.93
C ASP D 119 -33.06 36.11 63.40
N ARG D 120 -32.71 37.38 63.58
CA ARG D 120 -33.61 38.47 63.25
C ARG D 120 -33.55 38.83 61.77
N VAL D 121 -34.10 37.98 60.93
CA VAL D 121 -34.11 38.22 59.49
C VAL D 121 -35.48 38.64 59.01
N GLY D 122 -36.50 37.91 59.46
CA GLY D 122 -37.87 38.20 59.11
C GLY D 122 -38.61 38.70 60.34
N PRO D 123 -39.91 39.01 60.19
CA PRO D 123 -40.63 39.72 61.26
C PRO D 123 -41.25 38.81 62.30
N THR D 124 -40.93 37.52 62.29
CA THR D 124 -41.53 36.63 63.29
C THR D 124 -40.52 36.20 64.34
N ALA D 125 -39.35 36.82 64.31
CA ALA D 125 -38.28 36.48 65.25
C ALA D 125 -38.36 37.33 66.52
N TYR D 126 -39.34 37.02 67.37
CA TYR D 126 -39.54 37.72 68.64
C TYR D 126 -39.83 36.74 69.77
N GLN D 127 -39.61 37.16 71.01
CA GLN D 127 -39.87 36.27 72.15
C GLN D 127 -41.36 35.95 72.23
N GLY D 128 -41.67 34.68 72.46
CA GLY D 128 -43.04 34.23 72.58
C GLY D 128 -43.65 33.68 71.30
N ARG D 129 -42.95 33.83 70.17
CA ARG D 129 -43.42 33.24 68.91
C ARG D 129 -43.62 31.72 69.03
N PHE D 130 -44.78 31.24 68.60
CA PHE D 130 -45.16 29.80 68.63
C PHE D 130 -45.61 29.27 70.00
N ALA D 131 -45.84 30.19 70.94
CA ALA D 131 -46.39 29.80 72.24
C ALA D 131 -47.70 29.03 72.08
N VAL D 132 -47.92 28.06 72.95
CA VAL D 132 -49.12 27.25 72.91
C VAL D 132 -49.87 27.53 74.21
N PRO D 133 -51.16 27.17 74.28
CA PRO D 133 -51.93 27.59 75.45
C PRO D 133 -51.37 27.14 76.80
N GLY D 134 -51.68 27.90 77.84
CA GLY D 134 -51.37 27.51 79.21
C GLY D 134 -51.92 26.13 79.46
N GLY D 135 -51.16 25.27 80.13
CA GLY D 135 -51.60 23.92 80.42
C GLY D 135 -51.50 22.99 79.22
N TYR D 136 -50.85 23.45 78.16
CA TYR D 136 -50.76 22.61 76.95
C TYR D 136 -49.99 21.28 77.12
N PRO D 137 -48.84 21.29 77.82
CA PRO D 137 -48.13 20.03 78.10
C PRO D 137 -48.99 18.93 78.73
N ALA D 138 -49.91 19.27 79.64
CA ALA D 138 -50.76 18.26 80.25
C ALA D 138 -51.76 17.70 79.22
N TYR D 139 -52.26 18.55 78.35
CA TYR D 139 -53.14 18.09 77.28
C TYR D 139 -52.37 17.17 76.34
N LEU D 140 -51.16 17.55 75.99
CA LEU D 140 -50.39 16.80 75.01
C LEU D 140 -49.99 15.44 75.61
N LYS D 141 -49.62 15.44 76.89
CA LYS D 141 -49.31 14.19 77.59
C LYS D 141 -50.52 13.26 77.58
N GLU D 142 -51.69 13.84 77.74
CA GLU D 142 -52.93 13.07 77.68
C GLU D 142 -53.13 12.40 76.32
N VAL D 143 -52.86 13.14 75.26
CA VAL D 143 -52.90 12.56 73.91
C VAL D 143 -51.87 11.42 73.74
N LEU D 144 -50.61 11.67 74.09
CA LEU D 144 -49.59 10.62 74.07
C LEU D 144 -49.98 9.42 74.93
N ASP D 145 -50.59 9.67 76.09
CA ASP D 145 -51.02 8.59 76.97
C ASP D 145 -52.09 7.75 76.28
N ALA D 146 -52.94 8.40 75.49
CA ALA D 146 -54.03 7.71 74.81
C ALA D 146 -53.52 6.70 73.76
N HIS D 147 -52.51 7.07 72.98
CA HIS D 147 -51.86 6.15 72.05
C HIS D 147 -51.28 4.94 72.81
N GLU D 148 -50.51 5.23 73.86
CA GLU D 148 -49.78 4.21 74.60
C GLU D 148 -50.68 3.23 75.31
N CYS D 149 -51.89 3.66 75.62
CA CYS D 149 -52.88 2.82 76.27
C CYS D 149 -53.06 1.49 75.53
N SER D 150 -52.92 1.52 74.22
CA SER D 150 -53.15 0.32 73.43
C SER D 150 -51.85 -0.23 72.80
N ASP D 151 -50.71 0.24 73.28
CA ASP D 151 -49.41 -0.35 72.88
C ASP D 151 -49.23 -1.69 73.58
N PHE D 152 -48.53 -2.60 72.92
CA PHE D 152 -48.17 -3.88 73.53
C PHE D 152 -47.43 -3.70 74.85
N PHE D 153 -46.57 -2.68 74.93
CA PHE D 153 -45.88 -2.34 76.19
C PHE D 153 -46.51 -1.15 76.96
N GLY D 154 -47.81 -0.97 76.81
CA GLY D 154 -48.50 0.13 77.47
C GLY D 154 -48.35 0.21 78.98
N HIS D 155 -48.02 -0.91 79.60
CA HIS D 155 -47.87 -0.92 81.06
C HIS D 155 -46.55 -0.32 81.50
N VAL D 156 -45.64 -0.08 80.57
CA VAL D 156 -44.38 0.56 80.92
C VAL D 156 -44.51 2.06 80.69
N THR D 157 -44.26 2.83 81.76
CA THR D 157 -44.49 4.27 81.75
C THR D 157 -43.23 5.02 81.32
N GLN D 158 -43.38 6.32 81.09
CA GLN D 158 -42.27 7.18 80.66
C GLN D 158 -41.69 6.73 79.32
N ARG D 159 -42.55 6.22 78.44
CA ARG D 159 -42.09 5.89 77.11
C ARG D 159 -42.25 7.12 76.22
N SER D 160 -43.03 8.09 76.71
CA SER D 160 -43.15 9.42 76.09
C SER D 160 -42.90 10.42 77.18
N VAL D 161 -41.96 11.31 76.96
CA VAL D 161 -41.63 12.33 77.95
C VAL D 161 -41.63 13.73 77.33
N LEU D 162 -42.38 14.62 77.97
CA LEU D 162 -42.34 16.04 77.67
C LEU D 162 -41.44 16.77 78.69
N VAL D 163 -40.45 17.48 78.18
CA VAL D 163 -39.53 18.21 79.02
C VAL D 163 -39.69 19.71 78.82
N GLU D 164 -40.26 20.37 79.83
CA GLU D 164 -40.58 21.80 79.74
C GLU D 164 -39.41 22.64 80.23
N GLY D 165 -39.02 23.61 79.43
CA GLY D 165 -37.92 24.48 79.79
C GLY D 165 -37.10 24.89 78.59
N ASP D 166 -36.06 25.68 78.83
CA ASP D 166 -35.13 26.10 77.79
C ASP D 166 -34.18 24.95 77.54
N VAL D 167 -34.09 24.51 76.28
CA VAL D 167 -33.26 23.35 75.96
C VAL D 167 -31.80 23.51 76.40
N ARG D 168 -31.32 24.75 76.45
CA ARG D 168 -29.96 25.04 76.91
C ARG D 168 -29.73 24.47 78.31
N GLU D 169 -30.81 24.38 79.08
CA GLU D 169 -30.78 23.83 80.44
C GLU D 169 -31.32 22.40 80.50
N THR D 170 -32.47 22.17 79.87
CA THR D 170 -33.19 20.91 80.07
C THR D 170 -32.54 19.72 79.39
N VAL D 171 -31.84 19.96 78.28
CA VAL D 171 -31.22 18.86 77.54
C VAL D 171 -29.97 18.29 78.25
N PRO D 172 -29.03 19.16 78.66
CA PRO D 172 -27.95 18.58 79.50
C PRO D 172 -28.50 17.94 80.77
N ARG D 173 -29.57 18.49 81.33
CA ARG D 173 -30.13 17.93 82.54
C ARG D 173 -30.70 16.53 82.26
N TYR D 174 -31.49 16.42 81.19
CA TYR D 174 -32.07 15.12 80.82
C TYR D 174 -30.97 14.07 80.61
N LEU D 175 -29.89 14.48 79.94
CA LEU D 175 -28.81 13.55 79.62
C LEU D 175 -28.08 13.14 80.89
N ALA D 176 -27.96 14.08 81.84
CA ALA D 176 -27.35 13.81 83.13
C ALA D 176 -28.20 12.80 83.93
N GLU D 177 -29.51 12.97 83.89
CA GLU D 177 -30.41 12.05 84.58
C GLU D 177 -30.56 10.72 83.86
N ASN D 178 -30.11 10.66 82.60
CA ASN D 178 -30.31 9.44 81.83
C ASN D 178 -29.04 8.91 81.15
N PRO D 179 -28.07 8.41 81.94
CA PRO D 179 -26.78 7.95 81.38
C PRO D 179 -26.87 6.68 80.52
N GLN D 180 -28.04 6.06 80.51
CA GLN D 180 -28.26 4.92 79.63
C GLN D 180 -28.60 5.35 78.20
N THR D 181 -28.80 6.65 78.01
CA THR D 181 -29.23 7.20 76.72
C THR D 181 -28.36 6.90 75.52
N VAL D 182 -28.97 6.32 74.49
CA VAL D 182 -28.43 6.39 73.14
C VAL D 182 -29.46 7.18 72.33
N ILE D 183 -28.99 8.08 71.47
CA ILE D 183 -29.92 8.82 70.61
C ILE D 183 -29.96 8.23 69.20
N ALA D 184 -31.08 7.62 68.85
CA ALA D 184 -31.26 7.08 67.51
C ALA D 184 -31.56 8.19 66.53
N LEU D 185 -32.52 9.03 66.88
CA LEU D 185 -33.00 10.08 65.98
C LEU D 185 -33.09 11.40 66.73
N ALA D 186 -32.34 12.41 66.27
CA ALA D 186 -32.42 13.75 66.83
C ALA D 186 -33.03 14.73 65.84
N TYR D 187 -34.23 15.22 66.17
CA TYR D 187 -34.93 16.11 65.26
C TYR D 187 -34.89 17.57 65.74
N PHE D 188 -34.18 18.43 65.02
CA PHE D 188 -34.05 19.85 65.38
C PHE D 188 -35.11 20.73 64.70
N ASP D 189 -35.95 21.37 65.49
CA ASP D 189 -36.97 22.25 64.95
C ASP D 189 -37.09 23.49 65.82
N LEU D 190 -35.95 23.97 66.30
CA LEU D 190 -35.89 25.11 67.21
C LEU D 190 -35.83 26.46 66.48
N ASP D 191 -35.41 26.42 65.22
CA ASP D 191 -35.21 27.60 64.37
C ASP D 191 -34.07 28.53 64.78
N LEU D 192 -33.74 28.57 66.07
CA LEU D 192 -32.84 29.60 66.58
C LEU D 192 -31.40 29.14 66.70
N TYR D 193 -30.49 30.06 66.47
CA TYR D 193 -29.06 29.76 66.51
C TYR D 193 -28.56 29.18 67.84
N GLU D 194 -28.66 29.96 68.92
CA GLU D 194 -28.07 29.58 70.21
C GLU D 194 -28.55 28.23 70.78
N PRO D 195 -29.87 28.02 70.92
CA PRO D 195 -30.26 26.71 71.44
C PRO D 195 -29.84 25.55 70.52
N THR D 196 -29.78 25.77 69.22
CA THR D 196 -29.40 24.68 68.31
C THR D 196 -27.94 24.30 68.53
N LYS D 197 -27.08 25.31 68.59
CA LYS D 197 -25.66 25.11 68.87
C LYS D 197 -25.45 24.37 70.20
N ALA D 198 -26.15 24.84 71.23
CA ALA D 198 -26.06 24.24 72.56
C ALA D 198 -26.45 22.77 72.53
N VAL D 199 -27.60 22.47 71.92
CA VAL D 199 -28.11 21.10 71.90
C VAL D 199 -27.22 20.18 71.06
N LEU D 200 -26.81 20.68 69.89
CA LEU D 200 -25.94 19.92 69.01
C LEU D 200 -24.71 19.44 69.76
N GLU D 201 -24.10 20.34 70.53
CA GLU D 201 -22.89 20.02 71.28
C GLU D 201 -23.16 18.97 72.34
N ALA D 202 -24.31 19.08 73.01
CA ALA D 202 -24.62 18.21 74.14
C ALA D 202 -24.93 16.77 73.73
N ILE D 203 -25.59 16.58 72.60
CA ILE D 203 -26.08 15.25 72.27
C ILE D 203 -24.98 14.36 71.67
N ARG D 204 -23.92 15.01 71.21
CA ARG D 204 -22.86 14.32 70.46
C ARG D 204 -22.30 13.02 71.08
N PRO D 205 -22.01 13.02 72.39
CA PRO D 205 -21.49 11.76 72.97
C PRO D 205 -22.53 10.65 73.04
N TYR D 206 -23.77 10.94 72.64
CA TYR D 206 -24.83 9.94 72.77
C TYR D 206 -25.27 9.38 71.43
N LEU D 207 -24.60 9.78 70.36
CA LEU D 207 -24.92 9.31 69.03
C LEU D 207 -24.02 8.13 68.68
N THR D 208 -24.54 7.19 67.88
CA THR D 208 -23.71 6.12 67.34
C THR D 208 -23.67 6.30 65.84
N LYS D 209 -22.74 5.61 65.17
CA LYS D 209 -22.72 5.64 63.71
C LYS D 209 -24.05 5.05 63.24
N GLY D 210 -24.80 5.80 62.43
CA GLY D 210 -26.13 5.36 62.07
C GLY D 210 -27.23 6.20 62.69
N SER D 211 -26.93 6.88 63.79
CA SER D 211 -27.90 7.81 64.37
C SER D 211 -28.28 8.86 63.35
N ILE D 212 -29.54 9.25 63.32
CA ILE D 212 -29.98 10.27 62.38
C ILE D 212 -30.13 11.62 63.08
N VAL D 213 -29.46 12.62 62.54
CA VAL D 213 -29.64 13.99 62.99
C VAL D 213 -30.34 14.76 61.87
N ALA D 214 -31.48 15.38 62.19
CA ALA D 214 -32.29 16.01 61.15
C ALA D 214 -32.60 17.45 61.50
N PHE D 215 -32.53 18.33 60.49
CA PHE D 215 -32.91 19.73 60.64
C PHE D 215 -34.12 20.08 59.77
N ASP D 216 -35.03 20.87 60.33
CA ASP D 216 -36.24 21.31 59.63
C ASP D 216 -36.03 22.63 58.85
N GLU D 217 -35.06 23.43 59.26
CA GLU D 217 -34.86 24.76 58.67
C GLU D 217 -33.41 25.06 58.27
N LEU D 218 -32.67 24.05 57.84
CA LEU D 218 -31.22 24.22 57.65
C LEU D 218 -30.83 25.29 56.62
N ASP D 219 -31.52 25.33 55.49
CA ASP D 219 -31.14 26.24 54.42
C ASP D 219 -32.20 27.30 54.10
N ASN D 220 -33.02 27.62 55.10
CA ASN D 220 -34.09 28.59 54.92
C ASN D 220 -33.58 29.99 55.30
N PRO D 221 -33.57 30.93 54.32
CA PRO D 221 -33.12 32.32 54.52
C PRO D 221 -33.74 32.99 55.75
N LYS D 222 -34.97 32.64 56.08
CA LYS D 222 -35.68 33.28 57.18
C LYS D 222 -35.13 32.87 58.54
N TRP D 223 -34.56 31.67 58.63
CA TRP D 223 -33.99 31.15 59.87
C TRP D 223 -32.63 30.51 59.61
N PRO D 224 -31.56 31.33 59.54
CA PRO D 224 -30.20 30.83 59.25
C PRO D 224 -29.48 30.28 60.47
N GLY D 225 -30.13 30.30 61.63
CA GLY D 225 -29.48 29.87 62.87
C GLY D 225 -28.99 28.42 62.91
N GLU D 226 -29.76 27.51 62.33
CA GLU D 226 -29.35 26.11 62.35
C GLU D 226 -28.11 25.90 61.50
N ASN D 227 -28.05 26.59 60.37
CA ASN D 227 -26.88 26.54 59.52
C ASN D 227 -25.66 27.13 60.22
N ILE D 228 -25.81 28.32 60.77
CA ILE D 228 -24.71 28.97 61.48
C ILE D 228 -24.23 28.04 62.58
N ALA D 229 -25.15 27.38 63.27
CA ALA D 229 -24.77 26.46 64.32
C ALA D 229 -24.01 25.26 63.76
N MET D 230 -24.54 24.66 62.70
CA MET D 230 -23.90 23.52 62.05
C MET D 230 -22.45 23.81 61.68
N ARG D 231 -22.27 24.92 60.96
CA ARG D 231 -20.94 25.30 60.48
C ARG D 231 -19.99 25.62 61.61
N LYS D 232 -20.52 26.01 62.77
CA LYS D 232 -19.68 26.31 63.92
C LYS D 232 -19.28 25.03 64.66
N VAL D 233 -20.25 24.15 64.87
CA VAL D 233 -20.02 22.99 65.72
C VAL D 233 -19.38 21.84 64.96
N LEU D 234 -19.88 21.59 63.74
CA LEU D 234 -19.46 20.41 62.97
C LEU D 234 -18.82 20.72 61.63
N GLY D 235 -19.37 21.70 60.90
CA GLY D 235 -19.01 21.87 59.51
C GLY D 235 -20.08 21.21 58.64
N LEU D 236 -20.46 21.88 57.56
CA LEU D 236 -21.49 21.33 56.69
C LEU D 236 -21.06 20.01 56.02
N ASP D 237 -19.75 19.78 55.90
CA ASP D 237 -19.27 18.55 55.25
C ASP D 237 -18.75 17.54 56.27
N HIS D 238 -19.18 17.70 57.51
CA HIS D 238 -18.82 16.74 58.55
C HIS D 238 -19.40 15.38 58.20
N ALA D 239 -20.66 15.37 57.78
CA ALA D 239 -21.36 14.18 57.34
C ALA D 239 -22.12 14.59 56.07
N PRO D 240 -22.67 13.63 55.30
CA PRO D 240 -23.39 14.07 54.11
C PRO D 240 -24.80 14.54 54.45
N LEU D 241 -25.11 15.81 54.18
CA LEU D 241 -26.47 16.29 54.39
C LEU D 241 -27.36 15.90 53.23
N ARG D 242 -28.55 15.39 53.54
CA ARG D 242 -29.46 14.89 52.53
C ARG D 242 -30.87 15.47 52.60
N LEU D 243 -31.53 15.56 51.45
CA LEU D 243 -32.95 15.82 51.39
C LEU D 243 -33.63 14.51 51.03
N LEU D 244 -34.88 14.36 51.40
CA LEU D 244 -35.73 13.37 50.75
C LEU D 244 -36.18 14.02 49.45
N PRO D 245 -35.88 13.41 48.30
CA PRO D 245 -36.05 14.07 47.00
C PRO D 245 -37.44 14.67 46.80
N GLY D 246 -37.49 15.93 46.37
CA GLY D 246 -38.75 16.61 46.14
C GLY D 246 -39.23 17.43 47.32
N ARG D 247 -38.49 17.35 48.43
CA ARG D 247 -38.92 18.06 49.64
C ARG D 247 -37.81 18.94 50.18
N PRO D 248 -38.13 20.21 50.45
CA PRO D 248 -37.08 21.15 50.87
C PRO D 248 -36.54 20.79 52.24
N ALA D 249 -37.37 20.13 53.05
CA ALA D 249 -36.99 19.73 54.40
C ALA D 249 -37.71 18.44 54.78
N PRO D 250 -37.16 17.68 55.74
CA PRO D 250 -35.94 17.91 56.52
C PRO D 250 -34.64 17.75 55.73
N ALA D 251 -33.60 18.41 56.20
CA ALA D 251 -32.24 18.06 55.80
C ALA D 251 -31.69 17.21 56.92
N TYR D 252 -31.10 16.08 56.59
CA TYR D 252 -30.68 15.14 57.62
C TYR D 252 -29.36 14.46 57.29
N LEU D 253 -28.67 13.97 58.31
CA LEU D 253 -27.42 13.25 58.10
C LEU D 253 -27.40 11.96 58.89
N ARG D 254 -26.62 11.01 58.39
CA ARG D 254 -26.37 9.77 59.11
C ARG D 254 -25.00 9.93 59.77
N TRP D 255 -25.01 10.01 61.10
CA TRP D 255 -23.78 10.18 61.88
C TRP D 255 -22.71 9.16 61.50
N GLY D 256 -21.51 9.64 61.23
CA GLY D 256 -20.41 8.76 60.88
C GLY D 256 -20.24 8.52 59.38
N ASP D 257 -21.21 8.95 58.58
CA ASP D 257 -21.11 8.77 57.13
C ASP D 257 -20.19 9.80 56.47
N GLN E 7 23.71 -18.21 36.13
CA GLN E 7 23.07 -17.31 35.17
C GLN E 7 22.27 -18.07 34.08
N ASP E 8 21.05 -18.46 34.40
CA ASP E 8 20.21 -19.23 33.48
C ASP E 8 19.24 -18.33 32.71
N LEU E 9 19.41 -18.23 31.40
CA LEU E 9 18.55 -17.38 30.58
C LEU E 9 17.15 -17.95 30.40
N ARG E 10 16.98 -19.23 30.70
CA ARG E 10 15.68 -19.88 30.53
C ARG E 10 14.76 -19.60 31.72
N ALA E 11 15.25 -18.83 32.68
CA ALA E 11 14.44 -18.38 33.81
C ALA E 11 13.78 -17.05 33.50
N PHE E 12 14.20 -16.41 32.42
CA PHE E 12 13.51 -15.22 31.94
C PHE E 12 12.43 -15.67 31.00
N VAL E 13 11.30 -14.96 30.99
CA VAL E 13 10.26 -15.26 30.01
C VAL E 13 10.83 -15.09 28.60
N HIS E 14 10.71 -16.13 27.78
CA HIS E 14 11.15 -16.10 26.40
C HIS E 14 10.15 -16.90 25.56
N ASP E 15 10.18 -16.73 24.25
CA ASP E 15 9.24 -17.43 23.38
C ASP E 15 9.56 -18.93 23.29
N SER E 16 8.52 -19.76 23.32
CA SER E 16 8.66 -21.18 23.03
C SER E 16 9.03 -21.34 21.55
N PRO E 17 9.52 -22.54 21.16
CA PRO E 17 9.78 -22.76 19.72
C PRO E 17 8.50 -22.55 18.89
N GLU E 18 7.36 -22.98 19.42
CA GLU E 18 6.08 -22.86 18.73
C GLU E 18 5.63 -21.43 18.55
N GLU E 19 5.84 -20.59 19.57
CA GLU E 19 5.50 -19.18 19.48
C GLU E 19 6.38 -18.49 18.43
N THR E 20 7.63 -18.90 18.38
CA THR E 20 8.58 -18.38 17.41
C THR E 20 8.16 -18.78 16.00
N GLU E 21 7.78 -20.04 15.85
CA GLU E 21 7.31 -20.54 14.57
C GLU E 21 6.05 -19.79 14.10
N THR E 22 5.08 -19.64 15.00
CA THR E 22 3.84 -18.92 14.66
C THR E 22 4.17 -17.51 14.17
N THR E 23 5.08 -16.83 14.87
CA THR E 23 5.43 -15.46 14.52
C THR E 23 6.05 -15.39 13.13
N GLN E 24 6.96 -16.32 12.84
CA GLN E 24 7.66 -16.33 11.55
C GLN E 24 6.71 -16.64 10.40
N ARG E 25 5.86 -17.64 10.60
CA ARG E 25 4.92 -18.02 9.54
C ARG E 25 4.00 -16.85 9.21
N LEU E 26 3.42 -16.24 10.24
CA LEU E 26 2.49 -15.15 10.05
C LEU E 26 3.16 -13.95 9.37
N THR E 27 4.44 -13.75 9.68
CA THR E 27 5.24 -12.71 9.03
C THR E 27 5.36 -13.00 7.53
N LYS E 28 5.60 -14.27 7.19
CA LYS E 28 5.70 -14.70 5.80
C LYS E 28 4.38 -14.54 5.08
N LEU E 29 3.31 -14.99 5.72
CA LEU E 29 2.00 -14.95 5.13
C LEU E 29 1.50 -13.52 5.00
N LEU E 30 1.97 -12.64 5.88
CA LEU E 30 1.54 -11.25 5.77
C LEU E 30 2.20 -10.58 4.56
N THR E 31 3.51 -10.71 4.47
CA THR E 31 4.29 -10.01 3.46
C THR E 31 4.23 -10.71 2.10
N ASN E 32 3.66 -11.91 2.06
CA ASN E 32 3.48 -12.63 0.81
C ASN E 32 2.03 -13.02 0.61
N SER E 33 1.14 -12.08 0.89
CA SER E 33 -0.27 -12.36 0.85
C SER E 33 -0.89 -12.21 -0.54
N PRO E 34 -1.78 -13.17 -0.91
CA PRO E 34 -2.54 -13.11 -2.15
C PRO E 34 -3.79 -12.26 -1.99
N ILE E 35 -3.93 -11.61 -0.85
CA ILE E 35 -5.05 -10.70 -0.63
C ILE E 35 -4.74 -9.40 -1.37
N PRO E 36 -5.69 -8.91 -2.17
CA PRO E 36 -5.51 -7.64 -2.89
C PRO E 36 -4.98 -6.59 -1.93
N THR E 37 -3.98 -5.83 -2.37
CA THR E 37 -3.28 -4.89 -1.51
C THR E 37 -4.26 -3.97 -0.78
N GLU E 38 -5.35 -3.63 -1.43
CA GLU E 38 -6.28 -2.67 -0.86
C GLU E 38 -7.20 -3.31 0.19
N GLU E 39 -7.03 -4.61 0.44
CA GLU E 39 -7.88 -5.31 1.40
C GLU E 39 -7.07 -5.78 2.62
N LEU E 40 -5.76 -5.63 2.56
CA LEU E 40 -4.89 -6.03 3.67
C LEU E 40 -5.31 -5.44 5.01
N VAL E 41 -5.49 -4.14 5.07
CA VAL E 41 -5.86 -3.50 6.34
C VAL E 41 -7.32 -3.69 6.75
N ASN E 42 -8.04 -4.53 6.01
CA ASN E 42 -9.36 -4.97 6.38
C ASN E 42 -9.31 -6.42 6.87
N ASN E 43 -8.10 -6.95 6.98
CA ASN E 43 -7.92 -8.35 7.30
C ASN E 43 -6.71 -8.60 8.19
N LEU E 44 -6.28 -7.56 8.88
CA LEU E 44 -5.14 -7.67 9.77
C LEU E 44 -5.26 -8.71 10.92
N PRO E 45 -6.47 -8.97 11.44
CA PRO E 45 -6.58 -10.03 12.46
C PRO E 45 -6.16 -11.43 11.99
N LEU E 46 -6.03 -11.62 10.68
CA LEU E 46 -5.46 -12.86 10.18
C LEU E 46 -4.05 -13.05 10.71
N PHE E 47 -3.37 -11.95 11.00
CA PHE E 47 -1.96 -12.00 11.34
C PHE E 47 -1.67 -11.63 12.80
N LEU E 48 -2.72 -11.30 13.54
CA LEU E 48 -2.61 -10.87 14.92
C LEU E 48 -2.79 -12.10 15.81
N ARG E 49 -1.68 -12.65 16.31
CA ARG E 49 -1.70 -13.87 17.10
C ARG E 49 -2.10 -13.58 18.55
N ARG E 50 -2.40 -14.65 19.30
CA ARG E 50 -2.82 -14.60 20.71
C ARG E 50 -2.09 -13.56 21.55
N HIS E 51 -0.78 -13.70 21.63
CA HIS E 51 0.04 -12.81 22.44
C HIS E 51 -0.25 -11.34 22.14
N GLN E 52 -0.36 -10.98 20.87
CA GLN E 52 -0.59 -9.58 20.49
C GLN E 52 -2.05 -9.17 20.63
N MET E 53 -2.96 -10.09 20.29
CA MET E 53 -4.37 -9.88 20.52
C MET E 53 -4.62 -9.57 22.00
N THR E 54 -3.97 -10.36 22.87
CA THR E 54 -4.03 -10.16 24.32
C THR E 54 -3.61 -8.73 24.70
N ASP E 55 -2.53 -8.27 24.10
CA ASP E 55 -2.04 -6.91 24.34
C ASP E 55 -3.11 -5.87 23.97
N LEU E 56 -3.73 -6.08 22.81
CA LEU E 56 -4.78 -5.20 22.32
C LEU E 56 -5.96 -5.14 23.31
N LEU E 57 -6.44 -6.30 23.76
CA LEU E 57 -7.60 -6.39 24.64
C LEU E 57 -7.27 -5.80 26.02
N SER E 58 -6.04 -6.00 26.47
CA SER E 58 -5.60 -5.33 27.69
C SER E 58 -5.67 -3.80 27.58
N MET E 59 -5.16 -3.24 26.48
CA MET E 59 -5.19 -1.79 26.33
C MET E 59 -6.63 -1.31 26.26
N ASP E 60 -7.47 -2.08 25.56
CA ASP E 60 -8.89 -1.73 25.51
C ASP E 60 -9.51 -1.75 26.90
N ALA E 61 -9.11 -2.71 27.72
CA ALA E 61 -9.65 -2.83 29.08
C ALA E 61 -9.27 -1.60 29.91
N LEU E 62 -8.01 -1.19 29.84
CA LEU E 62 -7.56 -0.01 30.57
C LEU E 62 -8.28 1.23 30.07
N TYR E 63 -8.39 1.37 28.75
CA TYR E 63 -9.04 2.54 28.18
C TYR E 63 -10.47 2.64 28.71
N ARG E 64 -11.21 1.52 28.70
CA ARG E 64 -12.59 1.55 29.16
C ARG E 64 -12.74 2.02 30.62
N GLN E 65 -11.71 1.77 31.43
CA GLN E 65 -11.74 2.25 32.81
C GLN E 65 -11.47 3.75 33.00
N VAL E 66 -11.09 4.44 31.95
CA VAL E 66 -10.91 5.88 32.08
C VAL E 66 -11.86 6.69 31.21
N LEU E 67 -12.89 6.03 30.67
CA LEU E 67 -13.87 6.71 29.84
C LEU E 67 -14.65 7.77 30.59
N ASP E 68 -14.71 7.67 31.93
CA ASP E 68 -15.39 8.70 32.73
C ASP E 68 -14.39 9.51 33.55
N VAL E 69 -13.13 9.49 33.13
CA VAL E 69 -12.07 10.24 33.80
C VAL E 69 -11.55 11.32 32.85
N PRO E 70 -11.45 12.56 33.31
CA PRO E 70 -11.00 13.54 32.32
C PRO E 70 -9.50 13.41 32.11
N GLY E 71 -8.98 13.99 31.04
CA GLY E 71 -7.54 14.11 30.89
C GLY E 71 -6.96 13.27 29.77
N VAL E 72 -5.64 13.14 29.78
CA VAL E 72 -4.92 12.62 28.63
C VAL E 72 -4.36 11.22 28.87
N ILE E 73 -3.88 10.61 27.78
CA ILE E 73 -3.25 9.31 27.83
C ILE E 73 -1.78 9.50 27.56
N MET E 74 -0.94 9.05 28.49
CA MET E 74 0.50 9.09 28.29
C MET E 74 1.11 7.69 28.28
N GLU E 75 2.00 7.46 27.30
CA GLU E 75 2.81 6.26 27.29
C GLU E 75 4.29 6.61 27.37
N PHE E 76 4.97 6.02 28.35
CA PHE E 76 6.39 6.26 28.53
C PHE E 76 7.18 5.05 28.05
N GLY E 77 7.76 5.16 26.86
CA GLY E 77 8.38 4.03 26.20
C GLY E 77 7.50 3.56 25.06
N VAL E 78 7.83 4.01 23.84
CA VAL E 78 6.94 3.89 22.68
C VAL E 78 7.40 2.81 21.68
N ARG E 79 8.71 2.75 21.50
CA ARG E 79 9.35 1.92 20.47
C ARG E 79 8.74 2.14 19.09
N PHE E 80 8.12 1.12 18.50
CA PHE E 80 7.49 1.32 17.17
C PHE E 80 6.10 1.92 17.25
N GLY E 81 5.54 1.97 18.45
CA GLY E 81 4.30 2.69 18.66
C GLY E 81 3.05 1.84 18.71
N ARG E 82 3.20 0.53 18.88
CA ARG E 82 2.08 -0.41 18.95
C ARG E 82 0.93 0.11 19.81
N HIS E 83 1.26 0.60 21.00
CA HIS E 83 0.22 1.07 21.90
C HIS E 83 -0.40 2.40 21.44
N LEU E 84 0.41 3.27 20.88
CA LEU E 84 -0.08 4.55 20.38
C LEU E 84 -1.12 4.36 19.28
N GLY E 85 -0.84 3.44 18.35
CA GLY E 85 -1.82 3.09 17.33
C GLY E 85 -3.11 2.53 17.92
N THR E 86 -2.97 1.62 18.88
CA THR E 86 -4.11 1.06 19.58
C THR E 86 -5.01 2.15 20.18
N PHE E 87 -4.39 3.02 20.98
CA PHE E 87 -5.11 4.13 21.60
C PHE E 87 -5.76 5.05 20.59
N ALA E 88 -5.10 5.29 19.46
CA ALA E 88 -5.67 6.15 18.42
C ALA E 88 -6.96 5.57 17.85
N ALA E 89 -6.93 4.27 17.53
CA ALA E 89 -8.15 3.58 17.08
C ALA E 89 -9.21 3.58 18.19
N LEU E 90 -8.81 3.25 19.41
CA LEU E 90 -9.76 3.13 20.51
C LEU E 90 -10.42 4.47 20.83
N ARG E 91 -9.65 5.55 20.76
CA ARG E 91 -10.20 6.89 20.95
C ARG E 91 -11.30 7.17 19.93
N GLY E 92 -11.14 6.64 18.72
CA GLY E 92 -12.20 6.69 17.73
C GLY E 92 -13.42 5.87 18.14
N VAL E 93 -13.19 4.63 18.57
CA VAL E 93 -14.31 3.77 18.98
C VAL E 93 -15.18 4.39 20.09
N TYR E 94 -14.51 4.96 21.10
CA TYR E 94 -15.19 5.34 22.33
C TYR E 94 -15.46 6.83 22.50
N GLU E 95 -14.66 7.68 21.86
CA GLU E 95 -14.77 9.11 22.13
C GLU E 95 -14.70 9.99 20.89
N PRO E 96 -15.64 9.84 19.96
CA PRO E 96 -15.60 10.75 18.81
C PRO E 96 -15.69 12.21 19.24
N TYR E 97 -16.40 12.52 20.32
CA TYR E 97 -16.63 13.93 20.65
C TYR E 97 -15.70 14.54 21.69
N ASN E 98 -14.64 13.83 22.05
CA ASN E 98 -13.70 14.32 23.06
C ASN E 98 -12.36 14.74 22.41
N PRO E 99 -12.27 15.99 21.91
CA PRO E 99 -11.02 16.33 21.23
C PRO E 99 -9.91 16.65 22.23
N LEU E 100 -10.21 16.57 23.53
CA LEU E 100 -9.21 16.88 24.56
C LEU E 100 -8.46 15.65 25.05
N ARG E 101 -8.89 14.48 24.60
CA ARG E 101 -8.17 13.26 24.93
C ARG E 101 -6.90 13.18 24.10
N ARG E 102 -5.88 13.92 24.52
CA ARG E 102 -4.59 13.91 23.85
C ARG E 102 -3.89 12.57 24.11
N ILE E 103 -3.26 12.02 23.09
CA ILE E 103 -2.39 10.85 23.25
C ILE E 103 -0.94 11.33 23.14
N VAL E 104 -0.18 11.18 24.22
CA VAL E 104 1.20 11.62 24.25
C VAL E 104 2.18 10.45 24.47
N GLY E 105 3.10 10.29 23.54
CA GLY E 105 4.08 9.21 23.64
C GLY E 105 5.47 9.77 23.85
N PHE E 106 6.16 9.27 24.88
CA PHE E 106 7.51 9.75 25.17
C PHE E 106 8.52 8.66 24.86
N ASP E 107 9.58 9.01 24.14
CA ASP E 107 10.67 8.06 23.89
C ASP E 107 11.91 8.81 23.43
N THR E 108 13.09 8.22 23.65
CA THR E 108 14.27 8.70 22.97
C THR E 108 14.16 8.38 21.50
N PHE E 109 13.51 7.25 21.20
CA PHE E 109 13.49 6.65 19.85
C PHE E 109 14.89 6.22 19.38
N THR E 110 15.82 6.11 20.32
CA THR E 110 17.16 5.59 20.04
C THR E 110 17.55 4.55 21.08
N GLY E 111 16.55 3.97 21.74
CA GLY E 111 16.80 2.95 22.75
C GLY E 111 17.17 3.49 24.12
N PHE E 112 17.51 2.58 25.03
CA PHE E 112 17.94 2.95 26.37
C PHE E 112 19.06 4.01 26.33
N PRO E 113 18.85 5.18 26.94
CA PRO E 113 19.87 6.23 26.96
C PRO E 113 21.10 5.83 27.77
N ASP E 114 20.87 5.03 28.81
CA ASP E 114 21.90 4.52 29.70
C ASP E 114 21.15 3.62 30.64
N VAL E 115 21.86 2.78 31.41
CA VAL E 115 21.17 1.89 32.34
C VAL E 115 21.76 1.91 33.76
N ASN E 116 20.95 1.52 34.74
CA ASN E 116 21.39 1.41 36.12
C ASN E 116 21.86 -0.02 36.41
N ASP E 117 22.56 -0.23 37.52
CA ASP E 117 23.04 -1.57 37.87
C ASP E 117 21.90 -2.51 38.29
N VAL E 118 20.85 -1.98 38.91
CA VAL E 118 19.70 -2.81 39.26
C VAL E 118 19.02 -3.32 37.98
N ASP E 119 19.17 -2.57 36.88
CA ASP E 119 18.60 -2.95 35.58
C ASP E 119 19.40 -4.06 34.90
N ARG E 120 20.66 -4.21 35.30
CA ARG E 120 21.57 -5.17 34.63
C ARG E 120 21.38 -6.61 35.11
N VAL E 121 20.15 -7.12 35.01
CA VAL E 121 19.86 -8.49 35.38
C VAL E 121 20.05 -9.42 34.19
N GLY E 122 19.49 -9.04 33.05
CA GLY E 122 19.61 -9.83 31.85
C GLY E 122 20.61 -9.23 30.86
N PRO E 123 20.86 -9.94 29.74
CA PRO E 123 21.88 -9.53 28.76
C PRO E 123 21.34 -8.60 27.67
N THR E 124 20.14 -8.07 27.85
CA THR E 124 19.62 -7.05 26.95
C THR E 124 19.55 -5.65 27.59
N ALA E 125 20.15 -5.50 28.76
CA ALA E 125 20.21 -4.20 29.43
C ALA E 125 21.46 -3.42 29.03
N TYR E 126 21.48 -2.89 27.81
CA TYR E 126 22.58 -2.09 27.31
C TYR E 126 22.06 -0.81 26.62
N GLN E 127 22.88 0.23 26.61
CA GLN E 127 22.52 1.47 25.95
C GLN E 127 22.20 1.23 24.48
N GLY E 128 21.03 1.69 24.04
CA GLY E 128 20.64 1.55 22.64
C GLY E 128 19.69 0.39 22.36
N ARG E 129 19.45 -0.44 23.36
CA ARG E 129 18.48 -1.53 23.22
C ARG E 129 17.09 -0.99 22.93
N PHE E 130 16.48 -1.50 21.86
CA PHE E 130 15.15 -1.11 21.35
C PHE E 130 15.12 0.14 20.48
N ALA E 131 16.28 0.57 20.00
CA ALA E 131 16.34 1.69 19.06
C ALA E 131 15.56 1.38 17.78
N VAL E 132 14.90 2.39 17.25
CA VAL E 132 14.17 2.25 16.00
C VAL E 132 14.93 3.12 14.98
N PRO E 133 14.75 2.86 13.67
CA PRO E 133 15.50 3.58 12.64
C PRO E 133 15.43 5.11 12.72
N GLY E 134 16.39 5.78 12.09
CA GLY E 134 16.38 7.24 12.01
C GLY E 134 15.14 7.74 11.27
N GLY E 135 14.60 8.88 11.73
CA GLY E 135 13.41 9.43 11.12
C GLY E 135 12.13 8.69 11.48
N TYR E 136 12.22 7.75 12.42
CA TYR E 136 11.03 6.98 12.82
C TYR E 136 9.86 7.84 13.37
N PRO E 137 10.16 8.81 14.24
CA PRO E 137 9.07 9.68 14.70
C PRO E 137 8.26 10.33 13.57
N ALA E 138 8.89 10.66 12.46
CA ALA E 138 8.17 11.24 11.34
C ALA E 138 7.22 10.21 10.71
N TYR E 139 7.63 8.96 10.66
CA TYR E 139 6.77 7.89 10.12
C TYR E 139 5.62 7.57 11.09
N LEU E 140 5.94 7.51 12.37
CA LEU E 140 4.89 7.25 13.37
C LEU E 140 3.87 8.40 13.38
N LYS E 141 4.36 9.63 13.24
CA LYS E 141 3.46 10.77 13.17
C LYS E 141 2.57 10.66 11.94
N GLU E 142 3.12 10.15 10.84
CA GLU E 142 2.32 9.99 9.63
C GLU E 142 1.23 8.96 9.89
N VAL E 143 1.58 7.89 10.59
CA VAL E 143 0.59 6.86 10.95
C VAL E 143 -0.52 7.42 11.84
N LEU E 144 -0.15 8.17 12.88
CA LEU E 144 -1.16 8.76 13.77
C LEU E 144 -2.03 9.75 13.01
N ASP E 145 -1.41 10.62 12.22
CA ASP E 145 -2.19 11.57 11.42
C ASP E 145 -3.14 10.83 10.50
N ALA E 146 -2.70 9.67 10.00
CA ALA E 146 -3.58 8.87 9.14
C ALA E 146 -4.87 8.46 9.84
N HIS E 147 -4.77 7.94 11.06
CA HIS E 147 -5.96 7.65 11.87
C HIS E 147 -6.83 8.90 12.07
N GLU E 148 -6.21 10.00 12.46
CA GLU E 148 -6.95 11.18 12.90
C GLU E 148 -7.66 11.86 11.78
N CYS E 149 -7.07 11.73 10.59
CA CYS E 149 -7.67 12.20 9.35
C CYS E 149 -9.19 11.95 9.26
N SER E 150 -9.68 10.84 9.81
CA SER E 150 -11.11 10.54 9.73
C SER E 150 -11.87 10.63 11.06
N ASP E 151 -11.26 11.25 12.06
CA ASP E 151 -11.89 11.45 13.36
C ASP E 151 -12.92 12.55 13.21
N PHE E 152 -13.95 12.50 14.05
CA PHE E 152 -14.92 13.58 14.08
C PHE E 152 -14.25 14.92 14.34
N PHE E 153 -13.24 14.94 15.22
CA PHE E 153 -12.50 16.17 15.48
C PHE E 153 -11.14 16.23 14.77
N GLY E 154 -11.04 15.55 13.64
CA GLY E 154 -9.84 15.58 12.83
C GLY E 154 -9.23 16.94 12.50
N HIS E 155 -10.05 17.99 12.44
CA HIS E 155 -9.56 19.35 12.18
C HIS E 155 -8.81 19.97 13.35
N VAL E 156 -8.97 19.39 14.54
CA VAL E 156 -8.21 19.85 15.69
C VAL E 156 -6.88 19.14 15.70
N THR E 157 -5.79 19.90 15.73
CA THR E 157 -4.46 19.32 15.60
C THR E 157 -3.80 19.03 16.96
N GLN E 158 -2.64 18.38 16.91
CA GLN E 158 -1.90 18.01 18.11
C GLN E 158 -2.74 17.18 19.09
N ARG E 159 -3.60 16.31 18.56
CA ARG E 159 -4.32 15.36 19.40
C ARG E 159 -3.46 14.11 19.65
N SER E 160 -2.37 14.00 18.90
CA SER E 160 -1.34 13.00 19.12
C SER E 160 -0.01 13.72 19.14
N VAL E 161 0.79 13.47 20.16
CA VAL E 161 2.07 14.14 20.31
C VAL E 161 3.14 13.10 20.65
N LEU E 162 4.20 13.08 19.83
CA LEU E 162 5.40 12.32 20.11
C LEU E 162 6.43 13.30 20.64
N VAL E 163 6.89 13.07 21.87
CA VAL E 163 7.92 13.90 22.48
C VAL E 163 9.25 13.14 22.55
N GLU E 164 10.24 13.57 21.77
CA GLU E 164 11.53 12.88 21.71
C GLU E 164 12.56 13.39 22.73
N GLY E 165 13.24 12.45 23.38
CA GLY E 165 14.22 12.79 24.40
C GLY E 165 14.17 11.83 25.57
N ASP E 166 15.04 12.08 26.54
CA ASP E 166 15.05 11.35 27.79
C ASP E 166 13.87 11.86 28.63
N VAL E 167 13.00 10.95 29.08
CA VAL E 167 11.82 11.32 29.86
C VAL E 167 12.17 12.15 31.10
N ARG E 168 13.34 11.87 31.68
CA ARG E 168 13.83 12.61 32.84
C ARG E 168 13.76 14.14 32.67
N GLU E 169 13.97 14.62 31.45
CA GLU E 169 13.74 16.05 31.17
C GLU E 169 12.47 16.32 30.39
N THR E 170 12.15 15.48 29.41
CA THR E 170 11.02 15.78 28.53
C THR E 170 9.65 15.74 29.23
N VAL E 171 9.48 14.83 30.17
CA VAL E 171 8.21 14.76 30.87
C VAL E 171 7.96 16.00 31.75
N PRO E 172 8.94 16.39 32.59
CA PRO E 172 8.71 17.63 33.33
C PRO E 172 8.56 18.84 32.41
N ARG E 173 9.24 18.85 31.28
CA ARG E 173 9.07 19.99 30.36
C ARG E 173 7.69 20.00 29.75
N TYR E 174 7.21 18.82 29.35
CA TYR E 174 5.86 18.71 28.80
C TYR E 174 4.82 19.23 29.81
N LEU E 175 5.01 18.88 31.08
CA LEU E 175 4.06 19.24 32.12
C LEU E 175 4.07 20.75 32.30
N ALA E 176 5.27 21.32 32.39
CA ALA E 176 5.41 22.76 32.60
C ALA E 176 4.75 23.56 31.48
N GLU E 177 4.78 23.01 30.26
CA GLU E 177 4.25 23.68 29.09
C GLU E 177 2.76 23.41 28.90
N ASN E 178 2.26 22.40 29.61
CA ASN E 178 0.84 22.09 29.51
C ASN E 178 0.15 22.05 30.88
N PRO E 179 -0.04 23.23 31.50
CA PRO E 179 -0.60 23.30 32.84
C PRO E 179 -2.09 22.92 32.91
N GLN E 180 -2.73 22.67 31.77
CA GLN E 180 -4.12 22.21 31.73
C GLN E 180 -4.21 20.70 31.93
N THR E 181 -3.06 20.04 31.98
CA THR E 181 -2.97 18.58 31.99
C THR E 181 -3.66 17.89 33.16
N VAL E 182 -4.57 16.97 32.83
CA VAL E 182 -4.94 15.93 33.78
C VAL E 182 -4.51 14.64 33.10
N ILE E 183 -4.00 13.69 33.88
CA ILE E 183 -3.58 12.40 33.32
C ILE E 183 -4.59 11.31 33.67
N ALA E 184 -5.36 10.88 32.67
CA ALA E 184 -6.34 9.80 32.88
C ALA E 184 -5.67 8.42 32.95
N LEU E 185 -4.71 8.19 32.04
CA LEU E 185 -4.05 6.90 31.92
C LEU E 185 -2.56 7.09 31.67
N ALA E 186 -1.74 6.57 32.59
CA ALA E 186 -0.29 6.63 32.46
C ALA E 186 0.26 5.22 32.27
N TYR E 187 0.87 4.96 31.12
CA TYR E 187 1.34 3.62 30.82
C TYR E 187 2.85 3.55 30.81
N PHE E 188 3.40 2.90 31.82
CA PHE E 188 4.84 2.82 32.01
C PHE E 188 5.42 1.64 31.27
N ASP E 189 6.23 1.91 30.26
CA ASP E 189 6.87 0.82 29.52
C ASP E 189 8.33 1.19 29.28
N LEU E 190 8.98 1.73 30.31
CA LEU E 190 10.38 2.14 30.23
C LEU E 190 11.38 1.02 30.59
N ASP E 191 10.93 0.04 31.39
CA ASP E 191 11.78 -1.05 31.89
C ASP E 191 12.84 -0.64 32.94
N LEU E 192 13.42 0.55 32.81
CA LEU E 192 14.53 0.95 33.69
C LEU E 192 14.10 1.69 34.95
N TYR E 193 14.88 1.52 36.01
CA TYR E 193 14.57 2.11 37.32
C TYR E 193 14.58 3.63 37.33
N GLU E 194 15.67 4.22 36.89
CA GLU E 194 15.81 5.67 36.98
C GLU E 194 14.70 6.46 36.30
N PRO E 195 14.42 6.17 35.02
CA PRO E 195 13.42 7.02 34.35
C PRO E 195 12.02 6.75 34.90
N THR E 196 11.74 5.52 35.30
CA THR E 196 10.45 5.20 35.89
C THR E 196 10.26 5.98 37.18
N LYS E 197 11.29 5.97 38.03
CA LYS E 197 11.28 6.75 39.25
C LYS E 197 10.98 8.23 38.98
N ALA E 198 11.68 8.81 38.02
CA ALA E 198 11.56 10.24 37.76
C ALA E 198 10.18 10.60 37.24
N VAL E 199 9.63 9.77 36.37
CA VAL E 199 8.32 10.06 35.80
C VAL E 199 7.18 9.90 36.82
N LEU E 200 7.23 8.82 37.60
CA LEU E 200 6.28 8.63 38.69
C LEU E 200 6.17 9.86 39.60
N GLU E 201 7.31 10.47 39.88
CA GLU E 201 7.32 11.67 40.70
C GLU E 201 6.74 12.87 39.94
N ALA E 202 7.02 12.97 38.66
CA ALA E 202 6.57 14.12 37.88
C ALA E 202 5.05 14.11 37.65
N ILE E 203 4.48 12.93 37.38
CA ILE E 203 3.07 12.87 36.99
C ILE E 203 2.12 13.04 38.16
N ARG E 204 2.62 12.78 39.36
CA ARG E 204 1.77 12.71 40.53
C ARG E 204 0.81 13.89 40.75
N PRO E 205 1.26 15.14 40.56
CA PRO E 205 0.28 16.22 40.80
C PRO E 205 -0.82 16.29 39.75
N TYR E 206 -0.73 15.46 38.72
CA TYR E 206 -1.69 15.56 37.62
C TYR E 206 -2.69 14.41 37.59
N LEU E 207 -2.58 13.48 38.53
CA LEU E 207 -3.53 12.38 38.58
C LEU E 207 -4.76 12.80 39.41
N THR E 208 -5.92 12.26 39.07
CA THR E 208 -7.08 12.38 39.95
C THR E 208 -7.42 11.02 40.51
N LYS E 209 -8.28 10.98 41.52
CA LYS E 209 -8.76 9.70 42.00
C LYS E 209 -9.50 9.02 40.87
N GLY E 210 -9.08 7.82 40.53
CA GLY E 210 -9.68 7.10 39.42
C GLY E 210 -8.78 7.02 38.21
N SER E 211 -7.74 7.85 38.15
CA SER E 211 -6.77 7.75 37.04
C SER E 211 -6.07 6.39 37.15
N ILE E 212 -5.69 5.84 36.00
CA ILE E 212 -5.00 4.57 35.95
C ILE E 212 -3.51 4.75 35.70
N VAL E 213 -2.71 4.07 36.52
CA VAL E 213 -1.28 3.96 36.31
C VAL E 213 -0.98 2.49 36.09
N ALA E 214 -0.39 2.18 34.94
CA ALA E 214 -0.12 0.81 34.54
C ALA E 214 1.36 0.60 34.25
N PHE E 215 1.86 -0.59 34.60
CA PHE E 215 3.25 -0.97 34.39
C PHE E 215 3.27 -2.22 33.53
N ASP E 216 4.19 -2.29 32.57
CA ASP E 216 4.23 -3.43 31.67
C ASP E 216 5.08 -4.58 32.25
N GLU E 217 5.95 -4.28 33.20
CA GLU E 217 6.94 -5.27 33.64
C GLU E 217 7.16 -5.21 35.15
N LEU E 218 6.09 -4.98 35.92
CA LEU E 218 6.23 -4.73 37.35
C LEU E 218 6.92 -5.85 38.12
N ASP E 219 6.59 -7.10 37.80
CA ASP E 219 7.16 -8.22 38.55
C ASP E 219 8.04 -9.13 37.70
N ASN E 220 8.63 -8.56 36.66
CA ASN E 220 9.50 -9.29 35.77
C ASN E 220 10.92 -9.34 36.31
N PRO E 221 11.42 -10.55 36.62
CA PRO E 221 12.79 -10.78 37.11
C PRO E 221 13.86 -10.16 36.22
N LYS E 222 13.56 -10.02 34.92
CA LYS E 222 14.50 -9.42 33.99
C LYS E 222 14.58 -7.90 34.13
N TRP E 223 13.51 -7.29 34.61
CA TRP E 223 13.47 -5.82 34.72
C TRP E 223 12.92 -5.37 36.07
N PRO E 224 13.70 -5.53 37.15
CA PRO E 224 13.20 -5.19 38.48
C PRO E 224 13.08 -3.69 38.71
N GLY E 225 13.44 -2.90 37.71
CA GLY E 225 13.49 -1.45 37.82
C GLY E 225 12.18 -0.76 38.19
N GLU E 226 11.09 -1.17 37.58
CA GLU E 226 9.79 -0.58 37.86
C GLU E 226 9.33 -0.90 39.29
N ASN E 227 9.61 -2.10 39.75
CA ASN E 227 9.24 -2.51 41.10
C ASN E 227 10.01 -1.68 42.13
N ILE E 228 11.33 -1.65 41.97
CA ILE E 228 12.18 -0.86 42.86
C ILE E 228 11.71 0.60 42.91
N ALA E 229 11.33 1.14 41.75
CA ALA E 229 10.91 2.52 41.66
C ALA E 229 9.60 2.72 42.41
N MET E 230 8.64 1.86 42.13
CA MET E 230 7.34 1.89 42.80
C MET E 230 7.49 1.84 44.32
N ARG E 231 8.31 0.92 44.80
CA ARG E 231 8.48 0.72 46.24
C ARG E 231 9.09 1.96 46.86
N LYS E 232 9.98 2.60 46.12
CA LYS E 232 10.68 3.77 46.59
C LYS E 232 9.73 4.98 46.59
N VAL E 233 8.96 5.16 45.52
CA VAL E 233 8.12 6.36 45.43
C VAL E 233 6.79 6.26 46.19
N LEU E 234 6.10 5.13 46.06
CA LEU E 234 4.76 5.02 46.62
C LEU E 234 4.60 3.90 47.64
N GLY E 235 5.33 2.81 47.45
CA GLY E 235 5.08 1.60 48.21
C GLY E 235 4.08 0.76 47.44
N LEU E 236 4.27 -0.56 47.46
CA LEU E 236 3.43 -1.46 46.67
C LEU E 236 1.98 -1.51 47.15
N ASP E 237 1.72 -1.10 48.40
CA ASP E 237 0.35 -1.10 48.90
C ASP E 237 -0.22 0.31 48.99
N HIS E 238 0.38 1.24 48.26
CA HIS E 238 -0.16 2.59 48.18
C HIS E 238 -1.57 2.59 47.57
N ALA E 239 -1.77 1.72 46.58
CA ALA E 239 -3.07 1.49 45.95
C ALA E 239 -3.16 0.00 45.63
N PRO E 240 -4.34 -0.50 45.24
CA PRO E 240 -4.36 -1.92 44.89
C PRO E 240 -3.78 -2.18 43.50
N LEU E 241 -2.69 -2.94 43.42
CA LEU E 241 -2.13 -3.30 42.12
C LEU E 241 -2.88 -4.52 41.60
N ARG E 242 -3.26 -4.48 40.34
CA ARG E 242 -4.14 -5.51 39.81
C ARG E 242 -3.63 -6.04 38.48
N LEU E 243 -4.05 -7.25 38.16
CA LEU E 243 -3.84 -7.80 36.83
C LEU E 243 -5.22 -7.91 36.24
N LEU E 244 -5.29 -7.96 34.92
CA LEU E 244 -6.46 -8.50 34.26
C LEU E 244 -6.27 -10.02 34.29
N PRO E 245 -7.22 -10.76 34.90
CA PRO E 245 -7.02 -12.20 35.15
C PRO E 245 -6.53 -12.97 33.93
N GLY E 246 -5.55 -13.85 34.14
CA GLY E 246 -5.01 -14.68 33.07
C GLY E 246 -3.84 -14.07 32.32
N ARG E 247 -3.45 -12.86 32.68
CA ARG E 247 -2.36 -12.17 31.99
C ARG E 247 -1.34 -11.63 32.97
N PRO E 248 -0.06 -11.93 32.74
CA PRO E 248 1.01 -11.49 33.65
C PRO E 248 1.17 -9.98 33.66
N ALA E 249 0.92 -9.34 32.52
CA ALA E 249 1.00 -7.89 32.40
C ALA E 249 -0.18 -7.38 31.58
N PRO E 250 -0.56 -6.11 31.76
CA PRO E 250 0.02 -5.10 32.64
C PRO E 250 -0.43 -5.25 34.07
N ALA E 251 0.35 -4.70 35.00
CA ALA E 251 -0.15 -4.50 36.34
C ALA E 251 -0.57 -3.04 36.44
N TYR E 252 -1.73 -2.78 37.04
CA TYR E 252 -2.23 -1.42 37.09
C TYR E 252 -2.92 -1.10 38.40
N LEU E 253 -2.99 0.18 38.71
CA LEU E 253 -3.70 0.64 39.88
C LEU E 253 -4.63 1.78 39.48
N ARG E 254 -5.69 1.94 40.25
CA ARG E 254 -6.62 3.05 40.13
C ARG E 254 -6.24 4.01 41.25
N TRP E 255 -5.70 5.16 40.89
CA TRP E 255 -5.25 6.16 41.86
C TRP E 255 -6.31 6.44 42.91
N GLY E 256 -5.88 6.49 44.17
CA GLY E 256 -6.78 6.82 45.26
C GLY E 256 -7.46 5.63 45.91
N ASP E 257 -7.50 4.49 45.22
CA ASP E 257 -8.16 3.29 45.75
C ASP E 257 -7.38 2.64 46.90
N GLN F 7 -32.65 5.61 -8.04
CA GLN F 7 -32.23 5.01 -6.78
C GLN F 7 -31.44 6.00 -5.91
N ASP F 8 -30.34 6.50 -6.45
CA ASP F 8 -29.33 7.25 -5.69
C ASP F 8 -28.60 6.31 -4.74
N LEU F 9 -27.35 6.03 -5.07
CA LEU F 9 -26.52 5.11 -4.30
C LEU F 9 -26.09 5.68 -2.94
N ARG F 10 -26.22 6.99 -2.77
CA ARG F 10 -25.79 7.63 -1.53
C ARG F 10 -26.67 7.32 -0.31
N ALA F 11 -27.82 6.69 -0.52
CA ALA F 11 -28.65 6.27 0.61
C ALA F 11 -28.12 4.96 1.19
N PHE F 12 -27.19 4.33 0.47
CA PHE F 12 -26.52 3.14 0.98
C PHE F 12 -25.32 3.56 1.80
N VAL F 13 -25.01 2.75 2.81
CA VAL F 13 -23.85 3.04 3.63
C VAL F 13 -22.59 2.95 2.78
N HIS F 14 -21.83 4.03 2.73
CA HIS F 14 -20.58 4.02 1.98
C HIS F 14 -19.54 4.82 2.74
N ASP F 15 -18.27 4.57 2.44
CA ASP F 15 -17.15 5.23 3.09
C ASP F 15 -17.15 6.72 2.78
N SER F 16 -16.80 7.53 3.77
CA SER F 16 -16.66 8.95 3.54
C SER F 16 -15.35 9.16 2.78
N PRO F 17 -15.18 10.35 2.18
CA PRO F 17 -13.86 10.69 1.60
C PRO F 17 -12.73 10.52 2.62
N GLU F 18 -12.96 10.89 3.88
CA GLU F 18 -11.93 10.74 4.91
C GLU F 18 -11.65 9.29 5.29
N GLU F 19 -12.70 8.47 5.35
CA GLU F 19 -12.50 7.05 5.67
C GLU F 19 -11.64 6.40 4.58
N THR F 20 -11.96 6.69 3.33
CA THR F 20 -11.18 6.22 2.18
C THR F 20 -9.72 6.68 2.28
N GLU F 21 -9.52 7.96 2.60
CA GLU F 21 -8.17 8.49 2.79
C GLU F 21 -7.40 7.72 3.88
N THR F 22 -8.00 7.58 5.07
CA THR F 22 -7.38 6.83 6.16
C THR F 22 -6.93 5.43 5.73
N THR F 23 -7.80 4.76 4.99
CA THR F 23 -7.58 3.38 4.57
C THR F 23 -6.44 3.26 3.57
N GLN F 24 -6.38 4.20 2.64
CA GLN F 24 -5.31 4.20 1.64
C GLN F 24 -3.98 4.59 2.27
N ARG F 25 -4.00 5.58 3.16
CA ARG F 25 -2.75 6.00 3.80
C ARG F 25 -2.18 4.86 4.62
N LEU F 26 -3.01 4.20 5.40
CA LEU F 26 -2.55 3.11 6.25
C LEU F 26 -2.02 1.95 5.42
N THR F 27 -2.70 1.67 4.32
CA THR F 27 -2.25 0.63 3.40
C THR F 27 -0.83 0.96 2.93
N LYS F 28 -0.61 2.21 2.53
CA LYS F 28 0.71 2.60 2.04
C LYS F 28 1.76 2.56 3.14
N LEU F 29 1.37 2.96 4.34
CA LEU F 29 2.31 3.00 5.45
C LEU F 29 2.68 1.59 5.93
N LEU F 30 1.80 0.64 5.65
CA LEU F 30 2.07 -0.73 6.04
C LEU F 30 3.03 -1.40 5.05
N THR F 31 2.78 -1.16 3.76
CA THR F 31 3.49 -1.85 2.70
C THR F 31 4.84 -1.18 2.43
N ASN F 32 5.04 0.01 2.97
CA ASN F 32 6.26 0.75 2.70
C ASN F 32 6.78 1.35 4.02
N SER F 33 7.19 0.48 4.93
CA SER F 33 7.50 0.83 6.32
C SER F 33 8.98 0.67 6.70
N PRO F 34 9.47 1.54 7.58
CA PRO F 34 10.83 1.40 8.12
C PRO F 34 10.91 0.36 9.25
N ILE F 35 9.76 -0.14 9.70
CA ILE F 35 9.74 -1.20 10.69
C ILE F 35 10.39 -2.44 10.11
N PRO F 36 11.34 -3.06 10.83
CA PRO F 36 11.97 -4.32 10.42
C PRO F 36 10.88 -5.37 10.11
N THR F 37 11.07 -6.17 9.08
CA THR F 37 10.02 -7.09 8.65
C THR F 37 9.54 -8.04 9.75
N GLU F 38 10.45 -8.58 10.54
CA GLU F 38 10.07 -9.51 11.61
C GLU F 38 9.34 -8.83 12.79
N GLU F 39 9.15 -7.51 12.73
CA GLU F 39 8.41 -6.80 13.78
C GLU F 39 7.02 -6.32 13.34
N LEU F 40 6.71 -6.43 12.05
CA LEU F 40 5.39 -6.02 11.56
C LEU F 40 4.24 -6.67 12.29
N VAL F 41 4.26 -7.99 12.40
CA VAL F 41 3.23 -8.69 13.14
C VAL F 41 3.20 -8.38 14.64
N ASN F 42 4.13 -7.53 15.10
CA ASN F 42 4.12 -7.10 16.50
C ASN F 42 3.65 -5.67 16.65
N ASN F 43 3.21 -5.09 15.53
CA ASN F 43 2.77 -3.69 15.50
C ASN F 43 1.60 -3.46 14.59
N LEU F 44 0.85 -4.52 14.29
CA LEU F 44 -0.38 -4.40 13.50
C LEU F 44 -1.37 -3.29 13.92
N PRO F 45 -1.55 -3.04 15.23
CA PRO F 45 -2.50 -1.97 15.58
C PRO F 45 -2.14 -0.59 15.02
N LEU F 46 -0.90 -0.40 14.57
CA LEU F 46 -0.56 0.85 13.91
C LEU F 46 -1.46 1.03 12.70
N PHE F 47 -1.84 -0.09 12.08
CA PHE F 47 -2.54 -0.03 10.79
C PHE F 47 -4.00 -0.45 10.88
N LEU F 48 -4.45 -0.71 12.10
CA LEU F 48 -5.83 -1.11 12.36
C LEU F 48 -6.72 0.11 12.76
N ARG F 49 -7.49 0.60 11.81
CA ARG F 49 -8.28 1.82 12.01
C ARG F 49 -9.57 1.56 12.81
N ARG F 50 -10.19 2.64 13.28
CA ARG F 50 -11.39 2.56 14.14
C ARG F 50 -12.42 1.54 13.67
N HIS F 51 -12.77 1.62 12.40
CA HIS F 51 -13.83 0.77 11.83
C HIS F 51 -13.51 -0.73 11.96
N GLN F 52 -12.26 -1.10 11.70
CA GLN F 52 -11.84 -2.50 11.84
C GLN F 52 -11.54 -2.89 13.29
N MET F 53 -11.09 -1.94 14.10
CA MET F 53 -10.95 -2.16 15.54
C MET F 53 -12.33 -2.50 16.12
N THR F 54 -13.35 -1.78 15.64
CA THR F 54 -14.70 -1.98 16.13
C THR F 54 -15.19 -3.38 15.85
N ASP F 55 -14.97 -3.85 14.62
CA ASP F 55 -15.33 -5.20 14.25
C ASP F 55 -14.65 -6.23 15.17
N LEU F 56 -13.37 -5.98 15.48
CA LEU F 56 -12.62 -6.87 16.37
C LEU F 56 -13.23 -6.87 17.77
N LEU F 57 -13.43 -5.69 18.36
CA LEU F 57 -14.06 -5.61 19.68
C LEU F 57 -15.45 -6.29 19.68
N SER F 58 -16.19 -6.18 18.58
CA SER F 58 -17.49 -6.83 18.47
C SER F 58 -17.38 -8.36 18.51
N MET F 59 -16.47 -8.94 17.73
CA MET F 59 -16.28 -10.38 17.75
C MET F 59 -15.87 -10.84 19.15
N ASP F 60 -15.03 -10.04 19.81
CA ASP F 60 -14.61 -10.34 21.16
C ASP F 60 -15.79 -10.37 22.11
N ALA F 61 -16.68 -9.36 22.01
CA ALA F 61 -17.85 -9.31 22.86
C ALA F 61 -18.75 -10.52 22.61
N LEU F 62 -18.93 -10.89 21.35
CA LEU F 62 -19.77 -12.06 21.06
C LEU F 62 -19.13 -13.35 21.59
N TYR F 63 -17.82 -13.50 21.38
CA TYR F 63 -17.08 -14.66 21.89
C TYR F 63 -17.22 -14.75 23.42
N ARG F 64 -17.03 -13.64 24.12
CA ARG F 64 -17.12 -13.66 25.58
C ARG F 64 -18.48 -14.13 26.12
N GLN F 65 -19.54 -13.91 25.35
CA GLN F 65 -20.88 -14.35 25.77
C GLN F 65 -21.14 -15.86 25.63
N VAL F 66 -20.28 -16.58 24.90
CA VAL F 66 -20.44 -18.03 24.78
C VAL F 66 -19.32 -18.86 25.41
N LEU F 67 -18.50 -18.22 26.25
CA LEU F 67 -17.43 -18.94 26.95
C LEU F 67 -17.99 -19.99 27.89
N ASP F 68 -19.22 -19.79 28.34
CA ASP F 68 -19.86 -20.78 29.21
C ASP F 68 -20.90 -21.62 28.44
N VAL F 69 -20.76 -21.69 27.12
CA VAL F 69 -21.69 -22.43 26.27
C VAL F 69 -20.92 -23.46 25.46
N PRO F 70 -21.38 -24.71 25.47
CA PRO F 70 -20.57 -25.70 24.75
C PRO F 70 -20.78 -25.55 23.24
N GLY F 71 -19.89 -26.12 22.44
CA GLY F 71 -20.12 -26.15 21.01
C GLY F 71 -19.09 -25.44 20.13
N VAL F 72 -19.39 -25.40 18.84
CA VAL F 72 -18.46 -24.85 17.87
C VAL F 72 -18.86 -23.44 17.42
N ILE F 73 -17.92 -22.75 16.80
CA ILE F 73 -18.18 -21.45 16.21
C ILE F 73 -18.26 -21.62 14.71
N MET F 74 -19.33 -21.12 14.11
CA MET F 74 -19.49 -21.17 12.67
C MET F 74 -19.64 -19.76 12.12
N GLU F 75 -18.92 -19.48 11.03
CA GLU F 75 -19.18 -18.31 10.21
C GLU F 75 -19.67 -18.71 8.82
N PHE F 76 -20.76 -18.10 8.39
CA PHE F 76 -21.29 -18.34 7.06
C PHE F 76 -21.02 -17.11 6.20
N GLY F 77 -20.05 -17.22 5.31
CA GLY F 77 -19.59 -16.06 4.57
C GLY F 77 -18.30 -15.55 5.16
N VAL F 78 -17.18 -16.01 4.60
CA VAL F 78 -15.87 -15.85 5.21
C VAL F 78 -15.02 -14.82 4.48
N ARG F 79 -15.21 -14.74 3.16
CA ARG F 79 -14.38 -13.96 2.26
C ARG F 79 -12.89 -14.18 2.50
N PHE F 80 -12.16 -13.13 2.87
CA PHE F 80 -10.73 -13.30 3.13
C PHE F 80 -10.44 -13.95 4.48
N GLY F 81 -11.46 -14.03 5.32
CA GLY F 81 -11.33 -14.70 6.61
C GLY F 81 -11.00 -13.81 7.79
N ARG F 82 -11.34 -12.53 7.70
CA ARG F 82 -11.13 -11.58 8.79
C ARG F 82 -11.59 -12.12 10.15
N HIS F 83 -12.80 -12.64 10.19
CA HIS F 83 -13.39 -13.13 11.43
C HIS F 83 -12.79 -14.44 11.92
N LEU F 84 -12.38 -15.29 10.97
CA LEU F 84 -11.79 -16.58 11.32
C LEU F 84 -10.45 -16.36 12.00
N GLY F 85 -9.68 -15.41 11.48
CA GLY F 85 -8.41 -15.03 12.10
C GLY F 85 -8.66 -14.51 13.51
N THR F 86 -9.71 -13.72 13.66
CA THR F 86 -10.06 -13.16 14.96
C THR F 86 -10.42 -14.26 15.95
N PHE F 87 -11.31 -15.16 15.56
CA PHE F 87 -11.74 -16.22 16.47
C PHE F 87 -10.58 -17.12 16.86
N ALA F 88 -9.67 -17.34 15.93
CA ALA F 88 -8.54 -18.25 16.15
C ALA F 88 -7.64 -17.66 17.23
N ALA F 89 -7.42 -16.35 17.15
CA ALA F 89 -6.67 -15.65 18.17
C ALA F 89 -7.44 -15.64 19.52
N LEU F 90 -8.73 -15.31 19.47
CA LEU F 90 -9.52 -15.19 20.70
C LEU F 90 -9.63 -16.52 21.42
N ARG F 91 -9.68 -17.61 20.63
CA ARG F 91 -9.76 -18.95 21.21
C ARG F 91 -8.49 -19.20 22.03
N GLY F 92 -7.37 -18.68 21.53
CA GLY F 92 -6.12 -18.74 22.26
C GLY F 92 -6.19 -17.98 23.56
N VAL F 93 -6.71 -16.76 23.50
CA VAL F 93 -6.77 -15.90 24.68
C VAL F 93 -7.57 -16.55 25.83
N TYR F 94 -8.76 -17.08 25.50
CA TYR F 94 -9.73 -17.48 26.49
C TYR F 94 -9.80 -18.97 26.76
N GLU F 95 -9.41 -19.78 25.79
CA GLU F 95 -9.67 -21.22 25.90
C GLU F 95 -8.49 -22.12 25.50
N PRO F 96 -7.35 -21.96 26.17
CA PRO F 96 -6.22 -22.84 25.87
C PRO F 96 -6.61 -24.32 26.05
N TYR F 97 -7.51 -24.61 26.98
CA TYR F 97 -7.79 -25.99 27.35
C TYR F 97 -9.05 -26.58 26.71
N ASN F 98 -9.63 -25.87 25.74
CA ASN F 98 -10.80 -26.40 25.04
C ASN F 98 -10.54 -26.79 23.57
N PRO F 99 -10.13 -28.05 23.36
CA PRO F 99 -9.86 -28.56 22.01
C PRO F 99 -11.13 -28.83 21.20
N LEU F 100 -12.30 -28.68 21.81
CA LEU F 100 -13.56 -28.96 21.12
C LEU F 100 -14.16 -27.71 20.51
N ARG F 101 -13.63 -26.53 20.86
CA ARG F 101 -14.12 -25.29 20.26
C ARG F 101 -13.63 -25.19 18.82
N ARG F 102 -14.32 -25.89 17.93
CA ARG F 102 -13.95 -25.90 16.53
C ARG F 102 -14.43 -24.60 15.89
N ILE F 103 -13.61 -24.05 15.01
CA ILE F 103 -14.03 -22.92 14.19
C ILE F 103 -14.25 -23.45 12.78
N VAL F 104 -15.46 -23.27 12.28
CA VAL F 104 -15.83 -23.74 10.94
C VAL F 104 -16.30 -22.57 10.09
N GLY F 105 -15.66 -22.39 8.95
CA GLY F 105 -16.08 -21.36 8.00
C GLY F 105 -16.59 -21.94 6.70
N PHE F 106 -17.73 -21.43 6.24
CA PHE F 106 -18.35 -21.85 4.99
C PHE F 106 -18.32 -20.72 3.98
N ASP F 107 -17.97 -21.05 2.75
CA ASP F 107 -18.00 -20.10 1.65
C ASP F 107 -17.81 -20.81 0.30
N THR F 108 -18.25 -20.18 -0.78
CA THR F 108 -17.92 -20.68 -2.10
C THR F 108 -16.47 -20.33 -2.39
N PHE F 109 -16.03 -19.23 -1.80
CA PHE F 109 -14.74 -18.62 -2.11
C PHE F 109 -14.64 -18.19 -3.59
N THR F 110 -15.79 -18.14 -4.26
CA THR F 110 -15.89 -17.69 -5.65
C THR F 110 -16.99 -16.62 -5.73
N GLY F 111 -17.40 -16.14 -4.56
CA GLY F 111 -18.37 -15.07 -4.49
C GLY F 111 -19.80 -15.58 -4.55
N PHE F 112 -20.74 -14.65 -4.67
CA PHE F 112 -22.16 -14.98 -4.76
C PHE F 112 -22.40 -16.01 -5.85
N PRO F 113 -22.93 -17.17 -5.47
CA PRO F 113 -23.27 -18.22 -6.44
C PRO F 113 -24.41 -17.78 -7.38
N ASP F 114 -25.36 -17.02 -6.84
CA ASP F 114 -26.55 -16.54 -7.56
C ASP F 114 -27.42 -15.75 -6.60
N VAL F 115 -28.13 -14.74 -7.11
CA VAL F 115 -28.95 -13.90 -6.24
C VAL F 115 -30.46 -14.01 -6.52
N ASN F 116 -31.25 -13.79 -5.47
CA ASN F 116 -32.70 -13.72 -5.58
C ASN F 116 -33.07 -12.29 -5.94
N ASP F 117 -34.29 -12.07 -6.43
CA ASP F 117 -34.72 -10.72 -6.83
C ASP F 117 -34.71 -9.74 -5.65
N VAL F 118 -35.18 -10.18 -4.49
CA VAL F 118 -35.16 -9.35 -3.28
C VAL F 118 -33.77 -8.83 -2.88
N ASP F 119 -32.70 -9.48 -3.37
CA ASP F 119 -31.34 -9.09 -3.01
C ASP F 119 -30.81 -7.98 -3.91
N ARG F 120 -31.52 -7.70 -5.01
CA ARG F 120 -31.04 -6.75 -6.01
C ARG F 120 -31.49 -5.31 -5.76
N VAL F 121 -31.22 -4.80 -4.57
CA VAL F 121 -31.51 -3.41 -4.26
C VAL F 121 -30.38 -2.52 -4.78
N GLY F 122 -29.14 -2.93 -4.52
CA GLY F 122 -27.98 -2.19 -4.96
C GLY F 122 -27.27 -2.83 -6.13
N PRO F 123 -26.25 -2.14 -6.68
CA PRO F 123 -25.54 -2.53 -7.90
C PRO F 123 -24.39 -3.53 -7.69
N THR F 124 -24.30 -4.15 -6.52
CA THR F 124 -23.25 -5.14 -6.28
C THR F 124 -23.80 -6.56 -6.18
N ALA F 125 -25.11 -6.70 -6.37
CA ALA F 125 -25.78 -7.98 -6.15
C ALA F 125 -25.78 -8.89 -7.39
N TYR F 126 -24.60 -9.37 -7.77
CA TYR F 126 -24.46 -10.25 -8.93
C TYR F 126 -23.61 -11.50 -8.63
N GLN F 127 -23.62 -12.47 -9.54
CA GLN F 127 -22.79 -13.67 -9.38
C GLN F 127 -21.31 -13.31 -9.42
N GLY F 128 -20.53 -13.93 -8.54
CA GLY F 128 -19.09 -13.69 -8.48
C GLY F 128 -18.66 -12.59 -7.52
N ARG F 129 -19.62 -11.81 -7.01
CA ARG F 129 -19.31 -10.71 -6.08
C ARG F 129 -18.66 -11.19 -4.78
N PHE F 130 -17.56 -10.52 -4.40
CA PHE F 130 -16.76 -10.86 -3.22
C PHE F 130 -15.95 -12.14 -3.41
N ALA F 131 -15.73 -12.53 -4.67
CA ALA F 131 -14.92 -13.71 -4.96
C ALA F 131 -13.48 -13.47 -4.50
N VAL F 132 -12.84 -14.52 -4.04
CA VAL F 132 -11.43 -14.45 -3.68
C VAL F 132 -10.63 -15.29 -4.68
N PRO F 133 -9.35 -14.96 -4.88
CA PRO F 133 -8.57 -15.63 -5.93
C PRO F 133 -8.55 -17.15 -5.81
N GLY F 134 -8.32 -17.83 -6.93
CA GLY F 134 -8.07 -19.26 -6.92
C GLY F 134 -6.92 -19.60 -5.99
N GLY F 135 -7.05 -20.72 -5.27
CA GLY F 135 -6.04 -21.13 -4.32
C GLY F 135 -6.13 -20.44 -2.96
N TYR F 136 -7.04 -19.48 -2.82
CA TYR F 136 -7.16 -18.73 -1.56
C TYR F 136 -7.44 -19.60 -0.31
N PRO F 137 -8.45 -20.48 -0.38
CA PRO F 137 -8.66 -21.39 0.75
C PRO F 137 -7.38 -22.05 1.29
N ALA F 138 -6.50 -22.52 0.43
CA ALA F 138 -5.27 -23.14 0.91
C ALA F 138 -4.40 -22.13 1.67
N TYR F 139 -4.41 -20.88 1.25
CA TYR F 139 -3.64 -19.86 1.96
C TYR F 139 -4.25 -19.62 3.35
N LEU F 140 -5.57 -19.50 3.37
CA LEU F 140 -6.28 -19.22 4.59
C LEU F 140 -6.08 -20.35 5.60
N LYS F 141 -5.93 -21.59 5.09
CA LYS F 141 -5.66 -22.72 5.96
C LYS F 141 -4.24 -22.61 6.51
N GLU F 142 -3.34 -22.03 5.70
CA GLU F 142 -1.97 -21.78 6.17
C GLU F 142 -1.96 -20.79 7.31
N VAL F 143 -2.72 -19.71 7.15
CA VAL F 143 -2.84 -18.71 8.20
C VAL F 143 -3.41 -19.35 9.48
N LEU F 144 -4.50 -20.09 9.35
CA LEU F 144 -5.10 -20.75 10.52
C LEU F 144 -4.16 -21.76 11.18
N ASP F 145 -3.52 -22.62 10.37
CA ASP F 145 -2.55 -23.60 10.90
C ASP F 145 -1.42 -22.90 11.65
N ALA F 146 -1.01 -21.74 11.15
CA ALA F 146 0.06 -20.96 11.76
C ALA F 146 -0.29 -20.53 13.19
N HIS F 147 -1.54 -20.11 13.39
CA HIS F 147 -2.03 -19.77 14.72
C HIS F 147 -2.01 -20.99 15.62
N GLU F 148 -2.53 -22.10 15.11
CA GLU F 148 -2.74 -23.30 15.90
C GLU F 148 -1.44 -23.98 16.30
N CYS F 149 -0.39 -23.70 15.56
CA CYS F 149 0.94 -24.25 15.85
C CYS F 149 1.33 -24.01 17.32
N SER F 150 0.94 -22.86 17.86
CA SER F 150 1.34 -22.52 19.24
C SER F 150 0.24 -22.69 20.29
N ASP F 151 -0.93 -23.19 19.89
CA ASP F 151 -2.02 -23.49 20.82
C ASP F 151 -1.62 -24.60 21.80
N PHE F 152 -2.20 -24.59 23.00
CA PHE F 152 -1.94 -25.64 23.97
C PHE F 152 -2.37 -26.97 23.39
N PHE F 153 -3.48 -26.96 22.64
CA PHE F 153 -3.94 -28.18 21.99
C PHE F 153 -3.56 -28.24 20.50
N GLY F 154 -2.39 -27.71 20.17
CA GLY F 154 -1.92 -27.67 18.79
C GLY F 154 -1.72 -29.03 18.13
N HIS F 155 -1.64 -30.10 18.91
CA HIS F 155 -1.48 -31.45 18.34
C HIS F 155 -2.80 -32.05 17.86
N VAL F 156 -3.91 -31.40 18.20
CA VAL F 156 -5.22 -31.86 17.76
C VAL F 156 -5.58 -31.14 16.46
N THR F 157 -5.73 -31.92 15.39
CA THR F 157 -6.02 -31.36 14.08
C THR F 157 -7.51 -31.08 13.91
N GLN F 158 -7.85 -30.40 12.82
CA GLN F 158 -9.24 -30.11 12.49
C GLN F 158 -9.98 -29.28 13.53
N ARG F 159 -9.28 -28.35 14.18
CA ARG F 159 -9.94 -27.42 15.09
C ARG F 159 -10.31 -26.15 14.32
N SER F 160 -9.73 -26.01 13.13
CA SER F 160 -10.14 -24.99 12.15
C SER F 160 -10.51 -25.70 10.87
N VAL F 161 -11.66 -25.37 10.33
CA VAL F 161 -12.14 -26.05 9.15
C VAL F 161 -12.74 -25.06 8.16
N LEU F 162 -12.26 -25.10 6.93
CA LEU F 162 -12.85 -24.40 5.80
C LEU F 162 -13.66 -25.38 4.96
N VAL F 163 -14.95 -25.07 4.79
CA VAL F 163 -15.82 -25.89 3.98
C VAL F 163 -16.21 -25.11 2.71
N GLU F 164 -15.72 -25.59 1.58
CA GLU F 164 -15.91 -24.93 0.30
C GLU F 164 -17.17 -25.41 -0.38
N GLY F 165 -17.98 -24.47 -0.85
CA GLY F 165 -19.18 -24.82 -1.58
C GLY F 165 -20.34 -23.91 -1.26
N ASP F 166 -21.52 -24.28 -1.75
CA ASP F 166 -22.74 -23.54 -1.50
C ASP F 166 -23.31 -24.02 -0.17
N VAL F 167 -23.46 -23.10 0.78
CA VAL F 167 -23.95 -23.45 2.12
C VAL F 167 -25.27 -24.23 2.10
N ARG F 168 -26.08 -24.02 1.06
CA ARG F 168 -27.35 -24.73 0.92
C ARG F 168 -27.13 -26.23 0.95
N GLU F 169 -25.99 -26.66 0.39
CA GLU F 169 -25.62 -28.08 0.38
C GLU F 169 -24.60 -28.42 1.45
N THR F 170 -23.60 -27.56 1.62
CA THR F 170 -22.47 -27.89 2.48
C THR F 170 -22.80 -27.85 3.96
N VAL F 171 -23.68 -26.94 4.37
CA VAL F 171 -24.05 -26.85 5.77
C VAL F 171 -24.76 -28.12 6.26
N PRO F 172 -25.86 -28.53 5.58
CA PRO F 172 -26.49 -29.77 6.03
C PRO F 172 -25.55 -30.98 5.91
N ARG F 173 -24.69 -30.98 4.91
CA ARG F 173 -23.72 -32.04 4.75
C ARG F 173 -22.77 -32.06 5.96
N TYR F 174 -22.20 -30.90 6.29
CA TYR F 174 -21.32 -30.83 7.45
C TYR F 174 -22.02 -31.34 8.73
N LEU F 175 -23.26 -30.92 8.93
CA LEU F 175 -24.02 -31.30 10.12
C LEU F 175 -24.26 -32.81 10.20
N ALA F 176 -24.65 -33.42 9.08
CA ALA F 176 -24.92 -34.87 9.03
C ALA F 176 -23.66 -35.66 9.33
N GLU F 177 -22.52 -35.14 8.90
CA GLU F 177 -21.26 -35.83 9.12
C GLU F 177 -20.72 -35.55 10.53
N ASN F 178 -21.29 -34.56 11.20
CA ASN F 178 -20.85 -34.20 12.54
C ASN F 178 -21.99 -34.21 13.56
N PRO F 179 -22.47 -35.41 13.95
CA PRO F 179 -23.62 -35.51 14.86
C PRO F 179 -23.34 -35.07 16.29
N GLN F 180 -22.08 -34.80 16.61
CA GLN F 180 -21.73 -34.35 17.94
C GLN F 180 -21.87 -32.84 18.06
N THR F 181 -22.23 -32.18 16.96
CA THR F 181 -22.22 -30.73 16.88
C THR F 181 -23.16 -30.07 17.85
N VAL F 182 -22.64 -29.10 18.61
CA VAL F 182 -23.46 -28.12 19.29
C VAL F 182 -22.97 -26.78 18.75
N ILE F 183 -23.87 -25.86 18.49
CA ILE F 183 -23.42 -24.57 17.96
C ILE F 183 -23.55 -23.47 18.99
N ALA F 184 -22.40 -22.91 19.36
CA ALA F 184 -22.35 -21.90 20.42
C ALA F 184 -22.52 -20.52 19.82
N LEU F 185 -21.92 -20.33 18.66
CA LEU F 185 -21.97 -19.04 17.98
C LEU F 185 -22.11 -19.29 16.48
N ALA F 186 -23.16 -18.71 15.90
CA ALA F 186 -23.39 -18.78 14.47
C ALA F 186 -23.39 -17.36 13.92
N TYR F 187 -22.40 -17.07 13.08
CA TYR F 187 -22.26 -15.72 12.55
C TYR F 187 -22.67 -15.71 11.07
N PHE F 188 -23.72 -14.96 10.76
CA PHE F 188 -24.26 -14.90 9.41
C PHE F 188 -23.72 -13.69 8.67
N ASP F 189 -23.08 -13.94 7.54
CA ASP F 189 -22.52 -12.86 6.73
C ASP F 189 -22.62 -13.22 5.24
N LEU F 190 -23.71 -13.89 4.87
CA LEU F 190 -23.99 -14.27 3.49
C LEU F 190 -24.67 -13.16 2.67
N ASP F 191 -25.27 -12.17 3.32
CA ASP F 191 -25.96 -11.06 2.65
C ASP F 191 -27.27 -11.46 1.96
N LEU F 192 -27.30 -12.64 1.34
CA LEU F 192 -28.42 -13.05 0.47
C LEU F 192 -29.53 -13.82 1.19
N TYR F 193 -30.75 -13.71 0.69
CA TYR F 193 -31.95 -14.28 1.32
C TYR F 193 -32.00 -15.81 1.42
N GLU F 194 -31.99 -16.49 0.29
CA GLU F 194 -32.11 -17.95 0.27
C GLU F 194 -31.04 -18.72 1.06
N PRO F 195 -29.75 -18.38 0.90
CA PRO F 195 -28.78 -19.16 1.68
C PRO F 195 -28.93 -18.91 3.18
N THR F 196 -29.22 -17.68 3.59
CA THR F 196 -29.51 -17.37 4.99
C THR F 196 -30.68 -18.19 5.50
N LYS F 197 -31.74 -18.26 4.71
CA LYS F 197 -32.92 -19.02 5.10
C LYS F 197 -32.58 -20.50 5.28
N ALA F 198 -31.90 -21.07 4.29
CA ALA F 198 -31.52 -22.47 4.35
C ALA F 198 -30.64 -22.77 5.57
N VAL F 199 -29.64 -21.94 5.78
CA VAL F 199 -28.73 -22.18 6.90
C VAL F 199 -29.44 -22.03 8.25
N LEU F 200 -30.31 -21.02 8.37
CA LEU F 200 -31.14 -20.85 9.59
C LEU F 200 -31.94 -22.09 9.93
N GLU F 201 -32.66 -22.62 8.94
CA GLU F 201 -33.47 -23.81 9.16
C GLU F 201 -32.58 -24.99 9.54
N ALA F 202 -31.38 -25.03 8.97
CA ALA F 202 -30.51 -26.18 9.17
C ALA F 202 -29.88 -26.21 10.57
N ILE F 203 -29.43 -25.05 11.06
CA ILE F 203 -28.67 -25.01 12.30
C ILE F 203 -29.55 -25.10 13.54
N ARG F 204 -30.85 -24.88 13.38
CA ARG F 204 -31.74 -24.85 14.53
C ARG F 204 -31.66 -26.03 15.54
N PRO F 205 -31.63 -27.29 15.06
CA PRO F 205 -31.58 -28.38 16.05
C PRO F 205 -30.26 -28.47 16.84
N TYR F 206 -29.27 -27.67 16.46
CA TYR F 206 -27.95 -27.73 17.09
C TYR F 206 -27.67 -26.53 18.00
N LEU F 207 -28.64 -25.65 18.15
CA LEU F 207 -28.54 -24.51 19.06
C LEU F 207 -29.00 -24.94 20.45
N THR F 208 -28.36 -24.40 21.47
CA THR F 208 -28.90 -24.52 22.82
C THR F 208 -29.39 -23.15 23.24
N LYS F 209 -30.10 -23.09 24.37
CA LYS F 209 -30.48 -21.80 24.91
C LYS F 209 -29.22 -21.15 25.41
N GLY F 210 -29.02 -19.91 25.02
CA GLY F 210 -27.77 -19.23 25.32
C GLY F 210 -26.84 -19.19 24.12
N SER F 211 -27.04 -20.06 23.13
CA SER F 211 -26.27 -19.96 21.88
C SER F 211 -26.54 -18.60 21.27
N ILE F 212 -25.52 -18.02 20.65
CA ILE F 212 -25.66 -16.73 19.99
C ILE F 212 -25.82 -16.91 18.48
N VAL F 213 -26.83 -16.24 17.93
CA VAL F 213 -27.02 -16.17 16.50
C VAL F 213 -26.85 -14.71 16.11
N ALA F 214 -25.87 -14.42 15.26
CA ALA F 214 -25.54 -13.03 14.96
C ALA F 214 -25.62 -12.75 13.47
N PHE F 215 -26.00 -11.51 13.13
CA PHE F 215 -26.18 -11.10 11.74
C PHE F 215 -25.44 -9.81 11.45
N ASP F 216 -24.65 -9.83 10.37
CA ASP F 216 -23.89 -8.67 9.90
C ASP F 216 -24.72 -7.60 9.17
N GLU F 217 -25.84 -7.99 8.55
CA GLU F 217 -26.57 -7.06 7.66
C GLU F 217 -28.09 -6.94 7.90
N LEU F 218 -28.54 -7.30 9.10
CA LEU F 218 -29.97 -7.46 9.37
C LEU F 218 -30.90 -6.29 9.00
N ASP F 219 -30.45 -5.06 9.17
CA ASP F 219 -31.27 -3.91 8.80
C ASP F 219 -30.61 -2.99 7.78
N ASN F 220 -29.78 -3.57 6.92
CA ASN F 220 -29.13 -2.83 5.85
C ASN F 220 -30.05 -2.80 4.63
N PRO F 221 -30.40 -1.59 4.15
CA PRO F 221 -31.25 -1.43 2.97
C PRO F 221 -30.66 -2.16 1.77
N LYS F 222 -29.34 -2.10 1.63
CA LYS F 222 -28.69 -2.71 0.48
C LYS F 222 -28.87 -4.22 0.45
N TRP F 223 -28.89 -4.86 1.62
CA TRP F 223 -29.04 -6.31 1.69
C TRP F 223 -30.17 -6.77 2.58
N PRO F 224 -31.42 -6.74 2.08
CA PRO F 224 -32.57 -7.08 2.92
C PRO F 224 -32.82 -8.58 3.12
N GLY F 225 -31.99 -9.42 2.52
CA GLY F 225 -32.23 -10.85 2.55
C GLY F 225 -32.25 -11.48 3.92
N GLU F 226 -31.29 -11.10 4.75
CA GLU F 226 -31.19 -11.63 6.11
C GLU F 226 -32.45 -11.32 6.92
N ASN F 227 -32.94 -10.07 6.78
CA ASN F 227 -34.17 -9.66 7.46
C ASN F 227 -35.38 -10.48 6.97
N ILE F 228 -35.54 -10.56 5.66
CA ILE F 228 -36.60 -11.39 5.07
C ILE F 228 -36.52 -12.84 5.52
N ALA F 229 -35.31 -13.41 5.54
CA ALA F 229 -35.18 -14.80 5.98
C ALA F 229 -35.62 -14.98 7.43
N MET F 230 -35.12 -14.11 8.29
CA MET F 230 -35.44 -14.14 9.72
C MET F 230 -36.96 -14.07 9.97
N ARG F 231 -37.63 -13.17 9.28
CA ARG F 231 -39.09 -13.02 9.43
C ARG F 231 -39.84 -14.21 8.89
N LYS F 232 -39.29 -14.84 7.84
CA LYS F 232 -39.91 -16.02 7.27
C LYS F 232 -39.73 -17.23 8.21
N VAL F 233 -38.51 -17.46 8.68
CA VAL F 233 -38.23 -18.65 9.48
C VAL F 233 -38.63 -18.55 10.97
N LEU F 234 -38.31 -17.43 11.60
CA LEU F 234 -38.49 -17.29 13.06
C LEU F 234 -39.41 -16.15 13.46
N GLY F 235 -39.31 -15.02 12.78
CA GLY F 235 -39.98 -13.81 13.20
C GLY F 235 -39.03 -12.90 13.97
N LEU F 236 -39.18 -11.60 13.79
CA LEU F 236 -38.24 -10.65 14.39
C LEU F 236 -38.33 -10.63 15.91
N ASP F 237 -39.46 -11.08 16.45
CA ASP F 237 -39.64 -11.10 17.90
C ASP F 237 -39.56 -12.52 18.45
N HIS F 238 -38.90 -13.41 17.72
CA HIS F 238 -38.67 -14.76 18.23
C HIS F 238 -37.75 -14.71 19.46
N ALA F 239 -36.72 -13.87 19.38
CA ALA F 239 -35.83 -13.62 20.51
C ALA F 239 -35.49 -12.12 20.50
N PRO F 240 -34.89 -11.61 21.59
CA PRO F 240 -34.53 -10.18 21.54
C PRO F 240 -33.32 -9.94 20.67
N LEU F 241 -33.49 -9.24 19.55
CA LEU F 241 -32.36 -8.87 18.71
C LEU F 241 -31.71 -7.65 19.33
N ARG F 242 -30.38 -7.66 19.35
CA ARG F 242 -29.62 -6.65 20.09
C ARG F 242 -28.46 -6.15 19.25
N LEU F 243 -28.05 -4.90 19.53
CA LEU F 243 -26.79 -4.36 19.03
C LEU F 243 -25.85 -4.19 20.19
N LEU F 244 -24.56 -4.18 19.92
CA LEU F 244 -23.61 -3.64 20.88
C LEU F 244 -23.71 -2.14 20.69
N PRO F 245 -24.01 -1.40 21.78
CA PRO F 245 -24.41 0.02 21.67
C PRO F 245 -23.42 0.88 20.91
N GLY F 246 -23.93 1.68 19.97
CA GLY F 246 -23.11 2.55 19.15
C GLY F 246 -22.55 1.91 17.90
N ARG F 247 -22.97 0.69 17.57
CA ARG F 247 -22.51 0.00 16.36
C ARG F 247 -23.68 -0.57 15.60
N PRO F 248 -23.79 -0.24 14.30
CA PRO F 248 -24.95 -0.62 13.49
C PRO F 248 -25.10 -2.13 13.41
N ALA F 249 -23.98 -2.84 13.48
CA ALA F 249 -23.94 -4.27 13.28
C ALA F 249 -22.79 -4.78 14.13
N PRO F 250 -22.85 -6.06 14.53
CA PRO F 250 -23.88 -7.03 14.21
C PRO F 250 -25.10 -6.89 15.11
N ALA F 251 -26.22 -7.38 14.60
CA ALA F 251 -27.40 -7.58 15.40
C ALA F 251 -27.33 -9.04 15.79
N TYR F 252 -27.58 -9.33 17.06
CA TYR F 252 -27.47 -10.71 17.52
C TYR F 252 -28.53 -11.00 18.54
N LEU F 253 -28.86 -12.27 18.65
CA LEU F 253 -29.80 -12.75 19.65
C LEU F 253 -29.21 -13.88 20.47
N ARG F 254 -29.77 -14.06 21.65
CA ARG F 254 -29.40 -15.17 22.52
C ARG F 254 -30.53 -16.19 22.40
N TRP F 255 -30.21 -17.38 21.87
CA TRP F 255 -31.24 -18.37 21.60
C TRP F 255 -32.03 -18.70 22.86
N GLY F 256 -33.36 -18.67 22.74
CA GLY F 256 -34.23 -18.94 23.87
C GLY F 256 -34.62 -17.77 24.78
N ASP F 257 -34.06 -16.57 24.56
CA ASP F 257 -34.36 -15.42 25.44
C ASP F 257 -35.72 -14.77 25.11
N GLN G 7 -71.04 18.74 27.74
CA GLN G 7 -69.66 18.44 28.14
C GLN G 7 -68.92 19.66 28.68
N ASP G 8 -68.36 19.52 29.87
CA ASP G 8 -67.59 20.58 30.49
C ASP G 8 -66.16 20.55 29.96
N LEU G 9 -65.77 21.59 29.24
CA LEU G 9 -64.46 21.65 28.58
C LEU G 9 -63.28 21.69 29.53
N ARG G 10 -63.52 22.07 30.78
CA ARG G 10 -62.45 22.18 31.76
C ARG G 10 -62.01 20.80 32.27
N ALA G 11 -62.79 19.78 31.96
CA ALA G 11 -62.45 18.39 32.27
C ALA G 11 -61.34 17.89 31.36
N PHE G 12 -61.08 18.60 30.27
CA PHE G 12 -59.98 18.26 29.39
C PHE G 12 -58.73 19.00 29.82
N VAL G 13 -57.58 18.35 29.70
CA VAL G 13 -56.34 19.01 30.06
C VAL G 13 -56.13 20.26 29.23
N HIS G 14 -55.88 21.39 29.89
CA HIS G 14 -55.64 22.65 29.20
C HIS G 14 -54.68 23.50 30.02
N ASP G 15 -54.09 24.51 29.39
CA ASP G 15 -53.08 25.34 30.03
C ASP G 15 -53.66 26.26 31.10
N SER G 16 -52.95 26.34 32.22
CA SER G 16 -53.29 27.28 33.28
C SER G 16 -53.08 28.70 32.77
N PRO G 17 -53.65 29.70 33.46
CA PRO G 17 -53.38 31.06 33.01
C PRO G 17 -51.89 31.36 33.11
N GLU G 18 -51.23 30.82 34.12
CA GLU G 18 -49.81 31.13 34.33
C GLU G 18 -48.96 30.44 33.27
N GLU G 19 -49.41 29.27 32.84
CA GLU G 19 -48.71 28.51 31.80
C GLU G 19 -48.78 29.27 30.47
N THR G 20 -49.94 29.83 30.17
CA THR G 20 -50.13 30.68 28.99
C THR G 20 -49.22 31.91 29.07
N GLU G 21 -49.27 32.59 30.22
CA GLU G 21 -48.42 33.75 30.48
C GLU G 21 -46.95 33.44 30.25
N THR G 22 -46.47 32.34 30.83
CA THR G 22 -45.08 31.94 30.64
C THR G 22 -44.77 31.78 29.15
N THR G 23 -45.63 31.05 28.45
CA THR G 23 -45.44 30.80 27.03
C THR G 23 -45.40 32.11 26.26
N GLN G 24 -46.36 32.99 26.50
CA GLN G 24 -46.44 34.28 25.80
C GLN G 24 -45.26 35.19 26.11
N ARG G 25 -44.83 35.26 27.37
CA ARG G 25 -43.68 36.08 27.71
C ARG G 25 -42.40 35.56 27.05
N LEU G 26 -42.23 34.25 27.06
CA LEU G 26 -41.01 33.67 26.50
C LEU G 26 -40.98 33.87 24.99
N THR G 27 -42.14 33.80 24.36
CA THR G 27 -42.24 34.05 22.92
C THR G 27 -41.76 35.46 22.61
N LYS G 28 -42.25 36.42 23.39
CA LYS G 28 -41.90 37.82 23.22
C LYS G 28 -40.42 38.05 23.49
N LEU G 29 -39.89 37.41 24.54
CA LEU G 29 -38.48 37.59 24.88
C LEU G 29 -37.56 36.90 23.88
N LEU G 30 -38.08 35.90 23.17
CA LEU G 30 -37.30 35.26 22.11
C LEU G 30 -37.20 36.16 20.90
N THR G 31 -38.34 36.76 20.52
CA THR G 31 -38.43 37.59 19.31
C THR G 31 -37.81 38.97 19.50
N ASN G 32 -37.87 39.51 20.71
CA ASN G 32 -37.23 40.79 21.00
C ASN G 32 -36.10 40.62 22.00
N SER G 33 -34.91 40.31 21.50
CA SER G 33 -33.82 39.91 22.39
C SER G 33 -32.53 40.67 22.14
N PRO G 34 -31.87 41.14 23.20
CA PRO G 34 -30.51 41.66 23.03
C PRO G 34 -29.47 40.59 22.68
N ILE G 35 -29.81 39.30 22.71
CA ILE G 35 -28.86 38.27 22.27
C ILE G 35 -28.60 38.37 20.77
N PRO G 36 -27.33 38.47 20.36
CA PRO G 36 -27.02 38.51 18.93
C PRO G 36 -27.70 37.35 18.23
N THR G 37 -28.23 37.60 17.03
CA THR G 37 -29.00 36.59 16.32
C THR G 37 -28.18 35.32 16.14
N GLU G 38 -26.89 35.50 15.93
CA GLU G 38 -26.00 34.37 15.70
C GLU G 38 -25.74 33.53 16.96
N GLU G 39 -26.30 33.94 18.09
CA GLU G 39 -26.10 33.19 19.33
C GLU G 39 -27.40 32.64 19.89
N LEU G 40 -28.51 32.90 19.19
CA LEU G 40 -29.81 32.38 19.61
C LEU G 40 -29.80 30.86 19.70
N VAL G 41 -29.24 30.19 18.70
CA VAL G 41 -29.27 28.73 18.69
C VAL G 41 -28.25 28.14 19.66
N ASN G 42 -27.53 29.01 20.36
CA ASN G 42 -26.63 28.61 21.43
C ASN G 42 -27.20 28.89 22.80
N ASN G 43 -28.45 29.36 22.84
CA ASN G 43 -29.08 29.74 24.09
C ASN G 43 -30.56 29.43 24.12
N LEU G 44 -30.97 28.43 23.36
CA LEU G 44 -32.39 28.06 23.33
C LEU G 44 -32.99 27.66 24.68
N PRO G 45 -32.19 27.07 25.58
CA PRO G 45 -32.87 26.70 26.84
C PRO G 45 -33.41 27.89 27.63
N LEU G 46 -32.94 29.09 27.31
CA LEU G 46 -33.53 30.30 27.90
C LEU G 46 -35.03 30.33 27.68
N PHE G 47 -35.47 29.76 26.55
CA PHE G 47 -36.86 29.88 26.15
C PHE G 47 -37.64 28.59 26.24
N LEU G 48 -36.99 27.53 26.73
CA LEU G 48 -37.58 26.19 26.81
C LEU G 48 -38.13 25.95 28.22
N ARG G 49 -39.43 26.13 28.37
CA ARG G 49 -40.05 26.06 29.69
C ARG G 49 -40.22 24.62 30.15
N ARG G 50 -40.52 24.44 31.44
CA ARG G 50 -40.68 23.12 32.06
C ARG G 50 -41.43 22.12 31.19
N HIS G 51 -42.62 22.51 30.74
CA HIS G 51 -43.47 21.59 30.00
C HIS G 51 -42.80 21.01 28.76
N GLN G 52 -42.04 21.82 28.04
CA GLN G 52 -41.38 21.34 26.84
C GLN G 52 -40.08 20.64 27.16
N MET G 53 -39.35 21.17 28.14
CA MET G 53 -38.14 20.49 28.64
C MET G 53 -38.48 19.04 29.00
N THR G 54 -39.62 18.85 29.66
CA THR G 54 -40.12 17.54 30.05
C THR G 54 -40.29 16.60 28.86
N ASP G 55 -40.82 17.13 27.75
CA ASP G 55 -40.99 16.36 26.53
C ASP G 55 -39.63 15.96 25.99
N LEU G 56 -38.69 16.89 25.99
CA LEU G 56 -37.34 16.59 25.52
C LEU G 56 -36.70 15.48 26.38
N LEU G 57 -36.81 15.58 27.71
CA LEU G 57 -36.26 14.56 28.59
C LEU G 57 -36.92 13.20 28.38
N SER G 58 -38.22 13.22 28.13
CA SER G 58 -38.95 11.99 27.84
C SER G 58 -38.44 11.30 26.57
N MET G 59 -38.31 12.06 25.50
CA MET G 59 -37.76 11.52 24.25
C MET G 59 -36.35 10.96 24.47
N ASP G 60 -35.50 11.67 25.20
CA ASP G 60 -34.18 11.16 25.52
C ASP G 60 -34.26 9.84 26.30
N ALA G 61 -35.19 9.78 27.25
CA ALA G 61 -35.38 8.55 28.03
C ALA G 61 -35.77 7.35 27.15
N LEU G 62 -36.72 7.54 26.24
CA LEU G 62 -37.10 6.47 25.32
C LEU G 62 -35.97 6.07 24.38
N TYR G 63 -35.22 7.05 23.87
CA TYR G 63 -34.13 6.77 22.94
C TYR G 63 -33.08 5.91 23.64
N ARG G 64 -32.71 6.31 24.85
CA ARG G 64 -31.75 5.58 25.65
C ARG G 64 -32.16 4.12 25.84
N GLN G 65 -33.46 3.83 25.78
CA GLN G 65 -33.87 2.43 25.96
C GLN G 65 -33.77 1.55 24.70
N VAL G 66 -33.48 2.17 23.57
CA VAL G 66 -33.34 1.40 22.34
C VAL G 66 -31.94 1.48 21.76
N LEU G 67 -31.00 1.98 22.55
CA LEU G 67 -29.64 2.12 22.08
C LEU G 67 -28.99 0.77 21.76
N ASP G 68 -29.49 -0.31 22.38
CA ASP G 68 -28.94 -1.65 22.10
C ASP G 68 -29.93 -2.49 21.30
N VAL G 69 -30.87 -1.81 20.63
CA VAL G 69 -31.88 -2.46 19.81
C VAL G 69 -31.70 -2.00 18.35
N PRO G 70 -31.58 -2.97 17.42
CA PRO G 70 -31.35 -2.57 16.02
C PRO G 70 -32.59 -1.94 15.42
N GLY G 71 -32.45 -1.24 14.32
CA GLY G 71 -33.61 -0.80 13.58
C GLY G 71 -33.83 0.70 13.59
N VAL G 72 -35.01 1.12 13.15
CA VAL G 72 -35.24 2.54 12.93
C VAL G 72 -36.23 3.15 13.92
N ILE G 73 -36.33 4.47 13.88
CA ILE G 73 -37.26 5.20 14.72
C ILE G 73 -38.39 5.79 13.87
N MET G 74 -39.63 5.49 14.26
CA MET G 74 -40.79 5.98 13.52
C MET G 74 -41.73 6.82 14.38
N GLU G 75 -42.09 7.99 13.86
CA GLU G 75 -43.17 8.79 14.44
C GLU G 75 -44.39 8.89 13.54
N PHE G 76 -45.55 8.53 14.11
CA PHE G 76 -46.80 8.62 13.39
C PHE G 76 -47.56 9.81 13.93
N GLY G 77 -47.51 10.92 13.19
CA GLY G 77 -48.05 12.18 13.67
C GLY G 77 -46.91 13.14 14.02
N VAL G 78 -46.63 14.07 13.12
CA VAL G 78 -45.41 14.86 13.22
C VAL G 78 -45.64 16.33 13.58
N ARG G 79 -46.78 16.87 13.11
CA ARG G 79 -47.05 18.32 13.11
C ARG G 79 -45.87 19.14 12.64
N PHE G 80 -45.37 20.03 13.51
CA PHE G 80 -44.24 20.87 13.15
C PHE G 80 -42.90 20.14 13.24
N GLY G 81 -42.89 18.96 13.86
CA GLY G 81 -41.72 18.12 13.86
C GLY G 81 -40.82 18.20 15.09
N ARG G 82 -41.34 18.77 16.18
CA ARG G 82 -40.61 18.89 17.45
C ARG G 82 -39.81 17.63 17.82
N HIS G 83 -40.46 16.47 17.75
CA HIS G 83 -39.82 15.20 18.09
C HIS G 83 -38.73 14.75 17.08
N LEU G 84 -38.97 15.01 15.80
CA LEU G 84 -38.00 14.66 14.77
C LEU G 84 -36.69 15.40 14.96
N GLY G 85 -36.77 16.69 15.30
CA GLY G 85 -35.58 17.48 15.57
C GLY G 85 -34.85 16.92 16.78
N THR G 86 -35.61 16.59 17.82
CA THR G 86 -35.04 15.98 19.03
C THR G 86 -34.25 14.71 18.69
N PHE G 87 -34.91 13.79 17.99
CA PHE G 87 -34.29 12.53 17.60
C PHE G 87 -33.02 12.75 16.80
N ALA G 88 -33.07 13.67 15.84
CA ALA G 88 -31.89 13.99 15.03
C ALA G 88 -30.73 14.44 15.90
N ALA G 89 -31.01 15.33 16.85
CA ALA G 89 -29.98 15.77 17.77
C ALA G 89 -29.51 14.61 18.67
N LEU G 90 -30.46 13.82 19.15
CA LEU G 90 -30.09 12.71 20.06
C LEU G 90 -29.28 11.65 19.33
N ARG G 91 -29.65 11.39 18.09
CA ARG G 91 -28.90 10.44 17.27
C ARG G 91 -27.44 10.86 17.14
N GLY G 92 -27.19 12.16 17.07
CA GLY G 92 -25.83 12.67 17.09
C GLY G 92 -25.15 12.41 18.43
N VAL G 93 -25.85 12.70 19.52
CA VAL G 93 -25.32 12.50 20.86
C VAL G 93 -24.92 11.03 21.07
N TYR G 94 -25.79 10.11 20.68
CA TYR G 94 -25.61 8.73 21.07
C TYR G 94 -25.00 7.82 20.01
N GLU G 95 -25.29 8.09 18.75
CA GLU G 95 -24.93 7.15 17.70
C GLU G 95 -24.26 7.77 16.48
N PRO G 96 -23.10 8.41 16.67
CA PRO G 96 -22.39 8.97 15.52
C PRO G 96 -22.01 7.91 14.50
N TYR G 97 -21.88 6.65 14.93
CA TYR G 97 -21.38 5.60 14.05
C TYR G 97 -22.48 4.67 13.54
N ASN G 98 -23.74 5.06 13.71
CA ASN G 98 -24.86 4.25 13.24
C ASN G 98 -25.64 4.92 12.10
N PRO G 99 -25.22 4.70 10.85
CA PRO G 99 -25.92 5.27 9.69
C PRO G 99 -27.26 4.59 9.42
N LEU G 100 -27.51 3.45 10.03
CA LEU G 100 -28.76 2.72 9.82
C LEU G 100 -29.90 3.14 10.77
N ARG G 101 -29.62 4.01 11.74
CA ARG G 101 -30.69 4.47 12.61
C ARG G 101 -31.42 5.57 11.86
N ARG G 102 -32.37 5.15 11.05
CA ARG G 102 -33.11 6.06 10.21
C ARG G 102 -34.28 6.63 11.02
N ILE G 103 -34.59 7.89 10.78
CA ILE G 103 -35.73 8.54 11.43
C ILE G 103 -36.83 8.79 10.40
N VAL G 104 -38.00 8.20 10.61
CA VAL G 104 -39.08 8.31 9.64
C VAL G 104 -40.33 8.92 10.28
N GLY G 105 -40.77 10.05 9.74
CA GLY G 105 -41.95 10.71 10.27
C GLY G 105 -43.12 10.66 9.30
N PHE G 106 -44.23 10.07 9.72
CA PHE G 106 -45.42 9.98 8.88
C PHE G 106 -46.45 11.01 9.30
N ASP G 107 -47.02 11.71 8.32
CA ASP G 107 -48.05 12.71 8.54
C ASP G 107 -48.70 13.14 7.21
N THR G 108 -49.94 13.61 7.26
CA THR G 108 -50.57 14.24 6.10
C THR G 108 -50.04 15.65 5.90
N PHE G 109 -49.56 16.25 6.97
CA PHE G 109 -49.13 17.65 6.98
C PHE G 109 -50.26 18.61 6.54
N THR G 110 -51.49 18.11 6.58
CA THR G 110 -52.66 18.93 6.30
C THR G 110 -53.70 18.67 7.38
N GLY G 111 -53.24 18.19 8.53
CA GLY G 111 -54.11 17.92 9.65
C GLY G 111 -54.88 16.60 9.55
N PHE G 112 -55.79 16.39 10.50
CA PHE G 112 -56.61 15.18 10.53
C PHE G 112 -57.32 14.98 9.18
N PRO G 113 -57.05 13.83 8.53
CA PRO G 113 -57.66 13.51 7.23
C PRO G 113 -59.16 13.29 7.37
N ASP G 114 -59.55 12.52 8.39
CA ASP G 114 -60.96 12.29 8.75
C ASP G 114 -61.02 11.70 10.15
N VAL G 115 -62.11 11.97 10.88
CA VAL G 115 -62.24 11.45 12.25
C VAL G 115 -63.38 10.43 12.39
N ASN G 116 -63.19 9.45 13.28
CA ASN G 116 -64.21 8.45 13.60
C ASN G 116 -65.16 8.98 14.67
N ASP G 117 -66.33 8.37 14.80
CA ASP G 117 -67.30 8.74 15.84
C ASP G 117 -66.66 8.76 17.23
N VAL G 118 -65.96 7.69 17.56
CA VAL G 118 -65.31 7.53 18.88
C VAL G 118 -64.34 8.67 19.21
N ASP G 119 -63.88 9.39 18.19
CA ASP G 119 -62.92 10.49 18.37
C ASP G 119 -63.58 11.81 18.81
N ARG G 120 -64.84 12.03 18.41
CA ARG G 120 -65.52 13.30 18.68
C ARG G 120 -66.00 13.46 20.13
N VAL G 121 -65.05 13.56 21.06
CA VAL G 121 -65.37 13.81 22.46
C VAL G 121 -65.31 15.32 22.75
N GLY G 122 -64.42 16.01 22.05
CA GLY G 122 -64.22 17.44 22.25
C GLY G 122 -64.26 18.29 20.98
N PRO G 123 -64.01 19.60 21.15
CA PRO G 123 -64.23 20.66 20.14
C PRO G 123 -63.15 20.79 19.06
N THR G 124 -62.04 20.06 19.17
CA THR G 124 -61.00 20.16 18.15
C THR G 124 -60.94 18.93 17.26
N ALA G 125 -62.00 18.11 17.31
CA ALA G 125 -62.03 16.86 16.56
C ALA G 125 -62.55 17.03 15.14
N TYR G 126 -61.95 17.95 14.38
CA TYR G 126 -62.38 18.21 13.00
C TYR G 126 -61.25 17.97 11.99
N GLN G 127 -61.64 17.67 10.75
CA GLN G 127 -60.66 17.51 9.67
C GLN G 127 -59.87 18.80 9.47
N GLY G 128 -58.57 18.66 9.21
CA GLY G 128 -57.69 19.81 9.03
C GLY G 128 -57.04 20.31 10.30
N ARG G 129 -57.50 19.79 11.45
CA ARG G 129 -56.94 20.15 12.76
C ARG G 129 -55.46 19.83 12.82
N PHE G 130 -54.66 20.79 13.30
CA PHE G 130 -53.21 20.71 13.36
C PHE G 130 -52.56 20.79 11.98
N ALA G 131 -53.25 21.43 11.03
CA ALA G 131 -52.67 21.66 9.71
C ALA G 131 -51.47 22.59 9.83
N VAL G 132 -50.38 22.23 9.14
CA VAL G 132 -49.22 23.08 9.04
C VAL G 132 -49.25 23.77 7.66
N PRO G 133 -48.55 24.91 7.49
CA PRO G 133 -48.68 25.65 6.23
C PRO G 133 -48.25 24.88 4.99
N GLY G 134 -48.61 25.39 3.82
CA GLY G 134 -48.21 24.78 2.57
C GLY G 134 -46.71 24.80 2.35
N GLY G 135 -46.18 23.67 1.90
CA GLY G 135 -44.75 23.53 1.68
C GLY G 135 -43.99 23.28 2.96
N TYR G 136 -44.72 23.01 4.03
CA TYR G 136 -44.05 22.76 5.32
C TYR G 136 -43.06 21.58 5.29
N PRO G 137 -43.45 20.42 4.72
CA PRO G 137 -42.52 19.29 4.71
C PRO G 137 -41.14 19.61 4.15
N ALA G 138 -41.06 20.51 3.16
CA ALA G 138 -39.77 20.89 2.59
C ALA G 138 -38.95 21.71 3.59
N TYR G 139 -39.63 22.57 4.35
CA TYR G 139 -38.96 23.32 5.40
C TYR G 139 -38.38 22.37 6.46
N LEU G 140 -39.20 21.43 6.94
CA LEU G 140 -38.75 20.47 7.93
C LEU G 140 -37.56 19.65 7.40
N LYS G 141 -37.64 19.23 6.12
CA LYS G 141 -36.53 18.55 5.49
C LYS G 141 -35.26 19.38 5.58
N GLU G 142 -35.38 20.68 5.36
CA GLU G 142 -34.24 21.58 5.46
C GLU G 142 -33.68 21.62 6.88
N VAL G 143 -34.57 21.59 7.85
CA VAL G 143 -34.17 21.57 9.25
C VAL G 143 -33.42 20.28 9.55
N LEU G 144 -34.04 19.14 9.22
CA LEU G 144 -33.37 17.86 9.36
C LEU G 144 -32.05 17.78 8.60
N ASP G 145 -32.03 18.25 7.36
CA ASP G 145 -30.79 18.24 6.59
C ASP G 145 -29.71 19.05 7.30
N ALA G 146 -30.11 20.15 7.91
CA ALA G 146 -29.17 21.06 8.56
C ALA G 146 -28.47 20.36 9.72
N HIS G 147 -29.25 19.63 10.53
CA HIS G 147 -28.66 18.76 11.57
C HIS G 147 -27.67 17.73 10.98
N GLU G 148 -28.11 17.00 9.96
CA GLU G 148 -27.33 15.88 9.41
C GLU G 148 -26.04 16.29 8.73
N CYS G 149 -26.02 17.52 8.23
CA CYS G 149 -24.86 18.09 7.57
C CYS G 149 -23.56 17.93 8.38
N SER G 150 -23.68 17.82 9.70
CA SER G 150 -22.50 17.67 10.55
C SER G 150 -22.50 16.36 11.36
N ASP G 151 -23.31 15.40 10.94
CA ASP G 151 -23.21 14.07 11.50
C ASP G 151 -21.97 13.38 10.90
N PHE G 152 -21.39 12.46 11.67
CA PHE G 152 -20.26 11.68 11.18
C PHE G 152 -20.64 10.96 9.88
N PHE G 153 -21.88 10.50 9.77
CA PHE G 153 -22.31 9.84 8.54
C PHE G 153 -23.19 10.73 7.69
N GLY G 154 -22.90 12.03 7.73
CA GLY G 154 -23.64 13.03 6.99
C GLY G 154 -23.69 12.81 5.49
N HIS G 155 -22.69 12.09 4.95
CA HIS G 155 -22.61 11.85 3.52
C HIS G 155 -23.59 10.78 3.05
N VAL G 156 -24.17 10.04 4.00
CA VAL G 156 -25.14 9.02 3.67
C VAL G 156 -26.53 9.63 3.72
N THR G 157 -27.33 9.43 2.67
CA THR G 157 -28.63 10.09 2.58
C THR G 157 -29.82 9.21 2.99
N GLN G 158 -30.99 9.85 3.07
CA GLN G 158 -32.23 9.23 3.53
C GLN G 158 -32.11 8.70 4.94
N ARG G 159 -31.37 9.42 5.77
CA ARG G 159 -31.28 9.06 7.19
C ARG G 159 -32.46 9.69 7.95
N SER G 160 -33.03 10.74 7.37
CA SER G 160 -34.31 11.28 7.80
C SER G 160 -35.25 11.29 6.62
N VAL G 161 -36.41 10.66 6.78
CA VAL G 161 -37.41 10.59 5.71
C VAL G 161 -38.77 11.09 6.20
N LEU G 162 -39.33 12.08 5.48
CA LEU G 162 -40.70 12.51 5.72
C LEU G 162 -41.63 11.87 4.71
N VAL G 163 -42.65 11.18 5.21
CA VAL G 163 -43.58 10.47 4.34
C VAL G 163 -44.96 11.12 4.42
N GLU G 164 -45.34 11.83 3.36
CA GLU G 164 -46.59 12.58 3.35
C GLU G 164 -47.79 11.76 2.93
N GLY G 165 -48.89 11.89 3.64
CA GLY G 165 -50.12 11.20 3.28
C GLY G 165 -50.75 10.45 4.44
N ASP G 166 -51.81 9.73 4.13
CA ASP G 166 -52.55 9.00 5.15
C ASP G 166 -51.71 7.80 5.56
N VAL G 167 -51.46 7.66 6.86
CA VAL G 167 -50.67 6.53 7.34
C VAL G 167 -51.31 5.20 7.00
N ARG G 168 -52.62 5.18 6.76
CA ARG G 168 -53.31 3.93 6.45
C ARG G 168 -52.73 3.30 5.19
N GLU G 169 -52.22 4.14 4.29
CA GLU G 169 -51.55 3.62 3.10
C GLU G 169 -50.03 3.81 3.09
N THR G 170 -49.54 4.94 3.62
CA THR G 170 -48.10 5.25 3.54
C THR G 170 -47.22 4.30 4.39
N VAL G 171 -47.76 3.80 5.49
CA VAL G 171 -47.00 2.94 6.38
C VAL G 171 -46.85 1.52 5.78
N PRO G 172 -47.96 0.88 5.37
CA PRO G 172 -47.73 -0.41 4.71
C PRO G 172 -46.88 -0.25 3.46
N ARG G 173 -47.00 0.89 2.78
CA ARG G 173 -46.21 1.14 1.58
C ARG G 173 -44.72 1.33 1.91
N TYR G 174 -44.43 2.01 3.01
CA TYR G 174 -43.03 2.20 3.39
C TYR G 174 -42.42 0.85 3.77
N LEU G 175 -43.17 0.06 4.52
CA LEU G 175 -42.72 -1.24 4.98
C LEU G 175 -42.48 -2.17 3.79
N ALA G 176 -43.34 -2.03 2.78
CA ALA G 176 -43.22 -2.80 1.55
C ALA G 176 -41.95 -2.42 0.80
N GLU G 177 -41.69 -1.12 0.69
CA GLU G 177 -40.49 -0.65 -0.01
C GLU G 177 -39.21 -0.89 0.80
N ASN G 178 -39.36 -1.31 2.06
CA ASN G 178 -38.21 -1.50 2.96
C ASN G 178 -38.23 -2.81 3.73
N PRO G 179 -38.05 -3.94 3.02
CA PRO G 179 -38.13 -5.25 3.70
C PRO G 179 -37.01 -5.44 4.72
N GLN G 180 -36.00 -4.56 4.71
CA GLN G 180 -34.93 -4.63 5.71
C GLN G 180 -35.33 -4.02 7.07
N THR G 181 -36.55 -3.49 7.18
CA THR G 181 -36.95 -2.75 8.36
C THR G 181 -36.96 -3.56 9.66
N VAL G 182 -36.30 -3.03 10.67
CA VAL G 182 -36.59 -3.38 12.05
C VAL G 182 -37.00 -2.07 12.73
N ILE G 183 -38.04 -2.12 13.55
CA ILE G 183 -38.48 -0.90 14.22
C ILE G 183 -38.03 -0.90 15.69
N ALA G 184 -37.06 -0.04 16.01
CA ALA G 184 -36.58 0.08 17.38
C ALA G 184 -37.57 0.83 18.28
N LEU G 185 -38.10 1.92 17.74
CA LEU G 185 -38.97 2.81 18.48
C LEU G 185 -40.14 3.25 17.57
N ALA G 186 -41.36 2.93 18.00
CA ALA G 186 -42.56 3.41 17.32
C ALA G 186 -43.27 4.41 18.21
N TYR G 187 -43.23 5.69 17.81
CA TYR G 187 -43.89 6.72 18.60
C TYR G 187 -45.24 7.14 17.98
N PHE G 188 -46.33 6.87 18.71
CA PHE G 188 -47.69 7.11 18.19
C PHE G 188 -48.26 8.44 18.64
N ASP G 189 -48.54 9.32 17.70
CA ASP G 189 -49.20 10.59 18.01
C ASP G 189 -50.26 10.93 16.97
N LEU G 190 -51.18 9.99 16.72
CA LEU G 190 -52.19 10.16 15.69
C LEU G 190 -53.54 10.58 16.26
N ASP G 191 -53.72 10.39 17.56
CA ASP G 191 -54.98 10.72 18.26
C ASP G 191 -56.20 9.87 17.84
N LEU G 192 -56.28 9.49 16.56
CA LEU G 192 -57.51 8.88 16.04
C LEU G 192 -57.51 7.37 16.03
N TYR G 193 -58.70 6.81 16.21
CA TYR G 193 -58.88 5.36 16.26
C TYR G 193 -58.36 4.66 15.03
N GLU G 194 -58.88 5.06 13.87
CA GLU G 194 -58.64 4.34 12.63
C GLU G 194 -57.16 4.24 12.24
N PRO G 195 -56.48 5.39 12.12
CA PRO G 195 -55.09 5.25 11.69
C PRO G 195 -54.22 4.54 12.74
N THR G 196 -54.53 4.68 14.01
CA THR G 196 -53.74 4.02 15.05
C THR G 196 -53.82 2.50 14.94
N LYS G 197 -55.04 1.99 14.91
CA LYS G 197 -55.29 0.55 14.71
C LYS G 197 -54.54 0.00 13.47
N ALA G 198 -54.61 0.72 12.35
CA ALA G 198 -54.04 0.26 11.10
C ALA G 198 -52.51 0.19 11.19
N VAL G 199 -51.93 1.20 11.83
CA VAL G 199 -50.50 1.29 11.96
C VAL G 199 -50.01 0.24 12.95
N LEU G 200 -50.74 0.05 14.05
CA LEU G 200 -50.37 -1.00 15.01
C LEU G 200 -50.26 -2.36 14.32
N GLU G 201 -51.28 -2.70 13.51
CA GLU G 201 -51.31 -3.98 12.81
C GLU G 201 -50.15 -4.12 11.82
N ALA G 202 -49.83 -3.03 11.15
CA ALA G 202 -48.81 -3.07 10.11
C ALA G 202 -47.39 -3.18 10.66
N ILE G 203 -47.11 -2.53 11.79
CA ILE G 203 -45.73 -2.51 12.27
C ILE G 203 -45.34 -3.77 13.02
N ARG G 204 -46.35 -4.55 13.43
CA ARG G 204 -46.11 -5.68 14.32
C ARG G 204 -45.02 -6.67 13.86
N PRO G 205 -45.01 -7.05 12.57
CA PRO G 205 -43.96 -8.02 12.20
C PRO G 205 -42.54 -7.44 12.20
N TYR G 206 -42.40 -6.11 12.27
CA TYR G 206 -41.08 -5.45 12.24
C TYR G 206 -40.54 -5.09 13.63
N LEU G 207 -41.24 -5.52 14.69
CA LEU G 207 -40.79 -5.29 16.06
C LEU G 207 -39.98 -6.48 16.58
N THR G 208 -38.95 -6.21 17.37
CA THR G 208 -38.30 -7.29 18.13
C THR G 208 -38.58 -7.15 19.62
N LYS G 209 -38.25 -8.19 20.40
CA LYS G 209 -38.36 -8.09 21.86
C LYS G 209 -37.36 -7.04 22.31
N GLY G 210 -37.85 -5.99 22.97
CA GLY G 210 -37.00 -4.88 23.35
C GLY G 210 -37.43 -3.61 22.63
N SER G 211 -38.08 -3.75 21.48
CA SER G 211 -38.59 -2.58 20.78
C SER G 211 -39.56 -1.81 21.67
N ILE G 212 -39.57 -0.50 21.53
CA ILE G 212 -40.46 0.35 22.31
C ILE G 212 -41.59 0.87 21.44
N VAL G 213 -42.81 0.65 21.92
CA VAL G 213 -44.00 1.25 21.33
C VAL G 213 -44.56 2.26 22.33
N ALA G 214 -44.62 3.53 21.91
CA ALA G 214 -45.01 4.60 22.83
C ALA G 214 -46.21 5.37 22.32
N PHE G 215 -47.08 5.76 23.25
CA PHE G 215 -48.27 6.54 22.92
C PHE G 215 -48.22 7.90 23.61
N ASP G 216 -48.67 8.92 22.88
CA ASP G 216 -48.72 10.28 23.40
C ASP G 216 -50.03 10.59 24.15
N GLU G 217 -51.09 9.87 23.84
CA GLU G 217 -52.43 10.21 24.33
C GLU G 217 -53.23 8.98 24.77
N LEU G 218 -52.57 7.96 25.29
CA LEU G 218 -53.24 6.68 25.51
C LEU G 218 -54.44 6.78 26.44
N ASP G 219 -54.37 7.64 27.45
CA ASP G 219 -55.42 7.71 28.45
C ASP G 219 -56.00 9.12 28.59
N ASN G 220 -56.02 9.85 27.48
CA ASN G 220 -56.60 11.18 27.47
C ASN G 220 -58.06 11.12 27.01
N PRO G 221 -58.98 11.57 27.88
CA PRO G 221 -60.42 11.56 27.64
C PRO G 221 -60.79 12.19 26.31
N LYS G 222 -60.04 13.22 25.94
CA LYS G 222 -60.27 13.95 24.70
C LYS G 222 -60.03 13.06 23.48
N TRP G 223 -58.99 12.23 23.54
CA TRP G 223 -58.64 11.36 22.41
C TRP G 223 -58.59 9.86 22.77
N PRO G 224 -59.76 9.20 22.86
CA PRO G 224 -59.79 7.79 23.30
C PRO G 224 -59.41 6.75 22.22
N GLY G 225 -59.22 7.20 20.99
CA GLY G 225 -59.00 6.31 19.87
C GLY G 225 -57.77 5.45 19.95
N GLU G 226 -56.74 5.92 20.63
CA GLU G 226 -55.51 5.15 20.79
C GLU G 226 -55.73 4.00 21.76
N ASN G 227 -56.49 4.26 22.83
CA ASN G 227 -56.83 3.24 23.80
C ASN G 227 -57.74 2.20 23.15
N ILE G 228 -58.81 2.67 22.50
CA ILE G 228 -59.72 1.78 21.78
C ILE G 228 -58.97 0.89 20.78
N ALA G 229 -58.03 1.48 20.05
CA ALA G 229 -57.24 0.74 19.08
C ALA G 229 -56.35 -0.29 19.78
N MET G 230 -55.74 0.11 20.89
CA MET G 230 -54.88 -0.79 21.65
C MET G 230 -55.64 -2.01 22.17
N ARG G 231 -56.77 -1.75 22.82
CA ARG G 231 -57.62 -2.81 23.35
C ARG G 231 -58.17 -3.73 22.25
N LYS G 232 -58.30 -3.21 21.03
CA LYS G 232 -58.77 -3.99 19.90
C LYS G 232 -57.67 -4.90 19.34
N VAL G 233 -56.53 -4.32 19.02
CA VAL G 233 -55.47 -5.06 18.35
C VAL G 233 -54.67 -5.96 19.30
N LEU G 234 -54.39 -5.46 20.51
CA LEU G 234 -53.44 -6.13 21.38
C LEU G 234 -53.95 -6.49 22.78
N GLY G 235 -54.74 -5.59 23.37
CA GLY G 235 -55.11 -5.73 24.78
C GLY G 235 -54.18 -4.87 25.64
N LEU G 236 -54.74 -4.17 26.63
CA LEU G 236 -53.96 -3.33 27.52
C LEU G 236 -52.91 -4.13 28.28
N ASP G 237 -53.16 -5.41 28.53
CA ASP G 237 -52.20 -6.23 29.24
C ASP G 237 -51.36 -7.13 28.33
N HIS G 238 -51.29 -6.80 27.04
CA HIS G 238 -50.43 -7.54 26.13
C HIS G 238 -48.97 -7.44 26.58
N ALA G 239 -48.58 -6.25 27.05
CA ALA G 239 -47.26 -6.04 27.62
C ALA G 239 -47.40 -4.96 28.70
N PRO G 240 -46.37 -4.75 29.53
CA PRO G 240 -46.56 -3.77 30.61
C PRO G 240 -46.50 -2.32 30.10
N LEU G 241 -47.60 -1.58 30.23
CA LEU G 241 -47.61 -0.19 29.84
C LEU G 241 -47.02 0.61 30.99
N ARG G 242 -46.19 1.61 30.67
CA ARG G 242 -45.44 2.33 31.70
C ARG G 242 -45.43 3.84 31.46
N LEU G 243 -45.33 4.61 32.54
CA LEU G 243 -45.02 6.03 32.46
C LEU G 243 -43.61 6.26 32.96
N LEU G 244 -42.98 7.32 32.49
CA LEU G 244 -41.84 7.88 33.20
C LEU G 244 -42.46 8.64 34.35
N PRO G 245 -42.13 8.25 35.59
CA PRO G 245 -42.81 8.80 36.78
C PRO G 245 -42.89 10.33 36.77
N GLY G 246 -44.07 10.85 37.09
CA GLY G 246 -44.28 12.28 37.15
C GLY G 246 -44.85 12.90 35.89
N ARG G 247 -44.96 12.11 34.83
CA ARG G 247 -45.44 12.64 33.56
C ARG G 247 -46.62 11.84 33.04
N PRO G 248 -47.72 12.54 32.72
CA PRO G 248 -48.93 11.90 32.24
C PRO G 248 -48.65 11.09 30.98
N ALA G 249 -47.68 11.55 30.17
CA ALA G 249 -47.37 10.93 28.90
C ALA G 249 -45.88 11.13 28.61
N PRO G 250 -45.29 10.28 27.74
CA PRO G 250 -45.88 9.15 27.01
C PRO G 250 -46.15 7.92 27.88
N ALA G 251 -47.11 7.12 27.47
CA ALA G 251 -47.25 5.76 27.99
C ALA G 251 -46.52 4.87 26.98
N TYR G 252 -45.63 4.00 27.45
CA TYR G 252 -44.82 3.18 26.54
C TYR G 252 -44.72 1.72 27.01
N LEU G 253 -44.54 0.81 26.07
CA LEU G 253 -44.35 -0.59 26.43
C LEU G 253 -43.08 -1.12 25.78
N ARG G 254 -42.54 -2.16 26.38
CA ARG G 254 -41.37 -2.81 25.84
C ARG G 254 -41.87 -4.12 25.23
N TRP G 255 -41.84 -4.20 23.90
CA TRP G 255 -42.41 -5.36 23.21
C TRP G 255 -41.88 -6.69 23.73
N GLY G 256 -42.78 -7.62 24.00
CA GLY G 256 -42.38 -8.93 24.48
C GLY G 256 -42.28 -9.04 25.97
N ASP G 257 -42.34 -7.92 26.68
CA ASP G 257 -42.21 -7.98 28.14
C ASP G 257 -43.49 -8.45 28.83
N GLN H 7 -34.53 -56.90 54.27
CA GLN H 7 -34.14 -55.50 54.18
C GLN H 7 -33.32 -55.03 55.38
N ASP H 8 -32.15 -54.46 55.12
CA ASP H 8 -31.28 -53.95 56.18
C ASP H 8 -31.90 -52.72 56.85
N LEU H 9 -32.09 -52.82 58.16
CA LEU H 9 -32.67 -51.72 58.94
C LEU H 9 -31.67 -50.58 59.19
N ARG H 10 -30.39 -50.82 58.90
CA ARG H 10 -29.39 -49.78 59.07
C ARG H 10 -29.35 -48.83 57.88
N ALA H 11 -30.02 -49.23 56.80
CA ALA H 11 -30.12 -48.42 55.60
C ALA H 11 -31.10 -47.26 55.80
N PHE H 12 -31.87 -47.30 56.87
CA PHE H 12 -32.79 -46.22 57.21
C PHE H 12 -32.13 -45.25 58.17
N VAL H 13 -32.49 -43.98 58.09
CA VAL H 13 -31.95 -43.03 59.05
C VAL H 13 -32.39 -43.46 60.45
N HIS H 14 -31.44 -43.48 61.38
CA HIS H 14 -31.71 -43.77 62.77
C HIS H 14 -30.59 -43.11 63.58
N ASP H 15 -30.83 -42.94 64.89
CA ASP H 15 -29.89 -42.24 65.77
C ASP H 15 -28.59 -43.00 65.99
N SER H 16 -27.47 -42.28 66.01
CA SER H 16 -26.20 -42.85 66.41
C SER H 16 -26.25 -43.16 67.91
N PRO H 17 -25.28 -43.93 68.43
CA PRO H 17 -25.33 -44.16 69.88
C PRO H 17 -25.15 -42.86 70.65
N GLU H 18 -24.33 -41.95 70.11
CA GLU H 18 -24.06 -40.68 70.79
C GLU H 18 -25.28 -39.76 70.79
N GLU H 19 -26.12 -39.86 69.75
CA GLU H 19 -27.30 -39.01 69.64
C GLU H 19 -28.33 -39.47 70.65
N THR H 20 -28.37 -40.79 70.85
CA THR H 20 -29.22 -41.38 71.87
C THR H 20 -28.73 -40.98 73.25
N GLU H 21 -27.42 -41.01 73.43
CA GLU H 21 -26.82 -40.65 74.70
C GLU H 21 -27.11 -39.18 75.03
N THR H 22 -26.94 -38.30 74.04
CA THR H 22 -27.25 -36.88 74.23
C THR H 22 -28.71 -36.72 74.62
N THR H 23 -29.61 -37.38 73.89
CA THR H 23 -31.03 -37.25 74.16
C THR H 23 -31.38 -37.69 75.59
N GLN H 24 -30.85 -38.84 76.01
CA GLN H 24 -31.16 -39.35 77.35
C GLN H 24 -30.54 -38.52 78.45
N ARG H 25 -29.30 -38.07 78.25
CA ARG H 25 -28.63 -37.23 79.24
C ARG H 25 -29.42 -35.94 79.47
N LEU H 26 -29.92 -35.33 78.40
CA LEU H 26 -30.61 -34.06 78.53
C LEU H 26 -31.95 -34.26 79.21
N THR H 27 -32.63 -35.35 78.86
CA THR H 27 -33.90 -35.70 79.51
C THR H 27 -33.72 -35.85 81.02
N LYS H 28 -32.64 -36.49 81.43
CA LYS H 28 -32.31 -36.65 82.84
C LYS H 28 -31.97 -35.31 83.48
N LEU H 29 -31.22 -34.49 82.76
CA LEU H 29 -30.80 -33.20 83.31
C LEU H 29 -31.99 -32.24 83.40
N LEU H 30 -33.01 -32.45 82.57
CA LEU H 30 -34.20 -31.62 82.63
C LEU H 30 -35.10 -32.05 83.80
N THR H 31 -35.12 -33.35 84.09
CA THR H 31 -35.89 -33.91 85.20
C THR H 31 -35.31 -33.53 86.54
N ASN H 32 -36.11 -32.87 87.37
CA ASN H 32 -35.64 -32.36 88.66
C ASN H 32 -34.40 -31.50 88.52
N SER H 33 -34.37 -30.67 87.48
CA SER H 33 -33.31 -29.71 87.30
C SER H 33 -33.21 -28.80 88.51
N PRO H 34 -31.99 -28.42 88.91
CA PRO H 34 -31.81 -27.46 90.01
C PRO H 34 -32.18 -26.03 89.60
N ILE H 35 -32.46 -25.81 88.31
CA ILE H 35 -32.97 -24.52 87.90
C ILE H 35 -34.31 -24.34 88.63
N PRO H 36 -34.52 -23.19 89.29
CA PRO H 36 -35.79 -23.00 90.00
C PRO H 36 -36.93 -23.20 89.04
N THR H 37 -37.98 -23.90 89.46
CA THR H 37 -39.05 -24.35 88.57
C THR H 37 -39.70 -23.25 87.71
N GLU H 38 -39.82 -22.04 88.27
CA GLU H 38 -40.46 -20.96 87.54
C GLU H 38 -39.51 -20.28 86.56
N GLU H 39 -38.26 -20.75 86.52
CA GLU H 39 -37.28 -20.22 85.58
C GLU H 39 -36.98 -21.21 84.45
N LEU H 40 -37.51 -22.42 84.58
CA LEU H 40 -37.30 -23.48 83.61
C LEU H 40 -37.68 -23.07 82.21
N VAL H 41 -38.84 -22.46 82.06
CA VAL H 41 -39.32 -22.03 80.75
C VAL H 41 -38.55 -20.82 80.18
N ASN H 42 -37.63 -20.28 80.98
CA ASN H 42 -36.72 -19.23 80.56
C ASN H 42 -35.33 -19.78 80.21
N ASN H 43 -35.19 -21.11 80.17
CA ASN H 43 -33.88 -21.73 79.96
C ASN H 43 -33.92 -23.02 79.16
N LEU H 44 -34.97 -23.19 78.37
CA LEU H 44 -35.18 -24.37 77.52
C LEU H 44 -34.11 -24.67 76.44
N PRO H 45 -33.42 -23.64 75.90
CA PRO H 45 -32.35 -23.98 74.96
C PRO H 45 -31.22 -24.81 75.58
N LEU H 46 -31.12 -24.85 76.91
CA LEU H 46 -30.17 -25.73 77.57
C LEU H 46 -30.40 -27.17 77.15
N PHE H 47 -31.66 -27.51 76.89
CA PHE H 47 -32.05 -28.90 76.67
C PHE H 47 -32.43 -29.16 75.22
N LEU H 48 -32.33 -28.11 74.40
CA LEU H 48 -32.67 -28.19 72.99
C LEU H 48 -31.44 -28.55 72.14
N ARG H 49 -31.32 -29.81 71.74
CA ARG H 49 -30.11 -30.27 71.02
C ARG H 49 -30.09 -29.92 69.53
N ARG H 50 -28.90 -30.05 68.91
CA ARG H 50 -28.65 -29.71 67.51
C ARG H 50 -29.79 -30.15 66.59
N HIS H 51 -30.13 -31.44 66.65
CA HIS H 51 -31.17 -31.95 65.77
C HIS H 51 -32.49 -31.19 65.92
N GLN H 52 -32.89 -30.96 67.17
CA GLN H 52 -34.16 -30.29 67.41
C GLN H 52 -34.05 -28.79 67.14
N MET H 53 -32.90 -28.21 67.47
CA MET H 53 -32.63 -26.83 67.14
C MET H 53 -32.73 -26.59 65.63
N THR H 54 -32.22 -27.54 64.86
CA THR H 54 -32.24 -27.46 63.41
C THR H 54 -33.68 -27.39 62.90
N ASP H 55 -34.54 -28.21 63.49
CA ASP H 55 -35.97 -28.22 63.13
C ASP H 55 -36.60 -26.87 63.39
N LEU H 56 -36.29 -26.28 64.55
CA LEU H 56 -36.83 -24.96 64.87
C LEU H 56 -36.40 -23.93 63.81
N LEU H 57 -35.10 -23.87 63.54
CA LEU H 57 -34.55 -22.91 62.57
C LEU H 57 -35.19 -23.08 61.19
N SER H 58 -35.42 -24.33 60.80
CA SER H 58 -36.10 -24.64 59.56
C SER H 58 -37.53 -24.12 59.51
N MET H 59 -38.26 -24.27 60.62
CA MET H 59 -39.63 -23.74 60.68
C MET H 59 -39.64 -22.21 60.54
N ASP H 60 -38.71 -21.56 61.22
CA ASP H 60 -38.51 -20.12 61.13
C ASP H 60 -38.22 -19.66 59.69
N ALA H 61 -37.34 -20.38 58.99
CA ALA H 61 -37.00 -20.03 57.62
C ALA H 61 -38.23 -20.14 56.74
N LEU H 62 -39.01 -21.19 56.94
CA LEU H 62 -40.22 -21.37 56.14
C LEU H 62 -41.22 -20.25 56.41
N TYR H 63 -41.41 -19.92 57.68
CA TYR H 63 -42.34 -18.85 58.09
C TYR H 63 -41.89 -17.52 57.52
N ARG H 64 -40.60 -17.20 57.66
CA ARG H 64 -40.08 -15.94 57.10
C ARG H 64 -40.39 -15.79 55.60
N GLN H 65 -40.50 -16.90 54.88
CA GLN H 65 -40.77 -16.83 53.44
C GLN H 65 -42.23 -16.58 53.09
N VAL H 66 -43.12 -16.66 54.07
CA VAL H 66 -44.54 -16.38 53.79
C VAL H 66 -45.05 -15.12 54.52
N LEU H 67 -44.12 -14.34 55.06
CA LEU H 67 -44.49 -13.10 55.76
C LEU H 67 -45.18 -12.08 54.87
N ASP H 68 -44.93 -12.14 53.57
CA ASP H 68 -45.61 -11.24 52.64
C ASP H 68 -46.67 -11.98 51.83
N VAL H 69 -47.13 -13.11 52.35
CA VAL H 69 -48.13 -13.89 51.66
C VAL H 69 -49.36 -14.00 52.57
N PRO H 70 -50.54 -13.69 52.04
CA PRO H 70 -51.72 -13.77 52.93
C PRO H 70 -52.09 -15.22 53.18
N GLY H 71 -52.96 -15.48 54.14
CA GLY H 71 -53.46 -16.84 54.29
C GLY H 71 -53.00 -17.51 55.55
N VAL H 72 -53.28 -18.81 55.66
CA VAL H 72 -53.11 -19.48 56.94
C VAL H 72 -51.97 -20.49 56.90
N ILE H 73 -51.68 -21.08 58.05
CA ILE H 73 -50.62 -22.06 58.19
C ILE H 73 -51.23 -23.41 58.57
N MET H 74 -51.01 -24.43 57.75
CA MET H 74 -51.58 -25.73 58.03
C MET H 74 -50.48 -26.75 58.23
N GLU H 75 -50.62 -27.59 59.25
CA GLU H 75 -49.76 -28.75 59.42
C GLU H 75 -50.58 -30.01 59.32
N PHE H 76 -50.22 -30.88 58.40
CA PHE H 76 -50.88 -32.16 58.30
C PHE H 76 -50.01 -33.20 58.99
N GLY H 77 -50.44 -33.65 60.16
CA GLY H 77 -49.62 -34.50 61.00
C GLY H 77 -48.91 -33.68 62.08
N VAL H 78 -49.49 -33.70 63.28
CA VAL H 78 -49.09 -32.84 64.39
C VAL H 78 -48.39 -33.64 65.49
N ARG H 79 -48.82 -34.88 65.65
CA ARG H 79 -48.48 -35.67 66.82
C ARG H 79 -48.61 -34.87 68.11
N PHE H 80 -47.51 -34.72 68.86
CA PHE H 80 -47.52 -34.00 70.14
C PHE H 80 -47.59 -32.48 69.99
N GLY H 81 -47.30 -31.99 68.77
CA GLY H 81 -47.50 -30.58 68.48
C GLY H 81 -46.26 -29.70 68.41
N ARG H 82 -45.09 -30.31 68.34
CA ARG H 82 -43.81 -29.59 68.23
C ARG H 82 -43.84 -28.38 67.28
N HIS H 83 -44.33 -28.56 66.07
CA HIS H 83 -44.33 -27.48 65.10
C HIS H 83 -45.38 -26.40 65.38
N LEU H 84 -46.51 -26.78 65.98
CA LEU H 84 -47.57 -25.80 66.27
C LEU H 84 -47.16 -24.85 67.37
N GLY H 85 -46.41 -25.37 68.33
CA GLY H 85 -45.82 -24.52 69.37
C GLY H 85 -44.88 -23.52 68.71
N THR H 86 -44.03 -24.02 67.82
CA THR H 86 -43.07 -23.20 67.09
C THR H 86 -43.77 -22.07 66.34
N PHE H 87 -44.76 -22.41 65.51
CA PHE H 87 -45.49 -21.39 64.75
C PHE H 87 -46.19 -20.39 65.65
N ALA H 88 -46.72 -20.86 66.77
CA ALA H 88 -47.42 -19.95 67.67
C ALA H 88 -46.45 -18.89 68.20
N ALA H 89 -45.25 -19.31 68.54
CA ALA H 89 -44.24 -18.40 69.06
C ALA H 89 -43.76 -17.51 67.92
N LEU H 90 -43.55 -18.10 66.75
CA LEU H 90 -43.05 -17.35 65.60
C LEU H 90 -44.02 -16.26 65.12
N ARG H 91 -45.31 -16.60 65.10
CA ARG H 91 -46.37 -15.66 64.77
C ARG H 91 -46.33 -14.45 65.71
N GLY H 92 -46.01 -14.71 66.98
CA GLY H 92 -45.79 -13.66 67.96
C GLY H 92 -44.62 -12.77 67.57
N VAL H 93 -43.53 -13.41 67.14
CA VAL H 93 -42.31 -12.71 66.77
C VAL H 93 -42.51 -11.79 65.56
N TYR H 94 -43.17 -12.30 64.53
CA TYR H 94 -43.23 -11.58 63.27
C TYR H 94 -44.53 -10.85 63.02
N GLU H 95 -45.64 -11.35 63.57
CA GLU H 95 -46.96 -10.86 63.17
C GLU H 95 -47.93 -10.52 64.31
N PRO H 96 -47.51 -9.65 65.25
CA PRO H 96 -48.44 -9.30 66.32
C PRO H 96 -49.73 -8.68 65.81
N TYR H 97 -49.69 -8.05 64.64
CA TYR H 97 -50.89 -7.35 64.15
C TYR H 97 -51.71 -8.14 63.15
N ASN H 98 -51.40 -9.41 62.97
CA ASN H 98 -52.14 -10.21 62.01
C ASN H 98 -52.93 -11.32 62.68
N PRO H 99 -54.21 -11.06 62.98
CA PRO H 99 -55.09 -12.03 63.63
C PRO H 99 -55.73 -12.96 62.60
N LEU H 100 -55.40 -12.80 61.33
CA LEU H 100 -55.89 -13.71 60.30
C LEU H 100 -54.91 -14.86 60.04
N ARG H 101 -53.70 -14.76 60.58
CA ARG H 101 -52.74 -15.85 60.39
C ARG H 101 -53.11 -16.99 61.33
N ARG H 102 -54.08 -17.78 60.90
CA ARG H 102 -54.55 -18.91 61.66
C ARG H 102 -53.57 -20.07 61.49
N ILE H 103 -53.42 -20.82 62.57
CA ILE H 103 -52.61 -22.02 62.56
C ILE H 103 -53.56 -23.20 62.72
N VAL H 104 -53.54 -24.12 61.77
CA VAL H 104 -54.48 -25.23 61.79
C VAL H 104 -53.71 -26.54 61.67
N GLY H 105 -53.86 -27.39 62.67
CA GLY H 105 -53.18 -28.67 62.68
C GLY H 105 -54.20 -29.80 62.57
N PHE H 106 -53.86 -30.77 61.73
CA PHE H 106 -54.70 -31.93 61.47
C PHE H 106 -53.99 -33.20 61.92
N ASP H 107 -54.72 -34.07 62.62
CA ASP H 107 -54.19 -35.37 63.05
C ASP H 107 -55.33 -36.23 63.54
N THR H 108 -55.16 -37.55 63.45
CA THR H 108 -56.11 -38.48 64.06
C THR H 108 -55.90 -38.42 65.57
N PHE H 109 -54.65 -38.10 65.95
CA PHE H 109 -54.21 -38.10 67.34
C PHE H 109 -54.29 -39.50 67.96
N THR H 110 -54.40 -40.51 67.09
CA THR H 110 -54.43 -41.89 67.52
C THR H 110 -53.46 -42.70 66.66
N GLY H 111 -52.71 -42.00 65.82
CA GLY H 111 -51.66 -42.60 65.02
C GLY H 111 -52.12 -42.94 63.62
N PHE H 112 -51.26 -43.63 62.86
CA PHE H 112 -51.58 -44.08 61.51
C PHE H 112 -52.91 -44.81 61.52
N PRO H 113 -53.87 -44.32 60.75
CA PRO H 113 -55.17 -45.00 60.71
C PRO H 113 -55.14 -46.26 59.87
N ASP H 114 -54.27 -46.31 58.86
CA ASP H 114 -54.19 -47.43 57.93
C ASP H 114 -53.10 -47.15 56.90
N VAL H 115 -52.34 -48.17 56.55
CA VAL H 115 -51.21 -47.95 55.66
C VAL H 115 -51.38 -48.67 54.32
N ASN H 116 -50.93 -48.03 53.24
CA ASN H 116 -50.94 -48.62 51.92
C ASN H 116 -49.73 -49.54 51.76
N ASP H 117 -49.77 -50.44 50.77
CA ASP H 117 -48.65 -51.34 50.51
C ASP H 117 -47.35 -50.58 50.21
N VAL H 118 -47.44 -49.49 49.46
CA VAL H 118 -46.25 -48.71 49.15
C VAL H 118 -45.61 -48.08 50.39
N ASP H 119 -46.36 -47.89 51.47
CA ASP H 119 -45.80 -47.39 52.73
C ASP H 119 -45.04 -48.46 53.52
N ARG H 120 -45.30 -49.73 53.23
CA ARG H 120 -44.70 -50.83 53.99
C ARG H 120 -43.26 -51.12 53.56
N VAL H 121 -42.33 -50.31 54.05
CA VAL H 121 -40.92 -50.45 53.74
C VAL H 121 -40.14 -50.65 55.03
N GLY H 122 -40.45 -49.82 56.02
CA GLY H 122 -39.73 -49.85 57.29
C GLY H 122 -40.47 -50.58 58.40
N PRO H 123 -39.86 -50.60 59.59
CA PRO H 123 -40.39 -51.34 60.76
C PRO H 123 -41.36 -50.50 61.62
N THR H 124 -41.75 -49.32 61.16
CA THR H 124 -42.73 -48.53 61.90
C THR H 124 -43.99 -48.29 61.07
N ALA H 125 -44.06 -48.96 59.92
CA ALA H 125 -45.22 -48.80 59.04
C ALA H 125 -46.41 -49.64 59.51
N TYR H 126 -47.00 -49.27 60.64
CA TYR H 126 -48.11 -50.05 61.18
C TYR H 126 -49.23 -49.16 61.71
N GLN H 127 -50.46 -49.59 61.46
CA GLN H 127 -51.64 -48.88 61.91
C GLN H 127 -51.57 -48.60 63.41
N GLY H 128 -51.82 -47.34 63.77
CA GLY H 128 -51.73 -46.91 65.16
C GLY H 128 -50.36 -46.44 65.63
N ARG H 129 -49.37 -46.45 64.74
CA ARG H 129 -48.03 -46.01 65.11
C ARG H 129 -48.08 -44.49 65.36
N PHE H 130 -47.22 -44.00 66.25
CA PHE H 130 -47.11 -42.56 66.54
C PHE H 130 -48.40 -41.98 67.08
N ALA H 131 -49.05 -42.70 67.98
CA ALA H 131 -50.24 -42.18 68.63
C ALA H 131 -49.85 -41.35 69.84
N VAL H 132 -50.79 -40.57 70.35
CA VAL H 132 -50.55 -39.78 71.56
C VAL H 132 -51.64 -40.13 72.57
N PRO H 133 -51.41 -39.87 73.87
CA PRO H 133 -52.39 -40.29 74.88
C PRO H 133 -53.82 -39.78 74.63
N GLY H 134 -54.79 -40.48 75.21
CA GLY H 134 -56.16 -40.01 75.21
C GLY H 134 -56.26 -38.63 75.85
N GLY H 135 -57.15 -37.81 75.35
CA GLY H 135 -57.30 -36.44 75.84
C GLY H 135 -56.17 -35.49 75.47
N TYR H 136 -55.22 -35.95 74.64
CA TYR H 136 -54.09 -35.11 74.27
C TYR H 136 -54.46 -33.79 73.56
N PRO H 137 -55.35 -33.84 72.56
CA PRO H 137 -55.69 -32.56 71.90
C PRO H 137 -56.13 -31.47 72.88
N ALA H 138 -56.89 -31.80 73.91
CA ALA H 138 -57.31 -30.79 74.87
C ALA H 138 -56.12 -30.25 75.65
N TYR H 139 -55.10 -31.08 75.85
CA TYR H 139 -53.85 -30.61 76.47
C TYR H 139 -53.09 -29.68 75.53
N LEU H 140 -53.01 -30.08 74.27
CA LEU H 140 -52.30 -29.30 73.28
C LEU H 140 -53.03 -27.98 73.09
N LYS H 141 -54.36 -28.02 73.12
CA LYS H 141 -55.16 -26.80 73.02
C LYS H 141 -54.85 -25.87 74.20
N GLU H 142 -54.67 -26.46 75.38
CA GLU H 142 -54.31 -25.69 76.56
C GLU H 142 -52.97 -24.99 76.34
N VAL H 143 -52.00 -25.74 75.81
CA VAL H 143 -50.71 -25.15 75.49
C VAL H 143 -50.85 -23.97 74.52
N LEU H 144 -51.57 -24.16 73.43
CA LEU H 144 -51.65 -23.13 72.41
C LEU H 144 -52.37 -21.88 72.92
N ASP H 145 -53.41 -22.08 73.74
CA ASP H 145 -54.12 -20.97 74.36
C ASP H 145 -53.22 -20.17 75.28
N ALA H 146 -52.26 -20.86 75.90
CA ALA H 146 -51.34 -20.20 76.81
C ALA H 146 -50.48 -19.19 76.05
N HIS H 147 -50.01 -19.58 74.87
CA HIS H 147 -49.28 -18.67 73.98
C HIS H 147 -50.15 -17.48 73.62
N GLU H 148 -51.39 -17.75 73.23
CA GLU H 148 -52.29 -16.73 72.72
C GLU H 148 -52.73 -15.72 73.79
N CYS H 149 -52.66 -16.13 75.05
CA CYS H 149 -52.99 -15.25 76.17
C CYS H 149 -52.27 -13.93 76.09
N SER H 150 -51.01 -13.96 75.67
CA SER H 150 -50.19 -12.75 75.68
C SER H 150 -49.97 -12.17 74.30
N ASP H 151 -50.71 -12.68 73.32
CA ASP H 151 -50.65 -12.11 71.97
C ASP H 151 -51.40 -10.77 71.91
N PHE H 152 -50.92 -9.87 71.06
CA PHE H 152 -51.57 -8.57 70.90
C PHE H 152 -53.02 -8.75 70.48
N PHE H 153 -53.30 -9.76 69.66
CA PHE H 153 -54.68 -10.09 69.28
C PHE H 153 -55.24 -11.29 70.02
N GLY H 154 -54.83 -11.44 71.29
CA GLY H 154 -55.28 -12.57 72.10
C GLY H 154 -56.77 -12.64 72.38
N HIS H 155 -57.50 -11.56 72.16
CA HIS H 155 -58.93 -11.56 72.43
C HIS H 155 -59.69 -12.16 71.25
N VAL H 156 -58.98 -12.36 70.15
CA VAL H 156 -59.56 -13.01 68.98
C VAL H 156 -59.34 -14.52 69.09
N THR H 157 -60.44 -15.27 69.15
CA THR H 157 -60.39 -16.70 69.38
C THR H 157 -60.25 -17.44 68.07
N GLN H 158 -59.98 -18.73 68.15
CA GLN H 158 -59.83 -19.58 66.97
C GLN H 158 -58.70 -19.13 66.06
N ARG H 159 -57.63 -18.67 66.68
CA ARG H 159 -56.43 -18.39 65.90
C ARG H 159 -55.52 -19.62 65.86
N SER H 160 -55.82 -20.61 66.70
CA SER H 160 -55.24 -21.95 66.62
C SER H 160 -56.36 -22.97 66.58
N VAL H 161 -56.38 -23.82 65.56
CA VAL H 161 -57.37 -24.89 65.50
C VAL H 161 -56.74 -26.27 65.39
N LEU H 162 -57.13 -27.16 66.29
CA LEU H 162 -56.79 -28.57 66.15
C LEU H 162 -57.99 -29.24 65.52
N VAL H 163 -57.74 -30.04 64.49
CA VAL H 163 -58.84 -30.73 63.79
C VAL H 163 -58.57 -32.22 63.85
N GLU H 164 -59.44 -32.94 64.56
CA GLU H 164 -59.25 -34.35 64.86
C GLU H 164 -59.96 -35.24 63.85
N GLY H 165 -59.24 -36.25 63.37
CA GLY H 165 -59.82 -37.20 62.44
C GLY H 165 -58.92 -37.46 61.25
N ASP H 166 -59.46 -38.22 60.30
CA ASP H 166 -58.71 -38.62 59.12
C ASP H 166 -58.73 -37.48 58.12
N VAL H 167 -57.53 -37.00 57.76
CA VAL H 167 -57.39 -35.84 56.89
C VAL H 167 -58.06 -36.00 55.54
N ARG H 168 -58.26 -37.25 55.10
CA ARG H 168 -59.01 -37.50 53.87
C ARG H 168 -60.44 -36.92 53.99
N GLU H 169 -60.98 -36.92 55.20
CA GLU H 169 -62.30 -36.33 55.45
C GLU H 169 -62.20 -34.92 56.04
N THR H 170 -61.36 -34.75 57.05
CA THR H 170 -61.32 -33.50 57.82
C THR H 170 -60.77 -32.29 57.05
N VAL H 171 -59.86 -32.51 56.10
CA VAL H 171 -59.31 -31.39 55.34
C VAL H 171 -60.33 -30.78 54.35
N PRO H 172 -60.94 -31.60 53.47
CA PRO H 172 -62.01 -31.03 52.63
C PRO H 172 -63.13 -30.41 53.46
N ARG H 173 -63.45 -30.99 54.61
CA ARG H 173 -64.50 -30.44 55.46
C ARG H 173 -64.12 -29.06 56.01
N TYR H 174 -62.88 -28.92 56.49
CA TYR H 174 -62.39 -27.62 56.93
C TYR H 174 -62.43 -26.59 55.80
N LEU H 175 -61.98 -26.97 54.61
CA LEU H 175 -61.94 -26.02 53.51
C LEU H 175 -63.34 -25.55 53.14
N ALA H 176 -64.27 -26.50 53.06
CA ALA H 176 -65.67 -26.21 52.77
C ALA H 176 -66.30 -25.27 53.79
N GLU H 177 -65.89 -25.38 55.04
CA GLU H 177 -66.41 -24.51 56.10
C GLU H 177 -65.71 -23.17 56.11
N ASN H 178 -64.55 -23.09 55.45
CA ASN H 178 -63.78 -21.86 55.50
C ASN H 178 -63.45 -21.32 54.12
N PRO H 179 -64.48 -20.83 53.40
CA PRO H 179 -64.30 -20.35 52.02
C PRO H 179 -63.45 -19.07 51.94
N GLN H 180 -63.10 -18.49 53.08
CA GLN H 180 -62.18 -17.36 53.09
C GLN H 180 -60.72 -17.83 53.03
N THR H 181 -60.48 -19.15 53.04
CA THR H 181 -59.12 -19.66 53.16
C THR H 181 -58.20 -19.31 51.99
N VAL H 182 -57.04 -18.76 52.34
CA VAL H 182 -55.89 -18.79 51.47
C VAL H 182 -54.82 -19.56 52.27
N ILE H 183 -54.10 -20.46 51.63
CA ILE H 183 -53.07 -21.22 52.35
C ILE H 183 -51.69 -20.66 52.07
N ALA H 184 -51.05 -20.12 53.09
CA ALA H 184 -49.72 -19.50 52.93
C ALA H 184 -48.60 -20.52 53.07
N LEU H 185 -48.76 -21.44 54.00
CA LEU H 185 -47.75 -22.46 54.27
C LEU H 185 -48.45 -23.78 54.56
N ALA H 186 -48.16 -24.79 53.76
CA ALA H 186 -48.71 -26.11 53.97
C ALA H 186 -47.58 -27.05 54.36
N TYR H 187 -47.60 -27.57 55.58
CA TYR H 187 -46.54 -28.47 56.01
C TYR H 187 -47.03 -29.92 56.09
N PHE H 188 -46.49 -30.78 55.24
CA PHE H 188 -46.88 -32.19 55.16
C PHE H 188 -45.98 -33.04 56.02
N ASP H 189 -46.57 -33.69 57.01
CA ASP H 189 -45.81 -34.60 57.87
C ASP H 189 -46.70 -35.80 58.18
N LEU H 190 -47.46 -36.22 57.18
CA LEU H 190 -48.34 -37.38 57.30
C LEU H 190 -47.61 -38.72 57.06
N ASP H 191 -46.47 -38.66 56.35
CA ASP H 191 -45.63 -39.83 56.02
C ASP H 191 -46.25 -40.82 55.03
N LEU H 192 -47.57 -40.94 55.03
CA LEU H 192 -48.26 -41.96 54.23
C LEU H 192 -48.73 -41.46 52.87
N TYR H 193 -48.74 -42.36 51.90
CA TYR H 193 -49.06 -42.01 50.52
C TYR H 193 -50.49 -41.51 50.32
N GLU H 194 -51.45 -42.26 50.81
CA GLU H 194 -52.88 -41.95 50.57
C GLU H 194 -53.35 -40.62 51.13
N PRO H 195 -53.09 -40.35 52.42
CA PRO H 195 -53.56 -39.04 52.89
C PRO H 195 -52.77 -37.89 52.27
N THR H 196 -51.49 -38.12 51.97
CA THR H 196 -50.69 -37.05 51.38
C THR H 196 -51.22 -36.68 50.01
N LYS H 197 -51.56 -37.69 49.22
CA LYS H 197 -52.17 -37.47 47.92
C LYS H 197 -53.50 -36.73 48.07
N ALA H 198 -54.34 -37.21 48.98
CA ALA H 198 -55.66 -36.62 49.19
C ALA H 198 -55.60 -35.15 49.61
N VAL H 199 -54.67 -34.82 50.50
CA VAL H 199 -54.55 -33.44 50.99
C VAL H 199 -53.96 -32.51 49.92
N LEU H 200 -52.95 -32.99 49.19
CA LEU H 200 -52.38 -32.24 48.06
C LEU H 200 -53.43 -31.78 47.07
N GLU H 201 -54.30 -32.70 46.67
CA GLU H 201 -55.36 -32.38 45.71
C GLU H 201 -56.33 -31.36 46.29
N ALA H 202 -56.68 -31.51 47.57
CA ALA H 202 -57.69 -30.63 48.17
C ALA H 202 -57.21 -29.19 48.41
N ILE H 203 -55.96 -29.02 48.83
CA ILE H 203 -55.46 -27.68 49.17
C ILE H 203 -55.19 -26.83 47.94
N ARG H 204 -55.06 -27.46 46.79
CA ARG H 204 -54.56 -26.77 45.59
C ARG H 204 -55.33 -25.49 45.19
N PRO H 205 -56.68 -25.50 45.23
CA PRO H 205 -57.36 -24.25 44.84
C PRO H 205 -57.18 -23.11 45.83
N TYR H 206 -56.54 -23.38 46.97
CA TYR H 206 -56.39 -22.37 48.00
C TYR H 206 -54.98 -21.76 48.10
N LEU H 207 -54.06 -22.22 47.25
CA LEU H 207 -52.68 -21.73 47.22
C LEU H 207 -52.57 -20.50 46.32
N THR H 208 -51.71 -19.55 46.66
CA THR H 208 -51.41 -18.49 45.69
C THR H 208 -49.98 -18.67 45.19
N LYS H 209 -49.61 -17.91 44.16
CA LYS H 209 -48.21 -17.91 43.74
C LYS H 209 -47.42 -17.32 44.91
N GLY H 210 -46.47 -18.09 45.43
CA GLY H 210 -45.68 -17.68 46.58
C GLY H 210 -46.00 -18.51 47.83
N SER H 211 -47.16 -19.17 47.84
CA SER H 211 -47.48 -20.09 48.94
C SER H 211 -46.37 -21.14 49.03
N ILE H 212 -46.00 -21.50 50.24
CA ILE H 212 -44.99 -22.53 50.42
C ILE H 212 -45.64 -23.88 50.72
N VAL H 213 -45.25 -24.88 49.95
CA VAL H 213 -45.64 -26.25 50.24
C VAL H 213 -44.39 -27.03 50.64
N ALA H 214 -44.44 -27.69 51.79
CA ALA H 214 -43.26 -28.32 52.35
C ALA H 214 -43.52 -29.76 52.81
N PHE H 215 -42.51 -30.60 52.62
CA PHE H 215 -42.60 -32.03 52.89
C PHE H 215 -41.46 -32.43 53.82
N ASP H 216 -41.75 -33.30 54.78
CA ASP H 216 -40.74 -33.75 55.72
C ASP H 216 -40.05 -35.09 55.34
N GLU H 217 -40.66 -35.89 54.47
CA GLU H 217 -39.98 -37.13 54.05
C GLU H 217 -40.01 -37.34 52.54
N LEU H 218 -39.94 -36.27 51.77
CA LEU H 218 -40.10 -36.36 50.33
C LEU H 218 -39.17 -37.39 49.69
N ASP H 219 -37.94 -37.51 50.21
CA ASP H 219 -36.95 -38.38 49.57
C ASP H 219 -36.36 -39.41 50.54
N ASN H 220 -37.13 -39.73 51.58
CA ASN H 220 -36.71 -40.68 52.58
C ASN H 220 -37.07 -42.11 52.13
N PRO H 221 -36.08 -43.01 52.07
CA PRO H 221 -36.39 -44.40 51.66
C PRO H 221 -37.40 -45.06 52.58
N LYS H 222 -37.48 -44.60 53.83
CA LYS H 222 -38.36 -45.24 54.81
C LYS H 222 -39.83 -44.91 54.52
N TRP H 223 -40.07 -43.80 53.84
CA TRP H 223 -41.43 -43.31 53.62
C TRP H 223 -41.64 -42.80 52.20
N PRO H 224 -41.66 -43.71 51.21
CA PRO H 224 -41.75 -43.32 49.80
C PRO H 224 -43.11 -42.73 49.43
N GLY H 225 -44.04 -42.73 50.37
CA GLY H 225 -45.40 -42.29 50.10
C GLY H 225 -45.52 -40.87 49.60
N GLU H 226 -44.80 -39.94 50.24
CA GLU H 226 -44.88 -38.53 49.85
C GLU H 226 -44.41 -38.31 48.40
N ASN H 227 -43.29 -38.93 48.03
CA ASN H 227 -42.77 -38.88 46.67
C ASN H 227 -43.80 -39.43 45.68
N ILE H 228 -44.36 -40.60 46.00
CA ILE H 228 -45.33 -41.23 45.12
C ILE H 228 -46.53 -40.32 44.93
N ALA H 229 -46.99 -39.72 46.01
CA ALA H 229 -48.12 -38.78 45.94
C ALA H 229 -47.79 -37.62 45.02
N MET H 230 -46.66 -36.96 45.31
CA MET H 230 -46.18 -35.82 44.52
C MET H 230 -46.15 -36.14 43.02
N ARG H 231 -45.56 -37.27 42.66
CA ARG H 231 -45.47 -37.65 41.25
C ARG H 231 -46.84 -37.88 40.60
N LYS H 232 -47.78 -38.44 41.35
CA LYS H 232 -49.16 -38.63 40.87
C LYS H 232 -49.90 -37.31 40.66
N VAL H 233 -49.85 -36.43 41.65
CA VAL H 233 -50.62 -35.19 41.57
C VAL H 233 -49.94 -34.11 40.71
N LEU H 234 -48.67 -33.82 41.00
CA LEU H 234 -47.99 -32.68 40.42
C LEU H 234 -46.85 -33.00 39.46
N GLY H 235 -46.05 -34.00 39.81
CA GLY H 235 -44.77 -34.19 39.14
C GLY H 235 -43.69 -33.51 39.96
N LEU H 236 -42.53 -34.13 40.07
CA LEU H 236 -41.44 -33.56 40.85
C LEU H 236 -40.90 -32.26 40.26
N ASP H 237 -41.19 -31.99 38.99
CA ASP H 237 -40.77 -30.74 38.36
C ASP H 237 -41.91 -29.78 38.08
N HIS H 238 -43.02 -29.90 38.81
CA HIS H 238 -44.11 -28.93 38.72
C HIS H 238 -43.62 -27.58 39.25
N ALA H 239 -42.75 -27.61 40.24
CA ALA H 239 -42.15 -26.41 40.80
C ALA H 239 -40.77 -26.78 41.32
N PRO H 240 -39.94 -25.79 41.70
CA PRO H 240 -38.60 -26.20 42.15
C PRO H 240 -38.59 -26.69 43.60
N LEU H 241 -38.26 -27.95 43.81
CA LEU H 241 -38.10 -28.46 45.17
C LEU H 241 -36.76 -28.04 45.73
N ARG H 242 -36.76 -27.53 46.96
CA ARG H 242 -35.54 -26.99 47.56
C ARG H 242 -35.29 -27.56 48.95
N LEU H 243 -34.02 -27.56 49.35
CA LEU H 243 -33.62 -27.81 50.73
C LEU H 243 -33.07 -26.53 51.35
N LEU H 244 -33.22 -26.39 52.65
CA LEU H 244 -32.38 -25.47 53.39
C LEU H 244 -31.00 -26.17 53.47
N PRO H 245 -29.94 -25.56 52.91
CA PRO H 245 -28.66 -26.29 52.78
C PRO H 245 -28.14 -26.82 54.12
N GLY H 246 -27.61 -28.04 54.07
CA GLY H 246 -27.10 -28.70 55.26
C GLY H 246 -28.11 -29.68 55.84
N ARG H 247 -29.37 -29.51 55.48
CA ARG H 247 -30.45 -30.26 56.11
C ARG H 247 -31.15 -31.18 55.14
N PRO H 248 -31.31 -32.47 55.51
CA PRO H 248 -31.96 -33.45 54.64
C PRO H 248 -33.41 -33.09 54.39
N ALA H 249 -34.03 -32.41 55.36
CA ALA H 249 -35.45 -32.03 55.30
C ALA H 249 -35.66 -30.71 56.09
N PRO H 250 -36.74 -29.96 55.79
CA PRO H 250 -37.82 -30.21 54.83
C PRO H 250 -37.36 -29.99 53.40
N ALA H 251 -38.09 -30.61 52.48
CA ALA H 251 -38.01 -30.26 51.07
C ALA H 251 -39.24 -29.39 50.84
N TYR H 252 -39.04 -28.21 50.24
CA TYR H 252 -40.17 -27.30 50.08
C TYR H 252 -40.19 -26.68 48.70
N LEU H 253 -41.36 -26.27 48.26
CA LEU H 253 -41.49 -25.64 46.96
C LEU H 253 -42.27 -24.35 47.10
N ARG H 254 -41.99 -23.41 46.21
CA ARG H 254 -42.69 -22.15 46.19
C ARG H 254 -43.70 -22.22 45.02
N TRP H 255 -44.99 -22.19 45.33
CA TRP H 255 -46.05 -22.39 44.33
C TRP H 255 -45.98 -21.39 43.18
N GLY H 256 -45.91 -21.90 41.96
CA GLY H 256 -45.83 -21.05 40.79
C GLY H 256 -44.41 -20.77 40.27
N ASP H 257 -43.39 -21.15 41.04
CA ASP H 257 -42.01 -20.87 40.61
C ASP H 257 -41.50 -21.85 39.54
N GLN I 7 -72.37 -19.54 66.27
CA GLN I 7 -71.12 -18.84 65.98
C GLN I 7 -70.65 -18.01 67.17
N ASP I 8 -69.37 -18.13 67.51
CA ASP I 8 -68.75 -17.30 68.54
C ASP I 8 -68.28 -16.00 67.91
N LEU I 9 -68.79 -14.87 68.40
CA LEU I 9 -68.46 -13.58 67.80
C LEU I 9 -67.01 -13.17 68.01
N ARG I 10 -66.36 -13.78 68.99
CA ARG I 10 -64.97 -13.45 69.29
C ARG I 10 -63.98 -14.09 68.31
N ALA I 11 -64.46 -15.01 67.47
CA ALA I 11 -63.63 -15.62 66.42
C ALA I 11 -63.38 -14.65 65.26
N PHE I 12 -64.21 -13.61 65.17
CA PHE I 12 -64.02 -12.56 64.16
C PHE I 12 -63.11 -11.48 64.71
N VAL I 13 -62.35 -10.83 63.83
CA VAL I 13 -61.52 -9.70 64.25
C VAL I 13 -62.35 -8.58 64.88
N HIS I 14 -61.97 -8.16 66.09
CA HIS I 14 -62.67 -7.07 66.76
C HIS I 14 -61.69 -6.35 67.67
N ASP I 15 -61.98 -5.07 67.96
CA ASP I 15 -61.15 -4.23 68.81
C ASP I 15 -60.99 -4.80 70.22
N SER I 16 -59.78 -4.68 70.76
CA SER I 16 -59.56 -4.98 72.16
C SER I 16 -60.19 -3.86 73.00
N PRO I 17 -60.39 -4.11 74.30
CA PRO I 17 -60.80 -3.01 75.18
C PRO I 17 -59.83 -1.82 75.05
N GLU I 18 -58.54 -2.11 74.95
CA GLU I 18 -57.53 -1.05 74.80
C GLU I 18 -57.68 -0.22 73.52
N GLU I 19 -57.95 -0.87 72.39
CA GLU I 19 -58.09 -0.13 71.12
C GLU I 19 -59.31 0.78 71.14
N THR I 20 -60.40 0.30 71.73
CA THR I 20 -61.62 1.08 71.90
C THR I 20 -61.35 2.31 72.75
N GLU I 21 -60.69 2.10 73.89
CA GLU I 21 -60.35 3.21 74.78
C GLU I 21 -59.49 4.27 74.10
N THR I 22 -58.43 3.85 73.41
CA THR I 22 -57.59 4.77 72.64
C THR I 22 -58.44 5.59 71.69
N THR I 23 -59.26 4.88 70.91
CA THR I 23 -60.14 5.49 69.93
C THR I 23 -61.07 6.54 70.58
N GLN I 24 -61.77 6.15 71.65
CA GLN I 24 -62.63 7.09 72.38
C GLN I 24 -61.85 8.27 72.96
N ARG I 25 -60.71 8.00 73.62
CA ARG I 25 -59.94 9.09 74.22
C ARG I 25 -59.50 10.12 73.17
N LEU I 26 -59.01 9.65 72.03
CA LEU I 26 -58.54 10.55 70.98
C LEU I 26 -59.70 11.36 70.40
N THR I 27 -60.86 10.73 70.28
CA THR I 27 -62.03 11.44 69.82
C THR I 27 -62.31 12.60 70.77
N LYS I 28 -62.28 12.32 72.07
CA LYS I 28 -62.57 13.34 73.08
C LYS I 28 -61.57 14.49 72.99
N LEU I 29 -60.29 14.15 72.83
CA LEU I 29 -59.23 15.14 72.85
C LEU I 29 -59.21 15.95 71.55
N LEU I 30 -59.77 15.39 70.49
CA LEU I 30 -59.86 16.12 69.25
C LEU I 30 -61.01 17.10 69.38
N THR I 31 -62.16 16.57 69.75
CA THR I 31 -63.36 17.39 69.86
C THR I 31 -63.30 18.44 70.99
N ASN I 32 -62.49 18.19 72.03
CA ASN I 32 -62.27 19.20 73.08
C ASN I 32 -60.85 19.72 73.14
N SER I 33 -60.25 19.97 71.98
CA SER I 33 -58.86 20.40 71.94
C SER I 33 -58.67 21.89 72.21
N PRO I 34 -57.61 22.23 72.96
CA PRO I 34 -57.21 23.63 73.11
C PRO I 34 -56.33 24.15 71.97
N ILE I 35 -56.04 23.32 70.97
CA ILE I 35 -55.41 23.82 69.75
C ILE I 35 -56.34 24.86 69.11
N PRO I 36 -55.80 26.05 68.83
CA PRO I 36 -56.55 27.07 68.07
C PRO I 36 -57.11 26.40 66.83
N THR I 37 -58.39 26.62 66.55
CA THR I 37 -59.09 25.93 65.46
C THR I 37 -58.32 25.91 64.13
N GLU I 38 -57.66 27.00 63.79
CA GLU I 38 -57.02 27.10 62.49
C GLU I 38 -55.69 26.35 62.43
N GLU I 39 -55.32 25.67 63.52
CA GLU I 39 -54.10 24.86 63.54
C GLU I 39 -54.40 23.37 63.63
N LEU I 40 -55.67 23.01 63.81
CA LEU I 40 -56.06 21.61 63.93
C LEU I 40 -55.60 20.78 62.74
N VAL I 41 -55.83 21.29 61.52
CA VAL I 41 -55.47 20.54 60.32
C VAL I 41 -53.97 20.52 60.10
N ASN I 42 -53.22 21.14 61.02
CA ASN I 42 -51.77 21.09 60.99
C ASN I 42 -51.22 20.17 62.08
N ASN I 43 -52.11 19.47 62.76
CA ASN I 43 -51.71 18.62 63.88
C ASN I 43 -52.53 17.34 63.97
N LEU I 44 -53.17 16.96 62.87
CA LEU I 44 -53.97 15.73 62.83
C LEU I 44 -53.25 14.42 63.27
N PRO I 45 -51.93 14.28 63.02
CA PRO I 45 -51.27 13.05 63.49
C PRO I 45 -51.35 12.85 65.00
N LEU I 46 -51.62 13.91 65.77
CA LEU I 46 -51.91 13.74 67.20
C LEU I 46 -53.05 12.74 67.44
N PHE I 47 -54.01 12.69 66.52
CA PHE I 47 -55.21 11.89 66.73
C PHE I 47 -55.25 10.67 65.82
N LEU I 48 -54.18 10.45 65.07
CA LEU I 48 -54.07 9.36 64.11
C LEU I 48 -53.34 8.16 64.72
N ARG I 49 -54.09 7.19 65.23
CA ARG I 49 -53.53 6.11 66.02
C ARG I 49 -52.96 5.03 65.11
N ARG I 50 -52.14 4.16 65.72
CA ARG I 50 -51.45 3.08 65.00
C ARG I 50 -52.27 2.43 63.90
N HIS I 51 -53.45 1.90 64.25
CA HIS I 51 -54.26 1.18 63.28
C HIS I 51 -54.57 2.03 62.04
N GLN I 52 -54.92 3.30 62.24
CA GLN I 52 -55.27 4.17 61.12
C GLN I 52 -54.02 4.64 60.38
N MET I 53 -52.96 4.95 61.11
CA MET I 53 -51.65 5.24 60.50
C MET I 53 -51.21 4.12 59.53
N THR I 54 -51.43 2.88 59.98
CA THR I 54 -51.07 1.71 59.21
C THR I 54 -51.79 1.66 57.87
N ASP I 55 -53.08 1.99 57.91
CA ASP I 55 -53.89 2.08 56.68
C ASP I 55 -53.33 3.16 55.72
N LEU I 56 -52.94 4.30 56.28
CA LEU I 56 -52.36 5.37 55.47
C LEU I 56 -51.07 4.89 54.81
N LEU I 57 -50.18 4.32 55.61
CA LEU I 57 -48.90 3.83 55.09
C LEU I 57 -49.09 2.73 54.04
N SER I 58 -50.12 1.89 54.21
CA SER I 58 -50.41 0.89 53.19
C SER I 58 -50.84 1.50 51.86
N MET I 59 -51.76 2.47 51.90
CA MET I 59 -52.19 3.13 50.68
C MET I 59 -51.02 3.81 49.97
N ASP I 60 -50.16 4.46 50.75
CA ASP I 60 -48.95 5.08 50.18
C ASP I 60 -48.08 4.03 49.51
N ALA I 61 -47.95 2.87 50.14
CA ALA I 61 -47.16 1.79 49.55
C ALA I 61 -47.75 1.36 48.22
N LEU I 62 -49.07 1.14 48.17
CA LEU I 62 -49.75 0.77 46.93
C LEU I 62 -49.59 1.83 45.85
N TYR I 63 -49.81 3.10 46.21
CA TYR I 63 -49.67 4.18 45.26
C TYR I 63 -48.24 4.25 44.70
N ARG I 64 -47.24 4.13 45.57
CA ARG I 64 -45.86 4.18 45.10
C ARG I 64 -45.58 3.07 44.08
N GLN I 65 -46.33 1.99 44.12
CA GLN I 65 -46.12 0.92 43.14
C GLN I 65 -46.73 1.16 41.75
N VAL I 66 -47.53 2.21 41.60
CA VAL I 66 -48.11 2.50 40.28
C VAL I 66 -47.71 3.88 39.76
N LEU I 67 -46.70 4.48 40.38
CA LEU I 67 -46.20 5.76 39.88
C LEU I 67 -45.65 5.66 38.45
N ASP I 68 -45.23 4.46 38.04
CA ASP I 68 -44.79 4.27 36.66
C ASP I 68 -45.81 3.51 35.83
N VAL I 69 -47.06 3.47 36.28
CA VAL I 69 -48.12 2.83 35.52
C VAL I 69 -49.14 3.89 35.09
N PRO I 70 -49.55 3.89 33.82
CA PRO I 70 -50.57 4.85 33.41
C PRO I 70 -51.94 4.48 33.96
N GLY I 71 -52.85 5.44 34.00
CA GLY I 71 -54.21 5.11 34.32
C GLY I 71 -54.77 5.71 35.60
N VAL I 72 -55.97 5.27 35.95
CA VAL I 72 -56.70 5.91 37.02
C VAL I 72 -56.65 5.06 38.27
N ILE I 73 -57.07 5.66 39.38
CA ILE I 73 -57.19 4.93 40.63
C ILE I 73 -58.69 4.78 40.90
N MET I 74 -59.10 3.56 41.24
CA MET I 74 -60.52 3.25 41.48
C MET I 74 -60.71 2.57 42.81
N GLU I 75 -61.66 3.09 43.60
CA GLU I 75 -62.08 2.43 44.84
C GLU I 75 -63.54 1.97 44.78
N PHE I 76 -63.76 0.70 45.08
CA PHE I 76 -65.10 0.16 45.13
C PHE I 76 -65.43 -0.07 46.60
N GLY I 77 -66.36 0.71 47.12
CA GLY I 77 -66.61 0.72 48.55
C GLY I 77 -65.84 1.87 49.18
N VAL I 78 -66.54 2.97 49.42
CA VAL I 78 -65.91 4.22 49.82
C VAL I 78 -66.17 4.58 51.29
N ARG I 79 -67.35 4.19 51.76
CA ARG I 79 -67.92 4.68 53.02
C ARG I 79 -67.78 6.19 53.18
N PHE I 80 -67.00 6.63 54.17
CA PHE I 80 -66.83 8.07 54.41
C PHE I 80 -65.75 8.70 53.53
N GLY I 81 -65.00 7.87 52.80
CA GLY I 81 -63.97 8.35 51.89
C GLY I 81 -62.55 8.45 52.42
N ARG I 82 -62.27 7.82 53.56
CA ARG I 82 -60.91 7.77 54.14
C ARG I 82 -59.81 7.56 53.07
N HIS I 83 -60.01 6.54 52.24
CA HIS I 83 -59.02 6.21 51.23
C HIS I 83 -58.97 7.23 50.11
N LEU I 84 -60.10 7.87 49.81
CA LEU I 84 -60.13 8.86 48.74
C LEU I 84 -59.39 10.13 49.16
N GLY I 85 -59.56 10.51 50.42
CA GLY I 85 -58.82 11.64 50.96
C GLY I 85 -57.32 11.34 50.90
N THR I 86 -56.92 10.14 51.30
CA THR I 86 -55.52 9.73 51.21
C THR I 86 -54.98 9.87 49.77
N PHE I 87 -55.67 9.27 48.82
CA PHE I 87 -55.20 9.31 47.42
C PHE I 87 -55.06 10.73 46.91
N ALA I 88 -55.96 11.62 47.33
CA ALA I 88 -55.93 12.99 46.82
C ALA I 88 -54.68 13.70 47.31
N ALA I 89 -54.36 13.46 48.58
CA ALA I 89 -53.16 14.01 49.17
C ALA I 89 -51.92 13.39 48.53
N LEU I 90 -51.94 12.07 48.38
CA LEU I 90 -50.79 11.36 47.86
C LEU I 90 -50.51 11.79 46.40
N ARG I 91 -51.57 12.00 45.64
CA ARG I 91 -51.43 12.42 44.26
C ARG I 91 -50.74 13.80 44.20
N GLY I 92 -51.02 14.67 45.18
CA GLY I 92 -50.29 15.92 45.29
C GLY I 92 -48.81 15.71 45.60
N VAL I 93 -48.53 14.78 46.51
CA VAL I 93 -47.15 14.51 46.90
C VAL I 93 -46.33 13.97 45.74
N TYR I 94 -46.88 13.01 45.00
CA TYR I 94 -46.11 12.29 43.98
C TYR I 94 -46.28 12.81 42.56
N GLU I 95 -47.47 13.32 42.24
CA GLU I 95 -47.81 13.59 40.84
C GLU I 95 -48.40 14.98 40.56
N PRO I 96 -47.67 16.05 40.90
CA PRO I 96 -48.20 17.39 40.60
C PRO I 96 -48.50 17.63 39.13
N TYR I 97 -47.80 16.91 38.26
CA TYR I 97 -47.87 17.19 36.83
C TYR I 97 -48.68 16.13 36.07
N ASN I 98 -49.48 15.35 36.79
CA ASN I 98 -50.27 14.30 36.16
C ASN I 98 -51.77 14.56 36.32
N PRO I 99 -52.35 15.36 35.42
CA PRO I 99 -53.78 15.67 35.47
C PRO I 99 -54.64 14.47 35.05
N LEU I 100 -54.01 13.40 34.60
CA LEU I 100 -54.76 12.25 34.10
C LEU I 100 -54.97 11.19 35.17
N ARG I 101 -54.30 11.35 36.31
CA ARG I 101 -54.49 10.39 37.38
C ARG I 101 -55.80 10.70 38.10
N ARG I 102 -56.89 10.25 37.48
CA ARG I 102 -58.21 10.46 38.03
C ARG I 102 -58.45 9.50 39.17
N ILE I 103 -59.09 10.00 40.22
CA ILE I 103 -59.45 9.18 41.37
C ILE I 103 -60.96 8.96 41.35
N VAL I 104 -61.39 7.70 41.29
CA VAL I 104 -62.82 7.44 41.13
C VAL I 104 -63.36 6.54 42.23
N GLY I 105 -64.36 7.02 42.98
CA GLY I 105 -64.97 6.24 44.04
C GLY I 105 -66.39 5.76 43.71
N PHE I 106 -66.64 4.48 43.95
CA PHE I 106 -67.94 3.89 43.71
C PHE I 106 -68.55 3.40 45.03
N ASP I 107 -69.80 3.78 45.27
CA ASP I 107 -70.54 3.31 46.44
C ASP I 107 -72.00 3.63 46.22
N THR I 108 -72.88 2.91 46.90
CA THR I 108 -74.27 3.30 46.94
C THR I 108 -74.40 4.50 47.87
N PHE I 109 -73.43 4.62 48.78
CA PHE I 109 -73.49 5.57 49.89
C PHE I 109 -74.70 5.39 50.78
N THR I 110 -75.37 4.25 50.61
CA THR I 110 -76.51 3.90 51.44
C THR I 110 -76.28 2.53 52.04
N GLY I 111 -75.01 2.10 52.06
CA GLY I 111 -74.65 0.81 52.63
C GLY I 111 -74.95 -0.38 51.72
N PHE I 112 -74.77 -1.59 52.24
CA PHE I 112 -75.01 -2.82 51.47
C PHE I 112 -76.40 -2.81 50.83
N PRO I 113 -76.46 -2.94 49.49
CA PRO I 113 -77.72 -2.96 48.73
C PRO I 113 -78.56 -4.22 48.99
N ASP I 114 -77.89 -5.35 49.10
CA ASP I 114 -78.52 -6.65 49.35
C ASP I 114 -77.37 -7.62 49.57
N VAL I 115 -77.58 -8.64 50.38
CA VAL I 115 -76.51 -9.61 50.58
C VAL I 115 -76.84 -11.00 50.03
N ASN I 116 -75.78 -11.73 49.70
CA ASN I 116 -75.85 -13.10 49.22
C ASN I 116 -75.65 -14.02 50.41
N ASP I 117 -76.19 -15.24 50.34
CA ASP I 117 -76.02 -16.22 51.42
C ASP I 117 -74.58 -16.37 51.90
N VAL I 118 -73.63 -16.39 50.96
CA VAL I 118 -72.21 -16.61 51.30
C VAL I 118 -71.61 -15.52 52.22
N ASP I 119 -72.19 -14.33 52.18
CA ASP I 119 -71.74 -13.20 53.00
C ASP I 119 -72.31 -13.24 54.43
N ARG I 120 -73.35 -14.05 54.64
CA ARG I 120 -74.03 -14.12 55.94
C ARG I 120 -73.29 -15.00 56.95
N VAL I 121 -72.11 -14.56 57.36
CA VAL I 121 -71.29 -15.32 58.29
C VAL I 121 -71.44 -14.78 59.71
N GLY I 122 -71.31 -13.46 59.83
CA GLY I 122 -71.50 -12.76 61.10
C GLY I 122 -72.73 -11.88 61.07
N PRO I 123 -72.95 -11.09 62.14
CA PRO I 123 -74.21 -10.40 62.40
C PRO I 123 -74.34 -9.03 61.73
N THR I 124 -73.32 -8.58 61.02
CA THR I 124 -73.42 -7.27 60.37
C THR I 124 -73.68 -7.39 58.87
N ALA I 125 -73.93 -8.61 58.41
CA ALA I 125 -74.16 -8.86 56.99
C ALA I 125 -75.62 -8.65 56.59
N TYR I 126 -76.03 -7.38 56.49
CA TYR I 126 -77.41 -7.01 56.18
C TYR I 126 -77.51 -5.77 55.29
N GLN I 127 -78.66 -5.59 54.64
CA GLN I 127 -78.91 -4.43 53.80
C GLN I 127 -78.85 -3.14 54.64
N GLY I 128 -78.07 -2.16 54.16
CA GLY I 128 -77.95 -0.88 54.85
C GLY I 128 -76.71 -0.68 55.71
N ARG I 129 -76.05 -1.78 56.08
CA ARG I 129 -74.77 -1.72 56.81
C ARG I 129 -73.73 -0.78 56.17
N PHE I 130 -73.15 0.11 56.98
CA PHE I 130 -72.15 1.12 56.57
C PHE I 130 -72.75 2.30 55.79
N ALA I 131 -74.07 2.46 55.88
CA ALA I 131 -74.72 3.64 55.30
C ALA I 131 -74.11 4.88 55.93
N VAL I 132 -73.89 5.89 55.11
CA VAL I 132 -73.41 7.16 55.60
C VAL I 132 -74.61 8.12 55.47
N PRO I 133 -74.54 9.32 56.08
CA PRO I 133 -75.76 10.16 56.11
C PRO I 133 -76.29 10.57 54.73
N GLY I 134 -77.56 10.93 54.67
CA GLY I 134 -78.15 11.47 53.45
C GLY I 134 -77.41 12.73 53.03
N GLY I 135 -77.18 12.86 51.73
CA GLY I 135 -76.41 13.98 51.18
C GLY I 135 -74.91 13.86 51.37
N TYR I 136 -74.45 12.70 51.84
CA TYR I 136 -73.01 12.54 52.10
C TYR I 136 -72.09 12.79 50.89
N PRO I 137 -72.40 12.20 49.71
CA PRO I 137 -71.51 12.42 48.57
C PRO I 137 -71.16 13.88 48.27
N ALA I 138 -72.11 14.79 48.43
CA ALA I 138 -71.82 16.20 48.15
C ALA I 138 -70.75 16.75 49.11
N TYR I 139 -70.81 16.32 50.36
CA TYR I 139 -69.81 16.70 51.34
C TYR I 139 -68.44 16.11 50.98
N LEU I 140 -68.42 14.84 50.61
CA LEU I 140 -67.16 14.18 50.27
C LEU I 140 -66.53 14.85 49.05
N LYS I 141 -67.37 15.19 48.06
CA LYS I 141 -66.91 15.92 46.88
C LYS I 141 -66.33 17.27 47.29
N GLU I 142 -66.95 17.90 48.28
CA GLU I 142 -66.50 19.20 48.73
C GLU I 142 -65.12 19.05 49.38
N VAL I 143 -64.93 17.96 50.13
CA VAL I 143 -63.62 17.66 50.70
C VAL I 143 -62.55 17.48 49.61
N LEU I 144 -62.86 16.64 48.64
CA LEU I 144 -61.96 16.38 47.52
C LEU I 144 -61.63 17.66 46.76
N ASP I 145 -62.64 18.50 46.49
CA ASP I 145 -62.42 19.77 45.79
C ASP I 145 -61.51 20.70 46.58
N ALA I 146 -61.60 20.65 47.91
CA ALA I 146 -60.75 21.47 48.76
C ALA I 146 -59.26 21.10 48.57
N HIS I 147 -58.99 19.81 48.45
CA HIS I 147 -57.63 19.36 48.13
C HIS I 147 -57.19 19.86 46.76
N GLU I 148 -58.03 19.66 45.75
CA GLU I 148 -57.66 19.96 44.37
C GLU I 148 -57.44 21.45 44.10
N CYS I 149 -58.09 22.28 44.90
CA CYS I 149 -57.94 23.74 44.84
C CYS I 149 -56.48 24.19 44.77
N SER I 150 -55.61 23.53 45.52
CA SER I 150 -54.19 23.90 45.52
C SER I 150 -53.29 22.96 44.70
N ASP I 151 -53.88 22.04 43.93
CA ASP I 151 -53.08 21.22 43.02
C ASP I 151 -52.52 22.07 41.88
N PHE I 152 -51.39 21.67 41.33
CA PHE I 152 -50.79 22.36 40.17
C PHE I 152 -51.77 22.33 39.00
N PHE I 153 -52.51 21.24 38.84
CA PHE I 153 -53.54 21.15 37.80
C PHE I 153 -54.95 21.32 38.35
N GLY I 154 -55.11 22.18 39.35
CA GLY I 154 -56.40 22.41 39.95
C GLY I 154 -57.43 22.97 38.98
N HIS I 155 -56.98 23.58 37.90
CA HIS I 155 -57.90 24.20 36.96
C HIS I 155 -58.55 23.16 36.07
N VAL I 156 -58.04 21.93 36.15
CA VAL I 156 -58.65 20.83 35.41
C VAL I 156 -59.66 20.10 36.29
N THR I 157 -60.88 19.92 35.78
CA THR I 157 -61.96 19.37 36.60
C THR I 157 -62.13 17.88 36.38
N GLN I 158 -63.00 17.28 37.19
CA GLN I 158 -63.29 15.84 37.12
C GLN I 158 -62.03 14.99 37.33
N ARG I 159 -61.13 15.49 38.16
CA ARG I 159 -59.98 14.70 38.54
C ARG I 159 -60.33 13.84 39.76
N SER I 160 -61.42 14.19 40.43
CA SER I 160 -62.01 13.34 41.46
C SER I 160 -63.45 13.12 41.10
N VAL I 161 -63.89 11.86 41.10
CA VAL I 161 -65.25 11.54 40.70
C VAL I 161 -65.91 10.56 41.65
N LEU I 162 -67.07 10.93 42.18
CA LEU I 162 -67.85 9.98 42.97
C LEU I 162 -68.98 9.45 42.11
N VAL I 163 -69.08 8.15 41.97
CA VAL I 163 -70.17 7.55 41.22
C VAL I 163 -71.10 6.81 42.19
N GLU I 164 -72.34 7.31 42.28
CA GLU I 164 -73.31 6.78 43.23
C GLU I 164 -74.20 5.72 42.61
N GLY I 165 -74.39 4.62 43.31
CA GLY I 165 -75.27 3.57 42.87
C GLY I 165 -74.61 2.22 43.00
N ASP I 166 -75.29 1.19 42.50
CA ASP I 166 -74.80 -0.18 42.61
C ASP I 166 -73.68 -0.41 41.60
N VAL I 167 -72.49 -0.77 42.10
CA VAL I 167 -71.34 -1.06 41.23
C VAL I 167 -71.68 -2.00 40.08
N ARG I 168 -72.54 -2.99 40.32
CA ARG I 168 -72.95 -3.93 39.27
C ARG I 168 -73.44 -3.19 38.02
N GLU I 169 -74.02 -2.00 38.22
CA GLU I 169 -74.44 -1.15 37.12
C GLU I 169 -73.45 -0.01 36.84
N THR I 170 -73.00 0.67 37.89
CA THR I 170 -72.25 1.91 37.71
C THR I 170 -70.88 1.69 37.08
N VAL I 171 -70.20 0.61 37.46
CA VAL I 171 -68.86 0.35 36.94
C VAL I 171 -68.85 0.10 35.43
N PRO I 172 -69.70 -0.84 34.93
CA PRO I 172 -69.71 -0.98 33.47
C PRO I 172 -70.14 0.32 32.76
N ARG I 173 -71.04 1.09 33.38
CA ARG I 173 -71.49 2.34 32.79
C ARG I 173 -70.35 3.36 32.74
N TYR I 174 -69.66 3.54 33.86
CA TYR I 174 -68.48 4.38 33.89
C TYR I 174 -67.50 4.00 32.76
N LEU I 175 -67.18 2.71 32.66
CA LEU I 175 -66.22 2.25 31.66
C LEU I 175 -66.68 2.53 30.23
N ALA I 176 -67.96 2.29 29.95
CA ALA I 176 -68.52 2.56 28.61
C ALA I 176 -68.37 4.03 28.27
N GLU I 177 -68.61 4.88 29.27
CA GLU I 177 -68.53 6.33 29.10
C GLU I 177 -67.08 6.85 29.04
N ASN I 178 -66.13 6.04 29.47
CA ASN I 178 -64.73 6.43 29.44
C ASN I 178 -63.84 5.41 28.73
N PRO I 179 -63.95 5.35 27.38
CA PRO I 179 -63.17 4.35 26.62
C PRO I 179 -61.65 4.55 26.72
N GLN I 180 -61.20 5.72 27.20
CA GLN I 180 -59.78 6.00 27.38
C GLN I 180 -59.17 5.36 28.64
N THR I 181 -60.01 4.72 29.47
CA THR I 181 -59.57 4.25 30.79
C THR I 181 -58.44 3.21 30.72
N VAL I 182 -57.42 3.43 31.54
CA VAL I 182 -56.53 2.35 31.94
C VAL I 182 -56.63 2.42 33.46
N ILE I 183 -56.63 1.29 34.13
CA ILE I 183 -56.72 1.29 35.58
C ILE I 183 -55.38 0.89 36.19
N ALA I 184 -54.80 1.82 36.94
CA ALA I 184 -53.47 1.62 37.52
C ALA I 184 -53.63 0.87 38.83
N LEU I 185 -54.60 1.31 39.61
CA LEU I 185 -54.84 0.72 40.91
C LEU I 185 -56.34 0.50 41.11
N ALA I 186 -56.72 -0.74 41.41
CA ALA I 186 -58.12 -1.06 41.69
C ALA I 186 -58.20 -1.55 43.13
N TYR I 187 -58.91 -0.79 43.96
CA TYR I 187 -59.01 -1.11 45.38
C TYR I 187 -60.40 -1.66 45.74
N PHE I 188 -60.44 -2.93 46.15
CA PHE I 188 -61.72 -3.60 46.43
C PHE I 188 -62.05 -3.58 47.90
N ASP I 189 -63.10 -2.88 48.26
CA ASP I 189 -63.50 -2.84 49.65
C ASP I 189 -65.01 -2.96 49.70
N LEU I 190 -65.55 -3.95 48.99
CA LEU I 190 -67.00 -4.10 48.89
C LEU I 190 -67.51 -5.07 49.94
N ASP I 191 -66.62 -5.96 50.40
CA ASP I 191 -66.95 -7.04 51.34
C ASP I 191 -67.84 -8.15 50.73
N LEU I 192 -68.73 -7.79 49.82
CA LEU I 192 -69.74 -8.74 49.34
C LEU I 192 -69.38 -9.49 48.06
N TYR I 193 -69.78 -10.76 48.01
CA TYR I 193 -69.46 -11.66 46.90
C TYR I 193 -69.88 -11.16 45.50
N GLU I 194 -71.16 -10.85 45.34
CA GLU I 194 -71.68 -10.50 44.01
C GLU I 194 -71.09 -9.24 43.37
N PRO I 195 -71.05 -8.13 44.10
CA PRO I 195 -70.46 -6.94 43.45
C PRO I 195 -68.98 -7.13 43.15
N THR I 196 -68.28 -7.84 44.01
CA THR I 196 -66.85 -8.06 43.79
C THR I 196 -66.62 -8.83 42.50
N LYS I 197 -67.39 -9.88 42.32
CA LYS I 197 -67.25 -10.73 41.14
C LYS I 197 -67.53 -9.93 39.88
N ALA I 198 -68.64 -9.19 39.90
CA ALA I 198 -69.04 -8.41 38.74
C ALA I 198 -68.02 -7.33 38.38
N VAL I 199 -67.44 -6.69 39.39
CA VAL I 199 -66.49 -5.63 39.12
C VAL I 199 -65.17 -6.19 38.58
N LEU I 200 -64.67 -7.24 39.21
CA LEU I 200 -63.46 -7.95 38.75
C LEU I 200 -63.55 -8.25 37.28
N GLU I 201 -64.71 -8.73 36.84
CA GLU I 201 -64.96 -9.07 35.44
C GLU I 201 -64.97 -7.82 34.55
N ALA I 202 -65.57 -6.75 35.04
CA ALA I 202 -65.73 -5.57 34.18
C ALA I 202 -64.42 -4.82 33.99
N ILE I 203 -63.59 -4.72 35.03
CA ILE I 203 -62.35 -3.94 34.96
C ILE I 203 -61.24 -4.65 34.19
N ARG I 204 -61.41 -5.94 33.94
CA ARG I 204 -60.35 -6.74 33.33
C ARG I 204 -59.72 -6.21 32.02
N PRO I 205 -60.54 -5.78 31.04
CA PRO I 205 -59.91 -5.23 29.83
C PRO I 205 -59.13 -3.92 30.01
N TYR I 206 -59.18 -3.30 31.19
CA TYR I 206 -58.54 -1.99 31.35
C TYR I 206 -57.33 -2.03 32.27
N LEU I 207 -56.91 -3.24 32.65
CA LEU I 207 -55.69 -3.41 33.43
C LEU I 207 -54.50 -3.69 32.49
N THR I 208 -53.33 -3.17 32.85
CA THR I 208 -52.12 -3.54 32.12
C THR I 208 -51.23 -4.34 33.08
N LYS I 209 -50.25 -5.02 32.53
CA LYS I 209 -49.26 -5.71 33.35
C LYS I 209 -48.60 -4.67 34.24
N GLY I 210 -48.65 -4.88 35.56
CA GLY I 210 -48.16 -3.89 36.50
C GLY I 210 -49.24 -3.19 37.28
N SER I 211 -50.48 -3.23 36.79
CA SER I 211 -51.61 -2.67 37.52
C SER I 211 -51.78 -3.43 38.82
N ILE I 212 -52.16 -2.73 39.87
CA ILE I 212 -52.36 -3.34 41.18
C ILE I 212 -53.83 -3.61 41.42
N VAL I 213 -54.14 -4.86 41.72
CA VAL I 213 -55.46 -5.16 42.24
C VAL I 213 -55.31 -5.51 43.72
N ALA I 214 -56.09 -4.82 44.56
CA ALA I 214 -55.99 -4.95 46.00
C ALA I 214 -57.34 -5.24 46.63
N PHE I 215 -57.32 -6.03 47.70
CA PHE I 215 -58.51 -6.43 48.45
C PHE I 215 -58.33 -6.13 49.93
N ASP I 216 -59.37 -5.56 50.52
CA ASP I 216 -59.36 -5.19 51.93
C ASP I 216 -59.65 -6.40 52.84
N GLU I 217 -60.35 -7.40 52.34
CA GLU I 217 -60.88 -8.47 53.20
C GLU I 217 -60.78 -9.88 52.62
N LEU I 218 -59.68 -10.18 51.93
CA LEU I 218 -59.63 -11.41 51.16
C LEU I 218 -59.65 -12.71 51.97
N ASP I 219 -58.98 -12.73 53.12
CA ASP I 219 -58.89 -13.96 53.91
C ASP I 219 -59.57 -13.84 55.29
N ASN I 220 -60.46 -12.85 55.40
CA ASN I 220 -61.26 -12.62 56.60
C ASN I 220 -62.49 -13.54 56.66
N PRO I 221 -62.58 -14.39 57.70
CA PRO I 221 -63.68 -15.32 57.93
C PRO I 221 -65.06 -14.65 57.95
N LYS I 222 -65.12 -13.40 58.39
CA LYS I 222 -66.40 -12.72 58.44
C LYS I 222 -66.89 -12.34 57.03
N TRP I 223 -65.96 -12.11 56.12
CA TRP I 223 -66.32 -11.71 54.76
C TRP I 223 -65.61 -12.57 53.73
N PRO I 224 -66.17 -13.75 53.45
CA PRO I 224 -65.53 -14.68 52.52
C PRO I 224 -65.82 -14.35 51.06
N GLY I 225 -66.67 -13.36 50.81
CA GLY I 225 -67.13 -13.07 49.48
C GLY I 225 -66.03 -12.76 48.48
N GLU I 226 -65.07 -11.95 48.91
CA GLU I 226 -63.98 -11.58 48.02
C GLU I 226 -63.12 -12.77 47.63
N ASN I 227 -62.84 -13.65 48.59
CA ASN I 227 -62.14 -14.91 48.29
C ASN I 227 -62.94 -15.72 47.28
N ILE I 228 -64.24 -15.88 47.54
CA ILE I 228 -65.10 -16.68 46.66
C ILE I 228 -65.12 -16.09 45.25
N ALA I 229 -65.25 -14.77 45.16
CA ALA I 229 -65.23 -14.12 43.86
C ALA I 229 -63.89 -14.33 43.14
N MET I 230 -62.78 -14.12 43.85
CA MET I 230 -61.45 -14.32 43.27
C MET I 230 -61.27 -15.74 42.75
N ARG I 231 -61.64 -16.72 43.57
CA ARG I 231 -61.47 -18.11 43.17
C ARG I 231 -62.32 -18.45 41.97
N LYS I 232 -63.35 -17.64 41.73
CA LYS I 232 -64.29 -17.87 40.65
C LYS I 232 -63.81 -17.25 39.33
N VAL I 233 -63.46 -15.97 39.37
CA VAL I 233 -63.12 -15.24 38.15
C VAL I 233 -61.70 -15.53 37.66
N LEU I 234 -60.79 -15.73 38.60
CA LEU I 234 -59.37 -15.79 38.30
C LEU I 234 -58.65 -16.99 38.90
N GLY I 235 -58.94 -17.31 40.15
CA GLY I 235 -58.17 -18.32 40.86
C GLY I 235 -57.13 -17.63 41.72
N LEU I 236 -56.91 -18.18 42.91
CA LEU I 236 -55.99 -17.54 43.86
C LEU I 236 -54.54 -17.53 43.39
N ASP I 237 -54.20 -18.41 42.44
CA ASP I 237 -52.83 -18.48 41.94
C ASP I 237 -52.72 -17.93 40.52
N HIS I 238 -53.67 -17.07 40.15
CA HIS I 238 -53.64 -16.43 38.83
C HIS I 238 -52.50 -15.42 38.79
N ALA I 239 -52.24 -14.80 39.94
CA ALA I 239 -51.12 -13.90 40.12
C ALA I 239 -50.68 -14.04 41.59
N PRO I 240 -49.51 -13.49 41.94
CA PRO I 240 -49.10 -13.71 43.32
C PRO I 240 -49.75 -12.70 44.27
N LEU I 241 -50.57 -13.19 45.17
CA LEU I 241 -51.20 -12.31 46.15
C LEU I 241 -50.21 -12.01 47.26
N ARG I 242 -50.09 -10.74 47.62
CA ARG I 242 -49.08 -10.36 48.59
C ARG I 242 -49.67 -9.58 49.74
N LEU I 243 -48.95 -9.57 50.86
CA LEU I 243 -49.24 -8.67 51.97
C LEU I 243 -48.09 -7.69 52.09
N LEU I 244 -48.37 -6.53 52.68
CA LEU I 244 -47.31 -5.68 53.19
C LEU I 244 -46.98 -6.30 54.55
N PRO I 245 -45.74 -6.79 54.72
CA PRO I 245 -45.43 -7.61 55.91
C PRO I 245 -45.83 -6.93 57.21
N GLY I 246 -46.51 -7.68 58.08
CA GLY I 246 -46.98 -7.16 59.35
C GLY I 246 -48.46 -6.83 59.39
N ARG I 247 -49.08 -6.70 58.21
CA ARG I 247 -50.48 -6.29 58.11
C ARG I 247 -51.33 -7.36 57.44
N PRO I 248 -52.49 -7.69 58.04
CA PRO I 248 -53.42 -8.68 57.49
C PRO I 248 -54.02 -8.23 56.18
N ALA I 249 -54.10 -6.90 56.00
CA ALA I 249 -54.70 -6.29 54.83
C ALA I 249 -53.98 -4.99 54.47
N PRO I 250 -53.95 -4.63 53.19
CA PRO I 250 -54.65 -5.29 52.08
C PRO I 250 -53.85 -6.45 51.53
N ALA I 251 -54.55 -7.36 50.84
CA ALA I 251 -53.89 -8.35 50.02
C ALA I 251 -53.95 -7.78 48.63
N TYR I 252 -52.84 -7.81 47.91
CA TYR I 252 -52.84 -7.20 46.59
C TYR I 252 -51.98 -7.99 45.61
N LEU I 253 -52.31 -7.87 44.34
CA LEU I 253 -51.59 -8.55 43.30
C LEU I 253 -51.17 -7.56 42.24
N ARG I 254 -50.09 -7.89 41.54
CA ARG I 254 -49.62 -7.11 40.42
C ARG I 254 -50.01 -7.86 39.13
N TRP I 255 -50.90 -7.24 38.34
CA TRP I 255 -51.43 -7.89 37.13
C TRP I 255 -50.31 -8.39 36.22
N GLY I 256 -50.35 -9.68 35.86
CA GLY I 256 -49.38 -10.27 34.95
C GLY I 256 -48.23 -10.99 35.62
N ASP I 257 -48.07 -10.82 36.93
CA ASP I 257 -46.92 -11.38 37.64
C ASP I 257 -47.05 -12.88 37.98
N GLN J 7 -10.17 -41.02 8.05
CA GLN J 7 -10.37 -40.51 9.41
C GLN J 7 -9.03 -40.36 10.15
N ASP J 8 -8.58 -39.11 10.29
CA ASP J 8 -7.33 -38.80 10.96
C ASP J 8 -7.50 -38.88 12.46
N LEU J 9 -6.73 -39.75 13.10
CA LEU J 9 -6.88 -39.96 14.55
C LEU J 9 -6.42 -38.76 15.37
N ARG J 10 -5.62 -37.89 14.74
CA ARG J 10 -5.14 -36.70 15.43
C ARG J 10 -6.25 -35.67 15.57
N ALA J 11 -7.39 -35.91 14.93
CA ALA J 11 -8.54 -35.01 15.02
C ALA J 11 -9.36 -35.29 16.26
N PHE J 12 -9.12 -36.43 16.89
CA PHE J 12 -9.71 -36.70 18.18
C PHE J 12 -8.80 -36.11 19.24
N VAL J 13 -9.40 -35.64 20.33
CA VAL J 13 -8.63 -35.19 21.48
C VAL J 13 -7.72 -36.32 21.93
N HIS J 14 -6.47 -36.01 22.17
CA HIS J 14 -5.55 -37.01 22.68
C HIS J 14 -4.42 -36.27 23.39
N ASP J 15 -3.73 -36.99 24.27
CA ASP J 15 -2.66 -36.43 25.09
C ASP J 15 -1.47 -35.97 24.25
N SER J 16 -0.96 -34.78 24.53
CA SER J 16 0.29 -34.33 23.95
C SER J 16 1.43 -35.15 24.55
N PRO J 17 2.61 -35.13 23.91
CA PRO J 17 3.75 -35.85 24.49
C PRO J 17 4.04 -35.38 25.91
N GLU J 18 3.84 -34.10 26.18
CA GLU J 18 4.13 -33.56 27.50
C GLU J 18 3.15 -34.02 28.58
N GLU J 19 1.86 -34.08 28.22
CA GLU J 19 0.84 -34.60 29.11
C GLU J 19 1.12 -36.07 29.43
N THR J 20 1.61 -36.81 28.45
CA THR J 20 1.96 -38.22 28.66
C THR J 20 3.18 -38.30 29.59
N GLU J 21 4.15 -37.43 29.37
CA GLU J 21 5.35 -37.41 30.20
C GLU J 21 5.04 -37.07 31.65
N THR J 22 4.22 -36.04 31.85
CA THR J 22 3.80 -35.63 33.19
C THR J 22 3.14 -36.77 33.90
N THR J 23 2.19 -37.40 33.20
CA THR J 23 1.46 -38.53 33.75
C THR J 23 2.41 -39.68 34.13
N GLN J 24 3.37 -40.00 33.26
CA GLN J 24 4.27 -41.13 33.55
C GLN J 24 5.25 -40.81 34.69
N ARG J 25 5.78 -39.59 34.69
CA ARG J 25 6.61 -39.15 35.80
C ARG J 25 5.91 -39.19 37.17
N LEU J 26 4.75 -38.54 37.27
CA LEU J 26 4.02 -38.51 38.52
C LEU J 26 3.75 -39.93 39.02
N THR J 27 3.39 -40.83 38.11
CA THR J 27 3.17 -42.24 38.43
C THR J 27 4.39 -42.89 39.08
N LYS J 28 5.56 -42.65 38.50
CA LYS J 28 6.80 -43.20 39.01
C LYS J 28 7.15 -42.57 40.35
N LEU J 29 6.92 -41.27 40.46
CA LEU J 29 7.22 -40.57 41.70
C LEU J 29 6.29 -41.01 42.82
N LEU J 30 5.09 -41.44 42.47
CA LEU J 30 4.14 -41.93 43.45
C LEU J 30 4.51 -43.31 43.99
N THR J 31 4.84 -44.22 43.09
CA THR J 31 5.11 -45.60 43.48
C THR J 31 6.52 -45.72 44.09
N ASN J 32 7.36 -44.73 43.84
CA ASN J 32 8.71 -44.75 44.39
C ASN J 32 8.98 -43.56 45.31
N SER J 33 8.00 -43.21 46.13
CA SER J 33 8.12 -42.04 46.96
C SER J 33 8.93 -42.31 48.24
N PRO J 34 9.79 -41.35 48.61
CA PRO J 34 10.45 -41.38 49.92
C PRO J 34 9.49 -40.96 51.02
N ILE J 35 8.26 -40.60 50.67
CA ILE J 35 7.29 -40.19 51.68
C ILE J 35 6.90 -41.42 52.48
N PRO J 36 6.88 -41.32 53.82
CA PRO J 36 6.47 -42.45 54.65
C PRO J 36 5.11 -42.96 54.19
N THR J 37 4.96 -44.27 54.08
CA THR J 37 3.75 -44.89 53.56
C THR J 37 2.46 -44.32 54.17
N GLU J 38 2.45 -44.15 55.48
CA GLU J 38 1.24 -43.67 56.16
C GLU J 38 0.97 -42.16 56.00
N GLU J 39 1.81 -41.45 55.25
CA GLU J 39 1.61 -40.04 54.97
C GLU J 39 1.22 -39.78 53.52
N LEU J 40 1.25 -40.82 52.68
CA LEU J 40 0.91 -40.69 51.26
C LEU J 40 -0.48 -40.11 51.03
N VAL J 41 -1.48 -40.62 51.74
CA VAL J 41 -2.84 -40.15 51.58
C VAL J 41 -3.05 -38.76 52.19
N ASN J 42 -1.96 -38.17 52.68
CA ASN J 42 -1.97 -36.79 53.18
C ASN J 42 -1.22 -35.86 52.24
N ASN J 43 -0.76 -36.40 51.12
CA ASN J 43 0.01 -35.62 50.16
C ASN J 43 -0.31 -35.95 48.71
N LEU J 44 -1.50 -36.51 48.46
CA LEU J 44 -1.92 -36.83 47.10
C LEU J 44 -1.90 -35.67 46.08
N PRO J 45 -2.13 -34.41 46.50
CA PRO J 45 -2.06 -33.35 45.48
C PRO J 45 -0.70 -33.22 44.79
N LEU J 46 0.36 -33.74 45.40
CA LEU J 46 1.66 -33.76 44.73
C LEU J 46 1.54 -34.47 43.39
N PHE J 47 0.64 -35.46 43.33
CA PHE J 47 0.58 -36.36 42.19
C PHE J 47 -0.67 -36.16 41.32
N LEU J 48 -1.41 -35.09 41.63
CA LEU J 48 -2.66 -34.73 40.95
C LEU J 48 -2.41 -33.61 39.94
N ARG J 49 -2.28 -33.95 38.67
CA ARG J 49 -1.90 -32.96 37.69
C ARG J 49 -3.09 -32.07 37.27
N ARG J 50 -2.80 -30.98 36.54
CA ARG J 50 -3.81 -30.03 36.08
C ARG J 50 -5.09 -30.66 35.56
N HIS J 51 -4.95 -31.57 34.60
CA HIS J 51 -6.10 -32.20 33.98
C HIS J 51 -7.01 -32.90 35.00
N GLN J 52 -6.41 -33.60 35.96
CA GLN J 52 -7.19 -34.30 36.98
C GLN J 52 -7.69 -33.34 38.07
N MET J 53 -6.87 -32.36 38.43
CA MET J 53 -7.32 -31.34 39.35
C MET J 53 -8.57 -30.63 38.78
N THR J 54 -8.56 -30.37 37.47
CA THR J 54 -9.68 -29.70 36.81
C THR J 54 -10.98 -30.50 36.98
N ASP J 55 -10.87 -31.79 36.75
CA ASP J 55 -12.01 -32.67 36.88
C ASP J 55 -12.59 -32.63 38.28
N LEU J 56 -11.70 -32.58 39.28
CA LEU J 56 -12.12 -32.51 40.67
C LEU J 56 -12.87 -31.19 40.98
N LEU J 57 -12.31 -30.08 40.53
CA LEU J 57 -12.92 -28.77 40.67
C LEU J 57 -14.27 -28.70 39.95
N SER J 58 -14.36 -29.35 38.80
CA SER J 58 -15.65 -29.42 38.10
C SER J 58 -16.69 -30.21 38.92
N MET J 59 -16.31 -31.38 39.43
CA MET J 59 -17.24 -32.13 40.30
C MET J 59 -17.71 -31.27 41.48
N ASP J 60 -16.77 -30.54 42.08
CA ASP J 60 -17.09 -29.71 43.21
C ASP J 60 -18.04 -28.60 42.81
N ALA J 61 -17.84 -28.06 41.60
CA ALA J 61 -18.68 -26.98 41.11
C ALA J 61 -20.11 -27.46 40.88
N LEU J 62 -20.26 -28.64 40.25
CA LEU J 62 -21.59 -29.21 40.05
C LEU J 62 -22.28 -29.51 41.39
N TYR J 63 -21.51 -30.05 42.33
CA TYR J 63 -22.05 -30.44 43.63
C TYR J 63 -22.55 -29.21 44.39
N ARG J 64 -21.77 -28.14 44.33
CA ARG J 64 -22.16 -26.91 45.03
C ARG J 64 -23.47 -26.36 44.49
N GLN J 65 -23.81 -26.69 43.25
CA GLN J 65 -25.05 -26.20 42.66
C GLN J 65 -26.32 -26.94 43.10
N VAL J 66 -26.15 -28.10 43.74
CA VAL J 66 -27.32 -28.87 44.18
C VAL J 66 -27.44 -29.00 45.70
N LEU J 67 -26.63 -28.25 46.44
CA LEU J 67 -26.70 -28.22 47.90
C LEU J 67 -28.07 -27.79 48.43
N ASP J 68 -28.81 -27.01 47.65
CA ASP J 68 -30.17 -26.65 48.04
C ASP J 68 -31.22 -27.45 47.28
N VAL J 69 -30.84 -28.59 46.72
CA VAL J 69 -31.77 -29.44 45.99
C VAL J 69 -31.85 -30.83 46.61
N PRO J 70 -33.08 -31.31 46.89
CA PRO J 70 -33.20 -32.63 47.53
C PRO J 70 -32.82 -33.74 46.55
N GLY J 71 -32.53 -34.92 47.06
CA GLY J 71 -32.28 -36.04 46.18
C GLY J 71 -30.88 -36.62 46.18
N VAL J 72 -30.67 -37.57 45.27
CA VAL J 72 -29.46 -38.38 45.29
C VAL J 72 -28.53 -37.98 44.17
N ILE J 73 -27.33 -38.53 44.19
CA ILE J 73 -26.35 -38.32 43.13
C ILE J 73 -26.16 -39.61 42.37
N MET J 74 -26.29 -39.53 41.05
CA MET J 74 -26.12 -40.70 40.21
C MET J 74 -25.02 -40.49 39.20
N GLU J 75 -24.14 -41.48 39.08
CA GLU J 75 -23.20 -41.51 37.99
C GLU J 75 -23.48 -42.73 37.12
N PHE J 76 -23.60 -42.50 35.81
CA PHE J 76 -23.77 -43.59 34.87
C PHE J 76 -22.45 -43.79 34.12
N GLY J 77 -21.76 -44.89 34.42
CA GLY J 77 -20.42 -45.10 33.94
C GLY J 77 -19.41 -44.72 35.02
N VAL J 78 -18.93 -45.73 35.74
CA VAL J 78 -18.08 -45.55 36.92
C VAL J 78 -16.58 -45.86 36.67
N ARG J 79 -16.33 -46.92 35.91
CA ARG J 79 -14.98 -47.46 35.71
C ARG J 79 -14.28 -47.73 37.05
N PHE J 80 -13.13 -47.13 37.30
CA PHE J 80 -12.42 -47.34 38.55
C PHE J 80 -13.02 -46.59 39.73
N GLY J 81 -13.87 -45.60 39.43
CA GLY J 81 -14.59 -44.91 40.49
C GLY J 81 -14.12 -43.52 40.83
N ARG J 82 -13.37 -42.88 39.93
CA ARG J 82 -12.83 -41.53 40.17
C ARG J 82 -13.87 -40.55 40.74
N HIS J 83 -14.98 -40.37 40.04
CA HIS J 83 -16.01 -39.44 40.49
C HIS J 83 -16.75 -39.89 41.75
N LEU J 84 -16.93 -41.20 41.96
CA LEU J 84 -17.60 -41.67 43.18
C LEU J 84 -16.81 -41.30 44.44
N GLY J 85 -15.49 -41.46 44.37
CA GLY J 85 -14.61 -41.06 45.47
C GLY J 85 -14.67 -39.57 45.73
N THR J 86 -14.65 -38.78 44.66
CA THR J 86 -14.76 -37.33 44.77
C THR J 86 -16.07 -36.96 45.47
N PHE J 87 -17.15 -37.57 45.02
CA PHE J 87 -18.47 -37.28 45.59
C PHE J 87 -18.56 -37.65 47.07
N ALA J 88 -18.06 -38.83 47.41
CA ALA J 88 -17.99 -39.26 48.80
C ALA J 88 -17.25 -38.25 49.69
N ALA J 89 -16.13 -37.73 49.20
CA ALA J 89 -15.37 -36.79 50.00
C ALA J 89 -16.10 -35.46 50.04
N LEU J 90 -16.64 -35.04 48.90
CA LEU J 90 -17.34 -33.77 48.83
C LEU J 90 -18.59 -33.78 49.71
N ARG J 91 -19.22 -34.95 49.81
CA ARG J 91 -20.41 -35.09 50.63
C ARG J 91 -20.03 -34.89 52.11
N GLY J 92 -18.83 -35.34 52.46
CA GLY J 92 -18.31 -35.05 53.79
C GLY J 92 -18.12 -33.56 54.03
N VAL J 93 -17.53 -32.86 53.06
CA VAL J 93 -17.24 -31.44 53.20
C VAL J 93 -18.52 -30.64 53.42
N TYR J 94 -19.54 -30.91 52.61
CA TYR J 94 -20.71 -30.06 52.55
C TYR J 94 -21.94 -30.54 53.32
N GLU J 95 -22.10 -31.85 53.46
CA GLU J 95 -23.33 -32.38 54.01
C GLU J 95 -23.15 -33.45 55.08
N PRO J 96 -22.46 -33.11 56.19
CA PRO J 96 -22.33 -34.10 57.28
C PRO J 96 -23.69 -34.54 57.78
N TYR J 97 -24.69 -33.66 57.71
CA TYR J 97 -25.97 -33.94 58.34
C TYR J 97 -27.03 -34.45 57.37
N ASN J 98 -26.62 -34.84 56.17
CA ASN J 98 -27.60 -35.30 55.18
C ASN J 98 -27.40 -36.77 54.77
N PRO J 99 -28.01 -37.70 55.51
CA PRO J 99 -27.88 -39.13 55.21
C PRO J 99 -28.76 -39.58 54.05
N LEU J 100 -29.55 -38.68 53.48
CA LEU J 100 -30.41 -39.05 52.36
C LEU J 100 -29.70 -38.79 51.04
N ARG J 101 -28.53 -38.13 51.09
CA ARG J 101 -27.75 -37.89 49.87
C ARG J 101 -26.98 -39.15 49.47
N ARG J 102 -27.68 -40.08 48.84
CA ARG J 102 -27.09 -41.35 48.48
C ARG J 102 -26.29 -41.12 47.19
N ILE J 103 -25.17 -41.80 47.08
CA ILE J 103 -24.37 -41.75 45.87
C ILE J 103 -24.53 -43.11 45.20
N VAL J 104 -25.13 -43.14 44.02
CA VAL J 104 -25.38 -44.39 43.29
C VAL J 104 -24.62 -44.43 41.96
N GLY J 105 -23.75 -45.42 41.82
CA GLY J 105 -22.97 -45.57 40.60
C GLY J 105 -23.36 -46.80 39.80
N PHE J 106 -23.67 -46.60 38.53
CA PHE J 106 -24.05 -47.70 37.65
C PHE J 106 -22.94 -47.97 36.67
N ASP J 107 -22.66 -49.25 36.46
CA ASP J 107 -21.71 -49.72 35.45
C ASP J 107 -21.85 -51.25 35.32
N THR J 108 -21.51 -51.78 34.15
CA THR J 108 -21.32 -53.21 34.04
C THR J 108 -20.06 -53.64 34.81
N PHE J 109 -19.09 -52.73 34.87
CA PHE J 109 -17.75 -53.03 35.40
C PHE J 109 -16.96 -54.00 34.49
N THR J 110 -17.50 -54.23 33.29
CA THR J 110 -16.83 -55.08 32.33
C THR J 110 -16.66 -54.37 31.00
N GLY J 111 -16.72 -53.03 31.03
CA GLY J 111 -16.56 -52.24 29.81
C GLY J 111 -17.83 -52.18 28.99
N PHE J 112 -17.77 -51.60 27.79
CA PHE J 112 -18.97 -51.47 26.96
C PHE J 112 -19.58 -52.86 26.70
N PRO J 113 -20.90 -53.01 26.91
CA PRO J 113 -21.61 -54.29 26.69
C PRO J 113 -21.86 -54.57 25.21
N ASP J 114 -21.99 -53.50 24.44
CA ASP J 114 -22.19 -53.57 23.01
C ASP J 114 -21.87 -52.18 22.52
N VAL J 115 -21.94 -51.95 21.22
CA VAL J 115 -21.83 -50.59 20.71
C VAL J 115 -22.74 -50.45 19.52
N ASN J 116 -23.22 -49.22 19.30
CA ASN J 116 -24.05 -48.91 18.14
C ASN J 116 -23.19 -48.36 17.01
N ASP J 117 -23.73 -48.33 15.79
CA ASP J 117 -22.96 -47.82 14.66
C ASP J 117 -22.56 -46.36 14.82
N VAL J 118 -23.42 -45.56 15.43
CA VAL J 118 -23.12 -44.14 15.59
C VAL J 118 -21.95 -43.94 16.57
N ASP J 119 -21.76 -44.89 17.47
CA ASP J 119 -20.63 -44.87 18.42
C ASP J 119 -19.30 -45.22 17.76
N ARG J 120 -19.36 -45.85 16.58
CA ARG J 120 -18.14 -46.35 15.93
C ARG J 120 -17.50 -45.30 15.02
N VAL J 121 -16.97 -44.25 15.65
CA VAL J 121 -16.24 -43.22 14.94
C VAL J 121 -14.73 -43.47 15.06
N GLY J 122 -14.29 -43.81 16.27
CA GLY J 122 -12.89 -44.04 16.52
C GLY J 122 -12.59 -45.52 16.65
N PRO J 123 -11.33 -45.86 16.93
CA PRO J 123 -10.85 -47.24 17.05
C PRO J 123 -11.16 -47.91 18.38
N THR J 124 -11.47 -47.14 19.42
CA THR J 124 -11.67 -47.74 20.74
C THR J 124 -13.13 -48.04 21.05
N ALA J 125 -13.99 -47.93 20.04
CA ALA J 125 -15.41 -48.19 20.23
C ALA J 125 -15.72 -49.65 20.01
N TYR J 126 -15.29 -50.49 20.95
CA TYR J 126 -15.57 -51.92 20.91
C TYR J 126 -16.09 -52.45 22.24
N GLN J 127 -16.71 -53.61 22.19
CA GLN J 127 -17.24 -54.24 23.40
C GLN J 127 -16.14 -54.52 24.43
N GLY J 128 -16.40 -54.18 25.71
CA GLY J 128 -15.43 -54.44 26.75
C GLY J 128 -14.40 -53.36 27.01
N ARG J 129 -14.34 -52.35 26.14
CA ARG J 129 -13.49 -51.19 26.39
C ARG J 129 -13.83 -50.58 27.74
N PHE J 130 -12.81 -50.22 28.50
CA PHE J 130 -12.95 -49.67 29.86
C PHE J 130 -13.35 -50.71 30.92
N ALA J 131 -13.25 -51.99 30.59
CA ALA J 131 -13.42 -53.03 31.60
C ALA J 131 -12.47 -52.83 32.77
N VAL J 132 -12.90 -53.21 33.96
CA VAL J 132 -12.04 -53.18 35.14
C VAL J 132 -11.90 -54.63 35.65
N PRO J 133 -10.89 -54.89 36.49
CA PRO J 133 -10.63 -56.30 36.87
C PRO J 133 -11.79 -57.02 37.54
N GLY J 134 -11.78 -58.35 37.47
CA GLY J 134 -12.74 -59.16 38.21
C GLY J 134 -12.66 -58.81 39.69
N GLY J 135 -13.80 -58.80 40.36
CA GLY J 135 -13.82 -58.47 41.78
C GLY J 135 -13.70 -56.98 42.08
N TYR J 136 -13.60 -56.15 41.04
CA TYR J 136 -13.35 -54.72 41.26
C TYR J 136 -14.40 -53.96 42.08
N PRO J 137 -15.70 -54.19 41.82
CA PRO J 137 -16.75 -53.53 42.63
C PRO J 137 -16.57 -53.73 44.13
N ALA J 138 -16.21 -54.95 44.55
CA ALA J 138 -16.01 -55.22 45.96
C ALA J 138 -14.91 -54.32 46.53
N TYR J 139 -13.84 -54.13 45.77
CA TYR J 139 -12.74 -53.25 46.17
C TYR J 139 -13.19 -51.78 46.24
N LEU J 140 -13.89 -51.33 45.21
CA LEU J 140 -14.42 -49.99 45.18
C LEU J 140 -15.34 -49.76 46.38
N LYS J 141 -16.18 -50.75 46.67
CA LYS J 141 -17.09 -50.69 47.82
C LYS J 141 -16.27 -50.53 49.13
N GLU J 142 -15.15 -51.23 49.19
CA GLU J 142 -14.25 -51.12 50.33
C GLU J 142 -13.70 -49.69 50.44
N VAL J 143 -13.37 -49.10 49.29
CA VAL J 143 -12.89 -47.73 49.26
C VAL J 143 -13.97 -46.78 49.80
N LEU J 144 -15.20 -46.91 49.30
CA LEU J 144 -16.28 -46.03 49.74
C LEU J 144 -16.64 -46.26 51.21
N ASP J 145 -16.62 -47.51 51.66
CA ASP J 145 -16.88 -47.80 53.08
C ASP J 145 -15.83 -47.16 53.98
N ALA J 146 -14.60 -47.07 53.49
CA ALA J 146 -13.53 -46.41 54.25
C ALA J 146 -13.87 -44.93 54.47
N HIS J 147 -14.33 -44.26 53.41
CA HIS J 147 -14.73 -42.85 53.53
C HIS J 147 -15.86 -42.70 54.55
N GLU J 148 -16.91 -43.50 54.37
CA GLU J 148 -18.13 -43.40 55.17
C GLU J 148 -17.93 -43.75 56.64
N CYS J 149 -16.90 -44.53 56.92
CA CYS J 149 -16.54 -44.91 58.27
C CYS J 149 -16.41 -43.71 59.20
N SER J 150 -16.04 -42.56 58.65
CA SER J 150 -15.86 -41.39 59.51
C SER J 150 -16.82 -40.25 59.18
N ASP J 151 -17.83 -40.53 58.37
CA ASP J 151 -18.95 -39.61 58.17
C ASP J 151 -19.73 -39.46 59.46
N PHE J 152 -20.38 -38.31 59.66
CA PHE J 152 -21.24 -38.11 60.82
C PHE J 152 -22.41 -39.10 60.87
N PHE J 153 -22.93 -39.46 59.69
CA PHE J 153 -23.96 -40.51 59.61
C PHE J 153 -23.41 -41.84 59.09
N GLY J 154 -22.22 -42.22 59.56
CA GLY J 154 -21.58 -43.44 59.11
C GLY J 154 -22.22 -44.71 59.63
N HIS J 155 -23.19 -44.60 60.53
CA HIS J 155 -23.92 -45.77 60.99
C HIS J 155 -25.06 -46.12 60.04
N VAL J 156 -25.43 -45.19 59.16
CA VAL J 156 -26.46 -45.48 58.18
C VAL J 156 -25.84 -46.10 56.94
N THR J 157 -26.34 -47.26 56.54
CA THR J 157 -25.80 -47.98 55.39
C THR J 157 -26.47 -47.61 54.07
N GLN J 158 -25.90 -48.12 52.99
CA GLN J 158 -26.41 -47.88 51.64
C GLN J 158 -26.46 -46.39 51.27
N ARG J 159 -25.51 -45.64 51.81
CA ARG J 159 -25.37 -44.25 51.42
C ARG J 159 -24.51 -44.16 50.16
N SER J 160 -23.78 -45.25 49.88
CA SER J 160 -23.09 -45.47 48.60
C SER J 160 -23.50 -46.83 48.04
N VAL J 161 -23.91 -46.85 46.78
CA VAL J 161 -24.39 -48.06 46.16
C VAL J 161 -23.79 -48.24 44.76
N LEU J 162 -23.11 -49.36 44.56
CA LEU J 162 -22.66 -49.77 43.24
C LEU J 162 -23.69 -50.71 42.62
N VAL J 163 -24.23 -50.35 41.45
CA VAL J 163 -25.23 -51.20 40.80
C VAL J 163 -24.62 -51.82 39.54
N GLU J 164 -24.37 -53.13 39.63
CA GLU J 164 -23.67 -53.84 38.58
C GLU J 164 -24.64 -54.33 37.51
N GLY J 165 -24.38 -53.97 36.26
CA GLY J 165 -25.17 -54.46 35.14
C GLY J 165 -25.28 -53.44 34.02
N ASP J 166 -26.09 -53.76 33.01
CA ASP J 166 -26.36 -52.83 31.91
C ASP J 166 -27.41 -51.82 32.39
N VAL J 167 -27.08 -50.53 32.33
CA VAL J 167 -28.01 -49.49 32.79
C VAL J 167 -29.39 -49.57 32.14
N ARG J 168 -29.46 -50.13 30.93
CA ARG J 168 -30.75 -50.30 30.25
C ARG J 168 -31.72 -51.10 31.12
N GLU J 169 -31.21 -52.05 31.90
CA GLU J 169 -32.05 -52.81 32.82
C GLU J 169 -31.93 -52.30 34.26
N THR J 170 -30.71 -51.98 34.68
CA THR J 170 -30.46 -51.68 36.08
C THR J 170 -31.02 -50.33 36.54
N VAL J 171 -31.02 -49.34 35.64
CA VAL J 171 -31.52 -48.04 36.01
C VAL J 171 -33.04 -48.06 36.25
N PRO J 172 -33.84 -48.54 35.26
CA PRO J 172 -35.27 -48.64 35.59
C PRO J 172 -35.54 -49.57 36.78
N ARG J 173 -34.77 -50.65 36.94
CA ARG J 173 -34.96 -51.52 38.10
C ARG J 173 -34.66 -50.78 39.41
N TYR J 174 -33.54 -50.06 39.44
CA TYR J 174 -33.20 -49.28 40.63
C TYR J 174 -34.32 -48.32 40.97
N LEU J 175 -34.82 -47.61 39.96
CA LEU J 175 -35.90 -46.64 40.19
C LEU J 175 -37.20 -47.27 40.69
N ALA J 176 -37.56 -48.44 40.17
CA ALA J 176 -38.76 -49.15 40.63
C ALA J 176 -38.64 -49.57 42.10
N GLU J 177 -37.42 -49.91 42.51
CA GLU J 177 -37.17 -50.34 43.88
C GLU J 177 -37.01 -49.15 44.83
N ASN J 178 -36.76 -47.97 44.28
CA ASN J 178 -36.62 -46.78 45.11
C ASN J 178 -37.58 -45.67 44.71
N PRO J 179 -38.88 -45.83 45.07
CA PRO J 179 -39.91 -44.84 44.70
C PRO J 179 -39.81 -43.51 45.50
N GLN J 180 -38.93 -43.47 46.49
CA GLN J 180 -38.67 -42.22 47.19
C GLN J 180 -37.69 -41.32 46.40
N THR J 181 -37.15 -41.85 45.30
CA THR J 181 -36.07 -41.17 44.59
C THR J 181 -36.40 -39.75 44.08
N VAL J 182 -35.53 -38.81 44.41
CA VAL J 182 -35.39 -37.58 43.65
C VAL J 182 -33.93 -37.54 43.20
N ILE J 183 -33.68 -37.08 41.98
CA ILE J 183 -32.31 -37.01 41.49
C ILE J 183 -31.84 -35.57 41.45
N ALA J 184 -30.90 -35.25 42.34
CA ALA J 184 -30.33 -33.92 42.38
C ALA J 184 -29.31 -33.73 41.26
N LEU J 185 -28.45 -34.73 41.09
CA LEU J 185 -27.42 -34.65 40.07
C LEU J 185 -27.30 -35.98 39.34
N ALA J 186 -27.40 -35.91 38.01
CA ALA J 186 -27.27 -37.09 37.18
C ALA J 186 -26.06 -36.87 36.29
N TYR J 187 -25.00 -37.65 36.53
CA TYR J 187 -23.79 -37.46 35.77
C TYR J 187 -23.63 -38.56 34.71
N PHE J 188 -23.73 -38.16 33.44
CA PHE J 188 -23.65 -39.11 32.35
C PHE J 188 -22.22 -39.30 31.84
N ASP J 189 -21.71 -40.52 31.97
CA ASP J 189 -20.38 -40.82 31.46
C ASP J 189 -20.35 -42.19 30.78
N LEU J 190 -21.39 -42.49 30.00
CA LEU J 190 -21.46 -43.78 29.32
C LEU J 190 -20.78 -43.75 27.95
N ASP J 191 -20.60 -42.55 27.40
CA ASP J 191 -20.05 -42.35 26.05
C ASP J 191 -20.97 -42.82 24.92
N LEU J 192 -21.82 -43.81 25.19
CA LEU J 192 -22.51 -44.53 24.13
C LEU J 192 -23.95 -44.08 23.93
N TYR J 193 -24.39 -44.13 22.68
CA TYR J 193 -25.72 -43.66 22.30
C TYR J 193 -26.90 -44.36 23.00
N GLU J 194 -26.99 -45.68 22.87
CA GLU J 194 -28.18 -46.40 23.31
C GLU J 194 -28.44 -46.32 24.82
N PRO J 195 -27.43 -46.59 25.66
CA PRO J 195 -27.69 -46.48 27.10
C PRO J 195 -27.95 -45.04 27.58
N THR J 196 -27.32 -44.05 26.95
CA THR J 196 -27.55 -42.66 27.32
C THR J 196 -29.01 -42.35 27.07
N LYS J 197 -29.46 -42.68 25.86
CA LYS J 197 -30.85 -42.49 25.47
C LYS J 197 -31.81 -43.13 26.49
N ALA J 198 -31.60 -44.41 26.79
CA ALA J 198 -32.44 -45.17 27.73
C ALA J 198 -32.49 -44.58 29.13
N VAL J 199 -31.33 -44.21 29.68
CA VAL J 199 -31.23 -43.64 31.01
C VAL J 199 -31.83 -42.23 31.07
N LEU J 200 -31.65 -41.47 29.99
CA LEU J 200 -32.22 -40.12 29.91
C LEU J 200 -33.75 -40.16 30.06
N GLU J 201 -34.39 -41.12 29.40
CA GLU J 201 -35.85 -41.26 29.45
C GLU J 201 -36.28 -41.71 30.84
N ALA J 202 -35.49 -42.60 31.44
CA ALA J 202 -35.88 -43.24 32.69
C ALA J 202 -35.84 -42.30 33.90
N ILE J 203 -34.86 -41.40 33.93
CA ILE J 203 -34.68 -40.54 35.09
C ILE J 203 -35.60 -39.33 35.06
N ARG J 204 -36.19 -39.04 33.90
CA ARG J 204 -37.01 -37.84 33.76
C ARG J 204 -38.06 -37.58 34.85
N PRO J 205 -38.83 -38.61 35.26
CA PRO J 205 -39.88 -38.33 36.27
C PRO J 205 -39.32 -38.04 37.66
N TYR J 206 -38.01 -38.18 37.83
CA TYR J 206 -37.41 -38.09 39.16
C TYR J 206 -36.60 -36.80 39.35
N LEU J 207 -36.60 -35.96 38.32
CA LEU J 207 -35.92 -34.67 38.35
C LEU J 207 -36.83 -33.55 38.87
N THR J 208 -36.26 -32.60 39.59
CA THR J 208 -37.03 -31.39 39.92
C THR J 208 -36.42 -30.22 39.17
N LYS J 209 -37.17 -29.13 39.05
CA LYS J 209 -36.58 -27.90 38.53
C LYS J 209 -35.44 -27.52 39.47
N GLY J 210 -34.23 -27.41 38.93
CA GLY J 210 -33.05 -27.20 39.76
C GLY J 210 -32.09 -28.38 39.72
N SER J 211 -32.61 -29.59 39.49
CA SER J 211 -31.74 -30.76 39.30
C SER J 211 -30.75 -30.52 38.17
N ILE J 212 -29.55 -31.08 38.33
CA ILE J 212 -28.50 -30.91 37.31
C ILE J 212 -28.30 -32.17 36.50
N VAL J 213 -28.39 -32.04 35.19
CA VAL J 213 -28.02 -33.13 34.30
C VAL J 213 -26.69 -32.74 33.66
N ALA J 214 -25.71 -33.63 33.75
CA ALA J 214 -24.38 -33.35 33.24
C ALA J 214 -23.86 -34.45 32.32
N PHE J 215 -23.13 -34.05 31.27
CA PHE J 215 -22.59 -34.95 30.26
C PHE J 215 -21.09 -34.72 30.11
N ASP J 216 -20.34 -35.81 30.07
CA ASP J 216 -18.89 -35.74 29.97
C ASP J 216 -18.40 -35.67 28.52
N GLU J 217 -19.25 -36.04 27.56
CA GLU J 217 -18.78 -36.21 26.19
C GLU J 217 -19.72 -35.58 25.18
N LEU J 218 -20.47 -34.56 25.56
CA LEU J 218 -21.58 -34.09 24.73
C LEU J 218 -21.18 -33.66 23.32
N ASP J 219 -20.09 -32.90 23.17
CA ASP J 219 -19.72 -32.41 21.84
C ASP J 219 -18.41 -33.01 21.32
N ASN J 220 -18.06 -34.18 21.82
CA ASN J 220 -16.85 -34.86 21.40
C ASN J 220 -17.09 -35.65 20.11
N PRO J 221 -16.42 -35.28 19.01
CA PRO J 221 -16.52 -35.97 17.72
C PRO J 221 -16.28 -37.48 17.82
N LYS J 222 -15.49 -37.91 18.79
CA LYS J 222 -15.15 -39.32 18.95
C LYS J 222 -16.29 -40.12 19.59
N TRP J 223 -17.20 -39.43 20.27
CA TRP J 223 -18.33 -40.07 20.93
C TRP J 223 -19.59 -39.22 20.81
N PRO J 224 -20.21 -39.22 19.61
CA PRO J 224 -21.36 -38.36 19.33
C PRO J 224 -22.65 -38.94 19.88
N GLY J 225 -22.57 -40.11 20.51
CA GLY J 225 -23.75 -40.79 21.04
C GLY J 225 -24.58 -39.96 22.00
N GLU J 226 -23.93 -39.32 22.97
CA GLU J 226 -24.65 -38.51 23.96
C GLU J 226 -25.44 -37.36 23.32
N ASN J 227 -24.83 -36.69 22.35
CA ASN J 227 -25.48 -35.64 21.60
C ASN J 227 -26.70 -36.20 20.87
N ILE J 228 -26.49 -37.28 20.11
CA ILE J 228 -27.57 -37.95 19.40
C ILE J 228 -28.72 -38.29 20.34
N ALA J 229 -28.38 -38.79 21.52
CA ALA J 229 -29.38 -39.09 22.55
C ALA J 229 -30.16 -37.84 22.99
N MET J 230 -29.43 -36.78 23.38
CA MET J 230 -30.06 -35.54 23.81
C MET J 230 -31.01 -34.97 22.77
N ARG J 231 -30.52 -34.86 21.54
CA ARG J 231 -31.30 -34.30 20.44
C ARG J 231 -32.57 -35.10 20.22
N LYS J 232 -32.49 -36.40 20.47
CA LYS J 232 -33.62 -37.28 20.23
C LYS J 232 -34.63 -37.26 21.38
N VAL J 233 -34.13 -37.27 22.62
CA VAL J 233 -35.01 -37.31 23.79
C VAL J 233 -35.53 -35.94 24.24
N LEU J 234 -34.67 -34.93 24.20
CA LEU J 234 -35.00 -33.62 24.76
C LEU J 234 -34.86 -32.48 23.77
N GLY J 235 -33.84 -32.54 22.92
CA GLY J 235 -33.50 -31.43 22.04
C GLY J 235 -32.44 -30.58 22.74
N LEU J 236 -31.46 -30.10 21.99
CA LEU J 236 -30.36 -29.37 22.60
C LEU J 236 -30.82 -28.04 23.22
N ASP J 237 -32.01 -27.59 22.87
CA ASP J 237 -32.50 -26.34 23.45
C ASP J 237 -33.63 -26.53 24.45
N HIS J 238 -33.74 -27.73 25.00
CA HIS J 238 -34.74 -28.01 26.02
C HIS J 238 -34.43 -27.19 27.27
N ALA J 239 -33.15 -27.10 27.62
CA ALA J 239 -32.68 -26.23 28.71
C ALA J 239 -31.36 -25.61 28.26
N PRO J 240 -30.80 -24.66 29.03
CA PRO J 240 -29.50 -24.12 28.64
C PRO J 240 -28.34 -25.07 28.99
N LEU J 241 -27.63 -25.56 27.96
CA LEU J 241 -26.43 -26.32 28.22
C LEU J 241 -25.29 -25.37 28.54
N ARG J 242 -24.50 -25.71 29.54
CA ARG J 242 -23.48 -24.80 30.03
C ARG J 242 -22.14 -25.50 30.20
N LEU J 243 -21.06 -24.75 30.02
CA LEU J 243 -19.72 -25.17 30.39
C LEU J 243 -19.29 -24.40 31.62
N LEU J 244 -18.37 -24.98 32.37
CA LEU J 244 -17.59 -24.19 33.31
C LEU J 244 -16.47 -23.60 32.48
N PRO J 245 -16.44 -22.26 32.38
CA PRO J 245 -15.52 -21.58 31.45
C PRO J 245 -14.09 -22.13 31.55
N GLY J 246 -13.48 -22.40 30.40
CA GLY J 246 -12.11 -22.90 30.37
C GLY J 246 -12.02 -24.39 30.16
N ARG J 247 -13.17 -25.06 30.23
CA ARG J 247 -13.21 -26.51 30.23
C ARG J 247 -14.12 -27.03 29.12
N PRO J 248 -13.62 -27.98 28.33
CA PRO J 248 -14.46 -28.57 27.28
C PRO J 248 -15.64 -29.32 27.88
N ALA J 249 -15.50 -29.78 29.11
CA ALA J 249 -16.49 -30.63 29.75
C ALA J 249 -16.32 -30.52 31.26
N PRO J 250 -17.38 -30.82 32.03
CA PRO J 250 -18.69 -31.33 31.62
C PRO J 250 -19.54 -30.28 30.94
N ALA J 251 -20.48 -30.73 30.13
CA ALA J 251 -21.58 -29.88 29.70
C ALA J 251 -22.75 -30.21 30.63
N TYR J 252 -23.41 -29.20 31.16
CA TYR J 252 -24.48 -29.47 32.11
C TYR J 252 -25.63 -28.47 32.00
N LEU J 253 -26.82 -28.94 32.38
CA LEU J 253 -27.99 -28.10 32.35
C LEU J 253 -28.72 -28.17 33.68
N ARG J 254 -29.47 -27.12 33.94
CA ARG J 254 -30.27 -26.98 35.12
C ARG J 254 -31.70 -27.30 34.69
N TRP J 255 -32.26 -28.39 35.20
CA TRP J 255 -33.57 -28.84 34.77
C TRP J 255 -34.64 -27.75 34.93
N GLY J 256 -35.43 -27.51 33.88
CA GLY J 256 -36.46 -26.50 33.93
C GLY J 256 -36.05 -25.06 33.60
N ASP J 257 -34.77 -24.79 33.36
CA ASP J 257 -34.35 -23.41 33.02
C ASP J 257 -34.60 -23.02 31.56
N GLN K 7 17.23 55.18 -26.87
CA GLN K 7 16.87 53.77 -26.83
C GLN K 7 15.62 53.47 -27.65
N ASP K 8 15.82 52.83 -28.79
CA ASP K 8 14.72 52.41 -29.66
C ASP K 8 14.16 51.08 -29.13
N LEU K 9 12.91 51.11 -28.69
CA LEU K 9 12.27 49.90 -28.17
C LEU K 9 11.92 48.91 -29.27
N ARG K 10 11.79 49.40 -30.50
CA ARG K 10 11.50 48.52 -31.64
C ARG K 10 12.68 47.60 -31.98
N ALA K 11 13.84 47.87 -31.38
CA ALA K 11 15.04 47.10 -31.65
C ALA K 11 15.08 45.85 -30.81
N PHE K 12 14.20 45.80 -29.81
CA PHE K 12 14.03 44.60 -29.02
C PHE K 12 12.99 43.73 -29.70
N VAL K 13 13.12 42.42 -29.58
CA VAL K 13 12.11 41.54 -30.17
C VAL K 13 10.78 41.81 -29.49
N HIS K 14 9.73 41.98 -30.28
CA HIS K 14 8.40 42.19 -29.74
C HIS K 14 7.40 41.64 -30.75
N ASP K 15 6.16 41.43 -30.33
CA ASP K 15 5.15 40.85 -31.21
C ASP K 15 4.71 41.79 -32.32
N SER K 16 4.63 41.27 -33.53
CA SER K 16 3.97 41.99 -34.62
C SER K 16 2.51 42.22 -34.22
N PRO K 17 1.82 43.14 -34.92
CA PRO K 17 0.39 43.29 -34.64
C PRO K 17 -0.37 42.00 -34.96
N GLU K 18 0.09 41.25 -35.96
CA GLU K 18 -0.58 40.01 -36.34
C GLU K 18 -0.42 38.92 -35.27
N GLU K 19 0.75 38.90 -34.64
CA GLU K 19 1.02 37.89 -33.63
C GLU K 19 0.15 38.20 -32.41
N THR K 20 -0.08 39.49 -32.18
CA THR K 20 -0.93 39.93 -31.07
C THR K 20 -2.38 39.56 -31.37
N GLU K 21 -2.80 39.77 -32.62
CA GLU K 21 -4.15 39.45 -33.04
C GLU K 21 -4.46 37.94 -32.87
N THR K 22 -3.54 37.09 -33.29
CA THR K 22 -3.73 35.65 -33.23
C THR K 22 -3.85 35.22 -31.79
N THR K 23 -2.96 35.77 -30.97
CA THR K 23 -2.96 35.47 -29.55
C THR K 23 -4.28 35.85 -28.88
N GLN K 24 -4.77 37.05 -29.17
CA GLN K 24 -6.02 37.54 -28.60
C GLN K 24 -7.22 36.73 -29.10
N ARG K 25 -7.30 36.54 -30.40
CA ARG K 25 -8.36 35.72 -31.00
C ARG K 25 -8.40 34.30 -30.40
N LEU K 26 -7.26 33.62 -30.33
CA LEU K 26 -7.26 32.24 -29.81
C LEU K 26 -7.71 32.21 -28.35
N THR K 27 -7.24 33.17 -27.55
CA THR K 27 -7.73 33.32 -26.18
C THR K 27 -9.25 33.41 -26.15
N LYS K 28 -9.81 34.24 -27.02
CA LYS K 28 -11.27 34.43 -26.99
C LYS K 28 -11.98 33.14 -27.39
N LEU K 29 -11.43 32.46 -28.40
CA LEU K 29 -12.02 31.20 -28.88
C LEU K 29 -11.89 30.06 -27.86
N LEU K 30 -10.94 30.16 -26.96
CA LEU K 30 -10.77 29.12 -25.99
C LEU K 30 -11.78 29.33 -24.87
N THR K 31 -11.92 30.58 -24.43
CA THR K 31 -12.78 30.91 -23.30
C THR K 31 -14.27 30.94 -23.67
N ASN K 32 -14.57 31.05 -24.97
CA ASN K 32 -15.95 31.01 -25.42
C ASN K 32 -16.14 29.89 -26.44
N SER K 33 -15.60 28.71 -26.14
CA SER K 33 -15.67 27.59 -27.07
C SER K 33 -16.98 26.80 -26.95
N PRO K 34 -17.55 26.38 -28.09
CA PRO K 34 -18.67 25.45 -28.18
C PRO K 34 -18.24 24.00 -27.96
N ILE K 35 -16.96 23.79 -27.65
CA ILE K 35 -16.50 22.45 -27.33
C ILE K 35 -16.93 22.12 -25.90
N PRO K 36 -17.58 20.97 -25.70
CA PRO K 36 -17.95 20.52 -24.36
C PRO K 36 -16.76 20.63 -23.42
N THR K 37 -16.98 21.21 -22.24
CA THR K 37 -15.93 21.48 -21.29
C THR K 37 -14.99 20.29 -21.07
N GLU K 38 -15.52 19.08 -21.09
CA GLU K 38 -14.67 17.92 -20.82
C GLU K 38 -13.84 17.46 -22.04
N GLU K 39 -14.07 18.05 -23.21
CA GLU K 39 -13.29 17.71 -24.42
C GLU K 39 -12.16 18.70 -24.69
N LEU K 40 -12.19 19.84 -23.98
CA LEU K 40 -11.18 20.88 -24.14
C LEU K 40 -9.76 20.37 -24.06
N VAL K 41 -9.43 19.66 -22.98
CA VAL K 41 -8.07 19.15 -22.79
C VAL K 41 -7.72 18.07 -23.80
N ASN K 42 -8.68 17.72 -24.65
CA ASN K 42 -8.42 16.83 -25.79
C ASN K 42 -8.31 17.56 -27.12
N ASN K 43 -8.33 18.88 -27.09
CA ASN K 43 -8.29 19.67 -28.33
C ASN K 43 -7.44 20.93 -28.20
N LEU K 44 -6.61 20.96 -27.17
CA LEU K 44 -5.72 22.09 -26.93
C LEU K 44 -4.88 22.60 -28.11
N PRO K 45 -4.44 21.72 -29.03
CA PRO K 45 -3.70 22.26 -30.18
C PRO K 45 -4.48 23.23 -31.07
N LEU K 46 -5.80 23.29 -30.91
CA LEU K 46 -6.58 24.30 -31.63
C LEU K 46 -6.09 25.69 -31.25
N PHE K 47 -5.62 25.84 -30.02
CA PHE K 47 -5.33 27.15 -29.49
C PHE K 47 -3.84 27.37 -29.30
N LEU K 48 -3.04 26.38 -29.72
CA LEU K 48 -1.59 26.44 -29.58
C LEU K 48 -0.93 26.98 -30.85
N ARG K 49 -0.60 28.25 -30.86
CA ARG K 49 -0.11 28.90 -32.08
C ARG K 49 1.34 28.53 -32.37
N ARG K 50 1.77 28.82 -33.61
CA ARG K 50 3.13 28.55 -34.10
C ARG K 50 4.22 28.80 -33.07
N HIS K 51 4.24 30.01 -32.53
CA HIS K 51 5.30 30.43 -31.61
C HIS K 51 5.38 29.53 -30.39
N GLN K 52 4.22 29.18 -29.83
CA GLN K 52 4.18 28.29 -28.68
C GLN K 52 4.43 26.82 -29.07
N MET K 53 3.91 26.40 -30.23
CA MET K 53 4.17 25.07 -30.73
C MET K 53 5.69 24.88 -30.88
N THR K 54 6.33 25.90 -31.41
CA THR K 54 7.78 25.90 -31.55
C THR K 54 8.47 25.65 -30.21
N ASP K 55 8.02 26.35 -29.17
CA ASP K 55 8.63 26.19 -27.86
C ASP K 55 8.51 24.73 -27.42
N LEU K 56 7.36 24.13 -27.69
CA LEU K 56 7.11 22.73 -27.32
C LEU K 56 8.10 21.80 -28.04
N LEU K 57 8.21 21.95 -29.35
CA LEU K 57 9.08 21.09 -30.14
C LEU K 57 10.55 21.23 -29.71
N SER K 58 10.94 22.42 -29.28
CA SER K 58 12.32 22.64 -28.86
C SER K 58 12.59 21.89 -27.58
N MET K 59 11.67 22.01 -26.61
CA MET K 59 11.77 21.25 -25.37
C MET K 59 11.87 19.75 -25.68
N ASP K 60 11.04 19.29 -26.62
CA ASP K 60 11.05 17.88 -26.97
C ASP K 60 12.38 17.50 -27.59
N ALA K 61 12.92 18.38 -28.42
CA ALA K 61 14.21 18.12 -29.04
C ALA K 61 15.33 18.05 -27.99
N LEU K 62 15.28 18.92 -26.98
CA LEU K 62 16.27 18.88 -25.90
C LEU K 62 16.12 17.63 -25.03
N TYR K 63 14.89 17.25 -24.75
CA TYR K 63 14.63 16.09 -23.91
C TYR K 63 15.13 14.84 -24.62
N ARG K 64 14.81 14.70 -25.90
CA ARG K 64 15.27 13.56 -26.70
C ARG K 64 16.80 13.36 -26.70
N GLN K 65 17.53 14.43 -26.49
CA GLN K 65 18.99 14.35 -26.47
C GLN K 65 19.60 13.86 -25.14
N VAL K 66 18.80 13.76 -24.09
CA VAL K 66 19.32 13.26 -22.82
C VAL K 66 18.67 11.95 -22.38
N LEU K 67 17.95 11.30 -23.29
CA LEU K 67 17.31 10.03 -23.00
C LEU K 67 18.34 8.97 -22.58
N ASP K 68 19.55 9.07 -23.12
CA ASP K 68 20.62 8.15 -22.74
C ASP K 68 21.57 8.75 -21.70
N VAL K 69 21.14 9.82 -21.04
CA VAL K 69 21.95 10.45 -20.00
C VAL K 69 21.26 10.36 -18.66
N PRO K 70 21.99 9.91 -17.62
CA PRO K 70 21.33 9.77 -16.31
C PRO K 70 21.06 11.12 -15.65
N GLY K 71 20.16 11.14 -14.68
CA GLY K 71 20.01 12.30 -13.84
C GLY K 71 18.70 13.06 -13.99
N VAL K 72 18.67 14.28 -13.49
CA VAL K 72 17.44 15.03 -13.40
C VAL K 72 17.35 16.16 -14.39
N ILE K 73 16.18 16.78 -14.46
CA ILE K 73 15.97 17.94 -15.30
C ILE K 73 15.68 19.10 -14.39
N MET K 74 16.41 20.20 -14.59
CA MET K 74 16.21 21.38 -13.78
C MET K 74 15.91 22.55 -14.68
N GLU K 75 14.90 23.34 -14.30
CA GLU K 75 14.66 24.63 -14.93
C GLU K 75 14.90 25.75 -13.93
N PHE K 76 15.69 26.76 -14.32
CA PHE K 76 15.90 27.91 -13.45
C PHE K 76 15.14 29.10 -14.01
N GLY K 77 14.01 29.40 -13.40
CA GLY K 77 13.12 30.41 -13.92
C GLY K 77 11.89 29.71 -14.47
N VAL K 78 10.85 29.63 -13.64
CA VAL K 78 9.68 28.79 -13.93
C VAL K 78 8.47 29.59 -14.39
N ARG K 79 8.22 30.73 -13.75
CA ARG K 79 7.01 31.52 -13.97
C ARG K 79 5.75 30.66 -13.82
N PHE K 80 4.89 30.60 -14.83
CA PHE K 80 3.65 29.81 -14.70
C PHE K 80 3.85 28.31 -14.87
N GLY K 81 4.99 27.91 -15.40
CA GLY K 81 5.35 26.49 -15.45
C GLY K 81 5.24 25.84 -16.82
N ARG K 82 5.15 26.65 -17.88
CA ARG K 82 4.99 26.14 -19.23
C ARG K 82 5.93 24.96 -19.51
N HIS K 83 7.20 25.13 -19.15
CA HIS K 83 8.21 24.10 -19.39
C HIS K 83 8.12 22.86 -18.47
N LEU K 84 7.73 23.06 -17.20
CA LEU K 84 7.55 21.91 -16.32
C LEU K 84 6.38 21.03 -16.77
N GLY K 85 5.30 21.65 -17.22
CA GLY K 85 4.17 20.94 -17.81
C GLY K 85 4.65 20.13 -19.00
N THR K 86 5.45 20.77 -19.86
CA THR K 86 5.94 20.14 -21.07
C THR K 86 6.80 18.94 -20.70
N PHE K 87 7.76 19.16 -19.81
CA PHE K 87 8.60 18.07 -19.35
C PHE K 87 7.79 16.95 -18.67
N ALA K 88 6.71 17.31 -17.97
CA ALA K 88 5.92 16.30 -17.26
C ALA K 88 5.29 15.34 -18.26
N ALA K 89 4.74 15.89 -19.34
CA ALA K 89 4.10 15.09 -20.35
C ALA K 89 5.14 14.29 -21.11
N LEU K 90 6.23 14.94 -21.51
CA LEU K 90 7.28 14.30 -22.28
C LEU K 90 7.88 13.13 -21.51
N ARG K 91 8.01 13.28 -20.20
CA ARG K 91 8.58 12.23 -19.37
C ARG K 91 7.68 10.99 -19.39
N GLY K 92 6.38 11.20 -19.47
CA GLY K 92 5.45 10.10 -19.71
C GLY K 92 5.65 9.46 -21.07
N VAL K 93 5.83 10.28 -22.09
CA VAL K 93 6.00 9.74 -23.45
C VAL K 93 7.22 8.82 -23.56
N TYR K 94 8.35 9.25 -23.03
CA TYR K 94 9.64 8.60 -23.30
C TYR K 94 10.12 7.69 -22.17
N GLU K 95 9.74 8.01 -20.94
CA GLU K 95 10.30 7.33 -19.77
C GLU K 95 9.29 6.81 -18.71
N PRO K 96 8.33 5.97 -19.12
CA PRO K 96 7.45 5.37 -18.12
C PRO K 96 8.22 4.67 -17.00
N TYR K 97 9.37 4.11 -17.32
CA TYR K 97 10.07 3.28 -16.35
C TYR K 97 11.26 3.93 -15.65
N ASN K 98 11.36 5.26 -15.71
CA ASN K 98 12.45 5.98 -15.03
C ASN K 98 11.91 6.91 -13.91
N PRO K 99 11.78 6.38 -12.70
CA PRO K 99 11.28 7.19 -11.57
C PRO K 99 12.36 8.11 -10.99
N LEU K 100 13.56 8.05 -11.53
CA LEU K 100 14.65 8.90 -11.06
C LEU K 100 14.82 10.13 -11.94
N ARG K 101 14.04 10.21 -13.02
CA ARG K 101 14.06 11.42 -13.82
C ARG K 101 13.20 12.48 -13.13
N ARG K 102 13.74 13.04 -12.06
CA ARG K 102 13.07 14.10 -11.32
C ARG K 102 13.11 15.40 -12.12
N ILE K 103 12.02 16.17 -12.06
CA ILE K 103 12.00 17.49 -12.66
C ILE K 103 12.02 18.49 -11.50
N VAL K 104 12.98 19.41 -11.53
CA VAL K 104 13.09 20.41 -10.46
C VAL K 104 12.96 21.80 -11.04
N GLY K 105 11.96 22.54 -10.60
CA GLY K 105 11.76 23.92 -11.01
C GLY K 105 12.14 24.87 -9.90
N PHE K 106 12.97 25.85 -10.23
CA PHE K 106 13.42 26.84 -9.25
C PHE K 106 12.89 28.20 -9.65
N ASP K 107 12.24 28.88 -8.72
CA ASP K 107 11.82 30.26 -8.94
C ASP K 107 11.52 30.95 -7.61
N THR K 108 11.56 32.28 -7.60
CA THR K 108 11.03 33.02 -6.47
C THR K 108 9.52 32.85 -6.50
N PHE K 109 8.98 32.76 -7.71
CA PHE K 109 7.56 32.93 -7.97
C PHE K 109 7.04 34.32 -7.59
N THR K 110 7.95 35.22 -7.24
CA THR K 110 7.60 36.62 -6.98
C THR K 110 8.36 37.54 -7.94
N GLY K 111 8.87 36.97 -9.02
CA GLY K 111 9.55 37.75 -10.04
C GLY K 111 10.99 38.06 -9.67
N PHE K 112 11.64 38.86 -10.51
CA PHE K 112 13.03 39.32 -10.30
C PHE K 112 13.22 39.81 -8.87
N PRO K 113 14.20 39.25 -8.17
CA PRO K 113 14.45 39.64 -6.78
C PRO K 113 15.20 40.96 -6.66
N ASP K 114 15.80 41.39 -7.76
CA ASP K 114 16.66 42.57 -7.84
C ASP K 114 17.42 42.43 -9.14
N VAL K 115 17.73 43.55 -9.79
CA VAL K 115 18.50 43.47 -11.02
C VAL K 115 19.83 44.18 -10.90
N ASN K 116 20.80 43.72 -11.68
CA ASN K 116 22.12 44.32 -11.79
C ASN K 116 22.10 45.37 -12.90
N ASP K 117 23.09 46.25 -12.92
CA ASP K 117 23.16 47.30 -13.94
C ASP K 117 23.23 46.72 -15.34
N VAL K 118 23.98 45.63 -15.51
CA VAL K 118 24.13 45.04 -16.83
C VAL K 118 22.77 44.58 -17.38
N ASP K 119 21.84 44.21 -16.49
CA ASP K 119 20.51 43.77 -16.89
C ASP K 119 19.60 44.93 -17.29
N ARG K 120 19.96 46.14 -16.92
CA ARG K 120 19.10 47.30 -17.17
C ARG K 120 19.21 47.87 -18.58
N VAL K 121 18.77 47.14 -19.58
CA VAL K 121 18.88 47.60 -20.96
C VAL K 121 17.53 48.06 -21.44
N GLY K 122 16.51 47.31 -21.05
CA GLY K 122 15.15 47.62 -21.44
C GLY K 122 14.34 48.04 -20.23
N PRO K 123 13.09 48.43 -20.45
CA PRO K 123 12.17 48.96 -19.42
C PRO K 123 11.69 47.92 -18.42
N THR K 124 11.75 46.64 -18.77
CA THR K 124 11.15 45.60 -17.95
C THR K 124 12.10 45.01 -16.91
N ALA K 125 13.32 45.55 -16.86
CA ALA K 125 14.32 45.08 -15.90
C ALA K 125 14.13 45.69 -14.52
N TYR K 126 13.14 45.19 -13.79
CA TYR K 126 12.91 45.70 -12.44
C TYR K 126 12.47 44.59 -11.51
N GLN K 127 12.68 44.81 -10.22
CA GLN K 127 12.29 43.86 -9.21
C GLN K 127 10.79 43.60 -9.28
N GLY K 128 10.39 42.32 -9.25
CA GLY K 128 8.99 41.96 -9.31
C GLY K 128 8.48 41.64 -10.70
N ARG K 129 9.24 41.97 -11.73
CA ARG K 129 8.88 41.58 -13.09
C ARG K 129 8.66 40.07 -13.18
N PHE K 130 7.60 39.66 -13.87
CA PHE K 130 7.21 38.25 -14.05
C PHE K 130 6.73 37.54 -12.79
N ALA K 131 6.37 38.29 -11.75
CA ALA K 131 5.74 37.70 -10.57
C ALA K 131 4.47 36.95 -10.92
N VAL K 132 4.21 35.86 -10.23
CA VAL K 132 2.97 35.14 -10.40
C VAL K 132 2.18 35.26 -9.10
N PRO K 133 0.84 35.15 -9.16
CA PRO K 133 -0.03 35.41 -8.02
C PRO K 133 0.32 34.62 -6.76
N GLY K 134 0.01 35.17 -5.58
CA GLY K 134 0.16 34.48 -4.31
C GLY K 134 -0.47 33.09 -4.36
N GLY K 135 0.22 32.12 -3.79
CA GLY K 135 -0.27 30.75 -3.78
C GLY K 135 -0.13 30.02 -5.11
N TYR K 136 0.53 30.65 -6.09
CA TYR K 136 0.70 29.98 -7.38
C TYR K 136 1.45 28.64 -7.35
N PRO K 137 2.52 28.52 -6.53
CA PRO K 137 3.21 27.23 -6.41
C PRO K 137 2.32 26.04 -6.06
N ALA K 138 1.37 26.24 -5.14
CA ALA K 138 0.49 25.16 -4.73
C ALA K 138 -0.37 24.71 -5.91
N TYR K 139 -0.82 25.68 -6.71
CA TYR K 139 -1.61 25.37 -7.90
C TYR K 139 -0.79 24.61 -8.96
N LEU K 140 0.41 25.09 -9.23
CA LEU K 140 1.31 24.42 -10.18
C LEU K 140 1.62 22.99 -9.71
N LYS K 141 1.88 22.84 -8.42
CA LYS K 141 2.07 21.52 -7.84
C LYS K 141 0.83 20.64 -8.06
N GLU K 142 -0.35 21.24 -8.02
CA GLU K 142 -1.57 20.50 -8.29
C GLU K 142 -1.59 20.03 -9.75
N VAL K 143 -1.27 20.93 -10.66
CA VAL K 143 -1.12 20.57 -12.08
C VAL K 143 -0.12 19.43 -12.28
N LEU K 144 1.06 19.54 -11.67
CA LEU K 144 2.05 18.50 -11.85
C LEU K 144 1.60 17.16 -11.25
N ASP K 145 0.94 17.17 -10.09
CA ASP K 145 0.42 15.96 -9.49
C ASP K 145 -0.67 15.29 -10.35
N ALA K 146 -1.42 16.09 -11.09
CA ALA K 146 -2.48 15.55 -11.93
C ALA K 146 -1.88 14.74 -13.08
N HIS K 147 -0.83 15.26 -13.70
CA HIS K 147 -0.07 14.49 -14.70
C HIS K 147 0.45 13.19 -14.09
N GLU K 148 1.12 13.30 -12.96
CA GLU K 148 1.84 12.18 -12.34
C GLU K 148 0.89 11.09 -11.86
N CYS K 149 -0.35 11.48 -11.62
CA CYS K 149 -1.38 10.58 -11.17
C CYS K 149 -1.51 9.37 -12.08
N SER K 150 -1.22 9.57 -13.37
CA SER K 150 -1.33 8.47 -14.34
C SER K 150 -0.01 7.98 -14.92
N ASP K 151 1.11 8.36 -14.30
CA ASP K 151 2.42 7.80 -14.66
C ASP K 151 2.56 6.40 -14.12
N PHE K 152 3.36 5.58 -14.79
CA PHE K 152 3.62 4.20 -14.37
C PHE K 152 4.20 4.17 -12.96
N PHE K 153 5.12 5.09 -12.65
CA PHE K 153 5.63 5.24 -11.28
C PHE K 153 4.99 6.38 -10.51
N GLY K 154 3.69 6.58 -10.70
CA GLY K 154 2.96 7.64 -10.03
C GLY K 154 2.93 7.50 -8.50
N HIS K 155 3.16 6.30 -8.00
CA HIS K 155 3.20 6.08 -6.55
C HIS K 155 4.50 6.55 -5.91
N VAL K 156 5.48 6.93 -6.73
CA VAL K 156 6.73 7.51 -6.21
C VAL K 156 6.66 9.03 -6.22
N THR K 157 6.79 9.63 -5.04
CA THR K 157 6.59 11.06 -4.87
C THR K 157 7.87 11.85 -5.13
N GLN K 158 7.76 13.18 -5.12
CA GLN K 158 8.88 14.08 -5.36
C GLN K 158 9.60 13.78 -6.68
N ARG K 159 8.83 13.41 -7.68
CA ARG K 159 9.37 13.28 -9.03
C ARG K 159 9.22 14.60 -9.76
N SER K 160 8.40 15.49 -9.20
CA SER K 160 8.33 16.89 -9.60
C SER K 160 8.52 17.72 -8.36
N VAL K 161 9.45 18.66 -8.41
CA VAL K 161 9.74 19.46 -7.22
C VAL K 161 9.80 20.93 -7.60
N LEU K 162 9.00 21.73 -6.90
CA LEU K 162 9.12 23.18 -7.01
C LEU K 162 9.97 23.69 -5.86
N VAL K 163 11.00 24.48 -6.16
CA VAL K 163 11.82 25.05 -5.10
C VAL K 163 11.70 26.58 -5.06
N GLU K 164 11.10 27.07 -3.98
CA GLU K 164 10.77 28.51 -3.86
C GLU K 164 11.87 29.31 -3.20
N GLY K 165 12.36 30.32 -3.90
CA GLY K 165 13.34 31.24 -3.32
C GLY K 165 14.32 31.79 -4.35
N ASP K 166 15.34 32.49 -3.85
CA ASP K 166 16.39 32.98 -4.71
C ASP K 166 17.34 31.84 -5.02
N VAL K 167 17.53 31.55 -6.32
CA VAL K 167 18.39 30.44 -6.76
C VAL K 167 19.82 30.55 -6.24
N ARG K 168 20.26 31.78 -5.98
CA ARG K 168 21.58 32.01 -5.40
C ARG K 168 21.69 31.19 -4.13
N GLU K 169 20.58 31.05 -3.43
CA GLU K 169 20.56 30.27 -2.21
C GLU K 169 19.96 28.87 -2.39
N THR K 170 18.88 28.76 -3.17
CA THR K 170 18.13 27.51 -3.20
C THR K 170 18.82 26.37 -3.96
N VAL K 171 19.54 26.71 -5.03
CA VAL K 171 20.24 25.72 -5.83
C VAL K 171 21.39 25.03 -5.08
N PRO K 172 22.31 25.79 -4.46
CA PRO K 172 23.30 25.13 -3.60
C PRO K 172 22.69 24.30 -2.49
N ARG K 173 21.62 24.82 -1.90
CA ARG K 173 20.92 24.10 -0.84
C ARG K 173 20.32 22.82 -1.38
N TYR K 174 19.59 22.91 -2.49
CA TYR K 174 19.03 21.70 -3.09
C TYR K 174 20.15 20.66 -3.35
N LEU K 175 21.24 21.13 -3.95
CA LEU K 175 22.34 20.23 -4.30
C LEU K 175 22.96 19.56 -3.07
N ALA K 176 23.19 20.35 -2.02
CA ALA K 176 23.74 19.82 -0.78
C ALA K 176 22.83 18.77 -0.14
N GLU K 177 21.52 19.00 -0.21
CA GLU K 177 20.53 18.04 0.29
C GLU K 177 20.39 16.82 -0.62
N ASN K 178 20.89 16.90 -1.84
CA ASN K 178 20.77 15.80 -2.78
C ASN K 178 22.08 15.37 -3.39
N PRO K 179 22.92 14.71 -2.59
CA PRO K 179 24.26 14.35 -3.06
C PRO K 179 24.23 13.27 -4.15
N GLN K 180 23.06 12.72 -4.45
CA GLN K 180 22.91 11.74 -5.51
C GLN K 180 22.69 12.40 -6.88
N THR K 181 22.55 13.72 -6.87
CA THR K 181 22.20 14.47 -8.09
C THR K 181 23.15 14.30 -9.26
N VAL K 182 22.58 13.96 -10.40
CA VAL K 182 23.23 14.15 -11.69
C VAL K 182 22.27 15.03 -12.48
N ILE K 183 22.82 15.98 -13.22
CA ILE K 183 21.97 16.87 -14.00
C ILE K 183 22.06 16.51 -15.46
N ALA K 184 20.96 16.00 -16.00
CA ALA K 184 20.90 15.63 -17.41
C ALA K 184 20.69 16.86 -18.29
N LEU K 185 19.76 17.69 -17.87
CA LEU K 185 19.38 18.88 -18.63
C LEU K 185 19.22 20.06 -17.67
N ALA K 186 19.98 21.11 -17.90
CA ALA K 186 19.86 22.36 -17.14
C ALA K 186 19.33 23.48 -18.01
N TYR K 187 18.12 23.94 -17.72
CA TYR K 187 17.50 24.95 -18.54
C TYR K 187 17.51 26.32 -17.84
N PHE K 188 18.26 27.25 -18.41
CA PHE K 188 18.38 28.59 -17.84
C PHE K 188 17.38 29.54 -18.45
N ASP K 189 16.50 30.07 -17.61
CA ASP K 189 15.51 31.04 -18.05
C ASP K 189 15.35 32.07 -16.94
N LEU K 190 16.49 32.53 -16.43
CA LEU K 190 16.53 33.56 -15.40
C LEU K 190 16.63 34.97 -15.98
N ASP K 191 17.15 35.08 -17.21
CA ASP K 191 17.39 36.37 -17.86
C ASP K 191 18.49 37.20 -17.17
N LEU K 192 18.57 37.14 -15.84
CA LEU K 192 19.47 37.98 -15.07
C LEU K 192 20.89 37.44 -14.93
N TYR K 193 21.84 38.35 -15.08
CA TYR K 193 23.27 38.07 -14.92
C TYR K 193 23.68 37.33 -13.64
N GLU K 194 23.39 37.91 -12.48
CA GLU K 194 23.90 37.35 -11.21
C GLU K 194 23.39 35.95 -10.88
N PRO K 195 22.07 35.72 -10.98
CA PRO K 195 21.69 34.34 -10.63
C PRO K 195 22.18 33.35 -11.68
N THR K 196 22.21 33.76 -12.94
CA THR K 196 22.73 32.87 -13.99
C THR K 196 24.16 32.43 -13.68
N LYS K 197 25.01 33.36 -13.26
CA LYS K 197 26.39 33.08 -12.92
C LYS K 197 26.49 32.17 -11.69
N ALA K 198 25.68 32.48 -10.68
CA ALA K 198 25.69 31.72 -9.44
C ALA K 198 25.31 30.27 -9.70
N VAL K 199 24.25 30.08 -10.49
CA VAL K 199 23.78 28.75 -10.82
C VAL K 199 24.78 27.99 -11.69
N LEU K 200 25.34 28.64 -12.71
CA LEU K 200 26.35 28.00 -13.57
C LEU K 200 27.49 27.43 -12.77
N GLU K 201 27.95 28.20 -11.79
CA GLU K 201 29.03 27.75 -10.93
C GLU K 201 28.61 26.58 -10.06
N ALA K 202 27.37 26.60 -9.61
CA ALA K 202 26.92 25.62 -8.63
C ALA K 202 26.68 24.25 -9.26
N ILE K 203 26.07 24.23 -10.45
CA ILE K 203 25.70 22.95 -11.07
C ILE K 203 26.90 22.19 -11.62
N ARG K 204 28.00 22.88 -11.89
CA ARG K 204 29.12 22.29 -12.61
C ARG K 204 29.63 20.90 -12.13
N PRO K 205 29.77 20.69 -10.80
CA PRO K 205 30.19 19.35 -10.36
C PRO K 205 29.19 18.21 -10.64
N TYR K 206 27.97 18.54 -11.04
CA TYR K 206 26.94 17.52 -11.20
C TYR K 206 26.58 17.21 -12.67
N LEU K 207 27.32 17.82 -13.60
CA LEU K 207 27.13 17.56 -15.01
C LEU K 207 28.03 16.39 -15.44
N THR K 208 27.58 15.60 -16.41
CA THR K 208 28.45 14.62 -17.05
C THR K 208 28.65 15.04 -18.51
N LYS K 209 29.66 14.46 -19.14
CA LYS K 209 29.85 14.66 -20.57
C LYS K 209 28.60 14.17 -21.29
N GLY K 210 27.98 15.03 -22.09
CA GLY K 210 26.69 14.71 -22.68
C GLY K 210 25.49 15.37 -22.02
N SER K 211 25.66 15.89 -20.80
CA SER K 211 24.61 16.70 -20.18
C SER K 211 24.35 17.93 -21.04
N ILE K 212 23.10 18.37 -21.10
CA ILE K 212 22.74 19.52 -21.92
C ILE K 212 22.55 20.77 -21.04
N VAL K 213 23.20 21.85 -21.42
CA VAL K 213 22.97 23.14 -20.79
C VAL K 213 22.38 24.09 -21.81
N ALA K 214 21.21 24.63 -21.51
CA ALA K 214 20.47 25.41 -22.48
C ALA K 214 20.15 26.80 -21.93
N PHE K 215 20.21 27.80 -22.81
CA PHE K 215 19.86 29.18 -22.45
C PHE K 215 18.74 29.67 -23.36
N ASP K 216 17.81 30.42 -22.78
CA ASP K 216 16.67 30.97 -23.48
C ASP K 216 16.94 32.38 -24.04
N GLU K 217 17.92 33.08 -23.49
CA GLU K 217 18.22 34.45 -23.94
C GLU K 217 19.71 34.72 -24.03
N LEU K 218 20.49 33.74 -24.48
CA LEU K 218 21.93 33.89 -24.55
C LEU K 218 22.41 35.08 -25.41
N ASP K 219 21.71 35.36 -26.51
CA ASP K 219 22.17 36.41 -27.44
C ASP K 219 21.11 37.46 -27.71
N ASN K 220 20.26 37.69 -26.70
CA ASN K 220 19.22 38.70 -26.76
C ASN K 220 19.77 40.01 -26.18
N PRO K 221 19.78 41.09 -26.98
CA PRO K 221 20.21 42.42 -26.53
C PRO K 221 19.49 42.86 -25.26
N LYS K 222 18.22 42.54 -25.13
CA LYS K 222 17.43 42.99 -23.99
C LYS K 222 17.90 42.33 -22.69
N TRP K 223 18.51 41.14 -22.81
CA TRP K 223 18.94 40.42 -21.63
C TRP K 223 20.35 39.87 -21.80
N PRO K 224 21.36 40.73 -21.65
CA PRO K 224 22.76 40.34 -21.91
C PRO K 224 23.41 39.57 -20.78
N GLY K 225 22.69 39.40 -19.67
CA GLY K 225 23.26 38.81 -18.48
C GLY K 225 23.75 37.39 -18.66
N GLU K 226 23.00 36.58 -19.39
CA GLU K 226 23.39 35.18 -19.58
C GLU K 226 24.70 35.07 -20.34
N ASN K 227 24.85 35.90 -21.36
CA ASN K 227 26.07 35.95 -22.15
C ASN K 227 27.26 36.38 -21.29
N ILE K 228 27.09 37.51 -20.63
CA ILE K 228 28.12 38.00 -19.71
C ILE K 228 28.51 36.93 -18.69
N ALA K 229 27.52 36.25 -18.13
CA ALA K 229 27.78 35.17 -17.18
C ALA K 229 28.56 33.99 -17.81
N MET K 230 28.13 33.58 -18.99
CA MET K 230 28.82 32.51 -19.72
C MET K 230 30.29 32.88 -19.95
N ARG K 231 30.50 34.08 -20.48
CA ARG K 231 31.84 34.56 -20.81
C ARG K 231 32.74 34.61 -19.58
N LYS K 232 32.17 34.90 -18.42
CA LYS K 232 32.91 34.96 -17.17
C LYS K 232 33.21 33.57 -16.59
N VAL K 233 32.22 32.69 -16.57
CA VAL K 233 32.37 31.41 -15.88
C VAL K 233 33.08 30.36 -16.73
N LEU K 234 32.79 30.34 -18.03
CA LEU K 234 33.22 29.24 -18.90
C LEU K 234 33.87 29.73 -20.20
N GLY K 235 33.39 30.84 -20.73
CA GLY K 235 33.80 31.33 -22.03
C GLY K 235 32.86 30.76 -23.08
N LEU K 236 32.52 31.58 -24.08
CA LEU K 236 31.60 31.16 -25.13
C LEU K 236 32.09 29.95 -25.94
N ASP K 237 33.41 29.72 -26.00
CA ASP K 237 33.92 28.58 -26.75
C ASP K 237 34.36 27.44 -25.86
N HIS K 238 33.80 27.36 -24.66
CA HIS K 238 34.10 26.28 -23.75
C HIS K 238 33.50 25.00 -24.31
N ALA K 239 32.34 25.14 -24.94
CA ALA K 239 31.67 24.02 -25.60
C ALA K 239 30.94 24.59 -26.82
N PRO K 240 30.45 23.71 -27.72
CA PRO K 240 29.82 24.25 -28.94
C PRO K 240 28.39 24.66 -28.67
N LEU K 241 28.12 25.96 -28.76
CA LEU K 241 26.78 26.46 -28.53
C LEU K 241 26.00 26.29 -29.80
N ARG K 242 24.82 25.68 -29.73
CA ARG K 242 24.06 25.39 -30.93
C ARG K 242 22.65 25.98 -30.89
N LEU K 243 22.08 26.24 -32.06
CA LEU K 243 20.66 26.53 -32.15
C LEU K 243 19.96 25.29 -32.72
N LEU K 244 18.66 25.19 -32.46
CA LEU K 244 17.83 24.29 -33.26
C LEU K 244 17.49 25.13 -34.49
N PRO K 245 17.90 24.68 -35.70
CA PRO K 245 17.82 25.53 -36.90
C PRO K 245 16.45 26.15 -37.09
N GLY K 246 16.43 27.45 -37.40
CA GLY K 246 15.20 28.15 -37.64
C GLY K 246 14.64 28.85 -36.42
N ARG K 247 15.26 28.63 -35.26
CA ARG K 247 14.79 29.22 -34.01
C ARG K 247 15.88 30.00 -33.28
N PRO K 248 15.57 31.23 -32.83
CA PRO K 248 16.54 32.10 -32.16
C PRO K 248 16.99 31.55 -30.81
N ALA K 249 16.13 30.72 -30.21
CA ALA K 249 16.42 30.13 -28.92
C ALA K 249 15.67 28.80 -28.83
N PRO K 250 16.12 27.89 -27.95
CA PRO K 250 17.24 28.00 -27.03
C PRO K 250 18.60 27.89 -27.73
N ALA K 251 19.62 28.43 -27.08
CA ALA K 251 21.00 28.15 -27.43
C ALA K 251 21.44 27.10 -26.41
N TYR K 252 22.04 26.01 -26.88
CA TYR K 252 22.37 24.92 -25.97
C TYR K 252 23.71 24.29 -26.32
N LEU K 253 24.35 23.71 -25.31
CA LEU K 253 25.60 23.01 -25.53
C LEU K 253 25.50 21.65 -24.87
N ARG K 254 26.34 20.75 -25.37
CA ARG K 254 26.49 19.43 -24.79
C ARG K 254 27.79 19.45 -24.01
N TRP K 255 27.71 19.21 -22.71
CA TRP K 255 28.86 19.37 -21.83
C TRP K 255 29.99 18.47 -22.29
N GLY K 256 31.19 19.04 -22.39
CA GLY K 256 32.36 18.26 -22.78
C GLY K 256 32.61 18.12 -24.27
N ASP K 257 31.78 18.74 -25.10
CA ASP K 257 32.00 18.64 -26.54
C ASP K 257 33.02 19.64 -27.07
N GLN L 7 58.64 44.85 -60.30
CA GLN L 7 57.45 44.05 -60.03
C GLN L 7 56.63 43.85 -61.31
N ASP L 8 56.06 42.65 -61.43
CA ASP L 8 55.27 42.27 -62.60
C ASP L 8 53.80 42.20 -62.19
N LEU L 9 53.01 43.16 -62.67
CA LEU L 9 51.60 43.27 -62.27
C LEU L 9 50.76 42.09 -62.77
N ARG L 10 51.26 41.38 -63.78
CA ARG L 10 50.53 40.25 -64.33
C ARG L 10 50.62 39.04 -63.40
N ALA L 11 51.50 39.12 -62.40
CA ALA L 11 51.64 38.05 -61.41
C ALA L 11 50.58 38.19 -60.33
N PHE L 12 49.89 39.32 -60.34
CA PHE L 12 48.72 39.49 -59.49
C PHE L 12 47.52 39.00 -60.27
N VAL L 13 46.53 38.49 -59.55
CA VAL L 13 45.29 38.08 -60.20
C VAL L 13 44.61 39.32 -60.79
N HIS L 14 44.16 39.21 -62.05
CA HIS L 14 43.49 40.31 -62.73
C HIS L 14 42.60 39.73 -63.82
N ASP L 15 41.62 40.50 -64.28
CA ASP L 15 40.67 39.99 -65.27
C ASP L 15 41.31 39.76 -66.62
N SER L 16 40.91 38.68 -67.27
CA SER L 16 41.31 38.41 -68.63
C SER L 16 40.54 39.37 -69.53
N PRO L 17 41.01 39.55 -70.78
CA PRO L 17 40.28 40.43 -71.70
C PRO L 17 38.82 40.00 -71.89
N GLU L 18 38.58 38.68 -71.95
CA GLU L 18 37.21 38.18 -72.10
C GLU L 18 36.35 38.48 -70.87
N GLU L 19 36.94 38.33 -69.68
CA GLU L 19 36.24 38.67 -68.44
C GLU L 19 35.86 40.15 -68.44
N THR L 20 36.77 40.99 -68.93
CA THR L 20 36.51 42.41 -69.00
C THR L 20 35.38 42.69 -69.99
N GLU L 21 35.43 42.01 -71.15
CA GLU L 21 34.37 42.11 -72.13
C GLU L 21 33.00 41.71 -71.57
N THR L 22 32.95 40.54 -70.94
CA THR L 22 31.69 40.04 -70.34
C THR L 22 31.07 41.07 -69.41
N THR L 23 31.88 41.61 -68.51
CA THR L 23 31.44 42.62 -67.56
C THR L 23 30.87 43.87 -68.27
N GLN L 24 31.65 44.43 -69.20
CA GLN L 24 31.21 45.62 -69.92
C GLN L 24 29.95 45.33 -70.73
N ARG L 25 29.90 44.19 -71.41
CA ARG L 25 28.69 43.85 -72.15
C ARG L 25 27.46 43.71 -71.25
N LEU L 26 27.62 43.03 -70.12
CA LEU L 26 26.48 42.84 -69.23
C LEU L 26 26.04 44.18 -68.65
N THR L 27 27.00 45.06 -68.38
CA THR L 27 26.66 46.39 -67.89
C THR L 27 25.82 47.12 -68.94
N LYS L 28 26.25 46.99 -70.18
CA LYS L 28 25.61 47.65 -71.31
C LYS L 28 24.17 47.18 -71.45
N LEU L 29 24.00 45.85 -71.45
CA LEU L 29 22.70 45.23 -71.67
C LEU L 29 21.77 45.48 -70.50
N LEU L 30 22.36 45.64 -69.31
CA LEU L 30 21.58 45.99 -68.14
C LEU L 30 20.98 47.39 -68.27
N THR L 31 21.80 48.34 -68.69
CA THR L 31 21.39 49.76 -68.77
C THR L 31 20.65 50.10 -70.06
N ASN L 32 20.61 49.17 -71.01
CA ASN L 32 19.88 49.39 -72.23
C ASN L 32 18.91 48.26 -72.48
N SER L 33 18.10 47.97 -71.46
CA SER L 33 17.27 46.78 -71.46
C SER L 33 15.87 47.06 -71.96
N PRO L 34 15.38 46.23 -72.91
CA PRO L 34 13.97 46.29 -73.32
C PRO L 34 13.02 45.62 -72.31
N ILE L 35 13.55 45.16 -71.18
CA ILE L 35 12.71 44.60 -70.10
C ILE L 35 12.00 45.75 -69.39
N PRO L 36 10.66 45.66 -69.25
CA PRO L 36 9.90 46.68 -68.50
C PRO L 36 10.59 46.96 -67.19
N THR L 37 10.71 48.22 -66.81
CA THR L 37 11.59 48.57 -65.69
C THR L 37 11.18 47.90 -64.39
N GLU L 38 9.88 47.66 -64.21
CA GLU L 38 9.37 46.99 -63.01
C GLU L 38 9.67 45.48 -62.96
N GLU L 39 10.24 44.93 -64.02
CA GLU L 39 10.58 43.52 -64.06
C GLU L 39 12.09 43.26 -64.03
N LEU L 40 12.87 44.33 -64.01
CA LEU L 40 14.32 44.22 -63.89
C LEU L 40 14.74 43.42 -62.67
N VAL L 41 14.23 43.78 -61.50
CA VAL L 41 14.62 43.08 -60.27
C VAL L 41 14.09 41.64 -60.20
N ASN L 42 13.37 41.22 -61.24
CA ASN L 42 12.91 39.85 -61.35
C ASN L 42 13.73 39.08 -62.36
N ASN L 43 14.77 39.72 -62.89
CA ASN L 43 15.61 39.09 -63.91
C ASN L 43 17.09 39.43 -63.77
N LEU L 44 17.52 39.82 -62.57
CA LEU L 44 18.94 40.09 -62.32
C LEU L 44 19.93 38.97 -62.72
N PRO L 45 19.56 37.69 -62.58
CA PRO L 45 20.50 36.67 -63.04
C PRO L 45 20.94 36.80 -64.51
N LEU L 46 20.16 37.51 -65.34
CA LEU L 46 20.60 37.79 -66.70
C LEU L 46 21.97 38.46 -66.66
N PHE L 47 22.22 39.23 -65.61
CA PHE L 47 23.40 40.07 -65.57
C PHE L 47 24.48 39.61 -64.59
N LEU L 48 24.23 38.45 -63.96
CA LEU L 48 25.12 37.94 -62.91
C LEU L 48 26.12 36.94 -63.50
N ARG L 49 27.35 37.39 -63.73
CA ARG L 49 28.30 36.56 -64.45
C ARG L 49 28.90 35.52 -63.50
N ARG L 50 29.54 34.50 -64.09
CA ARG L 50 30.12 33.39 -63.32
C ARG L 50 30.86 33.83 -62.06
N HIS L 51 31.82 34.75 -62.22
CA HIS L 51 32.61 35.22 -61.08
C HIS L 51 31.72 35.72 -59.93
N GLN L 52 30.68 36.50 -60.26
CA GLN L 52 29.81 37.06 -59.23
C GLN L 52 28.81 36.02 -58.67
N MET L 53 28.32 35.16 -59.54
CA MET L 53 27.52 34.00 -59.11
C MET L 53 28.29 33.11 -58.13
N THR L 54 29.61 33.03 -58.31
CA THR L 54 30.46 32.22 -57.45
C THR L 54 30.53 32.83 -56.06
N ASP L 55 30.70 34.15 -56.01
CA ASP L 55 30.75 34.82 -54.72
C ASP L 55 29.42 34.65 -53.95
N LEU L 56 28.30 34.72 -54.67
CA LEU L 56 26.98 34.45 -54.10
C LEU L 56 26.87 33.03 -53.53
N LEU L 57 27.17 32.01 -54.34
CA LEU L 57 27.11 30.63 -53.85
C LEU L 57 28.03 30.40 -52.65
N SER L 58 29.17 31.07 -52.64
CA SER L 58 30.08 30.97 -51.51
C SER L 58 29.47 31.53 -50.22
N MET L 59 28.87 32.72 -50.31
CA MET L 59 28.23 33.30 -49.13
C MET L 59 27.13 32.37 -48.63
N ASP L 60 26.39 31.77 -49.56
CA ASP L 60 25.33 30.83 -49.19
C ASP L 60 25.89 29.59 -48.51
N ALA L 61 27.03 29.10 -48.99
CA ALA L 61 27.69 27.97 -48.33
C ALA L 61 28.06 28.33 -46.89
N LEU L 62 28.63 29.52 -46.69
CA LEU L 62 29.08 29.89 -45.35
C LEU L 62 27.86 30.05 -44.43
N TYR L 63 26.82 30.74 -44.92
CA TYR L 63 25.60 30.93 -44.15
C TYR L 63 25.02 29.58 -43.69
N ARG L 64 24.91 28.64 -44.63
CA ARG L 64 24.35 27.32 -44.33
C ARG L 64 25.10 26.61 -43.19
N GLN L 65 26.40 26.90 -43.06
CA GLN L 65 27.18 26.28 -42.00
C GLN L 65 26.95 26.86 -40.61
N VAL L 66 26.25 27.99 -40.52
CA VAL L 66 25.94 28.53 -39.19
C VAL L 66 24.45 28.60 -38.89
N LEU L 67 23.65 27.84 -39.63
CA LEU L 67 22.22 27.80 -39.38
C LEU L 67 21.93 27.23 -38.00
N ASP L 68 22.83 26.42 -37.46
CA ASP L 68 22.62 25.86 -36.13
C ASP L 68 23.58 26.48 -35.11
N VAL L 69 24.08 27.67 -35.41
CA VAL L 69 24.99 28.37 -34.51
C VAL L 69 24.37 29.71 -34.08
N PRO L 70 24.32 29.97 -32.77
CA PRO L 70 23.67 31.22 -32.41
C PRO L 70 24.54 32.41 -32.77
N GLY L 71 23.96 33.60 -32.80
CA GLY L 71 24.78 34.79 -32.90
C GLY L 71 24.60 35.54 -34.18
N VAL L 72 25.48 36.51 -34.42
CA VAL L 72 25.30 37.45 -35.53
C VAL L 72 26.31 37.24 -36.65
N ILE L 73 26.03 37.88 -37.79
CA ILE L 73 26.94 37.90 -38.92
C ILE L 73 27.63 39.27 -39.00
N MET L 74 28.96 39.26 -39.06
CA MET L 74 29.75 40.49 -39.17
C MET L 74 30.62 40.48 -40.41
N GLU L 75 30.50 41.51 -41.24
CA GLU L 75 31.47 41.74 -42.32
C GLU L 75 32.35 42.95 -42.02
N PHE L 76 33.66 42.75 -42.07
CA PHE L 76 34.59 43.87 -41.90
C PHE L 76 35.12 44.21 -43.29
N GLY L 77 34.63 45.30 -43.85
CA GLY L 77 34.98 45.69 -45.21
C GLY L 77 33.80 45.49 -46.13
N VAL L 78 33.03 46.55 -46.30
CA VAL L 78 31.72 46.48 -46.96
C VAL L 78 31.68 47.03 -48.39
N ARG L 79 32.42 48.12 -48.63
CA ARG L 79 32.32 48.86 -49.88
C ARG L 79 30.88 49.22 -50.25
N PHE L 80 30.40 48.76 -51.40
CA PHE L 80 29.04 49.08 -51.83
C PHE L 80 27.99 48.17 -51.18
N GLY L 81 28.46 47.15 -50.47
CA GLY L 81 27.59 46.29 -49.68
C GLY L 81 27.11 45.01 -50.34
N ARG L 82 27.82 44.57 -51.38
CA ARG L 82 27.52 43.32 -52.08
C ARG L 82 27.17 42.17 -51.13
N HIS L 83 28.00 41.97 -50.11
CA HIS L 83 27.82 40.83 -49.24
C HIS L 83 26.65 41.04 -48.30
N LEU L 84 26.45 42.27 -47.83
CA LEU L 84 25.32 42.57 -46.94
C LEU L 84 23.96 42.37 -47.61
N GLY L 85 23.89 42.64 -48.90
CA GLY L 85 22.65 42.43 -49.61
C GLY L 85 22.38 40.94 -49.68
N THR L 86 23.42 40.20 -50.02
CA THR L 86 23.37 38.74 -50.07
C THR L 86 22.87 38.14 -48.73
N PHE L 87 23.47 38.57 -47.63
CA PHE L 87 23.09 38.04 -46.33
C PHE L 87 21.63 38.39 -45.99
N ALA L 88 21.24 39.63 -46.28
CA ALA L 88 19.88 40.10 -46.00
C ALA L 88 18.90 39.19 -46.72
N ALA L 89 19.22 38.90 -47.98
CA ALA L 89 18.41 37.99 -48.77
C ALA L 89 18.44 36.56 -48.20
N LEU L 90 19.64 36.09 -47.82
CA LEU L 90 19.79 34.72 -47.35
C LEU L 90 19.09 34.49 -46.00
N ARG L 91 19.18 35.50 -45.14
CA ARG L 91 18.47 35.49 -43.86
C ARG L 91 16.97 35.33 -44.07
N GLY L 92 16.46 35.93 -45.14
CA GLY L 92 15.07 35.73 -45.51
C GLY L 92 14.82 34.27 -45.90
N VAL L 93 15.72 33.73 -46.72
CA VAL L 93 15.55 32.38 -47.23
C VAL L 93 15.51 31.35 -46.10
N TYR L 94 16.44 31.48 -45.15
CA TYR L 94 16.70 30.46 -44.15
C TYR L 94 16.15 30.73 -42.76
N GLU L 95 16.00 32.00 -42.39
CA GLU L 95 15.68 32.32 -41.00
C GLU L 95 14.58 33.36 -40.78
N PRO L 96 13.39 33.11 -41.35
CA PRO L 96 12.28 34.06 -41.14
C PRO L 96 11.99 34.29 -39.67
N TYR L 97 12.28 33.31 -38.81
CA TYR L 97 11.88 33.39 -37.40
C TYR L 97 13.05 33.71 -36.49
N ASN L 98 14.14 34.19 -37.06
CA ASN L 98 15.28 34.55 -36.23
C ASN L 98 15.58 36.05 -36.25
N PRO L 99 14.94 36.79 -35.35
CA PRO L 99 15.15 38.23 -35.36
C PRO L 99 16.45 38.65 -34.68
N LEU L 100 17.17 37.70 -34.09
CA LEU L 100 18.42 37.99 -33.39
C LEU L 100 19.62 37.79 -34.31
N ARG L 101 19.36 37.35 -35.54
CA ARG L 101 20.45 37.21 -36.48
C ARG L 101 20.76 38.58 -37.06
N ARG L 102 21.44 39.41 -36.28
CA ARG L 102 21.74 40.75 -36.76
C ARG L 102 22.83 40.70 -37.85
N ILE L 103 22.69 41.53 -38.88
CA ILE L 103 23.78 41.67 -39.84
C ILE L 103 24.49 42.98 -39.56
N VAL L 104 25.79 42.89 -39.28
CA VAL L 104 26.57 44.08 -38.94
C VAL L 104 27.72 44.29 -39.93
N GLY L 105 27.68 45.40 -40.65
CA GLY L 105 28.73 45.76 -41.60
C GLY L 105 29.60 46.90 -41.10
N PHE L 106 30.91 46.67 -41.05
CA PHE L 106 31.88 47.68 -40.61
C PHE L 106 32.69 48.20 -41.79
N ASP L 107 32.71 49.53 -41.95
CA ASP L 107 33.56 50.18 -42.95
C ASP L 107 33.80 51.66 -42.64
N THR L 108 34.90 52.22 -43.14
CA THR L 108 35.07 53.67 -43.13
C THR L 108 34.05 54.27 -44.08
N PHE L 109 33.85 53.58 -45.21
CA PHE L 109 33.11 54.08 -46.35
C PHE L 109 33.83 55.27 -47.05
N THR L 110 35.08 55.49 -46.66
CA THR L 110 35.94 56.47 -47.34
C THR L 110 37.20 55.77 -47.85
N GLY L 111 37.17 54.44 -47.86
CA GLY L 111 38.28 53.64 -48.36
C GLY L 111 39.34 53.36 -47.31
N PHE L 112 40.44 52.74 -47.75
CA PHE L 112 41.58 52.46 -46.86
C PHE L 112 41.93 53.73 -46.09
N PRO L 113 42.03 53.63 -44.77
CA PRO L 113 42.39 54.81 -43.97
C PRO L 113 43.90 55.05 -43.90
N ASP L 114 44.71 54.00 -43.95
CA ASP L 114 46.16 54.10 -43.83
C ASP L 114 46.78 52.71 -43.91
N VAL L 115 47.68 52.50 -44.86
CA VAL L 115 48.25 51.18 -45.06
C VAL L 115 49.59 51.03 -44.36
N ASN L 116 49.89 49.79 -44.02
CA ASN L 116 51.15 49.44 -43.40
C ASN L 116 52.10 49.02 -44.52
N ASP L 117 53.40 49.04 -44.26
CA ASP L 117 54.37 48.67 -45.28
C ASP L 117 54.14 47.26 -45.84
N VAL L 118 53.73 46.32 -45.00
CA VAL L 118 53.51 44.97 -45.48
C VAL L 118 52.32 44.90 -46.45
N ASP L 119 51.48 45.93 -46.44
CA ASP L 119 50.35 45.99 -47.39
C ASP L 119 50.80 46.50 -48.77
N ARG L 120 51.99 47.10 -48.84
CA ARG L 120 52.45 47.77 -50.07
C ARG L 120 53.14 46.85 -51.06
N VAL L 121 52.38 45.95 -51.67
CA VAL L 121 52.92 45.01 -52.62
C VAL L 121 52.50 45.43 -54.02
N GLY L 122 51.24 45.81 -54.16
CA GLY L 122 50.70 46.23 -55.44
C GLY L 122 50.40 47.72 -55.48
N PRO L 123 49.94 48.20 -56.64
CA PRO L 123 49.78 49.64 -56.87
C PRO L 123 48.56 50.25 -56.15
N THR L 124 47.63 49.41 -55.68
CA THR L 124 46.37 49.91 -55.13
C THR L 124 46.34 50.07 -53.61
N ALA L 125 47.48 49.83 -52.95
CA ALA L 125 47.56 50.04 -51.51
C ALA L 125 47.82 51.51 -51.18
N TYR L 126 46.76 52.33 -51.22
CA TYR L 126 46.86 53.74 -50.89
C TYR L 126 45.62 54.19 -50.14
N GLN L 127 45.76 55.23 -49.33
CA GLN L 127 44.66 55.74 -48.52
C GLN L 127 43.52 56.14 -49.45
N GLY L 128 42.31 55.68 -49.14
CA GLY L 128 41.15 56.06 -49.93
C GLY L 128 40.77 55.07 -51.03
N ARG L 129 41.59 54.05 -51.20
CA ARG L 129 41.25 52.97 -52.11
C ARG L 129 39.93 52.36 -51.65
N PHE L 130 39.01 52.14 -52.60
CA PHE L 130 37.67 51.58 -52.35
C PHE L 130 36.71 52.55 -51.67
N ALA L 131 36.96 53.85 -51.77
CA ALA L 131 36.02 54.85 -51.26
C ALA L 131 34.69 54.75 -52.01
N VAL L 132 33.60 54.94 -51.28
CA VAL L 132 32.29 55.04 -51.90
C VAL L 132 31.78 56.47 -51.71
N PRO L 133 30.92 56.96 -52.61
CA PRO L 133 30.46 58.36 -52.60
C PRO L 133 29.96 58.86 -51.25
N GLY L 134 30.04 60.17 -51.02
CA GLY L 134 29.53 60.73 -49.79
C GLY L 134 28.04 60.46 -49.72
N GLY L 135 27.55 60.17 -48.52
CA GLY L 135 26.15 59.83 -48.35
C GLY L 135 25.77 58.38 -48.68
N TYR L 136 26.76 57.58 -49.11
CA TYR L 136 26.49 56.19 -49.47
C TYR L 136 25.90 55.27 -48.39
N PRO L 137 26.38 55.38 -47.13
CA PRO L 137 25.76 54.59 -46.06
C PRO L 137 24.23 54.72 -45.95
N ALA L 138 23.68 55.93 -46.06
CA ALA L 138 22.23 56.13 -46.01
C ALA L 138 21.52 55.43 -47.17
N TYR L 139 22.15 55.40 -48.35
CA TYR L 139 21.58 54.67 -49.48
C TYR L 139 21.60 53.17 -49.24
N LEU L 140 22.70 52.67 -48.68
CA LEU L 140 22.84 51.25 -48.40
C LEU L 140 21.80 50.85 -47.34
N LYS L 141 21.67 51.69 -46.31
CA LYS L 141 20.61 51.53 -45.32
C LYS L 141 19.20 51.47 -45.95
N GLU L 142 18.94 52.31 -46.97
CA GLU L 142 17.67 52.23 -47.69
C GLU L 142 17.52 50.87 -48.40
N VAL L 143 18.59 50.41 -49.04
CA VAL L 143 18.59 49.09 -49.67
C VAL L 143 18.27 47.98 -48.66
N LEU L 144 19.01 47.96 -47.55
CA LEU L 144 18.80 46.97 -46.51
C LEU L 144 17.38 47.04 -45.92
N ASP L 145 16.92 48.24 -45.58
CA ASP L 145 15.57 48.44 -45.07
C ASP L 145 14.52 47.95 -46.04
N ALA L 146 14.84 48.01 -47.33
CA ALA L 146 13.87 47.62 -48.34
C ALA L 146 13.65 46.12 -48.30
N HIS L 147 14.75 45.38 -48.11
CA HIS L 147 14.67 43.93 -47.92
C HIS L 147 13.87 43.63 -46.65
N GLU L 148 14.24 44.28 -45.56
CA GLU L 148 13.69 43.98 -44.24
C GLU L 148 12.21 44.32 -44.14
N CYS L 149 11.77 45.21 -45.02
CA CYS L 149 10.38 45.62 -45.09
C CYS L 149 9.44 44.41 -45.18
N SER L 150 9.86 43.37 -45.88
CA SER L 150 9.00 42.20 -46.03
C SER L 150 9.49 40.95 -45.31
N ASP L 151 10.44 41.10 -44.37
CA ASP L 151 10.86 39.99 -43.52
C ASP L 151 9.70 39.71 -42.57
N PHE L 152 9.61 38.47 -42.08
CA PHE L 152 8.58 38.14 -41.10
C PHE L 152 8.73 38.97 -39.84
N PHE L 153 9.98 39.19 -39.41
CA PHE L 153 10.24 40.06 -38.27
C PHE L 153 10.67 41.47 -38.69
N GLY L 154 10.06 41.97 -39.75
CA GLY L 154 10.33 43.32 -40.24
C GLY L 154 9.97 44.46 -39.30
N HIS L 155 9.19 44.18 -38.26
CA HIS L 155 8.84 45.21 -37.30
C HIS L 155 9.95 45.44 -36.27
N VAL L 156 10.94 44.55 -36.29
CA VAL L 156 12.05 44.67 -35.34
C VAL L 156 13.20 45.41 -36.01
N THR L 157 13.67 46.48 -35.39
CA THR L 157 14.64 47.37 -36.04
C THR L 157 16.06 46.98 -35.65
N GLN L 158 17.04 47.60 -36.31
CA GLN L 158 18.46 47.31 -36.09
C GLN L 158 18.80 45.84 -36.32
N ARG L 159 18.12 45.22 -37.28
CA ARG L 159 18.47 43.86 -37.68
C ARG L 159 19.59 43.89 -38.73
N SER L 160 19.78 45.06 -39.34
CA SER L 160 20.94 45.36 -40.18
C SER L 160 21.57 46.62 -39.61
N VAL L 161 22.86 46.58 -39.36
CA VAL L 161 23.53 47.74 -38.81
C VAL L 161 24.81 48.02 -39.58
N LEU L 162 24.93 49.25 -40.08
CA LEU L 162 26.15 49.74 -40.70
C LEU L 162 26.94 50.55 -39.67
N VAL L 163 28.18 50.14 -39.38
CA VAL L 163 29.00 50.88 -38.43
C VAL L 163 30.14 51.62 -39.15
N GLU L 164 30.02 52.95 -39.21
CA GLU L 164 30.95 53.79 -39.95
C GLU L 164 32.20 54.16 -39.14
N GLY L 165 33.37 53.96 -39.71
CA GLY L 165 34.59 54.30 -39.00
C GLY L 165 35.67 53.25 -39.15
N ASP L 166 36.78 53.49 -38.45
CA ASP L 166 37.93 52.61 -38.47
C ASP L 166 37.71 51.47 -37.49
N VAL L 167 37.70 50.23 -38.00
CA VAL L 167 37.37 49.05 -37.18
C VAL L 167 38.27 48.87 -35.96
N ARG L 168 39.47 49.43 -36.00
CA ARG L 168 40.34 49.47 -34.83
C ARG L 168 39.61 50.13 -33.65
N GLU L 169 38.78 51.12 -33.93
CA GLU L 169 37.96 51.74 -32.90
C GLU L 169 36.55 51.17 -32.86
N THR L 170 35.89 51.06 -34.02
CA THR L 170 34.47 50.77 -34.03
C THR L 170 34.13 49.35 -33.62
N VAL L 171 35.00 48.40 -33.94
CA VAL L 171 34.72 47.04 -33.53
C VAL L 171 34.77 46.84 -32.01
N PRO L 172 35.86 47.25 -31.33
CA PRO L 172 35.79 47.11 -29.87
C PRO L 172 34.66 47.95 -29.26
N ARG L 173 34.34 49.10 -29.86
CA ARG L 173 33.25 49.90 -29.32
C ARG L 173 31.93 49.15 -29.46
N TYR L 174 31.66 48.63 -30.66
CA TYR L 174 30.41 47.92 -30.90
C TYR L 174 30.25 46.77 -29.91
N LEU L 175 31.32 46.02 -29.72
CA LEU L 175 31.30 44.87 -28.82
C LEU L 175 30.96 45.24 -27.37
N ALA L 176 31.57 46.32 -26.88
CA ALA L 176 31.33 46.75 -25.50
C ALA L 176 29.90 47.28 -25.34
N GLU L 177 29.37 47.88 -26.40
CA GLU L 177 27.97 48.30 -26.42
C GLU L 177 26.99 47.11 -26.50
N ASN L 178 27.50 45.94 -26.89
CA ASN L 178 26.63 44.80 -27.13
C ASN L 178 27.12 43.52 -26.45
N PRO L 179 27.08 43.50 -25.12
CA PRO L 179 27.66 42.36 -24.41
C PRO L 179 26.86 41.05 -24.58
N GLN L 180 25.71 41.12 -25.25
CA GLN L 180 24.95 39.92 -25.61
C GLN L 180 25.47 39.24 -26.87
N THR L 181 26.51 39.82 -27.48
CA THR L 181 26.98 39.36 -28.79
C THR L 181 27.55 37.96 -28.74
N VAL L 182 27.10 37.12 -29.67
CA VAL L 182 27.81 35.90 -30.04
C VAL L 182 28.03 36.05 -31.53
N ILE L 183 29.21 35.68 -32.00
CA ILE L 183 29.49 35.82 -33.43
C ILE L 183 29.43 34.46 -34.13
N ALA L 184 28.49 34.31 -35.07
CA ALA L 184 28.34 33.07 -35.81
C ALA L 184 29.26 33.05 -37.03
N LEU L 185 29.31 34.20 -37.71
CA LEU L 185 30.09 34.34 -38.94
C LEU L 185 30.79 35.70 -38.93
N ALA L 186 32.12 35.64 -38.98
CA ALA L 186 32.93 36.84 -39.14
C ALA L 186 33.55 36.79 -40.52
N TYR L 187 33.15 37.70 -41.39
CA TYR L 187 33.73 37.76 -42.73
C TYR L 187 34.76 38.91 -42.88
N PHE L 188 36.04 38.53 -42.95
CA PHE L 188 37.14 39.50 -43.11
C PHE L 188 37.38 39.87 -44.56
N ASP L 189 37.17 41.15 -44.87
CA ASP L 189 37.41 41.66 -46.22
C ASP L 189 38.00 43.06 -46.14
N LEU L 190 38.91 43.26 -45.19
CA LEU L 190 39.62 44.52 -45.03
C LEU L 190 40.88 44.62 -45.92
N ASP L 191 41.43 43.45 -46.29
CA ASP L 191 42.70 43.36 -47.04
C ASP L 191 43.96 43.78 -46.24
N LEU L 192 43.84 44.76 -45.35
CA LEU L 192 45.02 45.36 -44.71
C LEU L 192 45.40 44.66 -43.42
N TYR L 193 46.70 44.68 -43.13
CA TYR L 193 47.28 43.98 -41.98
C TYR L 193 46.77 44.45 -40.64
N GLU L 194 47.02 45.71 -40.30
CA GLU L 194 46.66 46.23 -38.97
C GLU L 194 45.19 46.07 -38.59
N PRO L 195 44.27 46.54 -39.44
CA PRO L 195 42.87 46.37 -39.01
C PRO L 195 42.51 44.89 -38.86
N THR L 196 43.03 44.04 -39.72
CA THR L 196 42.74 42.60 -39.61
C THR L 196 43.20 42.04 -38.27
N LYS L 197 44.44 42.35 -37.90
CA LYS L 197 44.99 41.91 -36.62
C LYS L 197 44.15 42.40 -35.44
N ALA L 198 43.64 43.63 -35.55
CA ALA L 198 42.91 44.25 -34.45
C ALA L 198 41.60 43.55 -34.23
N VAL L 199 40.89 43.34 -35.32
CA VAL L 199 39.57 42.74 -35.28
C VAL L 199 39.64 41.29 -34.81
N LEU L 200 40.61 40.51 -35.32
CA LEU L 200 40.79 39.12 -34.85
C LEU L 200 40.91 39.03 -33.34
N GLU L 201 41.73 39.88 -32.74
CA GLU L 201 41.87 39.87 -31.28
C GLU L 201 40.55 40.27 -30.59
N ALA L 202 39.86 41.24 -31.15
CA ALA L 202 38.67 41.79 -30.52
C ALA L 202 37.49 40.79 -30.52
N ILE L 203 37.27 40.15 -31.66
CA ILE L 203 36.14 39.25 -31.80
C ILE L 203 36.31 37.95 -31.01
N ARG L 204 37.55 37.60 -30.70
CA ARG L 204 37.83 36.28 -30.13
C ARG L 204 36.95 35.80 -28.95
N PRO L 205 36.69 36.66 -27.94
CA PRO L 205 35.86 36.16 -26.83
C PRO L 205 34.38 35.94 -27.17
N TYR L 206 33.97 36.28 -28.39
CA TYR L 206 32.57 36.21 -28.79
C TYR L 206 32.27 35.05 -29.74
N LEU L 207 33.29 34.22 -29.99
CA LEU L 207 33.15 33.05 -30.85
C LEU L 207 32.79 31.79 -30.04
N THR L 208 31.93 30.93 -30.58
CA THR L 208 31.74 29.63 -29.97
C THR L 208 32.42 28.58 -30.84
N LYS L 209 32.57 27.36 -30.34
CA LYS L 209 33.07 26.28 -31.18
C LYS L 209 32.01 26.08 -32.25
N GLY L 210 32.39 26.27 -33.51
CA GLY L 210 31.44 26.17 -34.60
C GLY L 210 31.28 27.46 -35.37
N SER L 211 31.57 28.59 -34.73
CA SER L 211 31.53 29.89 -35.41
C SER L 211 32.45 29.85 -36.61
N ILE L 212 32.06 30.51 -37.68
CA ILE L 212 32.91 30.53 -38.87
C ILE L 212 33.69 31.85 -38.94
N VAL L 213 35.01 31.73 -39.04
CA VAL L 213 35.86 32.86 -39.39
C VAL L 213 36.36 32.69 -40.82
N ALA L 214 36.00 33.64 -41.67
CA ALA L 214 36.32 33.57 -43.09
C ALA L 214 37.22 34.72 -43.52
N PHE L 215 38.10 34.45 -44.49
CA PHE L 215 38.97 35.45 -45.08
C PHE L 215 38.86 35.49 -46.60
N ASP L 216 38.81 36.69 -47.14
CA ASP L 216 38.68 36.90 -48.57
C ASP L 216 40.00 36.86 -49.34
N GLU L 217 41.12 37.15 -48.67
CA GLU L 217 42.39 37.31 -49.38
C GLU L 217 43.56 36.69 -48.61
N LEU L 218 43.33 35.54 -47.99
CA LEU L 218 44.33 34.96 -47.09
C LEU L 218 45.65 34.57 -47.77
N ASP L 219 45.58 34.11 -49.01
CA ASP L 219 46.79 33.63 -49.66
C ASP L 219 47.04 34.34 -51.00
N ASN L 220 46.62 35.61 -51.05
CA ASN L 220 46.79 36.44 -52.24
C ASN L 220 48.05 37.29 -52.11
N PRO L 221 49.02 37.11 -53.03
CA PRO L 221 50.30 37.84 -53.05
C PRO L 221 50.09 39.35 -52.94
N LYS L 222 49.04 39.88 -53.59
CA LYS L 222 48.81 41.31 -53.59
C LYS L 222 48.44 41.89 -52.21
N TRP L 223 47.79 41.07 -51.37
CA TRP L 223 47.37 41.50 -50.03
C TRP L 223 47.76 40.46 -48.99
N PRO L 224 48.99 40.50 -48.50
CA PRO L 224 49.44 39.46 -47.57
C PRO L 224 49.12 39.76 -46.12
N GLY L 225 48.44 40.88 -45.87
CA GLY L 225 48.19 41.33 -44.51
C GLY L 225 47.37 40.38 -43.66
N GLU L 226 46.33 39.80 -44.25
CA GLU L 226 45.49 38.84 -43.55
C GLU L 226 46.28 37.60 -43.10
N ASN L 227 47.18 37.11 -43.94
CA ASN L 227 48.05 35.98 -43.57
C ASN L 227 48.99 36.36 -42.41
N ILE L 228 49.65 37.50 -42.54
CA ILE L 228 50.54 37.99 -41.48
C ILE L 228 49.77 38.14 -40.15
N ALA L 229 48.60 38.78 -40.20
CA ALA L 229 47.77 38.88 -38.99
C ALA L 229 47.42 37.50 -38.40
N MET L 230 46.96 36.58 -39.26
CA MET L 230 46.60 35.23 -38.80
C MET L 230 47.76 34.53 -38.11
N ARG L 231 48.91 34.53 -38.77
CA ARG L 231 50.13 33.95 -38.26
C ARG L 231 50.56 34.57 -36.94
N LYS L 232 50.37 35.88 -36.82
CA LYS L 232 50.76 36.60 -35.61
C LYS L 232 49.78 36.35 -34.44
N VAL L 233 48.49 36.40 -34.74
CA VAL L 233 47.48 36.30 -33.69
C VAL L 233 47.19 34.84 -33.27
N LEU L 234 46.99 33.96 -34.25
CA LEU L 234 46.52 32.60 -33.97
C LEU L 234 47.49 31.51 -34.42
N GLY L 235 48.11 31.70 -35.58
CA GLY L 235 48.83 30.63 -36.23
C GLY L 235 47.97 30.00 -37.33
N LEU L 236 48.60 29.69 -38.47
CA LEU L 236 47.86 29.16 -39.60
C LEU L 236 47.29 27.78 -39.32
N ASP L 237 47.80 27.10 -38.29
CA ASP L 237 47.28 25.78 -37.95
C ASP L 237 46.48 25.77 -36.65
N HIS L 238 46.02 26.95 -36.22
CA HIS L 238 45.18 27.04 -35.03
C HIS L 238 43.90 26.25 -35.25
N ALA L 239 43.34 26.38 -36.45
CA ALA L 239 42.16 25.62 -36.83
C ALA L 239 42.39 25.18 -38.28
N PRO L 240 41.53 24.28 -38.81
CA PRO L 240 41.72 23.88 -40.20
C PRO L 240 41.15 24.95 -41.15
N LEU L 241 42.01 25.55 -41.95
CA LEU L 241 41.56 26.48 -42.99
C LEU L 241 41.13 25.68 -44.22
N ARG L 242 40.04 26.11 -44.82
CA ARG L 242 39.42 25.36 -45.91
C ARG L 242 39.02 26.27 -47.06
N LEU L 243 39.03 25.70 -48.26
CA LEU L 243 38.39 26.30 -49.41
C LEU L 243 37.10 25.54 -49.72
N LEU L 244 36.15 26.24 -50.31
CA LEU L 244 35.11 25.56 -51.06
C LEU L 244 35.81 25.13 -52.36
N PRO L 245 35.80 23.81 -52.65
CA PRO L 245 36.59 23.28 -53.77
C PRO L 245 36.34 24.01 -55.09
N GLY L 246 37.43 24.36 -55.78
CA GLY L 246 37.34 25.08 -57.03
C GLY L 246 37.36 26.60 -56.97
N ARG L 247 37.51 27.18 -55.77
CA ARG L 247 37.53 28.63 -55.63
C ARG L 247 38.66 29.05 -54.71
N PRO L 248 39.44 30.05 -55.11
CA PRO L 248 40.62 30.45 -54.34
C PRO L 248 40.22 31.11 -53.05
N ALA L 249 39.01 31.61 -53.00
CA ALA L 249 38.51 32.31 -51.82
C ALA L 249 36.99 32.13 -51.74
N PRO L 250 36.41 32.23 -50.53
CA PRO L 250 37.01 32.55 -49.24
C PRO L 250 37.78 31.37 -48.63
N ALA L 251 38.72 31.70 -47.76
CA ALA L 251 39.39 30.71 -46.95
C ALA L 251 38.74 30.85 -45.59
N TYR L 252 38.26 29.74 -45.04
CA TYR L 252 37.46 29.82 -43.83
C TYR L 252 37.80 28.70 -42.85
N LEU L 253 37.59 28.99 -41.58
CA LEU L 253 37.83 28.00 -40.53
C LEU L 253 36.63 27.86 -39.60
N ARG L 254 36.50 26.70 -38.98
CA ARG L 254 35.44 26.45 -38.00
C ARG L 254 36.07 26.56 -36.62
N TRP L 255 35.68 27.57 -35.85
CA TRP L 255 36.33 27.82 -34.58
C TRP L 255 36.25 26.57 -33.70
N GLY L 256 37.40 26.19 -33.13
CA GLY L 256 37.46 25.03 -32.26
C GLY L 256 37.85 23.72 -32.93
N ASP L 257 37.82 23.67 -34.25
CA ASP L 257 38.12 22.40 -34.95
C ASP L 257 39.61 22.04 -34.98
N GLN M 7 49.04 -23.50 -6.22
CA GLN M 7 48.46 -23.22 -7.53
C GLN M 7 47.87 -24.48 -8.18
N ASP M 8 46.65 -24.35 -8.69
CA ASP M 8 46.01 -25.43 -9.44
C ASP M 8 46.39 -25.32 -10.92
N LEU M 9 46.96 -26.38 -11.47
CA LEU M 9 47.41 -26.36 -12.86
C LEU M 9 46.23 -26.37 -13.85
N ARG M 10 45.06 -26.79 -13.38
CA ARG M 10 43.87 -26.80 -14.25
C ARG M 10 43.32 -25.40 -14.48
N ALA M 11 43.80 -24.43 -13.70
CA ALA M 11 43.33 -23.05 -13.78
C ALA M 11 44.04 -22.31 -14.89
N PHE M 12 45.12 -22.90 -15.39
CA PHE M 12 45.79 -22.34 -16.55
C PHE M 12 45.10 -22.87 -17.80
N VAL M 13 45.11 -22.10 -18.87
CA VAL M 13 44.57 -22.58 -20.13
C VAL M 13 45.37 -23.80 -20.58
N HIS M 14 44.66 -24.87 -20.93
CA HIS M 14 45.30 -26.09 -21.41
C HIS M 14 44.33 -26.82 -22.33
N ASP M 15 44.88 -27.67 -23.18
CA ASP M 15 44.09 -28.40 -24.17
C ASP M 15 43.14 -29.39 -23.53
N SER M 16 41.89 -29.40 -23.99
CA SER M 16 40.93 -30.44 -23.62
C SER M 16 41.41 -31.78 -24.19
N PRO M 17 40.85 -32.88 -23.68
CA PRO M 17 41.25 -34.18 -24.23
C PRO M 17 40.93 -34.24 -25.70
N GLU M 18 39.81 -33.65 -26.10
CA GLU M 18 39.39 -33.72 -27.50
C GLU M 18 40.31 -32.92 -28.41
N GLU M 19 40.76 -31.75 -27.92
CA GLU M 19 41.68 -30.89 -28.68
C GLU M 19 43.01 -31.62 -28.88
N THR M 20 43.44 -32.35 -27.86
CA THR M 20 44.66 -33.16 -27.93
C THR M 20 44.49 -34.26 -28.98
N GLU M 21 43.35 -34.92 -28.94
CA GLU M 21 43.06 -35.99 -29.89
C GLU M 21 43.00 -35.50 -31.33
N THR M 22 42.40 -34.33 -31.57
CA THR M 22 42.35 -33.78 -32.92
C THR M 22 43.76 -33.53 -33.46
N THR M 23 44.61 -32.98 -32.62
CA THR M 23 45.97 -32.61 -32.98
C THR M 23 46.78 -33.84 -33.35
N GLN M 24 46.64 -34.89 -32.54
CA GLN M 24 47.38 -36.13 -32.75
C GLN M 24 46.90 -36.83 -34.00
N ARG M 25 45.58 -36.91 -34.15
CA ARG M 25 45.01 -37.56 -35.34
C ARG M 25 45.45 -36.87 -36.62
N LEU M 26 45.40 -35.54 -36.64
CA LEU M 26 45.79 -34.80 -37.82
C LEU M 26 47.27 -34.96 -38.09
N THR M 27 48.04 -35.06 -37.02
CA THR M 27 49.48 -35.27 -37.15
C THR M 27 49.70 -36.60 -37.84
N LYS M 28 48.97 -37.62 -37.40
CA LYS M 28 49.09 -38.95 -38.00
C LYS M 28 48.65 -38.93 -39.45
N LEU M 29 47.55 -38.24 -39.71
CA LEU M 29 46.99 -38.23 -41.06
C LEU M 29 47.85 -37.43 -42.03
N LEU M 30 48.63 -36.48 -41.50
CA LEU M 30 49.56 -35.72 -42.33
C LEU M 30 50.76 -36.58 -42.69
N THR M 31 51.29 -37.25 -41.68
CA THR M 31 52.51 -38.02 -41.87
C THR M 31 52.27 -39.35 -42.58
N ASN M 32 51.06 -39.89 -42.47
CA ASN M 32 50.70 -41.11 -43.20
C ASN M 32 49.69 -40.91 -44.32
N SER M 33 49.92 -39.90 -45.16
CA SER M 33 48.91 -39.47 -46.12
C SER M 33 49.07 -40.07 -47.50
N PRO M 34 47.96 -40.52 -48.10
CA PRO M 34 47.93 -41.05 -49.47
C PRO M 34 47.91 -39.96 -50.53
N ILE M 35 47.83 -38.70 -50.11
CA ILE M 35 48.01 -37.59 -51.03
C ILE M 35 49.43 -37.68 -51.58
N PRO M 36 49.59 -37.56 -52.91
CA PRO M 36 50.95 -37.54 -53.49
C PRO M 36 51.76 -36.43 -52.83
N THR M 37 53.01 -36.73 -52.51
CA THR M 37 53.87 -35.84 -51.75
C THR M 37 53.96 -34.42 -52.35
N GLU M 38 53.84 -34.31 -53.67
CA GLU M 38 53.98 -33.01 -54.32
C GLU M 38 52.70 -32.19 -54.26
N GLU M 39 51.65 -32.76 -53.67
CA GLU M 39 50.36 -32.08 -53.57
C GLU M 39 50.04 -31.72 -52.12
N LEU M 40 50.91 -32.13 -51.21
CA LEU M 40 50.72 -31.84 -49.79
C LEU M 40 50.61 -30.34 -49.56
N VAL M 41 51.54 -29.57 -50.11
CA VAL M 41 51.54 -28.13 -49.87
C VAL M 41 50.39 -27.40 -50.59
N ASN M 42 49.54 -28.16 -51.28
CA ASN M 42 48.31 -27.65 -51.87
C ASN M 42 47.04 -28.07 -51.11
N ASN M 43 47.20 -28.79 -50.00
CA ASN M 43 46.07 -29.29 -49.24
C ASN M 43 46.31 -29.21 -47.75
N LEU M 44 47.20 -28.30 -47.34
CA LEU M 44 47.48 -28.06 -45.92
C LEU M 44 46.28 -27.71 -45.01
N PRO M 45 45.23 -27.05 -45.54
CA PRO M 45 44.08 -26.83 -44.65
C PRO M 45 43.38 -28.11 -44.18
N LEU M 46 43.68 -29.24 -44.78
CA LEU M 46 43.18 -30.50 -44.23
C LEU M 46 43.68 -30.68 -42.80
N PHE M 47 44.82 -30.10 -42.51
CA PHE M 47 45.49 -30.40 -41.25
C PHE M 47 45.48 -29.21 -40.31
N LEU M 48 44.91 -28.11 -40.78
CA LEU M 48 44.89 -26.84 -40.06
C LEU M 48 43.62 -26.74 -39.22
N ARG M 49 43.71 -27.14 -37.95
CA ARG M 49 42.51 -27.21 -37.11
C ARG M 49 42.04 -25.83 -36.68
N ARG M 50 40.81 -25.74 -36.19
CA ARG M 50 40.21 -24.48 -35.73
C ARG M 50 41.17 -23.55 -35.01
N HIS M 51 41.74 -24.03 -33.91
CA HIS M 51 42.62 -23.21 -33.08
C HIS M 51 43.74 -22.58 -33.90
N GLN M 52 44.32 -23.34 -34.83
CA GLN M 52 45.44 -22.82 -35.61
C GLN M 52 44.93 -21.95 -36.76
N MET M 53 43.73 -22.25 -37.24
CA MET M 53 43.09 -21.39 -38.23
C MET M 53 42.81 -20.00 -37.63
N THR M 54 42.42 -19.99 -36.37
CA THR M 54 42.08 -18.74 -35.69
C THR M 54 43.29 -17.82 -35.65
N ASP M 55 44.44 -18.39 -35.32
CA ASP M 55 45.66 -17.61 -35.21
C ASP M 55 46.07 -17.03 -36.56
N LEU M 56 45.89 -17.81 -37.62
CA LEU M 56 46.15 -17.33 -38.97
C LEU M 56 45.22 -16.14 -39.29
N LEU M 57 43.93 -16.30 -39.04
CA LEU M 57 42.96 -15.25 -39.36
C LEU M 57 43.24 -13.99 -38.53
N SER M 58 43.69 -14.15 -37.29
CA SER M 58 44.06 -13.01 -36.47
C SER M 58 45.25 -12.27 -37.07
N MET M 59 46.31 -12.99 -37.42
CA MET M 59 47.46 -12.38 -38.07
C MET M 59 47.05 -11.60 -39.33
N ASP M 60 46.17 -12.19 -40.12
CA ASP M 60 45.63 -11.52 -41.29
C ASP M 60 44.90 -10.21 -40.95
N ALA M 61 44.07 -10.28 -39.91
CA ALA M 61 43.29 -9.13 -39.45
C ALA M 61 44.23 -8.04 -38.97
N LEU M 62 45.30 -8.41 -38.27
CA LEU M 62 46.30 -7.41 -37.85
C LEU M 62 47.00 -6.78 -39.06
N TYR M 63 47.43 -7.62 -40.00
CA TYR M 63 48.14 -7.12 -41.18
C TYR M 63 47.26 -6.18 -42.00
N ARG M 64 46.00 -6.56 -42.19
CA ARG M 64 45.09 -5.71 -42.95
C ARG M 64 45.00 -4.31 -42.34
N GLN M 65 45.13 -4.20 -41.02
CA GLN M 65 45.05 -2.89 -40.37
C GLN M 65 46.27 -1.97 -40.55
N VAL M 66 47.37 -2.50 -41.09
CA VAL M 66 48.55 -1.65 -41.29
C VAL M 66 48.92 -1.49 -42.76
N LEU M 67 48.05 -1.96 -43.64
CA LEU M 67 48.25 -1.83 -45.07
C LEU M 67 48.45 -0.37 -45.50
N ASP M 68 47.80 0.58 -44.83
CA ASP M 68 48.00 1.98 -45.15
C ASP M 68 49.01 2.66 -44.21
N VAL M 69 49.82 1.85 -43.54
CA VAL M 69 50.82 2.36 -42.61
C VAL M 69 52.24 2.00 -43.06
N PRO M 70 53.12 3.01 -43.21
CA PRO M 70 54.47 2.66 -43.68
C PRO M 70 55.25 1.90 -42.63
N GLY M 71 56.30 1.20 -43.06
CA GLY M 71 57.18 0.58 -42.10
C GLY M 71 57.26 -0.92 -42.18
N VAL M 72 57.83 -1.51 -41.13
CA VAL M 72 58.21 -2.92 -41.13
C VAL M 72 57.33 -3.69 -40.17
N ILE M 73 57.51 -5.01 -40.15
CA ILE M 73 56.78 -5.89 -39.24
C ILE M 73 57.80 -6.60 -38.36
N MET M 74 57.61 -6.51 -37.05
CA MET M 74 58.52 -7.17 -36.12
C MET M 74 57.78 -8.12 -35.21
N GLU M 75 58.31 -9.32 -35.08
CA GLU M 75 57.85 -10.24 -34.07
C GLU M 75 58.99 -10.45 -33.08
N PHE M 76 58.64 -10.36 -31.80
CA PHE M 76 59.58 -10.63 -30.73
C PHE M 76 59.15 -11.93 -30.08
N GLY M 77 59.96 -12.97 -30.25
CA GLY M 77 59.59 -14.30 -29.81
C GLY M 77 59.01 -15.05 -31.01
N VAL M 78 59.83 -15.85 -31.66
CA VAL M 78 59.50 -16.50 -32.93
C VAL M 78 59.19 -18.00 -32.78
N ARG M 79 59.87 -18.63 -31.83
CA ARG M 79 59.89 -20.09 -31.76
C ARG M 79 60.11 -20.73 -33.13
N PHE M 80 59.16 -21.52 -33.62
CA PHE M 80 59.37 -22.20 -34.91
C PHE M 80 59.10 -21.33 -36.13
N GLY M 81 58.48 -20.17 -35.94
CA GLY M 81 58.30 -19.22 -37.04
C GLY M 81 56.91 -19.19 -37.66
N ARG M 82 55.93 -19.78 -36.96
CA ARG M 82 54.54 -19.84 -37.46
C ARG M 82 54.04 -18.46 -37.92
N HIS M 83 54.33 -17.44 -37.13
CA HIS M 83 53.85 -16.11 -37.51
C HIS M 83 54.62 -15.50 -38.69
N LEU M 84 55.90 -15.86 -38.83
CA LEU M 84 56.72 -15.32 -39.92
C LEU M 84 56.34 -15.92 -41.26
N GLY M 85 56.02 -17.21 -41.25
CA GLY M 85 55.51 -17.83 -42.46
C GLY M 85 54.23 -17.16 -42.89
N THR M 86 53.30 -16.98 -41.94
CA THR M 86 52.05 -16.31 -42.24
C THR M 86 52.31 -14.91 -42.84
N PHE M 87 53.18 -14.14 -42.20
CA PHE M 87 53.45 -12.79 -42.67
C PHE M 87 54.05 -12.77 -44.05
N ALA M 88 55.04 -13.63 -44.27
CA ALA M 88 55.64 -13.81 -45.58
C ALA M 88 54.57 -14.05 -46.63
N ALA M 89 53.60 -14.90 -46.30
CA ALA M 89 52.56 -15.24 -47.26
C ALA M 89 51.58 -14.09 -47.46
N LEU M 90 51.17 -13.47 -46.35
CA LEU M 90 50.22 -12.36 -46.41
C LEU M 90 50.83 -11.17 -47.14
N ARG M 91 52.11 -10.95 -46.93
CA ARG M 91 52.81 -9.86 -47.64
C ARG M 91 52.71 -10.10 -49.14
N GLY M 92 52.72 -11.36 -49.56
CA GLY M 92 52.50 -11.69 -50.96
C GLY M 92 51.11 -11.33 -51.44
N VAL M 93 50.10 -11.70 -50.64
CA VAL M 93 48.70 -11.48 -51.00
C VAL M 93 48.41 -9.99 -51.20
N TYR M 94 48.92 -9.16 -50.31
CA TYR M 94 48.52 -7.76 -50.21
C TYR M 94 49.52 -6.76 -50.74
N GLU M 95 50.82 -7.05 -50.67
CA GLU M 95 51.81 -6.06 -51.08
C GLU M 95 52.91 -6.55 -52.01
N PRO M 96 52.54 -7.03 -53.20
CA PRO M 96 53.56 -7.43 -54.18
C PRO M 96 54.52 -6.28 -54.57
N TYR M 97 54.08 -5.03 -54.45
CA TYR M 97 54.88 -3.90 -54.93
C TYR M 97 55.54 -3.11 -53.80
N ASN M 98 55.60 -3.70 -52.61
CA ASN M 98 56.25 -3.04 -51.48
C ASN M 98 57.46 -3.80 -50.93
N PRO M 99 58.65 -3.58 -51.53
CA PRO M 99 59.90 -4.22 -51.10
C PRO M 99 60.38 -3.69 -49.75
N LEU M 100 59.80 -2.61 -49.27
CA LEU M 100 60.24 -1.99 -48.02
C LEU M 100 59.55 -2.60 -46.80
N ARG M 101 58.52 -3.41 -47.02
CA ARG M 101 57.85 -4.07 -45.90
C ARG M 101 58.69 -5.25 -45.44
N ARG M 102 59.70 -4.95 -44.63
CA ARG M 102 60.58 -5.98 -44.11
C ARG M 102 59.91 -6.73 -42.98
N ILE M 103 60.13 -8.04 -42.95
CA ILE M 103 59.67 -8.86 -41.85
C ILE M 103 60.86 -9.25 -40.97
N VAL M 104 60.79 -8.87 -39.69
CA VAL M 104 61.92 -9.08 -38.80
C VAL M 104 61.54 -9.88 -37.57
N GLY M 105 62.15 -11.05 -37.40
CA GLY M 105 61.91 -11.84 -36.20
C GLY M 105 63.09 -11.83 -35.23
N PHE M 106 62.80 -11.66 -33.95
CA PHE M 106 63.82 -11.74 -32.91
C PHE M 106 63.55 -12.93 -31.97
N ASP M 107 64.60 -13.66 -31.65
CA ASP M 107 64.51 -14.75 -30.68
C ASP M 107 65.95 -15.16 -30.31
N THR M 108 66.11 -15.81 -29.17
CA THR M 108 67.40 -16.41 -28.87
C THR M 108 67.50 -17.67 -29.69
N PHE M 109 66.32 -18.24 -29.96
CA PHE M 109 66.19 -19.57 -30.57
C PHE M 109 66.75 -20.67 -29.68
N THR M 110 67.01 -20.32 -28.43
CA THR M 110 67.46 -21.29 -27.44
C THR M 110 66.52 -21.25 -26.26
N GLY M 111 65.35 -20.66 -26.45
CA GLY M 111 64.35 -20.56 -25.39
C GLY M 111 64.54 -19.39 -24.45
N PHE M 112 63.74 -19.35 -23.38
CA PHE M 112 63.85 -18.33 -22.34
C PHE M 112 65.31 -18.20 -21.86
N PRO M 113 65.90 -17.01 -22.01
CA PRO M 113 67.27 -16.78 -21.56
C PRO M 113 67.37 -16.91 -20.05
N ASP M 114 66.48 -16.20 -19.35
CA ASP M 114 66.42 -16.22 -17.91
C ASP M 114 65.08 -15.63 -17.52
N VAL M 115 64.47 -16.11 -16.45
CA VAL M 115 63.16 -15.59 -16.08
C VAL M 115 63.20 -14.73 -14.82
N ASN M 116 62.22 -13.82 -14.73
CA ASN M 116 62.04 -13.00 -13.55
C ASN M 116 61.15 -13.76 -12.57
N ASP M 117 61.09 -13.31 -11.32
CA ASP M 117 60.24 -13.95 -10.32
C ASP M 117 58.76 -13.79 -10.67
N VAL M 118 58.40 -12.63 -11.23
CA VAL M 118 57.01 -12.34 -11.58
C VAL M 118 56.50 -13.26 -12.71
N ASP M 119 57.43 -13.83 -13.48
CA ASP M 119 57.07 -14.81 -14.52
C ASP M 119 56.79 -16.21 -13.94
N ARG M 120 57.33 -16.49 -12.75
CA ARG M 120 57.30 -17.84 -12.18
C ARG M 120 55.98 -18.21 -11.53
N VAL M 121 54.89 -18.18 -12.30
CA VAL M 121 53.58 -18.53 -11.79
C VAL M 121 53.29 -20.00 -12.05
N GLY M 122 53.65 -20.46 -13.26
CA GLY M 122 53.43 -21.83 -13.69
C GLY M 122 54.73 -22.63 -13.73
N PRO M 123 54.63 -23.91 -14.10
CA PRO M 123 55.75 -24.86 -14.08
C PRO M 123 56.58 -24.93 -15.36
N THR M 124 56.35 -24.05 -16.33
CA THR M 124 57.18 -24.06 -17.53
C THR M 124 58.01 -22.78 -17.65
N ALA M 125 57.90 -21.92 -16.62
CA ALA M 125 58.71 -20.72 -16.53
C ALA M 125 60.12 -21.09 -16.09
N TYR M 126 60.89 -21.68 -17.00
CA TYR M 126 62.29 -22.00 -16.73
C TYR M 126 63.14 -21.70 -17.96
N GLN M 127 64.42 -21.39 -17.74
CA GLN M 127 65.30 -21.02 -18.84
C GLN M 127 65.45 -22.19 -19.83
N GLY M 128 65.41 -21.87 -21.12
CA GLY M 128 65.51 -22.89 -22.15
C GLY M 128 64.15 -23.39 -22.63
N ARG M 129 63.08 -22.97 -21.96
CA ARG M 129 61.73 -23.32 -22.38
C ARG M 129 61.43 -22.80 -23.79
N PHE M 130 60.77 -23.64 -24.59
CA PHE M 130 60.51 -23.32 -26.00
C PHE M 130 61.78 -23.22 -26.86
N ALA M 131 62.87 -23.86 -26.44
CA ALA M 131 64.06 -23.94 -27.28
C ALA M 131 63.72 -24.68 -28.56
N VAL M 132 64.27 -24.20 -29.67
CA VAL M 132 64.12 -24.91 -30.93
C VAL M 132 65.45 -25.62 -31.26
N PRO M 133 65.44 -26.62 -32.17
CA PRO M 133 66.65 -27.40 -32.42
C PRO M 133 67.90 -26.56 -32.75
N GLY M 134 69.07 -27.12 -32.50
CA GLY M 134 70.33 -26.52 -32.90
C GLY M 134 70.32 -26.19 -34.39
N GLY M 135 70.73 -24.98 -34.75
CA GLY M 135 70.78 -24.61 -36.15
C GLY M 135 69.44 -24.36 -36.82
N TYR M 136 68.38 -24.28 -36.01
CA TYR M 136 67.04 -24.01 -36.54
C TYR M 136 66.92 -22.71 -37.36
N PRO M 137 67.55 -21.62 -36.89
CA PRO M 137 67.43 -20.39 -37.69
C PRO M 137 67.77 -20.53 -39.17
N ALA M 138 68.75 -21.33 -39.54
CA ALA M 138 69.10 -21.45 -40.96
C ALA M 138 67.97 -22.10 -41.75
N TYR M 139 67.24 -23.01 -41.12
CA TYR M 139 66.11 -23.67 -41.77
C TYR M 139 64.93 -22.71 -41.94
N LEU M 140 64.64 -21.95 -40.89
CA LEU M 140 63.57 -20.96 -40.93
C LEU M 140 63.87 -19.90 -42.00
N LYS M 141 65.13 -19.52 -42.10
CA LYS M 141 65.55 -18.62 -43.18
C LYS M 141 65.28 -19.26 -44.57
N GLU M 142 65.57 -20.55 -44.71
CA GLU M 142 65.32 -21.26 -45.97
C GLU M 142 63.83 -21.22 -46.33
N VAL M 143 63.00 -21.52 -45.35
CA VAL M 143 61.55 -21.43 -45.52
C VAL M 143 61.16 -20.05 -46.03
N LEU M 144 61.65 -19.01 -45.35
CA LEU M 144 61.34 -17.63 -45.75
C LEU M 144 61.84 -17.32 -47.16
N ASP M 145 63.08 -17.66 -47.46
CA ASP M 145 63.63 -17.49 -48.82
C ASP M 145 62.85 -18.25 -49.91
N ALA M 146 62.24 -19.37 -49.53
CA ALA M 146 61.46 -20.16 -50.48
C ALA M 146 60.22 -19.35 -50.85
N HIS M 147 59.60 -18.76 -49.83
CA HIS M 147 58.48 -17.85 -50.05
C HIS M 147 58.86 -16.66 -50.92
N GLU M 148 59.99 -16.02 -50.62
CA GLU M 148 60.38 -14.79 -51.30
C GLU M 148 60.79 -15.02 -52.75
N CYS M 149 61.27 -16.23 -53.03
CA CYS M 149 61.68 -16.63 -54.37
C CYS M 149 60.65 -16.23 -55.44
N SER M 150 59.36 -16.36 -55.12
CA SER M 150 58.34 -16.04 -56.08
C SER M 150 57.60 -14.71 -55.80
N ASP M 151 58.17 -13.84 -54.98
CA ASP M 151 57.62 -12.49 -54.82
C ASP M 151 57.99 -11.65 -56.03
N PHE M 152 57.16 -10.66 -56.33
CA PHE M 152 57.47 -9.70 -57.40
C PHE M 152 58.83 -9.04 -57.18
N PHE M 153 59.15 -8.74 -55.92
CA PHE M 153 60.44 -8.13 -55.58
C PHE M 153 61.39 -9.14 -54.93
N GLY M 154 61.29 -10.39 -55.34
CA GLY M 154 62.13 -11.45 -54.78
C GLY M 154 63.63 -11.25 -55.04
N HIS M 155 63.95 -10.36 -55.97
CA HIS M 155 65.34 -10.05 -56.28
C HIS M 155 65.96 -9.10 -55.26
N VAL M 156 65.11 -8.41 -54.49
CA VAL M 156 65.62 -7.55 -53.42
C VAL M 156 65.80 -8.38 -52.14
N THR M 157 67.01 -8.34 -51.58
CA THR M 157 67.33 -9.21 -50.46
C THR M 157 67.04 -8.57 -49.10
N GLN M 158 67.21 -9.36 -48.03
CA GLN M 158 66.98 -8.90 -46.66
C GLN M 158 65.58 -8.33 -46.43
N ARG M 159 64.58 -8.88 -47.10
CA ARG M 159 63.21 -8.52 -46.81
C ARG M 159 62.66 -9.39 -45.67
N SER M 160 63.38 -10.46 -45.34
CA SER M 160 63.12 -11.26 -44.13
C SER M 160 64.43 -11.31 -43.39
N VAL M 161 64.39 -11.07 -42.09
CA VAL M 161 65.59 -11.08 -41.29
C VAL M 161 65.31 -11.77 -39.97
N LEU M 162 66.11 -12.76 -39.63
CA LEU M 162 66.04 -13.32 -38.30
C LEU M 162 67.20 -12.74 -37.52
N VAL M 163 66.91 -12.21 -36.34
CA VAL M 163 67.95 -11.67 -35.48
C VAL M 163 68.08 -12.55 -34.25
N GLU M 164 69.23 -13.19 -34.10
CA GLU M 164 69.46 -14.16 -33.04
C GLU M 164 70.08 -13.48 -31.83
N GLY M 165 69.60 -13.83 -30.64
CA GLY M 165 70.13 -13.26 -29.42
C GLY M 165 69.05 -12.69 -28.51
N ASP M 166 69.51 -12.00 -27.48
CA ASP M 166 68.62 -11.51 -26.44
C ASP M 166 68.09 -10.14 -26.84
N VAL M 167 66.77 -10.01 -26.87
CA VAL M 167 66.14 -8.80 -27.40
C VAL M 167 66.58 -7.53 -26.67
N ARG M 168 66.96 -7.67 -25.40
CA ARG M 168 67.45 -6.52 -24.64
C ARG M 168 68.66 -5.89 -25.29
N GLU M 169 69.45 -6.71 -25.99
CA GLU M 169 70.59 -6.22 -26.73
C GLU M 169 70.34 -6.10 -28.25
N THR M 170 69.64 -7.08 -28.82
CA THR M 170 69.52 -7.12 -30.28
C THR M 170 68.55 -6.09 -30.82
N VAL M 171 67.43 -5.87 -30.14
CA VAL M 171 66.49 -4.88 -30.63
C VAL M 171 67.09 -3.48 -30.72
N PRO M 172 67.69 -2.96 -29.61
CA PRO M 172 68.31 -1.63 -29.75
C PRO M 172 69.42 -1.62 -30.79
N ARG M 173 70.19 -2.71 -30.90
CA ARG M 173 71.23 -2.78 -31.92
C ARG M 173 70.61 -2.76 -33.33
N TYR M 174 69.54 -3.53 -33.55
CA TYR M 174 68.90 -3.51 -34.87
C TYR M 174 68.42 -2.10 -35.25
N LEU M 175 67.84 -1.40 -34.29
CA LEU M 175 67.26 -0.07 -34.55
C LEU M 175 68.33 0.96 -34.87
N ALA M 176 69.49 0.84 -34.24
CA ALA M 176 70.61 1.76 -34.50
C ALA M 176 71.24 1.52 -35.88
N GLU M 177 71.26 0.25 -36.29
CA GLU M 177 71.79 -0.10 -37.60
C GLU M 177 70.82 0.30 -38.70
N ASN M 178 69.56 0.55 -38.33
CA ASN M 178 68.52 0.85 -39.30
C ASN M 178 67.71 2.09 -38.95
N PRO M 179 68.30 3.29 -39.07
CA PRO M 179 67.62 4.52 -38.68
C PRO M 179 66.48 4.91 -39.62
N GLN M 180 66.29 4.15 -40.69
CA GLN M 180 65.16 4.37 -41.58
C GLN M 180 63.91 3.72 -41.02
N THR M 181 64.05 2.99 -39.91
CA THR M 181 62.98 2.15 -39.41
C THR M 181 61.74 2.95 -39.02
N VAL M 182 60.60 2.50 -39.53
CA VAL M 182 59.30 2.84 -38.96
C VAL M 182 58.66 1.50 -38.70
N ILE M 183 57.99 1.35 -37.56
CA ILE M 183 57.37 0.07 -37.22
C ILE M 183 55.85 0.11 -37.42
N ALA M 184 55.35 -0.67 -38.38
CA ALA M 184 53.92 -0.70 -38.68
C ALA M 184 53.21 -1.66 -37.75
N LEU M 185 53.85 -2.78 -37.47
CA LEU M 185 53.25 -3.81 -36.62
C LEU M 185 54.32 -4.41 -35.70
N ALA M 186 54.08 -4.34 -34.40
CA ALA M 186 54.99 -4.94 -33.44
C ALA M 186 54.26 -6.05 -32.71
N TYR M 187 54.67 -7.30 -32.91
CA TYR M 187 54.00 -8.44 -32.28
C TYR M 187 54.78 -9.00 -31.11
N PHE M 188 54.29 -8.78 -29.88
CA PHE M 188 54.98 -9.23 -28.68
C PHE M 188 54.59 -10.64 -28.28
N ASP M 189 55.56 -11.53 -28.23
CA ASP M 189 55.28 -12.89 -27.79
C ASP M 189 56.49 -13.40 -27.02
N LEU M 190 57.01 -12.58 -26.12
CA LEU M 190 58.18 -12.94 -25.34
C LEU M 190 57.80 -13.65 -24.06
N ASP M 191 56.53 -13.50 -23.66
CA ASP M 191 55.98 -14.08 -22.44
C ASP M 191 56.52 -13.46 -21.13
N LEU M 192 57.76 -12.98 -21.15
CA LEU M 192 58.45 -12.58 -19.92
C LEU M 192 58.50 -11.06 -19.68
N TYR M 193 58.48 -10.68 -18.40
CA TYR M 193 58.44 -9.26 -18.02
C TYR M 193 59.58 -8.42 -18.55
N GLU M 194 60.81 -8.74 -18.16
CA GLU M 194 61.96 -7.88 -18.46
C GLU M 194 62.21 -7.60 -19.95
N PRO M 195 62.23 -8.64 -20.80
CA PRO M 195 62.47 -8.30 -22.21
C PRO M 195 61.29 -7.52 -22.83
N THR M 196 60.06 -7.84 -22.42
CA THR M 196 58.90 -7.08 -22.90
C THR M 196 59.04 -5.60 -22.57
N LYS M 197 59.40 -5.31 -21.32
CA LYS M 197 59.62 -3.93 -20.87
C LYS M 197 60.70 -3.23 -21.69
N ALA M 198 61.83 -3.91 -21.87
CA ALA M 198 62.94 -3.33 -22.63
C ALA M 198 62.61 -3.06 -24.10
N VAL M 199 61.86 -3.95 -24.75
CA VAL M 199 61.51 -3.73 -26.15
C VAL M 199 60.46 -2.63 -26.32
N LEU M 200 59.45 -2.66 -25.46
CA LEU M 200 58.47 -1.58 -25.41
C LEU M 200 59.15 -0.22 -25.39
N GLU M 201 60.16 -0.07 -24.53
CA GLU M 201 60.90 1.17 -24.42
C GLU M 201 61.66 1.49 -25.70
N ALA M 202 62.25 0.46 -26.31
CA ALA M 202 63.09 0.62 -27.49
C ALA M 202 62.33 1.00 -28.77
N ILE M 203 61.19 0.34 -29.03
CA ILE M 203 60.50 0.53 -30.30
C ILE M 203 59.72 1.85 -30.38
N ARG M 204 59.49 2.46 -29.22
CA ARG M 204 58.62 3.65 -29.11
C ARG M 204 58.89 4.80 -30.08
N PRO M 205 60.16 5.21 -30.27
CA PRO M 205 60.40 6.34 -31.17
C PRO M 205 60.17 5.98 -32.64
N TYR M 206 59.92 4.70 -32.91
CA TYR M 206 59.78 4.27 -34.29
C TYR M 206 58.35 3.98 -34.69
N LEU M 207 57.41 4.26 -33.78
CA LEU M 207 55.99 4.06 -34.07
C LEU M 207 55.37 5.32 -34.63
N THR M 208 54.42 5.18 -35.54
CA THR M 208 53.59 6.33 -35.90
C THR M 208 52.18 6.11 -35.33
N LYS M 209 51.35 7.15 -35.37
CA LYS M 209 49.95 6.98 -35.01
C LYS M 209 49.33 6.06 -36.05
N GLY M 210 48.65 5.02 -35.59
CA GLY M 210 48.15 4.02 -36.52
C GLY M 210 48.94 2.72 -36.46
N SER M 211 50.18 2.78 -35.97
CA SER M 211 50.99 1.56 -35.82
C SER M 211 50.30 0.61 -34.85
N ILE M 212 50.33 -0.68 -35.14
CA ILE M 212 49.70 -1.65 -34.26
C ILE M 212 50.70 -2.32 -33.33
N VAL M 213 50.42 -2.27 -32.03
CA VAL M 213 51.21 -3.05 -31.08
C VAL M 213 50.33 -4.15 -30.53
N ALA M 214 50.77 -5.39 -30.66
CA ALA M 214 49.94 -6.53 -30.26
C ALA M 214 50.67 -7.49 -29.32
N PHE M 215 49.92 -8.09 -28.40
CA PHE M 215 50.47 -8.99 -27.38
C PHE M 215 49.74 -10.32 -27.45
N ASP M 216 50.48 -11.40 -27.30
CA ASP M 216 49.94 -12.74 -27.41
C ASP M 216 49.39 -13.26 -26.07
N GLU M 217 49.80 -12.64 -24.96
CA GLU M 217 49.48 -13.17 -23.63
C GLU M 217 49.18 -12.08 -22.59
N LEU M 218 48.69 -10.93 -23.04
CA LEU M 218 48.53 -9.78 -22.16
C LEU M 218 47.77 -10.06 -20.86
N ASP M 219 46.79 -10.94 -20.88
CA ASP M 219 45.96 -11.15 -19.67
C ASP M 219 45.91 -12.60 -19.19
N ASN M 220 46.94 -13.37 -19.55
CA ASN M 220 47.05 -14.75 -19.16
C ASN M 220 47.69 -14.86 -17.78
N PRO M 221 46.97 -15.48 -16.82
CA PRO M 221 47.47 -15.75 -15.47
C PRO M 221 48.84 -16.44 -15.50
N LYS M 222 49.05 -17.29 -16.49
CA LYS M 222 50.28 -18.05 -16.58
C LYS M 222 51.48 -17.14 -16.86
N TRP M 223 51.24 -16.05 -17.58
CA TRP M 223 52.32 -15.15 -18.00
C TRP M 223 51.99 -13.68 -17.81
N PRO M 224 52.07 -13.17 -16.57
CA PRO M 224 51.67 -11.78 -16.30
C PRO M 224 52.72 -10.71 -16.61
N GLY M 225 53.85 -11.12 -17.17
CA GLY M 225 54.95 -10.21 -17.45
C GLY M 225 54.64 -9.11 -18.46
N GLU M 226 53.89 -9.44 -19.50
CA GLU M 226 53.56 -8.45 -20.52
C GLU M 226 52.64 -7.39 -19.91
N ASN M 227 51.67 -7.83 -19.12
CA ASN M 227 50.82 -6.93 -18.33
C ASN M 227 51.66 -6.02 -17.44
N ILE M 228 52.56 -6.62 -16.65
CA ILE M 228 53.39 -5.86 -15.73
C ILE M 228 54.25 -4.84 -16.48
N ALA M 229 54.78 -5.25 -17.63
CA ALA M 229 55.58 -4.36 -18.44
C ALA M 229 54.74 -3.23 -19.04
N MET M 230 53.59 -3.58 -19.61
CA MET M 230 52.67 -2.57 -20.13
C MET M 230 52.33 -1.54 -19.07
N ARG M 231 51.96 -2.00 -17.88
CA ARG M 231 51.58 -1.08 -16.80
C ARG M 231 52.74 -0.19 -16.38
N LYS M 232 53.95 -0.73 -16.44
CA LYS M 232 55.15 0.02 -16.03
C LYS M 232 55.52 1.06 -17.06
N VAL M 233 55.47 0.68 -18.33
CA VAL M 233 55.96 1.56 -19.37
C VAL M 233 54.91 2.55 -19.90
N LEU M 234 53.67 2.08 -20.06
CA LEU M 234 52.64 2.88 -20.74
C LEU M 234 51.37 3.06 -19.92
N GLY M 235 50.98 2.03 -19.17
CA GLY M 235 49.68 2.02 -18.54
C GLY M 235 48.66 1.36 -19.45
N LEU M 236 47.75 0.60 -18.86
CA LEU M 236 46.78 -0.15 -19.65
C LEU M 236 45.82 0.76 -20.40
N ASP M 237 45.70 2.03 -20.00
CA ASP M 237 44.80 2.95 -20.69
C ASP M 237 45.53 3.97 -21.55
N HIS M 238 46.78 3.65 -21.91
CA HIS M 238 47.54 4.57 -22.75
C HIS M 238 46.90 4.65 -24.14
N ALA M 239 46.41 3.51 -24.60
CA ALA M 239 45.67 3.41 -25.84
C ALA M 239 44.57 2.36 -25.63
N PRO M 240 43.62 2.27 -26.57
CA PRO M 240 42.57 1.27 -26.30
C PRO M 240 43.04 -0.11 -26.67
N LEU M 241 43.10 -1.02 -25.71
CA LEU M 241 43.47 -2.38 -26.02
C LEU M 241 42.24 -3.13 -26.49
N ARG M 242 42.41 -3.91 -27.55
CA ARG M 242 41.28 -4.54 -28.19
C ARG M 242 41.49 -6.03 -28.37
N LEU M 243 40.40 -6.78 -28.40
CA LEU M 243 40.42 -8.16 -28.84
C LEU M 243 39.70 -8.23 -30.18
N LEU M 244 40.03 -9.25 -30.96
CA LEU M 244 39.22 -9.61 -32.11
C LEU M 244 38.15 -10.50 -31.48
N PRO M 245 36.87 -10.10 -31.60
CA PRO M 245 35.75 -10.74 -30.89
C PRO M 245 35.75 -12.26 -30.97
N GLY M 246 35.69 -12.89 -29.80
CA GLY M 246 35.57 -14.33 -29.72
C GLY M 246 36.90 -15.01 -29.49
N ARG M 247 37.98 -14.24 -29.53
CA ARG M 247 39.32 -14.78 -29.42
C ARG M 247 40.08 -14.14 -28.27
N PRO M 248 40.59 -14.96 -27.34
CA PRO M 248 41.23 -14.47 -26.11
C PRO M 248 42.48 -13.66 -26.40
N ALA M 249 43.06 -13.91 -27.57
CA ALA M 249 44.30 -13.25 -27.96
C ALA M 249 44.39 -13.26 -29.49
N PRO M 250 45.10 -12.28 -30.06
CA PRO M 250 45.89 -11.24 -29.40
C PRO M 250 45.08 -10.06 -28.85
N ALA M 251 45.64 -9.38 -27.87
CA ALA M 251 45.15 -8.09 -27.45
C ALA M 251 46.02 -7.13 -28.23
N TYR M 252 45.43 -6.07 -28.78
CA TYR M 252 46.22 -5.15 -29.61
C TYR M 252 45.69 -3.72 -29.48
N LEU M 253 46.59 -2.77 -29.68
CA LEU M 253 46.22 -1.37 -29.62
C LEU M 253 46.73 -0.70 -30.87
N ARG M 254 46.08 0.39 -31.22
CA ARG M 254 46.51 1.26 -32.30
C ARG M 254 47.17 2.50 -31.68
N TRP M 255 48.48 2.62 -31.88
CA TRP M 255 49.26 3.73 -31.35
C TRP M 255 48.59 5.08 -31.64
N GLY M 256 48.38 5.87 -30.59
CA GLY M 256 47.83 7.20 -30.74
C GLY M 256 46.33 7.33 -30.50
N ASP M 257 45.61 6.21 -30.54
CA ASP M 257 44.16 6.23 -30.39
C ASP M 257 43.70 6.49 -28.96
N GLN N 7 78.47 -5.00 -47.07
CA GLN N 7 77.21 -4.43 -47.51
C GLN N 7 76.75 -5.04 -48.84
N ASP N 8 75.54 -5.59 -48.82
CA ASP N 8 74.93 -6.19 -50.01
C ASP N 8 74.11 -5.13 -50.74
N LEU N 9 74.46 -4.87 -52.00
CA LEU N 9 73.74 -3.87 -52.80
C LEU N 9 72.32 -4.30 -53.15
N ARG N 10 72.06 -5.60 -53.14
CA ARG N 10 70.76 -6.13 -53.51
C ARG N 10 69.72 -5.94 -52.42
N ALA N 11 70.15 -5.52 -51.24
CA ALA N 11 69.23 -5.23 -50.14
C ALA N 11 68.53 -3.90 -50.38
N PHE N 12 69.04 -3.14 -51.35
CA PHE N 12 68.44 -1.86 -51.71
C PHE N 12 67.50 -2.09 -52.86
N VAL N 13 66.39 -1.35 -52.87
CA VAL N 13 65.47 -1.42 -54.00
C VAL N 13 66.19 -1.14 -55.32
N HIS N 14 66.09 -2.08 -56.25
CA HIS N 14 66.64 -1.91 -57.59
C HIS N 14 65.70 -2.55 -58.59
N ASP N 15 65.83 -2.16 -59.86
CA ASP N 15 65.00 -2.73 -60.91
C ASP N 15 65.29 -4.22 -61.16
N SER N 16 64.22 -4.95 -61.43
CA SER N 16 64.36 -6.34 -61.85
C SER N 16 64.80 -6.32 -63.31
N PRO N 17 65.35 -7.45 -63.80
CA PRO N 17 65.74 -7.53 -65.21
C PRO N 17 64.55 -7.23 -66.11
N GLU N 18 63.36 -7.70 -65.73
CA GLU N 18 62.15 -7.47 -66.52
C GLU N 18 61.75 -5.98 -66.55
N GLU N 19 61.93 -5.30 -65.44
CA GLU N 19 61.59 -3.86 -65.38
C GLU N 19 62.54 -3.06 -66.27
N THR N 20 63.82 -3.43 -66.23
CA THR N 20 64.82 -2.82 -67.09
C THR N 20 64.46 -3.05 -68.56
N GLU N 21 64.15 -4.29 -68.91
CA GLU N 21 63.72 -4.65 -70.25
C GLU N 21 62.52 -3.82 -70.73
N THR N 22 61.49 -3.73 -69.89
CA THR N 22 60.29 -2.95 -70.25
C THR N 22 60.63 -1.49 -70.52
N THR N 23 61.48 -0.92 -69.67
CA THR N 23 61.86 0.49 -69.79
C THR N 23 62.62 0.73 -71.08
N GLN N 24 63.62 -0.12 -71.32
CA GLN N 24 64.44 -0.02 -72.52
C GLN N 24 63.59 -0.18 -73.77
N ARG N 25 62.77 -1.22 -73.82
CA ARG N 25 61.88 -1.42 -74.96
C ARG N 25 60.97 -0.23 -75.22
N LEU N 26 60.33 0.27 -74.17
CA LEU N 26 59.39 1.38 -74.34
C LEU N 26 60.13 2.61 -74.85
N THR N 27 61.36 2.78 -74.36
CA THR N 27 62.21 3.86 -74.81
C THR N 27 62.45 3.74 -76.30
N LYS N 28 62.81 2.56 -76.74
CA LYS N 28 63.05 2.32 -78.16
C LYS N 28 61.79 2.56 -78.96
N LEU N 29 60.66 2.05 -78.46
CA LEU N 29 59.41 2.16 -79.19
C LEU N 29 58.89 3.60 -79.24
N LEU N 30 59.35 4.43 -78.34
CA LEU N 30 58.97 5.84 -78.36
C LEU N 30 59.78 6.61 -79.39
N THR N 31 61.10 6.48 -79.31
CA THR N 31 62.01 7.22 -80.18
C THR N 31 61.89 6.77 -81.64
N ASN N 32 61.35 5.58 -81.86
CA ASN N 32 61.21 5.05 -83.20
C ASN N 32 59.77 4.76 -83.54
N SER N 33 58.88 5.72 -83.24
CA SER N 33 57.46 5.48 -83.38
C SER N 33 56.94 5.82 -84.76
N PRO N 34 56.10 4.94 -85.31
CA PRO N 34 55.38 5.20 -86.57
C PRO N 34 54.20 6.15 -86.39
N ILE N 35 53.91 6.53 -85.15
CA ILE N 35 52.86 7.52 -84.90
C ILE N 35 53.34 8.86 -85.43
N PRO N 36 52.52 9.50 -86.26
CA PRO N 36 52.80 10.86 -86.77
C PRO N 36 53.23 11.74 -85.59
N THR N 37 54.22 12.61 -85.80
CA THR N 37 54.87 13.29 -84.68
C THR N 37 53.94 14.19 -83.88
N GLU N 38 53.01 14.85 -84.57
CA GLU N 38 52.05 15.74 -83.91
C GLU N 38 50.97 14.99 -83.09
N GLU N 39 51.01 13.67 -83.12
CA GLU N 39 50.07 12.85 -82.37
C GLU N 39 50.71 12.13 -81.20
N LEU N 40 52.03 12.29 -81.02
CA LEU N 40 52.73 11.61 -79.94
C LEU N 40 52.18 12.01 -78.57
N VAL N 41 52.14 13.30 -78.28
CA VAL N 41 51.65 13.78 -76.98
C VAL N 41 50.16 13.50 -76.77
N ASN N 42 49.52 12.87 -77.74
CA ASN N 42 48.15 12.38 -77.59
C ASN N 42 48.11 10.87 -77.36
N ASN N 43 49.28 10.25 -77.22
CA ASN N 43 49.36 8.80 -77.02
C ASN N 43 50.48 8.39 -76.07
N LEU N 44 50.92 9.31 -75.23
CA LEU N 44 51.92 9.03 -74.19
C LEU N 44 51.66 7.81 -73.25
N PRO N 45 50.41 7.58 -72.84
CA PRO N 45 50.17 6.40 -72.00
C PRO N 45 50.71 5.09 -72.59
N LEU N 46 50.87 5.04 -73.92
CA LEU N 46 51.51 3.88 -74.56
C LEU N 46 52.88 3.58 -73.95
N PHE N 47 53.59 4.62 -73.52
CA PHE N 47 54.95 4.48 -73.08
C PHE N 47 55.10 4.66 -71.59
N LEU N 48 53.95 4.77 -70.91
CA LEU N 48 53.90 5.01 -69.47
C LEU N 48 53.69 3.72 -68.69
N ARG N 49 54.78 3.09 -68.25
CA ARG N 49 54.67 1.77 -67.62
C ARG N 49 54.09 1.85 -66.20
N ARG N 50 53.75 0.69 -65.65
CA ARG N 50 53.13 0.56 -64.31
C ARG N 50 53.78 1.40 -63.21
N HIS N 51 55.09 1.25 -63.03
CA HIS N 51 55.81 2.01 -62.01
C HIS N 51 55.63 3.53 -62.11
N GLN N 52 55.61 4.04 -63.33
CA GLN N 52 55.47 5.48 -63.52
C GLN N 52 53.99 5.89 -63.48
N MET N 53 53.12 5.03 -63.99
CA MET N 53 51.70 5.25 -63.85
C MET N 53 51.34 5.32 -62.36
N THR N 54 51.96 4.46 -61.56
CA THR N 54 51.72 4.46 -60.13
C THR N 54 52.07 5.82 -59.52
N ASP N 55 53.22 6.35 -59.91
CA ASP N 55 53.65 7.66 -59.43
C ASP N 55 52.62 8.75 -59.80
N LEU N 56 52.17 8.75 -61.04
CA LEU N 56 51.15 9.69 -61.46
C LEU N 56 49.90 9.60 -60.56
N LEU N 57 49.37 8.39 -60.38
CA LEU N 57 48.19 8.19 -59.54
C LEU N 57 48.38 8.61 -58.07
N SER N 58 49.57 8.39 -57.54
CA SER N 58 49.85 8.81 -56.17
C SER N 58 49.81 10.33 -56.10
N MET N 59 50.49 10.98 -57.03
CA MET N 59 50.41 12.43 -57.14
C MET N 59 48.96 12.91 -57.23
N ASP N 60 48.15 12.26 -58.06
CA ASP N 60 46.74 12.63 -58.15
C ASP N 60 46.02 12.44 -56.82
N ALA N 61 46.33 11.34 -56.13
CA ALA N 61 45.73 11.05 -54.83
C ALA N 61 46.01 12.16 -53.81
N LEU N 62 47.28 12.57 -53.69
CA LEU N 62 47.62 13.62 -52.73
C LEU N 62 46.95 14.94 -53.09
N TYR N 63 47.08 15.35 -54.35
CA TYR N 63 46.43 16.56 -54.83
C TYR N 63 44.93 16.56 -54.48
N ARG N 64 44.25 15.44 -54.65
CA ARG N 64 42.82 15.42 -54.39
C ARG N 64 42.52 15.69 -52.90
N GLN N 65 43.50 15.44 -52.06
CA GLN N 65 43.29 15.64 -50.63
C GLN N 65 43.41 17.10 -50.19
N VAL N 66 43.93 17.96 -51.06
CA VAL N 66 44.10 19.38 -50.71
C VAL N 66 43.23 20.32 -51.54
N LEU N 67 42.28 19.76 -52.29
CA LEU N 67 41.40 20.60 -53.09
C LEU N 67 40.56 21.53 -52.21
N ASP N 68 40.42 21.19 -50.94
CA ASP N 68 39.65 22.02 -50.02
C ASP N 68 40.54 22.69 -48.98
N VAL N 69 41.83 22.74 -49.29
CA VAL N 69 42.83 23.39 -48.44
C VAL N 69 43.47 24.55 -49.19
N PRO N 70 43.51 25.74 -48.57
CA PRO N 70 44.09 26.88 -49.31
C PRO N 70 45.59 26.74 -49.44
N GLY N 71 46.17 27.52 -50.34
CA GLY N 71 47.60 27.63 -50.37
C GLY N 71 48.26 27.00 -51.57
N VAL N 72 49.56 26.71 -51.42
CA VAL N 72 50.39 26.36 -52.56
C VAL N 72 50.95 24.92 -52.47
N ILE N 73 51.56 24.50 -53.56
CA ILE N 73 52.18 23.19 -53.68
C ILE N 73 53.68 23.35 -53.86
N MET N 74 54.44 22.75 -52.97
CA MET N 74 55.90 22.84 -53.03
C MET N 74 56.51 21.45 -53.18
N GLU N 75 57.41 21.31 -54.16
CA GLU N 75 58.27 20.14 -54.25
C GLU N 75 59.71 20.54 -53.94
N PHE N 76 60.33 19.82 -52.99
CA PHE N 76 61.73 20.05 -52.65
C PHE N 76 62.55 18.89 -53.21
N GLY N 77 63.27 19.17 -54.29
CA GLY N 77 63.97 18.12 -55.03
C GLY N 77 63.19 17.79 -56.29
N VAL N 78 63.57 18.40 -57.39
CA VAL N 78 62.76 18.36 -58.60
C VAL N 78 63.32 17.47 -59.72
N ARG N 79 64.64 17.39 -59.80
CA ARG N 79 65.37 16.76 -60.93
C ARG N 79 64.82 17.20 -62.28
N PHE N 80 64.41 16.25 -63.11
CA PHE N 80 63.91 16.63 -64.44
C PHE N 80 62.53 17.31 -64.40
N GLY N 81 61.82 17.13 -63.29
CA GLY N 81 60.57 17.83 -63.08
C GLY N 81 59.32 16.99 -63.32
N ARG N 82 59.46 15.68 -63.23
CA ARG N 82 58.34 14.74 -63.38
C ARG N 82 57.07 15.19 -62.65
N HIS N 83 57.24 15.56 -61.39
CA HIS N 83 56.11 15.87 -60.54
C HIS N 83 55.50 17.24 -60.84
N LEU N 84 56.35 18.21 -61.20
CA LEU N 84 55.89 19.56 -61.52
C LEU N 84 54.98 19.55 -62.73
N GLY N 85 55.32 18.72 -63.71
CA GLY N 85 54.51 18.58 -64.90
C GLY N 85 53.20 17.91 -64.54
N THR N 86 53.28 16.92 -63.67
CA THR N 86 52.08 16.25 -63.15
C THR N 86 51.17 17.26 -62.46
N PHE N 87 51.73 18.01 -61.51
CA PHE N 87 50.95 19.03 -60.80
C PHE N 87 50.31 20.04 -61.74
N ALA N 88 51.04 20.47 -62.76
CA ALA N 88 50.53 21.46 -63.72
C ALA N 88 49.29 20.94 -64.46
N ALA N 89 49.32 19.69 -64.89
CA ALA N 89 48.17 19.11 -65.55
C ALA N 89 47.01 18.94 -64.57
N LEU N 90 47.31 18.49 -63.34
CA LEU N 90 46.25 18.21 -62.38
C LEU N 90 45.52 19.49 -61.97
N ARG N 91 46.29 20.57 -61.81
CA ARG N 91 45.74 21.89 -61.49
C ARG N 91 44.75 22.32 -62.57
N GLY N 92 45.06 21.98 -63.82
CA GLY N 92 44.14 22.23 -64.90
C GLY N 92 42.90 21.36 -64.79
N VAL N 93 43.10 20.11 -64.37
CA VAL N 93 41.99 19.18 -64.24
C VAL N 93 41.01 19.66 -63.17
N TYR N 94 41.52 20.05 -62.00
CA TYR N 94 40.70 20.28 -60.82
C TYR N 94 40.44 21.75 -60.52
N GLU N 95 41.32 22.63 -60.98
CA GLU N 95 41.25 24.01 -60.53
C GLU N 95 41.43 25.11 -61.58
N PRO N 96 40.59 25.12 -62.61
CA PRO N 96 40.67 26.20 -63.61
C PRO N 96 40.54 27.59 -62.99
N TYR N 97 39.78 27.70 -61.91
CA TYR N 97 39.44 29.00 -61.35
C TYR N 97 40.26 29.34 -60.12
N ASN N 98 41.38 28.66 -59.92
CA ASN N 98 42.23 28.99 -58.77
C ASN N 98 43.63 29.48 -59.18
N PRO N 99 43.75 30.78 -59.46
CA PRO N 99 45.05 31.33 -59.88
C PRO N 99 45.99 31.44 -58.70
N LEU N 100 45.52 31.12 -57.50
CA LEU N 100 46.35 31.22 -56.30
C LEU N 100 47.10 29.93 -55.99
N ARG N 101 46.75 28.85 -56.69
CA ARG N 101 47.44 27.59 -56.52
C ARG N 101 48.77 27.61 -57.26
N ARG N 102 49.76 28.17 -56.60
CA ARG N 102 51.08 28.27 -57.18
C ARG N 102 51.83 26.95 -56.94
N ILE N 103 52.47 26.46 -57.98
CA ILE N 103 53.37 25.32 -57.93
C ILE N 103 54.82 25.81 -57.84
N VAL N 104 55.46 25.59 -56.70
CA VAL N 104 56.82 26.07 -56.52
C VAL N 104 57.77 24.89 -56.37
N GLY N 105 58.80 24.85 -57.23
CA GLY N 105 59.78 23.78 -57.20
C GLY N 105 61.18 24.27 -56.85
N PHE N 106 61.81 23.61 -55.87
CA PHE N 106 63.17 23.95 -55.44
C PHE N 106 64.16 22.85 -55.82
N ASP N 107 65.30 23.25 -56.35
CA ASP N 107 66.39 22.32 -56.65
C ASP N 107 67.63 23.15 -56.95
N THR N 108 68.81 22.57 -56.71
CA THR N 108 70.05 23.18 -57.17
C THR N 108 70.13 22.97 -58.67
N PHE N 109 69.41 21.95 -59.14
CA PHE N 109 69.46 21.51 -60.52
C PHE N 109 70.88 21.10 -60.95
N THR N 110 71.74 20.84 -59.97
CA THR N 110 73.09 20.34 -60.24
C THR N 110 73.39 19.17 -59.31
N GLY N 111 72.35 18.48 -58.87
CA GLY N 111 72.50 17.34 -57.98
C GLY N 111 72.76 17.72 -56.52
N PHE N 112 72.95 16.70 -55.69
CA PHE N 112 73.30 16.88 -54.28
C PHE N 112 74.41 17.92 -54.11
N PRO N 113 74.20 18.90 -53.20
CA PRO N 113 75.21 19.92 -52.91
C PRO N 113 76.32 19.39 -52.01
N ASP N 114 75.94 18.46 -51.13
CA ASP N 114 76.87 17.79 -50.22
C ASP N 114 76.06 16.72 -49.53
N VAL N 115 76.72 15.87 -48.75
CA VAL N 115 75.99 14.81 -48.04
C VAL N 115 76.47 14.68 -46.60
N ASN N 116 75.53 14.39 -45.71
CA ASN N 116 75.83 14.12 -44.31
C ASN N 116 76.25 12.65 -44.18
N ASP N 117 76.92 12.30 -43.09
CA ASP N 117 77.40 10.93 -42.91
C ASP N 117 76.28 9.90 -42.87
N VAL N 118 75.13 10.28 -42.33
CA VAL N 118 74.00 9.37 -42.23
C VAL N 118 73.41 9.08 -43.61
N ASP N 119 73.78 9.89 -44.61
CA ASP N 119 73.27 9.72 -45.97
C ASP N 119 74.10 8.69 -46.74
N ARG N 120 75.30 8.41 -46.24
CA ARG N 120 76.21 7.46 -46.88
C ARG N 120 75.92 6.01 -46.50
N VAL N 121 74.88 5.42 -47.10
CA VAL N 121 74.56 4.01 -46.91
C VAL N 121 74.79 3.28 -48.23
N GLY N 122 74.39 3.92 -49.32
CA GLY N 122 74.58 3.37 -50.65
C GLY N 122 75.75 4.00 -51.36
N PRO N 123 76.04 3.52 -52.58
CA PRO N 123 77.16 4.04 -53.39
C PRO N 123 76.73 5.21 -54.28
N THR N 124 75.48 5.66 -54.15
CA THR N 124 74.99 6.78 -54.92
C THR N 124 74.98 8.06 -54.10
N ALA N 125 75.49 7.98 -52.88
CA ALA N 125 75.47 9.12 -51.96
C ALA N 125 76.70 10.03 -52.08
N TYR N 126 76.76 10.79 -53.18
CA TYR N 126 77.86 11.72 -53.43
C TYR N 126 77.38 13.05 -54.02
N GLN N 127 78.21 14.09 -53.91
CA GLN N 127 77.90 15.39 -54.51
C GLN N 127 77.73 15.23 -56.01
N GLY N 128 76.70 15.87 -56.55
CA GLY N 128 76.46 15.83 -57.99
C GLY N 128 75.41 14.83 -58.46
N ARG N 129 75.14 13.79 -57.66
CA ARG N 129 74.14 12.79 -58.02
C ARG N 129 72.77 13.41 -58.31
N PHE N 130 72.15 12.96 -59.40
CA PHE N 130 70.88 13.50 -59.92
C PHE N 130 71.04 14.88 -60.57
N ALA N 131 72.24 15.16 -61.08
CA ALA N 131 72.47 16.41 -61.80
C ALA N 131 71.79 16.38 -63.17
N VAL N 132 71.33 17.55 -63.61
CA VAL N 132 70.66 17.68 -64.90
C VAL N 132 71.43 18.70 -65.72
N PRO N 133 71.32 18.65 -67.06
CA PRO N 133 72.15 19.47 -67.96
C PRO N 133 72.13 20.98 -67.66
N GLY N 134 73.23 21.65 -67.95
CA GLY N 134 73.32 23.09 -67.81
C GLY N 134 72.20 23.75 -68.58
N GLY N 135 71.56 24.73 -67.96
CA GLY N 135 70.44 25.42 -68.58
C GLY N 135 69.14 24.63 -68.54
N TYR N 136 69.13 23.52 -67.82
CA TYR N 136 67.91 22.73 -67.70
C TYR N 136 66.70 23.51 -67.15
N PRO N 137 66.89 24.31 -66.09
CA PRO N 137 65.75 25.07 -65.57
C PRO N 137 64.99 25.86 -66.63
N ALA N 138 65.71 26.41 -67.61
CA ALA N 138 65.06 27.24 -68.62
C ALA N 138 64.16 26.39 -69.50
N TYR N 139 64.58 25.13 -69.70
CA TYR N 139 63.80 24.16 -70.46
C TYR N 139 62.53 23.78 -69.72
N LEU N 140 62.67 23.57 -68.41
CA LEU N 140 61.55 23.16 -67.57
C LEU N 140 60.49 24.27 -67.54
N LYS N 141 60.96 25.51 -67.47
CA LYS N 141 60.07 26.66 -67.46
C LYS N 141 59.31 26.77 -68.78
N GLU N 142 59.96 26.40 -69.88
CA GLU N 142 59.27 26.38 -71.17
C GLU N 142 58.16 25.33 -71.14
N VAL N 143 58.49 24.16 -70.60
CA VAL N 143 57.52 23.10 -70.44
C VAL N 143 56.31 23.58 -69.63
N LEU N 144 56.57 24.15 -68.47
CA LEU N 144 55.51 24.62 -67.59
C LEU N 144 54.67 25.73 -68.26
N ASP N 145 55.34 26.69 -68.88
CA ASP N 145 54.63 27.76 -69.57
C ASP N 145 53.75 27.21 -70.68
N ALA N 146 54.23 26.17 -71.34
CA ALA N 146 53.46 25.52 -72.39
C ALA N 146 52.13 25.02 -71.83
N HIS N 147 52.17 24.41 -70.65
CA HIS N 147 50.94 23.97 -69.95
C HIS N 147 50.05 25.17 -69.64
N GLU N 148 50.64 26.17 -68.99
CA GLU N 148 49.90 27.34 -68.50
C GLU N 148 49.29 28.17 -69.62
N CYS N 149 49.90 28.09 -70.80
CA CYS N 149 49.43 28.80 -71.98
C CYS N 149 47.92 28.63 -72.18
N SER N 150 47.40 27.44 -71.87
CA SER N 150 45.99 27.16 -72.11
C SER N 150 45.16 27.03 -70.83
N ASP N 151 45.73 27.44 -69.71
CA ASP N 151 44.98 27.52 -68.46
C ASP N 151 43.96 28.64 -68.55
N PHE N 152 42.85 28.51 -67.82
CA PHE N 152 41.84 29.56 -67.75
C PHE N 152 42.47 30.85 -67.24
N PHE N 153 43.35 30.74 -66.27
CA PHE N 153 44.05 31.92 -65.75
C PHE N 153 45.47 32.02 -66.34
N GLY N 154 45.59 31.68 -67.61
CA GLY N 154 46.88 31.71 -68.28
C GLY N 154 47.51 33.10 -68.32
N HIS N 155 46.69 34.13 -68.31
CA HIS N 155 47.21 35.50 -68.31
C HIS N 155 47.94 35.85 -67.01
N VAL N 156 47.64 35.14 -65.93
CA VAL N 156 48.30 35.44 -64.66
C VAL N 156 49.65 34.72 -64.58
N THR N 157 50.73 35.49 -64.44
CA THR N 157 52.07 34.93 -64.45
C THR N 157 52.51 34.42 -63.08
N GLN N 158 53.66 33.75 -63.06
CA GLN N 158 54.24 33.20 -61.83
C GLN N 158 53.32 32.24 -61.08
N ARG N 159 52.56 31.44 -61.82
CA ARG N 159 51.77 30.38 -61.19
C ARG N 159 52.59 29.10 -61.09
N SER N 160 53.68 29.06 -61.86
CA SER N 160 54.72 28.04 -61.69
C SER N 160 56.05 28.72 -61.47
N VAL N 161 56.71 28.39 -60.36
CA VAL N 161 57.98 29.03 -60.02
C VAL N 161 59.09 28.00 -59.76
N LEU N 162 60.18 28.12 -60.49
CA LEU N 162 61.35 27.27 -60.25
C LEU N 162 62.37 28.08 -59.45
N VAL N 163 62.75 27.58 -58.28
CA VAL N 163 63.70 28.30 -57.42
C VAL N 163 65.02 27.55 -57.35
N GLU N 164 66.08 28.15 -57.91
CA GLU N 164 67.37 27.47 -58.02
C GLU N 164 68.29 27.80 -56.85
N GLY N 165 68.91 26.76 -56.29
CA GLY N 165 69.87 26.93 -55.20
C GLY N 165 69.70 25.89 -54.12
N ASP N 166 70.45 26.04 -53.05
CA ASP N 166 70.33 25.13 -51.92
C ASP N 166 69.10 25.53 -51.12
N VAL N 167 68.20 24.57 -50.93
CA VAL N 167 66.96 24.82 -50.22
C VAL N 167 67.20 25.42 -48.84
N ARG N 168 68.38 25.18 -48.27
CA ARG N 168 68.68 25.71 -46.94
C ARG N 168 68.67 27.24 -46.90
N GLU N 169 69.00 27.85 -48.03
CA GLU N 169 68.90 29.30 -48.16
C GLU N 169 67.60 29.69 -48.86
N THR N 170 67.32 29.03 -49.98
CA THR N 170 66.26 29.47 -50.89
C THR N 170 64.83 29.34 -50.31
N VAL N 171 64.59 28.27 -49.58
CA VAL N 171 63.28 28.08 -48.96
C VAL N 171 62.94 29.18 -47.95
N PRO N 172 63.83 29.44 -46.96
CA PRO N 172 63.57 30.60 -46.09
C PRO N 172 63.44 31.94 -46.84
N ARG N 173 64.19 32.11 -47.92
CA ARG N 173 64.10 33.36 -48.69
C ARG N 173 62.78 33.46 -49.44
N TYR N 174 62.34 32.34 -50.02
CA TYR N 174 61.08 32.34 -50.75
C TYR N 174 59.95 32.77 -49.81
N LEU N 175 59.99 32.26 -48.59
CA LEU N 175 58.95 32.51 -47.61
C LEU N 175 58.95 33.98 -47.15
N ALA N 176 60.12 34.53 -46.86
CA ALA N 176 60.24 35.95 -46.49
C ALA N 176 59.74 36.86 -47.61
N GLU N 177 59.90 36.41 -48.85
CA GLU N 177 59.45 37.21 -49.97
C GLU N 177 57.97 36.97 -50.24
N ASN N 178 57.41 35.93 -49.64
CA ASN N 178 56.02 35.61 -49.87
C ASN N 178 55.21 35.41 -48.58
N PRO N 179 54.94 36.52 -47.87
CA PRO N 179 54.27 36.40 -46.56
C PRO N 179 52.80 35.98 -46.69
N GLN N 180 52.27 35.91 -47.91
CA GLN N 180 50.89 35.44 -48.12
C GLN N 180 50.83 33.91 -48.18
N THR N 181 51.98 33.26 -48.07
CA THR N 181 52.08 31.81 -48.29
C THR N 181 51.27 30.95 -47.31
N VAL N 182 50.40 30.11 -47.85
CA VAL N 182 49.90 28.97 -47.08
C VAL N 182 50.37 27.77 -47.88
N ILE N 183 50.83 26.73 -47.19
CA ILE N 183 51.28 25.53 -47.88
C ILE N 183 50.28 24.37 -47.77
N ALA N 184 49.63 24.09 -48.89
CA ALA N 184 48.64 23.02 -48.95
C ALA N 184 49.32 21.63 -49.05
N LEU N 185 50.33 21.54 -49.90
CA LEU N 185 51.03 20.28 -50.14
C LEU N 185 52.55 20.51 -50.24
N ALA N 186 53.27 19.84 -49.34
CA ALA N 186 54.71 19.92 -49.28
C ALA N 186 55.27 18.54 -49.62
N TYR N 187 55.87 18.40 -50.79
CA TYR N 187 56.39 17.12 -51.22
C TYR N 187 57.91 17.06 -51.07
N PHE N 188 58.38 16.29 -50.09
CA PHE N 188 59.81 16.14 -49.82
C PHE N 188 60.48 15.05 -50.66
N ASP N 189 61.36 15.45 -51.59
CA ASP N 189 62.23 14.48 -52.26
C ASP N 189 63.68 14.98 -52.30
N LEU N 190 64.25 15.24 -51.13
CA LEU N 190 65.63 15.70 -51.05
C LEU N 190 66.61 14.56 -50.75
N ASP N 191 66.06 13.42 -50.30
CA ASP N 191 66.85 12.23 -49.95
C ASP N 191 67.79 12.40 -48.74
N LEU N 192 68.26 13.62 -48.46
CA LEU N 192 69.31 13.84 -47.46
C LEU N 192 68.80 14.44 -46.16
N TYR N 193 69.49 14.12 -45.07
CA TYR N 193 69.11 14.58 -43.74
C TYR N 193 69.02 16.09 -43.56
N GLU N 194 70.12 16.79 -43.84
CA GLU N 194 70.20 18.22 -43.50
C GLU N 194 69.18 19.12 -44.19
N PRO N 195 69.08 19.05 -45.53
CA PRO N 195 68.14 19.98 -46.16
C PRO N 195 66.71 19.63 -45.77
N THR N 196 66.44 18.34 -45.60
CA THR N 196 65.12 17.91 -45.16
C THR N 196 64.80 18.51 -43.80
N LYS N 197 65.77 18.45 -42.90
CA LYS N 197 65.59 18.94 -41.54
C LYS N 197 65.36 20.46 -41.52
N ALA N 198 66.12 21.20 -42.33
CA ALA N 198 65.96 22.65 -42.42
C ALA N 198 64.64 23.08 -43.08
N VAL N 199 64.24 22.36 -44.13
CA VAL N 199 63.01 22.71 -44.84
C VAL N 199 61.78 22.45 -43.96
N LEU N 200 61.76 21.29 -43.31
CA LEU N 200 60.75 20.96 -42.32
C LEU N 200 60.53 22.09 -41.31
N GLU N 201 61.62 22.58 -40.75
CA GLU N 201 61.59 23.65 -39.76
C GLU N 201 61.04 24.94 -40.37
N ALA N 202 61.37 25.18 -41.63
CA ALA N 202 61.00 26.44 -42.25
C ALA N 202 59.52 26.48 -42.64
N ILE N 203 58.97 25.37 -43.10
CA ILE N 203 57.63 25.40 -43.66
C ILE N 203 56.58 25.40 -42.57
N ARG N 204 56.99 25.05 -41.36
CA ARG N 204 56.04 24.80 -40.30
C ARG N 204 55.02 25.93 -40.04
N PRO N 205 55.46 27.20 -39.97
CA PRO N 205 54.48 28.25 -39.68
C PRO N 205 53.48 28.47 -40.82
N TYR N 206 53.69 27.79 -41.95
CA TYR N 206 52.87 28.01 -43.14
C TYR N 206 51.93 26.85 -43.43
N LEU N 207 51.90 25.87 -42.54
CA LEU N 207 50.98 24.75 -42.66
C LEU N 207 49.65 25.03 -41.95
N THR N 208 48.55 24.57 -42.52
CA THR N 208 47.29 24.56 -41.76
C THR N 208 46.94 23.11 -41.40
N LYS N 209 45.98 22.93 -40.49
CA LYS N 209 45.50 21.59 -40.21
C LYS N 209 44.79 21.11 -41.46
N GLY N 210 45.23 19.98 -42.01
CA GLY N 210 44.68 19.48 -43.25
C GLY N 210 45.72 19.59 -44.36
N SER N 211 46.81 20.30 -44.07
CA SER N 211 47.91 20.37 -45.02
C SER N 211 48.55 19.02 -45.10
N ILE N 212 49.03 18.67 -46.29
CA ILE N 212 49.72 17.40 -46.50
C ILE N 212 51.23 17.56 -46.63
N VAL N 213 51.94 16.89 -45.75
CA VAL N 213 53.38 16.76 -45.86
C VAL N 213 53.70 15.32 -46.29
N ALA N 214 54.40 15.18 -47.41
CA ALA N 214 54.72 13.86 -48.00
C ALA N 214 56.21 13.64 -48.23
N PHE N 215 56.65 12.39 -48.00
CA PHE N 215 58.05 11.97 -48.18
C PHE N 215 58.14 10.81 -49.16
N ASP N 216 59.11 10.88 -50.07
CA ASP N 216 59.26 9.83 -51.06
C ASP N 216 60.17 8.69 -50.59
N GLU N 217 60.92 8.90 -49.51
CA GLU N 217 61.98 7.97 -49.11
C GLU N 217 62.07 7.75 -47.60
N LEU N 218 60.96 7.98 -46.88
CA LEU N 218 60.97 8.00 -45.43
C LEU N 218 61.48 6.72 -44.76
N ASP N 219 61.11 5.57 -45.31
CA ASP N 219 61.48 4.30 -44.69
C ASP N 219 62.39 3.44 -45.58
N ASN N 220 63.12 4.12 -46.45
CA ASN N 220 64.04 3.46 -47.37
C ASN N 220 65.44 3.33 -46.76
N PRO N 221 65.95 2.08 -46.67
CA PRO N 221 67.28 1.85 -46.09
C PRO N 221 68.39 2.66 -46.75
N LYS N 222 68.29 2.87 -48.06
CA LYS N 222 69.35 3.54 -48.82
C LYS N 222 69.46 5.03 -48.48
N TRP N 223 68.35 5.60 -48.01
CA TRP N 223 68.28 7.02 -47.73
C TRP N 223 67.56 7.29 -46.41
N PRO N 224 68.24 7.07 -45.27
CA PRO N 224 67.57 7.21 -43.98
C PRO N 224 67.49 8.67 -43.49
N GLY N 225 67.94 9.59 -44.33
CA GLY N 225 68.00 10.99 -43.94
C GLY N 225 66.66 11.62 -43.61
N GLU N 226 65.64 11.33 -44.40
CA GLU N 226 64.30 11.88 -44.15
C GLU N 226 63.73 11.35 -42.83
N ASN N 227 64.03 10.09 -42.50
CA ASN N 227 63.55 9.51 -41.25
C ASN N 227 64.22 10.18 -40.05
N ILE N 228 65.54 10.34 -40.11
CA ILE N 228 66.27 10.95 -39.02
C ILE N 228 65.82 12.41 -38.82
N ALA N 229 65.60 13.13 -39.91
CA ALA N 229 65.07 14.50 -39.81
C ALA N 229 63.68 14.53 -39.16
N MET N 230 62.79 13.64 -39.61
CA MET N 230 61.46 13.53 -39.04
C MET N 230 61.50 13.26 -37.55
N ARG N 231 62.27 12.25 -37.16
CA ARG N 231 62.41 11.92 -35.74
C ARG N 231 63.04 13.07 -34.96
N LYS N 232 63.92 13.83 -35.62
CA LYS N 232 64.55 14.97 -34.95
C LYS N 232 63.54 16.09 -34.77
N VAL N 233 62.92 16.53 -35.86
CA VAL N 233 62.09 17.71 -35.81
C VAL N 233 60.72 17.49 -35.14
N LEU N 234 60.02 16.42 -35.53
CA LEU N 234 58.61 16.25 -35.14
C LEU N 234 58.35 15.00 -34.30
N GLY N 235 58.98 13.90 -34.69
CA GLY N 235 58.68 12.62 -34.08
C GLY N 235 57.78 11.84 -35.02
N LEU N 236 58.00 10.53 -35.10
CA LEU N 236 57.26 9.73 -36.06
C LEU N 236 55.78 9.61 -35.70
N ASP N 237 55.44 9.83 -34.43
CA ASP N 237 54.03 9.75 -34.04
C ASP N 237 53.44 11.13 -33.78
N HIS N 238 54.06 12.14 -34.37
CA HIS N 238 53.54 13.50 -34.30
C HIS N 238 52.20 13.61 -35.01
N ALA N 239 52.12 12.96 -36.16
CA ALA N 239 50.87 12.85 -36.91
C ALA N 239 50.80 11.42 -37.48
N PRO N 240 49.62 11.01 -37.98
CA PRO N 240 49.62 9.65 -38.53
C PRO N 240 50.27 9.63 -39.92
N LEU N 241 51.39 8.94 -40.05
CA LEU N 241 52.00 8.71 -41.36
C LEU N 241 51.30 7.58 -42.11
N ARG N 242 51.07 7.75 -43.40
CA ARG N 242 50.27 6.80 -44.17
C ARG N 242 50.88 6.45 -45.53
N LEU N 243 50.43 5.32 -46.08
CA LEU N 243 50.74 4.92 -47.44
C LEU N 243 49.45 4.87 -48.20
N LEU N 244 49.53 5.05 -49.51
CA LEU N 244 48.42 4.66 -50.38
C LEU N 244 48.62 3.17 -50.57
N PRO N 245 47.68 2.34 -50.07
CA PRO N 245 47.96 0.90 -49.90
C PRO N 245 48.43 0.27 -51.19
N GLY N 246 49.41 -0.61 -51.08
CA GLY N 246 50.00 -1.26 -52.25
C GLY N 246 51.19 -0.52 -52.80
N ARG N 247 51.53 0.61 -52.19
CA ARG N 247 52.64 1.44 -52.64
C ARG N 247 53.60 1.74 -51.50
N PRO N 248 54.89 1.48 -51.72
CA PRO N 248 55.91 1.68 -50.69
C PRO N 248 56.06 3.16 -50.33
N ALA N 249 55.75 4.02 -51.29
CA ALA N 249 55.92 5.47 -51.16
C ALA N 249 54.91 6.14 -52.07
N PRO N 250 54.54 7.41 -51.79
CA PRO N 250 55.06 8.25 -50.71
C PRO N 250 54.45 7.91 -49.36
N ALA N 251 55.14 8.27 -48.28
CA ALA N 251 54.53 8.27 -46.97
C ALA N 251 54.12 9.73 -46.73
N TYR N 252 52.90 9.93 -46.24
CA TYR N 252 52.40 11.29 -46.06
C TYR N 252 51.53 11.43 -44.82
N LEU N 253 51.53 12.63 -44.26
CA LEU N 253 50.74 12.89 -43.08
C LEU N 253 49.84 14.09 -43.32
N ARG N 254 48.74 14.11 -42.60
CA ARG N 254 47.80 15.21 -42.68
C ARG N 254 48.06 16.07 -41.46
N TRP N 255 48.52 17.31 -41.68
CA TRP N 255 48.96 18.15 -40.58
C TRP N 255 47.87 18.35 -39.53
N GLY N 256 48.20 18.13 -38.26
CA GLY N 256 47.23 18.33 -37.18
C GLY N 256 46.44 17.08 -36.82
N ASP N 257 46.48 16.07 -37.69
CA ASP N 257 45.80 14.79 -37.38
C ASP N 257 46.51 14.01 -36.27
N GLN O 7 11.93 13.18 5.81
CA GLN O 7 12.19 12.33 4.64
C GLN O 7 11.04 11.36 4.38
N ASP O 8 10.35 11.56 3.26
CA ASP O 8 9.21 10.73 2.88
C ASP O 8 9.68 9.43 2.23
N LEU O 9 9.21 8.30 2.75
CA LEU O 9 9.57 7.01 2.19
C LEU O 9 9.04 6.77 0.79
N ARG O 10 8.00 7.52 0.39
CA ARG O 10 7.41 7.34 -0.94
C ARG O 10 8.25 8.03 -2.03
N ALA O 11 9.29 8.74 -1.59
CA ALA O 11 10.16 9.46 -2.51
C ALA O 11 11.30 8.57 -2.95
N PHE O 12 11.41 7.40 -2.32
CA PHE O 12 12.36 6.39 -2.73
C PHE O 12 11.62 5.46 -3.67
N VAL O 13 12.35 4.88 -4.62
CA VAL O 13 11.73 3.93 -5.54
C VAL O 13 11.23 2.74 -4.72
N HIS O 14 9.98 2.35 -4.96
CA HIS O 14 9.44 1.17 -4.29
C HIS O 14 8.43 0.51 -5.20
N ASP O 15 8.17 -0.77 -4.95
CA ASP O 15 7.23 -1.53 -5.75
C ASP O 15 5.81 -0.99 -5.68
N SER O 16 5.16 -0.90 -6.82
CA SER O 16 3.75 -0.60 -6.85
C SER O 16 3.02 -1.84 -6.34
N PRO O 17 1.75 -1.67 -5.91
CA PRO O 17 0.92 -2.82 -5.55
C PRO O 17 0.85 -3.85 -6.69
N GLU O 18 0.76 -3.37 -7.91
CA GLU O 18 0.65 -4.29 -9.05
C GLU O 18 1.94 -5.06 -9.29
N GLU O 19 3.08 -4.39 -9.14
CA GLU O 19 4.38 -5.05 -9.27
C GLU O 19 4.57 -6.11 -8.18
N THR O 20 4.14 -5.80 -6.97
CA THR O 20 4.19 -6.79 -5.89
C THR O 20 3.31 -8.00 -6.20
N GLU O 21 2.12 -7.71 -6.66
CA GLU O 21 1.15 -8.74 -7.02
C GLU O 21 1.71 -9.72 -8.06
N THR O 22 2.29 -9.17 -9.13
CA THR O 22 2.85 -9.98 -10.21
C THR O 22 3.96 -10.86 -9.66
N THR O 23 4.84 -10.28 -8.86
CA THR O 23 5.96 -11.04 -8.30
C THR O 23 5.44 -12.21 -7.45
N GLN O 24 4.48 -11.94 -6.59
CA GLN O 24 3.92 -12.99 -5.72
C GLN O 24 3.15 -14.06 -6.48
N ARG O 25 2.34 -13.63 -7.43
CA ARG O 25 1.60 -14.56 -8.28
C ARG O 25 2.53 -15.48 -9.04
N LEU O 26 3.60 -14.91 -9.61
CA LEU O 26 4.53 -15.70 -10.42
C LEU O 26 5.32 -16.64 -9.50
N THR O 27 5.52 -16.22 -8.25
CA THR O 27 6.17 -17.07 -7.27
C THR O 27 5.33 -18.32 -7.02
N LYS O 28 4.03 -18.12 -6.77
CA LYS O 28 3.11 -19.23 -6.54
C LYS O 28 3.02 -20.11 -7.77
N LEU O 29 2.99 -19.49 -8.95
CA LEU O 29 2.88 -20.28 -10.17
C LEU O 29 4.17 -21.07 -10.46
N LEU O 30 5.30 -20.53 -10.03
CA LEU O 30 6.56 -21.24 -10.17
C LEU O 30 6.59 -22.47 -9.23
N THR O 31 6.23 -22.26 -7.97
CA THR O 31 6.34 -23.31 -6.97
C THR O 31 5.25 -24.37 -7.01
N ASN O 32 4.16 -24.08 -7.71
CA ASN O 32 3.06 -25.04 -7.83
C ASN O 32 2.69 -25.32 -9.29
N SER O 33 3.69 -25.65 -10.07
CA SER O 33 3.51 -25.78 -11.50
C SER O 33 3.25 -27.23 -11.91
N PRO O 34 2.31 -27.42 -12.84
CA PRO O 34 2.06 -28.73 -13.43
C PRO O 34 3.07 -29.04 -14.52
N ILE O 35 4.01 -28.13 -14.76
CA ILE O 35 5.12 -28.43 -15.66
C ILE O 35 5.98 -29.50 -15.00
N PRO O 36 6.22 -30.62 -15.71
CA PRO O 36 7.11 -31.67 -15.23
C PRO O 36 8.41 -31.05 -14.71
N THR O 37 8.88 -31.57 -13.59
CA THR O 37 10.04 -31.04 -12.90
C THR O 37 11.25 -30.83 -13.81
N GLU O 38 11.45 -31.77 -14.73
CA GLU O 38 12.61 -31.77 -15.59
C GLU O 38 12.51 -30.76 -16.73
N GLU O 39 11.35 -30.13 -16.89
CA GLU O 39 11.18 -29.19 -17.98
C GLU O 39 11.14 -27.75 -17.49
N LEU O 40 11.12 -27.58 -16.16
CA LEU O 40 11.06 -26.27 -15.56
C LEU O 40 12.14 -25.32 -16.06
N VAL O 41 13.39 -25.76 -16.04
CA VAL O 41 14.51 -24.90 -16.45
C VAL O 41 14.54 -24.65 -17.96
N ASN O 42 13.57 -25.24 -18.67
CA ASN O 42 13.36 -24.98 -20.09
C ASN O 42 12.19 -24.00 -20.33
N ASN O 43 11.62 -23.47 -19.25
CA ASN O 43 10.43 -22.62 -19.34
C ASN O 43 10.47 -21.47 -18.36
N LEU O 44 11.67 -21.19 -17.87
CA LEU O 44 11.87 -20.09 -16.92
C LEU O 44 11.28 -18.72 -17.30
N PRO O 45 11.29 -18.34 -18.60
CA PRO O 45 10.74 -17.01 -18.89
C PRO O 45 9.25 -16.85 -18.60
N LEU O 46 8.54 -17.93 -18.29
CA LEU O 46 7.16 -17.82 -17.83
C LEU O 46 7.10 -17.00 -16.56
N PHE O 47 8.21 -17.00 -15.83
CA PHE O 47 8.25 -16.46 -14.48
C PHE O 47 9.15 -15.25 -14.38
N LEU O 48 9.75 -14.89 -15.51
CA LEU O 48 10.60 -13.71 -15.59
C LEU O 48 9.80 -12.45 -16.01
N ARG O 49 9.50 -11.59 -15.04
CA ARG O 49 8.68 -10.42 -15.33
C ARG O 49 9.50 -9.28 -15.93
N ARG O 50 8.79 -8.28 -16.46
CA ARG O 50 9.38 -7.12 -17.14
C ARG O 50 10.61 -6.58 -16.43
N HIS O 51 10.45 -6.29 -15.14
CA HIS O 51 11.52 -5.67 -14.39
C HIS O 51 12.77 -6.53 -14.38
N GLN O 52 12.58 -7.83 -14.22
CA GLN O 52 13.72 -8.74 -14.17
C GLN O 52 14.26 -8.99 -15.58
N MET O 53 13.36 -9.01 -16.56
CA MET O 53 13.74 -9.14 -17.96
C MET O 53 14.60 -7.94 -18.38
N THR O 54 14.22 -6.75 -17.92
CA THR O 54 15.00 -5.55 -18.20
C THR O 54 16.45 -5.66 -17.66
N ASP O 55 16.60 -6.18 -16.45
CA ASP O 55 17.92 -6.30 -15.88
C ASP O 55 18.76 -7.23 -16.74
N LEU O 56 18.17 -8.32 -17.19
CA LEU O 56 18.84 -9.27 -18.07
C LEU O 56 19.33 -8.63 -19.36
N LEU O 57 18.40 -8.02 -20.11
CA LEU O 57 18.73 -7.36 -21.37
C LEU O 57 19.79 -6.28 -21.16
N SER O 58 19.75 -5.65 -19.99
CA SER O 58 20.74 -4.66 -19.65
C SER O 58 22.14 -5.25 -19.47
N MET O 59 22.25 -6.35 -18.72
CA MET O 59 23.54 -7.04 -18.57
C MET O 59 24.05 -7.49 -19.94
N ASP O 60 23.15 -8.00 -20.77
CA ASP O 60 23.50 -8.39 -22.14
C ASP O 60 24.02 -7.21 -22.96
N ALA O 61 23.42 -6.03 -22.79
CA ALA O 61 23.87 -4.84 -23.50
C ALA O 61 25.26 -4.42 -23.06
N LEU O 62 25.54 -4.46 -21.77
CA LEU O 62 26.87 -4.10 -21.28
C LEU O 62 27.89 -5.14 -21.77
N TYR O 63 27.51 -6.41 -21.69
CA TYR O 63 28.42 -7.47 -22.08
C TYR O 63 28.77 -7.30 -23.57
N ARG O 64 27.79 -7.01 -24.41
CA ARG O 64 28.05 -6.87 -25.84
C ARG O 64 29.06 -5.76 -26.15
N GLN O 65 29.12 -4.74 -25.31
CA GLN O 65 30.09 -3.65 -25.53
C GLN O 65 31.53 -3.96 -25.13
N VAL O 66 31.76 -5.09 -24.45
CA VAL O 66 33.11 -5.44 -24.04
C VAL O 66 33.63 -6.66 -24.79
N LEU O 67 32.91 -7.10 -25.82
CA LEU O 67 33.30 -8.28 -26.60
C LEU O 67 34.63 -8.09 -27.33
N ASP O 68 34.99 -6.84 -27.60
CA ASP O 68 36.28 -6.57 -28.22
C ASP O 68 37.23 -5.93 -27.24
N VAL O 69 37.02 -6.20 -25.95
CA VAL O 69 37.90 -5.64 -24.93
C VAL O 69 38.50 -6.78 -24.11
N PRO O 70 39.83 -6.79 -23.95
CA PRO O 70 40.42 -7.91 -23.20
C PRO O 70 40.14 -7.78 -21.72
N GLY O 71 40.27 -8.89 -20.99
CA GLY O 71 40.22 -8.82 -19.54
C GLY O 71 39.00 -9.44 -18.89
N VAL O 72 38.79 -9.15 -17.60
CA VAL O 72 37.79 -9.89 -16.84
C VAL O 72 36.53 -9.08 -16.55
N ILE O 73 35.50 -9.78 -16.08
CA ILE O 73 34.28 -9.17 -15.59
C ILE O 73 34.25 -9.24 -14.06
N MET O 74 34.13 -8.08 -13.42
CA MET O 74 34.03 -8.03 -11.97
C MET O 74 32.69 -7.44 -11.54
N GLU O 75 32.05 -8.07 -10.56
CA GLU O 75 30.88 -7.52 -9.88
C GLU O 75 31.17 -7.27 -8.41
N PHE O 76 30.97 -6.02 -7.98
CA PHE O 76 31.15 -5.67 -6.58
C PHE O 76 29.79 -5.56 -5.92
N GLY O 77 29.45 -6.60 -5.14
CA GLY O 77 28.14 -6.72 -4.53
C GLY O 77 27.30 -7.73 -5.27
N VAL O 78 27.23 -8.95 -4.75
CA VAL O 78 26.69 -10.10 -5.46
C VAL O 78 25.32 -10.58 -4.97
N ARG O 79 25.11 -10.51 -3.66
CA ARG O 79 23.95 -11.11 -3.02
C ARG O 79 23.74 -12.54 -3.47
N PHE O 80 22.54 -12.86 -3.93
CA PHE O 80 22.21 -14.25 -4.30
C PHE O 80 22.86 -14.68 -5.61
N GLY O 81 23.41 -13.72 -6.34
CA GLY O 81 24.13 -14.01 -7.56
C GLY O 81 23.40 -13.87 -8.89
N ARG O 82 22.35 -13.05 -8.93
CA ARG O 82 21.58 -12.81 -10.16
C ARG O 82 22.46 -12.47 -11.37
N HIS O 83 23.35 -11.51 -11.20
CA HIS O 83 24.21 -11.07 -12.30
C HIS O 83 25.29 -12.08 -12.70
N LEU O 84 25.85 -12.80 -11.72
CA LEU O 84 26.88 -13.81 -12.00
C LEU O 84 26.31 -14.91 -12.87
N GLY O 85 25.10 -15.35 -12.55
CA GLY O 85 24.43 -16.34 -13.37
C GLY O 85 24.22 -15.82 -14.78
N THR O 86 23.75 -14.58 -14.90
CA THR O 86 23.55 -13.97 -16.22
C THR O 86 24.87 -13.96 -17.01
N PHE O 87 25.92 -13.42 -16.40
CA PHE O 87 27.23 -13.36 -17.06
C PHE O 87 27.74 -14.74 -17.47
N ALA O 88 27.51 -15.75 -16.64
CA ALA O 88 27.94 -17.09 -17.01
C ALA O 88 27.23 -17.58 -18.27
N ALA O 89 25.93 -17.34 -18.35
CA ALA O 89 25.17 -17.83 -19.50
C ALA O 89 25.61 -17.03 -20.72
N LEU O 90 25.78 -15.73 -20.56
CA LEU O 90 26.15 -14.88 -21.69
C LEU O 90 27.55 -15.20 -22.21
N ARG O 91 28.47 -15.50 -21.30
CA ARG O 91 29.81 -15.91 -21.71
C ARG O 91 29.74 -17.17 -22.58
N GLY O 92 28.77 -18.04 -22.31
CA GLY O 92 28.50 -19.18 -23.18
C GLY O 92 28.01 -18.77 -24.57
N VAL O 93 27.08 -17.83 -24.60
CA VAL O 93 26.45 -17.36 -25.84
C VAL O 93 27.47 -16.71 -26.75
N TYR O 94 28.29 -15.83 -26.18
CA TYR O 94 29.19 -14.98 -26.97
C TYR O 94 30.65 -15.45 -27.04
N GLU O 95 31.14 -16.17 -26.03
CA GLU O 95 32.59 -16.43 -25.97
C GLU O 95 32.99 -17.85 -25.57
N PRO O 96 32.58 -18.85 -26.38
CA PRO O 96 32.98 -20.21 -26.05
C PRO O 96 34.50 -20.40 -26.03
N TYR O 97 35.20 -19.59 -26.82
CA TYR O 97 36.61 -19.83 -27.03
C TYR O 97 37.51 -18.92 -26.20
N ASN O 98 36.92 -18.25 -25.21
CA ASN O 98 37.69 -17.33 -24.37
C ASN O 98 37.73 -17.77 -22.89
N PRO O 99 38.70 -18.63 -22.55
CA PRO O 99 38.82 -19.11 -21.18
C PRO O 99 39.44 -18.05 -20.27
N LEU O 100 39.88 -16.95 -20.85
CA LEU O 100 40.46 -15.86 -20.04
C LEU O 100 39.43 -14.90 -19.51
N ARG O 101 38.20 -14.98 -20.01
CA ARG O 101 37.14 -14.11 -19.53
C ARG O 101 36.61 -14.62 -18.18
N ARG O 102 37.31 -14.23 -17.13
CA ARG O 102 37.00 -14.71 -15.79
C ARG O 102 35.89 -13.85 -15.19
N ILE O 103 34.95 -14.49 -14.53
CA ILE O 103 33.90 -13.78 -13.82
C ILE O 103 34.21 -13.79 -12.32
N VAL O 104 34.41 -12.61 -11.77
CA VAL O 104 34.80 -12.47 -10.37
C VAL O 104 33.76 -11.66 -9.61
N GLY O 105 33.14 -12.28 -8.61
CA GLY O 105 32.16 -11.62 -7.78
C GLY O 105 32.70 -11.40 -6.38
N PHE O 106 32.58 -10.17 -5.90
CA PHE O 106 33.02 -9.82 -4.55
C PHE O 106 31.81 -9.54 -3.67
N ASP O 107 31.82 -10.10 -2.46
CA ASP O 107 30.79 -9.80 -1.46
C ASP O 107 31.21 -10.30 -0.08
N THR O 108 30.72 -9.66 0.98
CA THR O 108 30.87 -10.23 2.32
C THR O 108 30.03 -11.48 2.40
N PHE O 109 28.94 -11.48 1.65
CA PHE O 109 27.90 -12.50 1.73
C PHE O 109 27.22 -12.55 3.11
N THR O 110 27.45 -11.52 3.92
CA THR O 110 26.77 -11.38 5.20
C THR O 110 26.14 -10.01 5.30
N GLY O 111 26.02 -9.32 4.16
CA GLY O 111 25.35 -8.03 4.12
C GLY O 111 26.30 -6.87 4.32
N PHE O 112 25.78 -5.65 4.38
CA PHE O 112 26.61 -4.46 4.64
C PHE O 112 27.49 -4.68 5.87
N PRO O 113 28.81 -4.42 5.74
CA PRO O 113 29.77 -4.57 6.83
C PRO O 113 29.55 -3.51 7.91
N ASP O 114 29.21 -2.30 7.49
CA ASP O 114 28.94 -1.16 8.37
C ASP O 114 28.67 0.00 7.42
N VAL O 115 28.08 1.08 7.89
CA VAL O 115 27.76 2.18 6.99
C VAL O 115 28.36 3.52 7.40
N ASN O 116 28.30 4.46 6.47
CA ASN O 116 28.76 5.83 6.68
C ASN O 116 27.51 6.67 6.82
N ASP O 117 27.64 7.88 7.37
CA ASP O 117 26.47 8.72 7.58
C ASP O 117 25.81 9.17 6.28
N VAL O 118 26.62 9.39 5.25
CA VAL O 118 26.09 9.77 3.95
C VAL O 118 25.20 8.67 3.36
N ASP O 119 25.43 7.44 3.79
CA ASP O 119 24.63 6.29 3.37
C ASP O 119 23.28 6.18 4.11
N ARG O 120 23.17 6.86 5.25
CA ARG O 120 21.95 6.79 6.06
C ARG O 120 20.93 7.81 5.62
N VAL O 121 20.27 7.54 4.50
CA VAL O 121 19.19 8.40 4.03
C VAL O 121 17.84 7.72 4.25
N GLY O 122 17.82 6.40 4.06
CA GLY O 122 16.64 5.60 4.24
C GLY O 122 16.79 4.61 5.39
N PRO O 123 15.77 3.76 5.62
CA PRO O 123 15.65 2.93 6.81
C PRO O 123 16.34 1.57 6.71
N THR O 124 16.88 1.24 5.55
CA THR O 124 17.46 -0.08 5.33
C THR O 124 18.99 -0.04 5.25
N ALA O 125 19.55 1.14 5.54
CA ALA O 125 21.00 1.35 5.59
C ALA O 125 21.59 0.95 6.94
N TYR O 126 21.61 -0.35 7.21
CA TYR O 126 22.18 -0.86 8.44
C TYR O 126 23.12 -2.02 8.16
N GLN O 127 24.10 -2.17 9.04
CA GLN O 127 25.02 -3.30 8.99
C GLN O 127 24.21 -4.60 8.94
N GLY O 128 24.54 -5.47 7.98
CA GLY O 128 23.84 -6.73 7.83
C GLY O 128 22.76 -6.79 6.75
N ARG O 129 22.30 -5.63 6.29
CA ARG O 129 21.29 -5.59 5.21
C ARG O 129 21.79 -6.33 3.97
N PHE O 130 20.90 -7.12 3.36
CA PHE O 130 21.17 -7.92 2.15
C PHE O 130 21.95 -9.21 2.42
N ALA O 131 22.11 -9.56 3.70
CA ALA O 131 22.79 -10.81 4.06
C ALA O 131 22.10 -12.03 3.46
N VAL O 132 22.88 -13.01 3.05
CA VAL O 132 22.33 -14.25 2.54
C VAL O 132 22.79 -15.37 3.49
N PRO O 133 22.11 -16.54 3.48
CA PRO O 133 22.33 -17.56 4.51
C PRO O 133 23.76 -18.12 4.59
N GLY O 134 24.08 -18.75 5.72
CA GLY O 134 25.37 -19.39 5.87
C GLY O 134 25.50 -20.51 4.86
N GLY O 135 26.70 -20.68 4.31
CA GLY O 135 26.94 -21.72 3.32
C GLY O 135 26.48 -21.36 1.92
N TYR O 136 26.02 -20.11 1.74
CA TYR O 136 25.53 -19.68 0.44
C TYR O 136 26.61 -19.64 -0.66
N PRO O 137 27.80 -19.04 -0.39
CA PRO O 137 28.81 -18.99 -1.44
C PRO O 137 29.11 -20.35 -2.07
N ALA O 138 29.00 -21.41 -1.28
CA ALA O 138 29.25 -22.77 -1.76
C ALA O 138 28.14 -23.25 -2.68
N TYR O 139 26.91 -22.85 -2.36
CA TYR O 139 25.77 -23.09 -3.22
C TYR O 139 25.91 -22.34 -4.54
N LEU O 140 26.23 -21.06 -4.45
CA LEU O 140 26.33 -20.19 -5.61
C LEU O 140 27.45 -20.71 -6.50
N LYS O 141 28.54 -21.16 -5.89
CA LYS O 141 29.64 -21.77 -6.63
C LYS O 141 29.15 -23.03 -7.33
N GLU O 142 28.26 -23.77 -6.68
CA GLU O 142 27.76 -24.97 -7.30
C GLU O 142 26.92 -24.61 -8.53
N VAL O 143 26.14 -23.54 -8.41
CA VAL O 143 25.35 -23.07 -9.54
C VAL O 143 26.26 -22.68 -10.71
N LEU O 144 27.30 -21.91 -10.41
CA LEU O 144 28.28 -21.53 -11.43
C LEU O 144 28.94 -22.75 -12.07
N ASP O 145 29.42 -23.70 -11.26
CA ASP O 145 30.06 -24.90 -11.79
C ASP O 145 29.15 -25.67 -12.74
N ALA O 146 27.86 -25.66 -12.44
CA ALA O 146 26.87 -26.34 -13.28
C ALA O 146 26.80 -25.74 -14.70
N HIS O 147 26.78 -24.43 -14.78
CA HIS O 147 26.89 -23.73 -16.05
C HIS O 147 28.17 -24.15 -16.78
N GLU O 148 29.28 -24.13 -16.06
CA GLU O 148 30.60 -24.33 -16.66
C GLU O 148 30.83 -25.74 -17.12
N CYS O 149 30.10 -26.67 -16.53
CA CYS O 149 30.12 -28.07 -16.93
C CYS O 149 30.04 -28.26 -18.45
N SER O 150 29.24 -27.44 -19.12
CA SER O 150 29.03 -27.59 -20.56
C SER O 150 29.66 -26.48 -21.39
N ASP O 151 30.48 -25.64 -20.77
CA ASP O 151 31.25 -24.64 -21.50
C ASP O 151 32.31 -25.34 -22.33
N PHE O 152 32.61 -24.79 -23.51
CA PHE O 152 33.63 -25.37 -24.37
C PHE O 152 34.98 -25.49 -23.63
N PHE O 153 35.27 -24.51 -22.79
CA PHE O 153 36.48 -24.54 -21.98
C PHE O 153 36.21 -24.96 -20.53
N GLY O 154 35.32 -25.93 -20.36
CA GLY O 154 34.91 -26.41 -19.04
C GLY O 154 36.01 -27.08 -18.23
N HIS O 155 37.06 -27.57 -18.89
CA HIS O 155 38.15 -28.22 -18.21
C HIS O 155 39.07 -27.23 -17.53
N VAL O 156 38.93 -25.94 -17.87
CA VAL O 156 39.76 -24.93 -17.23
C VAL O 156 39.01 -24.38 -16.01
N THR O 157 39.63 -24.47 -14.84
CA THR O 157 38.98 -24.09 -13.59
C THR O 157 39.23 -22.65 -13.21
N GLN O 158 38.54 -22.18 -12.17
CA GLN O 158 38.61 -20.77 -11.73
C GLN O 158 38.28 -19.78 -12.86
N ARG O 159 37.30 -20.16 -13.68
CA ARG O 159 36.75 -19.25 -14.66
C ARG O 159 35.66 -18.37 -14.02
N SER O 160 35.08 -18.85 -12.92
CA SER O 160 34.25 -18.04 -12.03
C SER O 160 34.86 -18.05 -10.63
N VAL O 161 35.03 -16.88 -10.05
CA VAL O 161 35.62 -16.79 -8.72
C VAL O 161 34.73 -15.95 -7.80
N LEU O 162 34.36 -16.55 -6.68
CA LEU O 162 33.65 -15.84 -5.61
C LEU O 162 34.63 -15.45 -4.54
N VAL O 163 34.80 -14.15 -4.32
CA VAL O 163 35.75 -13.67 -3.33
C VAL O 163 35.04 -13.10 -2.09
N GLU O 164 35.13 -13.84 -0.98
CA GLU O 164 34.39 -13.49 0.22
C GLU O 164 35.13 -12.48 1.11
N GLY O 165 34.42 -11.43 1.53
CA GLY O 165 34.98 -10.48 2.45
C GLY O 165 34.69 -9.04 2.11
N ASP O 166 35.38 -8.13 2.80
CA ASP O 166 35.22 -6.70 2.59
C ASP O 166 36.09 -6.25 1.43
N VAL O 167 35.44 -5.67 0.43
CA VAL O 167 36.13 -5.27 -0.79
C VAL O 167 37.28 -4.32 -0.53
N ARG O 168 37.18 -3.56 0.57
CA ARG O 168 38.28 -2.66 0.96
C ARG O 168 39.63 -3.37 1.11
N GLU O 169 39.58 -4.67 1.43
CA GLU O 169 40.79 -5.49 1.45
C GLU O 169 40.85 -6.56 0.35
N THR O 170 39.73 -7.19 0.03
CA THR O 170 39.76 -8.32 -0.90
C THR O 170 40.09 -7.90 -2.31
N VAL O 171 39.57 -6.75 -2.70
CA VAL O 171 39.84 -6.25 -4.05
C VAL O 171 41.31 -5.84 -4.25
N PRO O 172 41.88 -5.01 -3.35
CA PRO O 172 43.32 -4.83 -3.48
C PRO O 172 44.10 -6.14 -3.41
N ARG O 173 43.65 -7.09 -2.60
CA ARG O 173 44.35 -8.35 -2.50
C ARG O 173 44.16 -9.20 -3.76
N TYR O 174 42.97 -9.13 -4.36
CA TYR O 174 42.72 -9.89 -5.58
C TYR O 174 43.66 -9.42 -6.69
N LEU O 175 43.77 -8.11 -6.83
CA LEU O 175 44.60 -7.48 -7.84
C LEU O 175 46.09 -7.81 -7.66
N ALA O 176 46.59 -7.65 -6.44
CA ALA O 176 48.00 -7.89 -6.19
C ALA O 176 48.35 -9.35 -6.48
N GLU O 177 47.40 -10.24 -6.22
CA GLU O 177 47.58 -11.67 -6.51
C GLU O 177 47.36 -11.99 -7.99
N ASN O 178 46.78 -11.04 -8.74
CA ASN O 178 46.54 -11.28 -10.16
C ASN O 178 47.14 -10.21 -11.07
N PRO O 179 48.47 -10.19 -11.21
CA PRO O 179 49.14 -9.13 -11.97
C PRO O 179 48.78 -9.14 -13.47
N GLN O 180 48.23 -10.24 -13.96
CA GLN O 180 47.82 -10.35 -15.36
C GLN O 180 46.50 -9.61 -15.64
N THR O 181 45.88 -9.08 -14.58
CA THR O 181 44.54 -8.53 -14.67
C THR O 181 44.37 -7.32 -15.62
N VAL O 182 43.43 -7.47 -16.54
CA VAL O 182 42.82 -6.32 -17.19
C VAL O 182 41.33 -6.40 -16.86
N ILE O 183 40.71 -5.27 -16.57
CA ILE O 183 39.29 -5.28 -16.24
C ILE O 183 38.48 -4.77 -17.42
N ALA O 184 37.70 -5.66 -18.03
CA ALA O 184 36.87 -5.28 -19.17
C ALA O 184 35.57 -4.64 -18.70
N LEU O 185 34.98 -5.22 -17.65
CA LEU O 185 33.70 -4.76 -17.14
C LEU O 185 33.69 -4.75 -15.61
N ALA O 186 33.36 -3.60 -15.03
CA ALA O 186 33.32 -3.43 -13.59
C ALA O 186 31.94 -2.97 -13.21
N TYR O 187 31.20 -3.84 -12.53
CA TYR O 187 29.82 -3.54 -12.20
C TYR O 187 29.69 -3.24 -10.71
N PHE O 188 29.42 -1.99 -10.39
CA PHE O 188 29.36 -1.55 -8.99
C PHE O 188 27.94 -1.68 -8.43
N ASP O 189 27.77 -2.57 -7.46
CA ASP O 189 26.46 -2.70 -6.83
C ASP O 189 26.63 -2.82 -5.31
N LEU O 190 27.47 -1.96 -4.74
CA LEU O 190 27.74 -2.00 -3.31
C LEU O 190 26.78 -1.09 -2.52
N ASP O 191 26.22 -0.09 -3.19
CA ASP O 191 25.37 0.94 -2.57
C ASP O 191 26.11 1.94 -1.66
N LEU O 192 27.14 1.47 -0.94
CA LEU O 192 27.77 2.30 0.09
C LEU O 192 28.93 3.14 -0.41
N TYR O 193 29.11 4.29 0.22
CA TYR O 193 30.13 5.26 -0.19
C TYR O 193 31.57 4.75 -0.07
N GLU O 194 31.91 4.22 1.11
CA GLU O 194 33.30 3.88 1.40
C GLU O 194 33.85 2.73 0.53
N PRO O 195 33.15 1.58 0.47
CA PRO O 195 33.62 0.51 -0.41
C PRO O 195 33.70 0.93 -1.89
N THR O 196 32.73 1.71 -2.34
CA THR O 196 32.73 2.16 -3.73
C THR O 196 33.96 3.02 -4.06
N LYS O 197 34.23 4.00 -3.19
CA LYS O 197 35.39 4.85 -3.35
C LYS O 197 36.68 4.01 -3.36
N ALA O 198 36.73 3.05 -2.44
CA ALA O 198 37.91 2.18 -2.31
C ALA O 198 38.13 1.35 -3.57
N VAL O 199 37.06 0.70 -4.03
CA VAL O 199 37.13 -0.13 -5.22
C VAL O 199 37.43 0.70 -6.48
N LEU O 200 36.82 1.87 -6.60
CA LEU O 200 37.09 2.73 -7.76
C LEU O 200 38.58 3.08 -7.87
N GLU O 201 39.15 3.50 -6.75
CA GLU O 201 40.57 3.84 -6.71
C GLU O 201 41.43 2.62 -7.07
N ALA O 202 41.09 1.47 -6.51
CA ALA O 202 41.90 0.27 -6.69
C ALA O 202 41.95 -0.21 -8.14
N ILE O 203 40.80 -0.23 -8.82
CA ILE O 203 40.73 -0.81 -10.16
C ILE O 203 41.33 0.05 -11.25
N ARG O 204 41.52 1.34 -10.99
CA ARG O 204 41.94 2.25 -12.05
C ARG O 204 43.11 1.78 -12.93
N PRO O 205 44.23 1.34 -12.32
CA PRO O 205 45.36 0.96 -13.18
C PRO O 205 45.08 -0.25 -14.07
N TYR O 206 43.94 -0.91 -13.89
CA TYR O 206 43.67 -2.15 -14.61
C TYR O 206 42.63 -1.99 -15.70
N LEU O 207 42.22 -0.74 -15.94
CA LEU O 207 41.27 -0.46 -17.00
C LEU O 207 42.00 -0.07 -18.28
N THR O 208 41.39 -0.38 -19.42
CA THR O 208 41.88 0.14 -20.68
C THR O 208 40.86 1.12 -21.24
N LYS O 209 41.25 1.88 -22.25
CA LYS O 209 40.27 2.70 -22.96
C LYS O 209 39.25 1.77 -23.61
N GLY O 210 37.98 1.93 -23.27
CA GLY O 210 36.95 1.03 -23.75
C GLY O 210 36.39 0.11 -22.68
N SER O 211 37.12 -0.07 -21.56
CA SER O 211 36.56 -0.77 -20.42
C SER O 211 35.28 -0.09 -19.96
N ILE O 212 34.28 -0.89 -19.59
CA ILE O 212 33.03 -0.36 -19.06
C ILE O 212 33.00 -0.38 -17.53
N VAL O 213 32.75 0.78 -16.95
CA VAL O 213 32.49 0.87 -15.52
C VAL O 213 31.02 1.21 -15.36
N ALA O 214 30.30 0.38 -14.61
CA ALA O 214 28.85 0.54 -14.46
C ALA O 214 28.37 0.68 -13.00
N PHE O 215 27.29 1.43 -12.80
CA PHE O 215 26.75 1.65 -11.47
C PHE O 215 25.27 1.33 -11.45
N ASP O 216 24.84 0.62 -10.42
CA ASP O 216 23.43 0.28 -10.24
C ASP O 216 22.61 1.39 -9.56
N GLU O 217 23.26 2.28 -8.80
CA GLU O 217 22.51 3.25 -8.01
C GLU O 217 23.09 4.65 -8.07
N LEU O 218 23.70 5.01 -9.19
CA LEU O 218 24.41 6.27 -9.28
C LEU O 218 23.60 7.52 -8.92
N ASP O 219 22.34 7.57 -9.32
CA ASP O 219 21.53 8.78 -9.07
C ASP O 219 20.31 8.51 -8.20
N ASN O 220 20.43 7.48 -7.38
CA ASN O 220 19.33 7.08 -6.51
C ASN O 220 19.40 7.81 -5.16
N PRO O 221 18.35 8.58 -4.83
CA PRO O 221 18.23 9.34 -3.58
C PRO O 221 18.52 8.48 -2.36
N LYS O 222 18.06 7.24 -2.37
CA LYS O 222 18.19 6.32 -1.25
C LYS O 222 19.66 5.92 -1.00
N TRP O 223 20.50 5.96 -2.04
CA TRP O 223 21.91 5.57 -1.91
C TRP O 223 22.87 6.52 -2.63
N PRO O 224 23.21 7.66 -2.01
CA PRO O 224 24.05 8.66 -2.67
C PRO O 224 25.53 8.31 -2.59
N GLY O 225 25.85 7.16 -2.02
CA GLY O 225 27.23 6.78 -1.83
C GLY O 225 28.00 6.73 -3.13
N GLU O 226 27.43 6.08 -4.15
CA GLU O 226 28.10 5.89 -5.41
C GLU O 226 28.43 7.21 -6.08
N ASN O 227 27.49 8.13 -6.02
CA ASN O 227 27.68 9.44 -6.62
C ASN O 227 28.80 10.18 -5.89
N ILE O 228 28.74 10.17 -4.55
CA ILE O 228 29.72 10.88 -3.75
C ILE O 228 31.11 10.33 -3.98
N ALA O 229 31.21 9.01 -4.03
CA ALA O 229 32.48 8.34 -4.37
C ALA O 229 32.95 8.81 -5.74
N MET O 230 32.04 8.78 -6.71
CA MET O 230 32.36 9.15 -8.08
C MET O 230 32.90 10.57 -8.16
N ARG O 231 32.22 11.49 -7.50
CA ARG O 231 32.60 12.88 -7.55
C ARG O 231 33.93 13.13 -6.86
N LYS O 232 34.23 12.32 -5.84
CA LYS O 232 35.50 12.46 -5.12
C LYS O 232 36.67 11.85 -5.90
N VAL O 233 36.45 10.70 -6.53
CA VAL O 233 37.55 10.02 -7.22
C VAL O 233 37.79 10.54 -8.64
N LEU O 234 36.74 10.65 -9.45
CA LEU O 234 36.89 11.00 -10.86
C LEU O 234 36.20 12.31 -11.25
N GLY O 235 35.09 12.62 -10.61
CA GLY O 235 34.25 13.72 -11.09
C GLY O 235 33.25 13.19 -12.11
N LEU O 236 32.01 13.67 -12.06
CA LEU O 236 30.96 13.16 -12.94
C LEU O 236 31.26 13.35 -14.43
N ASP O 237 32.04 14.36 -14.78
CA ASP O 237 32.37 14.56 -16.21
C ASP O 237 33.74 14.04 -16.62
N HIS O 238 34.27 13.09 -15.85
CA HIS O 238 35.53 12.46 -16.23
C HIS O 238 35.37 11.64 -17.52
N ALA O 239 34.23 10.96 -17.62
CA ALA O 239 33.87 10.22 -18.82
C ALA O 239 32.36 10.44 -19.03
N PRO O 240 31.83 10.09 -20.21
CA PRO O 240 30.39 10.32 -20.37
C PRO O 240 29.55 9.20 -19.70
N LEU O 241 28.80 9.56 -18.67
CA LEU O 241 27.87 8.61 -18.06
C LEU O 241 26.62 8.42 -18.91
N ARG O 242 26.22 7.17 -19.10
CA ARG O 242 25.12 6.87 -20.01
C ARG O 242 24.07 5.98 -19.39
N LEU O 243 22.83 6.08 -19.86
CA LEU O 243 21.80 5.09 -19.58
C LEU O 243 21.54 4.28 -20.84
N LEU O 244 21.00 3.09 -20.65
CA LEU O 244 20.31 2.41 -21.73
C LEU O 244 18.92 3.04 -21.71
N PRO O 245 18.51 3.68 -22.84
CA PRO O 245 17.28 4.49 -22.82
C PRO O 245 16.08 3.73 -22.27
N GLY O 246 15.31 4.39 -21.41
CA GLY O 246 14.12 3.78 -20.87
C GLY O 246 14.33 3.18 -19.49
N ARG O 247 15.58 3.04 -19.08
CA ARG O 247 15.92 2.38 -17.82
C ARG O 247 16.69 3.32 -16.91
N PRO O 248 16.30 3.39 -15.64
CA PRO O 248 16.89 4.28 -14.64
C PRO O 248 18.33 3.88 -14.29
N ALA O 249 18.62 2.59 -14.42
CA ALA O 249 19.92 2.02 -14.10
C ALA O 249 20.13 0.83 -15.04
N PRO O 250 21.39 0.48 -15.33
CA PRO O 250 22.61 1.06 -14.75
C PRO O 250 23.02 2.35 -15.43
N ALA O 251 23.85 3.12 -14.75
CA ALA O 251 24.58 4.21 -15.37
C ALA O 251 25.99 3.65 -15.64
N TYR O 252 26.54 3.93 -16.82
CA TYR O 252 27.80 3.29 -17.17
C TYR O 252 28.61 4.24 -18.02
N LEU O 253 29.93 4.12 -17.93
CA LEU O 253 30.81 4.93 -18.72
C LEU O 253 31.81 4.04 -19.47
N ARG O 254 32.25 4.51 -20.63
CA ARG O 254 33.29 3.86 -21.40
C ARG O 254 34.60 4.55 -21.03
N TRP O 255 35.52 3.81 -20.41
CA TRP O 255 36.78 4.40 -19.95
C TRP O 255 37.52 5.11 -21.09
N GLY O 256 37.87 6.38 -20.88
CA GLY O 256 38.62 7.12 -21.88
C GLY O 256 37.82 7.99 -22.83
N ASP O 257 36.50 7.81 -22.87
CA ASP O 257 35.66 8.58 -23.79
C ASP O 257 35.42 10.01 -23.30
N GLN P 7 -15.63 33.93 -57.97
CA GLN P 7 -14.24 33.55 -57.72
C GLN P 7 -13.53 34.56 -56.81
N ASP P 8 -12.86 34.04 -55.78
CA ASP P 8 -12.03 34.88 -54.92
C ASP P 8 -10.60 34.87 -55.42
N LEU P 9 -10.13 36.03 -55.89
CA LEU P 9 -8.78 36.14 -56.39
C LEU P 9 -7.72 36.02 -55.29
N ARG P 10 -8.11 36.31 -54.04
CA ARG P 10 -7.17 36.19 -52.93
C ARG P 10 -6.74 34.75 -52.61
N ALA P 11 -7.44 33.78 -53.20
CA ALA P 11 -7.14 32.35 -53.00
C ALA P 11 -6.01 31.88 -53.92
N PHE P 12 -5.71 32.69 -54.92
CA PHE P 12 -4.51 32.50 -55.71
C PHE P 12 -3.33 33.15 -54.99
N VAL P 13 -2.17 32.53 -55.05
CA VAL P 13 -0.98 33.14 -54.48
C VAL P 13 -0.77 34.49 -55.14
N HIS P 14 -0.57 35.51 -54.33
CA HIS P 14 -0.24 36.84 -54.83
C HIS P 14 0.70 37.51 -53.85
N ASP P 15 1.29 38.62 -54.26
CA ASP P 15 2.24 39.32 -53.41
C ASP P 15 1.56 40.06 -52.26
N SER P 16 2.17 40.01 -51.09
CA SER P 16 1.70 40.79 -49.97
C SER P 16 1.99 42.25 -50.28
N PRO P 17 1.33 43.17 -49.55
CA PRO P 17 1.66 44.58 -49.75
C PRO P 17 3.13 44.84 -49.46
N GLU P 18 3.70 44.16 -48.47
CA GLU P 18 5.11 44.33 -48.14
C GLU P 18 6.05 43.79 -49.23
N GLU P 19 5.65 42.70 -49.88
CA GLU P 19 6.46 42.13 -50.98
C GLU P 19 6.47 43.10 -52.18
N THR P 20 5.32 43.72 -52.43
CA THR P 20 5.21 44.74 -53.45
C THR P 20 6.12 45.93 -53.13
N GLU P 21 6.03 46.41 -51.91
CA GLU P 21 6.84 47.55 -51.49
C GLU P 21 8.32 47.29 -51.70
N THR P 22 8.78 46.13 -51.23
CA THR P 22 10.16 45.72 -51.39
C THR P 22 10.54 45.76 -52.86
N THR P 23 9.72 45.14 -53.70
CA THR P 23 9.99 45.09 -55.12
C THR P 23 10.07 46.50 -55.71
N GLN P 24 9.09 47.35 -55.37
CA GLN P 24 9.06 48.73 -55.87
C GLN P 24 10.27 49.50 -55.39
N ARG P 25 10.56 49.43 -54.09
CA ARG P 25 11.71 50.14 -53.54
C ARG P 25 13.01 49.74 -54.24
N LEU P 26 13.27 48.43 -54.33
CA LEU P 26 14.54 47.96 -54.86
C LEU P 26 14.70 48.35 -56.32
N THR P 27 13.58 48.39 -57.04
CA THR P 27 13.54 48.80 -58.42
C THR P 27 13.96 50.27 -58.48
N LYS P 28 13.40 51.06 -57.59
CA LYS P 28 13.72 52.47 -57.50
C LYS P 28 15.20 52.65 -57.15
N LEU P 29 15.65 51.95 -56.13
CA LEU P 29 17.04 52.07 -55.68
C LEU P 29 18.07 51.58 -56.71
N LEU P 30 17.66 50.67 -57.60
CA LEU P 30 18.55 50.21 -58.66
C LEU P 30 18.71 51.28 -59.74
N THR P 31 17.59 51.78 -60.23
CA THR P 31 17.58 52.76 -61.32
C THR P 31 18.07 54.17 -60.93
N ASN P 32 18.08 54.49 -59.63
CA ASN P 32 18.64 55.77 -59.17
C ASN P 32 19.79 55.53 -58.20
N SER P 33 20.67 54.63 -58.57
CA SER P 33 21.76 54.26 -57.68
C SER P 33 22.95 55.19 -57.81
N PRO P 34 23.60 55.52 -56.69
CA PRO P 34 24.85 56.28 -56.70
C PRO P 34 26.05 55.40 -57.05
N ILE P 35 25.87 54.09 -57.11
CA ILE P 35 26.96 53.19 -57.45
C ILE P 35 27.42 53.54 -58.86
N PRO P 36 28.74 53.69 -59.07
CA PRO P 36 29.27 53.95 -60.42
C PRO P 36 28.73 52.91 -61.37
N THR P 37 28.37 53.32 -62.58
CA THR P 37 27.72 52.44 -63.54
C THR P 37 28.49 51.13 -63.76
N GLU P 38 29.81 51.21 -63.79
CA GLU P 38 30.61 50.04 -64.08
C GLU P 38 30.66 49.01 -62.94
N GLU P 39 30.20 49.40 -61.76
CA GLU P 39 30.19 48.49 -60.61
C GLU P 39 28.82 47.89 -60.33
N LEU P 40 27.81 48.30 -61.09
CA LEU P 40 26.47 47.77 -60.90
C LEU P 40 26.47 46.24 -60.96
N VAL P 41 27.07 45.68 -62.00
CA VAL P 41 27.03 44.24 -62.19
C VAL P 41 27.88 43.49 -61.17
N ASN P 42 28.56 44.23 -60.29
CA ASN P 42 29.32 43.63 -59.22
C ASN P 42 28.61 43.76 -57.89
N ASN P 43 27.35 44.19 -57.91
CA ASN P 43 26.61 44.45 -56.68
C ASN P 43 25.14 44.14 -56.84
N LEU P 44 24.83 43.30 -57.81
CA LEU P 44 23.45 42.87 -58.02
C LEU P 44 22.73 42.26 -56.81
N PRO P 45 23.42 41.53 -55.91
CA PRO P 45 22.70 41.01 -54.73
C PRO P 45 22.03 42.10 -53.87
N LEU P 46 22.47 43.34 -53.99
CA LEU P 46 21.81 44.40 -53.25
C LEU P 46 20.33 44.43 -53.59
N PHE P 47 20.00 44.11 -54.83
CA PHE P 47 18.66 44.29 -55.36
C PHE P 47 17.90 42.98 -55.54
N LEU P 48 18.55 41.88 -55.17
CA LEU P 48 18.00 40.54 -55.36
C LEU P 48 17.29 40.11 -54.07
N ARG P 49 15.97 40.25 -54.02
CA ARG P 49 15.21 39.98 -52.80
C ARG P 49 15.04 38.48 -52.53
N ARG P 50 14.63 38.16 -51.30
CA ARG P 50 14.42 36.78 -50.85
C ARG P 50 13.77 35.87 -51.89
N HIS P 51 12.64 36.31 -52.43
CA HIS P 51 11.88 35.52 -53.38
C HIS P 51 12.69 35.13 -54.62
N GLN P 52 13.40 36.09 -55.20
CA GLN P 52 14.23 35.81 -56.37
C GLN P 52 15.49 35.03 -56.02
N MET P 53 16.08 35.33 -54.86
CA MET P 53 17.26 34.62 -54.39
C MET P 53 16.92 33.14 -54.21
N THR P 54 15.74 32.88 -53.65
CA THR P 54 15.25 31.53 -53.50
C THR P 54 15.22 30.80 -54.85
N ASP P 55 14.69 31.47 -55.87
CA ASP P 55 14.60 30.90 -57.20
C ASP P 55 15.99 30.53 -57.74
N LEU P 56 16.96 31.40 -57.48
CA LEU P 56 18.35 31.15 -57.85
C LEU P 56 18.93 29.90 -57.12
N LEU P 57 18.78 29.87 -55.81
CA LEU P 57 19.29 28.74 -55.02
C LEU P 57 18.62 27.44 -55.45
N SER P 58 17.35 27.52 -55.83
CA SER P 58 16.65 26.36 -56.37
C SER P 58 17.24 25.87 -57.68
N MET P 59 17.43 26.78 -58.66
CA MET P 59 18.07 26.39 -59.92
C MET P 59 19.45 25.80 -59.68
N ASP P 60 20.20 26.39 -58.75
CA ASP P 60 21.51 25.85 -58.40
C ASP P 60 21.38 24.41 -57.89
N ALA P 61 20.32 24.15 -57.12
CA ALA P 61 20.12 22.84 -56.53
C ALA P 61 19.80 21.80 -57.59
N LEU P 62 18.92 22.14 -58.54
CA LEU P 62 18.64 21.22 -59.64
C LEU P 62 19.90 20.94 -60.49
N TYR P 63 20.69 21.97 -60.73
CA TYR P 63 21.89 21.82 -61.54
C TYR P 63 22.88 20.87 -60.86
N ARG P 64 23.15 21.11 -59.57
CA ARG P 64 24.04 20.22 -58.83
C ARG P 64 23.61 18.75 -58.90
N GLN P 65 22.32 18.49 -59.06
CA GLN P 65 21.84 17.12 -59.17
C GLN P 65 22.08 16.44 -60.54
N VAL P 66 22.50 17.21 -61.53
CA VAL P 66 22.69 16.64 -62.86
C VAL P 66 24.15 16.76 -63.32
N LEU P 67 25.05 17.17 -62.42
CA LEU P 67 26.48 17.28 -62.74
C LEU P 67 27.12 15.95 -63.18
N ASP P 68 26.58 14.82 -62.74
CA ASP P 68 27.12 13.52 -63.18
C ASP P 68 26.19 12.87 -64.20
N VAL P 69 25.29 13.66 -64.77
CA VAL P 69 24.43 13.14 -65.82
C VAL P 69 24.79 13.80 -67.16
N PRO P 70 24.95 13.00 -68.23
CA PRO P 70 25.27 13.60 -69.52
C PRO P 70 24.06 14.30 -70.10
N GLY P 71 24.28 15.15 -71.10
CA GLY P 71 23.16 15.73 -71.80
C GLY P 71 22.97 17.22 -71.63
N VAL P 72 21.82 17.72 -72.06
CA VAL P 72 21.59 19.15 -72.13
C VAL P 72 20.56 19.64 -71.12
N ILE P 73 20.43 20.95 -71.06
CA ILE P 73 19.43 21.60 -70.23
C ILE P 73 18.39 22.28 -71.12
N MET P 74 17.13 21.92 -70.92
CA MET P 74 16.06 22.53 -71.67
C MET P 74 15.09 23.20 -70.70
N GLU P 75 14.71 24.43 -71.03
CA GLU P 75 13.65 25.11 -70.31
C GLU P 75 12.49 25.36 -71.24
N PHE P 76 11.30 24.97 -70.81
CA PHE P 76 10.12 25.18 -71.62
C PHE P 76 9.32 26.33 -71.02
N GLY P 77 9.37 27.49 -71.69
CA GLY P 77 8.84 28.73 -71.17
C GLY P 77 9.96 29.57 -70.61
N VAL P 78 10.36 30.59 -71.35
CA VAL P 78 11.58 31.34 -71.06
C VAL P 78 11.26 32.75 -70.58
N ARG P 79 10.19 33.32 -71.14
CA ARG P 79 9.82 34.71 -70.91
C ARG P 79 11.01 35.67 -71.10
N PHE P 80 11.42 36.37 -70.02
CA PHE P 80 12.57 37.27 -70.12
C PHE P 80 13.92 36.55 -70.01
N GLY P 81 13.87 35.26 -69.65
CA GLY P 81 15.08 34.45 -69.59
C GLY P 81 15.82 34.39 -68.26
N ARG P 82 15.17 34.79 -67.16
CA ARG P 82 15.74 34.66 -65.80
C ARG P 82 16.54 33.37 -65.57
N HIS P 83 15.93 32.25 -65.90
CA HIS P 83 16.56 30.94 -65.70
C HIS P 83 17.73 30.66 -66.66
N LEU P 84 17.60 31.09 -67.91
CA LEU P 84 18.65 30.88 -68.90
C LEU P 84 19.93 31.60 -68.46
N GLY P 85 19.78 32.80 -67.94
CA GLY P 85 20.88 33.53 -67.36
C GLY P 85 21.48 32.79 -66.18
N THR P 86 20.61 32.33 -65.28
CA THR P 86 21.08 31.57 -64.12
C THR P 86 21.88 30.35 -64.58
N PHE P 87 21.36 29.63 -65.56
CA PHE P 87 22.04 28.43 -66.06
C PHE P 87 23.40 28.73 -66.72
N ALA P 88 23.42 29.77 -67.53
CA ALA P 88 24.66 30.22 -68.20
C ALA P 88 25.76 30.46 -67.18
N ALA P 89 25.44 31.18 -66.11
CA ALA P 89 26.40 31.42 -65.03
C ALA P 89 26.79 30.13 -64.31
N LEU P 90 25.80 29.30 -63.97
CA LEU P 90 26.08 28.10 -63.18
C LEU P 90 26.97 27.15 -63.96
N ARG P 91 26.72 27.07 -65.27
CA ARG P 91 27.52 26.24 -66.15
C ARG P 91 29.00 26.63 -66.11
N GLY P 92 29.27 27.93 -65.99
CA GLY P 92 30.63 28.39 -65.82
C GLY P 92 31.18 27.94 -64.46
N VAL P 93 30.36 28.08 -63.44
CA VAL P 93 30.77 27.72 -62.09
C VAL P 93 31.17 26.26 -61.98
N TYR P 94 30.35 25.37 -62.54
CA TYR P 94 30.48 23.92 -62.35
C TYR P 94 31.16 23.17 -63.51
N GLU P 95 30.98 23.62 -64.75
CA GLU P 95 31.44 22.85 -65.90
C GLU P 95 32.22 23.62 -66.98
N PRO P 96 33.35 24.22 -66.61
CA PRO P 96 34.14 24.93 -67.63
C PRO P 96 34.57 24.00 -68.77
N TYR P 97 34.70 22.71 -68.49
CA TYR P 97 35.27 21.80 -69.48
C TYR P 97 34.25 20.94 -70.20
N ASN P 98 32.97 21.27 -70.06
CA ASN P 98 31.91 20.52 -70.73
C ASN P 98 31.17 21.36 -71.78
N PRO P 99 31.69 21.40 -73.00
CA PRO P 99 31.05 22.20 -74.04
C PRO P 99 29.85 21.47 -74.65
N LEU P 100 29.49 20.32 -74.12
CA LEU P 100 28.35 19.59 -74.67
C LEU P 100 27.10 19.90 -73.86
N ARG P 101 27.29 20.56 -72.72
CA ARG P 101 26.15 20.97 -71.91
C ARG P 101 25.44 22.17 -72.54
N ARG P 102 24.62 21.89 -73.53
CA ARG P 102 23.88 22.92 -74.24
C ARG P 102 22.66 23.40 -73.42
N ILE P 103 22.40 24.70 -73.46
CA ILE P 103 21.22 25.28 -72.82
C ILE P 103 20.24 25.69 -73.91
N VAL P 104 19.05 25.07 -73.89
CA VAL P 104 18.05 25.34 -74.90
C VAL P 104 16.77 25.94 -74.27
N GLY P 105 16.41 27.13 -74.73
CA GLY P 105 15.19 27.77 -74.24
C GLY P 105 14.11 27.78 -75.31
N PHE P 106 12.95 27.21 -74.99
CA PHE P 106 11.81 27.22 -75.90
C PHE P 106 10.75 28.22 -75.44
N ASP P 107 10.29 29.05 -76.36
CA ASP P 107 9.20 29.99 -76.08
C ASP P 107 8.61 30.51 -77.41
N THR P 108 7.35 30.93 -77.37
CA THR P 108 6.82 31.73 -78.47
C THR P 108 7.47 33.12 -78.44
N PHE P 109 7.76 33.60 -77.23
CA PHE P 109 8.22 34.98 -77.01
C PHE P 109 7.12 36.00 -77.33
N THR P 110 5.92 35.47 -77.59
CA THR P 110 4.74 36.30 -77.78
C THR P 110 3.67 35.94 -76.76
N GLY P 111 4.09 35.26 -75.68
CA GLY P 111 3.14 34.86 -74.65
C GLY P 111 2.31 33.63 -75.00
N PHE P 112 1.32 33.32 -74.16
CA PHE P 112 0.46 32.17 -74.39
C PHE P 112 -0.14 32.17 -75.81
N PRO P 113 0.11 31.10 -76.58
CA PRO P 113 -0.35 31.06 -77.98
C PRO P 113 -1.87 30.88 -78.09
N ASP P 114 -2.46 30.42 -76.98
CA ASP P 114 -3.88 30.10 -76.88
C ASP P 114 -3.97 29.44 -75.52
N VAL P 115 -5.17 29.06 -75.10
CA VAL P 115 -5.33 28.31 -73.86
C VAL P 115 -6.41 27.25 -73.99
N ASN P 116 -6.34 26.25 -73.11
CA ASN P 116 -7.36 25.20 -73.02
C ASN P 116 -8.33 25.59 -71.91
N ASP P 117 -9.56 25.08 -71.96
CA ASP P 117 -10.52 25.38 -70.89
C ASP P 117 -10.01 25.04 -69.49
N VAL P 118 -9.28 23.92 -69.37
CA VAL P 118 -8.72 23.55 -68.05
C VAL P 118 -7.70 24.57 -67.55
N ASP P 119 -7.18 25.40 -68.44
CA ASP P 119 -6.30 26.47 -68.03
C ASP P 119 -7.05 27.70 -67.53
N ARG P 120 -8.33 27.81 -67.90
CA ARG P 120 -9.11 29.03 -67.58
C ARG P 120 -9.66 29.07 -66.14
N VAL P 121 -8.77 29.15 -65.16
CA VAL P 121 -9.16 29.18 -63.76
C VAL P 121 -9.06 30.62 -63.25
N GLY P 122 -7.96 31.28 -63.55
CA GLY P 122 -7.77 32.67 -63.16
C GLY P 122 -7.96 33.63 -64.31
N PRO P 123 -7.90 34.94 -64.02
CA PRO P 123 -8.18 35.96 -65.02
C PRO P 123 -6.98 36.30 -65.90
N THR P 124 -5.90 35.55 -65.81
CA THR P 124 -4.72 35.85 -66.63
C THR P 124 -4.47 34.79 -67.69
N ALA P 125 -5.37 33.82 -67.82
CA ALA P 125 -5.21 32.74 -68.79
C ALA P 125 -5.80 33.14 -70.15
N TYR P 126 -5.03 33.89 -70.93
CA TYR P 126 -5.49 34.38 -72.21
C TYR P 126 -4.32 34.43 -73.19
N GLN P 127 -4.64 34.46 -74.48
CA GLN P 127 -3.65 34.57 -75.54
C GLN P 127 -2.76 35.80 -75.34
N GLY P 128 -1.46 35.58 -75.45
CA GLY P 128 -0.51 36.68 -75.33
C GLY P 128 -0.04 37.00 -73.92
N ARG P 129 -0.62 36.35 -72.91
CA ARG P 129 -0.19 36.59 -71.55
C ARG P 129 1.29 36.23 -71.43
N PHE P 130 2.06 37.08 -70.77
CA PHE P 130 3.52 36.93 -70.61
C PHE P 130 4.33 37.23 -71.87
N ALA P 131 3.73 37.88 -72.86
CA ALA P 131 4.48 38.31 -74.03
C ALA P 131 5.62 39.26 -73.64
N VAL P 132 6.72 39.17 -74.38
CA VAL P 132 7.87 40.07 -74.23
C VAL P 132 7.97 40.88 -75.53
N PRO P 133 8.71 42.01 -75.53
CA PRO P 133 8.65 42.87 -76.72
C PRO P 133 9.24 42.24 -78.00
N GLY P 134 8.82 42.74 -79.15
CA GLY P 134 9.43 42.32 -80.41
C GLY P 134 10.92 42.57 -80.35
N GLY P 135 11.72 41.66 -80.90
CA GLY P 135 13.16 41.81 -80.85
C GLY P 135 13.78 41.36 -79.53
N TYR P 136 12.93 40.95 -78.58
CA TYR P 136 13.50 40.46 -77.34
C TYR P 136 14.46 39.27 -77.48
N PRO P 137 14.13 38.28 -78.33
CA PRO P 137 15.04 37.14 -78.35
C PRO P 137 16.46 37.51 -78.77
N ALA P 138 16.58 38.48 -79.69
CA ALA P 138 17.90 38.94 -80.13
C ALA P 138 18.68 39.58 -78.97
N TYR P 139 17.97 40.31 -78.09
N TYR P 139 17.95 40.29 -78.10
CA TYR P 139 18.60 40.88 -76.90
CA TYR P 139 18.56 40.89 -76.92
C TYR P 139 19.02 39.80 -75.93
C TYR P 139 18.99 39.83 -75.92
N LEU P 140 18.13 38.84 -75.71
CA LEU P 140 18.40 37.74 -74.79
C LEU P 140 19.61 36.97 -75.30
N LYS P 141 19.69 36.80 -76.61
CA LYS P 141 20.82 36.13 -77.23
C LYS P 141 22.11 36.91 -76.97
N GLU P 142 22.05 38.23 -77.09
CA GLU P 142 23.19 39.07 -76.75
C GLU P 142 23.65 38.82 -75.33
N VAL P 143 22.71 38.76 -74.40
CA VAL P 143 23.04 38.50 -72.99
C VAL P 143 23.73 37.15 -72.80
N LEU P 144 23.18 36.12 -73.43
CA LEU P 144 23.76 34.78 -73.32
C LEU P 144 25.16 34.74 -73.94
N ASP P 145 25.31 35.34 -75.12
CA ASP P 145 26.63 35.45 -75.75
C ASP P 145 27.63 36.18 -74.87
N ALA P 146 27.17 37.21 -74.17
CA ALA P 146 28.07 37.96 -73.30
C ALA P 146 28.64 37.05 -72.22
N HIS P 147 27.80 36.21 -71.65
CA HIS P 147 28.25 35.24 -70.67
C HIS P 147 29.29 34.32 -71.30
N GLU P 148 28.96 33.80 -72.48
CA GLU P 148 29.76 32.78 -73.12
C GLU P 148 31.12 33.30 -73.55
N CYS P 149 31.17 34.59 -73.85
CA CYS P 149 32.42 35.25 -74.25
C CYS P 149 33.62 34.82 -73.38
N SER P 150 33.39 34.69 -72.07
CA SER P 150 34.47 34.36 -71.14
C SER P 150 34.51 32.88 -70.67
N ASP P 151 33.68 32.02 -71.26
CA ASP P 151 33.72 30.59 -70.94
C ASP P 151 35.02 29.98 -71.47
N PHE P 152 35.48 28.91 -70.84
CA PHE P 152 36.68 28.21 -71.29
C PHE P 152 36.47 27.70 -72.71
N PHE P 153 35.25 27.26 -73.01
CA PHE P 153 34.91 26.84 -74.37
C PHE P 153 34.10 27.90 -75.10
N GLY P 154 34.50 29.16 -74.91
CA GLY P 154 33.83 30.27 -75.58
C GLY P 154 33.89 30.20 -77.10
N HIS P 155 34.85 29.48 -77.65
CA HIS P 155 34.98 29.36 -79.10
C HIS P 155 33.99 28.39 -79.74
N VAL P 156 33.31 27.60 -78.93
CA VAL P 156 32.31 26.67 -79.46
C VAL P 156 30.94 27.33 -79.39
N THR P 157 30.25 27.35 -80.52
CA THR P 157 29.02 28.11 -80.68
C THR P 157 27.79 27.24 -80.50
N GLN P 158 26.64 27.88 -80.37
CA GLN P 158 25.38 27.17 -80.16
C GLN P 158 25.45 26.32 -78.91
N ARG P 159 26.09 26.87 -77.87
CA ARG P 159 26.05 26.25 -76.56
C ARG P 159 24.85 26.79 -75.80
N SER P 160 24.34 27.94 -76.24
CA SER P 160 23.04 28.45 -75.80
C SER P 160 22.17 28.61 -77.02
N VAL P 161 20.96 28.09 -76.96
CA VAL P 161 20.08 28.11 -78.12
C VAL P 161 18.69 28.52 -77.73
N LEU P 162 18.17 29.54 -78.42
CA LEU P 162 16.80 29.96 -78.26
C LEU P 162 15.98 29.44 -79.43
N VAL P 163 14.95 28.66 -79.14
CA VAL P 163 14.07 28.14 -80.18
C VAL P 163 12.71 28.87 -80.09
N GLU P 164 12.40 29.63 -81.13
CA GLU P 164 11.21 30.49 -81.13
C GLU P 164 10.00 29.81 -81.77
N GLY P 165 8.90 29.74 -81.02
CA GLY P 165 7.66 29.19 -81.55
C GLY P 165 6.86 28.39 -80.54
N ASP P 166 5.84 27.70 -81.05
CA ASP P 166 5.00 26.83 -80.23
C ASP P 166 5.79 25.55 -79.97
N VAL P 167 5.98 25.20 -78.69
CA VAL P 167 6.72 23.98 -78.33
C VAL P 167 6.11 22.75 -78.97
N ARG P 168 4.79 22.77 -79.17
CA ARG P 168 4.09 21.65 -79.80
C ARG P 168 4.72 21.26 -81.13
N GLU P 169 5.29 22.24 -81.83
CA GLU P 169 6.01 21.95 -83.08
C GLU P 169 7.52 22.00 -82.90
N THR P 170 8.00 22.95 -82.10
CA THR P 170 9.43 23.22 -82.06
C THR P 170 10.23 22.16 -81.31
N VAL P 171 9.66 21.66 -80.22
CA VAL P 171 10.32 20.62 -79.48
C VAL P 171 10.48 19.34 -80.31
N PRO P 172 9.39 18.80 -80.89
CA PRO P 172 9.63 17.61 -81.73
C PRO P 172 10.60 17.85 -82.88
N ARG P 173 10.62 19.07 -83.41
CA ARG P 173 11.53 19.40 -84.52
C ARG P 173 12.98 19.44 -84.04
N TYR P 174 13.23 20.14 -82.95
CA TYR P 174 14.57 20.22 -82.38
C TYR P 174 15.12 18.81 -82.14
N LEU P 175 14.32 17.95 -81.52
CA LEU P 175 14.75 16.60 -81.20
C LEU P 175 15.10 15.85 -82.49
N ALA P 176 14.23 15.97 -83.48
CA ALA P 176 14.49 15.38 -84.80
C ALA P 176 15.82 15.88 -85.37
N GLU P 177 16.12 17.16 -85.21
CA GLU P 177 17.33 17.74 -85.77
C GLU P 177 18.58 17.41 -84.94
N ASN P 178 18.38 16.93 -83.72
CA ASN P 178 19.49 16.66 -82.83
C ASN P 178 19.46 15.25 -82.23
N PRO P 179 19.70 14.22 -83.05
CA PRO P 179 19.63 12.83 -82.59
C PRO P 179 20.72 12.44 -81.57
N GLN P 180 21.67 13.34 -81.32
CA GLN P 180 22.66 13.13 -80.27
C GLN P 180 22.11 13.48 -78.90
N THR P 181 20.88 13.98 -78.85
CA THR P 181 20.36 14.58 -77.63
C THR P 181 20.21 13.60 -76.46
N VAL P 182 20.74 13.98 -75.31
CA VAL P 182 20.30 13.40 -74.05
C VAL P 182 19.90 14.58 -73.17
N ILE P 183 18.79 14.45 -72.47
CA ILE P 183 18.30 15.54 -71.63
C ILE P 183 18.64 15.29 -70.17
N ALA P 184 19.53 16.10 -69.62
CA ALA P 184 19.89 15.99 -68.22
C ALA P 184 18.81 16.67 -67.35
N LEU P 185 18.41 17.86 -67.77
CA LEU P 185 17.46 18.67 -66.98
C LEU P 185 16.36 19.27 -67.86
N ALA P 186 15.12 18.87 -67.60
CA ALA P 186 13.98 19.42 -68.32
C ALA P 186 13.19 20.30 -67.35
N TYR P 187 13.10 21.60 -67.66
CA TYR P 187 12.42 22.53 -66.76
C TYR P 187 11.14 23.07 -67.35
N PHE P 188 10.01 22.57 -66.87
CA PHE P 188 8.71 22.95 -67.40
C PHE P 188 8.19 24.22 -66.73
N ASP P 189 8.00 25.26 -67.52
CA ASP P 189 7.41 26.51 -67.02
C ASP P 189 6.44 27.08 -68.05
N LEU P 190 5.62 26.21 -68.63
CA LEU P 190 4.66 26.61 -69.64
C LEU P 190 3.31 27.02 -69.06
N ASP P 191 3.04 26.58 -67.83
CA ASP P 191 1.75 26.79 -67.15
C ASP P 191 0.56 26.06 -67.77
N LEU P 192 0.54 25.91 -69.10
CA LEU P 192 -0.61 25.37 -69.80
C LEU P 192 -0.58 23.86 -70.00
N TYR P 193 -1.77 23.26 -69.99
CA TYR P 193 -1.94 21.82 -70.12
C TYR P 193 -1.44 21.25 -71.46
N GLU P 194 -2.02 21.76 -72.55
CA GLU P 194 -1.74 21.24 -73.88
C GLU P 194 -0.26 21.13 -74.23
N PRO P 195 0.47 22.24 -74.15
CA PRO P 195 1.87 22.08 -74.56
C PRO P 195 2.66 21.24 -73.56
N THR P 196 2.31 21.32 -72.27
CA THR P 196 3.03 20.54 -71.27
C THR P 196 2.89 19.05 -71.58
N LYS P 197 1.67 18.63 -71.90
CA LYS P 197 1.41 17.27 -72.30
C LYS P 197 2.27 16.90 -73.51
N ALA P 198 2.29 17.78 -74.52
CA ALA P 198 3.00 17.49 -75.77
C ALA P 198 4.51 17.35 -75.54
N VAL P 199 5.07 18.26 -74.75
CA VAL P 199 6.49 18.25 -74.52
C VAL P 199 6.92 17.04 -73.70
N LEU P 200 6.15 16.73 -72.66
CA LEU P 200 6.37 15.54 -71.85
C LEU P 200 6.45 14.29 -72.72
N GLU P 201 5.50 14.14 -73.63
CA GLU P 201 5.51 13.01 -74.54
C GLU P 201 6.76 13.03 -75.39
N ALA P 202 7.12 14.20 -75.89
CA ALA P 202 8.25 14.34 -76.83
C ALA P 202 9.60 13.99 -76.21
N ILE P 203 9.85 14.46 -74.99
CA ILE P 203 11.18 14.32 -74.40
C ILE P 203 11.49 12.94 -73.82
N ARG P 204 10.46 12.12 -73.59
CA ARG P 204 10.67 10.86 -72.87
C ARG P 204 11.79 9.93 -73.41
N PRO P 205 11.87 9.74 -74.73
CA PRO P 205 12.98 8.90 -75.23
C PRO P 205 14.38 9.46 -75.01
N TYR P 206 14.49 10.66 -74.46
CA TYR P 206 15.80 11.30 -74.41
C TYR P 206 16.28 11.48 -72.97
N LEU P 207 15.47 11.01 -72.04
CA LEU P 207 15.85 11.00 -70.63
C LEU P 207 16.63 9.73 -70.25
N THR P 208 17.58 9.85 -69.33
CA THR P 208 18.16 8.66 -68.71
C THR P 208 17.73 8.57 -67.24
N LYS P 209 17.94 7.41 -66.62
CA LYS P 209 17.72 7.29 -65.19
C LYS P 209 18.69 8.25 -64.51
N GLY P 210 18.14 9.17 -63.72
CA GLY P 210 18.94 10.23 -63.16
C GLY P 210 18.60 11.61 -63.73
N SER P 211 18.02 11.66 -64.91
CA SER P 211 17.60 12.95 -65.47
C SER P 211 16.57 13.58 -64.56
N ILE P 212 16.61 14.90 -64.46
CA ILE P 212 15.67 15.62 -63.61
C ILE P 212 14.56 16.23 -64.48
N VAL P 213 13.32 16.03 -64.07
CA VAL P 213 12.20 16.71 -64.69
C VAL P 213 11.59 17.60 -63.61
N ALA P 214 11.42 18.88 -63.92
CA ALA P 214 10.98 19.86 -62.93
C ALA P 214 9.76 20.64 -63.42
N PHE P 215 8.86 20.95 -62.49
CA PHE P 215 7.69 21.76 -62.80
C PHE P 215 7.63 22.99 -61.89
N ASP P 216 7.28 24.13 -62.46
CA ASP P 216 7.21 25.36 -61.70
C ASP P 216 5.84 25.54 -60.99
N GLU P 217 4.81 24.86 -61.50
CA GLU P 217 3.46 25.14 -61.04
C GLU P 217 2.63 23.87 -60.86
N LEU P 218 3.26 22.78 -60.50
CA LEU P 218 2.59 21.47 -60.48
C LEU P 218 1.32 21.42 -59.62
N ASP P 219 1.32 22.13 -58.49
CA ASP P 219 0.19 22.04 -57.57
C ASP P 219 -0.46 23.39 -57.29
N ASN P 220 -0.29 24.31 -58.23
CA ASN P 220 -0.83 25.65 -58.10
C ASN P 220 -2.26 25.72 -58.60
N PRO P 221 -3.21 26.05 -57.72
CA PRO P 221 -4.64 26.13 -58.08
C PRO P 221 -4.90 26.97 -59.33
N LYS P 222 -4.12 28.03 -59.52
CA LYS P 222 -4.30 28.91 -60.67
C LYS P 222 -3.91 28.24 -62.01
N TRP P 223 -2.97 27.30 -62.00
CA TRP P 223 -2.56 26.66 -63.26
C TRP P 223 -2.55 25.13 -63.17
N PRO P 224 -3.74 24.51 -63.20
CA PRO P 224 -3.80 23.06 -62.99
C PRO P 224 -3.29 22.25 -64.17
N GLY P 225 -2.84 22.90 -65.24
CA GLY P 225 -2.53 22.23 -66.49
C GLY P 225 -1.39 21.23 -66.42
N GLU P 226 -0.31 21.59 -65.75
CA GLU P 226 0.83 20.69 -65.60
C GLU P 226 0.46 19.40 -64.86
N ASN P 227 -0.32 19.55 -63.79
CA ASN P 227 -0.77 18.41 -63.03
C ASN P 227 -1.63 17.50 -63.92
N ILE P 228 -2.61 18.08 -64.59
CA ILE P 228 -3.51 17.32 -65.47
C ILE P 228 -2.71 16.57 -66.53
N ALA P 229 -1.76 17.26 -67.16
CA ALA P 229 -0.89 16.62 -68.14
C ALA P 229 -0.08 15.47 -67.54
N MET P 230 0.51 15.73 -66.36
CA MET P 230 1.32 14.72 -65.67
C MET P 230 0.51 13.48 -65.41
N ARG P 231 -0.63 13.68 -64.75
CA ARG P 231 -1.54 12.58 -64.43
C ARG P 231 -1.97 11.83 -65.68
N LYS P 232 -2.12 12.55 -66.78
CA LYS P 232 -2.54 11.94 -68.03
C LYS P 232 -1.41 11.12 -68.69
N VAL P 233 -0.21 11.69 -68.76
CA VAL P 233 0.90 11.07 -69.48
C VAL P 233 1.68 10.02 -68.64
N LEU P 234 1.97 10.35 -67.39
CA LEU P 234 2.83 9.50 -66.59
C LEU P 234 2.16 8.98 -65.31
N GLY P 235 1.31 9.79 -64.71
CA GLY P 235 0.77 9.48 -63.40
C GLY P 235 1.63 10.11 -62.30
N LEU P 236 0.99 10.63 -61.28
CA LEU P 236 1.71 11.34 -60.22
C LEU P 236 2.70 10.44 -59.46
N ASP P 237 2.47 9.13 -59.50
CA ASP P 237 3.35 8.20 -58.79
C ASP P 237 4.23 7.39 -59.74
N HIS P 238 4.49 7.94 -60.92
CA HIS P 238 5.42 7.31 -61.85
C HIS P 238 6.82 7.37 -61.25
N ALA P 239 7.15 8.54 -60.71
CA ALA P 239 8.44 8.76 -60.04
C ALA P 239 8.14 9.56 -58.76
N PRO P 240 9.13 9.73 -57.87
CA PRO P 240 8.81 10.48 -56.64
C PRO P 240 8.92 11.99 -56.86
N LEU P 241 7.81 12.71 -56.76
CA LEU P 241 7.85 14.16 -56.92
C LEU P 241 8.32 14.79 -55.63
N ARG P 242 9.28 15.70 -55.73
CA ARG P 242 9.93 16.25 -54.55
C ARG P 242 9.91 17.77 -54.58
N LEU P 243 9.94 18.36 -53.39
CA LEU P 243 10.21 19.80 -53.23
C LEU P 243 11.59 19.93 -52.64
N LEU P 244 12.22 21.09 -52.84
CA LEU P 244 13.29 21.54 -51.97
C LEU P 244 12.58 22.12 -50.75
N PRO P 245 12.86 21.57 -49.54
CA PRO P 245 12.07 21.91 -48.35
C PRO P 245 11.99 23.42 -48.11
N GLY P 246 10.81 23.91 -47.79
CA GLY P 246 10.57 25.32 -47.55
C GLY P 246 10.10 26.05 -48.78
N ARG P 247 10.05 25.37 -49.91
CA ARG P 247 9.67 26.00 -51.17
C ARG P 247 8.53 25.30 -51.89
N PRO P 248 7.53 26.07 -52.34
CA PRO P 248 6.35 25.48 -52.99
C PRO P 248 6.69 24.93 -54.35
N ALA P 249 7.73 25.49 -54.95
CA ALA P 249 8.17 25.09 -56.28
C ALA P 249 9.69 25.32 -56.34
N PRO P 250 10.38 24.61 -57.23
CA PRO P 250 9.86 23.61 -58.18
C PRO P 250 9.51 22.27 -57.53
N ALA P 251 8.60 21.56 -58.16
CA ALA P 251 8.35 20.16 -57.85
C ALA P 251 9.14 19.43 -58.90
N TYR P 252 10.02 18.52 -58.47
CA TYR P 252 10.86 17.81 -59.42
C TYR P 252 10.98 16.32 -59.11
N LEU P 253 11.32 15.54 -60.13
CA LEU P 253 11.49 14.11 -60.00
C LEU P 253 12.78 13.68 -60.66
N ARG P 254 13.35 12.59 -60.15
CA ARG P 254 14.52 11.98 -60.77
C ARG P 254 14.01 10.83 -61.62
N TRP P 255 14.23 10.90 -62.92
CA TRP P 255 13.70 9.89 -63.81
C TRP P 255 14.21 8.51 -63.39
N GLY P 256 13.29 7.55 -63.32
CA GLY P 256 13.65 6.19 -62.94
C GLY P 256 13.58 5.87 -61.47
N ASP P 257 13.45 6.88 -60.61
CA ASP P 257 13.41 6.60 -59.17
C ASP P 257 12.06 6.06 -58.66
N GLN Q 7 -20.56 -10.19 -24.45
CA GLN Q 7 -19.48 -9.42 -25.05
C GLN Q 7 -18.67 -8.65 -24.01
N ASP Q 8 -17.35 -8.81 -24.06
CA ASP Q 8 -16.47 -8.14 -23.11
C ASP Q 8 -16.04 -6.76 -23.62
N LEU Q 9 -16.54 -5.72 -22.97
CA LEU Q 9 -16.21 -4.34 -23.32
C LEU Q 9 -14.79 -3.97 -22.85
N ARG Q 10 -14.30 -4.66 -21.84
CA ARG Q 10 -12.94 -4.42 -21.35
C ARG Q 10 -11.87 -4.84 -22.36
N ALA Q 11 -12.24 -5.68 -23.33
CA ALA Q 11 -11.31 -6.11 -24.38
C ALA Q 11 -10.99 -4.98 -25.34
N PHE Q 12 -11.82 -3.93 -25.31
CA PHE Q 12 -11.57 -2.76 -26.13
C PHE Q 12 -10.71 -1.79 -25.34
N VAL Q 13 -9.85 -1.05 -26.05
CA VAL Q 13 -9.02 -0.03 -25.41
C VAL Q 13 -9.92 1.02 -24.75
N HIS Q 14 -9.64 1.36 -23.50
CA HIS Q 14 -10.43 2.37 -22.79
C HIS Q 14 -9.55 2.97 -21.72
N ASP Q 15 -9.94 4.13 -21.20
CA ASP Q 15 -9.14 4.82 -20.19
C ASP Q 15 -9.10 4.09 -18.87
N SER Q 16 -7.91 4.00 -18.29
CA SER Q 16 -7.76 3.48 -16.94
C SER Q 16 -8.39 4.51 -15.99
N PRO Q 17 -8.72 4.09 -14.75
CA PRO Q 17 -9.24 5.07 -13.79
C PRO Q 17 -8.27 6.23 -13.58
N GLU Q 18 -6.97 5.97 -13.66
CA GLU Q 18 -5.96 7.04 -13.51
C GLU Q 18 -5.92 8.02 -14.66
N GLU Q 19 -6.13 7.54 -15.88
CA GLU Q 19 -6.14 8.40 -17.05
C GLU Q 19 -7.38 9.29 -16.97
N THR Q 20 -8.50 8.70 -16.54
CA THR Q 20 -9.73 9.45 -16.36
C THR Q 20 -9.54 10.55 -15.32
N GLU Q 21 -8.91 10.20 -14.21
CA GLU Q 21 -8.63 11.14 -13.11
C GLU Q 21 -7.76 12.33 -13.56
N THR Q 22 -6.63 12.03 -14.22
CA THR Q 22 -5.76 13.05 -14.78
C THR Q 22 -6.55 13.98 -15.70
N THR Q 23 -7.33 13.38 -16.60
CA THR Q 23 -8.13 14.14 -17.54
C THR Q 23 -9.08 15.11 -16.81
N GLN Q 24 -9.80 14.61 -15.80
CA GLN Q 24 -10.71 15.48 -15.06
C GLN Q 24 -10.00 16.55 -14.20
N ARG Q 25 -8.89 16.17 -13.56
CA ARG Q 25 -8.17 17.17 -12.76
C ARG Q 25 -7.65 18.30 -13.65
N LEU Q 26 -7.11 17.95 -14.81
CA LEU Q 26 -6.53 18.97 -15.68
C LEU Q 26 -7.63 19.85 -16.25
N THR Q 27 -8.79 19.26 -16.50
CA THR Q 27 -9.94 20.00 -17.01
C THR Q 27 -10.32 21.05 -15.98
N LYS Q 28 -10.35 20.64 -14.72
CA LYS Q 28 -10.77 21.49 -13.61
C LYS Q 28 -9.77 22.62 -13.38
N LEU Q 29 -8.49 22.26 -13.35
CA LEU Q 29 -7.45 23.24 -13.12
C LEU Q 29 -7.37 24.23 -14.29
N LEU Q 30 -7.77 23.78 -15.47
CA LEU Q 30 -7.78 24.66 -16.63
C LEU Q 30 -8.85 25.73 -16.49
N THR Q 31 -10.06 25.29 -16.12
CA THR Q 31 -11.20 26.20 -16.06
C THR Q 31 -11.25 27.03 -14.78
N ASN Q 32 -10.52 26.63 -13.75
CA ASN Q 32 -10.42 27.46 -12.54
C ASN Q 32 -8.98 27.86 -12.25
N SER Q 33 -8.33 28.38 -13.27
CA SER Q 33 -6.91 28.69 -13.20
C SER Q 33 -6.67 30.11 -12.71
N PRO Q 34 -5.73 30.26 -11.77
CA PRO Q 34 -5.27 31.59 -11.35
C PRO Q 34 -4.40 32.24 -12.41
N ILE Q 35 -4.03 31.52 -13.46
CA ILE Q 35 -3.30 32.14 -14.57
C ILE Q 35 -4.20 33.21 -15.22
N PRO Q 36 -3.65 34.42 -15.42
CA PRO Q 36 -4.42 35.48 -16.09
C PRO Q 36 -4.88 34.99 -17.45
N THR Q 37 -6.10 35.36 -17.84
CA THR Q 37 -6.72 34.80 -19.03
C THR Q 37 -5.86 34.98 -20.28
N GLU Q 38 -5.17 36.11 -20.39
CA GLU Q 38 -4.42 36.39 -21.60
C GLU Q 38 -3.10 35.62 -21.66
N GLU Q 39 -2.74 34.96 -20.55
CA GLU Q 39 -1.53 34.16 -20.53
C GLU Q 39 -1.79 32.67 -20.75
N LEU Q 40 -3.06 32.29 -20.73
CA LEU Q 40 -3.44 30.88 -20.82
C LEU Q 40 -2.88 30.20 -22.06
N VAL Q 41 -3.07 30.82 -23.22
CA VAL Q 41 -2.63 30.25 -24.48
C VAL Q 41 -1.10 30.31 -24.63
N ASN Q 42 -0.42 30.82 -23.60
CA ASN Q 42 1.03 30.75 -23.51
C ASN Q 42 1.48 29.66 -22.56
N ASN Q 43 0.53 28.95 -21.96
CA ASN Q 43 0.86 27.95 -20.94
C ASN Q 43 0.06 26.67 -21.08
N LEU Q 44 -0.47 26.40 -22.28
CA LEU Q 44 -1.28 25.21 -22.53
C LEU Q 44 -0.61 23.83 -22.22
N PRO Q 45 0.72 23.70 -22.38
CA PRO Q 45 1.29 22.38 -22.04
C PRO Q 45 1.06 21.96 -20.58
N LEU Q 46 0.70 22.90 -19.70
CA LEU Q 46 0.31 22.54 -18.35
C LEU Q 46 -0.87 21.58 -18.37
N PHE Q 47 -1.69 21.68 -19.41
CA PHE Q 47 -2.93 20.94 -19.45
C PHE Q 47 -2.90 19.82 -20.49
N LEU Q 48 -1.75 19.66 -21.14
CA LEU Q 48 -1.57 18.72 -22.24
C LEU Q 48 -0.91 17.41 -21.77
N ARG Q 49 -1.74 16.42 -21.48
CA ARG Q 49 -1.27 15.19 -20.85
C ARG Q 49 -0.58 14.25 -21.85
N ARG Q 50 0.18 13.28 -21.32
CA ARG Q 50 0.98 12.34 -22.11
C ARG Q 50 0.29 11.85 -23.37
N HIS Q 51 -0.92 11.32 -23.18
CA HIS Q 51 -1.69 10.78 -24.29
C HIS Q 51 -1.88 11.81 -25.40
N GLN Q 52 -2.26 13.03 -25.05
CA GLN Q 52 -2.47 14.07 -26.05
C GLN Q 52 -1.15 14.62 -26.60
N MET Q 53 -0.13 14.69 -25.74
CA MET Q 53 1.20 15.08 -26.20
C MET Q 53 1.70 14.11 -27.27
N THR Q 54 1.42 12.82 -27.08
CA THR Q 54 1.84 11.79 -28.00
C THR Q 54 1.22 12.03 -29.39
N ASP Q 55 -0.06 12.38 -29.39
CA ASP Q 55 -0.76 12.63 -30.64
C ASP Q 55 -0.10 13.79 -31.37
N LEU Q 56 0.19 14.87 -30.64
CA LEU Q 56 0.86 16.02 -31.23
C LEU Q 56 2.23 15.62 -31.80
N LEU Q 57 3.02 14.90 -31.00
CA LEU Q 57 4.35 14.48 -31.44
C LEU Q 57 4.28 13.57 -32.66
N SER Q 58 3.28 12.70 -32.69
CA SER Q 58 3.02 11.87 -33.87
C SER Q 58 2.65 12.67 -35.13
N MET Q 59 1.75 13.64 -35.00
CA MET Q 59 1.43 14.51 -36.14
C MET Q 59 2.68 15.24 -36.66
N ASP Q 60 3.51 15.72 -35.74
CA ASP Q 60 4.74 16.40 -36.11
C ASP Q 60 5.68 15.46 -36.89
N ALA Q 61 5.75 14.21 -36.44
CA ALA Q 61 6.57 13.19 -37.12
C ALA Q 61 6.09 12.98 -38.56
N LEU Q 62 4.79 12.80 -38.73
CA LEU Q 62 4.19 12.66 -40.06
C LEU Q 62 4.46 13.87 -40.96
N TYR Q 63 4.28 15.06 -40.40
CA TYR Q 63 4.43 16.28 -41.16
C TYR Q 63 5.88 16.39 -41.64
N ARG Q 64 6.81 16.05 -40.77
CA ARG Q 64 8.21 16.19 -41.11
C ARG Q 64 8.63 15.28 -42.27
N GLN Q 65 7.93 14.16 -42.44
CA GLN Q 65 8.23 13.26 -43.53
C GLN Q 65 7.72 13.68 -44.89
N VAL Q 66 6.91 14.73 -44.96
CA VAL Q 66 6.48 15.23 -46.26
C VAL Q 66 6.97 16.65 -46.56
N LEU Q 67 7.93 17.15 -45.78
CA LEU Q 67 8.44 18.50 -46.02
C LEU Q 67 9.09 18.61 -47.39
N ASP Q 68 9.51 17.49 -47.96
CA ASP Q 68 10.08 17.49 -49.30
C ASP Q 68 9.13 16.86 -50.31
N VAL Q 69 7.84 16.83 -49.99
CA VAL Q 69 6.83 16.29 -50.89
C VAL Q 69 5.82 17.38 -51.24
N PRO Q 70 5.51 17.53 -52.54
CA PRO Q 70 4.56 18.60 -52.84
C PRO Q 70 3.16 18.21 -52.47
N GLY Q 71 2.30 19.21 -52.37
CA GLY Q 71 0.88 18.94 -52.30
C GLY Q 71 0.24 19.32 -50.99
N VAL Q 72 -0.94 18.74 -50.74
CA VAL Q 72 -1.77 19.20 -49.64
C VAL Q 72 -1.89 18.16 -48.54
N ILE Q 73 -2.42 18.61 -47.41
CA ILE Q 73 -2.70 17.76 -46.26
C ILE Q 73 -4.21 17.55 -46.15
N MET Q 74 -4.64 16.29 -46.22
CA MET Q 74 -6.04 15.98 -46.05
C MET Q 74 -6.28 15.16 -44.77
N GLU Q 75 -7.27 15.57 -43.99
CA GLU Q 75 -7.75 14.73 -42.90
C GLU Q 75 -9.19 14.34 -43.18
N PHE Q 76 -9.46 13.03 -43.10
CA PHE Q 76 -10.80 12.51 -43.31
C PHE Q 76 -11.33 12.07 -41.96
N GLY Q 77 -12.29 12.84 -41.41
CA GLY Q 77 -12.77 12.60 -40.06
C GLY Q 77 -12.04 13.58 -39.17
N VAL Q 78 -12.71 14.67 -38.84
CA VAL Q 78 -12.06 15.81 -38.23
C VAL Q 78 -12.51 16.01 -36.79
N ARG Q 79 -13.78 15.74 -36.52
CA ARG Q 79 -14.43 15.97 -35.22
C ARG Q 79 -14.25 17.41 -34.73
N PHE Q 80 -13.70 17.59 -33.54
CA PHE Q 80 -13.52 18.95 -33.03
C PHE Q 80 -12.37 19.71 -33.69
N GLY Q 81 -11.49 19.00 -34.40
CA GLY Q 81 -10.44 19.66 -35.18
C GLY Q 81 -9.03 19.63 -34.60
N ARG Q 82 -8.83 18.80 -33.57
CA ARG Q 82 -7.52 18.64 -32.93
C ARG Q 82 -6.35 18.61 -33.91
N HIS Q 83 -6.47 17.79 -34.95
CA HIS Q 83 -5.39 17.61 -35.90
C HIS Q 83 -5.20 18.80 -36.83
N LEU Q 84 -6.30 19.43 -37.23
CA LEU Q 84 -6.25 20.60 -38.10
C LEU Q 84 -5.54 21.76 -37.43
N GLY Q 85 -5.81 21.95 -36.14
CA GLY Q 85 -5.08 22.93 -35.37
C GLY Q 85 -3.60 22.60 -35.29
N THR Q 86 -3.29 21.33 -35.02
CA THR Q 86 -1.90 20.91 -35.00
C THR Q 86 -1.24 21.24 -36.32
N PHE Q 87 -1.86 20.83 -37.43
CA PHE Q 87 -1.27 21.05 -38.75
C PHE Q 87 -1.07 22.52 -39.09
N ALA Q 88 -2.03 23.36 -38.69
CA ALA Q 88 -1.94 24.78 -38.99
C ALA Q 88 -0.74 25.37 -38.27
N ALA Q 89 -0.54 24.98 -37.02
CA ALA Q 89 0.58 25.53 -36.27
C ALA Q 89 1.90 25.01 -36.84
N LEU Q 90 1.94 23.73 -37.20
CA LEU Q 90 3.16 23.11 -37.72
C LEU Q 90 3.56 23.67 -39.09
N ARG Q 91 2.56 23.96 -39.93
CA ARG Q 91 2.80 24.56 -41.23
C ARG Q 91 3.48 25.92 -41.04
N GLY Q 92 3.13 26.58 -39.92
CA GLY Q 92 3.83 27.78 -39.52
C GLY Q 92 5.28 27.52 -39.11
N VAL Q 93 5.49 26.49 -38.32
CA VAL Q 93 6.85 26.17 -37.87
C VAL Q 93 7.75 25.81 -39.04
N TYR Q 94 7.25 24.98 -39.94
CA TYR Q 94 8.07 24.43 -41.01
C TYR Q 94 7.98 25.12 -42.37
N GLU Q 95 6.82 25.71 -42.69
CA GLU Q 95 6.63 26.22 -44.04
C GLU Q 95 6.04 27.64 -44.16
N PRO Q 96 6.73 28.64 -43.61
CA PRO Q 96 6.24 30.02 -43.76
C PRO Q 96 6.07 30.40 -45.24
N TYR Q 97 6.90 29.84 -46.11
CA TYR Q 97 6.91 30.26 -47.50
C TYR Q 97 6.17 29.32 -48.46
N ASN Q 98 5.38 28.39 -47.95
CA ASN Q 98 4.61 27.50 -48.82
C ASN Q 98 3.10 27.77 -48.77
N PRO Q 99 2.59 28.65 -49.64
CA PRO Q 99 1.16 28.95 -49.63
C PRO Q 99 0.33 27.90 -50.34
N LEU Q 100 0.97 26.85 -50.83
CA LEU Q 100 0.26 25.80 -51.55
C LEU Q 100 0.00 24.58 -50.68
N ARG Q 101 0.57 24.59 -49.48
CA ARG Q 101 0.29 23.55 -48.50
C ARG Q 101 -1.08 23.81 -47.86
N ARG Q 102 -2.13 23.53 -48.61
CA ARG Q 102 -3.49 23.63 -48.13
C ARG Q 102 -3.74 22.52 -47.11
N ILE Q 103 -4.53 22.83 -46.08
CA ILE Q 103 -4.99 21.81 -45.14
C ILE Q 103 -6.47 21.62 -45.38
N VAL Q 104 -6.88 20.41 -45.74
CA VAL Q 104 -8.30 20.16 -46.00
C VAL Q 104 -8.87 19.11 -45.06
N GLY Q 105 -9.94 19.48 -44.35
CA GLY Q 105 -10.63 18.58 -43.44
C GLY Q 105 -12.02 18.25 -43.92
N PHE Q 106 -12.36 16.96 -43.94
CA PHE Q 106 -13.65 16.46 -44.41
C PHE Q 106 -14.40 15.80 -43.26
N ASP Q 107 -15.67 16.15 -43.10
CA ASP Q 107 -16.50 15.53 -42.08
C ASP Q 107 -17.95 15.93 -42.35
N THR Q 108 -18.88 15.16 -41.78
CA THR Q 108 -20.28 15.55 -41.77
C THR Q 108 -20.50 16.59 -40.68
N PHE Q 109 -19.67 16.50 -39.63
CA PHE Q 109 -19.83 17.29 -38.41
C PHE Q 109 -21.14 17.00 -37.69
N THR Q 110 -21.83 15.97 -38.15
CA THR Q 110 -23.05 15.52 -37.50
C THR Q 110 -22.88 14.06 -37.07
N GLY Q 111 -21.63 13.59 -37.07
CA GLY Q 111 -21.30 12.24 -36.67
C GLY Q 111 -21.38 11.22 -37.81
N PHE Q 112 -21.07 9.96 -37.52
CA PHE Q 112 -21.21 8.85 -38.47
C PHE Q 112 -22.52 8.96 -39.23
N PRO Q 113 -22.46 9.08 -40.57
CA PRO Q 113 -23.70 9.26 -41.34
C PRO Q 113 -24.51 7.97 -41.40
N ASP Q 114 -23.79 6.86 -41.37
CA ASP Q 114 -24.37 5.54 -41.41
C ASP Q 114 -23.28 4.56 -41.06
N VAL Q 115 -23.65 3.34 -40.67
CA VAL Q 115 -22.65 2.35 -40.27
C VAL Q 115 -22.89 1.04 -40.99
N ASN Q 116 -21.80 0.37 -41.38
CA ASN Q 116 -21.87 -0.93 -42.03
C ASN Q 116 -21.86 -2.05 -40.97
N ASP Q 117 -22.37 -3.23 -41.33
CA ASP Q 117 -22.37 -4.37 -40.40
C ASP Q 117 -20.97 -4.72 -39.88
N VAL Q 118 -19.98 -4.70 -40.76
CA VAL Q 118 -18.61 -5.00 -40.32
C VAL Q 118 -18.08 -4.00 -39.27
N ASP Q 119 -18.66 -2.81 -39.23
CA ASP Q 119 -18.26 -1.78 -38.26
C ASP Q 119 -18.93 -2.03 -36.90
N ARG Q 120 -19.94 -2.89 -36.89
CA ARG Q 120 -20.73 -3.09 -35.68
C ARG Q 120 -20.10 -4.10 -34.73
N VAL Q 121 -19.01 -3.70 -34.08
CA VAL Q 121 -18.31 -4.55 -33.13
C VAL Q 121 -18.55 -4.08 -31.71
N GLY Q 122 -18.43 -2.78 -31.48
CA GLY Q 122 -18.64 -2.18 -30.17
C GLY Q 122 -19.95 -1.42 -30.07
N PRO Q 123 -20.21 -0.80 -28.91
CA PRO Q 123 -21.49 -0.14 -28.60
C PRO Q 123 -21.59 1.33 -29.03
N THR Q 124 -20.54 1.86 -29.65
CA THR Q 124 -20.57 3.25 -30.10
C THR Q 124 -20.62 3.36 -31.63
N ALA Q 125 -21.04 2.27 -32.27
CA ALA Q 125 -21.10 2.22 -33.73
C ALA Q 125 -22.51 2.50 -34.23
N TYR Q 126 -22.95 3.74 -34.07
CA TYR Q 126 -24.28 4.15 -34.54
C TYR Q 126 -24.24 5.47 -35.30
N GLN Q 127 -25.34 5.75 -36.01
CA GLN Q 127 -25.50 7.00 -36.73
C GLN Q 127 -25.44 8.18 -35.73
N GLY Q 128 -24.65 9.20 -36.07
CA GLY Q 128 -24.53 10.36 -35.22
C GLY Q 128 -23.39 10.35 -34.23
N ARG Q 129 -22.83 9.17 -33.94
CA ARG Q 129 -21.69 9.09 -33.03
C ARG Q 129 -20.57 10.05 -33.43
N PHE Q 130 -20.09 10.82 -32.45
CA PHE Q 130 -19.08 11.89 -32.64
C PHE Q 130 -19.63 13.18 -33.22
N ALA Q 131 -20.95 13.37 -33.16
CA ALA Q 131 -21.56 14.62 -33.56
C ALA Q 131 -20.97 15.78 -32.75
N VAL Q 132 -20.67 16.86 -33.45
CA VAL Q 132 -20.22 18.07 -32.80
C VAL Q 132 -21.37 19.08 -32.93
N PRO Q 133 -21.39 20.12 -32.06
CA PRO Q 133 -22.54 21.03 -32.01
C PRO Q 133 -22.92 21.68 -33.36
N GLY Q 134 -24.18 22.06 -33.48
CA GLY Q 134 -24.65 22.78 -34.67
C GLY Q 134 -23.83 24.03 -34.87
N GLY Q 135 -23.42 24.28 -36.10
CA GLY Q 135 -22.65 25.46 -36.41
C GLY Q 135 -21.17 25.33 -36.14
N TYR Q 136 -20.74 24.20 -35.59
CA TYR Q 136 -19.32 23.98 -35.29
C TYR Q 136 -18.31 24.34 -36.39
N PRO Q 137 -18.56 23.93 -37.64
CA PRO Q 137 -17.58 24.26 -38.68
C PRO Q 137 -17.21 25.74 -38.76
N ALA Q 138 -18.16 26.64 -38.56
CA ALA Q 138 -17.82 28.07 -38.60
C ALA Q 138 -16.90 28.46 -37.46
N TYR Q 139 -17.09 27.83 -36.29
CA TYR Q 139 -16.17 28.05 -35.16
C TYR Q 139 -14.75 27.51 -35.47
N LEU Q 140 -14.68 26.30 -35.98
CA LEU Q 140 -13.39 25.70 -36.33
C LEU Q 140 -12.68 26.55 -37.39
N LYS Q 141 -13.42 27.00 -38.39
CA LYS Q 141 -12.87 27.87 -39.43
C LYS Q 141 -12.30 29.13 -38.80
N GLU Q 142 -13.02 29.69 -37.85
CA GLU Q 142 -12.57 30.88 -37.13
C GLU Q 142 -11.29 30.60 -36.35
N VAL Q 143 -11.13 29.40 -35.79
CA VAL Q 143 -9.87 29.03 -35.13
C VAL Q 143 -8.69 28.98 -36.11
N LEU Q 144 -8.89 28.27 -37.22
CA LEU Q 144 -7.88 28.19 -38.27
C LEU Q 144 -7.51 29.57 -38.83
N ASP Q 145 -8.51 30.42 -39.09
CA ASP Q 145 -8.25 31.79 -39.55
C ASP Q 145 -7.43 32.58 -38.55
N ALA Q 146 -7.62 32.31 -37.25
CA ALA Q 146 -6.82 32.95 -36.22
C ALA Q 146 -5.34 32.59 -36.33
N HIS Q 147 -5.04 31.30 -36.54
CA HIS Q 147 -3.66 30.88 -36.78
C HIS Q 147 -3.15 31.57 -38.02
N GLU Q 148 -3.92 31.51 -39.09
CA GLU Q 148 -3.48 31.97 -40.42
C GLU Q 148 -3.25 33.47 -40.51
N CYS Q 149 -3.95 34.21 -39.68
CA CYS Q 149 -3.85 35.65 -39.70
C CYS Q 149 -2.42 36.13 -39.42
N SER Q 150 -1.60 35.31 -38.78
CA SER Q 150 -0.21 35.69 -38.59
C SER Q 150 0.79 34.82 -39.38
N ASP Q 151 0.31 34.09 -40.38
CA ASP Q 151 1.18 33.38 -41.29
C ASP Q 151 1.82 34.37 -42.26
N PHE Q 152 3.04 34.08 -42.67
CA PHE Q 152 3.73 34.88 -43.67
C PHE Q 152 2.89 35.05 -44.93
N PHE Q 153 2.14 34.02 -45.30
CA PHE Q 153 1.30 34.13 -46.49
C PHE Q 153 -0.17 34.28 -46.08
N GLY Q 154 -0.39 34.93 -44.94
CA GLY Q 154 -1.71 35.04 -44.36
C GLY Q 154 -2.74 35.75 -45.24
N HIS Q 155 -2.27 36.50 -46.25
CA HIS Q 155 -3.17 37.17 -47.19
C HIS Q 155 -3.71 36.25 -48.28
N VAL Q 156 -3.21 35.02 -48.36
CA VAL Q 156 -3.71 34.07 -49.34
C VAL Q 156 -4.81 33.27 -48.67
N THR Q 157 -5.99 33.26 -49.27
CA THR Q 157 -7.14 32.65 -48.64
C THR Q 157 -7.29 31.22 -49.10
N GLN Q 158 -8.13 30.47 -48.40
CA GLN Q 158 -8.37 29.06 -48.67
C GLN Q 158 -7.12 28.21 -48.51
N ARG Q 159 -6.30 28.57 -47.54
CA ARG Q 159 -5.20 27.69 -47.19
C ARG Q 159 -5.66 26.66 -46.14
N SER Q 160 -6.84 26.91 -45.57
CA SER Q 160 -7.54 25.95 -44.71
C SER Q 160 -8.96 25.79 -45.21
N VAL Q 161 -9.36 24.57 -45.52
CA VAL Q 161 -10.68 24.32 -46.09
C VAL Q 161 -11.40 23.22 -45.30
N LEU Q 162 -12.61 23.54 -44.84
CA LEU Q 162 -13.49 22.53 -44.24
C LEU Q 162 -14.54 22.13 -45.26
N VAL Q 163 -14.64 20.85 -45.55
CA VAL Q 163 -15.59 20.35 -46.53
C VAL Q 163 -16.62 19.51 -45.80
N GLU Q 164 -17.85 20.02 -45.75
CA GLU Q 164 -18.91 19.42 -44.95
C GLU Q 164 -19.72 18.43 -45.77
N GLY Q 165 -20.04 17.29 -45.19
CA GLY Q 165 -20.82 16.27 -45.88
C GLY Q 165 -20.18 14.89 -45.86
N ASP Q 166 -20.84 13.94 -46.51
CA ASP Q 166 -20.39 12.56 -46.62
C ASP Q 166 -19.23 12.44 -47.62
N VAL Q 167 -18.10 11.91 -47.13
CA VAL Q 167 -16.88 11.87 -47.94
C VAL Q 167 -17.01 11.10 -49.24
N ARG Q 168 -17.95 10.15 -49.28
CA ARG Q 168 -18.22 9.38 -50.48
C ARG Q 168 -18.58 10.28 -51.65
N GLU Q 169 -19.13 11.44 -51.35
CA GLU Q 169 -19.47 12.42 -52.38
C GLU Q 169 -18.51 13.59 -52.34
N THR Q 170 -18.16 14.07 -51.14
CA THR Q 170 -17.40 15.31 -51.03
C THR Q 170 -15.95 15.22 -51.50
N VAL Q 171 -15.28 14.11 -51.21
CA VAL Q 171 -13.89 13.91 -51.66
C VAL Q 171 -13.76 13.87 -53.19
N PRO Q 172 -14.57 13.02 -53.88
CA PRO Q 172 -14.44 13.10 -55.34
C PRO Q 172 -14.79 14.47 -55.84
N ARG Q 173 -15.83 15.08 -55.26
CA ARG Q 173 -16.23 16.43 -55.64
C ARG Q 173 -15.10 17.42 -55.41
N TYR Q 174 -14.46 17.37 -54.24
CA TYR Q 174 -13.35 18.28 -53.99
C TYR Q 174 -12.22 18.10 -55.03
N LEU Q 175 -11.95 16.85 -55.39
CA LEU Q 175 -10.86 16.56 -56.31
C LEU Q 175 -11.20 17.00 -57.72
N ALA Q 176 -12.43 16.73 -58.15
CA ALA Q 176 -12.93 17.20 -59.43
C ALA Q 176 -12.76 18.71 -59.56
N GLU Q 177 -13.03 19.45 -58.49
CA GLU Q 177 -12.88 20.90 -58.49
C GLU Q 177 -11.44 21.37 -58.31
N ASN Q 178 -10.55 20.47 -57.92
CA ASN Q 178 -9.14 20.85 -57.77
C ASN Q 178 -8.17 19.95 -58.51
N PRO Q 179 -8.21 19.99 -59.85
CA PRO Q 179 -7.36 19.13 -60.68
C PRO Q 179 -5.87 19.38 -60.46
N GLN Q 180 -5.51 20.42 -59.72
CA GLN Q 180 -4.10 20.70 -59.39
C GLN Q 180 -3.60 19.89 -58.20
N THR Q 181 -4.51 19.15 -57.57
CA THR Q 181 -4.18 18.47 -56.32
C THR Q 181 -3.07 17.42 -56.41
N VAL Q 182 -2.10 17.57 -55.53
CA VAL Q 182 -1.22 16.47 -55.17
C VAL Q 182 -1.44 16.24 -53.67
N ILE Q 183 -1.55 14.99 -53.25
CA ILE Q 183 -1.75 14.70 -51.83
C ILE Q 183 -0.47 14.25 -51.17
N ALA Q 184 0.07 15.12 -50.32
CA ALA Q 184 1.30 14.85 -49.57
C ALA Q 184 1.05 13.97 -48.33
N LEU Q 185 -0.02 14.31 -47.60
CA LEU Q 185 -0.39 13.57 -46.41
C LEU Q 185 -1.90 13.34 -46.36
N ALA Q 186 -2.29 12.07 -46.33
CA ALA Q 186 -3.69 11.70 -46.15
C ALA Q 186 -3.85 11.00 -44.80
N TYR Q 187 -4.64 11.62 -43.91
CA TYR Q 187 -4.87 11.05 -42.60
C TYR Q 187 -6.30 10.51 -42.49
N PHE Q 188 -6.42 9.20 -42.32
CA PHE Q 188 -7.72 8.55 -42.26
C PHE Q 188 -8.14 8.38 -40.83
N ASP Q 189 -9.29 8.95 -40.49
CA ASP Q 189 -9.79 8.83 -39.15
C ASP Q 189 -11.30 8.80 -39.25
N LEU Q 190 -11.80 7.99 -40.18
CA LEU Q 190 -13.23 7.84 -40.40
C LEU Q 190 -13.84 6.68 -39.58
N ASP Q 191 -12.98 5.75 -39.16
CA ASP Q 191 -13.38 4.54 -38.43
C ASP Q 191 -14.14 3.51 -39.26
N LEU Q 192 -14.96 3.95 -40.22
CA LEU Q 192 -15.88 3.04 -40.93
C LEU Q 192 -15.40 2.50 -42.27
N TYR Q 193 -15.84 1.28 -42.57
CA TYR Q 193 -15.43 0.56 -43.78
C TYR Q 193 -15.71 1.27 -45.12
N GLU Q 194 -16.97 1.57 -45.40
CA GLU Q 194 -17.37 2.12 -46.70
C GLU Q 194 -16.73 3.46 -47.03
N PRO Q 195 -16.84 4.44 -46.13
CA PRO Q 195 -16.18 5.70 -46.51
C PRO Q 195 -14.67 5.55 -46.67
N THR Q 196 -14.03 4.68 -45.88
CA THR Q 196 -12.57 4.53 -45.99
C THR Q 196 -12.21 3.96 -47.35
N LYS Q 197 -12.93 2.93 -47.75
CA LYS Q 197 -12.74 2.32 -49.06
C LYS Q 197 -12.98 3.32 -50.20
N ALA Q 198 -14.09 4.05 -50.14
CA ALA Q 198 -14.39 5.05 -51.17
C ALA Q 198 -13.30 6.13 -51.27
N VAL Q 199 -12.86 6.63 -50.13
CA VAL Q 199 -11.81 7.65 -50.13
C VAL Q 199 -10.45 7.11 -50.61
N LEU Q 200 -10.05 5.93 -50.15
CA LEU Q 200 -8.82 5.30 -50.64
C LEU Q 200 -8.79 5.25 -52.17
N GLU Q 201 -9.90 4.76 -52.75
CA GLU Q 201 -10.04 4.64 -54.19
C GLU Q 201 -9.98 6.01 -54.88
N ALA Q 202 -10.51 7.04 -54.24
CA ALA Q 202 -10.56 8.36 -54.85
C ALA Q 202 -9.22 9.08 -54.81
N ILE Q 203 -8.50 8.97 -53.69
CA ILE Q 203 -7.25 9.72 -53.55
C ILE Q 203 -6.09 9.14 -54.33
N ARG Q 204 -6.23 7.91 -54.81
CA ARG Q 204 -5.09 7.23 -55.41
C ARG Q 204 -4.38 7.97 -56.57
N PRO Q 205 -5.13 8.51 -57.56
CA PRO Q 205 -4.37 9.15 -58.63
C PRO Q 205 -3.67 10.46 -58.21
N TYR Q 206 -3.83 10.88 -56.96
CA TYR Q 206 -3.24 12.15 -56.54
C TYR Q 206 -2.06 11.97 -55.57
N LEU Q 207 -1.63 10.73 -55.37
CA LEU Q 207 -0.46 10.47 -54.54
C LEU Q 207 0.82 10.41 -55.39
N THR Q 208 1.95 10.79 -54.81
CA THR Q 208 3.22 10.53 -55.48
C THR Q 208 3.99 9.53 -54.63
N LYS Q 209 5.11 9.03 -55.16
CA LYS Q 209 5.97 8.18 -54.36
C LYS Q 209 6.60 9.05 -53.27
N GLY Q 210 6.38 8.68 -52.02
CA GLY Q 210 6.80 9.53 -50.90
C GLY Q 210 5.62 10.06 -50.11
N SER Q 211 4.44 10.12 -50.74
CA SER Q 211 3.22 10.57 -50.05
C SER Q 211 2.92 9.63 -48.88
N ILE Q 212 2.48 10.20 -47.77
CA ILE Q 212 2.16 9.42 -46.58
C ILE Q 212 0.66 9.16 -46.50
N VAL Q 213 0.29 7.90 -46.30
CA VAL Q 213 -1.09 7.57 -46.00
C VAL Q 213 -1.13 7.00 -44.59
N ALA Q 214 -1.90 7.62 -43.71
CA ALA Q 214 -1.95 7.22 -42.30
C ALA Q 214 -3.36 6.86 -41.83
N PHE Q 215 -3.44 5.83 -41.00
CA PHE Q 215 -4.71 5.38 -40.43
C PHE Q 215 -4.64 5.51 -38.92
N ASP Q 216 -5.76 5.88 -38.30
CA ASP Q 216 -5.76 6.14 -36.87
C ASP Q 216 -6.21 4.90 -36.10
N GLU Q 217 -6.96 4.02 -36.75
CA GLU Q 217 -7.53 2.86 -36.10
C GLU Q 217 -7.37 1.59 -36.94
N LEU Q 218 -6.23 1.46 -37.59
CA LEU Q 218 -6.03 0.34 -38.52
C LEU Q 218 -6.16 -1.07 -37.94
N ASP Q 219 -5.62 -1.30 -36.75
CA ASP Q 219 -5.64 -2.65 -36.18
C ASP Q 219 -6.38 -2.66 -34.85
N ASN Q 220 -7.38 -1.81 -34.75
CA ASN Q 220 -8.22 -1.70 -33.57
C ASN Q 220 -9.44 -2.66 -33.68
N PRO Q 221 -9.59 -3.57 -32.72
CA PRO Q 221 -10.70 -4.54 -32.74
C PRO Q 221 -12.05 -3.85 -32.78
N LYS Q 222 -12.13 -2.66 -32.19
CA LYS Q 222 -13.40 -1.97 -32.11
C LYS Q 222 -13.85 -1.45 -33.48
N TRP Q 223 -12.88 -1.07 -34.32
CA TRP Q 223 -13.17 -0.50 -35.64
C TRP Q 223 -12.40 -1.19 -36.77
N PRO Q 224 -12.89 -2.35 -37.22
CA PRO Q 224 -12.14 -3.15 -38.20
C PRO Q 224 -12.32 -2.66 -39.61
N GLY Q 225 -13.09 -1.59 -39.80
CA GLY Q 225 -13.42 -1.15 -41.13
C GLY Q 225 -12.25 -0.66 -41.96
N GLU Q 226 -11.31 0.02 -41.32
CA GLU Q 226 -10.17 0.56 -42.03
C GLU Q 226 -9.31 -0.60 -42.54
N ASN Q 227 -9.17 -1.63 -41.71
CA ASN Q 227 -8.41 -2.81 -42.11
C ASN Q 227 -9.09 -3.50 -43.29
N ILE Q 228 -10.39 -3.75 -43.16
CA ILE Q 228 -11.17 -4.40 -44.20
C ILE Q 228 -11.05 -3.62 -45.50
N ALA Q 229 -11.11 -2.29 -45.42
CA ALA Q 229 -10.99 -1.47 -46.61
C ALA Q 229 -9.60 -1.57 -47.23
N MET Q 230 -8.55 -1.48 -46.41
CA MET Q 230 -7.17 -1.62 -46.87
C MET Q 230 -6.98 -2.93 -47.63
N ARG Q 231 -7.44 -4.03 -47.03
CA ARG Q 231 -7.24 -5.35 -47.59
C ARG Q 231 -7.98 -5.53 -48.92
N LYS Q 232 -9.08 -4.80 -49.10
CA LYS Q 232 -9.86 -4.94 -50.33
C LYS Q 232 -9.36 -4.03 -51.44
N VAL Q 233 -8.96 -2.81 -51.10
CA VAL Q 233 -8.51 -1.86 -52.11
C VAL Q 233 -7.04 -2.08 -52.48
N LEU Q 234 -6.19 -2.26 -51.46
CA LEU Q 234 -4.75 -2.29 -51.68
C LEU Q 234 -4.07 -3.59 -51.26
N GLY Q 235 -4.51 -4.19 -50.16
CA GLY Q 235 -3.83 -5.32 -49.55
C GLY Q 235 -2.84 -4.81 -48.52
N LEU Q 236 -2.71 -5.51 -47.39
CA LEU Q 236 -1.87 -4.99 -46.30
C LEU Q 236 -0.38 -4.92 -46.66
N ASP Q 237 0.06 -5.73 -47.63
CA ASP Q 237 1.46 -5.68 -48.05
C ASP Q 237 1.67 -4.85 -49.33
N HIS Q 238 0.74 -3.96 -49.65
CA HIS Q 238 0.92 -3.06 -50.80
C HIS Q 238 2.15 -2.16 -50.61
N ALA Q 239 2.39 -1.76 -49.36
CA ALA Q 239 3.49 -0.89 -48.97
C ALA Q 239 3.81 -1.19 -47.51
N PRO Q 240 4.94 -0.69 -46.99
CA PRO Q 240 5.23 -1.06 -45.60
C PRO Q 240 4.39 -0.22 -44.65
N LEU Q 241 3.50 -0.86 -43.88
CA LEU Q 241 2.76 -0.15 -42.85
C LEU Q 241 3.66 -0.03 -41.63
N ARG Q 242 3.72 1.16 -41.05
CA ARG Q 242 4.63 1.41 -39.93
C ARG Q 242 3.96 2.05 -38.73
N LEU Q 243 4.55 1.83 -37.57
CA LEU Q 243 4.21 2.58 -36.35
C LEU Q 243 5.38 3.48 -35.99
N LEU Q 244 5.10 4.56 -35.27
CA LEU Q 244 6.16 5.31 -34.62
C LEU Q 244 6.34 4.56 -33.32
N PRO Q 245 7.53 4.02 -33.09
CA PRO Q 245 7.74 3.03 -32.02
C PRO Q 245 7.20 3.46 -30.66
N GLY Q 246 6.47 2.56 -30.00
CA GLY Q 246 5.94 2.80 -28.68
C GLY Q 246 4.52 3.35 -28.66
N ARG Q 247 3.97 3.59 -29.86
CA ARG Q 247 2.62 4.13 -29.99
C ARG Q 247 1.78 3.22 -30.88
N PRO Q 248 0.58 2.85 -30.41
CA PRO Q 248 -0.24 1.92 -31.16
C PRO Q 248 -0.71 2.53 -32.46
N ALA Q 249 -0.76 3.85 -32.53
CA ALA Q 249 -1.26 4.58 -33.70
C ALA Q 249 -0.55 5.94 -33.81
N PRO Q 250 -0.49 6.52 -35.02
CA PRO Q 250 -1.06 6.07 -36.29
C PRO Q 250 -0.28 4.94 -36.94
N ALA Q 251 -0.96 4.15 -37.75
CA ALA Q 251 -0.24 3.26 -38.66
C ALA Q 251 -0.16 4.02 -39.98
N TYR Q 252 1.02 4.03 -40.60
CA TYR Q 252 1.18 4.82 -41.81
C TYR Q 252 2.13 4.16 -42.78
N LEU Q 253 1.92 4.42 -44.06
CA LEU Q 253 2.76 3.86 -45.10
C LEU Q 253 3.29 4.99 -45.99
N ARG Q 254 4.40 4.72 -46.65
CA ARG Q 254 4.98 5.68 -47.57
C ARG Q 254 4.69 5.15 -48.97
N TRP Q 255 3.89 5.89 -49.74
CA TRP Q 255 3.41 5.41 -51.04
C TRP Q 255 4.57 5.05 -51.96
N GLY Q 256 4.49 3.86 -52.55
CA GLY Q 256 5.53 3.42 -53.46
C GLY Q 256 6.67 2.68 -52.79
N ASP Q 257 6.70 2.60 -51.47
CA ASP Q 257 7.77 1.84 -50.78
C ASP Q 257 7.49 0.33 -50.73
N GLN R 7 47.75 -23.85 -81.07
CA GLN R 7 47.72 -24.69 -79.87
C GLN R 7 48.66 -24.16 -78.77
N ASP R 8 48.76 -22.83 -78.67
CA ASP R 8 49.67 -22.19 -77.72
C ASP R 8 49.22 -22.37 -76.28
N LEU R 9 49.89 -23.28 -75.56
CA LEU R 9 49.53 -23.62 -74.20
C LEU R 9 49.94 -22.55 -73.19
N ARG R 10 50.70 -21.57 -73.66
CA ARG R 10 51.13 -20.49 -72.78
C ARG R 10 50.03 -19.46 -72.55
N ALA R 11 48.95 -19.56 -73.33
CA ALA R 11 47.82 -18.63 -73.20
C ALA R 11 46.91 -19.05 -72.05
N PHE R 12 47.07 -20.29 -71.59
CA PHE R 12 46.37 -20.77 -70.41
C PHE R 12 47.18 -20.41 -69.18
N VAL R 13 46.50 -20.06 -68.09
CA VAL R 13 47.16 -19.83 -66.82
C VAL R 13 47.97 -21.05 -66.41
N HIS R 14 49.23 -20.83 -66.08
CA HIS R 14 50.11 -21.91 -65.63
C HIS R 14 51.17 -21.32 -64.72
N ASP R 15 51.81 -22.18 -63.91
CA ASP R 15 52.83 -21.73 -62.97
C ASP R 15 54.06 -21.17 -63.64
N SER R 16 54.49 -19.99 -63.19
CA SER R 16 55.80 -19.46 -63.56
C SER R 16 56.87 -20.36 -62.94
N PRO R 17 58.11 -20.30 -63.47
CA PRO R 17 59.19 -21.13 -62.89
C PRO R 17 59.42 -20.81 -61.41
N GLU R 18 59.31 -19.55 -61.04
CA GLU R 18 59.52 -19.16 -59.65
C GLU R 18 58.44 -19.76 -58.72
N GLU R 19 57.21 -19.83 -59.21
CA GLU R 19 56.13 -20.44 -58.42
C GLU R 19 56.35 -21.94 -58.30
N THR R 20 56.81 -22.55 -59.39
CA THR R 20 57.12 -23.98 -59.38
C THR R 20 58.22 -24.23 -58.34
N GLU R 21 59.28 -23.44 -58.43
CA GLU R 21 60.39 -23.51 -57.47
C GLU R 21 59.96 -23.33 -56.00
N THR R 22 59.17 -22.30 -55.70
CA THR R 22 58.66 -22.09 -54.33
C THR R 22 57.94 -23.33 -53.80
N THR R 23 57.05 -23.88 -54.63
CA THR R 23 56.27 -25.07 -54.28
C THR R 23 57.15 -26.30 -53.96
N GLN R 24 58.09 -26.57 -54.86
CA GLN R 24 59.02 -27.68 -54.64
C GLN R 24 59.90 -27.47 -53.42
N ARG R 25 60.38 -26.24 -53.23
CA ARG R 25 61.18 -25.96 -52.05
C ARG R 25 60.39 -26.20 -50.75
N LEU R 26 59.15 -25.75 -50.72
CA LEU R 26 58.37 -25.84 -49.48
C LEU R 26 57.98 -27.29 -49.19
N THR R 27 57.70 -28.03 -50.25
CA THR R 27 57.44 -29.48 -50.15
C THR R 27 58.62 -30.19 -49.48
N LYS R 28 59.83 -29.86 -49.91
CA LYS R 28 61.02 -30.50 -49.38
C LYS R 28 61.24 -30.05 -47.94
N LEU R 29 61.02 -28.77 -47.66
CA LEU R 29 61.23 -28.28 -46.29
C LEU R 29 60.23 -28.86 -45.27
N LEU R 30 59.04 -29.25 -45.73
CA LEU R 30 58.08 -29.90 -44.86
C LEU R 30 58.39 -31.38 -44.61
N THR R 31 58.74 -32.11 -45.67
CA THR R 31 59.08 -33.53 -45.55
C THR R 31 60.38 -33.75 -44.78
N ASN R 32 61.27 -32.77 -44.81
CA ASN R 32 62.57 -32.90 -44.13
C ASN R 32 62.77 -31.83 -43.09
N SER R 33 61.78 -31.66 -42.23
CA SER R 33 61.79 -30.59 -41.26
C SER R 33 62.44 -31.04 -39.95
N PRO R 34 63.28 -30.18 -39.38
CA PRO R 34 63.79 -30.40 -38.02
C PRO R 34 62.72 -30.12 -36.95
N ILE R 35 61.56 -29.60 -37.35
CA ILE R 35 60.46 -29.40 -36.39
C ILE R 35 60.01 -30.74 -35.81
N PRO R 36 59.95 -30.84 -34.48
CA PRO R 36 59.46 -32.06 -33.85
C PRO R 36 58.11 -32.45 -34.47
N THR R 37 58.03 -33.70 -34.91
CA THR R 37 56.85 -34.23 -35.59
C THR R 37 55.49 -33.78 -35.03
N GLU R 38 55.38 -33.73 -33.70
CA GLU R 38 54.10 -33.41 -33.07
C GLU R 38 53.80 -31.91 -33.04
N GLU R 39 54.69 -31.10 -33.60
CA GLU R 39 54.47 -29.66 -33.67
C GLU R 39 54.26 -29.17 -35.12
N LEU R 40 54.40 -30.08 -36.08
CA LEU R 40 54.19 -29.73 -37.48
C LEU R 40 52.81 -29.09 -37.72
N VAL R 41 51.73 -29.74 -37.27
CA VAL R 41 50.36 -29.19 -37.46
C VAL R 41 50.13 -27.89 -36.69
N ASN R 42 51.12 -27.47 -35.91
CA ASN R 42 51.14 -26.19 -35.24
C ASN R 42 51.95 -25.13 -35.99
N ASN R 43 52.52 -25.50 -37.13
CA ASN R 43 53.37 -24.58 -37.89
C ASN R 43 53.14 -24.65 -39.39
N LEU R 44 51.98 -25.15 -39.79
CA LEU R 44 51.65 -25.25 -41.21
C LEU R 44 51.77 -23.96 -42.05
N PRO R 45 51.53 -22.77 -41.46
CA PRO R 45 51.73 -21.59 -42.30
C PRO R 45 53.16 -21.41 -42.85
N LEU R 46 54.14 -22.07 -42.23
CA LEU R 46 55.50 -22.06 -42.77
C LEU R 46 55.48 -22.49 -44.23
N PHE R 47 54.62 -23.42 -44.56
CA PHE R 47 54.65 -24.05 -45.87
C PHE R 47 53.47 -23.62 -46.74
N LEU R 48 52.72 -22.64 -46.25
CA LEU R 48 51.53 -22.14 -46.94
C LEU R 48 51.86 -20.91 -47.79
N ARG R 49 52.09 -21.10 -49.08
CA ARG R 49 52.55 -20.01 -49.95
C ARG R 49 51.40 -19.08 -50.37
N ARG R 50 51.77 -17.92 -50.91
CA ARG R 50 50.82 -16.89 -51.32
C ARG R 50 49.59 -17.42 -52.06
N HIS R 51 49.82 -18.21 -53.09
CA HIS R 51 48.72 -18.71 -53.91
C HIS R 51 47.71 -19.48 -53.05
N GLN R 52 48.20 -20.35 -52.17
CA GLN R 52 47.29 -21.14 -51.34
C GLN R 52 46.72 -20.34 -50.19
N MET R 53 47.53 -19.46 -49.61
CA MET R 53 47.02 -18.55 -48.59
C MET R 53 45.81 -17.75 -49.14
N THR R 54 45.95 -17.25 -50.36
CA THR R 54 44.88 -16.53 -51.04
C THR R 54 43.59 -17.35 -51.16
N ASP R 55 43.74 -18.62 -51.52
CA ASP R 55 42.60 -19.52 -51.59
C ASP R 55 41.92 -19.63 -50.22
N LEU R 56 42.73 -19.74 -49.18
CA LEU R 56 42.21 -19.83 -47.82
C LEU R 56 41.42 -18.57 -47.45
N LEU R 57 42.00 -17.40 -47.72
CA LEU R 57 41.34 -16.13 -47.44
C LEU R 57 40.03 -15.96 -48.23
N SER R 58 40.03 -16.40 -49.48
CA SER R 58 38.82 -16.32 -50.28
C SER R 58 37.70 -17.19 -49.69
N MET R 59 38.05 -18.41 -49.29
CA MET R 59 37.05 -19.28 -48.69
C MET R 59 36.51 -18.66 -47.41
N ASP R 60 37.39 -18.06 -46.61
CA ASP R 60 36.98 -17.42 -45.38
C ASP R 60 36.05 -16.25 -45.70
N ALA R 61 36.32 -15.54 -46.79
CA ALA R 61 35.49 -14.39 -47.18
C ALA R 61 34.08 -14.81 -47.59
N LEU R 62 33.97 -15.91 -48.34
CA LEU R 62 32.66 -16.42 -48.76
C LEU R 62 31.88 -16.87 -47.56
N TYR R 63 32.54 -17.58 -46.65
CA TYR R 63 31.91 -18.09 -45.46
C TYR R 63 31.37 -16.94 -44.60
N ARG R 64 32.15 -15.87 -44.44
CA ARG R 64 31.70 -14.74 -43.63
C ARG R 64 30.43 -14.13 -44.21
N GLN R 65 30.23 -14.28 -45.51
CA GLN R 65 29.02 -13.72 -46.12
C GLN R 65 27.75 -14.55 -45.89
N VAL R 66 27.89 -15.79 -45.46
CA VAL R 66 26.70 -16.60 -45.22
C VAL R 66 26.45 -16.90 -43.74
N LEU R 67 27.16 -16.24 -42.84
CA LEU R 67 27.00 -16.47 -41.40
C LEU R 67 25.58 -16.17 -40.94
N ASP R 68 24.90 -15.24 -41.61
CA ASP R 68 23.51 -14.92 -41.27
C ASP R 68 22.49 -15.52 -42.25
N VAL R 69 22.91 -16.56 -42.99
CA VAL R 69 22.02 -17.27 -43.91
C VAL R 69 21.89 -18.74 -43.47
N PRO R 70 20.65 -19.24 -43.35
CA PRO R 70 20.48 -20.64 -42.94
C PRO R 70 20.94 -21.60 -44.01
N GLY R 71 21.14 -22.85 -43.64
CA GLY R 71 21.44 -23.86 -44.63
C GLY R 71 22.85 -24.41 -44.63
N VAL R 72 23.16 -25.13 -45.70
CA VAL R 72 24.36 -25.94 -45.74
C VAL R 72 25.40 -25.41 -46.70
N ILE R 73 26.58 -26.00 -46.64
CA ILE R 73 27.66 -25.68 -47.55
C ILE R 73 27.90 -26.89 -48.43
N MET R 74 27.93 -26.65 -49.74
CA MET R 74 28.09 -27.69 -50.74
C MET R 74 29.24 -27.36 -51.70
N GLU R 75 30.18 -28.28 -51.82
CA GLU R 75 31.18 -28.19 -52.86
C GLU R 75 30.98 -29.29 -53.89
N PHE R 76 30.88 -28.87 -55.16
CA PHE R 76 30.80 -29.82 -56.24
C PHE R 76 32.18 -29.83 -56.90
N GLY R 77 32.93 -30.91 -56.67
CA GLY R 77 34.30 -30.99 -57.13
C GLY R 77 35.26 -30.84 -55.96
N VAL R 78 35.65 -31.97 -55.38
CA VAL R 78 36.37 -32.00 -54.11
C VAL R 78 37.85 -32.33 -54.24
N ARG R 79 38.18 -33.24 -55.15
CA ARG R 79 39.54 -33.77 -55.27
C ARG R 79 40.10 -34.24 -53.94
N PHE R 80 41.23 -33.69 -53.52
CA PHE R 80 41.80 -34.06 -52.22
C PHE R 80 41.04 -33.48 -51.02
N GLY R 81 40.27 -32.42 -51.24
CA GLY R 81 39.44 -31.88 -50.18
C GLY R 81 39.94 -30.61 -49.50
N ARG R 82 40.87 -29.92 -50.14
CA ARG R 82 41.38 -28.62 -49.66
C ARG R 82 40.28 -27.74 -49.05
N HIS R 83 39.22 -27.51 -49.81
CA HIS R 83 38.18 -26.60 -49.37
C HIS R 83 37.35 -27.16 -48.21
N LEU R 84 37.11 -28.47 -48.24
CA LEU R 84 36.35 -29.12 -47.15
C LEU R 84 37.09 -29.03 -45.83
N GLY R 85 38.41 -29.17 -45.87
CA GLY R 85 39.22 -29.00 -44.69
C GLY R 85 39.07 -27.56 -44.23
N THR R 86 39.26 -26.62 -45.16
CA THR R 86 39.10 -25.20 -44.85
C THR R 86 37.75 -24.90 -44.18
N PHE R 87 36.67 -25.41 -44.78
CA PHE R 87 35.33 -25.15 -44.25
C PHE R 87 35.17 -25.76 -42.86
N ALA R 88 35.74 -26.95 -42.65
CA ALA R 88 35.62 -27.59 -41.34
C ALA R 88 36.23 -26.74 -40.25
N ALA R 89 37.38 -26.15 -40.54
CA ALA R 89 38.03 -25.32 -39.56
C ALA R 89 37.26 -24.00 -39.36
N LEU R 90 36.87 -23.36 -40.46
CA LEU R 90 36.14 -22.10 -40.37
C LEU R 90 34.81 -22.26 -39.61
N ARG R 91 34.14 -23.38 -39.84
CA ARG R 91 32.90 -23.68 -39.12
C ARG R 91 33.15 -23.71 -37.62
N GLY R 92 34.29 -24.26 -37.21
CA GLY R 92 34.73 -24.19 -35.82
C GLY R 92 34.92 -22.75 -35.34
N VAL R 93 35.56 -21.93 -36.18
CA VAL R 93 35.88 -20.55 -35.81
C VAL R 93 34.62 -19.72 -35.59
N TYR R 94 33.66 -19.85 -36.50
CA TYR R 94 32.51 -18.96 -36.52
C TYR R 94 31.25 -19.59 -35.96
N GLU R 95 31.14 -20.92 -35.97
CA GLU R 95 29.86 -21.51 -35.64
C GLU R 95 29.91 -22.73 -34.71
N PRO R 96 30.47 -22.56 -33.51
CA PRO R 96 30.48 -23.70 -32.58
C PRO R 96 29.07 -24.21 -32.27
N TYR R 97 28.07 -23.32 -32.26
CA TYR R 97 26.73 -23.71 -31.83
C TYR R 97 25.75 -24.03 -32.94
N ASN R 98 26.24 -24.17 -34.17
CA ASN R 98 25.37 -24.50 -35.30
C ASN R 98 25.61 -25.91 -35.83
N PRO R 99 24.90 -26.90 -35.26
CA PRO R 99 25.08 -28.30 -35.67
C PRO R 99 24.37 -28.59 -36.99
N LEU R 100 23.74 -27.58 -37.55
CA LEU R 100 22.94 -27.75 -38.75
C LEU R 100 23.73 -27.28 -39.97
N ARG R 101 24.87 -26.64 -39.74
CA ARG R 101 25.71 -26.23 -40.86
C ARG R 101 26.49 -27.42 -41.40
N ARG R 102 25.83 -28.25 -42.20
CA ARG R 102 26.47 -29.44 -42.75
C ARG R 102 27.31 -29.07 -43.96
N ILE R 103 28.48 -29.70 -44.08
CA ILE R 103 29.36 -29.54 -45.22
C ILE R 103 29.26 -30.81 -46.05
N VAL R 104 28.80 -30.67 -47.29
CA VAL R 104 28.62 -31.79 -48.19
C VAL R 104 29.54 -31.63 -49.39
N GLY R 105 30.41 -32.61 -49.62
CA GLY R 105 31.26 -32.59 -50.79
C GLY R 105 30.90 -33.69 -51.77
N PHE R 106 30.67 -33.31 -53.02
CA PHE R 106 30.32 -34.25 -54.08
C PHE R 106 31.51 -34.40 -55.02
N ASP R 107 31.84 -35.64 -55.36
CA ASP R 107 32.88 -35.95 -56.35
C ASP R 107 32.75 -37.41 -56.77
N THR R 108 33.26 -37.75 -57.95
CA THR R 108 33.48 -39.16 -58.29
C THR R 108 34.64 -39.70 -57.44
N PHE R 109 35.60 -38.81 -57.16
CA PHE R 109 36.88 -39.19 -56.57
C PHE R 109 37.69 -40.12 -57.50
N THR R 110 37.27 -40.18 -58.76
CA THR R 110 37.99 -40.92 -59.78
C THR R 110 38.23 -40.03 -61.01
N GLY R 111 38.10 -38.72 -60.83
CA GLY R 111 38.39 -37.77 -61.89
C GLY R 111 37.20 -37.54 -62.78
N PHE R 112 37.37 -36.74 -63.84
CA PHE R 112 36.26 -36.48 -64.77
C PHE R 112 35.71 -37.82 -65.24
N PRO R 113 34.38 -38.01 -65.15
CA PRO R 113 33.78 -39.25 -65.66
C PRO R 113 33.68 -39.26 -67.18
N ASP R 114 33.46 -38.08 -67.75
CA ASP R 114 33.46 -37.89 -69.20
C ASP R 114 33.55 -36.40 -69.46
N VAL R 115 33.58 -36.01 -70.73
CA VAL R 115 33.74 -34.62 -71.10
C VAL R 115 32.91 -34.25 -72.32
N ASN R 116 32.52 -32.99 -72.40
CA ASN R 116 31.77 -32.48 -73.55
C ASN R 116 32.77 -31.83 -74.50
N ASP R 117 32.37 -31.65 -75.75
CA ASP R 117 33.22 -31.02 -76.76
C ASP R 117 33.63 -29.62 -76.30
N VAL R 118 32.66 -28.85 -75.81
CA VAL R 118 32.95 -27.49 -75.35
C VAL R 118 34.03 -27.45 -74.26
N ASP R 119 34.16 -28.52 -73.46
CA ASP R 119 35.21 -28.62 -72.45
C ASP R 119 36.59 -28.86 -73.06
N ARG R 120 36.62 -29.33 -74.31
CA ARG R 120 37.87 -29.80 -74.91
C ARG R 120 38.72 -28.67 -75.51
N VAL R 121 39.08 -27.69 -74.69
CA VAL R 121 39.87 -26.55 -75.14
C VAL R 121 41.34 -26.81 -74.89
N GLY R 122 41.64 -27.38 -73.73
CA GLY R 122 43.01 -27.66 -73.36
C GLY R 122 43.26 -29.15 -73.37
N PRO R 123 44.50 -29.55 -73.09
CA PRO R 123 44.92 -30.96 -73.20
C PRO R 123 44.53 -31.83 -72.02
N THR R 124 44.01 -31.25 -70.95
CA THR R 124 43.72 -32.03 -69.74
C THR R 124 42.26 -32.46 -69.64
N ALA R 125 41.46 -32.12 -70.65
CA ALA R 125 40.03 -32.40 -70.60
C ALA R 125 39.74 -33.79 -71.13
N TYR R 126 39.88 -34.79 -70.27
CA TYR R 126 39.57 -36.16 -70.65
C TYR R 126 39.21 -36.96 -69.39
N GLN R 127 38.47 -38.04 -69.59
CA GLN R 127 38.02 -38.87 -68.47
C GLN R 127 39.19 -39.36 -67.60
N GLY R 128 39.00 -39.29 -66.28
CA GLY R 128 40.01 -39.72 -65.33
C GLY R 128 40.90 -38.62 -64.79
N ARG R 129 41.00 -37.53 -65.54
CA ARG R 129 41.79 -36.37 -65.10
C ARG R 129 41.30 -35.90 -63.72
N PHE R 130 42.25 -35.65 -62.83
CA PHE R 130 42.01 -35.27 -61.44
C PHE R 130 41.60 -36.41 -60.51
N ALA R 131 41.82 -37.66 -60.92
CA ALA R 131 41.58 -38.79 -60.03
C ALA R 131 42.40 -38.65 -58.75
N VAL R 132 41.87 -39.15 -57.65
CA VAL R 132 42.64 -39.29 -56.43
C VAL R 132 42.68 -40.80 -56.12
N PRO R 133 43.59 -41.25 -55.24
CA PRO R 133 43.78 -42.69 -55.07
C PRO R 133 42.54 -43.48 -54.66
N GLY R 134 42.56 -44.79 -54.93
CA GLY R 134 41.51 -45.68 -54.47
C GLY R 134 41.47 -45.64 -52.96
N GLY R 135 40.27 -45.57 -52.39
CA GLY R 135 40.12 -45.53 -50.95
C GLY R 135 40.32 -44.14 -50.36
N TYR R 136 40.50 -43.14 -51.21
CA TYR R 136 40.73 -41.78 -50.71
C TYR R 136 39.57 -41.20 -49.89
N PRO R 137 38.33 -41.35 -50.36
CA PRO R 137 37.21 -40.84 -49.55
C PRO R 137 37.23 -41.30 -48.08
N ALA R 138 37.67 -42.52 -47.80
CA ALA R 138 37.74 -42.98 -46.40
C ALA R 138 38.83 -42.25 -45.64
N TYR R 139 39.91 -41.90 -46.31
CA TYR R 139 40.94 -41.13 -45.64
C TYR R 139 40.41 -39.71 -45.35
N LEU R 140 39.83 -39.09 -46.36
CA LEU R 140 39.29 -37.74 -46.23
C LEU R 140 38.23 -37.67 -45.13
N LYS R 141 37.39 -38.70 -45.03
CA LYS R 141 36.39 -38.74 -43.96
C LYS R 141 37.10 -38.77 -42.61
N GLU R 142 38.23 -39.46 -42.55
CA GLU R 142 38.98 -39.56 -41.32
C GLU R 142 39.53 -38.21 -40.87
N VAL R 143 40.06 -37.45 -41.83
CA VAL R 143 40.52 -36.09 -41.58
C VAL R 143 39.38 -35.22 -41.04
N LEU R 144 38.23 -35.28 -41.69
CA LEU R 144 37.05 -34.50 -41.29
C LEU R 144 36.54 -34.93 -39.92
N ASP R 145 36.61 -36.22 -39.63
CA ASP R 145 36.24 -36.71 -38.31
C ASP R 145 37.23 -36.23 -37.27
N ALA R 146 38.48 -36.04 -37.69
CA ALA R 146 39.49 -35.57 -36.76
C ALA R 146 39.16 -34.14 -36.34
N HIS R 147 38.80 -33.29 -37.30
CA HIS R 147 38.35 -31.94 -36.97
C HIS R 147 37.14 -31.97 -36.04
N GLU R 148 36.10 -32.68 -36.47
CA GLU R 148 34.82 -32.66 -35.76
C GLU R 148 34.91 -33.19 -34.34
N CYS R 149 35.94 -34.00 -34.09
CA CYS R 149 36.19 -34.60 -32.80
C CYS R 149 36.18 -33.55 -31.68
N SER R 150 36.64 -32.34 -31.97
CA SER R 150 36.69 -31.31 -30.94
C SER R 150 35.74 -30.15 -31.21
N ASP R 151 34.72 -30.39 -32.03
CA ASP R 151 33.67 -29.41 -32.26
C ASP R 151 32.74 -29.46 -31.06
N PHE R 152 32.11 -28.33 -30.76
CA PHE R 152 31.18 -28.24 -29.64
C PHE R 152 30.04 -29.23 -29.86
N PHE R 153 29.63 -29.39 -31.11
CA PHE R 153 28.60 -30.37 -31.45
C PHE R 153 29.20 -31.61 -32.10
N GLY R 154 30.36 -32.02 -31.60
CA GLY R 154 31.03 -33.21 -32.11
C GLY R 154 30.24 -34.50 -31.97
N HIS R 155 29.33 -34.55 -31.00
CA HIS R 155 28.52 -35.75 -30.82
C HIS R 155 27.51 -35.93 -31.94
N VAL R 156 27.24 -34.87 -32.69
CA VAL R 156 26.28 -34.96 -33.78
C VAL R 156 27.00 -35.38 -35.05
N THR R 157 26.47 -36.40 -35.71
CA THR R 157 27.12 -37.02 -36.85
C THR R 157 26.54 -36.51 -38.17
N GLN R 158 27.13 -36.95 -39.27
CA GLN R 158 26.82 -36.48 -40.62
C GLN R 158 26.80 -34.96 -40.71
N ARG R 159 27.71 -34.30 -40.02
CA ARG R 159 27.91 -32.87 -40.20
C ARG R 159 28.89 -32.62 -41.34
N SER R 160 29.61 -33.68 -41.74
CA SER R 160 30.42 -33.67 -42.95
C SER R 160 30.05 -34.89 -43.77
N VAL R 161 29.63 -34.69 -45.02
CA VAL R 161 29.24 -35.80 -45.85
C VAL R 161 29.93 -35.76 -47.20
N LEU R 162 30.58 -36.87 -47.53
CA LEU R 162 31.19 -37.06 -48.83
C LEU R 162 30.24 -37.91 -49.67
N VAL R 163 29.85 -37.41 -50.84
CA VAL R 163 28.90 -38.09 -51.70
C VAL R 163 29.57 -38.52 -53.00
N GLU R 164 29.92 -39.80 -53.08
CA GLU R 164 30.70 -40.33 -54.20
C GLU R 164 29.80 -40.68 -55.38
N GLY R 165 30.23 -40.31 -56.58
CA GLY R 165 29.45 -40.57 -57.78
C GLY R 165 29.36 -39.36 -58.71
N ASP R 166 28.65 -39.55 -59.81
CA ASP R 166 28.42 -38.48 -60.76
C ASP R 166 27.39 -37.53 -60.19
N VAL R 167 27.74 -36.24 -60.08
CA VAL R 167 26.84 -35.25 -59.49
C VAL R 167 25.49 -35.21 -60.18
N ARG R 168 25.51 -35.52 -61.47
CA ARG R 168 24.28 -35.58 -62.26
C ARG R 168 23.24 -36.54 -61.65
N GLU R 169 23.72 -37.57 -60.95
CA GLU R 169 22.85 -38.50 -60.24
C GLU R 169 22.83 -38.22 -58.75
N THR R 170 24.00 -37.93 -58.19
CA THR R 170 24.12 -37.86 -56.73
C THR R 170 23.52 -36.58 -56.13
N VAL R 171 23.55 -35.49 -56.87
CA VAL R 171 23.01 -34.24 -56.33
C VAL R 171 21.48 -34.25 -56.21
N PRO R 172 20.77 -34.62 -57.31
CA PRO R 172 19.32 -34.70 -57.17
C PRO R 172 18.89 -35.74 -56.13
N ARG R 173 19.65 -36.83 -56.02
CA ARG R 173 19.37 -37.84 -55.03
C ARG R 173 19.58 -37.30 -53.61
N TYR R 174 20.68 -36.60 -53.38
CA TYR R 174 20.91 -36.02 -52.06
C TYR R 174 19.76 -35.06 -51.67
N LEU R 175 19.38 -34.19 -52.60
CA LEU R 175 18.31 -33.23 -52.37
C LEU R 175 17.00 -33.93 -52.10
N ALA R 176 16.69 -34.95 -52.91
CA ALA R 176 15.47 -35.74 -52.69
C ALA R 176 15.48 -36.38 -51.31
N GLU R 177 16.64 -36.85 -50.88
CA GLU R 177 16.75 -37.50 -49.57
C GLU R 177 16.77 -36.48 -48.43
N ASN R 178 17.02 -35.22 -48.75
CA ASN R 178 17.11 -34.18 -47.71
C ASN R 178 16.20 -32.99 -47.97
N PRO R 179 14.88 -33.20 -47.83
CA PRO R 179 13.94 -32.14 -48.12
C PRO R 179 14.06 -30.96 -47.15
N GLN R 180 14.78 -31.13 -46.04
CA GLN R 180 15.07 -30.00 -45.14
C GLN R 180 16.12 -29.03 -45.70
N THR R 181 16.77 -29.42 -46.80
CA THR R 181 17.90 -28.66 -47.32
C THR R 181 17.61 -27.19 -47.70
N VAL R 182 18.44 -26.30 -47.17
CA VAL R 182 18.62 -24.95 -47.65
C VAL R 182 20.11 -24.85 -47.95
N ILE R 183 20.46 -24.27 -49.09
CA ILE R 183 21.86 -24.13 -49.46
C ILE R 183 22.30 -22.71 -49.20
N ALA R 184 23.17 -22.54 -48.21
CA ALA R 184 23.70 -21.22 -47.92
C ALA R 184 24.84 -20.84 -48.85
N LEU R 185 25.67 -21.83 -49.18
CA LEU R 185 26.81 -21.61 -50.05
C LEU R 185 27.05 -22.79 -50.98
N ALA R 186 27.08 -22.51 -52.28
CA ALA R 186 27.32 -23.54 -53.29
C ALA R 186 28.58 -23.20 -54.05
N TYR R 187 29.61 -24.02 -53.87
CA TYR R 187 30.90 -23.77 -54.52
C TYR R 187 31.09 -24.74 -55.68
N PHE R 188 31.09 -24.19 -56.88
CA PHE R 188 31.17 -24.96 -58.11
C PHE R 188 32.61 -25.09 -58.57
N ASP R 189 33.12 -26.31 -58.58
CA ASP R 189 34.51 -26.54 -58.98
C ASP R 189 34.60 -27.84 -59.78
N LEU R 190 33.63 -28.02 -60.68
CA LEU R 190 33.54 -29.20 -61.53
C LEU R 190 34.38 -29.05 -62.81
N ASP R 191 34.53 -27.81 -63.26
CA ASP R 191 35.24 -27.46 -64.51
C ASP R 191 34.43 -27.75 -65.79
N LEU R 192 33.62 -28.79 -65.77
CA LEU R 192 32.97 -29.25 -66.99
C LEU R 192 31.58 -28.70 -67.19
N TYR R 193 31.20 -28.54 -68.45
CA TYR R 193 29.92 -27.98 -68.79
C TYR R 193 28.72 -28.75 -68.25
N GLU R 194 28.64 -30.04 -68.56
CA GLU R 194 27.42 -30.81 -68.30
C GLU R 194 27.09 -30.97 -66.83
N PRO R 195 28.07 -31.40 -66.02
CA PRO R 195 27.72 -31.51 -64.60
C PRO R 195 27.39 -30.13 -64.01
N THR R 196 28.01 -29.06 -64.48
CA THR R 196 27.69 -27.73 -63.93
C THR R 196 26.24 -27.36 -64.19
N LYS R 197 25.83 -27.53 -65.44
CA LYS R 197 24.47 -27.22 -65.88
C LYS R 197 23.44 -28.03 -65.10
N ALA R 198 23.73 -29.31 -64.90
CA ALA R 198 22.79 -30.19 -64.20
C ALA R 198 22.62 -29.77 -62.75
N VAL R 199 23.75 -29.46 -62.11
CA VAL R 199 23.75 -29.08 -60.71
C VAL R 199 23.10 -27.70 -60.50
N LEU R 200 23.40 -26.74 -61.37
CA LEU R 200 22.77 -25.42 -61.29
C LEU R 200 21.26 -25.53 -61.30
N GLU R 201 20.73 -26.36 -62.20
CA GLU R 201 19.30 -26.55 -62.32
C GLU R 201 18.73 -27.20 -61.08
N ALA R 202 19.50 -28.11 -60.50
CA ALA R 202 19.04 -28.88 -59.37
C ALA R 202 18.94 -28.07 -58.07
N ILE R 203 19.93 -27.24 -57.80
CA ILE R 203 20.00 -26.59 -56.49
C ILE R 203 19.05 -25.41 -56.36
N ARG R 204 18.57 -24.90 -57.48
CA ARG R 204 17.81 -23.63 -57.47
C ARG R 204 16.64 -23.54 -56.48
N PRO R 205 15.82 -24.62 -56.36
CA PRO R 205 14.73 -24.51 -55.38
C PRO R 205 15.20 -24.43 -53.91
N TYR R 206 16.50 -24.61 -53.68
CA TYR R 206 17.00 -24.71 -52.32
C TYR R 206 17.79 -23.48 -51.89
N LEU R 207 17.89 -22.51 -52.80
CA LEU R 207 18.60 -21.26 -52.56
C LEU R 207 17.65 -20.21 -52.00
N THR R 208 18.13 -19.41 -51.06
CA THR R 208 17.35 -18.26 -50.60
C THR R 208 18.05 -16.96 -51.10
N LYS R 209 17.36 -15.83 -50.99
CA LYS R 209 18.00 -14.55 -51.26
C LYS R 209 19.08 -14.35 -50.21
N GLY R 210 20.31 -14.15 -50.64
CA GLY R 210 21.45 -14.12 -49.71
C GLY R 210 22.39 -15.31 -49.87
N SER R 211 21.87 -16.42 -50.40
CA SER R 211 22.69 -17.59 -50.66
C SER R 211 23.81 -17.21 -51.60
N ILE R 212 25.01 -17.72 -51.36
CA ILE R 212 26.11 -17.47 -52.29
C ILE R 212 26.29 -18.63 -53.26
N VAL R 213 26.39 -18.31 -54.54
CA VAL R 213 26.79 -19.30 -55.50
C VAL R 213 28.12 -18.90 -56.09
N ALA R 214 29.11 -19.78 -56.00
CA ALA R 214 30.44 -19.42 -56.46
C ALA R 214 31.05 -20.41 -57.49
N PHE R 215 31.88 -19.87 -58.38
CA PHE R 215 32.54 -20.65 -59.43
C PHE R 215 34.02 -20.39 -59.36
N ASP R 216 34.81 -21.44 -59.54
CA ASP R 216 36.26 -21.34 -59.54
C ASP R 216 36.84 -21.06 -60.93
N GLU R 217 36.09 -21.39 -61.99
CA GLU R 217 36.60 -21.26 -63.36
C GLU R 217 35.67 -20.50 -64.30
N LEU R 218 34.96 -19.50 -63.80
CA LEU R 218 33.92 -18.85 -64.60
C LEU R 218 34.43 -18.23 -65.91
N ASP R 219 35.58 -17.55 -65.87
CA ASP R 219 36.09 -16.88 -67.07
C ASP R 219 37.47 -17.37 -67.50
N ASN R 220 37.75 -18.64 -67.25
CA ASN R 220 38.99 -19.26 -67.69
C ASN R 220 38.82 -19.88 -69.09
N PRO R 221 39.66 -19.45 -70.05
CA PRO R 221 39.67 -19.97 -71.42
C PRO R 221 39.87 -21.47 -71.49
N LYS R 222 40.59 -22.04 -70.53
CA LYS R 222 40.82 -23.47 -70.53
C LYS R 222 39.56 -24.25 -70.18
N TRP R 223 38.64 -23.60 -69.45
CA TRP R 223 37.46 -24.30 -68.94
C TRP R 223 36.17 -23.48 -69.08
N PRO R 224 35.64 -23.34 -70.30
CA PRO R 224 34.49 -22.46 -70.53
C PRO R 224 33.15 -23.08 -70.14
N GLY R 225 33.14 -24.34 -69.70
CA GLY R 225 31.90 -25.03 -69.40
C GLY R 225 31.00 -24.34 -68.39
N GLU R 226 31.58 -23.80 -67.32
CA GLU R 226 30.78 -23.15 -66.28
C GLU R 226 30.07 -21.93 -66.82
N ASN R 227 30.78 -21.16 -67.64
CA ASN R 227 30.22 -19.97 -68.28
C ASN R 227 29.08 -20.37 -69.20
N ILE R 228 29.33 -21.35 -70.06
CA ILE R 228 28.31 -21.88 -70.97
C ILE R 228 27.06 -22.34 -70.21
N ALA R 229 27.25 -23.07 -69.12
CA ALA R 229 26.13 -23.49 -68.29
C ALA R 229 25.37 -22.29 -67.70
N MET R 230 26.11 -21.35 -67.13
CA MET R 230 25.53 -20.15 -66.54
C MET R 230 24.71 -19.39 -67.56
N ARG R 231 25.27 -19.17 -68.74
CA ARG R 231 24.54 -18.48 -69.80
C ARG R 231 23.30 -19.25 -70.25
N LYS R 232 23.37 -20.59 -70.24
CA LYS R 232 22.18 -21.39 -70.58
C LYS R 232 21.11 -21.37 -69.49
N VAL R 233 21.51 -21.43 -68.23
CA VAL R 233 20.54 -21.68 -67.16
C VAL R 233 19.99 -20.37 -66.60
N LEU R 234 20.88 -19.41 -66.39
CA LEU R 234 20.51 -18.15 -65.72
C LEU R 234 20.73 -16.88 -66.54
N GLY R 235 21.81 -16.85 -67.33
CA GLY R 235 22.26 -15.61 -67.95
C GLY R 235 23.31 -15.02 -67.02
N LEU R 236 24.37 -14.44 -67.59
CA LEU R 236 25.44 -13.85 -66.78
C LEU R 236 24.99 -12.62 -66.00
N ASP R 237 23.87 -12.01 -66.39
CA ASP R 237 23.37 -10.84 -65.66
C ASP R 237 22.16 -11.18 -64.79
N HIS R 238 22.03 -12.45 -64.41
CA HIS R 238 20.90 -12.85 -63.57
C HIS R 238 21.02 -12.26 -62.18
N ALA R 239 22.25 -12.25 -61.69
CA ALA R 239 22.61 -11.68 -60.41
C ALA R 239 23.94 -11.00 -60.65
N PRO R 240 24.44 -10.21 -59.69
CA PRO R 240 25.74 -9.61 -60.01
C PRO R 240 26.90 -10.55 -59.68
N LEU R 241 27.72 -10.89 -60.67
CA LEU R 241 28.90 -11.72 -60.44
C LEU R 241 30.05 -10.86 -59.95
N ARG R 242 30.75 -11.32 -58.93
CA ARG R 242 31.77 -10.50 -58.29
C ARG R 242 33.09 -11.23 -58.08
N LEU R 243 34.19 -10.47 -58.03
CA LEU R 243 35.47 -11.00 -57.57
C LEU R 243 35.79 -10.40 -56.21
N LEU R 244 36.53 -11.12 -55.41
CA LEU R 244 37.23 -10.49 -54.31
C LEU R 244 38.41 -9.79 -54.99
N PRO R 245 38.48 -8.46 -54.91
CA PRO R 245 39.45 -7.72 -55.74
C PRO R 245 40.88 -8.25 -55.60
N GLY R 246 41.62 -8.25 -56.71
CA GLY R 246 42.98 -8.76 -56.72
C GLY R 246 43.08 -10.22 -57.10
N ARG R 247 41.94 -10.90 -57.19
CA ARG R 247 41.93 -12.34 -57.39
C ARG R 247 41.09 -12.71 -58.57
N PRO R 248 41.62 -13.56 -59.46
CA PRO R 248 40.87 -13.92 -60.67
C PRO R 248 39.72 -14.85 -60.33
N ALA R 249 39.79 -15.50 -59.17
CA ALA R 249 38.75 -16.45 -58.76
C ALA R 249 38.68 -16.56 -57.23
N PRO R 250 37.51 -16.92 -56.69
CA PRO R 250 36.27 -17.29 -57.39
C PRO R 250 35.50 -16.09 -57.90
N ALA R 251 34.52 -16.38 -58.74
CA ALA R 251 33.52 -15.42 -59.15
C ALA R 251 32.28 -15.87 -58.41
N TYR R 252 31.57 -14.95 -57.76
CA TYR R 252 30.46 -15.36 -56.94
C TYR R 252 29.32 -14.36 -57.01
N LEU R 253 28.10 -14.85 -56.82
CA LEU R 253 26.92 -14.02 -56.80
C LEU R 253 26.12 -14.28 -55.53
N ARG R 254 25.42 -13.25 -55.10
CA ARG R 254 24.47 -13.32 -54.02
C ARG R 254 23.08 -13.53 -54.63
N TRP R 255 22.48 -14.69 -54.40
CA TRP R 255 21.22 -15.01 -55.05
C TRP R 255 20.17 -13.94 -54.79
N GLY R 256 19.52 -13.48 -55.85
CA GLY R 256 18.44 -12.52 -55.70
C GLY R 256 18.88 -11.06 -55.76
N ASP R 257 20.18 -10.82 -55.86
CA ASP R 257 20.66 -9.42 -55.94
C ASP R 257 20.57 -8.87 -57.37
N GLN S 7 18.46 -45.79 -39.83
CA GLN S 7 18.82 -44.37 -39.76
C GLN S 7 19.52 -44.03 -38.44
N ASP S 8 20.71 -43.44 -38.58
CA ASP S 8 21.52 -43.05 -37.43
C ASP S 8 20.84 -41.90 -36.69
N LEU S 9 20.50 -42.13 -35.43
CA LEU S 9 19.77 -41.13 -34.65
C LEU S 9 20.68 -40.04 -34.16
N ARG S 10 21.99 -40.31 -34.14
CA ARG S 10 22.96 -39.31 -33.73
C ARG S 10 23.20 -38.23 -34.81
N ALA S 11 22.59 -38.41 -35.98
CA ALA S 11 22.65 -37.43 -37.06
C ALA S 11 21.69 -36.28 -36.82
N PHE S 12 20.80 -36.47 -35.86
CA PHE S 12 19.87 -35.44 -35.44
C PHE S 12 20.53 -34.68 -34.31
N VAL S 13 20.17 -33.42 -34.16
CA VAL S 13 20.69 -32.64 -33.05
C VAL S 13 20.19 -33.28 -31.77
N HIS S 14 21.09 -33.50 -30.82
CA HIS S 14 20.71 -34.06 -29.53
C HIS S 14 21.64 -33.53 -28.47
N ASP S 15 21.21 -33.58 -27.22
CA ASP S 15 22.00 -33.05 -26.12
C ASP S 15 23.31 -33.81 -25.89
N SER S 16 24.38 -33.08 -25.64
CA SER S 16 25.64 -33.68 -25.21
C SER S 16 25.45 -34.24 -23.80
N PRO S 17 26.38 -35.09 -23.33
CA PRO S 17 26.25 -35.51 -21.93
C PRO S 17 26.41 -34.33 -20.99
N GLU S 18 27.24 -33.35 -21.35
CA GLU S 18 27.47 -32.19 -20.50
C GLU S 18 26.25 -31.27 -20.45
N GLU S 19 25.53 -31.17 -21.56
CA GLU S 19 24.34 -30.35 -21.63
C GLU S 19 23.25 -30.93 -20.74
N THR S 20 23.13 -32.25 -20.73
CA THR S 20 22.14 -32.90 -19.87
C THR S 20 22.50 -32.70 -18.41
N GLU S 21 23.78 -32.83 -18.11
CA GLU S 21 24.26 -32.69 -16.75
C GLU S 21 24.02 -31.29 -16.23
N THR S 22 24.30 -30.27 -17.05
CA THR S 22 24.01 -28.89 -16.68
C THR S 22 22.53 -28.71 -16.37
N THR S 23 21.69 -29.23 -17.25
CA THR S 23 20.25 -29.14 -17.11
C THR S 23 19.79 -29.79 -15.80
N GLN S 24 20.25 -31.02 -15.55
CA GLN S 24 19.89 -31.74 -14.33
C GLN S 24 20.41 -31.08 -13.06
N ARG S 25 21.66 -30.64 -13.07
CA ARG S 25 22.21 -29.97 -11.90
C ARG S 25 21.46 -28.69 -11.59
N LEU S 26 21.23 -27.88 -12.63
CA LEU S 26 20.47 -26.65 -12.46
C LEU S 26 19.03 -26.91 -11.96
N THR S 27 18.41 -27.97 -12.45
CA THR S 27 17.08 -28.34 -11.99
C THR S 27 17.09 -28.60 -10.48
N LYS S 28 18.00 -29.48 -10.03
CA LYS S 28 18.15 -29.79 -8.60
C LYS S 28 18.42 -28.53 -7.82
N LEU S 29 19.36 -27.72 -8.30
CA LEU S 29 19.74 -26.53 -7.56
C LEU S 29 18.61 -25.50 -7.47
N LEU S 30 17.61 -25.64 -8.34
CA LEU S 30 16.46 -24.73 -8.32
C LEU S 30 15.42 -25.21 -7.30
N THR S 31 15.15 -26.50 -7.31
CA THR S 31 14.13 -27.05 -6.42
C THR S 31 14.65 -27.25 -5.00
N ASN S 32 15.96 -27.19 -4.83
CA ASN S 32 16.57 -27.34 -3.52
C ASN S 32 17.44 -26.16 -3.19
N SER S 33 16.89 -24.97 -3.38
CA SER S 33 17.67 -23.76 -3.23
C SER S 33 17.56 -23.20 -1.81
N PRO S 34 18.67 -22.71 -1.26
CA PRO S 34 18.66 -21.97 0.00
C PRO S 34 18.26 -20.51 -0.20
N ILE S 35 18.00 -20.11 -1.44
CA ILE S 35 17.40 -18.80 -1.68
C ILE S 35 15.99 -18.85 -1.10
N PRO S 36 15.60 -17.85 -0.31
CA PRO S 36 14.21 -17.75 0.14
C PRO S 36 13.29 -17.87 -1.07
N THR S 37 12.23 -18.67 -0.95
CA THR S 37 11.29 -18.93 -2.04
C THR S 37 10.78 -17.63 -2.71
N GLU S 38 10.64 -16.59 -1.91
CA GLU S 38 10.08 -15.34 -2.37
C GLU S 38 11.07 -14.56 -3.22
N GLU S 39 12.32 -15.03 -3.28
CA GLU S 39 13.36 -14.35 -4.07
C GLU S 39 13.77 -15.17 -5.30
N LEU S 40 13.22 -16.36 -5.45
CA LEU S 40 13.53 -17.17 -6.64
C LEU S 40 13.33 -16.39 -7.94
N VAL S 41 12.18 -15.75 -8.09
CA VAL S 41 11.84 -15.06 -9.35
C VAL S 41 12.62 -13.76 -9.55
N ASN S 42 13.46 -13.41 -8.58
CA ASN S 42 14.38 -12.29 -8.72
C ASN S 42 15.80 -12.79 -9.03
N ASN S 43 15.92 -14.08 -9.30
CA ASN S 43 17.23 -14.68 -9.51
C ASN S 43 17.18 -15.83 -10.50
N LEU S 44 16.16 -15.88 -11.36
CA LEU S 44 16.05 -16.95 -12.37
C LEU S 44 17.28 -17.14 -13.28
N PRO S 45 18.03 -16.05 -13.62
CA PRO S 45 19.20 -16.27 -14.48
C PRO S 45 20.27 -17.21 -13.89
N LEU S 46 20.21 -17.45 -12.58
CA LEU S 46 21.08 -18.45 -11.99
C LEU S 46 20.84 -19.80 -12.67
N PHE S 47 19.61 -20.03 -13.11
CA PHE S 47 19.22 -21.34 -13.62
C PHE S 47 18.94 -21.39 -15.13
N LEU S 48 19.17 -20.26 -15.78
CA LEU S 48 18.95 -20.12 -17.22
C LEU S 48 20.24 -20.39 -17.98
N ARG S 49 20.40 -21.61 -18.48
CA ARG S 49 21.66 -21.98 -19.12
C ARG S 49 21.80 -21.36 -20.50
N ARG S 50 23.03 -21.39 -21.02
CA ARG S 50 23.35 -20.89 -22.38
C ARG S 50 22.27 -21.13 -23.44
N HIS S 51 21.96 -22.41 -23.68
CA HIS S 51 20.97 -22.78 -24.69
C HIS S 51 19.65 -22.01 -24.53
N GLN S 52 19.15 -21.93 -23.28
CA GLN S 52 17.87 -21.28 -23.03
C GLN S 52 18.00 -19.77 -23.05
N MET S 53 19.15 -19.27 -22.62
CA MET S 53 19.42 -17.84 -22.68
C MET S 53 19.42 -17.40 -24.14
N THR S 54 20.04 -18.22 -24.99
CA THR S 54 20.12 -17.94 -26.42
C THR S 54 18.71 -17.78 -27.02
N ASP S 55 17.80 -18.63 -26.56
CA ASP S 55 16.45 -18.61 -27.08
C ASP S 55 15.80 -17.28 -26.73
N LEU S 56 15.99 -16.87 -25.47
CA LEU S 56 15.46 -15.60 -25.00
C LEU S 56 15.98 -14.43 -25.85
N LEU S 57 17.30 -14.35 -26.02
CA LEU S 57 17.92 -13.28 -26.79
C LEU S 57 17.41 -13.23 -28.24
N SER S 58 17.18 -14.39 -28.83
CA SER S 58 16.62 -14.48 -30.19
C SER S 58 15.22 -13.92 -30.27
N MET S 59 14.38 -14.29 -29.30
CA MET S 59 13.04 -13.72 -29.24
C MET S 59 13.10 -12.21 -29.10
N ASP S 60 14.04 -11.73 -28.29
CA ASP S 60 14.24 -10.29 -28.09
C ASP S 60 14.66 -9.63 -29.40
N ALA S 61 15.57 -10.27 -30.13
CA ALA S 61 16.03 -9.74 -31.41
C ALA S 61 14.86 -9.65 -32.41
N LEU S 62 13.99 -10.66 -32.44
CA LEU S 62 12.86 -10.65 -33.37
C LEU S 62 11.83 -9.57 -32.97
N TYR S 63 11.53 -9.49 -31.69
CA TYR S 63 10.57 -8.49 -31.19
C TYR S 63 11.04 -7.08 -31.59
N ARG S 64 12.29 -6.77 -31.32
CA ARG S 64 12.85 -5.46 -31.64
C ARG S 64 12.74 -5.08 -33.13
N GLN S 65 12.68 -6.08 -34.01
CA GLN S 65 12.53 -5.79 -35.43
C GLN S 65 11.11 -5.44 -35.83
N VAL S 66 10.16 -5.67 -34.93
CA VAL S 66 8.77 -5.29 -35.22
C VAL S 66 8.22 -4.14 -34.39
N LEU S 67 9.09 -3.46 -33.64
CA LEU S 67 8.64 -2.33 -32.81
C LEU S 67 8.04 -1.20 -33.64
N ASP S 68 8.47 -1.09 -34.89
CA ASP S 68 7.88 -0.09 -35.77
C ASP S 68 6.89 -0.70 -36.78
N VAL S 69 6.29 -1.85 -36.44
CA VAL S 69 5.32 -2.49 -37.35
C VAL S 69 4.00 -2.72 -36.65
N PRO S 70 2.89 -2.31 -37.26
CA PRO S 70 1.64 -2.47 -36.52
C PRO S 70 1.27 -3.93 -36.43
N GLY S 71 0.36 -4.25 -35.52
CA GLY S 71 -0.21 -5.59 -35.51
C GLY S 71 0.17 -6.45 -34.32
N VAL S 72 -0.13 -7.74 -34.44
CA VAL S 72 -0.06 -8.67 -33.33
C VAL S 72 1.05 -9.69 -33.50
N ILE S 73 1.25 -10.48 -32.45
CA ILE S 73 2.29 -11.50 -32.42
C ILE S 73 1.61 -12.84 -32.29
N MET S 74 1.89 -13.75 -33.22
CA MET S 74 1.31 -15.08 -33.15
C MET S 74 2.42 -16.12 -33.01
N GLU S 75 2.22 -17.09 -32.13
CA GLU S 75 3.04 -18.28 -32.09
C GLU S 75 2.18 -19.49 -32.44
N PHE S 76 2.59 -20.24 -33.45
CA PHE S 76 1.95 -21.49 -33.77
C PHE S 76 2.81 -22.61 -33.19
N GLY S 77 2.32 -23.21 -32.11
CA GLY S 77 3.10 -24.20 -31.38
C GLY S 77 3.58 -23.61 -30.07
N VAL S 78 2.81 -23.81 -29.01
CA VAL S 78 3.05 -23.18 -27.72
C VAL S 78 3.69 -24.13 -26.70
N ARG S 79 3.22 -25.38 -26.69
CA ARG S 79 3.54 -26.33 -25.65
C ARG S 79 3.35 -25.75 -24.25
N PHE S 80 4.44 -25.63 -23.48
CA PHE S 80 4.34 -25.10 -22.13
C PHE S 80 4.28 -23.58 -22.06
N GLY S 81 4.66 -22.92 -23.16
CA GLY S 81 4.48 -21.48 -23.27
C GLY S 81 5.73 -20.64 -23.10
N ARG S 82 6.90 -21.26 -23.15
CA ARG S 82 8.17 -20.54 -23.01
C ARG S 82 8.19 -19.20 -23.77
N HIS S 83 7.86 -19.25 -25.06
CA HIS S 83 7.90 -18.04 -25.88
C HIS S 83 6.84 -17.02 -25.49
N LEU S 84 5.66 -17.46 -25.10
CA LEU S 84 4.60 -16.53 -24.70
C LEU S 84 4.99 -15.70 -23.48
N GLY S 85 5.60 -16.37 -22.50
CA GLY S 85 6.11 -15.70 -21.32
C GLY S 85 7.16 -14.67 -21.69
N THR S 86 8.07 -15.06 -22.59
CA THR S 86 9.10 -14.17 -23.11
C THR S 86 8.43 -12.97 -23.76
N PHE S 87 7.52 -13.22 -24.69
CA PHE S 87 6.84 -12.14 -25.39
C PHE S 87 6.10 -11.22 -24.42
N ALA S 88 5.42 -11.79 -23.43
CA ALA S 88 4.66 -11.00 -22.46
C ALA S 88 5.55 -10.06 -21.66
N ALA S 89 6.77 -10.51 -21.38
CA ALA S 89 7.69 -9.67 -20.61
C ALA S 89 8.32 -8.63 -21.53
N LEU S 90 8.68 -9.04 -22.76
CA LEU S 90 9.26 -8.10 -23.74
C LEU S 90 8.28 -6.98 -24.11
N ARG S 91 7.01 -7.31 -24.23
CA ARG S 91 6.01 -6.31 -24.52
C ARG S 91 5.97 -5.26 -23.43
N GLY S 92 6.21 -5.71 -22.18
CA GLY S 92 6.34 -4.79 -21.06
C GLY S 92 7.57 -3.90 -21.21
N VAL S 93 8.70 -4.51 -21.54
CA VAL S 93 9.95 -3.76 -21.72
C VAL S 93 9.83 -2.66 -22.76
N TYR S 94 9.32 -3.01 -23.94
CA TYR S 94 9.34 -2.09 -25.07
C TYR S 94 8.03 -1.35 -25.32
N GLU S 95 6.90 -1.89 -24.92
CA GLU S 95 5.64 -1.26 -25.35
C GLU S 95 4.57 -1.04 -24.29
N PRO S 96 4.91 -0.27 -23.24
CA PRO S 96 3.93 -0.02 -22.18
C PRO S 96 2.64 0.54 -22.74
N TYR S 97 2.73 1.35 -23.79
CA TYR S 97 1.58 2.09 -24.28
C TYR S 97 0.88 1.52 -25.52
N ASN S 98 1.15 0.26 -25.85
CA ASN S 98 0.52 -0.38 -26.99
C ASN S 98 -0.43 -1.52 -26.60
N PRO S 99 -1.68 -1.19 -26.25
CA PRO S 99 -2.66 -2.21 -25.86
C PRO S 99 -3.13 -3.04 -27.06
N LEU S 100 -2.69 -2.71 -28.27
CA LEU S 100 -3.12 -3.41 -29.47
C LEU S 100 -2.15 -4.52 -29.89
N ARG S 101 -0.98 -4.58 -29.25
CA ARG S 101 -0.04 -5.66 -29.50
C ARG S 101 -0.48 -6.90 -28.78
N ARG S 102 -1.46 -7.59 -29.37
CA ARG S 102 -1.98 -8.81 -28.80
C ARG S 102 -0.97 -9.94 -29.03
N ILE S 103 -0.87 -10.82 -28.04
CA ILE S 103 -0.09 -12.03 -28.16
C ILE S 103 -1.04 -13.22 -28.28
N VAL S 104 -0.96 -13.93 -29.41
CA VAL S 104 -1.88 -15.04 -29.64
C VAL S 104 -1.13 -16.35 -29.83
N GLY S 105 -1.40 -17.30 -28.93
CA GLY S 105 -0.81 -18.62 -29.01
C GLY S 105 -1.79 -19.68 -29.46
N PHE S 106 -1.42 -20.42 -30.50
CA PHE S 106 -2.23 -21.54 -30.99
C PHE S 106 -1.54 -22.87 -30.68
N ASP S 107 -2.31 -23.81 -30.12
CA ASP S 107 -1.84 -25.16 -29.90
C ASP S 107 -3.04 -26.08 -29.64
N THR S 108 -2.89 -27.37 -29.91
CA THR S 108 -3.87 -28.35 -29.46
C THR S 108 -3.78 -28.45 -27.94
N PHE S 109 -2.59 -28.20 -27.40
CA PHE S 109 -2.21 -28.54 -26.02
C PHE S 109 -2.37 -30.04 -25.69
N THR S 110 -2.50 -30.86 -26.72
CA THR S 110 -2.56 -32.30 -26.57
C THR S 110 -1.62 -32.97 -27.59
N GLY S 111 -0.67 -32.21 -28.11
CA GLY S 111 0.37 -32.75 -28.99
C GLY S 111 -0.06 -32.82 -30.44
N PHE S 112 0.83 -33.31 -31.31
CA PHE S 112 0.56 -33.45 -32.74
C PHE S 112 -0.78 -34.14 -32.94
N PRO S 113 -1.67 -33.54 -33.75
CA PRO S 113 -2.96 -34.21 -33.96
C PRO S 113 -2.88 -35.37 -34.96
N ASP S 114 -1.85 -35.36 -35.79
CA ASP S 114 -1.63 -36.38 -36.80
C ASP S 114 -0.31 -36.00 -37.44
N VAL S 115 0.28 -36.88 -38.23
CA VAL S 115 1.53 -36.53 -38.90
C VAL S 115 1.46 -36.98 -40.35
N ASN S 116 2.13 -36.25 -41.22
CA ASN S 116 2.23 -36.65 -42.61
C ASN S 116 3.41 -37.61 -42.75
N ASP S 117 3.42 -38.42 -43.81
CA ASP S 117 4.56 -39.27 -44.13
C ASP S 117 5.90 -38.50 -44.17
N VAL S 118 5.89 -37.28 -44.70
CA VAL S 118 7.12 -36.51 -44.84
C VAL S 118 7.66 -36.06 -43.48
N ASP S 119 6.81 -36.04 -42.45
CA ASP S 119 7.29 -35.71 -41.11
C ASP S 119 7.95 -36.90 -40.39
N ARG S 120 7.67 -38.12 -40.85
CA ARG S 120 8.19 -39.32 -40.19
C ARG S 120 9.63 -39.63 -40.53
N VAL S 121 10.56 -38.85 -40.00
CA VAL S 121 11.98 -39.00 -40.29
C VAL S 121 12.69 -39.52 -39.03
N GLY S 122 12.34 -38.93 -37.90
CA GLY S 122 12.87 -39.35 -36.63
C GLY S 122 11.77 -40.07 -35.87
N PRO S 123 12.09 -40.58 -34.68
CA PRO S 123 11.18 -41.45 -33.95
C PRO S 123 10.10 -40.73 -33.13
N THR S 124 10.17 -39.39 -33.05
CA THR S 124 9.20 -38.67 -32.22
C THR S 124 8.00 -38.13 -33.02
N ALA S 125 7.93 -38.47 -34.31
CA ALA S 125 6.82 -38.04 -35.15
C ALA S 125 5.58 -38.94 -34.98
N TYR S 126 4.88 -38.78 -33.86
CA TYR S 126 3.63 -39.52 -33.65
C TYR S 126 2.57 -38.63 -33.03
N GLN S 127 1.30 -39.01 -33.26
CA GLN S 127 0.15 -38.31 -32.71
C GLN S 127 0.27 -38.22 -31.19
N GLY S 128 0.06 -37.04 -30.63
CA GLY S 128 0.14 -36.86 -29.20
C GLY S 128 1.51 -36.44 -28.72
N ARG S 129 2.50 -36.47 -29.59
CA ARG S 129 3.83 -35.99 -29.19
C ARG S 129 3.80 -34.51 -28.75
N PHE S 130 4.34 -34.24 -27.56
CA PHE S 130 4.47 -32.90 -26.96
C PHE S 130 3.22 -32.41 -26.22
N ALA S 131 2.24 -33.30 -26.07
CA ALA S 131 1.07 -33.04 -25.25
C ALA S 131 1.48 -32.54 -23.86
N VAL S 132 0.72 -31.57 -23.34
CA VAL S 132 0.95 -31.06 -22.01
C VAL S 132 -0.24 -31.47 -21.16
N PRO S 133 -0.08 -31.50 -19.81
CA PRO S 133 -1.13 -32.00 -18.89
C PRO S 133 -2.53 -31.44 -19.13
N GLY S 134 -3.55 -32.19 -18.76
CA GLY S 134 -4.92 -31.72 -18.82
C GLY S 134 -5.11 -30.47 -17.97
N GLY S 135 -5.79 -29.48 -18.51
CA GLY S 135 -5.97 -28.23 -17.79
C GLY S 135 -4.78 -27.28 -17.89
N TYR S 136 -3.73 -27.65 -18.62
CA TYR S 136 -2.59 -26.76 -18.77
C TYR S 136 -2.92 -25.34 -19.28
N PRO S 137 -3.77 -25.23 -20.33
CA PRO S 137 -4.17 -23.90 -20.81
C PRO S 137 -4.63 -22.94 -19.72
N ALA S 138 -5.43 -23.41 -18.75
CA ALA S 138 -5.87 -22.52 -17.67
C ALA S 138 -4.68 -22.04 -16.83
N TYR S 139 -3.70 -22.92 -16.63
CA TYR S 139 -2.50 -22.55 -15.88
C TYR S 139 -1.67 -21.50 -16.64
N LEU S 140 -1.43 -21.75 -17.92
CA LEU S 140 -0.69 -20.78 -18.73
C LEU S 140 -1.41 -19.42 -18.73
N LYS S 141 -2.73 -19.44 -18.86
CA LYS S 141 -3.52 -18.22 -18.81
C LYS S 141 -3.30 -17.49 -17.47
N GLU S 142 -3.21 -18.24 -16.37
CA GLU S 142 -2.86 -17.65 -15.10
C GLU S 142 -1.50 -16.96 -15.15
N VAL S 143 -0.52 -17.64 -15.74
CA VAL S 143 0.80 -17.06 -15.85
C VAL S 143 0.76 -15.76 -16.66
N LEU S 144 0.16 -15.82 -17.84
CA LEU S 144 0.08 -14.64 -18.68
C LEU S 144 -0.67 -13.53 -17.94
N ASP S 145 -1.75 -13.88 -17.25
CA ASP S 145 -2.47 -12.89 -16.45
C ASP S 145 -1.62 -12.24 -15.36
N ALA S 146 -0.70 -13.00 -14.76
CA ALA S 146 0.17 -12.45 -13.72
C ALA S 146 1.06 -11.34 -14.29
N HIS S 147 1.63 -11.57 -15.46
CA HIS S 147 2.38 -10.53 -16.16
C HIS S 147 1.53 -9.30 -16.42
N GLU S 148 0.34 -9.49 -16.99
CA GLU S 148 -0.51 -8.38 -17.39
C GLU S 148 -1.05 -7.53 -16.25
N CYS S 149 -1.09 -8.10 -15.03
CA CYS S 149 -1.47 -7.38 -13.82
C CYS S 149 -0.76 -6.04 -13.71
N SER S 150 0.52 -6.04 -14.07
CA SER S 150 1.35 -4.88 -13.86
C SER S 150 1.66 -4.12 -15.15
N ASP S 151 1.00 -4.49 -16.24
CA ASP S 151 1.17 -3.70 -17.45
C ASP S 151 0.45 -2.34 -17.31
N PHE S 152 1.01 -1.34 -17.97
CA PHE S 152 0.39 -0.02 -17.99
C PHE S 152 -1.03 -0.12 -18.53
N PHE S 153 -1.25 -1.04 -19.47
CA PHE S 153 -2.60 -1.24 -20.01
C PHE S 153 -3.27 -2.50 -19.47
N GLY S 154 -2.87 -2.90 -18.27
CA GLY S 154 -3.37 -4.12 -17.66
C GLY S 154 -4.88 -4.19 -17.51
N HIS S 155 -5.57 -3.04 -17.54
CA HIS S 155 -7.02 -3.04 -17.46
C HIS S 155 -7.73 -3.46 -18.75
N VAL S 156 -7.01 -3.48 -19.86
CA VAL S 156 -7.59 -3.95 -21.11
C VAL S 156 -7.35 -5.43 -21.17
N THR S 157 -8.40 -6.20 -21.42
CA THR S 157 -8.30 -7.65 -21.39
C THR S 157 -8.06 -8.23 -22.78
N GLN S 158 -7.86 -9.54 -22.81
CA GLN S 158 -7.60 -10.25 -24.06
C GLN S 158 -6.39 -9.69 -24.81
N ARG S 159 -5.42 -9.14 -24.09
CA ARG S 159 -4.13 -8.80 -24.71
C ARG S 159 -3.25 -10.05 -24.86
N SER S 160 -3.64 -11.13 -24.19
CA SER S 160 -3.05 -12.45 -24.44
C SER S 160 -4.18 -13.42 -24.67
N VAL S 161 -4.05 -14.24 -25.71
CA VAL S 161 -5.10 -15.17 -26.07
C VAL S 161 -4.50 -16.54 -26.37
N LEU S 162 -5.07 -17.57 -25.75
CA LEU S 162 -4.69 -18.94 -26.08
C LEU S 162 -5.82 -19.57 -26.85
N VAL S 163 -5.52 -20.03 -28.05
CA VAL S 163 -6.51 -20.65 -28.92
C VAL S 163 -6.20 -22.15 -29.00
N GLU S 164 -7.10 -22.97 -28.46
CA GLU S 164 -6.88 -24.41 -28.38
C GLU S 164 -7.53 -25.11 -29.55
N GLY S 165 -6.77 -25.98 -30.22
CA GLY S 165 -7.32 -26.76 -31.31
C GLY S 165 -6.31 -26.96 -32.39
N ASP S 166 -6.74 -27.62 -33.46
CA ASP S 166 -5.94 -27.81 -34.66
C ASP S 166 -5.87 -26.46 -35.39
N VAL S 167 -4.66 -25.95 -35.62
CA VAL S 167 -4.49 -24.67 -36.33
C VAL S 167 -5.14 -24.62 -37.72
N ARG S 168 -5.26 -25.78 -38.36
CA ARG S 168 -5.92 -25.87 -39.65
C ARG S 168 -7.34 -25.33 -39.56
N GLU S 169 -7.98 -25.48 -38.41
CA GLU S 169 -9.30 -24.88 -38.22
C GLU S 169 -9.27 -23.59 -37.40
N THR S 170 -8.43 -23.52 -36.38
CA THR S 170 -8.49 -22.41 -35.43
C THR S 170 -7.89 -21.11 -35.95
N VAL S 171 -6.88 -21.22 -36.82
CA VAL S 171 -6.24 -20.04 -37.35
C VAL S 171 -7.16 -19.31 -38.35
N PRO S 172 -7.69 -20.02 -39.37
CA PRO S 172 -8.65 -19.28 -40.20
C PRO S 172 -9.84 -18.74 -39.39
N ARG S 173 -10.28 -19.46 -38.37
CA ARG S 173 -11.41 -18.99 -37.57
C ARG S 173 -11.05 -17.74 -36.77
N TYR S 174 -9.87 -17.73 -36.13
CA TYR S 174 -9.41 -16.54 -35.43
C TYR S 174 -9.38 -15.29 -36.34
N LEU S 175 -8.83 -15.47 -37.54
CA LEU S 175 -8.74 -14.41 -38.51
C LEU S 175 -10.11 -13.92 -38.91
N ALA S 176 -11.04 -14.86 -39.07
CA ALA S 176 -12.40 -14.52 -39.48
C ALA S 176 -13.04 -13.65 -38.42
N GLU S 177 -12.80 -14.00 -37.15
CA GLU S 177 -13.42 -13.31 -36.03
C GLU S 177 -12.71 -12.00 -35.72
N ASN S 178 -11.52 -11.84 -36.27
CA ASN S 178 -10.71 -10.64 -36.02
C ASN S 178 -10.30 -9.93 -37.31
N PRO S 179 -11.27 -9.32 -38.02
CA PRO S 179 -10.93 -8.70 -39.30
C PRO S 179 -10.02 -7.46 -39.17
N GLN S 180 -9.72 -7.02 -37.95
CA GLN S 180 -8.82 -5.89 -37.75
C GLN S 180 -7.36 -6.33 -37.77
N THR S 181 -7.14 -7.64 -37.81
CA THR S 181 -5.80 -8.20 -37.64
C THR S 181 -4.76 -7.67 -38.65
N VAL S 182 -3.61 -7.27 -38.12
CA VAL S 182 -2.38 -7.18 -38.88
C VAL S 182 -1.36 -8.06 -38.14
N ILE S 183 -0.57 -8.83 -38.88
CA ILE S 183 0.37 -9.71 -38.20
C ILE S 183 1.78 -9.18 -38.30
N ALA S 184 2.31 -8.76 -37.15
CA ALA S 184 3.65 -8.18 -37.11
C ALA S 184 4.74 -9.25 -37.04
N LEU S 185 4.47 -10.29 -36.27
CA LEU S 185 5.43 -11.37 -36.08
C LEU S 185 4.68 -12.70 -36.03
N ALA S 186 5.07 -13.60 -36.91
CA ALA S 186 4.47 -14.92 -36.95
C ALA S 186 5.55 -15.92 -36.65
N TYR S 187 5.46 -16.55 -35.48
CA TYR S 187 6.46 -17.54 -35.10
C TYR S 187 5.95 -18.99 -35.32
N PHE S 188 6.56 -19.69 -36.27
CA PHE S 188 6.15 -21.05 -36.59
C PHE S 188 6.96 -22.06 -35.80
N ASP S 189 6.29 -22.85 -34.98
CA ASP S 189 7.00 -23.88 -34.25
C ASP S 189 6.11 -25.10 -34.13
N LEU S 190 5.46 -25.45 -35.25
CA LEU S 190 4.56 -26.59 -35.31
C LEU S 190 5.29 -27.87 -35.69
N ASP S 191 6.46 -27.72 -36.33
CA ASP S 191 7.30 -28.84 -36.76
C ASP S 191 6.79 -29.60 -37.98
N LEU S 192 5.47 -29.59 -38.16
CA LEU S 192 4.84 -30.51 -39.10
C LEU S 192 4.46 -29.84 -40.42
N TYR S 193 4.56 -30.62 -41.49
CA TYR S 193 4.28 -30.15 -42.85
C TYR S 193 2.91 -29.53 -43.04
N GLU S 194 1.86 -30.29 -42.75
CA GLU S 194 0.50 -29.86 -43.09
C GLU S 194 0.01 -28.62 -42.34
N PRO S 195 0.14 -28.61 -40.99
CA PRO S 195 -0.33 -27.39 -40.33
C PRO S 195 0.51 -26.16 -40.73
N THR S 196 1.81 -26.34 -40.96
CA THR S 196 2.66 -25.22 -41.36
C THR S 196 2.18 -24.64 -42.68
N LYS S 197 1.88 -25.53 -43.62
CA LYS S 197 1.41 -25.12 -44.93
C LYS S 197 0.10 -24.36 -44.81
N ALA S 198 -0.83 -24.93 -44.05
CA ALA S 198 -2.16 -24.34 -43.83
C ALA S 198 -2.06 -22.94 -43.24
N VAL S 199 -1.28 -22.81 -42.16
CA VAL S 199 -1.13 -21.53 -41.50
C VAL S 199 -0.46 -20.48 -42.40
N LEU S 200 0.59 -20.88 -43.11
CA LEU S 200 1.25 -19.97 -44.06
C LEU S 200 0.27 -19.38 -45.05
N GLU S 201 -0.58 -20.22 -45.63
CA GLU S 201 -1.56 -19.76 -46.60
C GLU S 201 -2.59 -18.84 -45.97
N ALA S 202 -2.95 -19.14 -44.74
CA ALA S 202 -3.98 -18.38 -44.04
C ALA S 202 -3.54 -16.97 -43.61
N ILE S 203 -2.31 -16.83 -43.14
CA ILE S 203 -1.88 -15.57 -42.54
C ILE S 203 -1.50 -14.55 -43.58
N ARG S 204 -1.31 -15.01 -44.80
CA ARG S 204 -0.72 -14.17 -45.83
C ARG S 204 -1.40 -12.80 -46.11
N PRO S 205 -2.74 -12.76 -46.15
CA PRO S 205 -3.34 -11.45 -46.42
C PRO S 205 -3.23 -10.48 -45.24
N TYR S 206 -2.70 -10.95 -44.11
CA TYR S 206 -2.64 -10.13 -42.90
C TYR S 206 -1.23 -9.60 -42.57
N LEU S 207 -0.29 -9.91 -43.47
CA LEU S 207 1.08 -9.43 -43.35
C LEU S 207 1.29 -8.09 -44.07
N THR S 208 2.14 -7.23 -43.50
CA THR S 208 2.57 -6.07 -44.26
C THR S 208 4.05 -6.22 -44.58
N LYS S 209 4.55 -5.38 -45.47
CA LYS S 209 5.99 -5.37 -45.72
C LYS S 209 6.67 -4.95 -44.42
N GLY S 210 7.61 -5.77 -43.97
CA GLY S 210 8.23 -5.53 -42.68
C GLY S 210 7.80 -6.54 -41.62
N SER S 211 6.66 -7.18 -41.82
CA SER S 211 6.23 -8.24 -40.90
C SER S 211 7.32 -9.28 -40.86
N ILE S 212 7.58 -9.84 -39.68
CA ILE S 212 8.56 -10.90 -39.59
C ILE S 212 7.85 -12.24 -39.54
N VAL S 213 8.32 -13.18 -40.38
CA VAL S 213 7.90 -14.58 -40.33
C VAL S 213 9.11 -15.43 -39.93
N ALA S 214 8.96 -16.20 -38.85
CA ALA S 214 10.07 -16.98 -38.32
C ALA S 214 9.77 -18.48 -38.14
N PHE S 215 10.76 -19.31 -38.47
CA PHE S 215 10.69 -20.76 -38.37
C PHE S 215 11.74 -21.27 -37.39
N ASP S 216 11.37 -22.26 -36.59
CA ASP S 216 12.29 -22.74 -35.58
C ASP S 216 13.03 -24.00 -36.06
N GLU S 217 12.52 -24.61 -37.13
CA GLU S 217 13.04 -25.89 -37.62
C GLU S 217 13.21 -25.93 -39.13
N LEU S 218 13.38 -24.77 -39.75
CA LEU S 218 13.36 -24.71 -41.22
C LEU S 218 14.34 -25.64 -41.91
N ASP S 219 15.58 -25.72 -41.42
CA ASP S 219 16.58 -26.58 -42.06
C ASP S 219 17.07 -27.72 -41.16
N ASN S 220 16.15 -28.28 -40.39
CA ASN S 220 16.46 -29.39 -39.51
C ASN S 220 16.05 -30.71 -40.16
N PRO S 221 17.03 -31.63 -40.37
CA PRO S 221 16.75 -32.93 -40.98
C PRO S 221 15.65 -33.68 -40.25
N LYS S 222 15.55 -33.47 -38.94
CA LYS S 222 14.56 -34.17 -38.14
C LYS S 222 13.14 -33.72 -38.48
N TRP S 223 12.96 -32.46 -38.87
CA TRP S 223 11.62 -31.95 -39.17
C TRP S 223 11.61 -31.20 -40.49
N PRO S 224 11.56 -31.93 -41.60
CA PRO S 224 11.62 -31.28 -42.91
C PRO S 224 10.30 -30.61 -43.31
N GLY S 225 9.29 -30.70 -42.47
CA GLY S 225 7.97 -30.19 -42.79
C GLY S 225 7.91 -28.72 -43.13
N GLU S 226 8.55 -27.90 -42.30
CA GLU S 226 8.52 -26.46 -42.53
C GLU S 226 9.13 -26.07 -43.87
N ASN S 227 10.24 -26.71 -44.21
CA ASN S 227 10.91 -26.43 -45.49
C ASN S 227 10.00 -26.82 -46.64
N ILE S 228 9.42 -28.03 -46.57
CA ILE S 228 8.54 -28.54 -47.62
C ILE S 228 7.36 -27.61 -47.79
N ALA S 229 6.82 -27.12 -46.67
CA ALA S 229 5.74 -26.15 -46.72
C ALA S 229 6.16 -24.82 -47.38
N MET S 230 7.31 -24.29 -46.98
CA MET S 230 7.83 -23.05 -47.54
C MET S 230 8.00 -23.14 -49.06
N ARG S 231 8.69 -24.19 -49.50
CA ARG S 231 8.94 -24.40 -50.92
C ARG S 231 7.65 -24.55 -51.72
N LYS S 232 6.62 -25.16 -51.12
CA LYS S 232 5.37 -25.35 -51.85
C LYS S 232 4.52 -24.07 -51.90
N VAL S 233 4.48 -23.32 -50.79
CA VAL S 233 3.67 -22.09 -50.73
C VAL S 233 4.37 -20.86 -51.33
N LEU S 234 5.64 -20.66 -50.98
CA LEU S 234 6.33 -19.43 -51.28
C LEU S 234 7.59 -19.60 -52.13
N GLY S 235 8.34 -20.66 -51.87
CA GLY S 235 9.67 -20.76 -52.45
C GLY S 235 10.68 -20.18 -51.47
N LEU S 236 11.84 -20.84 -51.38
CA LEU S 236 12.83 -20.44 -50.40
C LEU S 236 13.45 -19.09 -50.74
N ASP S 237 13.31 -18.66 -51.99
CA ASP S 237 13.84 -17.37 -52.41
C ASP S 237 12.75 -16.30 -52.54
N HIS S 238 11.57 -16.56 -51.99
CA HIS S 238 10.50 -15.56 -52.05
C HIS S 238 10.94 -14.30 -51.33
N ALA S 239 11.68 -14.51 -50.25
CA ALA S 239 12.20 -13.44 -49.40
C ALA S 239 13.53 -13.93 -48.83
N PRO S 240 14.33 -13.02 -48.25
CA PRO S 240 15.63 -13.51 -47.77
C PRO S 240 15.48 -14.17 -46.41
N LEU S 241 15.80 -15.45 -46.33
CA LEU S 241 15.74 -16.12 -45.04
C LEU S 241 17.06 -15.89 -44.30
N ARG S 242 16.97 -15.53 -43.03
CA ARG S 242 18.17 -15.16 -42.29
C ARG S 242 18.29 -15.89 -40.96
N LEU S 243 19.52 -15.95 -40.45
CA LEU S 243 19.79 -16.39 -39.09
C LEU S 243 20.31 -15.20 -38.28
N LEU S 244 20.08 -15.23 -36.98
CA LEU S 244 20.89 -14.46 -36.05
C LEU S 244 22.21 -15.21 -35.96
N PRO S 245 23.32 -14.55 -36.36
CA PRO S 245 24.61 -15.23 -36.51
C PRO S 245 25.02 -16.00 -35.23
N GLY S 246 25.48 -17.22 -35.42
CA GLY S 246 25.93 -18.04 -34.30
C GLY S 246 24.88 -19.04 -33.86
N ARG S 247 23.66 -18.85 -34.36
CA ARG S 247 22.52 -19.66 -33.95
C ARG S 247 21.89 -20.38 -35.13
N PRO S 248 21.64 -21.68 -34.97
CA PRO S 248 21.07 -22.48 -36.06
C PRO S 248 19.61 -22.13 -36.32
N ALA S 249 18.97 -21.50 -35.33
CA ALA S 249 17.58 -21.11 -35.42
C ALA S 249 17.31 -19.98 -34.41
N PRO S 250 16.27 -19.15 -34.64
CA PRO S 250 15.28 -19.19 -35.71
C PRO S 250 15.83 -18.78 -37.08
N ALA S 251 15.15 -19.24 -38.13
CA ALA S 251 15.37 -18.73 -39.45
C ALA S 251 14.20 -17.80 -39.65
N TYR S 252 14.46 -16.58 -40.12
CA TYR S 252 13.39 -15.61 -40.27
C TYR S 252 13.54 -14.75 -41.53
N LEU S 253 12.41 -14.26 -42.03
CA LEU S 253 12.39 -13.43 -43.21
C LEU S 253 11.56 -12.20 -42.92
N ARG S 254 11.87 -11.12 -43.62
CA ARG S 254 11.13 -9.88 -43.54
C ARG S 254 10.23 -9.80 -44.77
N TRP S 255 8.91 -9.89 -44.59
CA TRP S 255 7.97 -9.89 -45.70
C TRP S 255 8.19 -8.69 -46.61
N GLY S 256 8.28 -8.94 -47.92
CA GLY S 256 8.53 -7.87 -48.85
C GLY S 256 9.98 -7.67 -49.26
N ASP S 257 10.92 -8.18 -48.49
CA ASP S 257 12.34 -7.94 -48.81
C ASP S 257 12.88 -8.79 -49.96
N GLN T 7 26.05 24.72 -92.23
CA GLN T 7 26.61 23.98 -91.09
C GLN T 7 27.87 24.67 -90.56
N ASP T 8 27.67 25.58 -89.61
CA ASP T 8 28.78 26.31 -89.00
C ASP T 8 29.65 25.36 -88.19
N LEU T 9 30.87 25.16 -88.65
CA LEU T 9 31.73 24.13 -88.06
C LEU T 9 32.14 24.43 -86.64
N ARG T 10 31.85 25.66 -86.19
CA ARG T 10 32.24 26.08 -84.85
C ARG T 10 31.29 25.59 -83.75
N ALA T 11 30.14 25.05 -84.15
CA ALA T 11 29.19 24.46 -83.21
C ALA T 11 29.65 23.06 -82.79
N PHE T 12 30.66 22.55 -83.46
CA PHE T 12 31.29 21.30 -83.06
C PHE T 12 32.40 21.63 -82.09
N VAL T 13 32.59 20.77 -81.09
CA VAL T 13 33.72 20.90 -80.18
C VAL T 13 35.01 20.87 -80.98
N HIS T 14 35.91 21.81 -80.71
CA HIS T 14 37.19 21.84 -81.37
C HIS T 14 38.18 22.65 -80.52
N ASP T 15 39.47 22.44 -80.76
CA ASP T 15 40.52 23.06 -79.97
C ASP T 15 40.57 24.58 -80.05
N SER T 16 40.69 25.21 -78.89
CA SER T 16 41.00 26.64 -78.85
C SER T 16 42.39 26.86 -79.44
N PRO T 17 42.69 28.09 -79.85
CA PRO T 17 44.06 28.40 -80.29
C PRO T 17 45.09 28.04 -79.20
N GLU T 18 44.81 28.37 -77.95
CA GLU T 18 45.76 28.08 -76.86
C GLU T 18 45.95 26.58 -76.62
N GLU T 19 44.90 25.80 -76.84
CA GLU T 19 45.01 24.35 -76.73
C GLU T 19 45.90 23.83 -77.86
N THR T 20 45.72 24.40 -79.06
CA THR T 20 46.57 24.03 -80.19
C THR T 20 48.02 24.41 -79.89
N GLU T 21 48.22 25.65 -79.46
CA GLU T 21 49.53 26.13 -79.03
C GLU T 21 50.19 25.22 -78.00
N THR T 22 49.44 24.85 -76.95
CA THR T 22 50.01 24.02 -75.89
C THR T 22 50.47 22.66 -76.45
N THR T 23 49.60 22.04 -77.24
CA THR T 23 49.90 20.76 -77.88
C THR T 23 51.16 20.86 -78.75
N GLN T 24 51.25 21.92 -79.54
CA GLN T 24 52.42 22.10 -80.42
C GLN T 24 53.72 22.33 -79.66
N ARG T 25 53.71 23.21 -78.66
CA ARG T 25 54.90 23.45 -77.87
C ARG T 25 55.41 22.18 -77.16
N LEU T 26 54.48 21.44 -76.57
CA LEU T 26 54.87 20.20 -75.88
C LEU T 26 55.48 19.21 -76.84
N THR T 27 54.90 19.10 -78.05
CA THR T 27 55.45 18.24 -79.09
C THR T 27 56.90 18.62 -79.37
N LYS T 28 57.13 19.93 -79.48
CA LYS T 28 58.45 20.44 -79.81
C LYS T 28 59.40 20.18 -78.66
N LEU T 29 58.96 20.49 -77.45
CA LEU T 29 59.81 20.31 -76.28
C LEU T 29 60.15 18.84 -76.05
N LEU T 30 59.26 17.97 -76.49
CA LEU T 30 59.48 16.53 -76.39
C LEU T 30 60.51 16.07 -77.42
N THR T 31 60.28 16.41 -78.69
CA THR T 31 61.15 15.96 -79.76
C THR T 31 62.55 16.58 -79.67
N ASN T 32 62.67 17.74 -79.01
CA ASN T 32 63.97 18.35 -78.79
C ASN T 32 64.27 18.53 -77.31
N SER T 33 64.17 17.44 -76.56
CA SER T 33 64.37 17.50 -75.13
C SER T 33 65.83 17.26 -74.76
N PRO T 34 66.36 18.10 -73.85
CA PRO T 34 67.69 17.93 -73.22
C PRO T 34 67.73 16.77 -72.23
N ILE T 35 66.60 16.17 -71.91
CA ILE T 35 66.57 15.00 -71.04
C ILE T 35 67.30 13.85 -71.72
N PRO T 36 68.19 13.15 -70.98
CA PRO T 36 68.85 11.98 -71.56
C PRO T 36 67.78 11.01 -72.02
N THR T 37 67.95 10.45 -73.22
CA THR T 37 66.89 9.67 -73.83
C THR T 37 66.42 8.50 -72.97
N GLU T 38 67.31 7.92 -72.17
CA GLU T 38 66.92 6.79 -71.33
C GLU T 38 66.06 7.22 -70.12
N GLU T 39 65.83 8.53 -69.99
CA GLU T 39 65.01 9.05 -68.91
C GLU T 39 63.65 9.56 -69.37
N LEU T 40 63.47 9.69 -70.68
CA LEU T 40 62.21 10.22 -71.21
C LEU T 40 61.00 9.50 -70.65
N VAL T 41 61.00 8.18 -70.72
CA VAL T 41 59.86 7.40 -70.24
C VAL T 41 59.73 7.42 -68.72
N ASN T 42 60.59 8.18 -68.06
CA ASN T 42 60.47 8.43 -66.62
C ASN T 42 60.01 9.87 -66.33
N ASN T 43 59.65 10.61 -67.37
CA ASN T 43 59.24 11.99 -67.23
C ASN T 43 58.15 12.36 -68.21
N LEU T 44 57.42 11.36 -68.67
CA LEU T 44 56.31 11.61 -69.58
C LEU T 44 55.24 12.62 -69.10
N PRO T 45 54.98 12.71 -67.77
CA PRO T 45 54.03 13.74 -67.33
C PRO T 45 54.38 15.17 -67.75
N LEU T 46 55.66 15.46 -67.93
CA LEU T 46 56.08 16.76 -68.45
C LEU T 46 55.28 17.19 -69.66
N PHE T 47 54.92 16.22 -70.50
CA PHE T 47 54.33 16.49 -71.81
C PHE T 47 52.87 16.06 -71.91
N LEU T 48 52.30 15.72 -70.76
CA LEU T 48 50.93 15.22 -70.69
C LEU T 48 50.02 16.35 -70.28
N ARG T 49 49.42 17.03 -71.24
CA ARG T 49 48.60 18.21 -70.91
C ARG T 49 47.27 17.83 -70.25
N ARG T 50 46.58 18.84 -69.72
CA ARG T 50 45.29 18.68 -69.03
C ARG T 50 44.34 17.72 -69.74
N HIS T 51 44.07 18.02 -71.00
CA HIS T 51 43.10 17.25 -71.77
C HIS T 51 43.44 15.76 -71.75
N GLN T 52 44.73 15.44 -71.94
CA GLN T 52 45.14 14.03 -71.99
C GLN T 52 45.21 13.39 -70.61
N MET T 53 45.63 14.15 -69.61
CA MET T 53 45.63 13.68 -68.23
C MET T 53 44.20 13.33 -67.76
N THR T 54 43.24 14.12 -68.21
CA THR T 54 41.84 13.89 -67.90
C THR T 54 41.36 12.55 -68.44
N ASP T 55 41.74 12.25 -69.68
CA ASP T 55 41.40 10.96 -70.28
C ASP T 55 41.97 9.82 -69.43
N LEU T 56 43.22 9.99 -69.03
CA LEU T 56 43.89 8.98 -68.23
C LEU T 56 43.12 8.77 -66.92
N LEU T 57 42.81 9.87 -66.23
CA LEU T 57 42.12 9.76 -64.96
C LEU T 57 40.74 9.14 -65.15
N SER T 58 40.12 9.44 -66.28
CA SER T 58 38.84 8.81 -66.62
C SER T 58 38.97 7.29 -66.77
N MET T 59 39.92 6.86 -67.60
CA MET T 59 40.18 5.43 -67.75
C MET T 59 40.44 4.78 -66.40
N ASP T 60 41.22 5.44 -65.54
CA ASP T 60 41.48 4.93 -64.21
C ASP T 60 40.20 4.83 -63.37
N ALA T 61 39.33 5.83 -63.48
CA ALA T 61 38.06 5.82 -62.76
C ALA T 61 37.24 4.62 -63.20
N LEU T 62 37.20 4.36 -64.50
CA LEU T 62 36.38 3.27 -65.01
C LEU T 62 36.94 1.93 -64.53
N TYR T 63 38.26 1.77 -64.64
CA TYR T 63 38.94 0.53 -64.24
C TYR T 63 38.67 0.20 -62.77
N ARG T 64 38.83 1.19 -61.91
CA ARG T 64 38.58 1.03 -60.48
C ARG T 64 37.17 0.54 -60.17
N GLN T 65 36.23 0.77 -61.08
CA GLN T 65 34.85 0.35 -60.84
C GLN T 65 34.59 -1.11 -61.18
N VAL T 66 35.53 -1.74 -61.90
CA VAL T 66 35.34 -3.15 -62.25
C VAL T 66 36.37 -4.08 -61.60
N LEU T 67 37.09 -3.56 -60.60
CA LEU T 67 38.04 -4.36 -59.84
C LEU T 67 37.39 -5.55 -59.13
N ASP T 68 36.11 -5.41 -58.77
CA ASP T 68 35.39 -6.54 -58.19
C ASP T 68 34.39 -7.15 -59.18
N VAL T 69 34.66 -6.98 -60.46
CA VAL T 69 33.87 -7.63 -61.49
C VAL T 69 34.76 -8.57 -62.29
N PRO T 70 34.32 -9.82 -62.50
CA PRO T 70 35.14 -10.69 -63.32
C PRO T 70 35.05 -10.32 -64.79
N GLY T 71 35.98 -10.82 -65.60
CA GLY T 71 35.88 -10.67 -67.04
C GLY T 71 36.96 -9.81 -67.63
N VAL T 72 36.80 -9.50 -68.91
CA VAL T 72 37.84 -8.82 -69.67
C VAL T 72 37.51 -7.36 -69.94
N ILE T 73 38.49 -6.66 -70.50
CA ILE T 73 38.33 -5.28 -70.94
C ILE T 73 38.37 -5.23 -72.46
N MET T 74 37.30 -4.69 -73.05
CA MET T 74 37.23 -4.56 -74.50
C MET T 74 37.14 -3.10 -74.92
N GLU T 75 37.98 -2.71 -75.87
CA GLU T 75 37.82 -1.43 -76.55
C GLU T 75 37.40 -1.59 -78.01
N PHE T 76 36.33 -0.93 -78.39
CA PHE T 76 35.89 -0.91 -79.77
C PHE T 76 36.25 0.44 -80.37
N GLY T 77 37.30 0.46 -81.19
CA GLY T 77 37.85 1.69 -81.70
C GLY T 77 39.12 2.02 -80.93
N VAL T 78 40.25 1.71 -81.54
CA VAL T 78 41.54 1.74 -80.86
C VAL T 78 42.45 2.87 -81.36
N ARG T 79 42.38 3.14 -82.66
CA ARG T 79 43.35 4.00 -83.35
C ARG T 79 44.79 3.67 -82.98
N PHE T 80 45.52 4.63 -82.41
CA PHE T 80 46.91 4.39 -82.05
C PHE T 80 47.09 3.58 -80.75
N GLY T 81 46.00 3.38 -80.01
CA GLY T 81 46.06 2.54 -78.82
C GLY T 81 46.20 3.23 -77.46
N ARG T 82 45.99 4.54 -77.42
CA ARG T 82 46.10 5.33 -76.18
C ARG T 82 45.53 4.60 -74.96
N HIS T 83 44.25 4.21 -75.06
CA HIS T 83 43.55 3.52 -73.98
C HIS T 83 44.10 2.13 -73.68
N LEU T 84 44.54 1.42 -74.71
CA LEU T 84 45.08 0.08 -74.53
C LEU T 84 46.36 0.16 -73.71
N GLY T 85 47.16 1.19 -73.95
CA GLY T 85 48.36 1.38 -73.17
C GLY T 85 47.99 1.72 -71.74
N THR T 86 46.97 2.57 -71.59
CA THR T 86 46.56 2.99 -70.27
C THR T 86 46.08 1.78 -69.49
N PHE T 87 45.24 0.98 -70.11
CA PHE T 87 44.73 -0.21 -69.46
C PHE T 87 45.85 -1.20 -69.10
N ALA T 88 46.89 -1.28 -69.92
CA ALA T 88 47.98 -2.22 -69.65
C ALA T 88 48.69 -1.85 -68.34
N ALA T 89 49.01 -0.58 -68.21
CA ALA T 89 49.70 -0.10 -67.02
C ALA T 89 48.79 -0.20 -65.80
N LEU T 90 47.50 0.14 -65.97
CA LEU T 90 46.54 0.11 -64.85
C LEU T 90 46.36 -1.29 -64.33
N ARG T 91 46.28 -2.26 -65.24
CA ARG T 91 46.18 -3.66 -64.87
C ARG T 91 47.39 -4.05 -64.02
N GLY T 92 48.53 -3.44 -64.31
CA GLY T 92 49.73 -3.65 -63.51
C GLY T 92 49.60 -3.08 -62.11
N VAL T 93 49.12 -1.86 -62.02
CA VAL T 93 48.93 -1.19 -60.73
C VAL T 93 47.92 -1.93 -59.84
N TYR T 94 46.81 -2.40 -60.42
CA TYR T 94 45.72 -2.94 -59.63
C TYR T 94 45.63 -4.46 -59.59
N GLU T 95 46.07 -5.15 -60.64
CA GLU T 95 45.85 -6.60 -60.71
C GLU T 95 47.06 -7.45 -61.09
N PRO T 96 48.15 -7.34 -60.32
CA PRO T 96 49.30 -8.19 -60.59
C PRO T 96 48.92 -9.68 -60.67
N TYR T 97 47.94 -10.10 -59.88
CA TYR T 97 47.61 -11.52 -59.77
C TYR T 97 46.41 -11.98 -60.59
N ASN T 98 45.89 -11.14 -61.48
CA ASN T 98 44.78 -11.57 -62.32
C ASN T 98 45.18 -11.77 -63.79
N PRO T 99 45.59 -12.99 -64.15
CA PRO T 99 45.98 -13.23 -65.54
C PRO T 99 44.79 -13.42 -66.46
N LEU T 100 43.58 -13.35 -65.93
CA LEU T 100 42.38 -13.54 -66.75
C LEU T 100 41.78 -12.20 -67.17
N ARG T 101 42.38 -11.11 -66.70
CA ARG T 101 41.90 -9.81 -67.14
C ARG T 101 42.54 -9.51 -68.48
N ARG T 102 41.96 -10.08 -69.53
CA ARG T 102 42.45 -9.86 -70.88
C ARG T 102 42.00 -8.49 -71.40
N ILE T 103 42.90 -7.84 -72.13
CA ILE T 103 42.61 -6.58 -72.81
C ILE T 103 42.47 -6.84 -74.31
N VAL T 104 41.31 -6.51 -74.86
CA VAL T 104 41.03 -6.82 -76.24
C VAL T 104 40.70 -5.57 -77.06
N GLY T 105 41.54 -5.26 -78.05
CA GLY T 105 41.29 -4.12 -78.92
C GLY T 105 40.75 -4.50 -80.29
N PHE T 106 39.62 -3.91 -80.67
CA PHE T 106 39.05 -4.16 -82.00
C PHE T 106 39.17 -2.91 -82.87
N ASP T 107 39.75 -3.05 -84.04
CA ASP T 107 39.81 -1.95 -85.02
C ASP T 107 40.05 -2.51 -86.43
N THR T 108 39.67 -1.74 -87.44
CA THR T 108 40.06 -2.07 -88.81
C THR T 108 41.51 -1.68 -88.99
N PHE T 109 41.97 -0.76 -88.14
CA PHE T 109 43.30 -0.14 -88.25
C PHE T 109 43.54 0.55 -89.60
N THR T 110 42.47 0.76 -90.36
CA THR T 110 42.54 1.54 -91.59
C THR T 110 41.45 2.60 -91.61
N GLY T 111 41.07 3.10 -90.43
CA GLY T 111 40.02 4.10 -90.32
C GLY T 111 38.62 3.57 -90.57
N PHE T 112 37.65 4.47 -90.70
CA PHE T 112 36.26 4.10 -90.97
C PHE T 112 36.13 3.23 -92.22
N PRO T 113 35.49 2.06 -92.07
CA PRO T 113 35.31 1.14 -93.20
C PRO T 113 34.24 1.62 -94.17
N ASP T 114 33.30 2.40 -93.65
CA ASP T 114 32.17 2.95 -94.41
C ASP T 114 31.40 3.78 -93.40
N VAL T 115 30.47 4.61 -93.87
CA VAL T 115 29.65 5.40 -92.95
C VAL T 115 28.16 5.40 -93.31
N ASN T 116 27.34 5.70 -92.32
CA ASN T 116 25.89 5.79 -92.50
C ASN T 116 25.47 7.26 -92.67
N ASP T 117 24.28 7.49 -93.23
CA ASP T 117 23.79 8.85 -93.42
C ASP T 117 23.70 9.65 -92.12
N VAL T 118 23.23 9.01 -91.05
CA VAL T 118 23.11 9.69 -89.76
C VAL T 118 24.46 10.09 -89.18
N ASP T 119 25.54 9.50 -89.70
CA ASP T 119 26.89 9.83 -89.26
C ASP T 119 27.38 11.13 -89.92
N ARG T 120 26.90 11.40 -91.14
CA ARG T 120 27.44 12.50 -91.95
C ARG T 120 26.96 13.89 -91.50
N VAL T 121 27.43 14.32 -90.34
CA VAL T 121 27.07 15.63 -89.82
C VAL T 121 28.25 16.57 -89.99
N GLY T 122 29.44 16.06 -89.73
CA GLY T 122 30.66 16.82 -89.91
C GLY T 122 31.37 16.37 -91.17
N PRO T 123 32.42 17.10 -91.57
CA PRO T 123 33.15 16.82 -92.81
C PRO T 123 34.24 15.77 -92.62
N THR T 124 34.28 15.14 -91.45
CA THR T 124 35.25 14.09 -91.17
C THR T 124 34.61 12.69 -91.22
N ALA T 125 33.32 12.67 -91.52
CA ALA T 125 32.56 11.42 -91.64
C ALA T 125 32.76 10.77 -93.02
N TYR T 126 33.99 10.36 -93.31
CA TYR T 126 34.30 9.64 -94.55
C TYR T 126 35.01 8.31 -94.29
N GLN T 127 35.06 7.46 -95.30
CA GLN T 127 35.73 6.17 -95.17
C GLN T 127 37.26 6.36 -95.11
N GLY T 128 37.91 5.63 -94.22
CA GLY T 128 39.35 5.77 -94.04
C GLY T 128 39.77 6.81 -93.01
N ARG T 129 38.82 7.63 -92.57
CA ARG T 129 39.10 8.64 -91.53
C ARG T 129 39.59 7.94 -90.25
N PHE T 130 40.67 8.47 -89.67
CA PHE T 130 41.40 7.89 -88.54
C PHE T 130 42.24 6.66 -88.88
N ALA T 131 42.57 6.49 -90.17
CA ALA T 131 43.52 5.46 -90.60
C ALA T 131 44.85 5.61 -89.88
N VAL T 132 45.42 4.47 -89.49
CA VAL T 132 46.78 4.45 -88.95
C VAL T 132 47.70 3.70 -89.93
N PRO T 133 49.02 3.96 -89.86
CA PRO T 133 49.98 3.39 -90.83
C PRO T 133 49.89 1.88 -91.05
N GLY T 134 50.39 1.41 -92.20
CA GLY T 134 50.51 0.00 -92.48
C GLY T 134 51.50 -0.63 -91.52
N GLY T 135 51.18 -1.83 -91.04
CA GLY T 135 52.02 -2.50 -90.05
C GLY T 135 51.92 -1.95 -88.65
N TYR T 136 51.01 -1.01 -88.43
CA TYR T 136 50.82 -0.42 -87.10
C TYR T 136 50.41 -1.40 -86.00
N PRO T 137 49.45 -2.31 -86.27
CA PRO T 137 49.09 -3.33 -85.27
C PRO T 137 50.30 -4.06 -84.69
N ALA T 138 51.26 -4.39 -85.55
CA ALA T 138 52.45 -5.10 -85.12
C ALA T 138 53.25 -4.22 -84.18
N TYR T 139 53.26 -2.92 -84.44
CA TYR T 139 54.00 -2.02 -83.58
C TYR T 139 53.28 -1.89 -82.25
N LEU T 140 51.95 -1.83 -82.32
CA LEU T 140 51.14 -1.64 -81.12
C LEU T 140 51.22 -2.89 -80.26
N LYS T 141 51.27 -4.05 -80.91
CA LYS T 141 51.45 -5.30 -80.18
C LYS T 141 52.78 -5.31 -79.44
N GLU T 142 53.79 -4.71 -80.06
CA GLU T 142 55.13 -4.68 -79.48
C GLU T 142 55.15 -3.82 -78.22
N VAL T 143 54.47 -2.68 -78.28
CA VAL T 143 54.28 -1.82 -77.13
C VAL T 143 53.60 -2.58 -75.98
N LEU T 144 52.48 -3.24 -76.28
CA LEU T 144 51.77 -3.98 -75.25
C LEU T 144 52.59 -5.13 -74.70
N ASP T 145 53.37 -5.78 -75.56
CA ASP T 145 54.27 -6.84 -75.11
C ASP T 145 55.35 -6.27 -74.18
N ALA T 146 55.79 -5.04 -74.42
CA ALA T 146 56.78 -4.40 -73.55
C ALA T 146 56.27 -4.24 -72.11
N HIS T 147 55.01 -3.83 -71.97
CA HIS T 147 54.42 -3.71 -70.64
C HIS T 147 54.34 -5.08 -69.96
N GLU T 148 53.77 -6.05 -70.67
CA GLU T 148 53.47 -7.36 -70.11
C GLU T 148 54.71 -8.16 -69.71
N CYS T 149 55.86 -7.75 -70.23
CA CYS T 149 57.13 -8.41 -69.97
C CYS T 149 57.49 -8.39 -68.48
N SER T 150 57.08 -7.35 -67.78
CA SER T 150 57.39 -7.24 -66.35
C SER T 150 56.17 -7.40 -65.45
N ASP T 151 55.07 -7.89 -66.01
CA ASP T 151 53.90 -8.26 -65.21
C ASP T 151 54.25 -9.50 -64.41
N PHE T 152 53.62 -9.65 -63.25
CA PHE T 152 53.77 -10.86 -62.47
C PHE T 152 53.38 -12.08 -63.28
N PHE T 153 52.37 -11.94 -64.14
CA PHE T 153 51.94 -13.06 -64.98
C PHE T 153 52.41 -12.95 -66.42
N GLY T 154 53.58 -12.35 -66.61
CA GLY T 154 54.14 -12.11 -67.93
C GLY T 154 54.35 -13.35 -68.79
N HIS T 155 54.38 -14.52 -68.16
CA HIS T 155 54.60 -15.79 -68.87
C HIS T 155 53.33 -16.32 -69.49
N VAL T 156 52.18 -15.82 -69.06
CA VAL T 156 50.91 -16.17 -69.68
C VAL T 156 50.66 -15.27 -70.89
N THR T 157 50.39 -15.86 -72.05
CA THR T 157 50.25 -15.09 -73.28
C THR T 157 48.80 -14.80 -73.65
N GLN T 158 48.62 -14.03 -74.71
CA GLN T 158 47.30 -13.61 -75.14
C GLN T 158 46.55 -12.89 -74.03
N ARG T 159 47.28 -12.10 -73.26
CA ARG T 159 46.66 -11.24 -72.24
C ARG T 159 46.36 -9.87 -72.83
N SER T 160 46.92 -9.61 -74.02
CA SER T 160 46.60 -8.48 -74.87
C SER T 160 46.32 -9.03 -76.26
N VAL T 161 45.24 -8.56 -76.89
CA VAL T 161 44.87 -9.05 -78.22
C VAL T 161 44.33 -7.92 -79.08
N LEU T 162 44.93 -7.72 -80.25
CA LEU T 162 44.39 -6.80 -81.23
C LEU T 162 43.66 -7.62 -82.27
N VAL T 163 42.38 -7.30 -82.50
CA VAL T 163 41.57 -8.00 -83.48
C VAL T 163 41.28 -7.07 -84.65
N GLU T 164 41.96 -7.32 -85.76
CA GLU T 164 41.87 -6.47 -86.94
C GLU T 164 40.66 -6.82 -87.81
N GLY T 165 39.92 -5.80 -88.19
CA GLY T 165 38.75 -6.04 -89.02
C GLY T 165 37.57 -5.20 -88.63
N ASP T 166 36.43 -5.49 -89.25
CA ASP T 166 35.18 -4.80 -89.04
C ASP T 166 34.47 -5.46 -87.87
N VAL T 167 34.17 -4.68 -86.84
CA VAL T 167 33.59 -5.23 -85.62
C VAL T 167 32.28 -5.95 -85.84
N ARG T 168 31.61 -5.62 -86.94
CA ARG T 168 30.36 -6.31 -87.30
C ARG T 168 30.57 -7.82 -87.49
N GLU T 169 31.78 -8.21 -87.85
CA GLU T 169 32.08 -9.62 -88.04
C GLU T 169 33.00 -10.13 -86.93
N THR T 170 33.96 -9.30 -86.55
CA THR T 170 35.03 -9.73 -85.64
C THR T 170 34.62 -9.85 -84.18
N VAL T 171 33.70 -9.00 -83.74
CA VAL T 171 33.25 -9.11 -82.36
C VAL T 171 32.46 -10.40 -82.17
N PRO T 172 31.43 -10.64 -83.01
CA PRO T 172 30.72 -11.93 -82.87
C PRO T 172 31.66 -13.11 -83.08
N ARG T 173 32.62 -12.96 -84.00
CA ARG T 173 33.59 -14.03 -84.22
C ARG T 173 34.41 -14.28 -82.95
N TYR T 174 34.97 -13.23 -82.38
CA TYR T 174 35.74 -13.35 -81.12
C TYR T 174 34.91 -14.02 -80.02
N LEU T 175 33.67 -13.59 -79.87
CA LEU T 175 32.83 -14.10 -78.78
C LEU T 175 32.56 -15.59 -78.96
N ALA T 176 32.40 -16.01 -80.22
CA ALA T 176 32.16 -17.41 -80.53
C ALA T 176 33.41 -18.22 -80.22
N GLU T 177 34.57 -17.62 -80.46
CA GLU T 177 35.84 -18.28 -80.19
C GLU T 177 36.13 -18.31 -78.70
N ASN T 178 35.49 -17.42 -77.95
CA ASN T 178 35.75 -17.33 -76.50
C ASN T 178 34.46 -17.43 -75.68
N PRO T 179 33.94 -18.66 -75.51
CA PRO T 179 32.70 -18.84 -74.76
C PRO T 179 32.90 -18.64 -73.26
N GLN T 180 34.14 -18.53 -72.81
CA GLN T 180 34.42 -18.25 -71.39
C GLN T 180 34.25 -16.78 -71.07
N THR T 181 33.99 -15.97 -72.10
CA THR T 181 34.01 -14.52 -71.93
C THR T 181 32.98 -14.01 -70.93
N VAL T 182 33.47 -13.19 -69.99
CA VAL T 182 32.62 -12.26 -69.28
C VAL T 182 33.20 -10.89 -69.62
N ILE T 183 32.35 -9.90 -69.85
CA ILE T 183 32.85 -8.56 -70.16
C ILE T 183 32.70 -7.60 -68.98
N ALA T 184 33.82 -7.26 -68.37
CA ALA T 184 33.82 -6.38 -67.20
C ALA T 184 33.59 -4.94 -67.61
N LEU T 185 34.32 -4.50 -68.64
CA LEU T 185 34.26 -3.13 -69.12
C LEU T 185 34.30 -3.13 -70.65
N ALA T 186 33.30 -2.49 -71.25
CA ALA T 186 33.20 -2.40 -72.69
C ALA T 186 33.29 -0.93 -73.10
N TYR T 187 34.36 -0.57 -73.81
CA TYR T 187 34.57 0.82 -74.17
C TYR T 187 34.26 1.10 -75.66
N PHE T 188 33.24 1.90 -75.90
CA PHE T 188 32.83 2.21 -77.26
C PHE T 188 33.43 3.51 -77.76
N ASP T 189 34.33 3.41 -78.73
CA ASP T 189 34.89 4.59 -79.36
C ASP T 189 34.90 4.43 -80.89
N LEU T 190 33.76 4.05 -81.44
CA LEU T 190 33.64 3.79 -82.87
C LEU T 190 33.06 4.98 -83.66
N ASP T 191 32.33 5.84 -82.95
CA ASP T 191 31.65 7.02 -83.53
C ASP T 191 30.43 6.73 -84.40
N LEU T 192 30.39 5.55 -85.01
CA LEU T 192 29.39 5.26 -86.06
C LEU T 192 28.19 4.44 -85.62
N TYR T 193 27.04 4.72 -86.22
CA TYR T 193 25.79 4.04 -85.87
C TYR T 193 25.77 2.51 -86.05
N GLU T 194 26.07 2.03 -87.26
CA GLU T 194 25.90 0.61 -87.55
C GLU T 194 26.80 -0.35 -86.75
N PRO T 195 28.11 -0.05 -86.63
CA PRO T 195 28.93 -0.95 -85.82
C PRO T 195 28.62 -0.87 -84.32
N THR T 196 28.29 0.31 -83.82
CA THR T 196 27.91 0.49 -82.42
C THR T 196 26.68 -0.37 -82.09
N LYS T 197 25.65 -0.27 -82.92
CA LYS T 197 24.48 -1.12 -82.79
C LYS T 197 24.81 -2.62 -82.82
N ALA T 198 25.63 -3.03 -83.78
CA ALA T 198 25.97 -4.45 -83.91
C ALA T 198 26.73 -4.94 -82.66
N VAL T 199 27.72 -4.17 -82.23
CA VAL T 199 28.48 -4.58 -81.06
C VAL T 199 27.62 -4.62 -79.80
N LEU T 200 26.81 -3.58 -79.59
CA LEU T 200 25.91 -3.51 -78.44
C LEU T 200 25.04 -4.77 -78.36
N GLU T 201 24.59 -5.24 -79.51
CA GLU T 201 23.77 -6.43 -79.55
C GLU T 201 24.62 -7.66 -79.25
N ALA T 202 25.83 -7.67 -79.78
CA ALA T 202 26.71 -8.83 -79.62
C ALA T 202 27.15 -9.05 -78.17
N ILE T 203 27.48 -7.99 -77.45
CA ILE T 203 28.13 -8.15 -76.15
C ILE T 203 27.12 -8.45 -75.05
N ARG T 204 25.85 -8.17 -75.33
CA ARG T 204 24.81 -8.22 -74.32
C ARG T 204 24.77 -9.49 -73.44
N PRO T 205 24.82 -10.70 -74.04
CA PRO T 205 24.77 -11.90 -73.18
C PRO T 205 26.02 -12.14 -72.33
N TYR T 206 27.07 -11.34 -72.50
CA TYR T 206 28.32 -11.56 -71.77
C TYR T 206 28.58 -10.54 -70.66
N LEU T 207 27.60 -9.69 -70.39
CA LEU T 207 27.70 -8.70 -69.32
C LEU T 207 27.05 -9.25 -68.04
N THR T 208 27.57 -8.85 -66.88
CA THR T 208 26.93 -9.17 -65.61
C THR T 208 26.44 -7.86 -64.98
N LYS T 209 25.58 -7.95 -63.97
CA LYS T 209 25.18 -6.77 -63.24
C LYS T 209 26.42 -6.19 -62.59
N GLY T 210 26.73 -4.94 -62.90
CA GLY T 210 27.95 -4.31 -62.42
C GLY T 210 28.96 -4.08 -63.54
N SER T 211 28.78 -4.77 -64.67
CA SER T 211 29.64 -4.53 -65.84
C SER T 211 29.46 -3.09 -66.28
N ILE T 212 30.54 -2.47 -66.73
CA ILE T 212 30.52 -1.09 -67.17
C ILE T 212 30.55 -0.98 -68.69
N VAL T 213 29.58 -0.24 -69.22
CA VAL T 213 29.53 0.08 -70.62
C VAL T 213 29.73 1.58 -70.75
N ALA T 214 30.78 1.97 -71.47
CA ALA T 214 31.14 3.38 -71.60
C ALA T 214 31.18 3.81 -73.07
N PHE T 215 30.72 5.03 -73.32
CA PHE T 215 30.72 5.62 -74.65
C PHE T 215 31.56 6.88 -74.64
N ASP T 216 32.36 7.05 -75.67
CA ASP T 216 33.21 8.22 -75.78
C ASP T 216 32.48 9.45 -76.35
N GLU T 217 31.42 9.24 -77.14
CA GLU T 217 30.77 10.34 -77.85
C GLU T 217 29.24 10.31 -77.86
N LEU T 218 28.64 9.96 -76.73
CA LEU T 218 27.20 9.68 -76.69
C LEU T 218 26.33 10.90 -77.03
N ASP T 219 26.73 12.07 -76.55
CA ASP T 219 25.87 13.24 -76.72
C ASP T 219 26.54 14.34 -77.56
N ASN T 220 27.48 13.93 -78.40
CA ASN T 220 28.19 14.86 -79.28
C ASN T 220 27.42 15.05 -80.57
N PRO T 221 27.10 16.32 -80.93
CA PRO T 221 26.38 16.67 -82.17
C PRO T 221 27.05 16.14 -83.45
N LYS T 222 28.38 16.11 -83.46
CA LYS T 222 29.12 15.60 -84.61
C LYS T 222 28.89 14.09 -84.89
N TRP T 223 28.68 13.29 -83.84
CA TRP T 223 28.55 11.83 -84.02
C TRP T 223 27.35 11.24 -83.27
N PRO T 224 26.14 11.47 -83.79
CA PRO T 224 24.93 10.98 -83.10
C PRO T 224 24.74 9.45 -83.15
N GLY T 225 25.59 8.77 -83.92
CA GLY T 225 25.47 7.34 -84.12
C GLY T 225 25.38 6.53 -82.84
N GLU T 226 26.22 6.86 -81.86
CA GLU T 226 26.21 6.14 -80.59
C GLU T 226 24.87 6.32 -79.86
N ASN T 227 24.40 7.56 -79.79
CA ASN T 227 23.09 7.84 -79.20
C ASN T 227 21.99 7.07 -79.92
N ILE T 228 21.87 7.28 -81.22
CA ILE T 228 20.87 6.60 -82.04
C ILE T 228 20.89 5.09 -81.82
N ALA T 229 22.08 4.51 -81.83
CA ALA T 229 22.21 3.07 -81.58
C ALA T 229 21.72 2.72 -80.17
N MET T 230 22.11 3.52 -79.18
CA MET T 230 21.64 3.32 -77.82
C MET T 230 20.11 3.33 -77.73
N ARG T 231 19.49 4.34 -78.33
CA ARG T 231 18.05 4.47 -78.20
C ARG T 231 17.33 3.34 -78.91
N LYS T 232 17.96 2.79 -79.95
CA LYS T 232 17.36 1.69 -80.69
C LYS T 232 17.50 0.36 -79.95
N VAL T 233 18.70 0.05 -79.47
CA VAL T 233 18.95 -1.25 -78.86
C VAL T 233 18.44 -1.38 -77.43
N LEU T 234 18.70 -0.36 -76.60
CA LEU T 234 18.38 -0.44 -75.18
C LEU T 234 17.43 0.65 -74.70
N GLY T 235 17.71 1.88 -75.09
CA GLY T 235 16.96 3.03 -74.61
C GLY T 235 17.84 3.82 -73.66
N LEU T 236 17.71 5.13 -73.66
CA LEU T 236 18.58 5.93 -72.81
C LEU T 236 18.30 5.71 -71.32
N ASP T 237 17.11 5.23 -70.99
CA ASP T 237 16.80 4.94 -69.60
C ASP T 237 16.82 3.45 -69.26
N HIS T 238 17.56 2.66 -70.04
CA HIS T 238 17.73 1.26 -69.73
C HIS T 238 18.47 1.12 -68.40
N ALA T 239 19.47 1.98 -68.23
CA ALA T 239 20.33 1.96 -67.07
C ALA T 239 20.74 3.42 -66.89
N PRO T 240 21.27 3.79 -65.72
CA PRO T 240 21.56 5.21 -65.54
C PRO T 240 22.88 5.59 -66.22
N LEU T 241 22.81 6.44 -67.23
CA LEU T 241 24.01 6.95 -67.87
C LEU T 241 24.61 8.06 -67.04
N ARG T 242 25.93 8.01 -66.84
CA ARG T 242 26.60 8.97 -65.97
C ARG T 242 27.86 9.61 -66.60
N LEU T 243 28.22 10.79 -66.12
CA LEU T 243 29.50 11.39 -66.43
C LEU T 243 30.34 11.32 -65.18
N LEU T 244 31.65 11.37 -65.35
CA LEU T 244 32.53 11.74 -64.26
C LEU T 244 32.48 13.27 -64.22
N PRO T 245 32.03 13.86 -63.10
CA PRO T 245 31.74 15.30 -63.04
C PRO T 245 32.90 16.18 -63.56
N GLY T 246 32.57 17.12 -64.44
CA GLY T 246 33.57 18.03 -64.95
C GLY T 246 34.05 17.68 -66.35
N ARG T 247 33.71 16.48 -66.81
CA ARG T 247 34.15 16.00 -68.11
C ARG T 247 32.94 15.58 -68.95
N PRO T 248 32.90 16.03 -70.21
CA PRO T 248 31.78 15.76 -71.12
C PRO T 248 31.76 14.30 -71.56
N ALA T 249 32.83 13.57 -71.29
CA ALA T 249 32.92 12.18 -71.70
C ALA T 249 33.99 11.47 -70.86
N PRO T 250 33.87 10.14 -70.72
CA PRO T 250 32.88 9.22 -71.30
C PRO T 250 31.53 9.29 -70.59
N ALA T 251 30.47 8.89 -71.26
CA ALA T 251 29.23 8.63 -70.58
C ALA T 251 29.29 7.14 -70.30
N TYR T 252 28.89 6.71 -69.11
CA TYR T 252 28.95 5.29 -68.81
C TYR T 252 27.76 4.83 -67.97
N LEU T 253 27.43 3.55 -68.09
CA LEU T 253 26.35 2.98 -67.34
C LEU T 253 26.85 1.71 -66.68
N ARG T 254 26.29 1.40 -65.53
CA ARG T 254 26.61 0.19 -64.81
C ARG T 254 25.49 -0.80 -65.12
N TRP T 255 25.80 -1.90 -65.78
CA TRP T 255 24.77 -2.82 -66.26
C TRP T 255 23.86 -3.31 -65.12
N GLY T 256 22.55 -3.19 -65.30
CA GLY T 256 21.59 -3.60 -64.29
C GLY T 256 21.14 -2.55 -63.28
N ASP T 257 21.83 -1.42 -63.21
CA ASP T 257 21.42 -0.37 -62.25
C ASP T 257 20.15 0.34 -62.71
N SAH U . 2.44 -26.85 55.04
CA SAH U . 2.67 -28.27 55.27
CB SAH U . 2.93 -28.57 56.76
CG SAH U . 4.05 -27.73 57.39
SD SAH U . 4.69 -28.45 58.93
C SAH U . 1.56 -29.15 54.66
O SAH U . 1.54 -30.39 54.84
OXT SAH U . 0.67 -28.65 53.98
C5' SAH U . 5.53 -26.94 59.43
C4' SAH U . 6.86 -26.80 58.74
O4' SAH U . 7.41 -25.53 59.05
C3' SAH U . 7.87 -27.87 59.19
O3' SAH U . 8.29 -28.62 58.08
C2' SAH U . 9.03 -27.06 59.76
O2' SAH U . 10.29 -27.58 59.40
C1' SAH U . 8.80 -25.67 59.17
N9 SAH U . 9.43 -24.63 59.99
C8 SAH U . 9.14 -24.25 61.28
N7 SAH U . 10.00 -23.26 61.62
C5 SAH U . 10.83 -23.01 60.58
C6 SAH U . 11.89 -22.13 60.38
N6 SAH U . 12.26 -21.30 61.35
N1 SAH U . 12.55 -22.12 59.16
C2 SAH U . 12.18 -22.99 58.15
N3 SAH U . 11.14 -23.88 58.35
C4 SAH U . 10.48 -23.88 59.54
S SO4 V . -3.76 -30.75 58.64
O1 SO4 V . -4.63 -30.78 59.82
O2 SO4 V . -3.44 -32.11 58.23
O3 SO4 V . -4.44 -30.05 57.55
O4 SO4 V . -2.52 -30.06 58.97
N SAH W . -27.01 -14.33 80.29
CA SAH W . -27.99 -14.84 81.25
CB SAH W . -28.34 -13.84 82.37
CG SAH W . -27.19 -13.25 83.18
SD SAH W . -27.82 -12.30 84.60
C SAH W . -29.26 -15.37 80.55
O SAH W . -29.34 -15.32 79.31
OXT SAH W . -30.21 -15.86 81.19
C5' SAH W . -26.32 -11.32 84.82
C4' SAH W . -25.12 -12.14 85.31
O4' SAH W . -23.98 -11.30 85.38
C3' SAH W . -25.31 -12.74 86.71
O3' SAH W . -25.35 -14.14 86.62
C2' SAH W . -24.12 -12.24 87.52
O2' SAH W . -23.55 -13.25 88.33
C1' SAH W . -23.15 -11.77 86.44
N9 SAH W . -22.11 -10.80 86.90
C8 SAH W . -22.26 -9.48 87.21
N7 SAH W . -21.05 -8.98 87.59
C5 SAH W . -20.12 -9.96 87.52
C6 SAH W . -18.74 -10.01 87.78
N6 SAH W . -18.07 -8.92 88.20
N1 SAH W . -18.04 -11.18 87.61
C2 SAH W . -18.72 -12.31 87.19
N3 SAH W . -20.07 -12.26 86.92
C4 SAH W . -20.77 -11.11 87.09
S SO4 X . -34.59 -11.51 79.43
O1 SO4 X . -33.64 -11.17 80.48
O2 SO4 X . -35.28 -12.75 79.77
O3 SO4 X . -35.56 -10.41 79.28
O4 SO4 X . -33.89 -11.71 78.15
N SAH Y . -21.98 29.88 31.19
CA SAH Y . -22.09 30.49 29.87
CB SAH Y . -20.74 30.98 29.31
CG SAH Y . -19.75 31.60 30.31
SD SAH Y . -18.56 32.59 29.38
C SAH Y . -22.80 29.56 28.88
O SAH Y . -23.25 28.46 29.22
OXT SAH Y . -22.93 29.87 27.69
C5' SAH Y . -17.49 33.03 30.79
C4' SAH Y . -18.05 34.15 31.65
O4' SAH Y . -17.26 34.25 32.82
C3' SAH Y . -18.04 35.53 30.99
O3' SAH Y . -19.35 36.07 30.93
C2' SAH Y . -17.20 36.38 31.92
O2' SAH Y . -17.73 37.68 32.00
C1' SAH Y . -17.29 35.60 33.23
N9 SAH Y . -16.22 35.97 34.19
C8 SAH Y . -14.88 35.70 34.08
N7 SAH Y . -14.24 36.22 35.15
C5 SAH Y . -15.15 36.84 35.94
C6 SAH Y . -15.04 37.54 37.14
N6 SAH Y . -13.87 37.70 37.74
N1 SAH Y . -16.18 38.06 37.73
C2 SAH Y . -17.40 37.90 37.11
N3 SAH Y . -17.50 37.21 35.92
C4 SAH Y . -16.39 36.68 35.34
S SO4 Z . -19.78 25.44 24.47
O1 SO4 Z . -19.37 26.66 25.16
O2 SO4 Z . -20.65 24.66 25.36
O3 SO4 Z . -20.50 25.79 23.26
O4 SO4 Z . -18.62 24.64 24.08
S SO4 AA . -12.95 30.56 22.66
O1 SO4 AA . -12.41 31.83 23.15
O2 SO4 AA . -13.26 29.69 23.81
O3 SO4 AA . -14.16 30.82 21.88
O4 SO4 AA . -11.95 29.93 21.80
N SAH BA . -41.74 20.81 65.44
CA SAH BA . -43.07 21.38 65.64
CB SAH BA . -43.01 22.91 65.65
CG SAH BA . -41.77 23.55 66.25
SD SAH BA . -42.06 25.34 66.32
C SAH BA . -44.07 20.92 64.58
O SAH BA . -43.85 19.90 63.90
OXT SAH BA . -45.13 21.55 64.40
C5' SAH BA . -40.49 25.73 67.11
C4' SAH BA . -40.51 25.53 68.63
O4' SAH BA . -39.18 25.64 69.11
C3' SAH BA . -41.34 26.58 69.36
O3' SAH BA . -42.43 25.99 70.04
C2' SAH BA . -40.36 27.20 70.36
O2' SAH BA . -40.91 27.40 71.64
C1' SAH BA . -39.26 26.14 70.42
N9 SAH BA . -37.99 26.68 70.93
C8 SAH BA . -37.18 27.61 70.36
N7 SAH BA . -36.12 27.80 71.19
C5 SAH BA . -36.26 27.01 72.28
C6 SAH BA . -35.48 26.82 73.42
N6 SAH BA . -34.36 27.52 73.57
N1 SAH BA . -35.88 25.93 74.40
C2 SAH BA . -37.06 25.23 74.23
N3 SAH BA . -37.84 25.42 73.08
C4 SAH BA . -37.43 26.30 72.13
S SO4 CA . -44.39 23.58 58.34
O1 SO4 CA . -44.70 24.28 59.59
O2 SO4 CA . -45.34 22.49 58.17
O3 SO4 CA . -44.49 24.52 57.22
O4 SO4 CA . -43.03 23.00 58.39
S SO4 DA . -42.80 31.46 59.93
O1 SO4 DA . -42.52 32.07 61.22
O2 SO4 DA . -44.11 30.81 59.99
O3 SO4 DA . -42.82 32.50 58.91
O4 SO4 DA . -41.75 30.48 59.58
N SAH EA . 5.63 0.22 24.51
CA SAH EA . 6.25 -0.37 23.31
CB SAH EA . 7.66 -0.92 23.60
CG SAH EA . 8.51 -0.14 24.62
SD SAH EA . 10.23 -0.74 24.62
C SAH EA . 5.37 -1.46 22.70
O SAH EA . 5.81 -2.24 21.84
OXT SAH EA . 4.19 -1.58 23.05
C5' SAH EA . 10.78 0.33 25.95
C4' SAH EA . 11.09 1.75 25.49
O4' SAH EA . 11.42 2.58 26.60
C3' SAH EA . 12.26 1.84 24.51
O3' SAH EA . 11.78 2.30 23.27
C2' SAH EA . 13.21 2.85 25.15
O2' SAH EA . 13.77 3.76 24.22
C1' SAH EA . 12.30 3.57 26.13
N9 SAH EA . 13.03 4.30 27.19
C8 SAH EA . 13.77 3.78 28.23
N7 SAH EA . 14.28 4.80 28.95
C5 SAH EA . 13.90 5.97 28.36
C6 SAH EA . 14.14 7.31 28.67
N6 SAH EA . 14.89 7.64 29.71
N1 SAH EA . 13.58 8.31 27.89
C2 SAH EA . 12.80 7.98 26.80
N3 SAH EA . 12.59 6.64 26.49
C4 SAH EA . 13.11 5.66 27.26
S SO4 FA . 5.61 -7.86 24.56
O1 SO4 FA . 5.92 -8.98 25.45
O2 SO4 FA . 4.44 -7.15 25.09
O3 SO4 FA . 6.74 -6.94 24.47
O4 SO4 FA . 5.29 -8.36 23.22
N SAH GA . -17.19 -12.31 6.81
CA SAH GA . -16.31 -11.57 5.89
CB SAH GA . -17.02 -11.00 4.65
CG SAH GA . -18.11 -11.86 3.99
SD SAH GA . -18.55 -11.24 2.35
C SAH GA . -15.54 -10.48 6.64
O SAH GA . -15.61 -10.39 7.86
OXT SAH GA . -14.81 -9.66 6.03
C5' SAH GA . -19.96 -12.38 2.16
C4' SAH GA . -19.57 -13.79 1.72
O4' SAH GA . -20.71 -14.63 1.66
C3' SAH GA . -18.94 -13.84 0.34
O3' SAH GA . -17.60 -14.27 0.44
C2' SAH GA . -19.75 -14.87 -0.43
O2' SAH GA . -18.91 -15.74 -1.17
C1' SAH GA . -20.48 -15.61 0.67
N9 SAH GA . -21.71 -16.28 0.20
C8 SAH GA . -22.87 -15.69 -0.25
N7 SAH GA . -23.76 -16.66 -0.59
C5 SAH GA . -23.17 -17.87 -0.39
C6 SAH GA . -23.63 -19.18 -0.58
N6 SAH GA . -24.85 -19.42 -1.05
N1 SAH GA . -22.80 -20.24 -0.25
C2 SAH GA . -21.53 -19.99 0.25
N3 SAH GA . -21.10 -18.70 0.42
C4 SAH GA . -21.90 -17.65 0.12
S SO4 HA . -17.38 -4.24 7.07
O1 SO4 HA . -17.46 -4.62 8.48
O2 SO4 HA . -17.75 -5.39 6.24
O3 SO4 HA . -18.32 -3.15 6.80
O4 SO4 HA . -16.04 -3.78 6.75
N SAH IA . -46.17 18.34 17.43
CA SAH IA . -46.68 17.02 17.75
CB SAH IA . -47.45 16.38 16.59
CG SAH IA . -48.78 15.69 16.91
SD SAH IA . -50.26 16.55 16.31
C SAH IA . -45.52 16.12 18.13
O SAH IA . -44.52 16.62 18.71
OXT SAH IA . -45.57 14.92 17.88
C5' SAH IA . -50.99 15.02 15.64
C4' SAH IA . -50.68 14.80 14.16
O4' SAH IA . -51.19 13.57 13.68
C3' SAH IA . -51.29 15.89 13.27
O3' SAH IA . -50.25 16.66 12.71
C2' SAH IA . -52.11 15.13 12.21
O2' SAH IA . -52.02 15.67 10.90
C1' SAH IA . -51.54 13.72 12.31
N9 SAH IA . -52.42 12.66 11.76
C8 SAH IA . -53.64 12.24 12.25
N7 SAH IA . -54.11 11.25 11.44
C5 SAH IA . -53.22 11.04 10.44
C6 SAH IA . -53.21 10.15 9.35
N6 SAH IA . -54.22 9.31 9.15
N1 SAH IA . -52.14 10.16 8.46
C2 SAH IA . -51.09 11.04 8.68
N3 SAH IA . -51.12 11.92 9.75
C4 SAH IA . -52.15 11.92 10.63
S SO4 JA . -47.86 18.87 24.16
O1 SO4 JA . -46.47 19.10 24.54
O2 SO4 JA . -48.75 19.10 25.31
O3 SO4 JA . -48.19 19.80 23.06
O4 SO4 JA . -48.00 17.48 23.72
N SAH KA . -44.06 -36.09 64.56
CA SAH KA . -44.27 -35.06 63.54
CB SAH KA . -45.56 -35.29 62.75
CG SAH KA . -46.50 -36.36 63.28
SD SAH KA . -45.84 -38.03 63.02
C SAH KA . -44.25 -33.63 64.08
O SAH KA . -45.06 -32.81 63.63
OXT SAH KA . -43.43 -33.27 64.94
C5' SAH KA . -47.07 -38.37 61.72
C4' SAH KA . -48.48 -37.99 62.12
O4' SAH KA . -49.33 -38.01 61.00
C3' SAH KA . -49.05 -38.95 63.16
O3' SAH KA . -49.46 -38.25 64.32
C2' SAH KA . -50.23 -39.58 62.45
O2' SAH KA . -51.31 -39.83 63.33
C1' SAH KA . -50.58 -38.55 61.39
N9 SAH KA . -51.35 -39.12 60.26
C8 SAH KA . -50.95 -40.06 59.36
N7 SAH KA . -51.98 -40.29 58.49
C5 SAH KA . -53.02 -39.51 58.83
C6 SAH KA . -54.30 -39.33 58.32
N6 SAH KA . -54.72 -40.01 57.25
N1 SAH KA . -55.15 -38.44 58.91
C2 SAH KA . -54.74 -37.71 60.00
N3 SAH KA . -53.48 -37.89 60.53
C4 SAH KA . -52.63 -38.77 59.95
S SO4 LA . -37.62 -35.53 63.42
O1 SO4 LA . -36.84 -34.31 63.63
O2 SO4 LA . -38.27 -35.89 64.68
O3 SO4 LA . -38.60 -35.27 62.38
O4 SO4 LA . -36.74 -36.62 62.98
S SO4 MA . -51.14 -53.56 60.47
O1 SO4 MA . -50.60 -52.37 61.12
O2 SO4 MA . -52.28 -54.06 61.24
O3 SO4 MA . -51.59 -53.17 59.13
O4 SO4 MA . -50.11 -54.60 60.40
N SAH NA . -64.77 1.39 55.64
CA SAH NA . -64.00 1.64 54.42
CB SAH NA . -64.98 1.84 53.26
CG SAH NA . -65.73 0.59 52.77
SD SAH NA . -67.09 0.00 53.81
C SAH NA . -62.95 2.76 54.60
O SAH NA . -63.08 3.56 55.53
OXT SAH NA . -61.95 2.90 53.87
C5' SAH NA . -67.80 -0.98 52.48
C4' SAH NA . -68.57 -0.12 51.49
O4' SAH NA . -68.83 -0.89 50.32
C3' SAH NA . -69.91 0.35 52.03
O3' SAH NA . -69.96 1.77 52.03
C2' SAH NA . -70.93 -0.22 51.06
O2' SAH NA . -72.01 0.65 50.81
C1' SAH NA . -70.09 -0.49 49.81
N9 SAH NA . -70.75 -1.46 48.91
C8 SAH NA . -71.00 -2.79 49.14
N7 SAH NA . -71.64 -3.31 48.06
C5 SAH NA . -71.82 -2.32 47.15
C6 SAH NA . -72.43 -2.30 45.89
N6 SAH NA . -72.97 -3.40 45.36
N1 SAH NA . -72.46 -1.12 45.17
C2 SAH NA . -71.90 0.03 45.72
N3 SAH NA . -71.31 0.00 46.97
C4 SAH NA . -71.27 -1.16 47.67
S SO4 OA . -60.65 -0.83 59.21
O1 SO4 OA . -60.55 -2.07 59.97
O2 SO4 OA . -61.62 -1.00 58.13
O3 SO4 OA . -61.10 0.27 60.09
O4 SO4 OA . -59.34 -0.49 58.66
N SAH PA . -13.34 -42.82 34.83
CA SAH PA . -14.62 -42.45 34.23
CB SAH PA . -15.55 -43.63 33.95
CG SAH PA . -16.37 -43.64 32.66
SD SAH PA . -15.76 -44.83 31.44
C SAH PA . -15.25 -41.58 35.30
O SAH PA . -14.48 -40.90 36.02
OXT SAH PA . -16.49 -41.58 35.42
C5' SAH PA . -17.38 -45.24 30.74
C4' SAH PA . -18.04 -46.37 31.53
O4' SAH PA . -19.39 -46.49 31.13
C3' SAH PA . -17.38 -47.74 31.30
O3' SAH PA . -16.91 -48.26 32.53
C2' SAH PA . -18.51 -48.59 30.73
O2' SAH PA . -18.50 -49.90 31.24
C1' SAH PA . -19.77 -47.84 31.18
N9 SAH PA . -20.90 -48.16 30.31
C8 SAH PA . -21.03 -47.89 28.96
N7 SAH PA . -22.21 -48.38 28.53
C5 SAH PA . -22.84 -48.96 29.57
C6 SAH PA . -24.06 -49.62 29.68
N6 SAH PA . -24.87 -49.77 28.62
N1 SAH PA . -24.46 -50.12 30.89
C2 SAH PA . -23.63 -49.97 31.98
N3 SAH PA . -22.42 -49.34 31.88
C4 SAH PA . -22.03 -48.84 30.69
S SO4 QA . -10.87 -37.89 31.28
O1 SO4 QA . -10.02 -37.83 32.47
O2 SO4 QA . -11.18 -39.30 31.01
O3 SO4 QA . -12.13 -37.16 31.50
O4 SO4 QA . -10.18 -37.27 30.16
S SO4 RA . -17.83 -20.07 41.86
O1 SO4 RA . -16.75 -20.85 42.50
O2 SO4 RA . -19.11 -20.80 41.95
O3 SO4 RA . -17.95 -18.77 42.52
O4 SO4 RA . -17.50 -19.85 40.44
N SAH SA . 10.38 29.40 -18.15
CA SAH SA . 9.26 30.34 -18.13
CB SAH SA . 9.71 31.81 -18.12
CG SAH SA . 10.40 32.27 -16.82
SD SAH SA . 10.47 34.08 -16.75
C SAH SA . 8.31 30.03 -19.30
O SAH SA . 7.29 30.70 -19.49
OXT SAH SA . 8.58 29.09 -20.07
C5' SAH SA . 11.97 34.19 -15.74
C4' SAH SA . 11.77 33.76 -14.29
O4' SAH SA . 13.03 33.72 -13.64
C3' SAH SA . 10.89 34.73 -13.48
O3' SAH SA . 9.80 34.00 -12.92
C2' SAH SA . 11.82 35.19 -12.38
O2' SAH SA . 11.16 35.34 -11.17
C1' SAH SA . 12.84 34.06 -12.29
N9 SAH SA . 14.07 34.49 -11.59
C8 SAH SA . 14.91 35.49 -11.99
N7 SAH SA . 15.92 35.60 -11.09
C5 SAH SA . 15.75 34.68 -10.12
C6 SAH SA . 16.49 34.38 -8.96
N6 SAH SA . 17.60 35.07 -8.69
N1 SAH SA . 16.07 33.36 -8.13
C2 SAH SA . 14.93 32.66 -8.45
N3 SAH SA . 14.18 32.98 -9.59
C4 SAH SA . 14.59 33.97 -10.41
S SO4 TA . 8.48 33.36 -25.11
O1 SO4 TA . 8.70 34.23 -23.96
O2 SO4 TA . 7.16 32.73 -24.99
O3 SO4 TA . 8.53 34.14 -26.35
O4 SO4 TA . 9.52 32.33 -25.14
S SO4 UA . 9.84 41.28 -21.87
O1 SO4 UA . 9.76 41.16 -20.42
O2 SO4 UA . 8.49 41.34 -22.43
O3 SO4 UA . 10.54 42.51 -22.20
O4 SO4 UA . 10.59 40.13 -22.42
N SAH VA . 33.28 43.08 -49.13
CA SAH VA . 33.22 44.04 -50.24
CB SAH VA . 34.61 44.61 -50.61
CG SAH VA . 35.45 45.17 -49.45
SD SAH VA . 36.67 46.38 -50.06
C SAH VA . 32.51 43.48 -51.47
O SAH VA . 32.43 44.12 -52.53
OXT SAH VA . 32.00 42.37 -51.45
C5' SAH VA . 37.60 46.48 -48.51
C4' SAH VA . 36.95 47.45 -47.55
O4' SAH VA . 37.58 47.41 -46.29
C3' SAH VA . 37.02 48.88 -48.07
O3' SAH VA . 35.72 49.39 -48.34
C2' SAH VA . 37.74 49.65 -46.96
O2' SAH VA . 37.13 50.89 -46.70
C1' SAH VA . 37.60 48.72 -45.76
N9 SAH VA . 38.64 48.92 -44.74
C8 SAH VA . 40.00 48.68 -44.85
N7 SAH VA . 40.59 49.01 -43.68
C5 SAH VA . 39.64 49.47 -42.83
C6 SAH VA . 39.69 49.95 -41.53
N6 SAH VA . 40.85 50.01 -40.86
N1 SAH VA . 38.53 50.35 -40.92
C2 SAH VA . 37.34 50.30 -41.59
N3 SAH VA . 37.29 49.84 -42.89
C4 SAH VA . 38.43 49.42 -43.50
S SO4 WA . 35.97 39.75 -55.95
O1 SO4 WA . 36.46 39.91 -54.57
O2 SO4 WA . 34.81 38.88 -55.95
O3 SO4 WA . 35.62 41.05 -56.52
O4 SO4 WA . 37.04 39.19 -56.79
S SO4 XA . 42.54 45.54 -56.24
O1 SO4 XA . 42.84 46.72 -55.41
O2 SO4 XA . 42.22 44.38 -55.40
O3 SO4 XA . 41.42 45.88 -57.11
O4 SO4 XA . 43.71 45.22 -57.06
N SAH YA . 55.45 -16.60 -31.71
CA SAH YA . 55.68 -18.04 -31.62
CB SAH YA . 55.82 -18.53 -30.18
CG SAH YA . 56.88 -17.80 -29.35
SD SAH YA . 57.35 -18.76 -27.88
C SAH YA . 54.60 -18.82 -32.37
O SAH YA . 54.53 -20.05 -32.30
OXT SAH YA . 53.76 -18.22 -33.04
C5' SAH YA . 58.12 -17.36 -27.05
C4' SAH YA . 59.50 -17.07 -27.60
O4' SAH YA . 60.02 -15.92 -26.95
C3' SAH YA . 60.49 -18.20 -27.38
O3' SAH YA . 60.99 -18.59 -28.66
C2' SAH YA . 61.60 -17.59 -26.53
O2' SAH YA . 62.91 -18.05 -26.84
C1' SAH YA . 61.41 -16.12 -26.85
N9 SAH YA . 62.04 -15.22 -25.86
C8 SAH YA . 61.72 -15.08 -24.53
N7 SAH YA . 62.55 -14.16 -23.99
C5 SAH YA . 63.41 -13.72 -24.95
C6 SAH YA . 64.45 -12.80 -24.94
N6 SAH YA . 64.78 -12.16 -23.84
N1 SAH YA . 65.14 -12.55 -26.11
C2 SAH YA . 64.79 -13.22 -27.26
N3 SAH YA . 63.77 -14.14 -27.26
C4 SAH YA . 63.09 -14.38 -26.13
S SO4 ZA . 52.51 -22.00 -22.56
O1 SO4 ZA . 53.00 -22.81 -21.44
O2 SO4 ZA . 51.10 -21.69 -22.38
O3 SO4 ZA . 53.27 -20.74 -22.64
O4 SO4 ZA . 52.70 -22.76 -23.80
S SO4 AB . 48.99 -21.10 -29.00
O1 SO4 AB . 49.51 -21.75 -27.80
O2 SO4 AB . 47.61 -20.67 -28.78
O3 SO4 AB . 49.79 -19.93 -29.33
O4 SO4 AB . 49.03 -22.07 -30.10
N SAH BB . 62.14 12.36 -60.50
CA SAH BB . 62.28 12.67 -59.06
CB SAH BB . 63.56 13.46 -58.75
CG SAH BB . 64.04 13.64 -57.30
SD SAH BB . 65.86 13.53 -57.26
C SAH BB . 61.04 13.43 -58.63
O SAH BB . 59.96 13.11 -59.13
OXT SAH BB . 61.11 14.37 -57.80
C5' SAH BB . 66.14 14.42 -55.71
C4' SAH BB . 66.56 15.89 -55.89
O4' SAH BB . 66.82 16.51 -54.64
C3' SAH BB . 67.81 16.11 -56.75
O3' SAH BB . 67.43 16.77 -57.95
C2' SAH BB . 68.71 17.00 -55.89
O2' SAH BB . 69.32 18.03 -56.64
C1' SAH BB . 67.76 17.55 -54.85
N9 SAH BB . 68.44 18.04 -53.63
C8 SAH BB . 69.07 17.31 -52.65
N7 SAH BB . 69.57 18.16 -51.71
C5 SAH BB . 69.27 19.43 -52.07
C6 SAH BB . 69.54 20.68 -51.49
N6 SAH BB . 70.22 20.78 -50.35
N1 SAH BB . 69.10 21.82 -52.11
C2 SAH BB . 68.40 21.73 -53.30
N3 SAH BB . 68.14 20.50 -53.87
C4 SAH BB . 68.57 19.37 -53.28
S SO4 CB . 61.24 6.45 -58.60
O1 SO4 CB . 61.73 5.31 -57.82
O2 SO4 CB . 60.54 7.37 -57.70
O3 SO4 CB . 62.37 7.11 -59.26
O4 SO4 CB . 60.34 5.99 -59.64
N SAH DB . 24.02 -7.58 -7.46
CA SAH DB . 22.94 -8.23 -6.71
CB SAH DB . 22.52 -7.47 -5.44
CG SAH DB . 23.54 -6.55 -4.79
SD SAH DB . 23.01 -6.23 -3.08
C SAH DB . 21.71 -8.52 -7.57
O SAH DB . 20.66 -8.96 -7.08
OXT SAH DB . 21.75 -8.33 -8.79
C5' SAH DB . 24.46 -5.26 -2.59
C4' SAH DB . 25.56 -6.14 -2.01
O4' SAH DB . 26.72 -5.41 -1.75
C3' SAH DB . 25.17 -6.82 -0.70
O3' SAH DB . 25.05 -8.20 -0.91
C2' SAH DB . 26.29 -6.52 0.28
O2' SAH DB . 26.69 -7.67 1.02
C1' SAH DB . 27.38 -6.03 -0.65
N9 SAH DB . 28.37 -5.13 -0.04
C8 SAH DB . 28.16 -3.84 0.40
N7 SAH DB . 29.34 -3.37 0.88
C5 SAH DB . 30.28 -4.34 0.74
C6 SAH DB . 31.63 -4.39 1.07
N6 SAH DB . 32.24 -3.36 1.63
N1 SAH DB . 32.36 -5.55 0.80
C2 SAH DB . 31.72 -6.64 0.21
N3 SAH DB . 30.38 -6.58 -0.11
C4 SAH DB . 29.68 -5.45 0.15
S SO4 EB . 16.55 -4.56 -8.57
O1 SO4 EB . 17.69 -4.12 -7.78
O2 SO4 EB . 16.09 -5.86 -8.08
O3 SO4 EB . 15.46 -3.58 -8.45
O4 SO4 EB . 16.95 -4.69 -9.97
N SAH FB . 10.65 30.74 -67.02
CA SAH FB . 10.35 32.17 -66.95
CB SAH FB . 8.84 32.47 -66.98
CG SAH FB . 7.96 31.62 -67.90
SD SAH FB . 6.35 32.43 -68.15
C SAH FB . 10.99 32.83 -65.73
O SAH FB . 11.77 32.19 -65.01
OXT SAH FB . 10.78 34.01 -65.42
C5' SAH FB . 5.65 31.13 -69.16
C4' SAH FB . 6.15 31.21 -70.59
O4' SAH FB . 5.73 30.03 -71.25
C3' SAH FB . 5.56 32.40 -71.37
O3' SAH FB . 6.61 33.21 -71.88
C2' SAH FB . 4.81 31.75 -72.52
O2' SAH FB . 4.98 32.44 -73.73
C1' SAH FB . 5.42 30.36 -72.58
N9 SAH FB . 4.54 29.38 -73.24
C8 SAH FB . 3.32 28.94 -72.82
N7 SAH FB . 2.84 28.05 -73.74
C5 SAH FB . 3.75 27.95 -74.74
C6 SAH FB . 3.76 27.21 -75.92
N6 SAH FB . 2.75 26.41 -76.24
N1 SAH FB . 4.86 27.30 -76.76
C2 SAH FB . 5.91 28.13 -76.43
N3 SAH FB . 5.88 28.87 -75.28
C4 SAH FB . 4.82 28.78 -74.44
S SO4 GB . 7.85 33.65 -59.81
O1 SO4 GB . 9.22 33.60 -59.29
O2 SO4 GB . 7.42 32.29 -60.15
O3 SO4 GB . 6.98 34.22 -58.80
O4 SO4 GB . 7.81 34.47 -61.03
N SAH HB . -9.73 13.26 -36.16
CA SAH HB . -10.42 13.57 -34.89
CB SAH HB . -11.41 12.46 -34.46
CG SAH HB . -12.30 11.91 -35.59
SD SAH HB . -13.79 11.03 -34.99
C SAH HB . -9.44 13.97 -33.76
O SAH HB . -9.86 14.24 -32.62
OXT SAH HB . -8.23 14.05 -33.97
C5' SAH HB . -14.22 10.35 -36.62
C4' SAH HB . -14.96 11.32 -37.53
O4' SAH HB . -15.16 10.70 -38.80
C3' SAH HB . -16.35 11.72 -37.03
O3' SAH HB . -16.38 13.12 -36.82
C2' SAH HB . -17.30 11.32 -38.16
O2' SAH HB . -18.33 12.25 -38.43
C1' SAH HB . -16.37 11.22 -39.35
N9 SAH HB . -16.94 10.36 -40.42
C8 SAH HB . -17.15 9.01 -40.38
N7 SAH HB . -17.71 8.63 -41.56
C5 SAH HB . -17.88 9.73 -42.33
C6 SAH HB . -18.41 9.92 -43.61
N6 SAH HB . -18.87 8.89 -44.32
N1 SAH HB . -18.44 11.20 -44.15
C2 SAH HB . -17.96 12.26 -43.42
N3 SAH HB . -17.46 12.07 -42.14
C4 SAH HB . -17.40 10.82 -41.62
S SO4 IB . -7.37 9.41 -29.17
O1 SO4 IB . -7.25 8.27 -28.26
O2 SO4 IB . -7.83 8.94 -30.48
O3 SO4 IB . -8.33 10.36 -28.61
O4 SO4 IB . -6.06 10.05 -29.35
N SAH JB . 37.85 -28.14 -55.32
CA SAH JB . 39.07 -28.94 -55.31
CB SAH JB . 39.46 -29.45 -56.70
CG SAH JB . 38.39 -29.98 -57.65
SD SAH JB . 39.16 -30.47 -59.23
C SAH JB . 40.23 -28.17 -54.68
O SAH JB . 40.03 -27.10 -54.09
OXT SAH JB . 41.39 -28.59 -54.73
C5' SAH JB . 37.63 -30.95 -60.08
C4' SAH JB . 36.90 -32.20 -59.57
O4' SAH JB . 35.58 -32.21 -60.10
C3' SAH JB . 37.54 -33.53 -59.96
O3' SAH JB . 37.89 -34.23 -58.80
C2' SAH JB . 36.45 -34.30 -60.69
O2' SAH JB . 36.37 -35.65 -60.26
C1' SAH JB . 35.19 -33.55 -60.28
N9 SAH JB . 34.11 -33.73 -61.25
C8 SAH JB . 34.06 -33.25 -62.53
N7 SAH JB . 32.88 -33.67 -63.06
C5 SAH JB . 32.20 -34.41 -62.15
C6 SAH JB . 30.98 -35.06 -62.17
N6 SAH JB . 30.22 -35.04 -63.26
N1 SAH JB . 30.53 -35.73 -61.05
C2 SAH JB . 31.32 -35.75 -59.91
N3 SAH JB . 32.54 -35.10 -59.90
C4 SAH JB . 32.97 -34.44 -61.00
S SO4 KB . 44.05 -23.74 -57.85
O1 SO4 KB . 44.88 -23.54 -56.67
O2 SO4 KB . 42.63 -23.59 -57.48
O3 SO4 KB . 44.40 -22.73 -58.87
O4 SO4 KB . 44.29 -25.08 -58.36
N SAH LB . 8.66 -25.18 -26.43
CA SAH LB . 8.24 -24.98 -27.81
CB SAH LB . 6.90 -25.60 -28.19
CG SAH LB . 6.74 -26.17 -29.59
SD SAH LB . 6.37 -27.93 -29.53
C SAH LB . 8.04 -23.49 -27.88
O SAH LB . 7.18 -23.02 -28.62
OXT SAH LB . 8.74 -22.81 -27.12
C5' SAH LB . 5.36 -27.97 -31.03
C4' SAH LB . 3.90 -27.74 -30.72
O4' SAH LB . 3.17 -27.66 -31.94
C3' SAH LB . 3.25 -28.87 -29.91
O3' SAH LB . 2.74 -28.38 -28.69
C2' SAH LB . 2.10 -29.34 -30.79
O2' SAH LB . 0.95 -29.63 -30.03
C1' SAH LB . 1.88 -28.16 -31.71
N9 SAH LB . 1.17 -28.51 -32.95
C8 SAH LB . 1.62 -29.31 -33.97
N7 SAH LB . 0.64 -29.38 -34.90
C5 SAH LB . -0.42 -28.66 -34.48
C6 SAH LB . -1.65 -28.41 -35.06
N6 SAH LB . -1.95 -28.94 -36.24
N1 SAH LB . -2.56 -27.60 -34.38
C2 SAH LB . -2.22 -27.06 -33.16
N3 SAH LB . -0.98 -27.31 -32.60
C4 SAH LB . -0.10 -28.10 -33.26
S SO4 MB . 14.83 -25.79 -28.22
O1 SO4 MB . 15.45 -24.55 -27.72
O2 SO4 MB . 14.24 -26.51 -27.10
O3 SO4 MB . 13.79 -25.41 -29.18
O4 SO4 MB . 15.83 -26.62 -28.87
S SO4 NB . 12.96 -34.35 -27.95
O1 SO4 NB . 13.69 -33.10 -28.14
O2 SO4 NB . 12.35 -34.34 -26.61
O3 SO4 NB . 11.94 -34.48 -29.01
O4 SO4 NB . 13.89 -35.47 -28.04
N SAH OB . 40.46 5.21 -81.28
CA SAH OB . 40.93 6.33 -80.48
CB SAH OB . 40.01 7.53 -80.74
CG SAH OB . 38.81 7.18 -81.62
SD SAH OB . 39.37 6.69 -83.26
C SAH OB . 41.00 5.99 -79.00
O SAH OB . 41.75 6.61 -78.23
OXT SAH OB . 40.31 5.06 -78.56
C5' SAH OB . 37.87 5.75 -83.65
C4' SAH OB . 38.20 4.37 -84.20
O4' SAH OB . 37.02 3.60 -84.45
C3' SAH OB . 38.93 4.49 -85.53
O3' SAH OB . 40.25 4.01 -85.40
C2' SAH OB . 38.12 3.65 -86.51
O2' SAH OB . 38.92 2.89 -87.40
C1' SAH OB . 37.31 2.77 -85.57
N9 SAH OB . 36.14 2.13 -86.24
C8 SAH OB . 35.02 2.74 -86.75
N7 SAH OB . 34.22 1.78 -87.28
C5 SAH OB . 34.82 0.56 -87.13
C6 SAH OB . 34.45 -0.74 -87.48
N6 SAH OB . 33.31 -0.99 -88.10
N1 SAH OB . 35.29 -1.79 -87.17
C2 SAH OB . 36.48 -1.55 -86.53
N3 SAH OB . 36.83 -0.26 -86.18
C4 SAH OB . 36.02 0.79 -86.47
S SO4 PB . 40.05 13.20 -77.39
O1 SO4 PB . 39.41 12.30 -76.42
O2 SO4 PB . 40.40 12.45 -78.59
O3 SO4 PB . 39.11 14.27 -77.75
O4 SO4 PB . 41.25 13.81 -76.81
#